data_6LT4
#
_entry.id   6LT4
#
_cell.length_a   1.00
_cell.length_b   1.00
_cell.length_c   1.00
_cell.angle_alpha   90.00
_cell.angle_beta   90.00
_cell.angle_gamma   90.00
#
_symmetry.space_group_name_H-M   'P 1'
#
loop_
_entity.id
_entity.type
_entity.pdbx_description
1 polymer 'ATP-dependent Clp protease, ATP-binding subunit'
2 non-polymer 'MAGNESIUM ION'
3 non-polymer 'PHOSPHOTHIOPHOSPHORIC ACID-ADENYLATE ESTER'
#
_entity_poly.entity_id   1
_entity_poly.type   'polypeptide(L)'
_entity_poly.pdbx_seq_one_letter_code
;MNNNFNNFNNMDDLFNQLMGGMRGYSSENRRYLINGREVTPEEFAYYRATGQLPGNAESDVQMQQQASGMKQDGVLAKLG
RNLTAEAREGKLDPVIGRNKEIQEASEILSRRTKNNPVLVGDAGVGKTAVVEGLAQAIVNGDVPAAIKNKEIVSIDISGL
EAGTQYRGSFEENVQNLVNEVKEAGNIILFFDAIHQILGAGSTGGDSGSKGLADILKPALSRGELTVIGATTQDEYRNTI
LKNAALARRFNEVKVNAPSAENTFKILQGIRDLYQQHHNVILPDEVLKAAVDYSVQYIPQRSLPDKAIDLVDVTAAHLAA
QHPVTDVHAVEREIETEKDKQEKAVEAEDFEAALNYKTRIAELERKIENHTEDMKVTASVNDVAESVERMTGIPVSQMGA
SDIERLKDMAHRLQDKVIGQDKAVEVVARAICRNRAGFDEGNRPIGNFLFVGSTGVGKTELAKQLALDMFGTQDAIIRLD
MSEYSDRTAVSKLIGTTAGYVGYDDNSNTLTERVRRNPYSIILLDAIEKADPQVITLLLQVLDDGRLTDGQGNTVNFKNT
VIIATSNAGFGYEANLTEDADKPELMDRLKPFFRPEFLNRFNAVIEFSHLTKEDLSKIVDLMLAEVNQTLAKKDIDLVVS
QAAKDYITEEGYDEVMGVRPLRRVVEQEIRDKVTDFHLDHLDAKHLEADMEDGVLVIREKV
;
_entity_poly.pdbx_strand_id   A,B,C,D,E,F,G,H,I,J,K,L,M,N
#
loop_
_chem_comp.id
_chem_comp.type
_chem_comp.name
_chem_comp.formula
AGS non-polymer 'PHOSPHOTHIOPHOSPHORIC ACID-ADENYLATE ESTER' 'C10 H16 N5 O12 P3 S'
MG non-polymer 'MAGNESIUM ION' 'Mg 2'
#
# COMPACT_ATOMS: atom_id res chain seq x y z
N LEU A 76 31.73 30.37 -0.37
CA LEU A 76 32.59 30.22 -1.52
C LEU A 76 32.92 28.75 -1.70
N ALA A 77 34.22 28.45 -1.77
CA ALA A 77 34.72 27.08 -1.68
C ALA A 77 34.03 26.15 -2.67
N LYS A 78 33.73 26.68 -3.85
CA LYS A 78 33.11 25.89 -4.91
C LYS A 78 33.97 26.07 -6.16
N LEU A 79 34.81 25.08 -6.44
CA LEU A 79 35.71 25.11 -7.59
C LEU A 79 36.57 26.37 -7.58
N GLY A 80 37.02 26.77 -6.39
CA GLY A 80 37.80 27.99 -6.31
C GLY A 80 38.36 28.18 -4.91
N ARG A 81 39.07 29.28 -4.76
CA ARG A 81 39.74 29.58 -3.49
C ARG A 81 39.67 31.06 -3.19
N ASN A 82 39.43 31.38 -1.92
CA ASN A 82 39.43 32.75 -1.46
C ASN A 82 40.85 33.14 -1.10
N LEU A 83 41.50 33.92 -1.96
CA LEU A 83 42.85 34.37 -1.67
C LEU A 83 42.90 35.36 -0.52
N THR A 84 41.86 36.18 -0.36
CA THR A 84 41.83 37.12 0.76
C THR A 84 41.82 36.40 2.09
N ALA A 85 41.08 35.28 2.16
CA ALA A 85 41.04 34.52 3.40
C ALA A 85 42.41 34.02 3.79
N GLU A 86 43.17 33.50 2.83
CA GLU A 86 44.53 33.09 3.11
C GLU A 86 45.39 34.29 3.49
N ALA A 87 45.14 35.44 2.84
CA ALA A 87 45.93 36.62 3.12
C ALA A 87 45.77 37.05 4.58
N ARG A 88 44.54 37.00 5.10
CA ARG A 88 44.33 37.36 6.50
C ARG A 88 45.17 36.50 7.42
N GLU A 89 45.33 35.23 7.08
CA GLU A 89 46.05 34.29 7.91
C GLU A 89 47.56 34.46 7.83
N GLY A 90 48.05 35.28 6.91
CA GLY A 90 49.48 35.38 6.72
C GLY A 90 50.10 34.17 6.06
N LYS A 91 49.32 33.39 5.34
CA LYS A 91 49.78 32.17 4.71
C LYS A 91 50.45 32.42 3.36
N LEU A 92 50.54 33.66 2.92
CA LEU A 92 50.98 33.98 1.57
C LEU A 92 52.30 34.73 1.60
N ASP A 93 53.17 34.38 0.67
CA ASP A 93 54.52 34.94 0.67
C ASP A 93 54.48 36.42 0.30
N PRO A 94 55.37 37.23 0.85
CA PRO A 94 55.42 38.64 0.47
C PRO A 94 55.83 38.79 -0.99
N VAL A 95 55.12 39.66 -1.70
CA VAL A 95 55.39 39.93 -3.10
C VAL A 95 56.37 41.09 -3.18
N ILE A 96 57.44 40.91 -3.94
CA ILE A 96 58.62 41.77 -3.86
C ILE A 96 58.84 42.47 -5.20
N GLY A 97 59.09 43.78 -5.13
CA GLY A 97 59.55 44.52 -6.29
C GLY A 97 58.51 44.83 -7.34
N ARG A 98 57.22 44.72 -7.00
CA ARG A 98 56.18 44.91 -7.99
C ARG A 98 55.39 46.18 -7.77
N ASN A 99 55.98 47.17 -7.11
CA ASN A 99 55.20 48.22 -6.46
C ASN A 99 54.16 48.87 -7.36
N LYS A 100 54.59 49.68 -8.32
CA LYS A 100 53.59 50.42 -9.07
C LYS A 100 52.69 49.48 -9.83
N GLU A 101 53.28 48.44 -10.43
CA GLU A 101 52.53 47.52 -11.26
C GLU A 101 51.34 46.93 -10.52
N ILE A 102 51.41 46.82 -9.20
CA ILE A 102 50.24 46.26 -8.54
C ILE A 102 49.21 47.33 -8.29
N GLN A 103 49.61 48.46 -7.71
CA GLN A 103 48.63 49.42 -7.25
C GLN A 103 48.13 50.27 -8.40
N GLU A 104 48.90 50.35 -9.49
CA GLU A 104 48.34 50.86 -10.74
C GLU A 104 47.06 50.12 -11.11
N ALA A 105 46.99 48.82 -10.81
CA ALA A 105 45.78 48.06 -11.08
C ALA A 105 44.58 48.67 -10.39
N SER A 106 44.74 49.12 -9.14
CA SER A 106 43.63 49.76 -8.46
C SER A 106 43.09 50.94 -9.24
N GLU A 107 43.96 51.65 -9.96
CA GLU A 107 43.53 52.81 -10.73
C GLU A 107 42.51 52.46 -11.80
N ILE A 108 42.40 51.18 -12.16
CA ILE A 108 41.34 50.74 -13.04
C ILE A 108 40.09 50.33 -12.27
N LEU A 109 40.28 49.59 -11.18
CA LEU A 109 39.13 49.04 -10.46
C LEU A 109 38.28 50.13 -9.84
N SER A 110 38.89 51.25 -9.45
CA SER A 110 38.16 52.29 -8.76
C SER A 110 37.12 52.98 -9.62
N ARG A 111 37.11 52.74 -10.93
CA ARG A 111 36.18 53.42 -11.80
C ARG A 111 34.79 52.78 -11.74
N ARG A 112 33.78 53.58 -12.09
CA ARG A 112 32.42 53.06 -12.14
C ARG A 112 32.20 52.14 -13.32
N THR A 113 32.73 52.50 -14.49
CA THR A 113 32.74 51.64 -15.66
C THR A 113 34.17 51.48 -16.13
N LYS A 114 34.34 50.73 -17.21
CA LYS A 114 35.65 50.49 -17.80
C LYS A 114 36.62 50.04 -16.71
N ASN A 115 36.33 48.89 -16.15
CA ASN A 115 36.92 48.46 -14.88
C ASN A 115 37.26 46.97 -14.89
N ASN A 116 37.86 46.51 -15.97
CA ASN A 116 38.21 45.10 -16.13
C ASN A 116 39.65 45.02 -16.60
N PRO A 117 40.60 45.13 -15.68
CA PRO A 117 42.01 45.06 -16.06
C PRO A 117 42.48 43.63 -16.23
N VAL A 118 43.30 43.42 -17.27
CA VAL A 118 43.95 42.14 -17.51
C VAL A 118 45.45 42.37 -17.59
N LEU A 119 46.19 41.47 -16.97
CA LEU A 119 47.65 41.54 -16.98
C LEU A 119 48.17 40.83 -18.21
N VAL A 120 49.00 41.51 -18.99
CA VAL A 120 49.49 40.98 -20.25
C VAL A 120 50.99 40.80 -20.16
N GLY A 121 51.49 39.71 -20.70
CA GLY A 121 52.92 39.45 -20.72
C GLY A 121 53.19 37.99 -20.92
N ASP A 122 54.47 37.67 -21.03
CA ASP A 122 54.87 36.29 -21.23
C ASP A 122 54.84 35.51 -19.92
N ALA A 123 54.80 34.19 -20.03
CA ALA A 123 54.70 33.33 -18.86
C ALA A 123 56.02 33.29 -18.12
N GLY A 124 55.98 32.69 -16.92
CA GLY A 124 57.17 32.60 -16.11
C GLY A 124 57.71 33.92 -15.64
N VAL A 125 56.83 34.88 -15.35
CA VAL A 125 57.24 36.20 -14.93
C VAL A 125 56.63 36.59 -13.59
N GLY A 126 56.18 35.61 -12.81
CA GLY A 126 55.42 35.93 -11.62
C GLY A 126 54.09 36.57 -11.92
N LYS A 127 53.39 36.05 -12.93
CA LYS A 127 52.17 36.72 -13.39
C LYS A 127 51.13 36.79 -12.29
N THR A 128 50.86 35.66 -11.63
CA THR A 128 49.90 35.68 -10.53
C THR A 128 50.42 36.47 -9.34
N ALA A 129 51.74 36.43 -9.10
CA ALA A 129 52.31 37.10 -7.94
C ALA A 129 51.79 38.52 -7.80
N VAL A 130 51.45 39.16 -8.92
CA VAL A 130 50.85 40.48 -8.85
C VAL A 130 49.53 40.44 -8.10
N VAL A 131 48.66 39.48 -8.44
CA VAL A 131 47.34 39.48 -7.81
C VAL A 131 47.44 39.04 -6.36
N GLU A 132 48.33 38.10 -6.03
CA GLU A 132 48.49 37.83 -4.59
C GLU A 132 49.00 39.07 -3.86
N GLY A 133 49.93 39.82 -4.46
CA GLY A 133 50.35 41.06 -3.85
C GLY A 133 49.22 42.04 -3.70
N LEU A 134 48.29 42.05 -4.65
CA LEU A 134 47.13 42.92 -4.53
C LEU A 134 46.30 42.53 -3.31
N ALA A 135 46.07 41.24 -3.12
CA ALA A 135 45.33 40.81 -1.93
C ALA A 135 46.06 41.20 -0.67
N GLN A 136 47.38 41.03 -0.67
CA GLN A 136 48.20 41.44 0.47
C GLN A 136 48.00 42.90 0.79
N ALA A 137 48.05 43.76 -0.24
CA ALA A 137 47.85 45.19 -0.02
C ALA A 137 46.45 45.49 0.49
N ILE A 138 45.44 44.81 -0.06
CA ILE A 138 44.07 45.02 0.40
C ILE A 138 43.98 44.76 1.89
N VAL A 139 44.52 43.63 2.34
CA VAL A 139 44.57 43.37 3.77
C VAL A 139 45.37 44.46 4.47
N ASN A 140 46.43 44.93 3.81
CA ASN A 140 47.34 45.92 4.39
C ASN A 140 46.73 47.29 4.51
N GLY A 141 45.59 47.54 3.87
CA GLY A 141 45.07 48.89 3.83
C GLY A 141 45.86 49.82 2.94
N ASP A 142 46.55 49.28 1.93
CA ASP A 142 47.30 50.10 1.00
C ASP A 142 46.44 50.68 -0.10
N VAL A 143 45.33 50.03 -0.43
CA VAL A 143 44.54 50.36 -1.60
C VAL A 143 43.80 51.68 -1.37
N PRO A 144 43.30 52.32 -2.42
CA PRO A 144 42.35 53.41 -2.22
C PRO A 144 41.01 52.89 -1.74
N ALA A 145 40.18 53.83 -1.25
CA ALA A 145 38.97 53.46 -0.53
C ALA A 145 37.97 52.71 -1.39
N ALA A 146 38.12 52.77 -2.72
CA ALA A 146 37.11 52.22 -3.61
C ALA A 146 36.92 50.72 -3.42
N ILE A 147 37.97 50.01 -3.03
CA ILE A 147 37.93 48.56 -3.00
C ILE A 147 38.17 48.01 -1.61
N LYS A 148 37.89 48.81 -0.57
CA LYS A 148 38.17 48.37 0.78
C LYS A 148 37.40 47.11 1.13
N ASN A 149 36.12 47.07 0.77
CA ASN A 149 35.20 46.07 1.31
C ASN A 149 35.10 44.84 0.45
N LYS A 150 35.96 44.68 -0.54
CA LYS A 150 35.84 43.57 -1.47
C LYS A 150 36.82 42.47 -1.12
N GLU A 151 36.59 41.30 -1.71
CA GLU A 151 37.51 40.19 -1.62
C GLU A 151 37.68 39.56 -3.00
N ILE A 152 38.72 38.75 -3.13
CA ILE A 152 39.12 38.18 -4.40
C ILE A 152 39.05 36.67 -4.30
N VAL A 153 38.41 36.04 -5.29
CA VAL A 153 38.35 34.59 -5.37
C VAL A 153 38.93 34.17 -6.72
N SER A 154 39.84 33.21 -6.68
CA SER A 154 40.39 32.63 -7.89
C SER A 154 39.63 31.38 -8.25
N ILE A 155 39.42 31.18 -9.56
CA ILE A 155 38.55 30.12 -10.03
C ILE A 155 39.30 29.19 -10.96
N ASP A 156 39.16 27.89 -10.71
CA ASP A 156 39.61 26.83 -11.62
C ASP A 156 38.67 26.79 -12.81
N ILE A 157 38.99 27.58 -13.83
CA ILE A 157 38.18 27.54 -15.05
C ILE A 157 38.26 26.17 -15.70
N SER A 158 39.48 25.66 -15.91
CA SER A 158 39.69 24.44 -16.66
C SER A 158 39.00 23.23 -16.03
N GLY A 159 38.90 23.20 -14.70
CA GLY A 159 38.25 22.12 -14.01
C GLY A 159 36.78 22.31 -13.72
N LEU A 160 36.13 23.34 -14.30
CA LEU A 160 34.74 23.58 -13.97
C LEU A 160 33.84 22.40 -14.33
N GLU A 161 34.02 21.82 -15.51
CA GLU A 161 33.21 20.67 -15.88
C GLU A 161 33.44 19.47 -14.98
N ALA A 162 34.53 19.47 -14.20
CA ALA A 162 34.74 18.41 -13.23
C ALA A 162 33.69 18.42 -12.13
N GLY A 163 33.10 19.58 -11.85
CA GLY A 163 32.14 19.67 -10.76
C GLY A 163 30.75 19.18 -11.06
N THR A 164 30.50 18.74 -12.29
CA THR A 164 29.15 18.36 -12.69
C THR A 164 29.21 17.27 -13.75
N GLN A 165 28.07 16.63 -13.97
CA GLN A 165 28.01 15.50 -14.90
C GLN A 165 27.42 15.91 -16.24
N TYR A 166 26.45 16.82 -16.25
CA TYR A 166 25.75 17.21 -17.47
C TYR A 166 25.99 18.68 -17.74
N ARG A 167 26.27 19.00 -19.00
CA ARG A 167 26.71 20.35 -19.35
C ARG A 167 25.56 21.35 -19.28
N GLY A 168 24.31 20.89 -19.39
CA GLY A 168 23.19 21.76 -19.05
C GLY A 168 23.17 22.08 -17.57
N SER A 169 23.35 21.06 -16.73
CA SER A 169 23.55 21.29 -15.31
C SER A 169 24.79 22.14 -15.08
N PHE A 170 25.82 21.97 -15.91
CA PHE A 170 27.00 22.80 -15.83
C PHE A 170 26.65 24.26 -16.03
N GLU A 171 25.90 24.56 -17.09
CA GLU A 171 25.53 25.94 -17.36
C GLU A 171 24.66 26.50 -16.25
N GLU A 172 23.76 25.67 -15.70
CA GLU A 172 22.97 26.13 -14.58
C GLU A 172 23.85 26.48 -13.39
N ASN A 173 24.85 25.64 -13.10
CA ASN A 173 25.79 25.97 -12.03
C ASN A 173 26.56 27.25 -12.34
N VAL A 174 26.92 27.44 -13.61
CA VAL A 174 27.65 28.63 -14.01
C VAL A 174 26.84 29.87 -13.73
N GLN A 175 25.59 29.89 -14.17
CA GLN A 175 24.73 31.03 -13.88
C GLN A 175 24.48 31.16 -12.38
N ASN A 176 24.49 30.03 -11.67
CA ASN A 176 24.38 30.08 -10.22
C ASN A 176 25.55 30.83 -9.60
N LEU A 177 26.66 30.92 -10.32
CA LEU A 177 27.76 31.76 -9.85
C LEU A 177 27.34 33.22 -9.84
N VAL A 178 26.79 33.70 -10.96
CA VAL A 178 26.26 35.06 -10.99
C VAL A 178 25.23 35.24 -9.89
N ASN A 179 24.40 34.22 -9.68
CA ASN A 179 23.47 34.24 -8.56
C ASN A 179 24.20 34.47 -7.25
N GLU A 180 25.32 33.78 -7.04
CA GLU A 180 26.14 34.07 -5.87
C GLU A 180 26.78 35.45 -5.97
N VAL A 181 27.07 35.92 -7.18
CA VAL A 181 27.73 37.21 -7.29
C VAL A 181 26.66 38.28 -7.22
N LYS A 182 26.19 38.54 -6.01
CA LYS A 182 25.30 39.65 -5.70
C LYS A 182 25.67 40.33 -4.40
N GLU A 183 26.68 39.82 -3.69
CA GLU A 183 26.99 40.29 -2.35
C GLU A 183 27.87 41.54 -2.43
N ALA A 184 27.21 42.66 -2.70
CA ALA A 184 27.82 43.99 -2.73
C ALA A 184 29.00 44.08 -3.68
N GLY A 185 29.14 43.13 -4.59
CA GLY A 185 30.32 43.08 -5.42
C GLY A 185 31.58 42.81 -4.64
N ASN A 186 31.46 42.41 -3.37
CA ASN A 186 32.61 42.12 -2.52
C ASN A 186 33.41 40.96 -3.07
N ILE A 187 32.82 40.18 -3.96
CA ILE A 187 33.49 39.08 -4.63
C ILE A 187 34.02 39.63 -5.95
N ILE A 188 35.27 39.30 -6.25
CA ILE A 188 35.90 39.65 -7.52
C ILE A 188 36.54 38.39 -8.08
N LEU A 189 36.20 38.05 -9.32
CA LEU A 189 36.64 36.80 -9.91
C LEU A 189 38.00 36.98 -10.55
N PHE A 190 38.88 36.03 -10.30
CA PHE A 190 40.18 35.99 -10.94
C PHE A 190 40.36 34.68 -11.69
N PHE A 191 41.06 34.75 -12.82
CA PHE A 191 41.33 33.60 -13.65
C PHE A 191 42.76 33.71 -14.17
N ASP A 192 43.18 32.71 -14.92
CA ASP A 192 44.53 32.67 -15.45
C ASP A 192 44.58 32.32 -16.93
N ALA A 193 43.45 31.97 -17.54
CA ALA A 193 43.43 31.60 -18.95
C ALA A 193 42.17 32.21 -19.59
N ILE A 194 42.32 33.43 -20.10
CA ILE A 194 41.16 34.14 -20.64
C ILE A 194 40.65 33.45 -21.89
N HIS A 195 41.55 32.96 -22.73
CA HIS A 195 41.15 32.15 -23.87
C HIS A 195 40.35 30.93 -23.45
N GLN A 196 40.67 30.31 -22.32
CA GLN A 196 39.87 29.23 -21.77
C GLN A 196 38.53 29.72 -21.22
N ILE A 197 38.39 31.01 -20.97
CA ILE A 197 37.11 31.58 -20.63
C ILE A 197 36.28 31.87 -21.87
N LEU A 198 36.91 32.44 -22.90
CA LEU A 198 36.21 32.78 -24.12
C LEU A 198 35.93 31.50 -24.90
N GLY A 199 34.97 30.72 -24.38
CA GLY A 199 34.53 29.49 -24.98
C GLY A 199 33.06 29.54 -25.37
N ALA A 200 32.32 28.46 -25.10
CA ALA A 200 30.88 28.41 -25.34
C ALA A 200 30.56 28.64 -26.81
N GLY A 201 31.61 28.72 -27.64
CA GLY A 201 31.48 29.03 -29.04
C GLY A 201 32.82 28.91 -29.76
N SER A 202 32.83 29.37 -31.01
CA SER A 202 34.01 29.26 -31.86
C SER A 202 34.84 30.54 -31.77
N THR A 203 35.21 30.90 -30.54
CA THR A 203 36.17 31.98 -30.34
C THR A 203 37.59 31.54 -30.62
N GLY A 204 37.86 30.24 -30.59
CA GLY A 204 39.21 29.75 -30.84
C GLY A 204 39.16 28.28 -31.18
N GLY A 205 39.94 27.91 -32.20
CA GLY A 205 39.85 26.56 -32.70
C GLY A 205 38.58 26.38 -33.52
N ASP A 206 38.13 25.12 -33.55
CA ASP A 206 36.93 24.76 -34.30
C ASP A 206 35.65 24.81 -33.46
N SER A 207 35.72 24.44 -32.19
CA SER A 207 34.54 24.37 -31.33
C SER A 207 34.97 24.64 -29.90
N GLY A 208 34.00 24.53 -29.00
CA GLY A 208 34.29 24.67 -27.58
C GLY A 208 33.09 24.27 -26.75
N SER A 209 33.36 24.01 -25.48
CA SER A 209 32.32 23.68 -24.53
C SER A 209 31.70 24.95 -23.97
N LYS A 210 30.48 24.81 -23.45
CA LYS A 210 29.79 25.94 -22.87
C LYS A 210 30.58 26.52 -21.69
N GLY A 211 30.57 27.84 -21.59
CA GLY A 211 31.25 28.50 -20.49
C GLY A 211 30.66 29.87 -20.25
N LEU A 212 31.44 30.72 -19.57
CA LEU A 212 30.96 32.05 -19.24
C LEU A 212 30.59 32.87 -20.46
N ALA A 213 31.10 32.50 -21.64
CA ALA A 213 30.95 33.37 -22.81
C ALA A 213 29.49 33.70 -23.06
N ASP A 214 28.64 32.68 -23.16
CA ASP A 214 27.24 32.91 -23.45
C ASP A 214 26.51 33.61 -22.33
N ILE A 215 27.13 33.75 -21.17
CA ILE A 215 26.58 34.46 -20.03
C ILE A 215 27.30 35.77 -19.77
N LEU A 216 28.62 35.78 -19.95
CA LEU A 216 29.38 36.99 -19.60
C LEU A 216 29.08 38.14 -20.53
N LYS A 217 28.89 37.88 -21.82
CA LYS A 217 28.82 38.93 -22.83
C LYS A 217 27.79 39.97 -22.43
N PRO A 218 26.59 39.58 -21.98
CA PRO A 218 25.72 40.59 -21.38
C PRO A 218 26.19 41.04 -20.01
N ALA A 219 26.55 40.11 -19.13
CA ALA A 219 26.81 40.47 -17.74
C ALA A 219 27.89 41.54 -17.64
N LEU A 220 28.98 41.38 -18.39
CA LEU A 220 30.03 42.38 -18.41
C LEU A 220 29.54 43.69 -19.02
N SER A 221 28.78 43.59 -20.12
CA SER A 221 28.15 44.78 -20.67
C SER A 221 27.25 45.46 -19.64
N ARG A 222 26.39 44.70 -18.97
CA ARG A 222 25.58 45.27 -17.92
C ARG A 222 26.26 45.29 -16.56
N GLY A 223 27.59 45.25 -16.52
CA GLY A 223 28.32 45.66 -15.33
C GLY A 223 28.19 44.75 -14.14
N GLU A 224 27.72 43.53 -14.36
CA GLU A 224 27.53 42.58 -13.28
C GLU A 224 28.83 42.16 -12.62
N LEU A 225 29.87 41.91 -13.39
CA LEU A 225 31.06 41.26 -12.85
C LEU A 225 32.26 42.19 -12.95
N THR A 226 33.29 41.88 -12.18
CA THR A 226 34.62 42.43 -12.40
C THR A 226 35.63 41.31 -12.38
N VAL A 227 36.29 41.09 -13.50
CA VAL A 227 37.26 40.01 -13.62
C VAL A 227 38.64 40.63 -13.81
N ILE A 228 39.66 39.84 -13.54
CA ILE A 228 41.04 40.30 -13.62
C ILE A 228 41.87 39.25 -14.33
N GLY A 229 42.31 39.55 -15.55
CA GLY A 229 43.27 38.74 -16.26
C GLY A 229 42.86 37.29 -16.41
N ALA A 230 43.84 36.47 -16.81
CA ALA A 230 45.18 36.92 -17.18
C ALA A 230 45.66 36.08 -18.34
N THR A 231 46.56 36.63 -19.15
CA THR A 231 47.01 35.91 -20.32
C THR A 231 48.27 36.52 -20.94
N THR A 232 48.63 36.03 -22.12
CA THR A 232 49.86 36.41 -22.80
C THR A 232 49.57 37.45 -23.89
N GLN A 233 50.65 37.95 -24.49
CA GLN A 233 50.56 39.00 -25.51
C GLN A 233 49.75 38.57 -26.73
N ASP A 234 50.09 37.41 -27.28
CA ASP A 234 49.50 36.95 -28.53
C ASP A 234 48.05 36.54 -28.34
N GLU A 235 47.74 35.84 -27.24
CA GLU A 235 46.34 35.63 -26.86
C GLU A 235 45.57 36.94 -26.87
N TYR A 236 46.18 38.01 -26.33
CA TYR A 236 45.49 39.28 -26.23
C TYR A 236 45.14 39.83 -27.60
N ARG A 237 46.13 39.93 -28.50
CA ARG A 237 45.79 40.54 -29.78
C ARG A 237 44.93 39.62 -30.63
N ASN A 238 44.98 38.31 -30.40
CA ASN A 238 44.25 37.40 -31.28
C ASN A 238 42.81 37.20 -30.84
N THR A 239 42.51 37.31 -29.56
CA THR A 239 41.17 37.01 -29.07
C THR A 239 40.44 38.22 -28.52
N ILE A 240 41.13 39.10 -27.82
CA ILE A 240 40.45 40.16 -27.08
C ILE A 240 40.10 41.34 -27.96
N LEU A 241 41.03 41.79 -28.80
CA LEU A 241 40.82 42.96 -29.62
C LEU A 241 39.87 42.73 -30.77
N LYS A 242 39.24 41.55 -30.82
CA LYS A 242 38.35 41.22 -31.93
C LYS A 242 36.88 41.31 -31.57
N ASN A 243 36.54 41.20 -30.31
CA ASN A 243 35.16 41.37 -29.86
C ASN A 243 34.99 42.77 -29.30
N ALA A 244 34.25 43.61 -30.03
CA ALA A 244 34.06 44.99 -29.62
C ALA A 244 33.40 45.07 -28.25
N ALA A 245 32.64 44.05 -27.87
CA ALA A 245 32.00 44.06 -26.56
C ALA A 245 33.03 44.17 -25.44
N LEU A 246 34.09 43.37 -25.52
CA LEU A 246 35.17 43.49 -24.54
C LEU A 246 35.88 44.82 -24.65
N ALA A 247 35.95 45.39 -25.85
CA ALA A 247 36.69 46.63 -26.05
C ALA A 247 36.15 47.75 -25.18
N ARG A 248 34.85 47.77 -24.94
CA ARG A 248 34.22 48.84 -24.19
C ARG A 248 34.10 48.50 -22.70
N ARG A 249 34.75 47.43 -22.26
CA ARG A 249 34.80 47.12 -20.84
C ARG A 249 36.20 46.83 -20.32
N PHE A 250 37.14 46.41 -21.16
CA PHE A 250 38.39 45.85 -20.69
C PHE A 250 39.54 46.84 -20.83
N ASN A 251 40.58 46.59 -20.04
CA ASN A 251 41.80 47.37 -20.07
C ASN A 251 42.97 46.43 -19.86
N GLU A 252 44.17 46.89 -20.18
CA GLU A 252 45.33 46.03 -20.16
C GLU A 252 46.45 46.70 -19.39
N VAL A 253 47.25 45.89 -18.70
CA VAL A 253 48.39 46.36 -17.92
C VAL A 253 49.60 45.52 -18.28
N LYS A 254 50.67 46.19 -18.69
CA LYS A 254 51.88 45.53 -19.14
C LYS A 254 52.66 44.95 -17.97
N VAL A 255 53.26 43.79 -18.18
CA VAL A 255 54.10 43.13 -17.18
C VAL A 255 55.42 42.75 -17.83
N ASN A 256 56.52 42.99 -17.11
CA ASN A 256 57.85 42.68 -17.62
C ASN A 256 58.68 42.02 -16.54
N ALA A 257 59.58 41.15 -16.95
CA ALA A 257 60.47 40.50 -16.01
C ALA A 257 61.44 41.53 -15.41
N PRO A 258 61.76 41.40 -14.13
CA PRO A 258 62.64 42.37 -13.49
C PRO A 258 64.12 42.10 -13.79
N SER A 259 64.95 43.00 -13.28
CA SER A 259 66.38 42.93 -13.50
C SER A 259 67.04 41.99 -12.50
N ALA A 260 68.35 41.82 -12.65
CA ALA A 260 69.07 40.88 -11.81
C ALA A 260 69.50 41.52 -10.51
N GLU A 261 68.60 42.26 -9.88
CA GLU A 261 68.73 42.59 -8.47
C GLU A 261 67.52 42.14 -7.68
N ASN A 262 66.33 42.48 -8.16
CA ASN A 262 65.09 42.02 -7.56
C ASN A 262 64.99 40.51 -7.62
N THR A 263 65.41 39.91 -8.73
CA THR A 263 65.48 38.46 -8.80
C THR A 263 66.34 37.90 -7.69
N PHE A 264 67.48 38.55 -7.44
CA PHE A 264 68.34 38.12 -6.35
C PHE A 264 67.61 38.20 -5.02
N LYS A 265 66.82 39.26 -4.84
CA LYS A 265 66.04 39.40 -3.61
C LYS A 265 65.03 38.28 -3.46
N ILE A 266 64.30 37.99 -4.54
CA ILE A 266 63.30 36.94 -4.47
C ILE A 266 63.94 35.60 -4.15
N LEU A 267 65.09 35.33 -4.77
CA LEU A 267 65.78 34.10 -4.51
C LEU A 267 66.22 34.04 -3.05
N GLN A 268 66.72 35.16 -2.53
CA GLN A 268 67.07 35.20 -1.11
C GLN A 268 65.87 34.87 -0.26
N GLY A 269 64.71 35.38 -0.63
CA GLY A 269 63.50 35.06 0.12
C GLY A 269 63.17 33.59 0.09
N ILE A 270 63.25 32.97 -1.09
CA ILE A 270 62.89 31.57 -1.21
C ILE A 270 63.90 30.69 -0.49
N ARG A 271 65.15 31.15 -0.42
CA ARG A 271 66.32 30.38 -0.02
C ARG A 271 66.07 29.37 1.08
N ASP A 272 65.37 29.76 2.13
CA ASP A 272 65.15 28.90 3.28
C ASP A 272 64.29 27.69 2.96
N LEU A 273 63.43 27.76 1.96
CA LEU A 273 62.55 26.64 1.64
C LEU A 273 63.32 25.35 1.45
N TYR A 274 64.49 25.44 0.82
CA TYR A 274 65.28 24.27 0.45
C TYR A 274 66.15 23.75 1.57
N GLN A 275 65.81 24.06 2.83
CA GLN A 275 66.26 23.20 3.91
C GLN A 275 65.70 21.79 3.75
N GLN A 276 64.63 21.65 2.96
CA GLN A 276 64.01 20.36 2.72
C GLN A 276 65.01 19.31 2.30
N HIS A 277 65.99 19.69 1.48
CA HIS A 277 66.87 18.73 0.84
C HIS A 277 68.13 18.45 1.65
N HIS A 278 68.21 18.96 2.88
CA HIS A 278 69.28 18.65 3.81
C HIS A 278 70.67 18.88 3.21
N ASN A 279 70.80 20.01 2.54
CA ASN A 279 72.05 20.40 1.91
C ASN A 279 72.32 21.85 2.27
N VAL A 280 73.41 22.41 1.74
CA VAL A 280 73.75 23.78 2.06
C VAL A 280 72.60 24.69 1.66
N ILE A 281 72.19 25.55 2.57
CA ILE A 281 71.39 26.70 2.21
C ILE A 281 72.37 27.75 1.69
N LEU A 282 72.10 28.21 0.47
CA LEU A 282 73.15 28.61 -0.45
C LEU A 282 73.62 30.05 -0.21
N PRO A 283 74.94 30.27 -0.21
CA PRO A 283 75.45 31.63 -0.08
C PRO A 283 75.22 32.43 -1.35
N ASP A 284 75.19 33.76 -1.16
CA ASP A 284 74.75 34.67 -2.21
C ASP A 284 75.60 34.54 -3.47
N GLU A 285 76.87 34.20 -3.31
CA GLU A 285 77.77 34.12 -4.47
C GLU A 285 77.28 33.08 -5.45
N VAL A 286 76.91 31.91 -4.94
CA VAL A 286 76.37 30.86 -5.79
C VAL A 286 75.10 31.35 -6.48
N LEU A 287 74.28 32.10 -5.77
CA LEU A 287 73.02 32.56 -6.32
C LEU A 287 73.24 33.50 -7.50
N LYS A 288 74.06 34.53 -7.29
CA LYS A 288 74.32 35.47 -8.36
C LYS A 288 75.01 34.78 -9.53
N ALA A 289 75.87 33.78 -9.23
CA ALA A 289 76.49 33.04 -10.31
C ALA A 289 75.45 32.28 -11.12
N ALA A 290 74.48 31.68 -10.46
CA ALA A 290 73.42 30.97 -11.17
C ALA A 290 72.63 31.93 -12.05
N VAL A 291 72.34 33.13 -11.51
CA VAL A 291 71.64 34.12 -12.31
C VAL A 291 72.46 34.48 -13.55
N ASP A 292 73.75 34.76 -13.36
CA ASP A 292 74.59 35.20 -14.47
C ASP A 292 74.74 34.11 -15.52
N TYR A 293 74.68 32.85 -15.10
CA TYR A 293 74.80 31.80 -16.09
C TYR A 293 73.49 31.56 -16.83
N SER A 294 72.37 31.51 -16.10
CA SER A 294 71.09 31.26 -16.75
C SER A 294 70.72 32.39 -17.69
N VAL A 295 71.13 33.62 -17.37
CA VAL A 295 70.77 34.74 -18.24
C VAL A 295 71.49 34.65 -19.57
N GLN A 296 72.74 34.20 -19.57
CA GLN A 296 73.54 34.20 -20.78
C GLN A 296 73.46 32.90 -21.56
N TYR A 297 73.06 31.80 -20.92
CA TYR A 297 73.05 30.52 -21.61
C TYR A 297 71.65 30.03 -21.98
N ILE A 298 70.61 30.51 -21.30
CA ILE A 298 69.25 30.08 -21.63
C ILE A 298 68.39 31.30 -21.92
N PRO A 299 68.62 32.01 -23.01
CA PRO A 299 67.77 33.17 -23.32
C PRO A 299 66.35 32.79 -23.69
N GLN A 300 66.11 31.56 -24.09
CA GLN A 300 64.77 31.20 -24.56
C GLN A 300 63.75 31.08 -23.43
N ARG A 301 64.10 31.48 -22.22
CA ARG A 301 63.17 31.44 -21.10
C ARG A 301 63.23 32.74 -20.32
N SER A 302 62.14 33.04 -19.64
CA SER A 302 62.09 34.22 -18.79
C SER A 302 63.04 34.07 -17.62
N LEU A 303 63.51 35.20 -17.10
CA LEU A 303 64.49 35.19 -16.02
C LEU A 303 63.97 34.55 -14.74
N PRO A 304 62.85 35.01 -14.15
CA PRO A 304 62.52 34.56 -12.79
C PRO A 304 62.36 33.06 -12.65
N ASP A 305 61.72 32.39 -13.60
CA ASP A 305 61.53 30.96 -13.45
C ASP A 305 62.81 30.19 -13.71
N LYS A 306 63.56 30.56 -14.75
CA LYS A 306 64.76 29.80 -15.06
C LYS A 306 65.78 29.90 -13.93
N ALA A 307 65.91 31.08 -13.33
CA ALA A 307 66.87 31.21 -12.24
C ALA A 307 66.50 30.28 -11.09
N ILE A 308 65.22 30.11 -10.82
CA ILE A 308 64.78 29.20 -9.77
C ILE A 308 65.02 27.75 -10.14
N ASP A 309 64.67 27.38 -11.37
CA ASP A 309 64.77 25.98 -11.77
C ASP A 309 66.23 25.54 -11.78
N LEU A 310 67.13 26.41 -12.20
CA LEU A 310 68.55 26.06 -12.16
C LEU A 310 68.97 25.74 -10.73
N VAL A 311 68.57 26.56 -9.78
CA VAL A 311 68.90 26.32 -8.38
C VAL A 311 68.31 25.00 -7.92
N ASP A 312 67.05 24.75 -8.30
CA ASP A 312 66.37 23.54 -7.85
C ASP A 312 67.09 22.29 -8.32
N VAL A 313 67.38 22.21 -9.61
CA VAL A 313 68.08 21.04 -10.13
C VAL A 313 69.48 20.97 -9.54
N THR A 314 70.11 22.11 -9.31
CA THR A 314 71.41 22.12 -8.66
C THR A 314 71.35 21.42 -7.32
N ALA A 315 70.37 21.78 -6.49
CA ALA A 315 70.24 21.15 -5.18
C ALA A 315 69.97 19.66 -5.32
N ALA A 316 69.04 19.30 -6.22
CA ALA A 316 68.70 17.90 -6.37
C ALA A 316 69.94 17.08 -6.73
N HIS A 317 70.77 17.59 -7.64
CA HIS A 317 71.99 16.88 -7.97
C HIS A 317 72.93 16.85 -6.78
N LEU A 318 73.04 17.97 -6.06
CA LEU A 318 73.94 18.00 -4.91
C LEU A 318 73.49 17.07 -3.81
N ALA A 319 72.27 16.55 -3.88
CA ALA A 319 71.93 15.45 -3.00
C ALA A 319 72.87 14.28 -3.22
N ALA A 320 73.54 14.24 -4.37
CA ALA A 320 74.59 13.26 -4.66
C ALA A 320 74.08 11.84 -4.52
N GLN A 321 72.76 11.66 -4.59
CA GLN A 321 72.14 10.35 -4.55
C GLN A 321 72.56 9.58 -3.30
N HIS A 322 72.65 10.28 -2.18
CA HIS A 322 73.05 9.63 -0.95
C HIS A 322 71.92 8.76 -0.41
N PRO A 323 72.26 7.62 0.18
CA PRO A 323 71.25 6.72 0.74
C PRO A 323 70.77 7.22 2.10
N VAL A 324 69.88 6.43 2.70
CA VAL A 324 69.37 6.71 4.04
C VAL A 324 69.38 5.47 4.92
N THR A 325 69.78 4.33 4.40
CA THR A 325 69.86 3.12 5.20
C THR A 325 70.77 3.28 6.41
N ASP A 326 71.82 4.09 6.28
CA ASP A 326 72.80 4.24 7.34
C ASP A 326 72.17 4.84 8.59
N VAL A 327 70.97 5.39 8.47
CA VAL A 327 70.16 5.78 9.60
C VAL A 327 68.89 4.94 9.69
N HIS A 328 68.43 4.43 8.55
CA HIS A 328 67.16 3.69 8.53
C HIS A 328 67.27 2.39 9.33
N ALA A 329 68.42 1.74 9.28
CA ALA A 329 68.62 0.53 10.06
C ALA A 329 68.43 0.79 11.55
N VAL A 330 68.99 1.89 12.05
CA VAL A 330 68.88 2.18 13.46
C VAL A 330 67.47 2.67 13.78
N GLU A 331 66.77 3.24 12.81
CA GLU A 331 65.35 3.49 13.04
C GLU A 331 64.60 2.19 13.29
N ARG A 332 64.89 1.16 12.51
CA ARG A 332 64.31 -0.15 12.79
C ARG A 332 64.70 -0.64 14.18
N GLU A 333 65.95 -0.43 14.55
CA GLU A 333 66.40 -0.85 15.88
C GLU A 333 65.62 -0.15 16.97
N ILE A 334 65.41 1.15 16.83
CA ILE A 334 64.63 1.90 17.80
C ILE A 334 63.21 1.35 17.88
N GLU A 335 62.65 0.98 16.73
CA GLU A 335 61.32 0.38 16.74
C GLU A 335 61.29 -0.90 17.55
N THR A 336 62.26 -1.78 17.33
CA THR A 336 62.28 -3.04 18.06
C THR A 336 62.45 -2.81 19.56
N GLU A 337 63.38 -1.93 19.93
CA GLU A 337 63.61 -1.64 21.33
C GLU A 337 62.37 -1.02 21.97
N LYS A 338 61.66 -0.19 21.22
CA LYS A 338 60.43 0.39 21.72
C LYS A 338 59.39 -0.69 21.98
N ASP A 339 59.28 -1.66 21.09
CA ASP A 339 58.33 -2.74 21.31
C ASP A 339 58.67 -3.53 22.57
N LYS A 340 59.95 -3.88 22.74
CA LYS A 340 60.34 -4.59 23.96
C LYS A 340 60.09 -3.75 25.20
N GLN A 341 60.30 -2.43 25.09
CA GLN A 341 60.03 -1.54 26.21
C GLN A 341 58.57 -1.57 26.59
N GLU A 342 57.69 -1.51 25.59
CA GLU A 342 56.26 -1.61 25.88
C GLU A 342 55.93 -2.94 26.53
N LYS A 343 56.54 -4.02 26.04
CA LYS A 343 56.27 -5.34 26.63
C LYS A 343 56.65 -5.36 28.10
N ALA A 344 57.85 -4.84 28.42
CA ALA A 344 58.28 -4.82 29.82
C ALA A 344 57.39 -3.93 30.67
N VAL A 345 56.94 -2.80 30.12
CA VAL A 345 56.00 -1.96 30.85
C VAL A 345 54.72 -2.73 31.15
N GLU A 346 54.28 -3.57 30.22
CA GLU A 346 53.10 -4.38 30.49
C GLU A 346 53.31 -5.23 31.74
N ALA A 347 54.51 -5.79 31.90
CA ALA A 347 54.82 -6.60 33.08
C ALA A 347 55.32 -5.79 34.25
N GLU A 348 55.30 -4.46 34.16
CA GLU A 348 55.61 -3.57 35.27
C GLU A 348 57.00 -3.81 35.84
N ASP A 349 57.95 -4.11 34.96
CA ASP A 349 59.34 -4.29 35.35
C ASP A 349 60.07 -2.99 35.03
N PHE A 350 60.15 -2.12 36.04
CA PHE A 350 60.51 -0.73 35.78
C PHE A 350 61.98 -0.56 35.44
N GLU A 351 62.86 -1.39 36.00
CA GLU A 351 64.27 -1.31 35.67
C GLU A 351 64.52 -1.58 34.19
N ALA A 352 63.86 -2.61 33.64
CA ALA A 352 64.04 -2.94 32.24
C ALA A 352 63.50 -1.84 31.35
N ALA A 353 62.33 -1.29 31.69
CA ALA A 353 61.79 -0.19 30.92
C ALA A 353 62.67 1.04 30.97
N LEU A 354 63.25 1.32 32.13
CA LEU A 354 64.18 2.44 32.25
C LEU A 354 65.41 2.22 31.38
N ASN A 355 65.95 1.00 31.40
CA ASN A 355 67.08 0.69 30.52
C ASN A 355 66.71 0.86 29.06
N TYR A 356 65.52 0.39 28.69
CA TYR A 356 65.06 0.53 27.31
C TYR A 356 64.94 2.00 26.92
N LYS A 357 64.40 2.83 27.82
CA LYS A 357 64.28 4.25 27.52
C LYS A 357 65.64 4.90 27.36
N THR A 358 66.59 4.51 28.20
CA THR A 358 67.94 5.03 28.07
C THR A 358 68.55 4.64 26.71
N ARG A 359 68.34 3.38 26.30
CA ARG A 359 68.86 2.95 25.00
C ARG A 359 68.16 3.67 23.86
N ILE A 360 66.86 3.96 24.04
CA ILE A 360 66.13 4.70 23.03
C ILE A 360 66.71 6.10 22.88
N ALA A 361 66.96 6.77 24.00
CA ALA A 361 67.61 8.08 23.92
C ALA A 361 68.96 7.98 23.25
N GLU A 362 69.75 6.96 23.61
CA GLU A 362 71.04 6.75 22.99
C GLU A 362 70.94 6.71 21.47
N LEU A 363 70.14 5.78 20.96
CA LEU A 363 70.02 5.62 19.52
C LEU A 363 69.44 6.88 18.88
N GLU A 364 68.53 7.54 19.58
CA GLU A 364 67.93 8.75 19.05
C GLU A 364 68.98 9.81 18.77
N ARG A 365 69.81 10.14 19.77
CA ARG A 365 70.74 11.22 19.51
C ARG A 365 71.87 10.76 18.60
N LYS A 366 72.12 9.45 18.52
CA LYS A 366 73.01 8.98 17.48
C LYS A 366 72.47 9.34 16.10
N ILE A 367 71.20 9.01 15.87
CA ILE A 367 70.55 9.33 14.60
C ILE A 367 70.56 10.83 14.36
N GLU A 368 70.38 11.59 15.43
CA GLU A 368 70.50 13.04 15.32
C GLU A 368 71.88 13.42 14.79
N ASN A 369 72.93 12.80 15.33
CA ASN A 369 74.29 13.09 14.88
C ASN A 369 74.45 12.75 13.40
N HIS A 370 73.95 11.60 12.99
CA HIS A 370 74.02 11.27 11.57
C HIS A 370 73.25 12.25 10.71
N THR A 371 72.10 12.72 11.18
CA THR A 371 71.27 13.60 10.37
C THR A 371 72.00 14.88 10.04
N GLU A 372 72.70 15.45 11.01
CA GLU A 372 73.47 16.65 10.78
C GLU A 372 74.74 16.39 9.98
N ASP A 373 75.02 15.14 9.62
CA ASP A 373 76.15 14.83 8.75
C ASP A 373 75.72 15.07 7.29
N MET A 374 75.42 16.33 7.01
CA MET A 374 75.09 16.79 5.67
C MET A 374 76.22 17.65 5.14
N LYS A 375 76.53 17.47 3.87
CA LYS A 375 77.56 18.25 3.20
C LYS A 375 76.97 19.59 2.79
N VAL A 376 77.66 20.66 3.16
CA VAL A 376 77.23 22.00 2.80
C VAL A 376 78.30 22.59 1.89
N THR A 377 78.10 22.41 0.59
CA THR A 377 79.06 22.84 -0.41
C THR A 377 78.30 23.39 -1.61
N ALA A 378 78.05 24.69 -1.58
CA ALA A 378 77.54 25.38 -2.75
C ALA A 378 78.71 26.00 -3.50
N SER A 379 78.94 25.51 -4.71
CA SER A 379 80.07 25.97 -5.51
C SER A 379 79.54 26.42 -6.85
N VAL A 380 80.11 27.50 -7.36
CA VAL A 380 79.80 27.92 -8.72
C VAL A 380 80.11 26.81 -9.71
N ASN A 381 81.14 26.02 -9.43
CA ASN A 381 81.51 24.93 -10.32
C ASN A 381 80.39 23.90 -10.45
N ASP A 382 79.78 23.51 -9.33
CA ASP A 382 78.70 22.54 -9.36
C ASP A 382 77.52 23.04 -10.17
N VAL A 383 77.16 24.30 -9.99
CA VAL A 383 76.17 24.92 -10.85
C VAL A 383 76.61 24.81 -12.30
N ALA A 384 77.90 24.95 -12.56
CA ALA A 384 78.39 24.87 -13.92
C ALA A 384 78.15 23.49 -14.51
N GLU A 385 78.48 22.42 -13.77
CA GLU A 385 78.24 21.10 -14.35
C GLU A 385 76.76 20.84 -14.49
N SER A 386 75.94 21.41 -13.61
CA SER A 386 74.50 21.33 -13.81
C SER A 386 74.11 21.96 -15.13
N VAL A 387 74.70 23.11 -15.45
CA VAL A 387 74.42 23.74 -16.73
C VAL A 387 74.85 22.84 -17.86
N GLU A 388 76.04 22.26 -17.74
CA GLU A 388 76.58 21.41 -18.80
C GLU A 388 75.65 20.23 -19.05
N ARG A 389 75.07 19.70 -17.99
CA ARG A 389 74.12 18.60 -18.17
C ARG A 389 72.85 19.11 -18.80
N MET A 390 72.51 20.37 -18.51
CA MET A 390 71.32 20.95 -19.10
C MET A 390 71.45 21.04 -20.63
N THR A 391 72.59 21.55 -21.11
CA THR A 391 72.73 21.88 -22.52
C THR A 391 73.77 21.06 -23.24
N GLY A 392 74.53 20.23 -22.54
CA GLY A 392 75.53 19.42 -23.20
C GLY A 392 76.77 20.15 -23.63
N ILE A 393 76.94 21.40 -23.20
CA ILE A 393 78.04 22.24 -23.66
C ILE A 393 79.04 22.43 -22.54
N PRO A 394 80.21 21.82 -22.60
CA PRO A 394 81.28 22.22 -21.68
C PRO A 394 81.65 23.66 -21.95
N VAL A 395 81.92 24.39 -20.88
CA VAL A 395 82.24 25.81 -20.97
C VAL A 395 83.68 25.99 -20.52
N SER A 396 84.53 26.39 -21.44
CA SER A 396 85.81 26.92 -21.02
C SER A 396 85.62 28.36 -20.57
N GLN A 397 86.48 28.79 -19.64
CA GLN A 397 86.44 30.14 -19.09
C GLN A 397 85.06 30.47 -18.51
N MET A 398 84.61 29.59 -17.62
CA MET A 398 83.33 29.78 -16.96
C MET A 398 83.35 31.06 -16.14
N GLY A 399 82.22 31.78 -16.16
CA GLY A 399 82.10 33.05 -15.48
C GLY A 399 82.68 34.24 -16.23
N ALA A 400 83.19 34.02 -17.45
CA ALA A 400 83.76 35.11 -18.21
C ALA A 400 82.71 36.18 -18.48
N SER A 401 83.16 37.42 -18.58
CA SER A 401 82.23 38.50 -18.87
C SER A 401 81.68 38.36 -20.27
N ASP A 402 80.49 38.93 -20.48
CA ASP A 402 79.97 39.06 -21.82
C ASP A 402 80.97 39.79 -22.72
N ILE A 403 81.68 40.76 -22.16
CA ILE A 403 82.71 41.46 -22.93
C ILE A 403 83.73 40.48 -23.45
N GLU A 404 84.17 39.56 -22.58
CA GLU A 404 85.06 38.49 -23.02
C GLU A 404 84.41 37.65 -24.11
N ARG A 405 83.18 37.20 -23.86
CA ARG A 405 82.57 36.19 -24.71
C ARG A 405 82.29 36.73 -26.11
N LEU A 406 81.78 37.95 -26.20
CA LEU A 406 81.43 38.53 -27.48
C LEU A 406 82.63 38.74 -28.38
N LYS A 407 83.84 38.80 -27.82
CA LYS A 407 85.05 38.84 -28.61
C LYS A 407 85.65 37.46 -28.84
N ASP A 408 85.51 36.57 -27.86
CA ASP A 408 86.10 35.24 -27.99
C ASP A 408 85.35 34.38 -28.99
N MET A 409 84.03 34.56 -29.10
CA MET A 409 83.27 33.82 -30.09
C MET A 409 83.77 34.10 -31.50
N ALA A 410 84.40 35.25 -31.73
CA ALA A 410 85.02 35.51 -33.03
C ALA A 410 85.98 34.39 -33.38
N HIS A 411 86.88 34.04 -32.48
CA HIS A 411 87.75 32.90 -32.72
C HIS A 411 87.01 31.58 -32.61
N ARG A 412 86.07 31.47 -31.68
CA ARG A 412 85.33 30.23 -31.47
C ARG A 412 84.76 29.72 -32.78
N LEU A 413 84.10 30.58 -33.53
CA LEU A 413 83.67 30.23 -34.88
C LEU A 413 84.82 30.27 -35.87
N GLN A 414 85.73 31.24 -35.73
CA GLN A 414 86.83 31.38 -36.67
C GLN A 414 87.71 30.13 -36.70
N ASP A 415 87.94 29.53 -35.54
CA ASP A 415 88.85 28.39 -35.43
C ASP A 415 88.17 27.06 -35.70
N LYS A 416 86.84 27.02 -35.77
CA LYS A 416 86.14 25.84 -36.26
C LYS A 416 85.85 25.90 -37.75
N VAL A 417 86.06 27.05 -38.36
CA VAL A 417 85.97 27.22 -39.80
C VAL A 417 87.35 27.56 -40.32
N ILE A 418 87.45 27.71 -41.63
CA ILE A 418 88.73 28.02 -42.28
C ILE A 418 88.56 29.32 -43.06
N GLY A 419 89.25 30.36 -42.61
CA GLY A 419 89.23 31.63 -43.32
C GLY A 419 87.84 32.19 -43.45
N GLN A 420 87.61 32.85 -44.58
CA GLN A 420 86.35 33.53 -44.87
C GLN A 420 85.99 34.50 -43.74
N ASP A 421 87.01 35.23 -43.28
CA ASP A 421 86.88 36.04 -42.07
C ASP A 421 85.81 37.13 -42.18
N LYS A 422 85.43 37.51 -43.41
CA LYS A 422 84.42 38.53 -43.57
C LYS A 422 83.10 38.11 -42.95
N ALA A 423 82.68 36.86 -43.21
CA ALA A 423 81.45 36.36 -42.63
C ALA A 423 81.52 36.33 -41.11
N VAL A 424 82.67 35.91 -40.58
CA VAL A 424 82.86 35.91 -39.13
C VAL A 424 82.68 37.32 -38.58
N GLU A 425 83.35 38.30 -39.19
CA GLU A 425 83.24 39.68 -38.75
C GLU A 425 81.80 40.17 -38.74
N VAL A 426 81.11 40.00 -39.86
CA VAL A 426 79.76 40.51 -40.00
C VAL A 426 78.83 39.86 -38.98
N VAL A 427 78.87 38.52 -38.92
CA VAL A 427 77.97 37.81 -38.03
C VAL A 427 78.25 38.19 -36.58
N ALA A 428 79.52 38.27 -36.20
CA ALA A 428 79.85 38.58 -34.82
C ALA A 428 79.36 39.97 -34.44
N ARG A 429 79.61 40.96 -35.29
CA ARG A 429 79.17 42.30 -34.96
C ARG A 429 77.65 42.40 -34.88
N ALA A 430 76.95 41.77 -35.83
CA ALA A 430 75.49 41.80 -35.78
C ALA A 430 74.97 41.14 -34.51
N ILE A 431 75.54 39.99 -34.15
CA ILE A 431 75.11 39.29 -32.95
C ILE A 431 75.35 40.14 -31.73
N CYS A 432 76.51 40.80 -31.66
CA CYS A 432 76.77 41.65 -30.51
C CYS A 432 75.78 42.79 -30.43
N ARG A 433 75.45 43.40 -31.57
CA ARG A 433 74.49 44.50 -31.56
C ARG A 433 73.15 44.03 -31.03
N ASN A 434 72.65 42.90 -31.52
CA ASN A 434 71.39 42.40 -31.00
C ASN A 434 71.47 42.05 -29.52
N ARG A 435 72.55 41.37 -29.12
CA ARG A 435 72.69 40.97 -27.73
C ARG A 435 72.81 42.18 -26.80
N ALA A 436 73.61 43.17 -27.17
CA ALA A 436 73.76 44.33 -26.33
C ALA A 436 72.55 45.25 -26.37
N GLY A 437 71.65 45.04 -27.32
CA GLY A 437 70.48 45.88 -27.44
C GLY A 437 70.73 47.26 -28.01
N PHE A 438 71.83 47.42 -28.75
CA PHE A 438 72.08 48.72 -29.38
C PHE A 438 71.09 49.01 -30.49
N ASP A 439 70.82 48.02 -31.34
CA ASP A 439 69.91 48.21 -32.45
C ASP A 439 68.50 48.44 -31.93
N GLU A 440 67.78 49.35 -32.59
CA GLU A 440 66.38 49.55 -32.25
C GLU A 440 65.60 48.28 -32.54
N GLY A 441 64.57 48.04 -31.74
CA GLY A 441 63.77 46.85 -31.89
C GLY A 441 62.89 46.89 -33.12
N ASN A 442 61.88 46.01 -33.10
CA ASN A 442 60.88 45.91 -34.16
C ASN A 442 61.49 45.46 -35.48
N ARG A 443 62.64 44.79 -35.40
CA ARG A 443 63.27 44.17 -36.55
C ARG A 443 63.73 42.78 -36.14
N PRO A 444 63.75 41.83 -37.07
CA PRO A 444 64.25 40.49 -36.75
C PRO A 444 65.74 40.55 -36.40
N ILE A 445 66.21 39.49 -35.75
CA ILE A 445 67.58 39.49 -35.21
C ILE A 445 68.60 39.67 -36.32
N GLY A 446 68.46 38.91 -37.39
CA GLY A 446 69.39 39.04 -38.50
C GLY A 446 68.85 38.31 -39.70
N ASN A 447 69.13 38.89 -40.86
CA ASN A 447 68.65 38.38 -42.13
C ASN A 447 69.81 38.46 -43.10
N PHE A 448 70.42 37.33 -43.40
CA PHE A 448 71.66 37.34 -44.16
C PHE A 448 71.61 36.38 -45.33
N LEU A 449 72.36 36.73 -46.38
CA LEU A 449 72.43 35.94 -47.59
C LEU A 449 73.85 35.46 -47.78
N PHE A 450 74.00 34.23 -48.25
CA PHE A 450 75.29 33.60 -48.47
C PHE A 450 75.27 32.91 -49.82
N VAL A 451 76.20 33.27 -50.69
CA VAL A 451 76.13 32.94 -52.10
C VAL A 451 77.46 32.34 -52.53
N GLY A 452 77.43 31.09 -52.97
CA GLY A 452 78.64 30.40 -53.38
C GLY A 452 78.35 28.94 -53.67
N SER A 453 79.44 28.19 -53.85
CA SER A 453 79.32 26.76 -54.10
C SER A 453 79.12 25.99 -52.80
N THR A 454 78.85 24.69 -52.93
CA THR A 454 78.53 23.87 -51.76
C THR A 454 79.77 23.48 -50.98
N GLY A 455 80.74 22.86 -51.65
CA GLY A 455 81.91 22.33 -50.97
C GLY A 455 82.82 23.42 -50.47
N VAL A 456 82.30 24.28 -49.61
CA VAL A 456 83.07 25.38 -49.03
C VAL A 456 82.82 25.40 -47.53
N GLY A 457 82.29 24.31 -47.01
CA GLY A 457 81.64 24.40 -45.72
C GLY A 457 80.42 25.28 -45.78
N LYS A 458 79.61 25.13 -46.84
CA LYS A 458 78.50 26.04 -47.05
C LYS A 458 77.54 26.03 -45.88
N THR A 459 77.48 24.94 -45.14
CA THR A 459 76.59 24.80 -44.00
C THR A 459 77.31 25.02 -42.67
N GLU A 460 78.55 25.50 -42.71
CA GLU A 460 79.32 25.70 -41.49
C GLU A 460 78.58 26.58 -40.50
N LEU A 461 78.09 27.71 -40.95
CA LEU A 461 77.34 28.59 -40.06
C LEU A 461 75.98 28.03 -39.71
N ALA A 462 75.51 27.02 -40.44
CA ALA A 462 74.29 26.32 -40.04
C ALA A 462 74.51 25.38 -38.88
N LYS A 463 75.72 24.86 -38.70
CA LYS A 463 76.00 23.93 -37.62
C LYS A 463 76.72 24.59 -36.44
N GLN A 464 77.91 25.14 -36.67
CA GLN A 464 78.72 25.65 -35.58
C GLN A 464 78.18 26.95 -35.02
N LEU A 465 77.78 27.88 -35.90
CA LEU A 465 77.15 29.10 -35.42
C LEU A 465 75.89 28.78 -34.64
N ALA A 466 75.06 27.88 -35.17
CA ALA A 466 73.83 27.53 -34.47
C ALA A 466 74.12 26.97 -33.10
N LEU A 467 75.08 26.05 -33.01
CA LEU A 467 75.37 25.43 -31.73
C LEU A 467 75.91 26.45 -30.74
N ASP A 468 76.86 27.29 -31.17
CA ASP A 468 77.41 28.28 -30.25
C ASP A 468 76.33 29.27 -29.80
N MET A 469 75.45 29.67 -30.73
CA MET A 469 74.35 30.55 -30.36
C MET A 469 73.44 29.90 -29.32
N PHE A 470 73.15 28.61 -29.47
CA PHE A 470 72.07 28.02 -28.71
C PHE A 470 72.45 26.80 -27.89
N GLY A 471 73.71 26.63 -27.55
CA GLY A 471 74.11 25.47 -26.78
C GLY A 471 73.76 24.14 -27.41
N THR A 472 73.31 24.16 -28.67
CA THR A 472 73.02 22.96 -29.43
C THR A 472 72.78 23.40 -30.87
N GLN A 473 73.27 22.58 -31.80
CA GLN A 473 72.99 22.80 -33.21
C GLN A 473 71.53 22.57 -33.55
N ASP A 474 70.78 21.89 -32.68
CA ASP A 474 69.37 21.57 -32.94
C ASP A 474 68.50 22.79 -32.62
N ALA A 475 68.81 23.88 -33.31
CA ALA A 475 68.02 25.10 -33.19
C ALA A 475 67.75 25.70 -34.56
N ILE A 476 67.74 24.89 -35.61
CA ILE A 476 67.58 25.38 -36.97
C ILE A 476 66.57 24.51 -37.70
N ILE A 477 65.78 25.14 -38.55
CA ILE A 477 64.96 24.46 -39.54
C ILE A 477 65.35 24.96 -40.91
N ARG A 478 65.66 24.03 -41.81
CA ARG A 478 66.14 24.37 -43.13
C ARG A 478 65.19 23.86 -44.20
N LEU A 479 64.88 24.74 -45.13
CA LEU A 479 64.11 24.42 -46.32
C LEU A 479 64.92 24.80 -47.55
N ASP A 480 65.13 23.82 -48.42
CA ASP A 480 65.81 24.07 -49.70
C ASP A 480 64.73 24.57 -50.64
N MET A 481 64.61 25.89 -50.75
CA MET A 481 63.39 26.46 -51.32
C MET A 481 63.21 26.01 -52.76
N SER A 482 64.30 25.89 -53.52
CA SER A 482 64.19 25.44 -54.90
C SER A 482 63.51 24.09 -54.99
N GLU A 483 64.01 23.12 -54.24
CA GLU A 483 63.35 21.81 -54.21
C GLU A 483 62.09 21.85 -53.37
N TYR A 484 61.96 22.84 -52.49
CA TYR A 484 60.76 22.97 -51.67
C TYR A 484 59.51 23.06 -52.52
N SER A 485 59.52 23.93 -53.52
CA SER A 485 58.29 24.27 -54.21
C SER A 485 57.83 23.12 -55.10
N ASP A 486 56.77 23.39 -55.85
CA ASP A 486 56.18 22.43 -56.76
C ASP A 486 56.49 22.80 -58.20
N ARG A 487 57.09 21.86 -58.95
CA ARG A 487 57.42 22.12 -60.34
C ARG A 487 56.63 21.25 -61.32
N THR A 488 56.79 19.94 -61.22
CA THR A 488 56.15 19.01 -62.17
C THR A 488 55.66 17.79 -61.41
N ALA A 489 54.62 17.16 -61.95
CA ALA A 489 53.94 16.07 -61.24
C ALA A 489 54.85 14.84 -61.21
N VAL A 490 55.84 14.91 -60.32
CA VAL A 490 56.81 13.85 -60.14
C VAL A 490 56.74 13.38 -58.69
N SER A 491 57.12 12.13 -58.45
CA SER A 491 56.89 11.52 -57.15
C SER A 491 57.91 11.95 -56.11
N LYS A 492 58.13 13.25 -56.00
CA LYS A 492 58.90 13.81 -54.89
C LYS A 492 58.15 15.05 -54.42
N LEU A 493 57.18 15.47 -55.23
CA LEU A 493 56.41 16.67 -54.95
C LEU A 493 55.03 16.54 -55.57
N ILE A 494 54.01 16.95 -54.82
CA ILE A 494 52.62 16.78 -55.22
C ILE A 494 51.86 18.09 -55.07
N GLY A 495 51.05 18.43 -56.07
CA GLY A 495 50.17 19.58 -55.95
C GLY A 495 50.57 20.75 -56.82
N THR A 496 50.43 21.96 -56.29
CA THR A 496 50.82 23.17 -57.01
C THR A 496 51.67 24.03 -56.10
N THR A 497 52.59 24.78 -56.71
CA THR A 497 53.49 25.63 -55.92
C THR A 497 52.70 26.61 -55.07
N ALA A 498 51.60 27.14 -55.62
CA ALA A 498 50.67 27.91 -54.81
C ALA A 498 50.26 27.16 -53.56
N GLY A 499 49.84 25.90 -53.69
CA GLY A 499 49.50 25.10 -52.53
C GLY A 499 50.52 25.24 -51.42
N TYR A 500 51.80 25.39 -51.77
CA TYR A 500 52.84 25.44 -50.75
C TYR A 500 52.62 26.58 -49.76
N VAL A 501 52.32 27.79 -50.24
CA VAL A 501 52.10 28.87 -49.30
C VAL A 501 50.95 28.53 -48.37
N GLY A 502 49.93 27.83 -48.90
CA GLY A 502 48.84 27.39 -48.05
C GLY A 502 49.32 26.56 -46.88
N TYR A 503 50.19 25.57 -47.15
CA TYR A 503 50.73 24.78 -46.05
C TYR A 503 51.36 25.68 -45.01
N ASP A 504 52.06 26.72 -45.46
CA ASP A 504 52.83 27.54 -44.55
C ASP A 504 51.92 28.36 -43.65
N ASP A 505 50.65 28.52 -44.02
CA ASP A 505 49.85 29.53 -43.34
C ASP A 505 48.64 28.94 -42.63
N ASN A 506 48.42 27.64 -42.71
CA ASN A 506 47.28 27.02 -42.04
C ASN A 506 47.64 25.70 -41.36
N SER A 507 48.87 25.22 -41.51
CA SER A 507 49.19 23.84 -41.13
C SER A 507 50.40 23.84 -40.21
N ASN A 508 50.51 22.77 -39.42
CA ASN A 508 51.58 22.64 -38.43
C ASN A 508 52.90 22.29 -39.12
N THR A 509 53.33 23.21 -39.99
CA THR A 509 54.59 23.01 -40.67
C THR A 509 55.51 24.22 -40.51
N LEU A 510 54.98 25.44 -40.61
CA LEU A 510 55.84 26.61 -40.48
C LEU A 510 55.46 27.47 -39.29
N THR A 511 54.21 27.91 -39.26
CA THR A 511 53.77 28.76 -38.16
C THR A 511 53.76 28.03 -36.83
N GLU A 512 53.31 26.79 -36.79
CA GLU A 512 53.40 26.01 -35.56
C GLU A 512 54.80 26.10 -34.97
N ARG A 513 55.81 25.70 -35.75
CA ARG A 513 57.16 25.60 -35.23
C ARG A 513 57.73 26.94 -34.81
N VAL A 514 57.62 27.99 -35.65
CA VAL A 514 58.26 29.25 -35.32
C VAL A 514 57.70 29.83 -34.03
N ARG A 515 56.42 29.64 -33.76
CA ARG A 515 55.85 30.07 -32.49
C ARG A 515 56.28 29.20 -31.34
N ARG A 516 56.71 27.96 -31.59
CA ARG A 516 57.23 27.12 -30.53
C ARG A 516 58.62 27.51 -30.08
N ASN A 517 59.49 27.94 -31.00
CA ASN A 517 60.86 28.31 -30.65
C ASN A 517 61.13 29.68 -31.24
N PRO A 518 60.54 30.73 -30.67
CA PRO A 518 60.70 32.07 -31.26
C PRO A 518 62.14 32.55 -31.34
N TYR A 519 63.10 31.75 -30.90
CA TYR A 519 64.50 32.09 -31.06
C TYR A 519 65.20 31.28 -32.14
N SER A 520 64.52 30.28 -32.71
CA SER A 520 65.18 29.37 -33.64
C SER A 520 65.72 30.10 -34.86
N ILE A 521 66.51 29.39 -35.65
CA ILE A 521 67.10 29.91 -36.87
C ILE A 521 66.51 29.16 -38.05
N ILE A 522 66.16 29.88 -39.10
CA ILE A 522 65.56 29.27 -40.29
C ILE A 522 66.49 29.54 -41.47
N LEU A 523 66.71 28.50 -42.26
CA LEU A 523 67.67 28.50 -43.35
C LEU A 523 66.94 28.16 -44.64
N LEU A 524 67.19 28.94 -45.68
CA LEU A 524 66.54 28.75 -46.98
C LEU A 524 67.62 28.57 -48.03
N ASP A 525 67.77 27.33 -48.49
CA ASP A 525 68.85 26.99 -49.42
C ASP A 525 68.53 27.48 -50.82
N ALA A 526 69.53 28.08 -51.48
CA ALA A 526 69.52 28.22 -52.93
C ALA A 526 68.23 28.85 -53.44
N ILE A 527 68.03 30.14 -53.20
CA ILE A 527 66.70 30.71 -53.31
C ILE A 527 66.48 31.59 -54.54
N GLU A 528 67.16 31.37 -55.67
CA GLU A 528 66.67 32.08 -56.86
C GLU A 528 65.21 31.64 -57.06
N LYS A 529 64.91 30.35 -56.99
CA LYS A 529 65.64 29.26 -57.66
C LYS A 529 64.55 28.33 -58.11
N ALA A 530 63.42 28.44 -57.42
CA ALA A 530 62.27 27.63 -57.73
C ALA A 530 61.20 28.46 -58.41
N ASP A 531 60.06 27.81 -58.63
CA ASP A 531 58.90 28.51 -59.23
C ASP A 531 58.52 29.77 -58.47
N PRO A 532 58.43 29.77 -57.14
CA PRO A 532 57.93 30.97 -56.46
C PRO A 532 58.97 32.08 -56.43
N GLN A 533 58.50 33.29 -56.74
CA GLN A 533 59.30 34.51 -56.54
C GLN A 533 58.86 35.17 -55.24
N VAL A 534 59.07 34.44 -54.15
CA VAL A 534 58.58 34.88 -52.83
C VAL A 534 59.61 35.86 -52.31
N ILE A 535 59.40 37.13 -52.66
CA ILE A 535 60.17 38.23 -52.08
C ILE A 535 59.26 39.01 -51.16
N THR A 536 58.11 39.43 -51.70
CA THR A 536 57.23 40.30 -50.96
C THR A 536 56.53 39.62 -49.79
N LEU A 537 56.15 38.35 -49.93
CA LEU A 537 55.51 37.67 -48.80
C LEU A 537 56.42 37.68 -47.58
N LEU A 538 57.73 37.66 -47.80
CA LEU A 538 58.68 37.74 -46.70
C LEU A 538 58.84 39.15 -46.17
N LEU A 539 58.65 40.17 -47.00
CA LEU A 539 58.89 41.54 -46.57
C LEU A 539 58.16 41.89 -45.28
N GLN A 540 57.00 41.29 -45.04
CA GLN A 540 56.28 41.55 -43.81
C GLN A 540 57.16 41.33 -42.60
N VAL A 541 57.81 40.17 -42.50
CA VAL A 541 58.79 40.02 -41.45
C VAL A 541 60.02 40.88 -41.75
N LEU A 542 60.45 40.90 -43.01
CA LEU A 542 61.67 41.60 -43.37
C LEU A 542 61.57 43.08 -43.02
N ASP A 543 60.34 43.56 -42.85
CA ASP A 543 60.14 44.91 -42.32
C ASP A 543 60.05 44.91 -40.80
N ASP A 544 59.13 44.11 -40.24
CA ASP A 544 58.78 44.29 -38.83
C ASP A 544 58.64 42.99 -38.05
N GLY A 545 58.77 41.83 -38.68
CA GLY A 545 58.71 40.57 -37.98
C GLY A 545 57.32 40.12 -37.62
N ARG A 546 56.30 40.93 -37.88
CA ARG A 546 54.91 40.55 -37.66
C ARG A 546 54.34 40.09 -39.00
N LEU A 547 53.88 38.85 -39.06
CA LEU A 547 53.39 38.33 -40.32
C LEU A 547 52.16 37.46 -40.09
N THR A 548 51.14 37.67 -40.91
CA THR A 548 49.83 37.05 -40.72
C THR A 548 49.83 35.62 -41.23
N ASP A 549 48.94 34.82 -40.66
CA ASP A 549 48.79 33.44 -41.06
C ASP A 549 47.59 33.31 -42.00
N GLY A 550 47.22 32.08 -42.32
CA GLY A 550 46.02 31.83 -43.09
C GLY A 550 44.74 31.97 -42.30
N GLN A 551 44.82 32.36 -41.04
CA GLN A 551 43.65 32.64 -40.23
C GLN A 551 43.60 34.07 -39.75
N GLY A 552 44.55 34.90 -40.15
CA GLY A 552 44.60 36.27 -39.70
C GLY A 552 45.48 36.50 -38.49
N ASN A 553 45.85 35.47 -37.76
CA ASN A 553 46.74 35.64 -36.62
C ASN A 553 48.12 36.05 -37.09
N THR A 554 48.71 37.00 -36.39
CA THR A 554 50.04 37.46 -36.71
C THR A 554 51.04 36.79 -35.77
N VAL A 555 52.16 36.37 -36.34
CA VAL A 555 53.25 35.79 -35.57
C VAL A 555 54.41 36.77 -35.59
N ASN A 556 55.04 36.94 -34.43
CA ASN A 556 56.21 37.79 -34.29
C ASN A 556 57.43 36.99 -34.69
N PHE A 557 58.39 37.65 -35.33
CA PHE A 557 59.67 37.05 -35.67
C PHE A 557 60.82 37.83 -35.07
N LYS A 558 60.60 38.42 -33.90
CA LYS A 558 61.58 39.35 -33.33
C LYS A 558 62.89 38.67 -33.02
N ASN A 559 62.84 37.46 -32.46
CA ASN A 559 64.03 36.84 -31.91
C ASN A 559 64.56 35.71 -32.78
N THR A 560 64.27 35.73 -34.07
CA THR A 560 64.73 34.68 -34.97
C THR A 560 65.78 35.21 -35.92
N VAL A 561 66.49 34.27 -36.54
CA VAL A 561 67.50 34.57 -37.55
C VAL A 561 67.09 33.87 -38.83
N ILE A 562 67.21 34.58 -39.95
CA ILE A 562 66.92 34.04 -41.27
C ILE A 562 68.20 34.09 -42.09
N ILE A 563 68.63 32.93 -42.57
CA ILE A 563 69.81 32.82 -43.41
C ILE A 563 69.40 32.12 -44.69
N ALA A 564 69.72 32.71 -45.83
CA ALA A 564 69.39 32.13 -47.12
C ALA A 564 70.63 32.08 -48.00
N THR A 565 70.65 31.12 -48.92
CA THR A 565 71.84 30.82 -49.71
C THR A 565 71.53 30.93 -51.20
N SER A 566 72.59 30.93 -52.00
CA SER A 566 72.48 31.08 -53.44
C SER A 566 73.77 30.62 -54.11
N ASN A 567 73.81 30.74 -55.43
CA ASN A 567 74.92 30.29 -56.26
C ASN A 567 75.71 31.50 -56.72
N ALA A 568 77.02 31.52 -56.43
CA ALA A 568 77.91 32.59 -56.87
C ALA A 568 78.72 32.22 -58.10
N GLY A 569 78.21 31.35 -58.95
CA GLY A 569 79.04 30.71 -59.96
C GLY A 569 79.85 29.60 -59.33
N PHE A 570 80.69 28.99 -60.15
CA PHE A 570 81.49 27.87 -59.69
C PHE A 570 82.70 27.69 -60.59
N GLY A 571 83.82 27.34 -59.98
CA GLY A 571 85.02 27.02 -60.72
C GLY A 571 85.11 25.53 -60.99
N TYR A 572 86.20 24.90 -60.58
CA TYR A 572 87.33 25.61 -59.98
C TYR A 572 88.59 25.27 -60.75
N GLU A 573 89.39 26.28 -61.04
CA GLU A 573 90.56 26.12 -61.89
C GLU A 573 91.95 26.23 -61.25
N ALA A 574 92.13 26.17 -59.91
CA ALA A 574 91.13 26.09 -58.84
C ALA A 574 90.71 27.48 -58.40
N ASN A 575 91.72 28.28 -58.06
CA ASN A 575 91.48 29.66 -57.62
C ASN A 575 91.66 30.67 -58.74
N LEU A 576 91.98 30.24 -59.96
CA LEU A 576 92.16 31.19 -61.05
C LEU A 576 90.86 31.82 -61.48
N THR A 577 89.74 31.11 -61.32
CA THR A 577 88.42 31.65 -61.60
C THR A 577 87.49 31.57 -60.38
N GLU A 578 88.06 31.44 -59.17
CA GLU A 578 87.24 31.44 -57.97
C GLU A 578 86.58 32.80 -57.74
N ASP A 579 87.26 33.88 -58.14
CA ASP A 579 86.70 35.23 -58.02
C ASP A 579 87.44 36.12 -59.02
N ALA A 580 86.75 36.52 -60.08
CA ALA A 580 87.38 37.34 -61.11
C ALA A 580 87.25 38.83 -60.81
N ASP A 581 86.07 39.28 -60.37
CA ASP A 581 85.84 40.67 -60.00
C ASP A 581 84.57 40.75 -59.17
N LYS A 582 84.42 41.87 -58.46
CA LYS A 582 83.24 42.07 -57.62
C LYS A 582 81.94 42.08 -58.42
N PRO A 583 81.82 42.81 -59.54
CA PRO A 583 80.56 42.76 -60.29
C PRO A 583 80.37 41.48 -61.10
N GLU A 584 81.45 40.72 -61.34
CA GLU A 584 81.34 39.36 -61.87
C GLU A 584 80.32 38.54 -61.09
N LEU A 585 79.96 39.01 -59.91
CA LEU A 585 78.88 38.44 -59.13
C LEU A 585 77.58 39.21 -59.22
N MET A 586 77.52 40.46 -58.74
CA MET A 586 76.23 41.11 -58.62
C MET A 586 75.57 41.29 -59.97
N ASP A 587 76.33 41.66 -60.99
CA ASP A 587 75.73 41.94 -62.29
C ASP A 587 75.04 40.72 -62.83
N ARG A 588 75.63 39.54 -62.62
CA ARG A 588 74.96 38.30 -62.93
C ARG A 588 73.75 38.09 -62.02
N LEU A 589 73.89 38.38 -60.73
CA LEU A 589 72.78 38.17 -59.82
C LEU A 589 71.65 39.18 -60.02
N LYS A 590 71.90 40.29 -60.72
CA LYS A 590 70.80 41.20 -60.99
C LYS A 590 69.66 40.54 -61.75
N PRO A 591 69.87 39.82 -62.85
CA PRO A 591 68.79 38.99 -63.40
C PRO A 591 68.48 37.77 -62.56
N PHE A 592 69.32 37.42 -61.59
CA PHE A 592 69.09 36.24 -60.76
C PHE A 592 68.34 36.59 -59.48
N PHE A 593 68.84 37.58 -58.73
CA PHE A 593 68.19 38.07 -57.53
C PHE A 593 67.68 39.47 -57.80
N ARG A 594 66.42 39.71 -57.46
CA ARG A 594 65.82 41.01 -57.66
C ARG A 594 66.53 42.04 -56.79
N PRO A 595 66.89 43.21 -57.33
CA PRO A 595 67.65 44.18 -56.54
C PRO A 595 66.97 44.60 -55.25
N GLU A 596 65.63 44.69 -55.26
CA GLU A 596 64.94 45.02 -54.03
C GLU A 596 65.12 43.95 -52.96
N PHE A 597 65.03 42.67 -53.32
CA PHE A 597 65.25 41.61 -52.35
C PHE A 597 66.67 41.64 -51.83
N LEU A 598 67.62 42.07 -52.67
CA LEU A 598 68.97 42.31 -52.19
C LEU A 598 69.00 43.42 -51.15
N ASN A 599 68.36 44.54 -51.44
CA ASN A 599 68.45 45.71 -50.57
C ASN A 599 67.81 45.50 -49.20
N ARG A 600 67.01 44.45 -49.03
CA ARG A 600 66.34 44.18 -47.77
C ARG A 600 67.25 43.53 -46.73
N PHE A 601 68.39 43.02 -47.13
CA PHE A 601 69.18 42.20 -46.21
C PHE A 601 70.15 43.03 -45.40
N ASN A 602 70.48 42.52 -44.22
CA ASN A 602 71.56 43.10 -43.43
C ASN A 602 72.88 43.02 -44.17
N ALA A 603 73.15 41.89 -44.81
CA ALA A 603 74.35 41.72 -45.62
C ALA A 603 74.27 40.43 -46.42
N VAL A 604 75.08 40.38 -47.48
CA VAL A 604 75.33 39.18 -48.26
C VAL A 604 76.82 38.90 -48.21
N ILE A 605 77.16 37.61 -48.12
CA ILE A 605 78.54 37.15 -48.08
C ILE A 605 78.65 36.05 -49.13
N GLU A 606 79.87 35.78 -49.59
CA GLU A 606 80.06 34.83 -50.67
C GLU A 606 81.00 33.71 -50.27
N PHE A 607 80.86 32.58 -50.96
CA PHE A 607 81.74 31.43 -50.81
C PHE A 607 82.51 31.24 -52.11
N SER A 608 83.63 31.93 -52.23
CA SER A 608 84.53 31.75 -53.35
C SER A 608 85.76 30.94 -53.00
N HIS A 609 85.78 30.33 -51.81
CA HIS A 609 87.02 29.90 -51.21
C HIS A 609 87.29 28.43 -51.48
N LEU A 610 88.31 28.13 -52.28
CA LEU A 610 88.72 26.75 -52.53
C LEU A 610 90.14 26.77 -53.07
N THR A 611 91.07 26.22 -52.31
CA THR A 611 92.50 26.33 -52.61
C THR A 611 93.18 25.03 -52.17
N LYS A 612 94.49 25.11 -51.94
CA LYS A 612 95.25 23.93 -51.50
C LYS A 612 96.11 24.17 -50.26
N GLU A 613 96.64 25.38 -50.07
CA GLU A 613 97.55 25.62 -48.96
C GLU A 613 96.84 25.61 -47.61
N ASP A 614 95.60 26.07 -47.55
CA ASP A 614 94.86 26.18 -46.31
C ASP A 614 94.09 24.91 -46.01
N LEU A 615 94.24 23.89 -46.84
CA LEU A 615 93.46 22.67 -46.73
C LEU A 615 94.12 21.61 -45.87
N SER A 616 95.38 21.82 -45.48
CA SER A 616 95.97 20.96 -44.46
C SER A 616 95.24 21.11 -43.14
N LYS A 617 94.74 22.32 -42.87
CA LYS A 617 94.04 22.56 -41.62
C LYS A 617 92.80 21.70 -41.51
N ILE A 618 92.01 21.63 -42.59
CA ILE A 618 90.87 20.73 -42.56
C ILE A 618 91.35 19.28 -42.48
N VAL A 619 92.53 18.99 -43.03
CA VAL A 619 93.06 17.64 -42.96
C VAL A 619 93.25 17.21 -41.51
N ASP A 620 93.92 18.02 -40.71
CA ASP A 620 94.10 17.60 -39.32
C ASP A 620 92.81 17.73 -38.55
N LEU A 621 91.85 18.52 -39.04
CA LEU A 621 90.54 18.49 -38.43
C LEU A 621 89.89 17.11 -38.57
N MET A 622 89.84 16.57 -39.78
CA MET A 622 89.33 15.22 -39.92
C MET A 622 90.20 14.20 -39.19
N LEU A 623 91.50 14.40 -39.15
CA LEU A 623 92.33 13.47 -38.38
C LEU A 623 91.94 13.49 -36.91
N ALA A 624 91.63 14.68 -36.40
CA ALA A 624 91.15 14.80 -35.04
C ALA A 624 89.86 14.02 -34.84
N GLU A 625 88.90 14.18 -35.75
CA GLU A 625 87.64 13.45 -35.52
C GLU A 625 87.86 11.95 -35.67
N VAL A 626 88.79 11.54 -36.53
CA VAL A 626 89.08 10.13 -36.68
C VAL A 626 89.58 9.55 -35.37
N ASN A 627 90.57 10.21 -34.77
CA ASN A 627 91.08 9.72 -33.51
C ASN A 627 90.03 9.80 -32.41
N GLN A 628 89.17 10.82 -32.48
CA GLN A 628 88.04 10.90 -31.56
C GLN A 628 87.14 9.68 -31.68
N THR A 629 86.82 9.29 -32.90
CA THR A 629 86.00 8.11 -33.12
C THR A 629 86.70 6.87 -32.59
N LEU A 630 88.01 6.77 -32.85
CA LEU A 630 88.77 5.63 -32.38
C LEU A 630 88.79 5.56 -30.86
N ALA A 631 88.67 6.71 -30.19
CA ALA A 631 88.75 6.73 -28.74
C ALA A 631 87.68 5.85 -28.11
N LYS A 632 86.60 5.56 -28.84
CA LYS A 632 85.57 4.68 -28.30
C LYS A 632 86.14 3.30 -27.99
N LYS A 633 87.09 2.82 -28.79
CA LYS A 633 87.70 1.52 -28.59
C LYS A 633 89.11 1.62 -28.02
N ASP A 634 89.45 2.76 -27.42
CA ASP A 634 90.74 2.96 -26.76
C ASP A 634 91.89 2.84 -27.75
N ILE A 635 91.66 3.31 -28.98
CA ILE A 635 92.62 3.18 -30.07
C ILE A 635 93.10 4.56 -30.46
N ASP A 636 94.41 4.70 -30.63
CA ASP A 636 95.02 5.97 -31.03
C ASP A 636 95.77 5.75 -32.34
N LEU A 637 95.51 6.61 -33.32
CA LEU A 637 96.18 6.54 -34.60
C LEU A 637 97.11 7.75 -34.75
N VAL A 638 98.32 7.50 -35.23
CA VAL A 638 99.26 8.57 -35.54
C VAL A 638 99.39 8.66 -37.06
N VAL A 639 99.50 9.89 -37.57
CA VAL A 639 99.56 10.14 -39.00
C VAL A 639 100.85 10.88 -39.31
N SER A 640 101.61 10.38 -40.27
CA SER A 640 102.82 11.05 -40.71
C SER A 640 102.50 12.28 -41.56
N GLN A 641 103.41 13.23 -41.56
CA GLN A 641 103.24 14.43 -42.37
C GLN A 641 103.21 14.10 -43.85
N ALA A 642 104.06 13.16 -44.29
CA ALA A 642 104.05 12.76 -45.68
C ALA A 642 102.71 12.17 -46.06
N ALA A 643 102.11 11.39 -45.15
CA ALA A 643 100.75 10.90 -45.40
C ALA A 643 99.79 12.07 -45.57
N LYS A 644 99.95 13.11 -44.75
CA LYS A 644 99.09 14.28 -44.90
C LYS A 644 99.26 14.92 -46.27
N ASP A 645 100.50 15.06 -46.72
CA ASP A 645 100.76 15.66 -48.02
C ASP A 645 100.13 14.83 -49.14
N TYR A 646 100.28 13.52 -49.05
CA TYR A 646 99.68 12.65 -50.07
C TYR A 646 98.17 12.73 -50.04
N ILE A 647 97.57 12.76 -48.86
CA ILE A 647 96.12 12.87 -48.77
C ILE A 647 95.65 14.16 -49.40
N THR A 648 96.32 15.27 -49.08
CA THR A 648 96.00 16.54 -49.71
C THR A 648 96.06 16.43 -51.22
N GLU A 649 97.15 15.87 -51.74
CA GLU A 649 97.28 15.75 -53.19
C GLU A 649 96.17 14.88 -53.78
N GLU A 650 95.77 13.84 -53.05
CA GLU A 650 94.66 13.01 -53.50
C GLU A 650 93.37 13.81 -53.57
N GLY A 651 93.02 14.50 -52.50
CA GLY A 651 91.81 15.27 -52.44
C GLY A 651 91.83 16.55 -53.22
N TYR A 652 92.97 16.93 -53.78
CA TYR A 652 93.04 18.17 -54.55
C TYR A 652 92.47 17.96 -55.95
N ASP A 653 91.27 17.39 -56.02
CA ASP A 653 90.43 17.52 -57.22
C ASP A 653 89.76 18.89 -57.12
N GLU A 654 90.61 19.91 -57.09
CA GLU A 654 90.18 21.27 -56.76
C GLU A 654 89.40 21.85 -57.94
N VAL A 655 88.24 21.25 -58.19
CA VAL A 655 87.37 21.68 -59.27
C VAL A 655 85.99 22.12 -58.79
N MET A 656 85.47 21.55 -57.70
CA MET A 656 84.18 21.97 -57.19
C MET A 656 84.20 22.29 -55.69
N GLY A 657 84.90 21.48 -54.91
CA GLY A 657 84.83 21.64 -53.46
C GLY A 657 85.64 20.59 -52.74
N VAL A 658 85.33 20.43 -51.46
CA VAL A 658 86.15 19.64 -50.54
C VAL A 658 85.49 18.33 -50.15
N ARG A 659 84.41 17.92 -50.83
CA ARG A 659 83.83 16.62 -50.54
C ARG A 659 84.81 15.47 -50.79
N PRO A 660 85.53 15.41 -51.91
CA PRO A 660 86.54 14.35 -52.06
C PRO A 660 87.66 14.45 -51.05
N LEU A 661 87.90 15.64 -50.48
CA LEU A 661 88.94 15.74 -49.47
C LEU A 661 88.59 14.89 -48.25
N ARG A 662 87.33 14.89 -47.83
CA ARG A 662 86.85 13.93 -46.85
C ARG A 662 86.79 12.53 -47.42
N ARG A 663 86.40 12.40 -48.69
CA ARG A 663 86.15 11.09 -49.27
C ARG A 663 87.40 10.23 -49.27
N VAL A 664 88.56 10.83 -49.55
CA VAL A 664 89.80 10.06 -49.68
C VAL A 664 90.21 9.39 -48.38
N VAL A 665 89.78 9.91 -47.24
CA VAL A 665 89.94 9.21 -45.97
C VAL A 665 88.64 8.61 -45.47
N GLU A 666 87.55 8.78 -46.22
CA GLU A 666 86.23 8.33 -45.78
C GLU A 666 86.22 6.83 -45.52
N GLN A 667 86.99 6.08 -46.28
CA GLN A 667 87.07 4.64 -46.13
C GLN A 667 88.49 4.10 -46.11
N GLU A 668 89.43 4.79 -46.76
CA GLU A 668 90.76 4.23 -46.95
C GLU A 668 91.47 4.02 -45.62
N ILE A 669 91.34 4.98 -44.71
CA ILE A 669 91.93 4.84 -43.40
C ILE A 669 91.23 3.72 -42.63
N ARG A 670 89.91 3.76 -42.61
CA ARG A 670 89.15 2.84 -41.78
C ARG A 670 89.16 1.44 -42.38
N ASP A 671 89.38 1.31 -43.69
CA ASP A 671 89.55 -0.01 -44.27
C ASP A 671 90.81 -0.69 -43.74
N LYS A 672 91.93 0.04 -43.68
CA LYS A 672 93.12 -0.50 -43.04
C LYS A 672 92.88 -0.81 -41.57
N VAL A 673 92.19 0.11 -40.88
CA VAL A 673 91.91 -0.10 -39.46
C VAL A 673 91.10 -1.36 -39.26
N THR A 674 90.23 -1.68 -40.21
CA THR A 674 89.47 -2.93 -40.14
C THR A 674 90.39 -4.12 -39.99
N ASP A 675 91.36 -4.25 -40.88
CA ASP A 675 92.25 -5.40 -40.84
C ASP A 675 93.18 -5.36 -39.63
N PHE A 676 93.67 -4.17 -39.28
CA PHE A 676 94.54 -4.09 -38.10
C PHE A 676 93.78 -4.44 -36.83
N HIS A 677 92.46 -4.23 -36.81
CA HIS A 677 91.67 -4.57 -35.64
C HIS A 677 91.51 -6.07 -35.48
N LEU A 678 91.71 -6.84 -36.54
CA LEU A 678 91.74 -8.29 -36.41
C LEU A 678 92.86 -8.75 -35.49
N ASP A 679 93.87 -7.91 -35.30
CA ASP A 679 94.89 -8.12 -34.28
C ASP A 679 94.28 -7.78 -32.92
N HIS A 680 94.85 -8.27 -31.78
CA HIS A 680 96.25 -8.60 -31.49
C HIS A 680 97.03 -7.32 -31.69
N LEU A 681 96.41 -6.23 -31.29
CA LEU A 681 96.75 -4.91 -31.76
C LEU A 681 97.23 -4.01 -30.63
N ASP A 682 98.37 -3.35 -30.83
CA ASP A 682 98.82 -2.28 -29.95
C ASP A 682 98.10 -1.01 -30.40
N ALA A 683 96.97 -0.72 -29.76
CA ALA A 683 96.17 0.44 -30.16
C ALA A 683 96.95 1.74 -30.00
N LYS A 684 97.93 1.78 -29.12
CA LYS A 684 98.74 2.98 -28.88
C LYS A 684 99.75 3.21 -29.99
N HIS A 685 100.15 2.15 -30.70
CA HIS A 685 101.29 2.19 -31.60
C HIS A 685 100.92 2.56 -33.04
N LEU A 686 99.65 2.53 -33.39
CA LEU A 686 99.26 2.65 -34.78
C LEU A 686 99.70 3.97 -35.38
N GLU A 687 100.71 3.92 -36.24
CA GLU A 687 101.21 5.09 -36.94
C GLU A 687 101.12 4.83 -38.43
N ALA A 688 100.54 5.79 -39.15
CA ALA A 688 100.28 5.65 -40.58
C ALA A 688 101.27 6.47 -41.38
N ASP A 689 101.84 5.86 -42.43
CA ASP A 689 102.72 6.54 -43.36
C ASP A 689 102.38 6.07 -44.78
N MET A 690 103.18 6.53 -45.73
CA MET A 690 102.89 6.42 -47.15
C MET A 690 104.02 5.70 -47.87
N GLU A 691 103.64 4.70 -48.67
CA GLU A 691 104.59 4.00 -49.52
C GLU A 691 104.01 4.01 -50.93
N ASP A 692 104.44 4.97 -51.75
CA ASP A 692 104.05 5.01 -53.16
C ASP A 692 102.53 5.07 -53.30
N GLY A 693 101.90 5.89 -52.47
CA GLY A 693 100.47 6.03 -52.50
C GLY A 693 99.71 4.93 -51.78
N VAL A 694 100.41 4.07 -51.05
CA VAL A 694 99.75 3.00 -50.30
C VAL A 694 99.89 3.28 -48.81
N LEU A 695 98.77 3.20 -48.09
CA LEU A 695 98.77 3.45 -46.65
C LEU A 695 99.40 2.28 -45.91
N VAL A 696 100.40 2.57 -45.09
CA VAL A 696 101.11 1.55 -44.34
C VAL A 696 101.13 1.96 -42.88
N ILE A 697 100.52 1.14 -42.02
CA ILE A 697 100.38 1.46 -40.61
C ILE A 697 101.14 0.43 -39.80
N ARG A 698 101.84 0.87 -38.78
CA ARG A 698 102.49 -0.03 -37.83
C ARG A 698 102.08 0.36 -36.41
N LEU B 76 4.58 41.70 -12.87
CA LEU B 76 5.71 41.86 -13.78
C LEU B 76 6.89 41.08 -13.24
N ALA B 77 8.02 41.76 -13.10
CA ALA B 77 9.18 41.26 -12.37
C ALA B 77 9.60 39.88 -12.85
N LYS B 78 9.48 39.64 -14.15
CA LYS B 78 9.88 38.38 -14.77
C LYS B 78 10.83 38.72 -15.91
N LEU B 79 12.13 38.58 -15.65
CA LEU B 79 13.16 38.88 -16.64
C LEU B 79 13.02 40.31 -17.18
N GLY B 80 12.68 41.23 -16.28
CA GLY B 80 12.48 42.60 -16.73
C GLY B 80 12.27 43.53 -15.56
N ARG B 81 12.05 44.80 -15.89
CA ARG B 81 11.91 45.83 -14.88
C ARG B 81 10.86 46.84 -15.30
N ASN B 82 10.04 47.25 -14.34
CA ASN B 82 9.05 48.29 -14.56
C ASN B 82 9.72 49.64 -14.35
N LEU B 83 10.00 50.35 -15.44
CA LEU B 83 10.60 51.67 -15.32
C LEU B 83 9.63 52.69 -14.75
N THR B 84 8.33 52.54 -15.05
CA THR B 84 7.35 53.48 -14.50
C THR B 84 7.32 53.39 -12.98
N ALA B 85 7.43 52.18 -12.43
CA ALA B 85 7.42 52.01 -10.99
C ALA B 85 8.57 52.78 -10.34
N GLU B 86 9.77 52.67 -10.92
CA GLU B 86 10.89 53.45 -10.41
C GLU B 86 10.64 54.93 -10.59
N ALA B 87 10.00 55.31 -11.70
CA ALA B 87 9.75 56.72 -11.96
C ALA B 87 8.87 57.32 -10.89
N ARG B 88 7.83 56.59 -10.45
CA ARG B 88 6.97 57.10 -9.40
C ARG B 88 7.77 57.40 -8.13
N GLU B 89 8.77 56.58 -7.85
CA GLU B 89 9.56 56.72 -6.64
C GLU B 89 10.56 57.86 -6.72
N GLY B 90 10.75 58.46 -7.89
CA GLY B 90 11.78 59.47 -8.04
C GLY B 90 13.18 58.91 -8.03
N LYS B 91 13.34 57.64 -8.35
CA LYS B 91 14.64 56.98 -8.32
C LYS B 91 15.44 57.19 -9.59
N LEU B 92 14.92 57.94 -10.55
CA LEU B 92 15.51 58.04 -11.87
C LEU B 92 15.99 59.46 -12.13
N ASP B 93 17.16 59.57 -12.75
CA ASP B 93 17.78 60.87 -12.95
C ASP B 93 16.98 61.69 -13.96
N PRO B 94 16.93 63.01 -13.80
CA PRO B 94 16.26 63.84 -14.79
C PRO B 94 16.98 63.79 -16.12
N VAL B 95 16.20 63.64 -17.20
CA VAL B 95 16.74 63.60 -18.54
C VAL B 95 16.76 65.01 -19.10
N ILE B 96 17.91 65.41 -19.64
CA ILE B 96 18.21 66.81 -19.91
C ILE B 96 18.40 67.02 -21.40
N GLY B 97 17.77 68.07 -21.94
CA GLY B 97 18.06 68.52 -23.28
C GLY B 97 17.50 67.68 -24.40
N ARG B 98 16.54 66.82 -24.12
CA ARG B 98 16.02 65.92 -25.14
C ARG B 98 14.60 66.26 -25.56
N ASN B 99 14.20 67.52 -25.41
CA ASN B 99 12.79 67.85 -25.34
C ASN B 99 11.96 67.28 -26.49
N LYS B 100 12.12 67.82 -27.70
CA LYS B 100 11.23 67.37 -28.75
C LYS B 100 11.42 65.90 -29.04
N GLU B 101 12.68 65.45 -29.07
CA GLU B 101 12.99 64.08 -29.42
C GLU B 101 12.23 63.11 -28.55
N ILE B 102 11.88 63.48 -27.31
CA ILE B 102 11.15 62.49 -26.52
C ILE B 102 9.67 62.54 -26.86
N GLN B 103 9.08 63.73 -26.85
CA GLN B 103 7.63 63.81 -26.92
C GLN B 103 7.16 63.68 -28.36
N GLU B 104 8.06 63.93 -29.33
CA GLU B 104 7.79 63.50 -30.69
C GLU B 104 7.46 62.02 -30.73
N ALA B 105 8.08 61.21 -29.88
CA ALA B 105 7.77 59.79 -29.82
C ALA B 105 6.29 59.56 -29.56
N SER B 106 5.70 60.33 -28.66
CA SER B 106 4.28 60.19 -28.40
C SER B 106 3.46 60.34 -29.67
N GLU B 107 3.91 61.19 -30.58
CA GLU B 107 3.17 61.43 -31.82
C GLU B 107 3.05 60.17 -32.66
N ILE B 108 3.85 59.15 -32.39
CA ILE B 108 3.67 57.85 -33.03
C ILE B 108 2.75 56.95 -32.21
N LEU B 109 2.94 56.93 -30.89
CA LEU B 109 2.20 55.98 -30.07
C LEU B 109 0.72 56.30 -30.05
N SER B 110 0.34 57.55 -30.20
CA SER B 110 -1.06 57.94 -30.11
C SER B 110 -1.91 57.39 -31.24
N ARG B 111 -1.31 56.84 -32.28
CA ARG B 111 -2.08 56.37 -33.41
C ARG B 111 -2.70 55.01 -33.13
N ARG B 112 -3.78 54.72 -33.86
CA ARG B 112 -4.43 53.42 -33.72
C ARG B 112 -3.61 52.32 -34.36
N THR B 113 -3.04 52.57 -35.54
CA THR B 113 -2.10 51.67 -36.17
C THR B 113 -0.81 52.42 -36.45
N LYS B 114 0.14 51.72 -37.05
CA LYS B 114 1.43 52.30 -37.40
C LYS B 114 2.02 53.00 -36.18
N ASN B 115 2.31 52.22 -35.16
CA ASN B 115 2.53 52.73 -33.82
C ASN B 115 3.67 52.01 -33.12
N ASN B 116 4.77 51.80 -33.84
CA ASN B 116 5.93 51.07 -33.32
C ASN B 116 7.17 51.89 -33.61
N PRO B 117 7.46 52.88 -32.81
CA PRO B 117 8.64 53.70 -33.04
C PRO B 117 9.90 53.05 -32.51
N VAL B 118 10.98 53.18 -33.29
CA VAL B 118 12.29 52.73 -32.88
C VAL B 118 13.26 53.89 -32.99
N LEU B 119 14.13 54.02 -31.99
CA LEU B 119 15.11 55.08 -31.96
C LEU B 119 16.35 54.61 -32.71
N VAL B 120 16.82 55.40 -33.66
CA VAL B 120 17.93 55.00 -34.51
C VAL B 120 19.08 55.97 -34.27
N GLY B 121 20.29 55.44 -34.22
CA GLY B 121 21.46 56.26 -34.06
C GLY B 121 22.61 55.44 -33.53
N ASP B 122 23.76 56.09 -33.43
CA ASP B 122 24.96 55.41 -32.95
C ASP B 122 24.94 55.28 -31.43
N ALA B 123 25.74 54.35 -30.92
CA ALA B 123 25.78 54.07 -29.50
C ALA B 123 26.48 55.19 -28.75
N GLY B 124 26.39 55.14 -27.43
CA GLY B 124 27.03 56.14 -26.60
C GLY B 124 26.43 57.52 -26.76
N VAL B 125 25.13 57.63 -26.99
CA VAL B 125 24.48 58.90 -27.21
C VAL B 125 23.34 59.12 -26.23
N GLY B 126 23.33 58.41 -25.11
CA GLY B 126 22.17 58.45 -24.24
C GLY B 126 20.94 57.84 -24.87
N LYS B 127 21.09 56.71 -25.56
CA LYS B 127 20.00 56.16 -26.33
C LYS B 127 18.82 55.81 -25.44
N THR B 128 19.08 55.09 -24.35
CA THR B 128 17.99 54.77 -23.43
C THR B 128 17.47 56.01 -22.71
N ALA B 129 18.34 56.96 -22.42
CA ALA B 129 17.94 58.14 -21.68
C ALA B 129 16.66 58.75 -22.22
N VAL B 130 16.42 58.60 -23.53
CA VAL B 130 15.17 59.06 -24.12
C VAL B 130 13.99 58.33 -23.49
N VAL B 131 14.07 57.01 -23.39
CA VAL B 131 12.90 56.28 -22.90
C VAL B 131 12.72 56.50 -21.41
N GLU B 132 13.81 56.60 -20.64
CA GLU B 132 13.58 56.97 -19.24
C GLU B 132 12.95 58.35 -19.13
N GLY B 133 13.37 59.30 -19.96
CA GLY B 133 12.71 60.60 -19.97
C GLY B 133 11.25 60.49 -20.35
N LEU B 134 10.92 59.56 -21.25
CA LEU B 134 9.52 59.35 -21.59
C LEU B 134 8.73 58.90 -20.38
N ALA B 135 9.28 57.95 -19.62
CA ALA B 135 8.59 57.50 -18.40
C ALA B 135 8.43 58.65 -17.42
N GLN B 136 9.48 59.46 -17.29
CA GLN B 136 9.42 60.63 -16.43
C GLN B 136 8.27 61.55 -16.83
N ALA B 137 8.15 61.82 -18.13
CA ALA B 137 7.08 62.69 -18.60
C ALA B 137 5.71 62.06 -18.36
N ILE B 138 5.59 60.75 -18.58
CA ILE B 138 4.32 60.07 -18.34
C ILE B 138 3.88 60.30 -16.91
N VAL B 139 4.80 60.07 -15.96
CA VAL B 139 4.48 60.36 -14.57
C VAL B 139 4.15 61.83 -14.41
N ASN B 140 4.85 62.69 -15.15
CA ASN B 140 4.72 64.13 -15.05
C ASN B 140 3.40 64.64 -15.61
N GLY B 141 2.66 63.82 -16.36
CA GLY B 141 1.49 64.33 -17.04
C GLY B 141 1.82 65.21 -18.22
N ASP B 142 2.99 65.03 -18.83
CA ASP B 142 3.37 65.81 -19.99
C ASP B 142 2.78 65.26 -21.28
N VAL B 143 2.51 63.97 -21.32
CA VAL B 143 2.14 63.27 -22.55
C VAL B 143 0.74 63.69 -22.99
N PRO B 144 0.37 63.44 -24.24
CA PRO B 144 -1.03 63.55 -24.61
C PRO B 144 -1.85 62.41 -24.02
N ALA B 145 -3.17 62.60 -24.06
CA ALA B 145 -4.08 61.73 -23.30
C ALA B 145 -4.04 60.29 -23.77
N ALA B 146 -3.50 60.04 -24.97
CA ALA B 146 -3.58 58.70 -25.55
C ALA B 146 -2.88 57.66 -24.70
N ILE B 147 -1.84 58.04 -23.98
CA ILE B 147 -1.00 57.07 -23.29
C ILE B 147 -0.98 57.31 -21.78
N LYS B 148 -2.03 57.94 -21.26
CA LYS B 148 -2.05 58.26 -19.83
C LYS B 148 -1.97 57.01 -18.99
N ASN B 149 -2.73 55.98 -19.34
CA ASN B 149 -2.98 54.86 -18.45
C ASN B 149 -2.00 53.71 -18.65
N LYS B 150 -0.95 53.91 -19.42
CA LYS B 150 -0.03 52.82 -19.73
C LYS B 150 1.20 52.90 -18.87
N GLU B 151 1.96 51.79 -18.86
CA GLU B 151 3.26 51.74 -18.22
C GLU B 151 4.24 51.05 -19.15
N ILE B 152 5.52 51.20 -18.84
CA ILE B 152 6.60 50.72 -19.68
C ILE B 152 7.43 49.72 -18.90
N VAL B 153 7.69 48.57 -19.51
CA VAL B 153 8.56 47.56 -18.93
C VAL B 153 9.70 47.28 -19.89
N SER B 154 10.92 47.30 -19.37
CA SER B 154 12.09 46.95 -20.15
C SER B 154 12.42 45.49 -19.93
N ILE B 155 12.85 44.83 -21.01
CA ILE B 155 13.04 43.38 -20.98
C ILE B 155 14.47 43.03 -21.33
N ASP B 156 15.06 42.15 -20.53
CA ASP B 156 16.34 41.51 -20.82
C ASP B 156 16.10 40.46 -21.90
N ILE B 157 16.22 40.90 -23.15
CA ILE B 157 16.10 39.94 -24.26
C ILE B 157 17.22 38.91 -24.19
N SER B 158 18.46 39.37 -24.08
CA SER B 158 19.63 38.48 -24.18
C SER B 158 19.62 37.41 -23.09
N GLY B 159 19.10 37.72 -21.91
CA GLY B 159 19.05 36.77 -20.83
C GLY B 159 17.78 35.96 -20.74
N LEU B 160 16.91 36.00 -21.76
CA LEU B 160 15.64 35.28 -21.63
C LEU B 160 15.84 33.79 -21.45
N GLU B 161 16.74 33.18 -22.23
CA GLU B 161 16.98 31.75 -22.06
C GLU B 161 17.55 31.41 -20.70
N ALA B 162 18.05 32.39 -19.96
CA ALA B 162 18.50 32.15 -18.60
C ALA B 162 17.35 31.74 -17.68
N GLY B 163 16.14 32.17 -17.99
CA GLY B 163 15.01 31.90 -17.12
C GLY B 163 14.41 30.52 -17.23
N THR B 164 14.93 29.68 -18.12
CA THR B 164 14.34 28.38 -18.37
C THR B 164 15.41 27.39 -18.80
N GLN B 165 15.06 26.11 -18.76
CA GLN B 165 16.02 25.06 -19.07
C GLN B 165 15.83 24.50 -20.47
N TYR B 166 14.60 24.43 -20.95
CA TYR B 166 14.29 23.82 -22.24
C TYR B 166 13.67 24.88 -23.15
N ARG B 167 14.12 24.89 -24.41
CA ARG B 167 13.74 25.97 -25.31
C ARG B 167 12.29 25.84 -25.76
N GLY B 168 11.72 24.64 -25.72
CA GLY B 168 10.28 24.53 -25.87
C GLY B 168 9.54 25.16 -24.70
N SER B 169 9.99 24.87 -23.48
CA SER B 169 9.49 25.60 -22.32
C SER B 169 9.78 27.09 -22.44
N PHE B 170 10.91 27.43 -23.05
CA PHE B 170 11.23 28.84 -23.30
C PHE B 170 10.17 29.48 -24.18
N GLU B 171 9.83 28.84 -25.29
CA GLU B 171 8.83 29.39 -26.19
C GLU B 171 7.48 29.48 -25.49
N GLU B 172 7.15 28.49 -24.67
CA GLU B 172 5.90 28.56 -23.92
C GLU B 172 5.90 29.77 -23.00
N ASN B 173 7.01 30.01 -22.31
CA ASN B 173 7.11 31.19 -21.46
C ASN B 173 7.01 32.46 -22.28
N VAL B 174 7.60 32.46 -23.49
CA VAL B 174 7.55 33.63 -24.36
C VAL B 174 6.11 33.96 -24.72
N GLN B 175 5.35 32.96 -25.18
CA GLN B 175 3.95 33.20 -25.49
C GLN B 175 3.18 33.56 -24.23
N ASN B 176 3.60 33.03 -23.07
CA ASN B 176 2.99 33.43 -21.82
C ASN B 176 3.15 34.92 -21.56
N LEU B 177 4.16 35.54 -22.18
CA LEU B 177 4.27 36.99 -22.10
C LEU B 177 3.08 37.65 -22.79
N VAL B 178 2.79 37.24 -24.03
CA VAL B 178 1.60 37.74 -24.71
C VAL B 178 0.38 37.48 -23.86
N ASN B 179 0.32 36.30 -23.25
CA ASN B 179 -0.76 36.00 -22.31
C ASN B 179 -0.84 37.06 -21.22
N GLU B 180 0.31 37.46 -20.67
CA GLU B 180 0.32 38.57 -19.72
C GLU B 180 -0.03 39.88 -20.41
N VAL B 181 0.32 40.02 -21.69
CA VAL B 181 0.05 41.29 -22.35
C VAL B 181 -1.39 41.25 -22.83
N LYS B 182 -2.31 41.47 -21.90
CA LYS B 182 -3.71 41.66 -22.19
C LYS B 182 -4.32 42.74 -21.33
N GLU B 183 -3.54 43.34 -20.42
CA GLU B 183 -4.07 44.27 -19.43
C GLU B 183 -4.17 45.67 -20.04
N ALA B 184 -5.22 45.87 -20.82
CA ALA B 184 -5.58 47.14 -21.43
C ALA B 184 -4.45 47.73 -22.25
N GLY B 185 -3.46 46.94 -22.62
CA GLY B 185 -2.29 47.48 -23.27
C GLY B 185 -1.50 48.41 -22.39
N ASN B 186 -1.80 48.46 -21.09
CA ASN B 186 -1.10 49.31 -20.16
C ASN B 186 0.36 48.96 -20.07
N ILE B 187 0.73 47.77 -20.52
CA ILE B 187 2.11 47.32 -20.57
C ILE B 187 2.63 47.64 -21.97
N ILE B 188 3.82 48.22 -22.02
CA ILE B 188 4.51 48.50 -23.28
C ILE B 188 5.92 47.95 -23.16
N LEU B 189 6.31 47.13 -24.12
CA LEU B 189 7.59 46.44 -24.05
C LEU B 189 8.69 47.32 -24.63
N PHE B 190 9.82 47.38 -23.93
CA PHE B 190 11.00 48.08 -24.41
C PHE B 190 12.17 47.12 -24.46
N PHE B 191 13.02 47.30 -25.46
CA PHE B 191 14.21 46.50 -25.66
C PHE B 191 15.35 47.42 -26.10
N ASP B 192 16.51 46.83 -26.27
CA ASP B 192 17.69 47.59 -26.66
C ASP B 192 18.46 46.95 -27.80
N ALA B 193 18.08 45.75 -28.24
CA ALA B 193 18.79 45.06 -29.33
C ALA B 193 17.75 44.40 -30.23
N ILE B 194 17.30 45.14 -31.24
CA ILE B 194 16.22 44.63 -32.10
C ILE B 194 16.72 43.45 -32.92
N HIS B 195 17.96 43.51 -33.39
CA HIS B 195 18.55 42.36 -34.05
C HIS B 195 18.58 41.14 -33.15
N GLN B 196 18.79 41.30 -31.84
CA GLN B 196 18.66 40.20 -30.91
C GLN B 196 17.23 39.76 -30.71
N ILE B 197 16.25 40.57 -31.09
CA ILE B 197 14.86 40.15 -31.12
C ILE B 197 14.54 39.38 -32.39
N LEU B 198 15.01 39.88 -33.52
CA LEU B 198 14.74 39.24 -34.81
C LEU B 198 15.59 37.98 -34.92
N GLY B 199 15.18 36.97 -34.15
CA GLY B 199 15.82 35.68 -34.14
C GLY B 199 14.88 34.58 -34.56
N ALA B 200 14.91 33.44 -33.87
CA ALA B 200 13.99 32.33 -34.13
C ALA B 200 14.14 31.82 -35.56
N GLY B 201 15.13 32.35 -36.27
CA GLY B 201 15.35 32.04 -37.66
C GLY B 201 16.63 32.68 -38.17
N SER B 202 16.80 32.61 -39.50
CA SER B 202 18.02 33.10 -40.14
C SER B 202 17.81 34.54 -40.62
N THR B 203 17.43 35.40 -39.67
CA THR B 203 17.39 36.83 -39.95
C THR B 203 18.77 37.46 -39.92
N GLY B 204 19.74 36.82 -39.29
CA GLY B 204 21.09 37.35 -39.22
C GLY B 204 22.05 36.26 -38.84
N GLY B 205 23.19 36.26 -39.53
CA GLY B 205 24.12 35.16 -39.36
C GLY B 205 23.62 33.91 -40.06
N ASP B 206 24.05 32.77 -39.54
CA ASP B 206 23.68 31.47 -40.09
C ASP B 206 22.44 30.87 -39.43
N SER B 207 22.27 31.05 -38.13
CA SER B 207 21.15 30.45 -37.41
C SER B 207 20.80 31.35 -36.23
N GLY B 208 19.85 30.87 -35.42
CA GLY B 208 19.48 31.59 -34.23
C GLY B 208 18.56 30.75 -33.36
N SER B 209 18.46 31.15 -32.10
CA SER B 209 17.58 30.48 -31.16
C SER B 209 16.17 31.05 -31.28
N LYS B 210 15.20 30.26 -30.82
CA LYS B 210 13.81 30.71 -30.85
C LYS B 210 13.61 31.97 -30.04
N GLY B 211 12.78 32.86 -30.56
CA GLY B 211 12.48 34.11 -29.86
C GLY B 211 11.15 34.64 -30.30
N LEU B 212 10.96 35.95 -30.06
CA LEU B 212 9.70 36.58 -30.40
C LEU B 212 9.37 36.49 -31.88
N ALA B 213 10.37 36.26 -32.73
CA ALA B 213 10.15 36.36 -34.17
C ALA B 213 9.00 35.49 -34.61
N ASP B 214 9.04 34.21 -34.27
CA ASP B 214 8.01 33.28 -34.71
C ASP B 214 6.66 33.57 -34.07
N ILE B 215 6.61 34.45 -33.07
CA ILE B 215 5.39 34.85 -32.42
C ILE B 215 5.02 36.30 -32.77
N LEU B 216 6.02 37.18 -32.87
CA LEU B 216 5.72 38.59 -33.07
C LEU B 216 5.12 38.86 -34.44
N LYS B 217 5.62 38.17 -35.47
CA LYS B 217 5.29 38.49 -36.86
C LYS B 217 3.78 38.58 -37.04
N PRO B 218 3.01 37.62 -36.52
CA PRO B 218 1.56 37.85 -36.49
C PRO B 218 1.14 38.89 -35.46
N ALA B 219 1.64 38.80 -34.23
CA ALA B 219 1.12 39.63 -33.16
C ALA B 219 1.22 41.11 -33.51
N LEU B 220 2.35 41.54 -34.04
CA LEU B 220 2.51 42.92 -34.47
C LEU B 220 1.59 43.23 -35.64
N SER B 221 1.49 42.32 -36.61
CA SER B 221 0.51 42.49 -37.67
C SER B 221 -0.90 42.61 -37.12
N ARG B 222 -1.29 41.72 -36.21
CA ARG B 222 -2.59 41.83 -35.59
C ARG B 222 -2.60 42.75 -34.36
N GLY B 223 -1.64 43.66 -34.24
CA GLY B 223 -1.79 44.79 -33.34
C GLY B 223 -1.74 44.46 -31.87
N GLU B 224 -1.26 43.27 -31.53
CA GLU B 224 -1.21 42.85 -30.14
C GLU B 224 -0.26 43.68 -29.30
N LEU B 225 0.91 44.01 -29.82
CA LEU B 225 1.95 44.57 -28.98
C LEU B 225 2.29 45.99 -29.44
N THR B 226 2.95 46.73 -28.57
CA THR B 226 3.63 47.95 -28.96
C THR B 226 5.04 47.93 -28.36
N VAL B 227 6.03 47.91 -29.22
CA VAL B 227 7.42 47.85 -28.79
C VAL B 227 8.10 49.15 -29.16
N ILE B 228 9.22 49.43 -28.52
CA ILE B 228 9.95 50.68 -28.73
C ILE B 228 11.43 50.36 -28.83
N GLY B 229 11.99 50.49 -30.04
CA GLY B 229 13.43 50.42 -30.23
C GLY B 229 14.06 49.15 -29.72
N ALA B 230 15.38 49.17 -29.66
CA ALA B 230 16.21 50.28 -30.12
C ALA B 230 17.46 49.74 -30.74
N THR B 231 18.06 50.47 -31.67
CA THR B 231 19.24 49.96 -32.36
C THR B 231 19.98 51.05 -33.12
N THR B 232 20.96 50.63 -33.92
CA THR B 232 21.84 51.52 -34.65
C THR B 232 21.40 51.67 -36.09
N GLN B 233 22.09 52.56 -36.82
CA GLN B 233 21.75 52.89 -38.20
C GLN B 233 21.85 51.68 -39.12
N ASP B 234 22.98 50.99 -39.06
CA ASP B 234 23.30 49.90 -39.97
C ASP B 234 22.44 48.68 -39.70
N GLU B 235 22.24 48.34 -38.42
CA GLU B 235 21.24 47.34 -38.05
C GLU B 235 19.90 47.66 -38.70
N TYR B 236 19.50 48.93 -38.68
CA TYR B 236 18.20 49.31 -39.22
C TYR B 236 18.11 49.02 -40.71
N ARG B 237 19.07 49.50 -41.49
CA ARG B 237 18.91 49.28 -42.93
C ARG B 237 19.15 47.82 -43.30
N ASN B 238 19.90 47.08 -42.49
CA ASN B 238 20.24 45.72 -42.88
C ASN B 238 19.17 44.71 -42.48
N THR B 239 18.44 44.97 -41.40
CA THR B 239 17.48 43.98 -40.90
C THR B 239 16.04 44.41 -41.01
N ILE B 240 15.75 45.69 -40.76
CA ILE B 240 14.36 46.12 -40.61
C ILE B 240 13.72 46.38 -41.96
N LEU B 241 14.41 47.08 -42.86
CA LEU B 241 13.84 47.45 -44.15
C LEU B 241 13.71 46.28 -45.10
N LYS B 242 13.97 45.06 -44.64
CA LYS B 242 13.94 43.90 -45.52
C LYS B 242 12.71 43.04 -45.31
N ASN B 243 12.08 43.11 -44.15
CA ASN B 243 10.84 42.39 -43.90
C ASN B 243 9.67 43.35 -44.07
N ALA B 244 8.89 43.16 -45.13
CA ALA B 244 7.78 44.05 -45.41
C ALA B 244 6.78 44.06 -44.26
N ALA B 245 6.72 42.98 -43.50
CA ALA B 245 5.79 42.94 -42.37
C ALA B 245 6.07 44.05 -41.38
N LEU B 246 7.33 44.26 -41.04
CA LEU B 246 7.69 45.38 -40.18
C LEU B 246 7.43 46.72 -40.84
N ALA B 247 7.56 46.76 -42.17
CA ALA B 247 7.42 48.03 -42.88
C ALA B 247 6.04 48.64 -42.65
N ARG B 248 5.01 47.82 -42.52
CA ARG B 248 3.65 48.31 -42.36
C ARG B 248 3.25 48.44 -40.90
N ARG B 249 4.21 48.33 -39.98
CA ARG B 249 3.93 48.59 -38.58
C ARG B 249 4.92 49.54 -37.91
N PHE B 250 6.14 49.67 -38.42
CA PHE B 250 7.20 50.32 -37.68
C PHE B 250 7.48 51.72 -38.21
N ASN B 251 8.10 52.51 -37.34
CA ASN B 251 8.51 53.87 -37.67
C ASN B 251 9.84 54.13 -36.99
N GLU B 252 10.53 55.17 -37.43
CA GLU B 252 11.89 55.43 -36.96
C GLU B 252 12.01 56.88 -36.53
N VAL B 253 12.82 57.10 -35.50
CA VAL B 253 13.07 58.45 -34.98
C VAL B 253 14.58 58.63 -34.85
N LYS B 254 15.08 59.70 -35.47
CA LYS B 254 16.51 59.97 -35.50
C LYS B 254 17.00 60.49 -34.16
N VAL B 255 18.21 60.09 -33.79
CA VAL B 255 18.85 60.54 -32.56
C VAL B 255 20.25 61.02 -32.88
N ASN B 256 20.64 62.16 -32.32
CA ASN B 256 21.96 62.74 -32.55
C ASN B 256 22.56 63.20 -31.25
N ALA B 257 23.89 63.14 -31.17
CA ALA B 257 24.57 63.62 -29.99
C ALA B 257 24.45 65.15 -29.89
N PRO B 258 24.30 65.68 -28.68
CA PRO B 258 24.12 67.12 -28.51
C PRO B 258 25.43 67.87 -28.59
N SER B 259 25.32 69.19 -28.50
CA SER B 259 26.46 70.08 -28.60
C SER B 259 27.13 70.23 -27.24
N ALA B 260 28.24 70.98 -27.24
CA ALA B 260 29.02 71.12 -26.02
C ALA B 260 28.49 72.24 -25.15
N GLU B 261 27.17 72.29 -24.98
CA GLU B 261 26.56 73.01 -23.88
C GLU B 261 25.69 72.11 -23.02
N ASN B 262 24.81 71.35 -23.67
CA ASN B 262 23.99 70.37 -22.98
C ASN B 262 24.84 69.30 -22.34
N THR B 263 25.90 68.87 -23.02
CA THR B 263 26.85 67.95 -22.43
C THR B 263 27.40 68.52 -21.14
N PHE B 264 27.75 69.81 -21.15
CA PHE B 264 28.24 70.46 -19.95
C PHE B 264 27.19 70.41 -18.85
N LYS B 265 25.93 70.60 -19.21
CA LYS B 265 24.85 70.52 -18.22
C LYS B 265 24.75 69.13 -17.62
N ILE B 266 24.78 68.10 -18.48
CA ILE B 266 24.67 66.74 -17.99
C ILE B 266 25.82 66.42 -17.06
N LEU B 267 27.03 66.85 -17.44
CA LEU B 267 28.18 66.61 -16.59
C LEU B 267 28.02 67.32 -15.25
N GLN B 268 27.51 68.55 -15.28
CA GLN B 268 27.23 69.25 -14.04
C GLN B 268 26.27 68.45 -13.17
N GLY B 269 25.26 67.86 -13.80
CA GLY B 269 24.33 67.05 -13.05
C GLY B 269 24.99 65.85 -12.40
N ILE B 270 25.82 65.14 -13.17
CA ILE B 270 26.46 63.94 -12.64
C ILE B 270 27.47 64.29 -11.55
N ARG B 271 28.06 65.48 -11.64
CA ARG B 271 29.21 65.91 -10.87
C ARG B 271 29.27 65.41 -9.43
N ASP B 272 28.14 65.50 -8.73
CA ASP B 272 28.11 65.13 -7.33
C ASP B 272 28.34 63.64 -7.09
N LEU B 273 28.03 62.79 -8.06
CA LEU B 273 28.18 61.35 -7.86
C LEU B 273 29.59 60.99 -7.40
N TYR B 274 30.59 61.67 -7.94
CA TYR B 274 31.98 61.35 -7.69
C TYR B 274 32.53 61.96 -6.41
N GLN B 275 31.66 62.29 -5.46
CA GLN B 275 32.11 62.38 -4.08
C GLN B 275 32.62 61.02 -3.60
N GLN B 276 32.22 59.95 -4.29
CA GLN B 276 32.64 58.60 -3.94
C GLN B 276 34.14 58.49 -3.78
N HIS B 277 34.90 59.17 -4.63
CA HIS B 277 36.33 58.97 -4.71
C HIS B 277 37.12 59.90 -3.80
N HIS B 278 36.43 60.67 -2.95
CA HIS B 278 37.06 61.50 -1.91
C HIS B 278 38.11 62.43 -2.50
N ASN B 279 37.78 63.05 -3.61
CA ASN B 279 38.65 63.99 -4.28
C ASN B 279 37.83 65.23 -4.62
N VAL B 280 38.47 66.19 -5.29
CA VAL B 280 37.77 67.42 -5.62
C VAL B 280 36.55 67.09 -6.45
N ILE B 281 35.41 67.64 -6.06
CA ILE B 281 34.27 67.73 -6.96
C ILE B 281 34.53 68.92 -7.86
N LEU B 282 34.49 68.67 -9.16
CA LEU B 282 35.32 69.40 -10.10
C LEU B 282 34.71 70.73 -10.53
N PRO B 283 35.52 71.79 -10.58
CA PRO B 283 35.02 73.07 -11.06
C PRO B 283 34.83 73.06 -12.57
N ASP B 284 33.94 73.95 -13.01
CA ASP B 284 33.44 73.93 -14.38
C ASP B 284 34.57 74.05 -15.39
N GLU B 285 35.63 74.77 -15.03
CA GLU B 285 36.72 74.99 -15.98
C GLU B 285 37.35 73.68 -16.39
N VAL B 286 37.61 72.81 -15.42
CA VAL B 286 38.15 71.49 -15.71
C VAL B 286 37.20 70.71 -16.61
N LEU B 287 35.90 70.86 -16.37
CA LEU B 287 34.92 70.10 -17.14
C LEU B 287 34.93 70.53 -18.60
N LYS B 288 34.83 71.83 -18.84
CA LYS B 288 34.83 72.30 -20.22
C LYS B 288 36.15 71.98 -20.90
N ALA B 289 37.25 72.01 -20.14
CA ALA B 289 38.53 71.64 -20.72
C ALA B 289 38.53 70.18 -21.15
N ALA B 290 37.96 69.30 -20.32
CA ALA B 290 37.88 67.90 -20.68
C ALA B 290 37.04 67.71 -21.94
N VAL B 291 35.93 68.44 -22.03
CA VAL B 291 35.11 68.37 -23.24
C VAL B 291 35.92 68.79 -24.45
N ASP B 292 36.60 69.94 -24.35
CA ASP B 292 37.33 70.47 -25.50
C ASP B 292 38.47 69.55 -25.91
N TYR B 293 39.03 68.82 -24.96
CA TYR B 293 40.10 67.91 -25.35
C TYR B 293 39.57 66.62 -25.96
N SER B 294 38.55 66.04 -25.35
CA SER B 294 38.01 64.79 -25.87
C SER B 294 37.40 64.98 -27.25
N VAL B 295 36.83 66.16 -27.50
CA VAL B 295 36.20 66.38 -28.81
C VAL B 295 37.24 66.43 -29.91
N GLN B 296 38.41 67.00 -29.64
CA GLN B 296 39.41 67.18 -30.67
C GLN B 296 40.42 66.05 -30.77
N TYR B 297 40.57 65.26 -29.72
CA TYR B 297 41.57 64.20 -29.75
C TYR B 297 40.99 62.80 -29.91
N ILE B 298 39.73 62.60 -29.58
CA ILE B 298 39.12 61.27 -29.74
C ILE B 298 37.87 61.38 -30.59
N PRO B 299 38.00 61.67 -31.89
CA PRO B 299 36.81 61.74 -32.73
C PRO B 299 36.15 60.40 -32.96
N GLN B 300 36.85 59.30 -32.75
CA GLN B 300 36.29 57.99 -33.06
C GLN B 300 35.23 57.55 -32.07
N ARG B 301 34.81 58.41 -31.15
CA ARG B 301 33.78 58.07 -30.19
C ARG B 301 32.75 59.19 -30.11
N SER B 302 31.55 58.84 -29.69
CA SER B 302 30.51 59.83 -29.48
C SER B 302 30.87 60.74 -28.33
N LEU B 303 30.33 61.96 -28.37
CA LEU B 303 30.67 62.96 -27.36
C LEU B 303 30.21 62.58 -25.96
N PRO B 304 28.94 62.26 -25.70
CA PRO B 304 28.48 62.15 -24.31
C PRO B 304 29.22 61.10 -23.49
N ASP B 305 29.50 59.94 -24.07
CA ASP B 305 30.19 58.91 -23.29
C ASP B 305 31.66 59.23 -23.09
N LYS B 306 32.34 59.69 -24.14
CA LYS B 306 33.77 59.93 -24.00
C LYS B 306 34.04 61.04 -23.01
N ALA B 307 33.21 62.09 -23.01
CA ALA B 307 33.42 63.16 -22.05
C ALA B 307 33.32 62.65 -20.63
N ILE B 308 32.41 61.72 -20.38
CA ILE B 308 32.27 61.15 -19.05
C ILE B 308 33.45 60.26 -18.70
N ASP B 309 33.85 59.39 -19.62
CA ASP B 309 34.91 58.45 -19.34
C ASP B 309 36.22 59.16 -19.06
N LEU B 310 36.48 60.24 -19.80
CA LEU B 310 37.70 61.01 -19.52
C LEU B 310 37.70 61.51 -18.09
N VAL B 311 36.57 62.07 -17.65
CA VAL B 311 36.47 62.56 -16.28
C VAL B 311 36.68 61.42 -15.29
N ASP B 312 36.06 60.27 -15.57
CA ASP B 312 36.14 59.15 -14.65
C ASP B 312 37.57 58.69 -14.46
N VAL B 313 38.28 58.45 -15.56
CA VAL B 313 39.68 58.03 -15.44
C VAL B 313 40.52 59.12 -14.82
N THR B 314 40.19 60.39 -15.11
CA THR B 314 40.89 61.48 -14.48
C THR B 314 40.80 61.39 -12.96
N ALA B 315 39.59 61.20 -12.44
CA ALA B 315 39.41 61.09 -11.00
C ALA B 315 40.16 59.88 -10.45
N ALA B 316 40.03 58.74 -11.12
CA ALA B 316 40.69 57.54 -10.63
C ALA B 316 42.19 57.76 -10.51
N HIS B 317 42.80 58.39 -11.51
CA HIS B 317 44.22 58.69 -11.41
C HIS B 317 44.50 59.68 -10.30
N LEU B 318 43.64 60.70 -10.17
CA LEU B 318 43.86 61.69 -9.13
C LEU B 318 43.70 61.10 -7.74
N ALA B 319 43.16 59.89 -7.62
CA ALA B 319 43.28 59.20 -6.35
C ALA B 319 44.74 59.03 -5.96
N ALA B 320 45.65 59.13 -6.93
CA ALA B 320 47.09 59.13 -6.69
C ALA B 320 47.53 57.90 -5.94
N GLN B 321 46.72 56.85 -5.97
CA GLN B 321 47.05 55.57 -5.37
C GLN B 321 47.38 55.73 -3.88
N HIS B 322 46.63 56.58 -3.21
CA HIS B 322 46.87 56.80 -1.79
C HIS B 322 46.40 55.62 -0.97
N PRO B 323 47.11 55.30 0.09
CA PRO B 323 46.73 54.16 0.95
C PRO B 323 45.61 54.57 1.90
N VAL B 324 45.24 53.62 2.76
CA VAL B 324 44.23 53.84 3.78
C VAL B 324 44.67 53.31 5.14
N THR B 325 45.84 52.69 5.23
CA THR B 325 46.33 52.20 6.50
C THR B 325 46.46 53.30 7.53
N ASP B 326 46.77 54.52 7.09
CA ASP B 326 47.01 55.62 8.03
C ASP B 326 45.76 55.95 8.82
N VAL B 327 44.61 55.43 8.40
CA VAL B 327 43.39 55.46 9.18
C VAL B 327 42.95 54.06 9.58
N HIS B 328 43.34 53.05 8.80
CA HIS B 328 42.89 51.69 9.05
C HIS B 328 43.46 51.16 10.36
N ALA B 329 44.70 51.52 10.68
CA ALA B 329 45.29 51.10 11.94
C ALA B 329 44.47 51.59 13.12
N VAL B 330 44.04 52.85 13.08
CA VAL B 330 43.28 53.38 14.20
C VAL B 330 41.87 52.83 14.19
N GLU B 331 41.36 52.41 13.03
CA GLU B 331 40.11 51.65 13.04
C GLU B 331 40.28 50.36 13.84
N ARG B 332 41.38 49.66 13.63
CA ARG B 332 41.66 48.48 14.45
C ARG B 332 41.74 48.85 15.93
N GLU B 333 42.38 49.97 16.23
CA GLU B 333 42.48 50.41 17.62
C GLU B 333 41.11 50.65 18.23
N ILE B 334 40.23 51.31 17.48
CA ILE B 334 38.88 51.54 17.97
C ILE B 334 38.17 50.22 18.21
N GLU B 335 38.40 49.24 17.34
CA GLU B 335 37.80 47.93 17.56
C GLU B 335 38.26 47.32 18.87
N THR B 336 39.57 47.35 19.13
CA THR B 336 40.08 46.76 20.37
C THR B 336 39.54 47.49 21.59
N GLU B 337 39.54 48.82 21.55
CA GLU B 337 39.04 49.60 22.68
C GLU B 337 37.55 49.32 22.89
N LYS B 338 36.81 49.15 21.81
CA LYS B 338 35.39 48.81 21.92
C LYS B 338 35.20 47.47 22.61
N ASP B 339 36.03 46.49 22.25
CA ASP B 339 35.92 45.19 22.91
C ASP B 339 36.20 45.29 24.41
N LYS B 340 37.26 46.00 24.78
CA LYS B 340 37.55 46.18 26.20
C LYS B 340 36.41 46.93 26.90
N GLN B 341 35.82 47.90 26.21
CA GLN B 341 34.70 48.63 26.78
C GLN B 341 33.52 47.70 27.05
N GLU B 342 33.21 46.83 26.10
CA GLU B 342 32.15 45.85 26.33
C GLU B 342 32.49 44.95 27.51
N LYS B 343 33.74 44.53 27.60
CA LYS B 343 34.14 43.67 28.71
C LYS B 343 33.91 44.36 30.04
N ALA B 344 34.33 45.62 30.16
CA ALA B 344 34.14 46.36 31.40
C ALA B 344 32.66 46.57 31.70
N VAL B 345 31.85 46.83 30.68
CA VAL B 345 30.42 46.94 30.88
C VAL B 345 29.86 45.64 31.44
N GLU B 346 30.38 44.50 30.98
CA GLU B 346 29.94 43.23 31.55
C GLU B 346 30.16 43.20 33.05
N ALA B 347 31.29 43.72 33.51
CA ALA B 347 31.59 43.77 34.93
C ALA B 347 31.04 45.00 35.63
N GLU B 348 30.25 45.81 34.93
CA GLU B 348 29.54 46.95 35.53
C GLU B 348 30.49 47.93 36.20
N ASP B 349 31.66 48.13 35.61
CA ASP B 349 32.62 49.11 36.11
C ASP B 349 32.48 50.36 35.26
N PHE B 350 31.66 51.29 35.75
CA PHE B 350 31.17 52.37 34.91
C PHE B 350 32.23 53.40 34.61
N GLU B 351 33.17 53.63 35.52
CA GLU B 351 34.24 54.58 35.26
C GLU B 351 35.11 54.12 34.09
N ALA B 352 35.45 52.83 34.04
CA ALA B 352 36.27 52.33 32.96
C ALA B 352 35.54 52.40 31.63
N ALA B 353 34.25 52.05 31.63
CA ALA B 353 33.47 52.14 30.41
C ALA B 353 33.35 53.58 29.93
N LEU B 354 33.18 54.51 30.87
CA LEU B 354 33.13 55.92 30.50
C LEU B 354 34.45 56.39 29.89
N ASN B 355 35.56 55.97 30.48
CA ASN B 355 36.87 56.29 29.91
C ASN B 355 37.01 55.70 28.53
N TYR B 356 36.58 54.45 28.35
CA TYR B 356 36.65 53.82 27.04
C TYR B 356 35.81 54.57 26.02
N LYS B 357 34.62 55.00 26.40
CA LYS B 357 33.78 55.75 25.47
C LYS B 357 34.41 57.08 25.11
N THR B 358 35.04 57.74 26.08
CA THR B 358 35.75 58.97 25.77
C THR B 358 36.88 58.73 24.80
N ARG B 359 37.64 57.66 24.99
CA ARG B 359 38.73 57.34 24.07
C ARG B 359 38.18 56.99 22.69
N ILE B 360 37.04 56.32 22.65
CA ILE B 360 36.42 55.98 21.38
C ILE B 360 36.04 57.25 20.62
N ALA B 361 35.43 58.21 21.32
CA ALA B 361 35.12 59.49 20.68
C ALA B 361 36.39 60.17 20.20
N GLU B 362 37.44 60.15 21.03
CA GLU B 362 38.71 60.74 20.64
C GLU B 362 39.20 60.18 19.32
N LEU B 363 39.36 58.87 19.25
CA LEU B 363 39.88 58.24 18.03
C LEU B 363 38.94 58.46 16.87
N GLU B 364 37.64 58.47 17.14
CA GLU B 364 36.67 58.68 16.08
C GLU B 364 36.89 60.02 15.39
N ARG B 365 36.92 61.11 16.17
CA ARG B 365 37.03 62.38 15.48
C ARG B 365 38.44 62.60 14.94
N LYS B 366 39.43 61.90 15.49
CA LYS B 366 40.73 61.91 14.82
C LYS B 366 40.60 61.35 13.41
N ILE B 367 39.98 60.17 13.29
CA ILE B 367 39.77 59.55 12.00
C ILE B 367 38.96 60.46 11.09
N GLU B 368 37.98 61.16 11.67
CA GLU B 368 37.24 62.15 10.91
C GLU B 368 38.18 63.20 10.34
N ASN B 369 39.12 63.69 11.16
CA ASN B 369 40.07 64.69 10.69
C ASN B 369 40.91 64.14 9.54
N HIS B 370 41.40 62.91 9.68
CA HIS B 370 42.16 62.32 8.57
C HIS B 370 41.31 62.16 7.32
N THR B 371 40.04 61.81 7.47
CA THR B 371 39.20 61.56 6.31
C THR B 371 39.08 62.81 5.46
N GLU B 372 38.89 63.95 6.09
CA GLU B 372 38.80 65.21 5.38
C GLU B 372 40.15 65.68 4.85
N ASP B 373 41.23 64.95 5.12
CA ASP B 373 42.52 65.27 4.54
C ASP B 373 42.59 64.70 3.13
N MET B 374 41.71 65.22 2.28
CA MET B 374 41.67 64.88 0.86
C MET B 374 42.15 66.07 0.05
N LYS B 375 42.92 65.79 -0.98
CA LYS B 375 43.43 66.81 -1.87
C LYS B 375 42.36 67.15 -2.90
N VAL B 376 42.07 68.43 -3.03
CA VAL B 376 41.08 68.91 -3.98
C VAL B 376 41.82 69.76 -5.02
N THR B 377 42.24 69.11 -6.08
CA THR B 377 43.02 69.77 -7.13
C THR B 377 42.57 69.23 -8.47
N ALA B 378 41.59 69.92 -9.06
CA ALA B 378 41.22 69.67 -10.44
C ALA B 378 41.95 70.65 -11.33
N SER B 379 42.84 70.12 -12.16
CA SER B 379 43.65 70.97 -13.03
C SER B 379 43.47 70.49 -14.45
N VAL B 380 43.42 71.45 -15.38
CA VAL B 380 43.42 71.09 -16.79
C VAL B 380 44.65 70.29 -17.14
N ASN B 381 45.77 70.57 -16.48
CA ASN B 381 47.01 69.85 -16.75
C ASN B 381 46.87 68.36 -16.44
N ASP B 382 46.27 68.01 -15.30
CA ASP B 382 46.11 66.62 -14.93
C ASP B 382 45.25 65.88 -15.93
N VAL B 383 44.17 66.52 -16.37
CA VAL B 383 43.38 65.97 -17.47
C VAL B 383 44.27 65.76 -18.68
N ALA B 384 45.21 66.69 -18.91
CA ALA B 384 46.08 66.56 -20.06
C ALA B 384 46.96 65.32 -19.97
N GLU B 385 47.57 65.07 -18.80
CA GLU B 385 48.41 63.87 -18.71
C GLU B 385 47.55 62.62 -18.79
N SER B 386 46.30 62.70 -18.31
CA SER B 386 45.39 61.58 -18.51
C SER B 386 45.21 61.31 -20.00
N VAL B 387 45.04 62.38 -20.78
CA VAL B 387 44.92 62.22 -22.22
C VAL B 387 46.17 61.58 -22.79
N GLU B 388 47.32 62.07 -22.35
CA GLU B 388 48.59 61.57 -22.87
C GLU B 388 48.73 60.10 -22.60
N ARG B 389 48.26 59.65 -21.44
CA ARG B 389 48.31 58.22 -21.14
C ARG B 389 47.31 57.48 -21.99
N MET B 390 46.21 58.15 -22.33
CA MET B 390 45.23 57.52 -23.19
C MET B 390 45.79 57.22 -24.57
N THR B 391 46.48 58.19 -25.17
CA THR B 391 46.87 58.09 -26.58
C THR B 391 48.37 58.06 -26.79
N GLY B 392 49.16 58.26 -25.74
CA GLY B 392 50.60 58.22 -25.90
C GLY B 392 51.20 59.45 -26.56
N ILE B 393 50.42 60.50 -26.75
CA ILE B 393 50.86 61.67 -27.50
C ILE B 393 51.06 62.83 -26.53
N PRO B 394 52.29 63.24 -26.24
CA PRO B 394 52.49 64.52 -25.57
C PRO B 394 51.98 65.64 -26.46
N VAL B 395 51.36 66.62 -25.83
CA VAL B 395 50.77 67.73 -26.55
C VAL B 395 51.52 69.00 -26.17
N SER B 396 52.23 69.57 -27.12
CA SER B 396 52.67 70.93 -26.93
C SER B 396 51.50 71.88 -27.21
N GLN B 397 51.53 73.03 -26.54
CA GLN B 397 50.49 74.06 -26.67
C GLN B 397 49.11 73.47 -26.38
N MET B 398 49.00 72.85 -25.21
CA MET B 398 47.73 72.28 -24.77
C MET B 398 46.68 73.38 -24.64
N GLY B 399 45.46 73.06 -25.05
CA GLY B 399 44.36 74.01 -25.03
C GLY B 399 44.33 74.96 -26.21
N ALA B 400 45.25 74.80 -27.17
CA ALA B 400 45.27 75.69 -28.32
C ALA B 400 43.97 75.56 -29.10
N SER B 401 43.57 76.66 -29.74
CA SER B 401 42.37 76.64 -30.54
C SER B 401 42.55 75.72 -31.75
N ASP B 402 41.43 75.20 -32.24
CA ASP B 402 41.45 74.53 -33.53
C ASP B 402 42.04 75.43 -34.60
N ILE B 403 41.77 76.73 -34.52
CA ILE B 403 42.36 77.66 -35.49
C ILE B 403 43.87 77.58 -35.43
N GLU B 404 44.42 77.55 -34.23
CA GLU B 404 45.86 77.35 -34.08
C GLU B 404 46.28 76.02 -34.69
N ARG B 405 45.59 74.94 -34.32
CA ARG B 405 46.06 73.60 -34.64
C ARG B 405 46.03 73.34 -36.14
N LEU B 406 44.97 73.75 -36.81
CA LEU B 406 44.82 73.50 -38.22
C LEU B 406 45.87 74.19 -39.06
N LYS B 407 46.49 75.25 -38.53
CA LYS B 407 47.62 75.87 -39.19
C LYS B 407 48.95 75.33 -38.72
N ASP B 408 49.05 74.95 -37.46
CA ASP B 408 50.32 74.46 -36.93
C ASP B 408 50.65 73.08 -37.45
N MET B 409 49.64 72.25 -37.70
CA MET B 409 49.90 70.93 -38.28
C MET B 409 50.58 71.04 -39.63
N ALA B 410 50.42 72.16 -40.33
CA ALA B 410 51.17 72.37 -41.57
C ALA B 410 52.66 72.20 -41.33
N HIS B 411 53.19 72.88 -40.31
CA HIS B 411 54.58 72.66 -39.96
C HIS B 411 54.81 71.32 -39.29
N ARG B 412 53.86 70.87 -38.47
CA ARG B 412 54.02 69.61 -37.74
C ARG B 412 54.38 68.49 -38.69
N LEU B 413 53.64 68.37 -39.79
CA LEU B 413 54.03 67.43 -40.84
C LEU B 413 55.18 67.96 -41.68
N GLN B 414 55.21 69.26 -41.96
CA GLN B 414 56.25 69.84 -42.80
C GLN B 414 57.63 69.62 -42.21
N ASP B 415 57.75 69.74 -40.89
CA ASP B 415 59.04 69.67 -40.23
C ASP B 415 59.46 68.25 -39.89
N LYS B 416 58.56 67.27 -40.01
CA LYS B 416 58.94 65.88 -39.92
C LYS B 416 59.22 65.27 -41.28
N VAL B 417 58.89 65.98 -42.35
CA VAL B 417 59.23 65.59 -43.70
C VAL B 417 60.20 66.63 -44.25
N ILE B 418 60.65 66.40 -45.47
CA ILE B 418 61.60 67.29 -46.13
C ILE B 418 60.98 67.78 -47.42
N GLY B 419 60.68 69.08 -47.47
CA GLY B 419 60.16 69.69 -48.69
C GLY B 419 58.86 69.04 -49.14
N GLN B 420 58.70 68.97 -50.46
CA GLN B 420 57.48 68.44 -51.09
C GLN B 420 56.25 69.16 -50.55
N ASP B 421 56.36 70.49 -50.43
CA ASP B 421 55.36 71.29 -49.74
C ASP B 421 53.99 71.22 -50.40
N LYS B 422 53.92 70.82 -51.66
CA LYS B 422 52.64 70.74 -52.34
C LYS B 422 51.73 69.74 -51.65
N ALA B 423 52.27 68.55 -51.33
CA ALA B 423 51.48 67.54 -50.64
C ALA B 423 51.02 68.03 -49.28
N VAL B 424 51.91 68.72 -48.56
CA VAL B 424 51.53 69.29 -47.27
C VAL B 424 50.36 70.25 -47.44
N GLU B 425 50.47 71.17 -48.40
CA GLU B 425 49.40 72.13 -48.64
C GLU B 425 48.08 71.44 -48.93
N VAL B 426 48.08 70.51 -49.89
CA VAL B 426 46.85 69.86 -50.32
C VAL B 426 46.23 69.10 -49.15
N VAL B 427 47.03 68.27 -48.48
CA VAL B 427 46.50 67.45 -47.41
C VAL B 427 45.95 68.32 -46.28
N ALA B 428 46.69 69.38 -45.92
CA ALA B 428 46.24 70.22 -44.83
C ALA B 428 44.92 70.90 -45.15
N ARG B 429 44.81 71.46 -46.36
CA ARG B 429 43.56 72.13 -46.70
C ARG B 429 42.39 71.16 -46.74
N ALA B 430 42.60 69.98 -47.32
CA ALA B 430 41.53 69.00 -47.37
C ALA B 430 41.11 68.58 -45.97
N ILE B 431 42.09 68.35 -45.09
CA ILE B 431 41.78 67.94 -43.74
C ILE B 431 41.00 69.04 -43.03
N CYS B 432 41.40 70.29 -43.22
CA CYS B 432 40.68 71.37 -42.56
C CYS B 432 39.24 71.45 -43.07
N ARG B 433 39.05 71.29 -44.38
CA ARG B 433 37.70 71.33 -44.92
C ARG B 433 36.82 70.24 -44.31
N ASN B 434 37.34 69.02 -44.24
CA ASN B 434 36.54 67.96 -43.62
C ASN B 434 36.30 68.24 -42.14
N ARG B 435 37.33 68.68 -41.42
CA ARG B 435 37.18 68.93 -39.99
C ARG B 435 36.21 70.07 -39.72
N ALA B 436 36.32 71.16 -40.47
CA ALA B 436 35.42 72.28 -40.25
C ALA B 436 34.02 72.02 -40.78
N GLY B 437 33.84 70.97 -41.57
CA GLY B 437 32.53 70.66 -42.11
C GLY B 437 32.09 71.57 -43.24
N PHE B 438 33.03 72.21 -43.92
CA PHE B 438 32.66 73.05 -45.06
C PHE B 438 32.16 72.21 -46.22
N ASP B 439 32.88 71.14 -46.55
CA ASP B 439 32.50 70.29 -47.66
C ASP B 439 31.17 69.60 -47.38
N GLU B 440 30.34 69.50 -48.40
CA GLU B 440 29.09 68.75 -48.26
C GLU B 440 29.41 67.29 -47.98
N GLY B 441 28.53 66.66 -47.21
CA GLY B 441 28.72 65.28 -46.82
C GLY B 441 28.51 64.32 -47.98
N ASN B 442 28.31 63.06 -47.60
CA ASN B 442 28.02 61.97 -48.54
C ASN B 442 29.20 61.72 -49.48
N ARG B 443 30.40 62.10 -49.04
CA ARG B 443 31.63 61.79 -49.75
C ARG B 443 32.65 61.32 -48.72
N PRO B 444 33.57 60.45 -49.11
CA PRO B 444 34.62 60.03 -48.18
C PRO B 444 35.52 61.20 -47.83
N ILE B 445 36.28 61.03 -46.74
CA ILE B 445 37.06 62.15 -46.20
C ILE B 445 38.06 62.65 -47.21
N GLY B 446 38.80 61.74 -47.82
CA GLY B 446 39.78 62.13 -48.81
C GLY B 446 40.27 60.92 -49.56
N ASN B 447 40.52 61.14 -50.84
CA ASN B 447 40.93 60.09 -51.76
C ASN B 447 42.06 60.67 -52.60
N PHE B 448 43.28 60.26 -52.31
CA PHE B 448 44.43 60.90 -52.93
C PHE B 448 45.39 59.89 -53.52
N LEU B 449 46.08 60.33 -54.58
CA LEU B 449 47.03 59.49 -55.29
C LEU B 449 48.42 60.11 -55.16
N PHE B 450 49.43 59.27 -55.01
CA PHE B 450 50.81 59.70 -54.84
C PHE B 450 51.69 58.83 -55.72
N VAL B 451 52.45 59.46 -56.62
CA VAL B 451 53.09 58.77 -57.72
C VAL B 451 54.55 59.16 -57.75
N GLY B 452 55.44 58.20 -57.57
CA GLY B 452 56.86 58.47 -57.56
C GLY B 452 57.64 57.23 -57.16
N SER B 453 58.94 57.45 -56.91
CA SER B 453 59.81 56.36 -56.48
C SER B 453 59.66 56.11 -54.99
N THR B 454 60.31 55.04 -54.51
CA THR B 454 60.15 54.64 -53.12
C THR B 454 61.01 55.48 -52.18
N GLY B 455 62.31 55.55 -52.44
CA GLY B 455 63.22 56.23 -51.54
C GLY B 455 63.04 57.73 -51.55
N VAL B 456 61.84 58.18 -51.21
CA VAL B 456 61.53 59.60 -51.17
C VAL B 456 60.81 59.89 -49.87
N GLY B 457 60.90 58.96 -48.92
CA GLY B 457 59.93 58.96 -47.85
C GLY B 457 58.55 58.66 -48.38
N LYS B 458 58.42 57.68 -49.28
CA LYS B 458 57.16 57.43 -49.95
C LYS B 458 56.05 57.12 -48.95
N THR B 459 56.41 56.58 -47.79
CA THR B 459 55.46 56.22 -46.76
C THR B 459 55.38 57.26 -45.65
N GLU B 460 56.00 58.43 -45.85
CA GLU B 460 55.98 59.46 -44.82
C GLU B 460 54.59 59.82 -44.38
N LEU B 461 53.71 60.08 -45.33
CA LEU B 461 52.33 60.39 -44.99
C LEU B 461 51.57 59.18 -44.47
N ALA B 462 52.09 57.98 -44.68
CA ALA B 462 51.51 56.80 -44.07
C ALA B 462 51.81 56.68 -42.59
N LYS B 463 52.93 57.25 -42.14
CA LYS B 463 53.32 57.16 -40.73
C LYS B 463 53.01 58.44 -39.97
N GLN B 464 53.62 59.56 -40.37
CA GLN B 464 53.50 60.79 -39.59
C GLN B 464 52.14 61.43 -39.73
N LEU B 465 51.60 61.49 -40.95
CA LEU B 465 50.25 61.99 -41.12
C LEU B 465 49.26 61.14 -40.34
N ALA B 466 49.39 59.82 -40.43
CA ALA B 466 48.48 58.95 -39.72
C ALA B 466 48.53 59.19 -38.23
N LEU B 467 49.75 59.29 -37.68
CA LEU B 467 49.88 59.46 -36.24
C LEU B 467 49.30 60.81 -35.80
N ASP B 468 49.62 61.88 -36.53
CA ASP B 468 49.08 63.19 -36.15
C ASP B 468 47.58 63.21 -36.26
N MET B 469 47.03 62.59 -37.30
CA MET B 469 45.58 62.50 -37.44
C MET B 469 44.96 61.76 -36.26
N PHE B 470 45.58 60.67 -35.81
CA PHE B 470 44.88 59.76 -34.92
C PHE B 470 45.60 59.48 -33.62
N GLY B 471 46.49 60.35 -33.17
CA GLY B 471 47.20 60.11 -31.93
C GLY B 471 47.97 58.81 -31.91
N THR B 472 48.09 58.13 -33.05
CA THR B 472 48.87 56.91 -33.18
C THR B 472 48.94 56.59 -34.67
N GLN B 473 50.11 56.13 -35.09
CA GLN B 473 50.28 55.65 -36.45
C GLN B 473 49.49 54.39 -36.72
N ASP B 474 49.06 53.67 -35.67
CA ASP B 474 48.33 52.41 -35.83
C ASP B 474 46.87 52.70 -36.15
N ALA B 475 46.67 53.42 -37.24
CA ALA B 475 45.33 53.69 -37.75
C ALA B 475 45.26 53.48 -39.25
N ILE B 476 46.11 52.63 -39.81
CA ILE B 476 46.19 52.43 -41.25
C ILE B 476 46.24 50.95 -41.53
N ILE B 477 45.59 50.55 -42.62
CA ILE B 477 45.76 49.23 -43.22
C ILE B 477 46.23 49.42 -44.65
N ARG B 478 47.33 48.76 -45.00
CA ARG B 478 47.95 48.93 -46.30
C ARG B 478 47.93 47.60 -47.06
N LEU B 479 47.51 47.68 -48.31
CA LEU B 479 47.58 46.58 -49.26
C LEU B 479 48.37 47.02 -50.47
N ASP B 480 49.42 46.27 -50.79
CA ASP B 480 50.20 46.52 -52.00
C ASP B 480 49.46 45.80 -53.13
N MET B 481 48.62 46.55 -53.84
CA MET B 481 47.61 45.90 -54.66
C MET B 481 48.25 45.05 -55.74
N SER B 482 49.37 45.50 -56.30
CA SER B 482 50.05 44.72 -57.33
C SER B 482 50.41 43.34 -56.82
N GLU B 483 51.09 43.27 -55.68
CA GLU B 483 51.39 41.98 -55.07
C GLU B 483 50.17 41.37 -54.41
N TYR B 484 49.17 42.20 -54.09
CA TYR B 484 47.95 41.69 -53.48
C TYR B 484 47.29 40.62 -54.34
N SER B 485 47.13 40.90 -55.63
CA SER B 485 46.30 40.06 -56.46
C SER B 485 46.97 38.71 -56.74
N ASP B 486 46.32 37.93 -57.58
CA ASP B 486 46.79 36.62 -57.97
C ASP B 486 47.30 36.64 -59.41
N ARG B 487 48.56 36.23 -59.60
CA ARG B 487 49.13 36.20 -60.94
C ARG B 487 49.44 34.80 -61.45
N THR B 488 50.30 34.07 -60.74
CA THR B 488 50.74 32.75 -61.19
C THR B 488 50.85 31.84 -59.98
N ALA B 489 50.68 30.54 -60.22
CA ALA B 489 50.61 29.57 -59.12
C ALA B 489 51.98 29.41 -58.48
N VAL B 490 52.33 30.41 -57.67
CA VAL B 490 53.61 30.45 -56.98
C VAL B 490 53.32 30.54 -55.48
N SER B 491 54.27 30.07 -54.67
CA SER B 491 54.01 29.89 -53.25
C SER B 491 54.12 31.19 -52.47
N LYS B 492 53.46 32.23 -52.97
CA LYS B 492 53.28 33.46 -52.22
C LYS B 492 51.83 33.88 -52.40
N LEU B 493 51.16 33.24 -53.36
CA LEU B 493 49.79 33.57 -53.70
C LEU B 493 49.10 32.34 -54.26
N ILE B 494 47.85 32.11 -53.83
CA ILE B 494 47.10 30.92 -54.17
C ILE B 494 45.72 31.29 -54.68
N GLY B 495 45.28 30.65 -55.77
CA GLY B 495 43.92 30.81 -56.23
C GLY B 495 43.80 31.60 -57.53
N THR B 496 42.80 32.45 -57.63
CA THR B 496 42.60 33.29 -58.79
C THR B 496 42.37 34.73 -58.34
N THR B 497 42.78 35.67 -59.19
CA THR B 497 42.64 37.08 -58.83
C THR B 497 41.19 37.43 -58.58
N ALA B 498 40.28 36.84 -59.35
CA ALA B 498 38.86 36.93 -59.04
C ALA B 498 38.57 36.54 -57.61
N GLY B 499 39.08 35.38 -57.17
CA GLY B 499 38.91 34.98 -55.79
C GLY B 499 39.15 36.11 -54.81
N TYR B 500 40.11 36.99 -55.13
CA TYR B 500 40.46 38.07 -54.21
C TYR B 500 39.27 38.95 -53.87
N VAL B 501 38.49 39.38 -54.86
CA VAL B 501 37.35 40.22 -54.53
C VAL B 501 36.41 39.46 -53.61
N GLY B 502 36.29 38.15 -53.80
CA GLY B 502 35.48 37.35 -52.91
C GLY B 502 35.91 37.50 -51.46
N TYR B 503 37.22 37.39 -51.20
CA TYR B 503 37.68 37.57 -49.83
C TYR B 503 37.24 38.91 -49.29
N ASP B 504 37.27 39.94 -50.14
CA ASP B 504 37.00 41.28 -49.67
C ASP B 504 35.54 41.45 -49.29
N ASP B 505 34.66 40.56 -49.77
CA ASP B 505 33.25 40.87 -49.67
C ASP B 505 32.48 39.86 -48.83
N ASN B 506 33.14 38.82 -48.30
CA ASN B 506 32.46 37.83 -47.48
C ASN B 506 33.27 37.43 -46.25
N SER B 507 34.49 37.92 -46.11
CA SER B 507 35.41 37.37 -45.12
C SER B 507 35.96 38.49 -44.25
N ASN B 508 36.40 38.11 -43.04
CA ASN B 508 36.90 39.05 -42.05
C ASN B 508 38.30 39.55 -42.45
N THR B 509 38.36 40.18 -43.61
CA THR B 509 39.63 40.73 -44.07
C THR B 509 39.50 42.20 -44.43
N LEU B 510 38.41 42.59 -45.10
CA LEU B 510 38.28 43.99 -45.49
C LEU B 510 37.08 44.64 -44.86
N THR B 511 35.89 44.07 -45.10
CA THR B 511 34.68 44.65 -44.52
C THR B 511 34.64 44.57 -43.02
N GLU B 512 35.06 43.46 -42.43
CA GLU B 512 35.16 43.38 -40.98
C GLU B 512 35.90 44.59 -40.43
N ARG B 513 37.14 44.80 -40.88
CA ARG B 513 37.98 45.84 -40.32
C ARG B 513 37.43 47.24 -40.54
N VAL B 514 37.02 47.58 -41.76
CA VAL B 514 36.60 48.95 -42.02
C VAL B 514 35.39 49.33 -41.17
N ARG B 515 34.49 48.39 -40.91
CA ARG B 515 33.38 48.65 -40.01
C ARG B 515 33.81 48.75 -38.56
N ARG B 516 34.95 48.15 -38.21
CA ARG B 516 35.45 48.29 -36.85
C ARG B 516 36.06 49.65 -36.56
N ASN B 517 36.74 50.26 -37.52
CA ASN B 517 37.37 51.55 -37.32
C ASN B 517 36.95 52.47 -38.46
N PRO B 518 35.70 52.91 -38.47
CA PRO B 518 35.21 53.71 -39.60
C PRO B 518 35.98 54.99 -39.83
N TYR B 519 36.99 55.28 -39.02
CA TYR B 519 37.85 56.43 -39.25
C TYR B 519 39.21 56.06 -39.80
N SER B 520 39.54 54.78 -39.88
CA SER B 520 40.89 54.36 -40.25
C SER B 520 41.25 54.85 -41.65
N ILE B 521 42.54 54.70 -41.97
CA ILE B 521 43.07 55.07 -43.27
C ILE B 521 43.53 53.82 -43.99
N ILE B 522 43.21 53.73 -45.28
CA ILE B 522 43.56 52.57 -46.08
C ILE B 522 44.48 53.02 -47.20
N LEU B 523 45.55 52.27 -47.42
CA LEU B 523 46.61 52.62 -48.33
C LEU B 523 46.76 51.50 -49.35
N LEU B 524 46.83 51.86 -50.62
CA LEU B 524 46.94 50.90 -51.71
C LEU B 524 48.21 51.21 -52.51
N ASP B 525 49.22 50.37 -52.34
CA ASP B 525 50.51 50.62 -52.95
C ASP B 525 50.49 50.29 -54.44
N ALA B 526 51.07 51.19 -55.25
CA ALA B 526 51.50 50.84 -56.60
C ALA B 526 50.37 50.20 -57.39
N ILE B 527 49.37 50.97 -57.79
CA ILE B 527 48.10 50.38 -58.22
C ILE B 527 47.85 50.44 -59.72
N GLU B 528 48.87 50.42 -60.59
CA GLU B 528 48.52 50.18 -62.00
C GLU B 528 47.81 48.82 -62.05
N LYS B 529 48.35 47.79 -61.41
CA LYS B 529 49.76 47.40 -61.46
C LYS B 529 49.70 45.89 -61.48
N ALA B 530 48.59 45.39 -60.97
CA ALA B 530 48.36 43.95 -60.93
C ALA B 530 47.33 43.54 -61.96
N ASP B 531 46.98 42.26 -61.93
CA ASP B 531 45.96 41.73 -62.83
C ASP B 531 44.64 42.50 -62.76
N PRO B 532 44.11 42.85 -61.58
CA PRO B 532 42.79 43.49 -61.56
C PRO B 532 42.84 44.94 -61.99
N GLN B 533 41.90 45.32 -62.86
CA GLN B 533 41.67 46.72 -63.19
C GLN B 533 40.50 47.25 -62.38
N VAL B 534 40.69 47.24 -61.06
CA VAL B 534 39.62 47.58 -60.12
C VAL B 534 39.58 49.10 -60.06
N ILE B 535 38.80 49.68 -60.96
CA ILE B 535 38.48 51.10 -60.92
C ILE B 535 37.02 51.23 -60.51
N THR B 536 36.14 50.56 -61.23
CA THR B 536 34.72 50.73 -61.02
C THR B 536 34.22 50.15 -59.71
N LEU B 537 34.77 49.02 -59.26
CA LEU B 537 34.32 48.47 -57.99
C LEU B 537 34.53 49.48 -56.86
N LEU B 538 35.56 50.31 -56.99
CA LEU B 538 35.80 51.35 -56.00
C LEU B 538 34.87 52.54 -56.17
N LEU B 539 34.41 52.82 -57.39
CA LEU B 539 33.62 54.01 -57.63
C LEU B 539 32.43 54.13 -56.68
N GLN B 540 31.88 52.99 -56.25
CA GLN B 540 30.76 53.03 -55.31
C GLN B 540 31.10 53.87 -54.09
N VAL B 541 32.23 53.59 -53.44
CA VAL B 541 32.66 54.49 -52.38
C VAL B 541 33.12 55.81 -52.99
N LEU B 542 33.86 55.76 -54.10
CA LEU B 542 34.44 56.96 -54.68
C LEU B 542 33.34 57.95 -55.07
N ASP B 543 32.11 57.47 -55.19
CA ASP B 543 30.98 58.36 -55.35
C ASP B 543 30.38 58.75 -54.01
N ASP B 544 30.01 57.76 -53.19
CA ASP B 544 29.15 58.06 -52.04
C ASP B 544 29.55 57.34 -50.76
N GLY B 545 30.57 56.49 -50.78
CA GLY B 545 31.03 55.84 -49.58
C GLY B 545 30.19 54.68 -49.12
N ARG B 546 29.06 54.42 -49.77
CA ARG B 546 28.22 53.27 -49.47
C ARG B 546 28.56 52.18 -50.47
N LEU B 547 29.00 51.03 -49.97
CA LEU B 547 29.40 49.96 -50.87
C LEU B 547 28.96 48.62 -50.33
N THR B 548 28.39 47.80 -51.20
CA THR B 548 27.77 46.54 -50.82
C THR B 548 28.81 45.45 -50.60
N ASP B 549 28.46 44.49 -49.78
CA ASP B 549 29.32 43.35 -49.50
C ASP B 549 28.87 42.16 -50.33
N GLY B 550 29.47 41.00 -50.06
CA GLY B 550 29.03 39.77 -50.69
C GLY B 550 27.75 39.21 -50.12
N GLN B 551 27.13 39.90 -49.18
CA GLN B 551 25.83 39.50 -48.65
C GLN B 551 24.76 40.54 -48.89
N GLY B 552 25.09 41.63 -49.58
CA GLY B 552 24.14 42.69 -49.81
C GLY B 552 24.20 43.82 -48.80
N ASN B 553 24.84 43.62 -47.65
CA ASN B 553 24.96 44.69 -46.68
C ASN B 553 25.87 45.78 -47.23
N THR B 554 25.47 47.02 -47.00
CA THR B 554 26.26 48.17 -47.44
C THR B 554 27.05 48.69 -46.26
N VAL B 555 28.30 49.04 -46.51
CA VAL B 555 29.15 49.65 -45.50
C VAL B 555 29.41 51.09 -45.91
N ASN B 556 29.34 51.98 -44.94
CA ASN B 556 29.62 53.40 -45.15
C ASN B 556 31.12 53.60 -45.08
N PHE B 557 31.63 54.52 -45.90
CA PHE B 557 33.03 54.91 -45.86
C PHE B 557 33.17 56.40 -45.63
N LYS B 558 32.24 56.98 -44.88
CA LYS B 558 32.18 58.43 -44.75
C LYS B 558 33.42 59.01 -44.10
N ASN B 559 33.92 58.36 -43.06
CA ASN B 559 34.95 58.94 -42.22
C ASN B 559 36.32 58.32 -42.44
N THR B 560 36.55 57.74 -43.61
CA THR B 560 37.83 57.10 -43.89
C THR B 560 38.60 57.89 -44.94
N VAL B 561 39.89 57.60 -45.02
CA VAL B 561 40.79 58.19 -46.00
C VAL B 561 41.38 57.07 -46.83
N ILE B 562 41.43 57.27 -48.14
CA ILE B 562 42.01 56.32 -49.08
C ILE B 562 43.19 57.00 -49.76
N ILE B 563 44.36 56.40 -49.64
CA ILE B 563 45.56 56.89 -50.28
C ILE B 563 46.15 55.77 -51.11
N ALA B 564 46.43 56.04 -52.37
CA ALA B 564 47.00 55.05 -53.26
C ALA B 564 48.22 55.60 -53.95
N THR B 565 49.14 54.71 -54.32
CA THR B 565 50.45 55.11 -54.83
C THR B 565 50.68 54.52 -56.21
N SER B 566 51.73 55.01 -56.87
CA SER B 566 52.07 54.61 -58.23
C SER B 566 53.51 55.01 -58.54
N ASN B 567 53.94 54.71 -59.76
CA ASN B 567 55.29 54.95 -60.24
C ASN B 567 55.29 56.15 -61.17
N ALA B 568 56.12 57.16 -60.85
CA ALA B 568 56.27 58.34 -61.69
C ALA B 568 57.49 58.29 -62.57
N GLY B 569 57.95 57.11 -62.96
CA GLY B 569 59.29 56.97 -63.50
C GLY B 569 60.31 57.01 -62.40
N PHE B 570 61.58 56.95 -62.81
CA PHE B 570 62.66 56.91 -61.84
C PHE B 570 63.96 57.37 -62.51
N GLY B 571 64.75 58.11 -61.73
CA GLY B 571 66.07 58.51 -62.19
C GLY B 571 67.12 57.52 -61.73
N TYR B 572 68.13 58.00 -61.03
CA TYR B 572 68.30 59.42 -60.76
C TYR B 572 69.69 59.85 -61.23
N GLU B 573 69.75 60.99 -61.92
CA GLU B 573 70.98 61.43 -62.54
C GLU B 573 71.68 62.67 -61.95
N ALA B 574 71.38 63.15 -60.73
CA ALA B 574 70.34 62.73 -59.79
C ALA B 574 69.04 63.47 -60.07
N ASN B 575 69.15 64.81 -60.09
CA ASN B 575 68.00 65.67 -60.34
C ASN B 575 67.91 66.12 -61.79
N LEU B 576 68.83 65.69 -62.66
CA LEU B 576 68.78 66.11 -64.05
C LEU B 576 67.60 65.48 -64.79
N THR B 577 67.19 64.28 -64.38
CA THR B 577 66.00 63.64 -64.93
C THR B 577 64.97 63.31 -63.86
N GLU B 578 65.03 63.98 -62.70
CA GLU B 578 64.01 63.76 -61.68
C GLU B 578 62.65 64.26 -62.15
N ASP B 579 62.61 65.31 -62.96
CA ASP B 579 61.36 65.83 -63.50
C ASP B 579 61.71 66.64 -64.75
N ALA B 580 61.35 66.10 -65.92
CA ALA B 580 61.66 66.77 -67.18
C ALA B 580 60.56 67.74 -67.61
N ASP B 581 59.30 67.32 -67.48
CA ASP B 581 58.18 68.19 -67.81
C ASP B 581 56.92 67.61 -67.17
N LYS B 582 55.89 68.45 -67.06
CA LYS B 582 54.62 68.00 -66.47
C LYS B 582 53.97 66.86 -67.24
N PRO B 583 53.85 66.92 -68.58
CA PRO B 583 53.23 65.77 -69.28
C PRO B 583 54.15 64.57 -69.42
N GLU B 584 55.47 64.77 -69.22
CA GLU B 584 56.40 63.64 -69.08
C GLU B 584 55.89 62.63 -68.06
N LEU B 585 54.92 63.04 -67.24
CA LEU B 585 54.22 62.15 -66.34
C LEU B 585 52.86 61.72 -66.86
N MET B 586 51.90 62.64 -66.99
CA MET B 586 50.53 62.20 -67.25
C MET B 586 50.43 61.45 -68.57
N ASP B 587 51.12 61.91 -69.60
CA ASP B 587 50.97 61.29 -70.91
C ASP B 587 51.41 59.84 -70.86
N ARG B 588 52.47 59.56 -70.11
CA ARG B 588 52.83 58.18 -69.84
C ARG B 588 51.78 57.49 -69.00
N LEU B 589 51.26 58.16 -67.98
CA LEU B 589 50.26 57.52 -67.13
C LEU B 589 48.93 57.33 -67.83
N LYS B 590 48.69 58.02 -68.95
CA LYS B 590 47.44 57.76 -69.66
C LYS B 590 47.28 56.31 -70.09
N PRO B 591 48.27 55.66 -70.71
CA PRO B 591 48.18 54.20 -70.87
C PRO B 591 48.39 53.44 -69.59
N PHE B 592 48.87 54.09 -68.52
CA PHE B 592 49.12 53.41 -67.25
C PHE B 592 47.92 53.50 -66.32
N PHE B 593 47.42 54.71 -66.10
CA PHE B 593 46.23 54.93 -65.28
C PHE B 593 45.11 55.42 -66.18
N ARG B 594 43.96 54.79 -66.06
CA ARG B 594 42.81 55.16 -66.87
C ARG B 594 42.38 56.59 -66.53
N PRO B 595 42.13 57.44 -67.54
CA PRO B 595 41.81 58.85 -67.25
C PRO B 595 40.62 59.02 -66.33
N GLU B 596 39.61 58.16 -66.45
CA GLU B 596 38.48 58.25 -65.54
C GLU B 596 38.88 58.01 -64.10
N PHE B 597 39.71 57.00 -63.83
CA PHE B 597 40.17 56.76 -62.47
C PHE B 597 40.99 57.92 -61.95
N LEU B 598 41.70 58.61 -62.84
CA LEU B 598 42.35 59.86 -62.47
C LEU B 598 41.34 60.90 -62.06
N ASN B 599 40.30 61.11 -62.86
CA ASN B 599 39.35 62.19 -62.63
C ASN B 599 38.53 62.02 -61.35
N ARG B 600 38.55 60.83 -60.75
CA ARG B 600 37.78 60.56 -59.54
C ARG B 600 38.45 61.09 -58.28
N PHE B 601 39.72 61.44 -58.33
CA PHE B 601 40.45 61.72 -57.11
C PHE B 601 40.36 63.18 -56.73
N ASN B 602 40.48 63.44 -55.42
CA ASN B 602 40.63 64.80 -54.95
C ASN B 602 41.89 65.45 -55.49
N ALA B 603 42.99 64.70 -55.53
CA ALA B 603 44.24 65.19 -56.11
C ALA B 603 45.24 64.05 -56.23
N VAL B 604 46.22 64.27 -57.10
CA VAL B 604 47.39 63.43 -57.23
C VAL B 604 48.62 64.29 -56.98
N ILE B 605 49.60 63.73 -56.30
CA ILE B 605 50.86 64.39 -55.98
C ILE B 605 51.96 63.43 -56.40
N GLU B 606 53.16 63.98 -56.61
CA GLU B 606 54.25 63.16 -57.14
C GLU B 606 55.46 63.21 -56.21
N PHE B 607 56.28 62.18 -56.30
CA PHE B 607 57.56 62.07 -55.60
C PHE B 607 58.69 62.10 -56.62
N SER B 608 59.11 63.30 -57.00
CA SER B 608 60.25 63.46 -57.87
C SER B 608 61.50 63.91 -57.13
N HIS B 609 61.47 63.87 -55.80
CA HIS B 609 62.41 64.64 -55.00
C HIS B 609 63.57 63.78 -54.53
N LEU B 610 64.77 64.07 -55.06
CA LEU B 610 65.98 63.38 -54.64
C LEU B 610 67.17 64.22 -55.04
N THR B 611 67.90 64.74 -54.07
CA THR B 611 68.96 65.72 -54.31
C THR B 611 70.07 65.48 -53.30
N LYS B 612 70.90 66.51 -53.06
CA LYS B 612 71.98 66.40 -52.09
C LYS B 612 72.02 67.53 -51.07
N GLU B 613 71.60 68.75 -51.42
CA GLU B 613 71.72 69.87 -50.51
C GLU B 613 70.74 69.78 -49.35
N ASP B 614 69.56 69.23 -49.57
CA ASP B 614 68.52 69.15 -48.56
C ASP B 614 68.62 67.89 -47.74
N LEU B 615 69.64 67.07 -47.99
CA LEU B 615 69.77 65.76 -47.38
C LEU B 615 70.59 65.80 -46.09
N SER B 616 71.23 66.93 -45.78
CA SER B 616 71.81 67.09 -44.45
C SER B 616 70.73 67.07 -43.39
N LYS B 617 69.55 67.59 -43.73
CA LYS B 617 68.46 67.65 -42.77
C LYS B 617 68.05 66.24 -42.35
N ILE B 618 67.91 65.32 -43.30
CA ILE B 618 67.63 63.95 -42.91
C ILE B 618 68.80 63.37 -42.15
N VAL B 619 70.03 63.84 -42.45
CA VAL B 619 71.20 63.35 -41.73
C VAL B 619 71.07 63.63 -40.25
N ASP B 620 70.79 64.87 -39.88
CA ASP B 620 70.68 65.14 -38.45
C ASP B 620 69.40 64.55 -37.87
N LEU B 621 68.41 64.26 -38.73
CA LEU B 621 67.27 63.50 -38.24
C LEU B 621 67.69 62.11 -37.75
N MET B 622 68.42 61.37 -38.59
CA MET B 622 68.92 60.08 -38.11
C MET B 622 69.89 60.24 -36.95
N LEU B 623 70.70 61.29 -36.94
CA LEU B 623 71.57 61.50 -35.79
C LEU B 623 70.76 61.67 -34.52
N ALA B 624 69.63 62.39 -34.63
CA ALA B 624 68.74 62.55 -33.50
C ALA B 624 68.22 61.21 -33.02
N GLU B 625 67.75 60.35 -33.95
CA GLU B 625 67.22 59.08 -33.48
C GLU B 625 68.33 58.20 -32.90
N VAL B 626 69.54 58.33 -33.44
CA VAL B 626 70.66 57.56 -32.90
C VAL B 626 70.91 57.94 -31.46
N ASN B 627 71.00 59.24 -31.18
CA ASN B 627 71.21 59.65 -29.80
C ASN B 627 70.02 59.31 -28.92
N GLN B 628 68.82 59.34 -29.49
CA GLN B 628 67.64 58.89 -28.77
C GLN B 628 67.77 57.43 -28.35
N THR B 629 68.21 56.59 -29.28
CA THR B 629 68.41 55.18 -28.96
C THR B 629 69.48 55.01 -27.90
N LEU B 630 70.56 55.78 -28.02
CA LEU B 630 71.62 55.72 -27.03
C LEU B 630 71.15 56.15 -25.65
N ALA B 631 70.14 57.01 -25.60
CA ALA B 631 69.67 57.51 -24.31
C ALA B 631 69.20 56.39 -23.40
N LYS B 632 68.86 55.22 -23.97
CA LYS B 632 68.48 54.09 -23.13
C LYS B 632 69.61 53.68 -22.20
N LYS B 633 70.85 53.79 -22.64
CA LYS B 633 72.00 53.43 -21.83
C LYS B 633 72.74 54.65 -21.30
N ASP B 634 72.09 55.81 -21.29
CA ASP B 634 72.67 57.04 -20.73
C ASP B 634 73.91 57.47 -21.50
N ILE B 635 73.89 57.24 -22.81
CA ILE B 635 75.05 57.49 -23.66
C ILE B 635 74.69 58.61 -24.63
N ASP B 636 75.60 59.57 -24.78
CA ASP B 636 75.42 60.70 -25.69
C ASP B 636 76.56 60.68 -26.71
N LEU B 637 76.19 60.76 -27.98
CA LEU B 637 77.16 60.81 -29.06
C LEU B 637 77.16 62.19 -29.70
N VAL B 638 78.34 62.73 -29.96
CA VAL B 638 78.48 63.98 -30.68
C VAL B 638 79.06 63.69 -32.05
N VAL B 639 78.57 64.39 -33.07
CA VAL B 639 78.97 64.18 -34.45
C VAL B 639 79.56 65.48 -35.00
N SER B 640 80.74 65.39 -35.59
CA SER B 640 81.36 66.54 -36.23
C SER B 640 80.68 66.84 -37.56
N GLN B 641 80.76 68.12 -37.95
CA GLN B 641 80.21 68.53 -39.24
C GLN B 641 80.92 67.84 -40.40
N ALA B 642 82.23 67.70 -40.30
CA ALA B 642 82.96 67.00 -41.36
C ALA B 642 82.50 65.56 -41.49
N ALA B 643 82.21 64.92 -40.36
CA ALA B 643 81.62 63.60 -40.41
C ALA B 643 80.29 63.62 -41.15
N LYS B 644 79.48 64.65 -40.90
CA LYS B 644 78.21 64.78 -41.61
C LYS B 644 78.44 64.90 -43.11
N ASP B 645 79.40 65.72 -43.51
CA ASP B 645 79.69 65.90 -44.93
C ASP B 645 80.12 64.59 -45.57
N TYR B 646 81.00 63.85 -44.88
CA TYR B 646 81.45 62.59 -45.41
C TYR B 646 80.31 61.57 -45.50
N ILE B 647 79.45 61.54 -44.49
CA ILE B 647 78.30 60.62 -44.53
C ILE B 647 77.42 60.95 -45.71
N THR B 648 77.12 62.23 -45.91
CA THR B 648 76.34 62.65 -47.06
C THR B 648 76.98 62.16 -48.35
N GLU B 649 78.29 62.40 -48.50
CA GLU B 649 78.96 61.98 -49.72
C GLU B 649 78.90 60.47 -49.89
N GLU B 650 78.99 59.73 -48.79
CA GLU B 650 78.85 58.28 -48.86
C GLU B 650 77.47 57.88 -49.35
N GLY B 651 76.43 58.41 -48.73
CA GLY B 651 75.07 58.09 -49.10
C GLY B 651 74.59 58.69 -50.38
N TYR B 652 75.39 59.58 -51.00
CA TYR B 652 74.95 60.18 -52.25
C TYR B 652 75.17 59.23 -53.41
N ASP B 653 74.67 58.00 -53.29
CA ASP B 653 74.43 57.16 -54.44
C ASP B 653 73.09 57.60 -55.02
N GLU B 654 73.06 58.87 -55.42
CA GLU B 654 71.82 59.55 -55.78
C GLU B 654 71.33 59.04 -57.13
N VAL B 655 70.95 57.77 -57.12
CA VAL B 655 70.44 57.11 -58.33
C VAL B 655 69.04 56.58 -58.17
N MET B 656 68.61 56.18 -56.97
CA MET B 656 67.25 55.70 -56.78
C MET B 656 66.55 56.38 -55.60
N GLY B 657 67.26 56.56 -54.49
CA GLY B 657 66.61 57.06 -53.30
C GLY B 657 67.57 57.15 -52.12
N VAL B 658 66.98 57.22 -50.93
CA VAL B 658 67.72 57.56 -49.71
C VAL B 658 67.90 56.34 -48.79
N ARG B 659 67.61 55.15 -49.27
CA ARG B 659 67.89 53.97 -48.43
C ARG B 659 69.36 53.84 -48.08
N PRO B 660 70.31 53.95 -49.01
CA PRO B 660 71.73 53.92 -48.61
C PRO B 660 72.10 55.07 -47.69
N LEU B 661 71.38 56.18 -47.73
CA LEU B 661 71.68 57.28 -46.82
C LEU B 661 71.53 56.85 -45.37
N ARG B 662 70.47 56.10 -45.07
CA ARG B 662 70.35 55.44 -43.78
C ARG B 662 71.36 54.31 -43.64
N ARG B 663 71.60 53.57 -44.73
CA ARG B 663 72.42 52.37 -44.64
C ARG B 663 73.84 52.68 -44.19
N VAL B 664 74.41 53.80 -44.65
CA VAL B 664 75.80 54.12 -44.35
C VAL B 664 76.04 54.36 -42.87
N VAL B 665 75.01 54.74 -42.13
CA VAL B 665 75.11 54.77 -40.67
C VAL B 665 74.37 53.62 -40.02
N GLU B 666 73.74 52.75 -40.80
CA GLU B 666 72.92 51.68 -40.27
C GLU B 666 73.72 50.77 -39.35
N GLN B 667 75.00 50.60 -39.65
CA GLN B 667 75.86 49.75 -38.84
C GLN B 667 77.20 50.39 -38.51
N GLU B 668 77.68 51.31 -39.35
CA GLU B 668 79.04 51.81 -39.21
C GLU B 668 79.20 52.57 -37.90
N ILE B 669 78.21 53.38 -37.54
CA ILE B 669 78.27 54.09 -36.28
C ILE B 669 78.16 53.10 -35.12
N ARG B 670 77.18 52.22 -35.18
CA ARG B 670 76.91 51.33 -34.06
C ARG B 670 77.97 50.25 -33.94
N ASP B 671 78.67 49.93 -35.04
CA ASP B 671 79.79 49.01 -34.93
C ASP B 671 80.91 49.60 -34.09
N LYS B 672 81.24 50.87 -34.31
CA LYS B 672 82.20 51.56 -33.45
C LYS B 672 81.69 51.63 -32.02
N VAL B 673 80.41 51.95 -31.85
CA VAL B 673 79.82 52.05 -30.52
C VAL B 673 79.94 50.72 -29.79
N THR B 674 79.84 49.61 -30.53
CA THR B 674 80.02 48.31 -29.93
C THR B 674 81.35 48.20 -29.20
N ASP B 675 82.44 48.54 -29.88
CA ASP B 675 83.75 48.42 -29.27
C ASP B 675 83.97 49.45 -28.18
N PHE B 676 83.47 50.68 -28.38
CA PHE B 676 83.63 51.68 -27.34
C PHE B 676 82.85 51.31 -26.09
N HIS B 677 81.77 50.53 -26.24
CA HIS B 677 81.00 50.11 -25.08
C HIS B 677 81.73 49.06 -24.25
N LEU B 678 82.72 48.39 -24.82
CA LEU B 678 83.56 47.51 -24.04
C LEU B 678 84.32 48.26 -22.96
N ASP B 679 84.46 49.57 -23.12
CA ASP B 679 84.97 50.46 -22.08
C ASP B 679 83.85 50.66 -21.04
N HIS B 680 84.14 51.08 -19.80
CA HIS B 680 85.24 51.93 -19.31
C HIS B 680 85.10 53.24 -20.04
N LEU B 681 83.85 53.64 -20.22
CA LEU B 681 83.48 54.60 -21.24
C LEU B 681 82.87 55.85 -20.61
N ASP B 682 83.35 57.01 -21.05
CA ASP B 682 82.72 58.30 -20.74
C ASP B 682 81.61 58.48 -21.76
N ALA B 683 80.40 58.08 -21.38
CA ALA B 683 79.27 58.16 -22.30
C ALA B 683 78.98 59.59 -22.74
N LYS B 684 79.35 60.57 -21.91
CA LYS B 684 79.12 61.98 -22.22
C LYS B 684 80.10 62.51 -23.26
N HIS B 685 81.27 61.88 -23.37
CA HIS B 685 82.38 62.43 -24.15
C HIS B 685 82.41 61.98 -25.60
N LEU B 686 81.64 60.97 -25.97
CA LEU B 686 81.78 60.35 -27.28
C LEU B 686 81.50 61.36 -28.39
N GLU B 687 82.57 61.76 -29.08
CA GLU B 687 82.47 62.67 -30.21
C GLU B 687 83.09 61.98 -31.42
N ALA B 688 82.35 61.98 -32.53
CA ALA B 688 82.75 61.28 -33.75
C ALA B 688 83.25 62.27 -34.79
N ASP B 689 84.39 61.95 -35.40
CA ASP B 689 84.94 62.72 -36.50
C ASP B 689 85.48 61.76 -37.56
N MET B 690 86.11 62.34 -38.57
CA MET B 690 86.48 61.63 -39.79
C MET B 690 87.96 61.73 -40.06
N GLU B 691 88.58 60.58 -40.31
CA GLU B 691 89.99 60.52 -40.70
C GLU B 691 90.06 59.70 -41.97
N ASP B 692 90.08 60.38 -43.12
CA ASP B 692 90.27 59.72 -44.42
C ASP B 692 89.20 58.65 -44.65
N GLY B 693 87.95 59.00 -44.32
CA GLY B 693 86.85 58.07 -44.47
C GLY B 693 86.73 57.06 -43.36
N VAL B 694 87.49 57.20 -42.28
CA VAL B 694 87.40 56.27 -41.16
C VAL B 694 86.81 56.99 -39.95
N LEU B 695 85.80 56.38 -39.33
CA LEU B 695 85.13 56.97 -38.18
C LEU B 695 86.03 56.87 -36.96
N VAL B 696 86.28 58.01 -36.31
CA VAL B 696 87.15 58.06 -35.15
C VAL B 696 86.40 58.78 -34.03
N ILE B 697 86.16 58.09 -32.93
CA ILE B 697 85.36 58.62 -31.83
C ILE B 697 86.23 58.70 -30.60
N ARG B 698 86.11 59.80 -29.87
CA ARG B 698 86.77 59.95 -28.59
C ARG B 698 85.75 60.34 -27.53
N LEU C 76 -17.37 26.64 -30.62
CA LEU C 76 -16.34 27.25 -31.43
C LEU C 76 -15.22 27.72 -30.53
N ALA C 77 -14.87 29.00 -30.67
CA ALA C 77 -14.00 29.70 -29.72
C ALA C 77 -12.70 28.95 -29.47
N LYS C 78 -12.18 28.32 -30.52
CA LYS C 78 -10.91 27.60 -30.45
C LYS C 78 -10.02 28.12 -31.56
N LEU C 79 -9.10 29.01 -31.21
CA LEU C 79 -8.19 29.63 -32.17
C LEU C 79 -8.95 30.29 -33.31
N GLY C 80 -10.07 30.94 -32.97
CA GLY C 80 -10.87 31.54 -34.02
C GLY C 80 -12.00 32.35 -33.44
N ARG C 81 -12.79 32.93 -34.34
CA ARG C 81 -13.87 33.80 -33.94
C ARG C 81 -15.08 33.61 -34.83
N ASN C 82 -16.26 33.60 -34.23
CA ASN C 82 -17.51 33.52 -34.96
C ASN C 82 -17.92 34.92 -35.39
N LEU C 83 -17.73 35.24 -36.66
CA LEU C 83 -18.14 36.55 -37.15
C LEU C 83 -19.65 36.72 -37.17
N THR C 84 -20.39 35.64 -37.43
CA THR C 84 -21.84 35.73 -37.43
C THR C 84 -22.37 36.10 -36.06
N ALA C 85 -21.76 35.56 -35.00
CA ALA C 85 -22.19 35.89 -33.65
C ALA C 85 -22.05 37.37 -33.39
N GLU C 86 -20.92 37.97 -33.77
CA GLU C 86 -20.77 39.41 -33.63
C GLU C 86 -21.78 40.14 -34.50
N ALA C 87 -22.05 39.61 -35.70
CA ALA C 87 -22.98 40.26 -36.60
C ALA C 87 -24.37 40.37 -35.98
N ARG C 88 -24.82 39.32 -35.31
CA ARG C 88 -26.12 39.36 -34.65
C ARG C 88 -26.19 40.50 -33.65
N GLU C 89 -25.09 40.75 -32.96
CA GLU C 89 -25.04 41.76 -31.92
C GLU C 89 -24.99 43.16 -32.47
N GLY C 90 -24.78 43.34 -33.77
CA GLY C 90 -24.59 44.66 -34.32
C GLY C 90 -23.27 45.28 -33.98
N LYS C 91 -22.27 44.46 -33.65
CA LYS C 91 -20.96 44.95 -33.24
C LYS C 91 -20.05 45.26 -34.43
N LEU C 92 -20.53 45.09 -35.65
CA LEU C 92 -19.69 45.17 -36.83
C LEU C 92 -20.10 46.35 -37.71
N ASP C 93 -19.10 47.04 -38.24
CA ASP C 93 -19.36 48.26 -38.99
C ASP C 93 -20.06 47.93 -40.30
N PRO C 94 -20.93 48.81 -40.79
CA PRO C 94 -21.56 48.57 -42.09
C PRO C 94 -20.52 48.63 -43.20
N VAL C 95 -20.61 47.67 -44.11
CA VAL C 95 -19.71 47.60 -45.25
C VAL C 95 -20.34 48.37 -46.41
N ILE C 96 -19.57 49.26 -47.02
CA ILE C 96 -20.10 50.30 -47.89
C ILE C 96 -19.54 50.12 -49.30
N GLY C 97 -20.42 50.19 -50.29
CA GLY C 97 -20.00 50.28 -51.67
C GLY C 97 -19.49 49.01 -52.30
N ARG C 98 -19.77 47.86 -51.69
CA ARG C 98 -19.22 46.60 -52.19
C ARG C 98 -20.30 45.71 -52.81
N ASN C 99 -21.40 46.30 -53.28
CA ASN C 99 -22.63 45.55 -53.47
C ASN C 99 -22.45 44.25 -54.25
N LYS C 100 -22.23 44.35 -55.55
CA LYS C 100 -22.23 43.10 -56.32
C LYS C 100 -21.09 42.20 -55.87
N GLU C 101 -19.92 42.79 -55.62
CA GLU C 101 -18.76 42.00 -55.26
C GLU C 101 -19.03 41.09 -54.08
N ILE C 102 -19.94 41.46 -53.19
CA ILE C 102 -20.17 40.56 -52.07
C ILE C 102 -21.13 39.46 -52.46
N GLN C 103 -22.27 39.83 -53.05
CA GLN C 103 -23.32 38.84 -53.23
C GLN C 103 -23.06 37.99 -54.46
N GLU C 104 -22.23 38.49 -55.37
CA GLU C 104 -21.67 37.61 -56.39
C GLU C 104 -21.00 36.40 -55.76
N ALA C 105 -20.38 36.58 -54.59
CA ALA C 105 -19.78 35.45 -53.88
C ALA C 105 -20.79 34.35 -53.63
N SER C 106 -22.00 34.71 -53.22
CA SER C 106 -23.04 33.71 -53.00
C SER C 106 -23.26 32.85 -54.24
N GLU C 107 -23.10 33.44 -55.42
CA GLU C 107 -23.33 32.71 -56.66
C GLU C 107 -22.36 31.54 -56.81
N ILE C 108 -21.27 31.51 -56.05
CA ILE C 108 -20.40 30.36 -56.02
C ILE C 108 -20.81 29.38 -54.93
N LEU C 109 -21.14 29.91 -53.74
CA LEU C 109 -21.40 29.03 -52.61
C LEU C 109 -22.66 28.19 -52.82
N SER C 110 -23.62 28.71 -53.56
CA SER C 110 -24.89 28.01 -53.73
C SER C 110 -24.77 26.72 -54.51
N ARG C 111 -23.62 26.46 -55.14
CA ARG C 111 -23.49 25.27 -55.96
C ARG C 111 -23.22 24.04 -55.11
N ARG C 112 -23.55 22.88 -55.67
CA ARG C 112 -23.29 21.63 -54.98
C ARG C 112 -21.81 21.29 -54.98
N THR C 113 -21.13 21.49 -56.11
CA THR C 113 -19.69 21.37 -56.19
C THR C 113 -19.12 22.66 -56.72
N LYS C 114 -17.80 22.69 -56.87
CA LYS C 114 -17.10 23.87 -57.38
C LYS C 114 -17.54 25.10 -56.61
N ASN C 115 -17.24 25.10 -55.32
CA ASN C 115 -17.86 26.00 -54.37
C ASN C 115 -16.87 26.53 -53.35
N ASN C 116 -15.70 26.94 -53.83
CA ASN C 116 -14.63 27.43 -52.97
C ASN C 116 -14.12 28.74 -53.55
N PRO C 117 -14.80 29.84 -53.29
CA PRO C 117 -14.35 31.12 -53.82
C PRO C 117 -13.25 31.73 -52.98
N VAL C 118 -12.28 32.34 -53.66
CA VAL C 118 -11.21 33.08 -53.02
C VAL C 118 -11.18 34.48 -53.62
N LEU C 119 -11.00 35.47 -52.75
CA LEU C 119 -10.94 36.85 -53.17
C LEU C 119 -9.49 37.18 -53.54
N VAL C 120 -9.29 37.73 -54.73
CA VAL C 120 -7.95 37.99 -55.24
C VAL C 120 -7.79 39.49 -55.42
N GLY C 121 -6.63 40.00 -55.06
CA GLY C 121 -6.34 41.41 -55.24
C GLY C 121 -5.21 41.83 -54.33
N ASP C 122 -4.82 43.09 -54.48
CA ASP C 122 -3.73 43.62 -53.68
C ASP C 122 -4.22 43.98 -52.28
N ALA C 123 -3.28 44.10 -51.35
CA ALA C 123 -3.60 44.38 -49.96
C ALA C 123 -4.03 45.83 -49.79
N GLY C 124 -4.54 46.13 -48.60
CA GLY C 124 -4.99 47.47 -48.32
C GLY C 124 -6.18 47.91 -49.13
N VAL C 125 -7.09 46.99 -49.46
CA VAL C 125 -8.24 47.31 -50.28
C VAL C 125 -9.54 46.95 -49.58
N GLY C 126 -9.53 46.82 -48.26
CA GLY C 126 -10.68 46.31 -47.58
C GLY C 126 -10.98 44.87 -47.91
N LYS C 127 -9.94 44.03 -47.98
CA LYS C 127 -10.12 42.67 -48.46
C LYS C 127 -11.07 41.89 -47.57
N THR C 128 -10.86 41.93 -46.25
CA THR C 128 -11.78 41.25 -45.36
C THR C 128 -13.15 41.91 -45.33
N ALA C 129 -13.20 43.23 -45.47
CA ALA C 129 -14.47 43.95 -45.40
C ALA C 129 -15.53 43.28 -46.23
N VAL C 130 -15.15 42.61 -47.32
CA VAL C 130 -16.11 41.87 -48.12
C VAL C 130 -16.74 40.76 -47.29
N VAL C 131 -15.93 39.99 -46.57
CA VAL C 131 -16.51 38.85 -45.86
C VAL C 131 -17.31 39.32 -44.65
N GLU C 132 -16.87 40.38 -43.97
CA GLU C 132 -17.76 40.89 -42.93
C GLU C 132 -19.09 41.37 -43.51
N GLY C 133 -19.05 42.03 -44.67
CA GLY C 133 -20.29 42.41 -45.32
C GLY C 133 -21.14 41.21 -45.68
N LEU C 134 -20.49 40.10 -46.05
CA LEU C 134 -21.24 38.90 -46.33
C LEU C 134 -21.97 38.41 -45.09
N ALA C 135 -21.29 38.40 -43.94
CA ALA C 135 -21.95 38.01 -42.71
C ALA C 135 -23.11 38.95 -42.39
N GLN C 136 -22.89 40.24 -42.59
CA GLN C 136 -23.95 41.22 -42.39
C GLN C 136 -25.17 40.89 -43.23
N ALA C 137 -24.95 40.60 -44.51
CA ALA C 137 -26.07 40.26 -45.39
C ALA C 137 -26.75 38.97 -44.97
N ILE C 138 -25.98 37.98 -44.55
CA ILE C 138 -26.57 36.73 -44.08
C ILE C 138 -27.53 37.00 -42.94
N VAL C 139 -27.09 37.78 -41.96
CA VAL C 139 -27.98 38.17 -40.89
C VAL C 139 -29.16 38.95 -41.46
N ASN C 140 -28.90 39.77 -42.47
CA ASN C 140 -29.90 40.64 -43.07
C ASN C 140 -30.94 39.88 -43.87
N GLY C 141 -30.71 38.60 -44.18
CA GLY C 141 -31.60 37.92 -45.08
C GLY C 141 -31.48 38.36 -46.52
N ASP C 142 -30.31 38.87 -46.90
CA ASP C 142 -30.08 39.29 -48.28
C ASP C 142 -29.70 38.13 -49.19
N VAL C 143 -29.12 37.08 -48.63
CA VAL C 143 -28.51 36.01 -49.41
C VAL C 143 -29.60 35.17 -50.07
N PRO C 144 -29.27 34.36 -51.07
CA PRO C 144 -30.22 33.34 -51.53
C PRO C 144 -30.33 32.22 -50.51
N ALA C 145 -31.38 31.40 -50.70
CA ALA C 145 -31.78 30.44 -49.68
C ALA C 145 -30.71 29.39 -49.41
N ALA C 146 -29.75 29.24 -50.31
CA ALA C 146 -28.80 28.14 -50.21
C ALA C 146 -27.97 28.20 -48.94
N ILE C 147 -27.72 29.39 -48.42
CA ILE C 147 -26.79 29.56 -47.31
C ILE C 147 -27.47 30.18 -46.10
N LYS C 148 -28.78 30.02 -45.99
CA LYS C 148 -29.51 30.66 -44.89
C LYS C 148 -29.01 30.16 -43.54
N ASN C 149 -28.80 28.85 -43.42
CA ASN C 149 -28.63 28.21 -42.11
C ASN C 149 -27.18 28.10 -41.70
N LYS C 150 -26.26 28.73 -42.42
CA LYS C 150 -24.85 28.56 -42.14
C LYS C 150 -24.31 29.74 -41.33
N GLU C 151 -23.12 29.54 -40.78
CA GLU C 151 -22.39 30.61 -40.12
C GLU C 151 -20.94 30.56 -40.56
N ILE C 152 -20.23 31.64 -40.28
CA ILE C 152 -18.86 31.83 -40.75
C ILE C 152 -17.95 31.99 -39.55
N VAL C 153 -16.85 31.25 -39.54
CA VAL C 153 -15.85 31.36 -38.50
C VAL C 153 -14.51 31.68 -39.16
N SER C 154 -13.84 32.70 -38.64
CA SER C 154 -12.51 33.07 -39.11
C SER C 154 -11.48 32.42 -38.21
N ILE C 155 -10.39 31.95 -38.82
CA ILE C 155 -9.40 31.15 -38.11
C ILE C 155 -8.04 31.80 -38.18
N ASP C 156 -7.38 31.90 -37.03
CA ASP C 156 -5.97 32.29 -36.91
C ASP C 156 -5.12 31.12 -37.39
N ILE C 157 -4.85 31.08 -38.69
CA ILE C 157 -3.97 30.05 -39.22
C ILE C 157 -2.57 30.18 -38.62
N SER C 158 -2.00 31.38 -38.67
CA SER C 158 -0.60 31.58 -38.27
C SER C 158 -0.36 31.22 -36.82
N GLY C 159 -1.34 31.41 -35.95
CA GLY C 159 -1.19 31.08 -34.54
C GLY C 159 -1.66 29.70 -34.16
N LEU C 160 -1.93 28.82 -35.12
CA LEU C 160 -2.46 27.50 -34.75
C LEU C 160 -1.49 26.72 -33.87
N GLU C 161 -0.20 26.72 -34.22
CA GLU C 161 0.77 26.00 -33.40
C GLU C 161 0.89 26.59 -32.00
N ALA C 162 0.39 27.81 -31.78
CA ALA C 162 0.37 28.38 -30.44
C ALA C 162 -0.55 27.60 -29.51
N GLY C 163 -1.56 26.93 -30.04
CA GLY C 163 -2.52 26.24 -29.21
C GLY C 163 -2.08 24.89 -28.70
N THR C 164 -0.89 24.44 -29.06
CA THR C 164 -0.44 23.10 -28.69
C THR C 164 1.07 23.07 -28.55
N GLN C 165 1.57 22.01 -27.94
CA GLN C 165 3.00 21.90 -27.66
C GLN C 165 3.70 20.99 -28.65
N TYR C 166 3.04 19.92 -29.10
CA TYR C 166 3.64 18.93 -29.96
C TYR C 166 2.90 18.90 -31.29
N ARG C 167 3.67 18.85 -32.38
CA ARG C 167 3.08 19.01 -33.70
C ARG C 167 2.28 17.78 -34.13
N GLY C 168 2.57 16.61 -33.55
CA GLY C 168 1.66 15.50 -33.71
C GLY C 168 0.34 15.74 -33.02
N SER C 169 0.38 16.23 -31.78
CA SER C 169 -0.82 16.72 -31.13
C SER C 169 -1.46 17.85 -31.93
N PHE C 170 -0.64 18.68 -32.56
CA PHE C 170 -1.15 19.73 -33.42
C PHE C 170 -1.98 19.15 -34.55
N GLU C 171 -1.43 18.15 -35.25
CA GLU C 171 -2.16 17.54 -36.35
C GLU C 171 -3.43 16.87 -35.85
N GLU C 172 -3.38 16.24 -34.68
CA GLU C 172 -4.59 15.65 -34.12
C GLU C 172 -5.64 16.72 -33.87
N ASN C 173 -5.23 17.86 -33.31
CA ASN C 173 -6.17 18.95 -33.12
C ASN C 173 -6.71 19.46 -34.45
N VAL C 174 -5.86 19.50 -35.47
CA VAL C 174 -6.28 19.96 -36.79
C VAL C 174 -7.37 19.06 -37.35
N GLN C 175 -7.15 17.75 -37.32
CA GLN C 175 -8.18 16.83 -37.77
C GLN C 175 -9.41 16.91 -36.88
N ASN C 176 -9.20 17.21 -35.60
CA ASN C 176 -10.33 17.43 -34.71
C ASN C 176 -11.19 18.59 -35.17
N LEU C 177 -10.63 19.50 -35.95
CA LEU C 177 -11.45 20.54 -36.56
C LEU C 177 -12.44 19.94 -37.54
N VAL C 178 -11.96 19.10 -38.45
CA VAL C 178 -12.86 18.39 -39.35
C VAL C 178 -13.89 17.62 -38.55
N ASN C 179 -13.45 17.00 -37.46
CA ASN C 179 -14.37 16.34 -36.55
C ASN C 179 -15.46 17.30 -36.09
N GLU C 180 -15.08 18.52 -35.73
CA GLU C 180 -16.08 19.54 -35.41
C GLU C 180 -16.86 19.94 -36.65
N VAL C 181 -16.23 19.88 -37.82
CA VAL C 181 -16.94 20.32 -39.01
C VAL C 181 -17.78 19.16 -39.51
N LYS C 182 -18.90 18.93 -38.83
CA LYS C 182 -19.91 18.00 -39.25
C LYS C 182 -21.31 18.54 -39.04
N GLU C 183 -21.44 19.74 -38.48
CA GLU C 183 -22.74 20.28 -38.06
C GLU C 183 -23.42 20.94 -39.26
N ALA C 184 -24.01 20.09 -40.10
CA ALA C 184 -24.80 20.48 -41.26
C ALA C 184 -24.06 21.41 -42.20
N GLY C 185 -22.73 21.47 -42.10
CA GLY C 185 -21.99 22.43 -42.86
C GLY C 185 -22.30 23.86 -42.49
N ASN C 186 -23.01 24.07 -41.38
CA ASN C 186 -23.36 25.41 -40.92
C ASN C 186 -22.13 26.22 -40.60
N ILE C 187 -21.00 25.57 -40.42
CA ILE C 187 -19.72 26.21 -40.18
C ILE C 187 -19.04 26.36 -41.54
N ILE C 188 -18.51 27.55 -41.79
CA ILE C 188 -17.73 27.83 -42.99
C ILE C 188 -16.44 28.50 -42.56
N LEU C 189 -15.32 27.95 -42.99
CA LEU C 189 -14.01 28.41 -42.54
C LEU C 189 -13.54 29.57 -43.40
N PHE C 190 -13.03 30.60 -42.76
CA PHE C 190 -12.42 31.73 -43.44
C PHE C 190 -10.99 31.91 -42.98
N PHE C 191 -10.13 32.33 -43.90
CA PHE C 191 -8.73 32.57 -43.63
C PHE C 191 -8.31 33.82 -44.39
N ASP C 192 -7.06 34.20 -44.20
CA ASP C 192 -6.53 35.39 -44.85
C ASP C 192 -5.18 35.16 -45.51
N ALA C 193 -4.58 33.99 -45.35
CA ALA C 193 -3.26 33.71 -45.95
C ALA C 193 -3.29 32.28 -46.49
N ILE C 194 -3.70 32.13 -47.75
CA ILE C 194 -3.84 30.80 -48.33
C ILE C 194 -2.49 30.12 -48.47
N HIS C 195 -1.47 30.88 -48.85
CA HIS C 195 -0.11 30.35 -48.85
C HIS C 195 0.31 29.84 -47.49
N GLN C 196 -0.11 30.49 -46.41
CA GLN C 196 0.11 29.97 -45.06
C GLN C 196 -0.72 28.75 -44.76
N ILE C 197 -1.76 28.48 -45.53
CA ILE C 197 -2.49 27.23 -45.42
C ILE C 197 -1.81 26.13 -46.21
N LEU C 198 -1.36 26.43 -47.42
CA LEU C 198 -0.71 25.43 -48.26
C LEU C 198 0.69 25.17 -47.72
N GLY C 199 0.72 24.47 -46.59
CA GLY C 199 1.96 24.08 -45.94
C GLY C 199 2.09 22.57 -45.85
N ALA C 200 2.54 22.06 -44.70
CA ALA C 200 2.64 20.62 -44.45
C ALA C 200 3.57 19.97 -45.47
N GLY C 201 4.22 20.79 -46.29
CA GLY C 201 5.07 20.31 -47.36
C GLY C 201 5.79 21.46 -48.05
N SER C 202 6.44 21.14 -49.17
CA SER C 202 7.24 22.11 -49.91
C SER C 202 6.40 22.76 -51.01
N THR C 203 5.27 23.33 -50.61
CA THR C 203 4.49 24.14 -51.52
C THR C 203 5.09 25.53 -51.72
N GLY C 204 5.94 25.97 -50.81
CA GLY C 204 6.56 27.28 -50.92
C GLY C 204 7.78 27.36 -50.03
N GLY C 205 8.83 27.95 -50.58
CA GLY C 205 10.08 27.93 -49.86
C GLY C 205 10.73 26.56 -49.91
N ASP C 206 11.54 26.28 -48.89
CA ASP C 206 12.24 25.00 -48.79
C ASP C 206 11.49 23.95 -48.00
N SER C 207 10.77 24.35 -46.94
CA SER C 207 10.08 23.41 -46.08
C SER C 207 8.86 24.09 -45.48
N GLY C 208 8.18 23.37 -44.60
CA GLY C 208 7.04 23.94 -43.90
C GLY C 208 6.59 23.02 -42.79
N SER C 209 5.81 23.60 -41.88
CA SER C 209 5.24 22.83 -40.79
C SER C 209 3.94 22.18 -41.23
N LYS C 210 3.54 21.13 -40.50
CA LYS C 210 2.30 20.44 -40.82
C LYS C 210 1.11 21.39 -40.71
N GLY C 211 0.16 21.22 -41.62
CA GLY C 211 -1.03 22.03 -41.61
C GLY C 211 -2.16 21.32 -42.33
N LEU C 212 -3.15 22.11 -42.73
CA LEU C 212 -4.32 21.54 -43.40
C LEU C 212 -3.97 20.80 -44.67
N ALA C 213 -2.80 21.08 -45.26
CA ALA C 213 -2.51 20.56 -46.58
C ALA C 213 -2.64 19.05 -46.63
N ASP C 214 -1.97 18.35 -45.73
CA ASP C 214 -2.00 16.90 -45.73
C ASP C 214 -3.37 16.35 -45.37
N ILE C 215 -4.27 17.19 -44.91
CA ILE C 215 -5.64 16.79 -44.59
C ILE C 215 -6.63 17.38 -45.59
N LEU C 216 -6.41 18.61 -46.05
CA LEU C 216 -7.40 19.26 -46.90
C LEU C 216 -7.49 18.60 -48.27
N LYS C 217 -6.35 18.18 -48.82
CA LYS C 217 -6.28 17.74 -50.21
C LYS C 217 -7.35 16.69 -50.50
N PRO C 218 -7.51 15.69 -49.63
CA PRO C 218 -8.70 14.83 -49.78
C PRO C 218 -9.99 15.53 -49.39
N ALA C 219 -10.02 16.20 -48.24
CA ALA C 219 -11.28 16.71 -47.71
C ALA C 219 -11.97 17.62 -48.71
N LEU C 220 -11.21 18.54 -49.32
CA LEU C 220 -11.77 19.41 -50.34
C LEU C 220 -12.21 18.61 -51.57
N SER C 221 -11.38 17.66 -51.99
CA SER C 221 -11.79 16.76 -53.07
C SER C 221 -13.08 16.03 -52.71
N ARG C 222 -13.15 15.45 -51.52
CA ARG C 222 -14.38 14.81 -51.08
C ARG C 222 -15.37 15.77 -50.43
N GLY C 223 -15.27 17.06 -50.70
CA GLY C 223 -16.37 17.98 -50.45
C GLY C 223 -16.68 18.23 -49.00
N GLU C 224 -15.75 17.90 -48.11
CA GLU C 224 -15.96 18.08 -46.68
C GLU C 224 -16.08 19.54 -46.29
N LEU C 225 -15.26 20.42 -46.83
CA LEU C 225 -15.15 21.77 -46.30
C LEU C 225 -15.59 22.78 -47.36
N THR C 226 -15.88 23.98 -46.90
CA THR C 226 -15.97 25.15 -47.78
C THR C 226 -15.18 26.27 -47.17
N VAL C 227 -14.14 26.71 -47.88
CA VAL C 227 -13.26 27.76 -47.39
C VAL C 227 -13.43 28.97 -48.29
N ILE C 228 -13.03 30.13 -47.79
CA ILE C 228 -13.17 31.38 -48.53
C ILE C 228 -11.88 32.18 -48.39
N GLY C 229 -11.12 32.28 -49.48
CA GLY C 229 -9.98 33.18 -49.55
C GLY C 229 -8.95 32.94 -48.47
N ALA C 230 -8.05 33.90 -48.35
CA ALA C 230 -7.96 35.06 -49.24
C ALA C 230 -6.50 35.39 -49.46
N THR C 231 -6.17 36.00 -50.59
CA THR C 231 -4.79 36.28 -50.90
C THR C 231 -4.62 37.27 -52.05
N THR C 232 -3.38 37.44 -52.50
CA THR C 232 -3.02 38.41 -53.51
C THR C 232 -2.91 37.76 -54.88
N GLN C 233 -2.68 38.60 -55.90
CA GLN C 233 -2.62 38.14 -57.29
C GLN C 233 -1.49 37.16 -57.53
N ASP C 234 -0.29 37.52 -57.08
CA ASP C 234 0.91 36.75 -57.36
C ASP C 234 0.93 35.44 -56.59
N GLU C 235 0.53 35.47 -55.32
CA GLU C 235 0.27 34.23 -54.58
C GLU C 235 -0.63 33.31 -55.38
N TYR C 236 -1.70 33.87 -55.97
CA TYR C 236 -2.66 33.05 -56.70
C TYR C 236 -2.02 32.34 -57.87
N ARG C 237 -1.32 33.09 -58.74
CA ARG C 237 -0.78 32.40 -59.91
C ARG C 237 0.39 31.50 -59.54
N ASN C 238 1.08 31.78 -58.44
CA ASN C 238 2.27 31.01 -58.13
C ASN C 238 1.97 29.74 -57.35
N THR C 239 0.90 29.73 -56.56
CA THR C 239 0.63 28.57 -55.71
C THR C 239 -0.63 27.82 -56.09
N ILE C 240 -1.69 28.51 -56.47
CA ILE C 240 -2.98 27.87 -56.63
C ILE C 240 -3.12 27.18 -57.97
N LEU C 241 -2.71 27.84 -59.05
CA LEU C 241 -2.88 27.30 -60.39
C LEU C 241 -1.93 26.16 -60.69
N LYS C 242 -1.17 25.70 -59.70
CA LYS C 242 -0.19 24.65 -59.93
C LYS C 242 -0.63 23.30 -59.41
N ASN C 243 -1.55 23.24 -58.45
CA ASN C 243 -2.10 21.99 -57.96
C ASN C 243 -3.44 21.76 -58.61
N ALA C 244 -3.50 20.77 -59.51
CA ALA C 244 -4.73 20.49 -60.23
C ALA C 244 -5.87 20.15 -59.29
N ALA C 245 -5.54 19.63 -58.10
CA ALA C 245 -6.59 19.29 -57.14
C ALA C 245 -7.41 20.52 -56.77
N LEU C 246 -6.75 21.65 -56.49
CA LEU C 246 -7.48 22.87 -56.24
C LEU C 246 -8.22 23.36 -57.48
N ALA C 247 -7.68 23.09 -58.66
CA ALA C 247 -8.28 23.59 -59.89
C ALA C 247 -9.71 23.10 -60.05
N ARG C 248 -10.00 21.88 -59.60
CA ARG C 248 -11.32 21.30 -59.76
C ARG C 248 -12.23 21.56 -58.56
N ARG C 249 -11.81 22.43 -57.65
CA ARG C 249 -12.67 22.83 -56.55
C ARG C 249 -12.76 24.34 -56.35
N PHE C 250 -11.79 25.12 -56.79
CA PHE C 250 -11.68 26.52 -56.39
C PHE C 250 -12.13 27.45 -57.50
N ASN C 251 -12.48 28.67 -57.09
CA ASN C 251 -12.86 29.73 -57.98
C ASN C 251 -12.31 31.03 -57.43
N GLU C 252 -12.29 32.05 -58.28
CA GLU C 252 -11.65 33.31 -57.91
C GLU C 252 -12.58 34.47 -58.21
N VAL C 253 -12.51 35.50 -57.36
CA VAL C 253 -13.32 36.70 -57.51
C VAL C 253 -12.39 37.90 -57.42
N LYS C 254 -12.46 38.77 -58.43
CA LYS C 254 -11.58 39.92 -58.51
C LYS C 254 -12.03 41.01 -57.55
N VAL C 255 -11.07 41.71 -56.97
CA VAL C 255 -11.32 42.82 -56.06
C VAL C 255 -10.47 44.02 -56.50
N ASN C 256 -11.08 45.20 -56.52
CA ASN C 256 -10.40 46.41 -56.93
C ASN C 256 -10.72 47.54 -55.96
N ALA C 257 -9.76 48.45 -55.80
CA ALA C 257 -9.99 49.60 -54.95
C ALA C 257 -11.03 50.52 -55.57
N PRO C 258 -11.88 51.13 -54.77
CA PRO C 258 -12.93 52.00 -55.30
C PRO C 258 -12.42 53.38 -55.67
N SER C 259 -13.33 54.18 -56.21
CA SER C 259 -13.00 55.52 -56.65
C SER C 259 -13.09 56.51 -55.49
N ALA C 260 -12.75 57.77 -55.78
CA ALA C 260 -12.72 58.77 -54.73
C ALA C 260 -14.09 59.39 -54.51
N GLU C 261 -15.12 58.55 -54.45
CA GLU C 261 -16.38 58.94 -53.85
C GLU C 261 -16.78 58.00 -52.73
N ASN C 262 -16.73 56.71 -52.98
CA ASN C 262 -16.98 55.71 -51.96
C ASN C 262 -15.96 55.79 -50.85
N THR C 263 -14.69 56.05 -51.20
CA THR C 263 -13.68 56.29 -50.19
C THR C 263 -14.09 57.45 -49.29
N PHE C 264 -14.61 58.51 -49.90
CA PHE C 264 -15.08 59.64 -49.11
C PHE C 264 -16.20 59.22 -48.17
N LYS C 265 -17.08 58.35 -48.64
CA LYS C 265 -18.17 57.85 -47.80
C LYS C 265 -17.62 57.06 -46.63
N ILE C 266 -16.68 56.15 -46.89
CA ILE C 266 -16.11 55.34 -45.83
C ILE C 266 -15.44 56.21 -44.80
N LEU C 267 -14.70 57.23 -45.27
CA LEU C 267 -14.04 58.13 -44.35
C LEU C 267 -15.06 58.88 -43.50
N GLN C 268 -16.15 59.31 -44.13
CA GLN C 268 -17.21 59.96 -43.38
C GLN C 268 -17.74 59.03 -42.30
N GLY C 269 -17.88 57.75 -42.62
CA GLY C 269 -18.33 56.80 -41.63
C GLY C 269 -17.38 56.68 -40.47
N ILE C 270 -16.08 56.57 -40.77
CA ILE C 270 -15.09 56.40 -39.70
C ILE C 270 -14.99 57.66 -38.85
N ARG C 271 -15.24 58.81 -39.47
CA ARG C 271 -14.94 60.13 -38.92
C ARG C 271 -15.14 60.28 -37.42
N ASP C 272 -16.24 59.77 -36.90
CA ASP C 272 -16.55 59.93 -35.49
C ASP C 272 -15.59 59.20 -34.57
N LEU C 273 -14.95 58.13 -35.04
CA LEU C 273 -14.05 57.36 -34.18
C LEU C 273 -13.00 58.25 -33.54
N TYR C 274 -12.49 59.24 -34.28
CA TYR C 274 -11.38 60.06 -33.82
C TYR C 274 -11.83 61.23 -32.96
N GLN C 275 -12.99 61.13 -32.32
CA GLN C 275 -13.21 61.91 -31.12
C GLN C 275 -12.22 61.54 -30.03
N GLN C 276 -11.61 60.35 -30.16
CA GLN C 276 -10.64 59.87 -29.19
C GLN C 276 -9.55 60.91 -28.92
N HIS C 277 -9.11 61.61 -29.95
CA HIS C 277 -7.93 62.45 -29.86
C HIS C 277 -8.26 63.88 -29.45
N HIS C 278 -9.51 64.16 -29.10
CA HIS C 278 -9.93 65.45 -28.53
C HIS C 278 -9.53 66.62 -29.43
N ASN C 279 -9.74 66.45 -30.72
CA ASN C 279 -9.43 67.46 -31.71
C ASN C 279 -10.62 67.60 -32.64
N VAL C 280 -10.50 68.47 -33.65
CA VAL C 280 -11.63 68.67 -34.55
C VAL C 280 -12.00 67.35 -35.20
N ILE C 281 -13.29 67.03 -35.17
CA ILE C 281 -13.83 66.02 -36.05
C ILE C 281 -14.03 66.71 -37.40
N LEU C 282 -13.44 66.12 -38.42
CA LEU C 282 -12.94 66.88 -39.55
C LEU C 282 -14.01 67.19 -40.60
N PRO C 283 -14.06 68.43 -41.09
CA PRO C 283 -15.00 68.78 -42.14
C PRO C 283 -14.60 68.16 -43.48
N ASP C 284 -15.60 67.99 -44.33
CA ASP C 284 -15.44 67.22 -45.55
C ASP C 284 -14.35 67.78 -46.45
N GLU C 285 -14.14 69.09 -46.41
CA GLU C 285 -13.16 69.71 -47.30
C GLU C 285 -11.78 69.16 -47.01
N VAL C 286 -11.42 69.07 -45.73
CA VAL C 286 -10.13 68.51 -45.35
C VAL C 286 -10.03 67.07 -45.81
N LEU C 287 -11.13 66.33 -45.73
CA LEU C 287 -11.10 64.92 -46.11
C LEU C 287 -10.82 64.76 -47.59
N LYS C 288 -11.58 65.46 -48.43
CA LYS C 288 -11.37 65.35 -49.87
C LYS C 288 -9.99 65.86 -50.24
N ALA C 289 -9.49 66.87 -49.53
CA ALA C 289 -8.15 67.35 -49.79
C ALA C 289 -7.12 66.27 -49.49
N ALA C 290 -7.30 65.55 -48.38
CA ALA C 290 -6.38 64.47 -48.04
C ALA C 290 -6.42 63.39 -49.10
N VAL C 291 -7.61 63.06 -49.59
CA VAL C 291 -7.72 62.08 -50.65
C VAL C 291 -6.96 62.54 -51.88
N ASP C 292 -7.20 63.79 -52.30
CA ASP C 292 -6.58 64.30 -53.52
C ASP C 292 -5.07 64.37 -53.39
N TYR C 293 -4.55 64.57 -52.19
CA TYR C 293 -3.12 64.61 -52.04
C TYR C 293 -2.50 63.21 -52.01
N SER C 294 -3.11 62.30 -51.24
CA SER C 294 -2.55 60.97 -51.14
C SER C 294 -2.62 60.25 -52.48
N VAL C 295 -3.64 60.53 -53.29
CA VAL C 295 -3.74 59.84 -54.57
C VAL C 295 -2.63 60.27 -55.51
N GLN C 296 -2.23 61.54 -55.48
CA GLN C 296 -1.25 62.04 -56.43
C GLN C 296 0.18 61.97 -55.93
N TYR C 297 0.39 61.88 -54.62
CA TYR C 297 1.75 61.88 -54.10
C TYR C 297 2.23 60.53 -53.62
N ILE C 298 1.32 59.60 -53.30
CA ILE C 298 1.74 58.27 -52.85
C ILE C 298 1.09 57.21 -53.72
N PRO C 299 1.48 57.10 -54.98
CA PRO C 299 0.88 56.06 -55.83
C PRO C 299 1.30 54.65 -55.43
N GLN C 300 2.39 54.49 -54.69
CA GLN C 300 2.87 53.16 -54.38
C GLN C 300 2.02 52.44 -53.35
N ARG C 301 0.87 52.98 -52.98
CA ARG C 301 -0.01 52.33 -52.03
C ARG C 301 -1.44 52.38 -52.53
N SER C 302 -2.25 51.43 -52.06
CA SER C 302 -3.65 51.41 -52.39
C SER C 302 -4.37 52.61 -51.79
N LEU C 303 -5.45 53.03 -52.43
CA LEU C 303 -6.19 54.20 -51.99
C LEU C 303 -6.78 54.07 -50.60
N PRO C 304 -7.60 53.06 -50.29
CA PRO C 304 -8.36 53.08 -49.04
C PRO C 304 -7.50 53.17 -47.79
N ASP C 305 -6.40 52.44 -47.73
CA ASP C 305 -5.59 52.49 -46.52
C ASP C 305 -4.79 53.77 -46.42
N LYS C 306 -4.19 54.22 -47.53
CA LYS C 306 -3.37 55.42 -47.45
C LYS C 306 -4.20 56.64 -47.08
N ALA C 307 -5.42 56.73 -47.62
CA ALA C 307 -6.25 57.87 -47.26
C ALA C 307 -6.52 57.90 -45.77
N ILE C 308 -6.72 56.74 -45.16
CA ILE C 308 -6.96 56.68 -43.74
C ILE C 308 -5.70 57.02 -42.94
N ASP C 309 -4.57 56.46 -43.34
CA ASP C 309 -3.34 56.68 -42.57
C ASP C 309 -2.94 58.14 -42.60
N LEU C 310 -3.12 58.80 -43.74
CA LEU C 310 -2.81 60.21 -43.79
C LEU C 310 -3.64 60.99 -42.77
N VAL C 311 -4.94 60.69 -42.70
CA VAL C 311 -5.79 61.36 -41.73
C VAL C 311 -5.33 61.07 -40.32
N ASP C 312 -4.97 59.81 -40.06
CA ASP C 312 -4.58 59.40 -38.71
C ASP C 312 -3.35 60.17 -38.25
N VAL C 313 -2.30 60.17 -39.06
CA VAL C 313 -1.09 60.90 -38.68
C VAL C 313 -1.38 62.40 -38.61
N THR C 314 -2.26 62.89 -39.48
CA THR C 314 -2.65 64.29 -39.40
C THR C 314 -3.20 64.62 -38.03
N ALA C 315 -4.14 63.82 -37.54
CA ALA C 315 -4.72 64.07 -36.23
C ALA C 315 -3.67 63.96 -35.14
N ALA C 316 -2.83 62.93 -35.20
CA ALA C 316 -1.82 62.76 -34.17
C ALA C 316 -0.92 63.98 -34.09
N HIS C 317 -0.51 64.52 -35.24
CA HIS C 317 0.30 65.73 -35.21
C HIS C 317 -0.50 66.90 -34.68
N LEU C 318 -1.76 67.01 -35.10
CA LEU C 318 -2.58 68.12 -34.63
C LEU C 318 -2.83 68.06 -33.14
N ALA C 319 -2.54 66.93 -32.49
CA ALA C 319 -2.50 66.95 -31.04
C ALA C 319 -1.50 67.96 -30.54
N ALA C 320 -0.56 68.37 -31.39
CA ALA C 320 0.38 69.44 -31.11
C ALA C 320 1.16 69.19 -29.84
N GLN C 321 1.23 67.92 -29.42
CA GLN C 321 2.01 67.51 -28.27
C GLN C 321 1.61 68.29 -27.01
N HIS C 322 0.31 68.54 -26.87
CA HIS C 322 -0.15 69.28 -25.71
C HIS C 322 -0.07 68.43 -24.45
N PRO C 323 0.24 69.04 -23.33
CA PRO C 323 0.34 68.30 -22.06
C PRO C 323 -1.05 68.08 -21.47
N VAL C 324 -1.06 67.45 -20.29
CA VAL C 324 -2.28 67.22 -19.55
C VAL C 324 -2.15 67.58 -18.08
N THR C 325 -0.97 68.02 -17.64
CA THR C 325 -0.78 68.43 -16.27
C THR C 325 -1.72 69.55 -15.86
N ASP C 326 -2.08 70.42 -16.81
CA ASP C 326 -2.89 71.59 -16.49
C ASP C 326 -4.28 71.18 -16.02
N VAL C 327 -4.63 69.91 -16.20
CA VAL C 327 -5.81 69.32 -15.59
C VAL C 327 -5.42 68.22 -14.61
N HIS C 328 -4.27 67.60 -14.80
CA HIS C 328 -3.86 66.48 -13.96
C HIS C 328 -3.61 66.93 -12.53
N ALA C 329 -3.05 68.12 -12.35
CA ALA C 329 -2.84 68.65 -11.02
C ALA C 329 -4.15 68.75 -10.25
N VAL C 330 -5.19 69.26 -10.89
CA VAL C 330 -6.46 69.42 -10.19
C VAL C 330 -7.14 68.07 -10.02
N GLU C 331 -6.82 67.10 -10.87
CA GLU C 331 -7.27 65.74 -10.57
C GLU C 331 -6.67 65.25 -9.26
N ARG C 332 -5.38 65.51 -9.05
CA ARG C 332 -4.78 65.18 -7.76
C ARG C 332 -5.48 65.92 -6.62
N GLU C 333 -5.80 67.20 -6.86
CA GLU C 333 -6.49 67.98 -5.84
C GLU C 333 -7.83 67.35 -5.48
N ILE C 334 -8.59 66.94 -6.50
CA ILE C 334 -9.87 66.31 -6.25
C ILE C 334 -9.68 65.03 -5.45
N GLU C 335 -8.61 64.29 -5.74
CA GLU C 335 -8.34 63.08 -4.96
C GLU C 335 -8.12 63.40 -3.49
N THR C 336 -7.29 64.42 -3.22
CA THR C 336 -7.02 64.77 -1.83
C THR C 336 -8.29 65.23 -1.11
N GLU C 337 -9.06 66.09 -1.77
CA GLU C 337 -10.30 66.58 -1.17
C GLU C 337 -11.27 65.44 -0.94
N LYS C 338 -11.31 64.47 -1.84
CA LYS C 338 -12.16 63.31 -1.66
C LYS C 338 -11.74 62.51 -0.44
N ASP C 339 -10.43 62.34 -0.24
CA ASP C 339 -9.97 61.62 0.94
C ASP C 339 -10.38 62.33 2.22
N LYS C 340 -10.18 63.66 2.27
CA LYS C 340 -10.59 64.39 3.46
C LYS C 340 -12.11 64.31 3.66
N GLN C 341 -12.86 64.32 2.57
CA GLN C 341 -14.31 64.18 2.67
C GLN C 341 -14.70 62.85 3.28
N GLU C 342 -14.05 61.77 2.83
CA GLU C 342 -14.31 60.47 3.44
C GLU C 342 -13.96 60.47 4.91
N LYS C 343 -12.84 61.10 5.27
CA LYS C 343 -12.44 61.15 6.67
C LYS C 343 -13.50 61.85 7.50
N ALA C 344 -13.99 63.00 7.04
CA ALA C 344 -15.01 63.72 7.78
C ALA C 344 -16.31 62.92 7.87
N VAL C 345 -16.67 62.21 6.80
CA VAL C 345 -17.84 61.35 6.85
C VAL C 345 -17.66 60.29 7.92
N GLU C 346 -16.45 59.76 8.08
CA GLU C 346 -16.21 58.81 9.15
C GLU C 346 -16.57 59.40 10.50
N ALA C 347 -16.25 60.67 10.71
CA ALA C 347 -16.57 61.33 11.97
C ALA C 347 -17.95 61.97 11.98
N GLU C 348 -18.76 61.73 10.93
CA GLU C 348 -20.15 62.16 10.89
C GLU C 348 -20.30 63.67 11.08
N ASP C 349 -19.38 64.43 10.51
CA ASP C 349 -19.45 65.89 10.55
C ASP C 349 -20.00 66.34 9.21
N PHE C 350 -21.31 66.52 9.16
CA PHE C 350 -22.00 66.62 7.89
C PHE C 350 -21.75 67.96 7.19
N GLU C 351 -21.55 69.02 7.94
CA GLU C 351 -21.26 70.31 7.32
C GLU C 351 -19.94 70.26 6.55
N ALA C 352 -18.91 69.65 7.13
CA ALA C 352 -17.62 69.56 6.46
C ALA C 352 -17.71 68.69 5.21
N ALA C 353 -18.42 67.57 5.31
CA ALA C 353 -18.59 66.71 4.15
C ALA C 353 -19.37 67.42 3.05
N LEU C 354 -20.39 68.20 3.42
CA LEU C 354 -21.13 68.96 2.43
C LEU C 354 -20.24 69.99 1.75
N ASN C 355 -19.41 70.68 2.53
CA ASN C 355 -18.47 71.63 1.95
C ASN C 355 -17.50 70.91 1.01
N TYR C 356 -17.02 69.75 1.41
CA TYR C 356 -16.10 68.99 0.56
C TYR C 356 -16.78 68.59 -0.73
N LYS C 357 -18.04 68.15 -0.67
CA LYS C 357 -18.74 67.77 -1.88
C LYS C 357 -18.95 68.96 -2.79
N THR C 358 -19.25 70.13 -2.22
CA THR C 358 -19.38 71.33 -3.02
C THR C 358 -18.07 71.66 -3.71
N ARG C 359 -16.95 71.55 -2.99
CA ARG C 359 -15.65 71.83 -3.60
C ARG C 359 -15.32 70.80 -4.68
N ILE C 360 -15.73 69.54 -4.46
CA ILE C 360 -15.52 68.51 -5.46
C ILE C 360 -16.28 68.84 -6.73
N ALA C 361 -17.54 69.25 -6.60
CA ALA C 361 -18.29 69.67 -7.78
C ALA C 361 -17.61 70.85 -8.46
N GLU C 362 -17.15 71.82 -7.67
CA GLU C 362 -16.45 72.98 -8.21
C GLU C 362 -15.29 72.54 -9.11
N LEU C 363 -14.36 71.79 -8.54
CA LEU C 363 -13.18 71.38 -9.28
C LEU C 363 -13.56 70.51 -10.46
N GLU C 364 -14.60 69.69 -10.29
CA GLU C 364 -15.03 68.83 -11.39
C GLU C 364 -15.43 69.64 -12.60
N ARG C 365 -16.33 70.61 -12.43
CA ARG C 365 -16.77 71.31 -13.63
C ARG C 365 -15.70 72.26 -14.13
N LYS C 366 -14.76 72.67 -13.27
CA LYS C 366 -13.60 73.37 -13.79
C LYS C 366 -12.85 72.48 -14.78
N ILE C 367 -12.55 71.25 -14.36
CA ILE C 367 -11.85 70.31 -15.23
C ILE C 367 -12.66 70.06 -16.49
N GLU C 368 -13.99 70.01 -16.35
CA GLU C 368 -14.82 69.91 -17.53
C GLU C 368 -14.58 71.07 -18.48
N ASN C 369 -14.49 72.29 -17.94
CA ASN C 369 -14.24 73.46 -18.77
C ASN C 369 -12.89 73.34 -19.48
N HIS C 370 -11.86 72.92 -18.76
CA HIS C 370 -10.57 72.73 -19.42
C HIS C 370 -10.62 71.66 -20.49
N THR C 371 -11.38 70.59 -20.25
CA THR C 371 -11.41 69.49 -21.21
C THR C 371 -11.94 69.94 -22.55
N GLU C 372 -12.99 70.76 -22.54
CA GLU C 372 -13.54 71.30 -23.77
C GLU C 372 -12.67 72.38 -24.38
N ASP C 373 -11.56 72.74 -23.74
CA ASP C 373 -10.61 73.67 -24.33
C ASP C 373 -9.71 72.92 -25.31
N MET C 374 -10.35 72.40 -26.35
CA MET C 374 -9.67 71.72 -27.44
C MET C 374 -9.75 72.57 -28.69
N LYS C 375 -8.63 72.62 -29.42
CA LYS C 375 -8.56 73.36 -30.66
C LYS C 375 -9.17 72.52 -31.78
N VAL C 376 -10.09 73.11 -32.51
CA VAL C 376 -10.75 72.45 -33.64
C VAL C 376 -10.35 73.19 -34.90
N THR C 377 -9.28 72.74 -35.52
CA THR C 377 -8.72 73.40 -36.70
C THR C 377 -8.24 72.31 -37.66
N ALA C 378 -9.14 71.90 -38.54
CA ALA C 378 -8.75 71.07 -39.66
C ALA C 378 -8.50 71.95 -40.88
N SER C 379 -7.25 71.97 -41.33
CA SER C 379 -6.86 72.81 -42.43
C SER C 379 -6.19 71.95 -43.48
N VAL C 380 -6.47 72.25 -44.75
CA VAL C 380 -5.74 71.59 -45.82
C VAL C 380 -4.25 71.82 -45.68
N ASN C 381 -3.86 72.99 -45.17
CA ASN C 381 -2.44 73.30 -45.00
C ASN C 381 -1.77 72.34 -44.04
N ASP C 382 -2.40 72.04 -42.91
CA ASP C 382 -1.82 71.13 -41.93
C ASP C 382 -1.63 69.74 -42.52
N VAL C 383 -2.62 69.26 -43.27
CA VAL C 383 -2.46 68.03 -44.01
C VAL C 383 -1.26 68.15 -44.94
N ALA C 384 -1.07 69.33 -45.53
CA ALA C 384 0.05 69.50 -46.43
C ALA C 384 1.39 69.34 -45.71
N GLU C 385 1.56 69.97 -44.54
CA GLU C 385 2.84 69.79 -43.85
C GLU C 385 3.00 68.35 -43.38
N SER C 386 1.89 67.68 -43.06
CA SER C 386 1.98 66.27 -42.76
C SER C 386 2.54 65.51 -43.96
N VAL C 387 2.08 65.85 -45.16
CA VAL C 387 2.60 65.21 -46.36
C VAL C 387 4.08 65.50 -46.50
N GLU C 388 4.46 66.76 -46.27
CA GLU C 388 5.85 67.16 -46.44
C GLU C 388 6.73 66.38 -45.50
N ARG C 389 6.24 66.12 -44.29
CA ARG C 389 7.03 65.31 -43.35
C ARG C 389 7.06 63.87 -43.81
N MET C 390 6.00 63.44 -44.48
CA MET C 390 5.98 62.09 -44.99
C MET C 390 7.07 61.87 -46.04
N THR C 391 7.19 62.79 -46.99
CA THR C 391 8.05 62.57 -48.15
C THR C 391 9.22 63.53 -48.24
N GLY C 392 9.29 64.53 -47.37
CA GLY C 392 10.40 65.46 -47.42
C GLY C 392 10.32 66.47 -48.55
N ILE C 393 9.20 66.56 -49.25
CA ILE C 393 9.09 67.40 -50.44
C ILE C 393 8.18 68.58 -50.12
N PRO C 394 8.72 69.79 -50.00
CA PRO C 394 7.86 70.96 -49.98
C PRO C 394 7.15 71.07 -51.32
N VAL C 395 5.89 71.47 -51.27
CA VAL C 395 5.05 71.56 -52.45
C VAL C 395 4.70 73.02 -52.67
N SER C 396 5.21 73.59 -53.74
CA SER C 396 4.64 74.84 -54.19
C SER C 396 3.34 74.56 -54.94
N GLN C 397 2.43 75.53 -54.89
CA GLN C 397 1.12 75.43 -55.55
C GLN C 397 0.37 74.18 -55.09
N MET C 398 0.24 74.06 -53.78
CA MET C 398 -0.48 72.95 -53.18
C MET C 398 -1.93 72.96 -53.64
N GLY C 399 -2.47 71.77 -53.91
CA GLY C 399 -3.82 71.64 -54.40
C GLY C 399 -3.99 71.86 -55.89
N ALA C 400 -2.90 72.12 -56.61
CA ALA C 400 -2.99 72.35 -58.04
C ALA C 400 -3.57 71.13 -58.74
N SER C 401 -4.27 71.37 -59.84
CA SER C 401 -4.84 70.28 -60.60
C SER C 401 -3.72 69.44 -61.22
N ASP C 402 -4.03 68.18 -61.47
CA ASP C 402 -3.15 67.35 -62.29
C ASP C 402 -2.88 68.03 -63.63
N ILE C 403 -3.87 68.72 -64.18
CA ILE C 403 -3.67 69.43 -65.44
C ILE C 403 -2.56 70.45 -65.27
N GLU C 404 -2.57 71.18 -64.16
CA GLU C 404 -1.48 72.09 -63.87
C GLU C 404 -0.17 71.34 -63.76
N ARG C 405 -0.15 70.27 -62.96
CA ARG C 405 1.11 69.63 -62.59
C ARG C 405 1.79 68.98 -63.78
N LEU C 406 1.02 68.31 -64.63
CA LEU C 406 1.57 67.60 -65.76
C LEU C 406 2.21 68.54 -66.77
N LYS C 407 1.83 69.81 -66.77
CA LYS C 407 2.51 70.81 -67.59
C LYS C 407 3.62 71.53 -66.85
N ASP C 408 3.46 71.73 -65.54
CA ASP C 408 4.47 72.46 -64.78
C ASP C 408 5.72 71.63 -64.58
N MET C 409 5.59 70.31 -64.45
CA MET C 409 6.76 69.46 -64.33
C MET C 409 7.68 69.60 -65.54
N ALA C 410 7.14 69.99 -66.70
CA ALA C 410 8.00 70.27 -67.85
C ALA C 410 9.08 71.28 -67.47
N HIS C 411 8.69 72.40 -66.87
CA HIS C 411 9.69 73.34 -66.37
C HIS C 411 10.42 72.82 -65.15
N ARG C 412 9.70 72.12 -64.26
CA ARG C 412 10.31 71.64 -63.02
C ARG C 412 11.59 70.87 -63.31
N LEU C 413 11.53 69.94 -64.27
CA LEU C 413 12.74 69.29 -64.73
C LEU C 413 13.55 70.18 -65.66
N GLN C 414 12.88 70.96 -66.51
CA GLN C 414 13.59 71.80 -67.47
C GLN C 414 14.49 72.80 -66.78
N ASP C 415 14.04 73.36 -65.67
CA ASP C 415 14.76 74.42 -64.98
C ASP C 415 15.79 73.89 -63.99
N LYS C 416 15.76 72.59 -63.68
CA LYS C 416 16.85 71.97 -62.93
C LYS C 416 17.91 71.36 -63.83
N VAL C 417 17.62 71.27 -65.12
CA VAL C 417 18.60 70.84 -66.11
C VAL C 417 18.87 72.02 -67.02
N ILE C 418 19.77 71.82 -67.98
CA ILE C 418 20.15 72.86 -68.92
C ILE C 418 19.87 72.35 -70.34
N GLY C 419 18.90 72.96 -71.01
CA GLY C 419 18.61 72.63 -72.38
C GLY C 419 18.23 71.17 -72.54
N GLN C 420 18.64 70.61 -73.68
CA GLN C 420 18.31 69.24 -74.06
C GLN C 420 16.80 69.01 -73.99
N ASP C 421 16.05 69.98 -74.50
CA ASP C 421 14.60 70.01 -74.32
C ASP C 421 13.91 68.82 -74.93
N LYS C 422 14.55 68.13 -75.87
CA LYS C 422 13.92 66.96 -76.50
C LYS C 422 13.61 65.89 -75.46
N ALA C 423 14.60 65.60 -74.60
CA ALA C 423 14.39 64.60 -73.56
C ALA C 423 13.27 65.02 -72.62
N VAL C 424 13.24 66.29 -72.25
CA VAL C 424 12.16 66.79 -71.40
C VAL C 424 10.82 66.55 -72.06
N GLU C 425 10.69 66.93 -73.33
CA GLU C 425 9.43 66.73 -74.07
C GLU C 425 9.01 65.27 -74.06
N VAL C 426 9.91 64.39 -74.48
CA VAL C 426 9.57 62.98 -74.60
C VAL C 426 9.16 62.39 -73.25
N VAL C 427 9.99 62.64 -72.23
CA VAL C 427 9.71 62.05 -70.93
C VAL C 427 8.39 62.58 -70.38
N ALA C 428 8.16 63.89 -70.51
CA ALA C 428 6.94 64.46 -69.97
C ALA C 428 5.71 63.88 -70.65
N ARG C 429 5.72 63.80 -71.98
CA ARG C 429 4.55 63.26 -72.66
C ARG C 429 4.32 61.80 -72.30
N ALA C 430 5.39 61.01 -72.25
CA ALA C 430 5.22 59.60 -71.89
C ALA C 430 4.66 59.47 -70.48
N ILE C 431 5.19 60.26 -69.55
CA ILE C 431 4.71 60.21 -68.18
C ILE C 431 3.25 60.58 -68.11
N CYS C 432 2.84 61.62 -68.84
CA CYS C 432 1.45 62.02 -68.81
C CYS C 432 0.56 60.91 -69.36
N ARG C 433 0.99 60.27 -70.46
CA ARG C 433 0.20 59.19 -71.03
C ARG C 433 0.00 58.07 -70.01
N ASN C 434 1.07 57.65 -69.35
CA ASN C 434 0.92 56.60 -68.35
C ASN C 434 0.04 57.06 -67.20
N ARG C 435 0.25 58.28 -66.72
CA ARG C 435 -0.53 58.78 -65.58
C ARG C 435 -1.99 58.93 -65.93
N ALA C 436 -2.30 59.49 -67.09
CA ALA C 436 -3.70 59.66 -67.47
C ALA C 436 -4.34 58.35 -67.89
N GLY C 437 -3.56 57.29 -68.10
CA GLY C 437 -4.12 56.02 -68.51
C GLY C 437 -4.57 55.95 -69.95
N PHE C 438 -4.04 56.83 -70.81
CA PHE C 438 -4.38 56.77 -72.22
C PHE C 438 -3.82 55.51 -72.88
N ASP C 439 -2.56 55.22 -72.62
CA ASP C 439 -1.91 54.06 -73.22
C ASP C 439 -2.56 52.77 -72.72
N GLU C 440 -2.72 51.82 -73.63
CA GLU C 440 -3.21 50.51 -73.22
C GLU C 440 -2.22 49.87 -72.26
N GLY C 441 -2.75 49.07 -71.33
CA GLY C 441 -1.92 48.44 -70.34
C GLY C 441 -1.08 47.31 -70.92
N ASN C 442 -0.61 46.46 -70.01
CA ASN C 442 0.18 45.28 -70.34
C ASN C 442 1.51 45.64 -70.98
N ARG C 443 1.98 46.86 -70.71
CA ARG C 443 3.31 47.30 -71.12
C ARG C 443 3.94 48.03 -69.94
N PRO C 444 5.26 47.98 -69.82
CA PRO C 444 5.93 48.73 -68.75
C PRO C 444 5.75 50.22 -68.95
N ILE C 445 6.00 50.96 -67.87
CA ILE C 445 5.69 52.40 -67.86
C ILE C 445 6.48 53.12 -68.95
N GLY C 446 7.78 52.86 -69.02
CA GLY C 446 8.59 53.49 -70.02
C GLY C 446 9.93 52.81 -70.09
N ASN C 447 10.45 52.74 -71.31
CA ASN C 447 11.70 52.07 -71.61
C ASN C 447 12.47 52.98 -72.55
N PHE C 448 13.48 53.64 -72.05
CA PHE C 448 14.14 54.68 -72.83
C PHE C 448 15.65 54.52 -72.83
N LEU C 449 16.26 54.94 -73.92
CA LEU C 449 17.70 54.85 -74.11
C LEU C 449 18.27 56.27 -74.21
N PHE C 450 19.44 56.47 -73.63
CA PHE C 450 20.12 57.76 -73.61
C PHE C 450 21.58 57.54 -73.93
N VAL C 451 22.07 58.20 -74.98
CA VAL C 451 23.34 57.85 -75.58
C VAL C 451 24.16 59.13 -75.72
N GLY C 452 25.31 59.18 -75.06
CA GLY C 452 26.15 60.35 -75.10
C GLY C 452 27.31 60.22 -74.13
N SER C 453 28.03 61.32 -73.94
CA SER C 453 29.14 61.36 -73.01
C SER C 453 28.65 61.54 -71.58
N THR C 454 29.58 61.44 -70.63
CA THR C 454 29.21 61.50 -69.22
C THR C 454 28.97 62.93 -68.75
N GLY C 455 29.95 63.80 -68.94
CA GLY C 455 29.88 65.15 -68.42
C GLY C 455 28.86 66.00 -69.14
N VAL C 456 27.60 65.55 -69.11
CA VAL C 456 26.52 66.27 -69.76
C VAL C 456 25.36 66.36 -68.78
N GLY C 457 25.63 66.11 -67.51
CA GLY C 457 24.55 65.75 -66.62
C GLY C 457 23.93 64.44 -67.01
N LYS C 458 24.76 63.46 -67.36
CA LYS C 458 24.24 62.20 -67.90
C LYS C 458 23.29 61.52 -66.93
N THR C 459 23.45 61.78 -65.64
CA THR C 459 22.60 61.20 -64.61
C THR C 459 21.52 62.16 -64.12
N GLU C 460 21.34 63.28 -64.82
CA GLU C 460 20.34 64.26 -64.40
C GLU C 460 18.96 63.65 -64.25
N LEU C 461 18.52 62.91 -65.25
CA LEU C 461 17.23 62.26 -65.17
C LEU C 461 17.22 61.11 -64.19
N ALA C 462 18.38 60.63 -63.77
CA ALA C 462 18.46 59.63 -62.72
C ALA C 462 18.21 60.22 -61.34
N LYS C 463 18.51 61.51 -61.15
CA LYS C 463 18.33 62.14 -59.86
C LYS C 463 17.07 63.00 -59.80
N GLN C 464 16.97 64.02 -60.64
CA GLN C 464 15.88 64.98 -60.55
C GLN C 464 14.57 64.41 -61.03
N LEU C 465 14.59 63.70 -62.16
CA LEU C 465 13.39 63.04 -62.63
C LEU C 465 12.91 62.03 -61.60
N ALA C 466 13.82 61.23 -61.04
CA ALA C 466 13.43 60.24 -60.05
C ALA C 466 12.78 60.90 -58.85
N LEU C 467 13.40 61.97 -58.34
CA LEU C 467 12.86 62.61 -57.16
C LEU C 467 11.49 63.22 -57.44
N ASP C 468 11.34 63.92 -58.56
CA ASP C 468 10.04 64.51 -58.87
C ASP C 468 8.98 63.44 -59.06
N MET C 469 9.34 62.34 -59.71
CA MET C 469 8.42 61.23 -59.86
C MET C 469 7.98 60.67 -58.51
N PHE C 470 8.91 60.53 -57.57
CA PHE C 470 8.64 59.73 -56.40
C PHE C 470 8.85 60.44 -55.08
N GLY C 471 8.80 61.77 -55.04
CA GLY C 471 9.01 62.47 -53.81
C GLY C 471 10.33 62.17 -53.13
N THR C 472 11.23 61.48 -53.81
CA THR C 472 12.56 61.19 -53.32
C THR C 472 13.35 60.58 -54.47
N GLN C 473 14.61 60.95 -54.56
CA GLN C 473 15.51 60.36 -55.53
C GLN C 473 15.81 58.90 -55.22
N ASP C 474 15.53 58.46 -53.98
CA ASP C 474 15.83 57.08 -53.56
C ASP C 474 14.72 56.15 -54.05
N ALA C 475 14.55 56.15 -55.37
CA ALA C 475 13.61 55.24 -56.02
C ALA C 475 14.23 54.60 -57.25
N ILE C 476 15.54 54.47 -57.29
CA ILE C 476 16.24 53.95 -58.46
C ILE C 476 17.28 52.94 -58.01
N ILE C 477 17.44 51.89 -58.82
CA ILE C 477 18.56 50.98 -58.72
C ILE C 477 19.30 51.00 -60.05
N ARG C 478 20.60 51.22 -59.98
CA ARG C 478 21.42 51.36 -61.18
C ARG C 478 22.47 50.27 -61.22
N LEU C 479 22.58 49.63 -62.39
CA LEU C 479 23.63 48.68 -62.70
C LEU C 479 24.37 49.15 -63.93
N ASP C 480 25.68 49.30 -63.81
CA ASP C 480 26.53 49.64 -64.94
C ASP C 480 26.84 48.31 -65.64
N MET C 481 26.05 47.99 -66.67
CA MET C 481 26.00 46.61 -67.15
C MET C 481 27.37 46.17 -67.66
N SER C 482 28.10 47.09 -68.31
CA SER C 482 29.42 46.75 -68.81
C SER C 482 30.33 46.25 -67.69
N GLU C 483 30.45 47.02 -66.61
CA GLU C 483 31.21 46.58 -65.47
C GLU C 483 30.47 45.54 -64.66
N TYR C 484 29.13 45.47 -64.82
CA TYR C 484 28.34 44.47 -64.11
C TYR C 484 28.82 43.07 -64.40
N SER C 485 29.01 42.75 -65.67
CA SER C 485 29.21 41.36 -66.05
C SER C 485 30.59 40.87 -65.63
N ASP C 486 30.90 39.65 -66.04
CA ASP C 486 32.16 39.01 -65.75
C ASP C 486 33.04 38.94 -66.99
N ARG C 487 34.26 39.49 -66.89
CA ARG C 487 35.16 39.47 -68.05
C ARG C 487 36.40 38.61 -67.81
N THR C 488 37.21 38.96 -66.81
CA THR C 488 38.46 38.27 -66.55
C THR C 488 38.66 38.12 -65.05
N ALA C 489 39.40 37.08 -64.66
CA ALA C 489 39.52 36.74 -63.24
C ALA C 489 40.37 37.79 -62.53
N VAL C 490 39.74 38.93 -62.27
CA VAL C 490 40.37 40.05 -61.61
C VAL C 490 39.58 40.37 -60.35
N SER C 491 40.25 40.96 -59.36
CA SER C 491 39.65 41.10 -58.04
C SER C 491 38.67 42.27 -57.96
N LYS C 492 37.76 42.32 -58.92
CA LYS C 492 36.62 43.23 -58.85
C LYS C 492 35.39 42.44 -59.29
N LEU C 493 35.64 41.27 -59.86
CA LEU C 493 34.59 40.41 -60.39
C LEU C 493 35.04 38.96 -60.34
N ILE C 494 34.13 38.09 -59.92
CA ILE C 494 34.44 36.68 -59.70
C ILE C 494 33.40 35.80 -60.39
N GLY C 495 33.86 34.75 -61.07
CA GLY C 495 32.96 33.77 -61.65
C GLY C 495 32.88 33.80 -63.15
N THR C 496 31.67 33.63 -63.69
CA THR C 496 31.46 33.67 -65.13
C THR C 496 30.27 34.58 -65.41
N THR C 497 30.31 35.23 -66.58
CA THR C 497 29.24 36.15 -66.94
C THR C 497 27.90 35.44 -66.95
N ALA C 498 27.88 34.19 -67.41
CA ALA C 498 26.70 33.36 -67.26
C ALA C 498 26.21 33.34 -65.82
N GLY C 499 27.11 33.07 -64.86
CA GLY C 499 26.72 33.12 -63.46
C GLY C 499 25.87 34.33 -63.12
N TYR C 500 26.14 35.46 -63.77
CA TYR C 500 25.42 36.68 -63.44
C TYR C 500 23.92 36.53 -63.62
N VAL C 501 23.46 35.97 -64.74
CA VAL C 501 22.02 35.81 -64.90
C VAL C 501 21.46 34.95 -63.78
N GLY C 502 22.24 33.95 -63.34
CA GLY C 502 21.81 33.15 -62.22
C GLY C 502 21.50 33.98 -60.99
N TYR C 503 22.41 34.90 -60.64
CA TYR C 503 22.14 35.76 -59.49
C TYR C 503 20.82 36.49 -59.67
N ASP C 504 20.54 36.92 -60.91
CA ASP C 504 19.38 37.75 -61.14
C ASP C 504 18.09 36.95 -60.97
N ASP C 505 18.17 35.62 -61.01
CA ASP C 505 16.94 34.86 -61.14
C ASP C 505 16.69 33.93 -59.96
N ASN C 506 17.59 33.88 -58.98
CA ASN C 506 17.40 33.01 -57.82
C ASN C 506 17.77 33.68 -56.51
N SER C 507 18.31 34.90 -56.56
CA SER C 507 18.94 35.49 -55.37
C SER C 507 18.34 36.86 -55.09
N ASN C 508 18.45 37.28 -53.84
CA ASN C 508 17.89 38.55 -53.38
C ASN C 508 18.72 39.72 -53.88
N THR C 509 18.82 39.81 -55.20
CA THR C 509 19.55 40.92 -55.80
C THR C 509 18.72 41.67 -56.83
N LEU C 510 17.95 40.97 -57.66
CA LEU C 510 17.17 41.67 -58.66
C LEU C 510 15.68 41.45 -58.47
N THR C 511 15.26 40.18 -58.47
CA THR C 511 13.84 39.89 -58.31
C THR C 511 13.31 40.26 -56.94
N GLU C 512 14.07 40.01 -55.87
CA GLU C 512 13.66 40.47 -54.56
C GLU C 512 13.27 41.94 -54.61
N ARG C 513 14.19 42.80 -55.04
CA ARG C 513 13.97 44.23 -54.98
C ARG C 513 12.82 44.70 -55.86
N VAL C 514 12.76 44.25 -57.12
CA VAL C 514 11.74 44.77 -58.01
C VAL C 514 10.35 44.44 -57.51
N ARG C 515 10.16 43.29 -56.89
CA ARG C 515 8.89 42.95 -56.28
C ARG C 515 8.62 43.75 -55.01
N ARG C 516 9.65 44.27 -54.36
CA ARG C 516 9.44 45.12 -53.21
C ARG C 516 8.96 46.52 -53.56
N ASN C 517 9.43 47.09 -54.66
CA ASN C 517 9.03 48.43 -55.06
C ASN C 517 8.61 48.39 -56.51
N PRO C 518 7.44 47.80 -56.80
CA PRO C 518 7.02 47.63 -58.19
C PRO C 518 6.88 48.94 -58.96
N TYR C 519 7.16 50.07 -58.33
CA TYR C 519 7.15 51.35 -59.01
C TYR C 519 8.55 51.89 -59.26
N SER C 520 9.59 51.26 -58.71
CA SER C 520 10.93 51.82 -58.76
C SER C 520 11.42 51.97 -60.21
N ILE C 521 12.53 52.65 -60.36
CA ILE C 521 13.16 52.89 -61.66
C ILE C 521 14.49 52.17 -61.68
N ILE C 522 14.78 51.49 -62.78
CA ILE C 522 16.02 50.75 -62.93
C ILE C 522 16.81 51.33 -64.08
N LEU C 523 18.11 51.52 -63.86
CA LEU C 523 19.00 52.21 -64.76
C LEU C 523 20.13 51.27 -65.13
N LEU C 524 20.43 51.17 -66.42
CA LEU C 524 21.48 50.29 -66.92
C LEU C 524 22.48 51.13 -67.70
N ASP C 525 23.65 51.35 -67.12
CA ASP C 525 24.65 52.23 -67.69
C ASP C 525 25.36 51.54 -68.86
N ALA C 526 25.54 52.29 -69.95
CA ALA C 526 26.54 51.95 -70.96
C ALA C 526 26.41 50.50 -71.42
N ILE C 527 25.38 50.18 -72.19
CA ILE C 527 24.97 48.79 -72.36
C ILE C 527 25.31 48.19 -73.72
N GLU C 528 26.35 48.62 -74.42
CA GLU C 528 26.75 47.80 -75.56
C GLU C 528 27.08 46.41 -75.02
N LYS C 529 27.85 46.31 -73.93
CA LYS C 529 29.10 47.02 -73.71
C LYS C 529 29.98 45.99 -73.03
N ALA C 530 29.30 45.04 -72.41
CA ALA C 530 29.98 43.97 -71.72
C ALA C 530 29.85 42.67 -72.49
N ASP C 531 30.36 41.60 -71.87
CA ASP C 531 30.27 40.27 -72.48
C ASP C 531 28.84 39.88 -72.84
N PRO C 532 27.83 40.09 -71.99
CA PRO C 532 26.50 39.60 -72.34
C PRO C 532 25.83 40.44 -73.40
N GLN C 533 25.25 39.77 -74.39
CA GLN C 533 24.36 40.41 -75.37
C GLN C 533 22.91 40.19 -74.95
N VAL C 534 22.58 40.72 -73.77
CA VAL C 534 21.26 40.48 -73.16
C VAL C 534 20.30 41.46 -73.83
N ILE C 535 19.72 41.01 -74.94
CA ILE C 535 18.63 41.72 -75.58
C ILE C 535 17.36 40.93 -75.36
N THR C 536 17.39 39.65 -75.72
CA THR C 536 16.20 38.84 -75.71
C THR C 536 15.71 38.52 -74.30
N LEU C 537 16.62 38.29 -73.34
CA LEU C 537 16.16 38.02 -71.99
C LEU C 537 15.31 39.16 -71.46
N LEU C 538 15.59 40.38 -71.89
CA LEU C 538 14.78 41.52 -71.51
C LEU C 538 13.47 41.61 -72.26
N LEU C 539 13.41 41.09 -73.49
CA LEU C 539 12.22 41.24 -74.31
C LEU C 539 10.96 40.77 -73.59
N GLN C 540 11.09 39.78 -72.70
CA GLN C 540 9.94 39.32 -71.95
C GLN C 540 9.22 40.47 -71.26
N VAL C 541 9.97 41.27 -70.49
CA VAL C 541 9.35 42.48 -69.97
C VAL C 541 9.11 43.47 -71.09
N LEU C 542 10.08 43.61 -72.00
CA LEU C 542 9.98 44.62 -73.04
C LEU C 542 8.75 44.39 -73.90
N ASP C 543 8.20 43.18 -73.86
CA ASP C 543 6.92 42.92 -74.48
C ASP C 543 5.76 43.16 -73.51
N ASP C 544 5.79 42.50 -72.34
CA ASP C 544 4.59 42.45 -71.52
C ASP C 544 4.84 42.67 -70.03
N GLY C 545 6.09 42.81 -69.60
CA GLY C 545 6.37 43.08 -68.21
C GLY C 545 6.29 41.87 -67.30
N ARG C 546 5.87 40.72 -67.82
CA ARG C 546 5.86 39.48 -67.06
C ARG C 546 7.11 38.70 -67.40
N LEU C 547 7.93 38.41 -66.41
CA LEU C 547 9.18 37.73 -66.68
C LEU C 547 9.48 36.71 -65.59
N THR C 548 9.88 35.52 -66.01
CA THR C 548 10.05 34.38 -65.11
C THR C 548 11.37 34.46 -64.35
N ASP C 549 11.38 33.84 -63.19
CA ASP C 549 12.58 33.79 -62.37
C ASP C 549 13.27 32.45 -62.56
N GLY C 550 14.29 32.20 -61.75
CA GLY C 550 14.94 30.89 -61.75
C GLY C 550 14.17 29.82 -61.05
N GLN C 551 12.96 30.12 -60.57
CA GLN C 551 12.08 29.13 -59.98
C GLN C 551 10.78 28.98 -60.75
N GLY C 552 10.61 29.70 -61.85
CA GLY C 552 9.38 29.66 -62.60
C GLY C 552 8.38 30.73 -62.25
N ASN C 553 8.55 31.41 -61.11
CA ASN C 553 7.65 32.48 -60.74
C ASN C 553 7.84 33.65 -61.69
N THR C 554 6.73 34.25 -62.09
CA THR C 554 6.77 35.41 -62.97
C THR C 554 6.59 36.67 -62.14
N VAL C 555 7.37 37.69 -62.45
CA VAL C 555 7.25 38.99 -61.81
C VAL C 555 6.72 39.97 -62.84
N ASN C 556 5.78 40.80 -62.40
CA ASN C 556 5.22 41.85 -63.24
C ASN C 556 6.14 43.06 -63.18
N PHE C 557 6.26 43.75 -64.30
CA PHE C 557 7.01 44.99 -64.39
C PHE C 557 6.14 46.12 -64.88
N LYS C 558 4.85 46.09 -64.54
CA LYS C 558 3.90 47.03 -65.11
C LYS C 558 4.21 48.46 -64.74
N ASN C 559 4.57 48.70 -63.48
CA ASN C 559 4.66 50.05 -62.97
C ASN C 559 6.09 50.54 -62.81
N THR C 560 7.03 49.97 -63.55
CA THR C 560 8.42 50.36 -63.43
C THR C 560 8.89 51.09 -64.68
N VAL C 561 10.01 51.78 -64.54
CA VAL C 561 10.65 52.49 -65.64
C VAL C 561 12.05 51.91 -65.82
N ILE C 562 12.43 51.68 -67.06
CA ILE C 562 13.76 51.18 -67.41
C ILE C 562 14.44 52.24 -68.27
N ILE C 563 15.59 52.70 -67.82
CA ILE C 563 16.39 53.67 -68.55
C ILE C 563 17.79 53.09 -68.72
N ALA C 564 18.28 53.08 -69.95
CA ALA C 564 19.60 52.56 -70.23
C ALA C 564 20.40 53.56 -71.05
N THR C 565 21.71 53.51 -70.91
CA THR C 565 22.60 54.53 -71.47
C THR C 565 23.62 53.88 -72.40
N SER C 566 24.31 54.74 -73.16
CA SER C 566 25.29 54.29 -74.13
C SER C 566 26.19 55.46 -74.52
N ASN C 567 27.12 55.19 -75.44
CA ASN C 567 28.12 56.16 -75.90
C ASN C 567 27.74 56.65 -77.28
N ALA C 568 27.60 57.98 -77.42
CA ALA C 568 27.31 58.59 -78.72
C ALA C 568 28.54 59.15 -79.41
N GLY C 569 29.70 58.58 -79.17
CA GLY C 569 30.94 59.25 -79.52
C GLY C 569 31.25 60.33 -78.50
N PHE C 570 32.34 61.04 -78.77
CA PHE C 570 32.79 62.07 -77.84
C PHE C 570 33.68 63.07 -78.57
N GLY C 571 33.54 64.34 -78.20
CA GLY C 571 34.40 65.37 -78.72
C GLY C 571 35.58 65.60 -77.79
N TYR C 572 35.77 66.84 -77.34
CA TYR C 572 34.94 67.96 -77.77
C TYR C 572 35.85 69.05 -78.32
N GLU C 573 35.46 69.63 -79.45
CA GLU C 573 36.30 70.59 -80.14
C GLU C 573 35.84 72.06 -80.17
N ALA C 574 34.89 72.53 -79.34
CA ALA C 574 34.07 71.82 -78.36
C ALA C 574 32.80 71.32 -79.03
N ASN C 575 32.08 72.25 -79.66
CA ASN C 575 30.84 71.93 -80.35
C ASN C 575 31.03 71.73 -81.85
N LEU C 576 32.26 71.83 -82.36
CA LEU C 576 32.47 71.64 -83.79
C LEU C 576 32.27 70.18 -84.21
N THR C 577 32.54 69.23 -83.29
CA THR C 577 32.28 67.83 -83.55
C THR C 577 31.35 67.22 -82.51
N GLU C 578 30.58 68.04 -81.80
CA GLU C 578 29.60 67.51 -80.84
C GLU C 578 28.51 66.74 -81.56
N ASP C 579 28.14 67.16 -82.78
CA ASP C 579 27.13 66.46 -83.57
C ASP C 579 27.35 66.84 -85.03
N ALA C 580 27.84 65.89 -85.82
CA ALA C 580 28.12 66.15 -87.23
C ALA C 580 26.90 65.88 -88.12
N ASP C 581 26.20 64.78 -87.88
CA ASP C 581 25.00 64.46 -88.63
C ASP C 581 24.22 63.40 -87.86
N LYS C 582 22.93 63.25 -88.22
CA LYS C 582 22.08 62.26 -87.55
C LYS C 582 22.58 60.84 -87.74
N PRO C 583 22.94 60.38 -88.94
CA PRO C 583 23.44 59.00 -89.06
C PRO C 583 24.87 58.82 -88.57
N GLU C 584 25.63 59.92 -88.42
CA GLU C 584 26.91 59.88 -87.71
C GLU C 584 26.77 59.18 -86.37
N LEU C 585 25.55 59.01 -85.90
CA LEU C 585 25.25 58.23 -84.72
C LEU C 585 24.71 56.84 -85.03
N MET C 586 23.54 56.73 -85.64
CA MET C 586 22.91 55.41 -85.74
C MET C 586 23.76 54.45 -86.55
N ASP C 587 24.36 54.92 -87.65
CA ASP C 587 25.09 54.01 -88.51
C ASP C 587 26.25 53.39 -87.77
N ARG C 588 26.91 54.18 -86.91
CA ARG C 588 27.90 53.62 -86.00
C ARG C 588 27.26 52.68 -84.99
N LEU C 589 26.11 53.07 -84.44
CA LEU C 589 25.47 52.21 -83.44
C LEU C 589 24.88 50.95 -84.04
N LYS C 590 24.71 50.89 -85.36
CA LYS C 590 24.22 49.64 -85.95
C LYS C 590 25.13 48.45 -85.64
N PRO C 591 26.45 48.53 -85.85
CA PRO C 591 27.32 47.47 -85.30
C PRO C 591 27.47 47.52 -83.79
N PHE C 592 27.03 48.59 -83.14
CA PHE C 592 27.16 48.71 -81.69
C PHE C 592 25.91 48.23 -80.97
N PHE C 593 24.74 48.73 -81.36
CA PHE C 593 23.47 48.29 -80.82
C PHE C 593 22.69 47.56 -81.90
N ARG C 594 22.20 46.38 -81.56
CA ARG C 594 21.46 45.58 -82.50
C ARG C 594 20.17 46.32 -82.90
N PRO C 595 19.86 46.38 -84.20
CA PRO C 595 18.68 47.16 -84.62
C PRO C 595 17.39 46.72 -83.95
N GLU C 596 17.22 45.42 -83.70
CA GLU C 596 16.03 44.96 -83.01
C GLU C 596 15.93 45.53 -81.60
N PHE C 597 17.03 45.54 -80.85
CA PHE C 597 17.02 46.11 -79.52
C PHE C 597 16.72 47.59 -79.57
N LEU C 598 17.14 48.27 -80.64
CA LEU C 598 16.73 49.64 -80.85
C LEU C 598 15.22 49.76 -81.03
N ASN C 599 14.66 48.91 -81.89
CA ASN C 599 13.24 49.03 -82.25
C ASN C 599 12.30 48.73 -81.08
N ARG C 600 12.79 48.15 -80.00
CA ARG C 600 11.97 47.81 -78.85
C ARG C 600 11.69 49.00 -77.94
N PHE C 601 12.41 50.10 -78.09
CA PHE C 601 12.32 51.16 -77.10
C PHE C 601 11.23 52.16 -77.46
N ASN C 602 10.71 52.82 -76.42
CA ASN C 602 9.82 53.94 -76.64
C ASN C 602 10.53 55.08 -77.36
N ALA C 603 11.79 55.35 -76.98
CA ALA C 603 12.59 56.37 -77.65
C ALA C 603 14.03 56.28 -77.17
N VAL C 604 14.91 56.85 -77.99
CA VAL C 604 16.31 57.08 -77.64
C VAL C 604 16.58 58.56 -77.77
N ILE C 605 17.37 59.09 -76.84
CA ILE C 605 17.76 60.50 -76.81
C ILE C 605 19.28 60.52 -76.68
N GLU C 606 19.89 61.64 -77.05
CA GLU C 606 21.34 61.71 -77.07
C GLU C 606 21.84 62.87 -76.22
N PHE C 607 23.08 62.73 -75.77
CA PHE C 607 23.80 63.77 -75.04
C PHE C 607 24.97 64.26 -75.89
N SER C 608 24.69 65.22 -76.76
CA SER C 608 25.72 65.86 -77.55
C SER C 608 26.07 67.25 -77.03
N HIS C 609 25.59 67.60 -75.84
CA HIS C 609 25.52 69.00 -75.46
C HIS C 609 26.70 69.39 -74.58
N LEU C 610 27.57 70.25 -75.11
CA LEU C 610 28.70 70.77 -74.35
C LEU C 610 29.19 72.03 -75.05
N THR C 611 29.06 73.17 -74.39
CA THR C 611 29.32 74.47 -75.01
C THR C 611 29.89 75.40 -73.95
N LYS C 612 29.77 76.71 -74.17
CA LYS C 612 30.26 77.70 -73.22
C LYS C 612 29.25 78.77 -72.83
N GLU C 613 28.35 79.16 -73.75
CA GLU C 613 27.42 80.25 -73.46
C GLU C 613 26.37 79.86 -72.45
N ASP C 614 25.92 78.61 -72.45
CA ASP C 614 24.86 78.14 -71.57
C ASP C 614 25.40 77.65 -70.24
N LEU C 615 26.71 77.75 -70.04
CA LEU C 615 27.37 77.19 -68.87
C LEU C 615 27.46 78.17 -67.72
N SER C 616 27.13 79.43 -67.94
CA SER C 616 26.97 80.34 -66.81
C SER C 616 25.82 79.91 -65.93
N LYS C 617 24.79 79.33 -66.53
CA LYS C 617 23.63 78.88 -65.77
C LYS C 617 24.02 77.82 -64.75
N ILE C 618 24.81 76.84 -65.17
CA ILE C 618 25.30 75.86 -64.20
C ILE C 618 26.22 76.54 -63.19
N VAL C 619 26.91 77.60 -63.62
CA VAL C 619 27.79 78.32 -62.69
C VAL C 619 26.99 78.87 -61.52
N ASP C 620 25.91 79.59 -61.79
CA ASP C 620 25.15 80.12 -60.67
C ASP C 620 24.38 79.02 -59.96
N LEU C 621 24.16 77.89 -60.62
CA LEU C 621 23.62 76.76 -59.89
C LEU C 621 24.57 76.29 -58.79
N MET C 622 25.84 76.05 -59.13
CA MET C 622 26.79 75.70 -58.09
C MET C 622 26.98 76.83 -57.09
N LEU C 623 26.92 78.09 -57.53
CA LEU C 623 27.01 79.18 -56.58
C LEU C 623 25.86 79.13 -55.58
N ALA C 624 24.68 78.77 -56.06
CA ALA C 624 23.52 78.59 -55.19
C ALA C 624 23.79 77.50 -54.17
N GLU C 625 24.30 76.34 -54.61
CA GLU C 625 24.50 75.28 -53.63
C GLU C 625 25.61 75.66 -52.65
N VAL C 626 26.60 76.43 -53.11
CA VAL C 626 27.66 76.87 -52.22
C VAL C 626 27.09 77.73 -51.11
N ASN C 627 26.28 78.72 -51.47
CA ASN C 627 25.70 79.56 -50.44
C ASN C 627 24.73 78.77 -49.56
N GLN C 628 24.05 77.78 -50.15
CA GLN C 628 23.21 76.89 -49.36
C GLN C 628 24.02 76.16 -48.30
N THR C 629 25.19 75.63 -48.69
CA THR C 629 26.06 74.95 -47.75
C THR C 629 26.53 75.92 -46.67
N LEU C 630 26.89 77.14 -47.08
CA LEU C 630 27.34 78.13 -46.13
C LEU C 630 26.24 78.49 -45.14
N ALA C 631 24.99 78.36 -45.55
CA ALA C 631 23.88 78.76 -44.68
C ALA C 631 23.89 77.98 -43.37
N LYS C 632 24.55 76.82 -43.34
CA LYS C 632 24.65 76.07 -42.10
C LYS C 632 25.36 76.87 -41.02
N LYS C 633 26.35 77.68 -41.40
CA LYS C 633 27.10 78.49 -40.45
C LYS C 633 26.70 79.96 -40.52
N ASP C 634 25.53 80.27 -41.09
CA ASP C 634 25.01 81.64 -41.14
C ASP C 634 25.92 82.54 -41.95
N ILE C 635 26.52 81.98 -43.00
CA ILE C 635 27.51 82.69 -43.82
C ILE C 635 26.93 82.89 -45.21
N ASP C 636 27.06 84.09 -45.74
CA ASP C 636 26.59 84.42 -47.07
C ASP C 636 27.78 84.89 -47.91
N LEU C 637 27.93 84.30 -49.10
CA LEU C 637 28.99 84.68 -50.02
C LEU C 637 28.38 85.38 -51.23
N VAL C 638 29.01 86.48 -51.64
CA VAL C 638 28.62 87.17 -52.86
C VAL C 638 29.70 86.95 -53.90
N VAL C 639 29.30 86.77 -55.16
CA VAL C 639 30.21 86.50 -56.25
C VAL C 639 30.06 87.57 -57.31
N SER C 640 31.18 88.16 -57.73
CA SER C 640 31.16 89.14 -58.79
C SER C 640 30.97 88.47 -60.15
N GLN C 641 30.41 89.23 -61.09
CA GLN C 641 30.24 88.72 -62.44
C GLN C 641 31.57 88.41 -63.11
N ALA C 642 32.57 89.26 -62.89
CA ALA C 642 33.88 89.00 -63.45
C ALA C 642 34.46 87.70 -62.92
N ALA C 643 34.22 87.43 -61.64
CA ALA C 643 34.62 86.14 -61.09
C ALA C 643 33.92 85.01 -61.82
N LYS C 644 32.64 85.19 -62.13
CA LYS C 644 31.91 84.17 -62.88
C LYS C 644 32.54 83.95 -64.25
N ASP C 645 32.88 85.04 -64.94
CA ASP C 645 33.49 84.92 -66.26
C ASP C 645 34.81 84.19 -66.18
N TYR C 646 35.63 84.52 -65.18
CA TYR C 646 36.91 83.84 -65.04
C TYR C 646 36.73 82.37 -64.69
N ILE C 647 35.76 82.05 -63.83
CA ILE C 647 35.51 80.65 -63.50
C ILE C 647 35.11 79.88 -64.75
N THR C 648 34.20 80.45 -65.53
CA THR C 648 33.81 79.82 -66.79
C THR C 648 35.03 79.56 -67.65
N GLU C 649 35.87 80.58 -67.83
CA GLU C 649 37.05 80.41 -68.68
C GLU C 649 37.97 79.33 -68.12
N GLU C 650 38.07 79.24 -66.80
CA GLU C 650 38.87 78.19 -66.18
C GLU C 650 38.30 76.82 -66.51
N GLY C 651 37.01 76.62 -66.27
CA GLY C 651 36.37 75.35 -66.51
C GLY C 651 36.13 75.03 -67.95
N TYR C 652 36.39 75.96 -68.87
CA TYR C 652 36.16 75.68 -70.27
C TYR C 652 37.31 74.86 -70.84
N ASP C 653 37.63 73.76 -70.17
CA ASP C 653 38.38 72.68 -70.81
C ASP C 653 37.37 71.87 -71.61
N GLU C 654 36.74 72.54 -72.55
CA GLU C 654 35.57 72.01 -73.25
C GLU C 654 36.02 70.93 -74.22
N VAL C 655 36.51 69.84 -73.65
CA VAL C 655 36.98 68.69 -74.42
C VAL C 655 36.22 67.41 -74.11
N MET C 656 35.73 67.22 -72.89
CA MET C 656 34.97 66.03 -72.57
C MET C 656 33.64 66.34 -71.88
N GLY C 657 33.63 67.29 -70.96
CA GLY C 657 32.43 67.52 -70.17
C GLY C 657 32.65 68.61 -69.14
N VAL C 658 31.75 68.61 -68.14
CA VAL C 658 31.65 69.71 -67.18
C VAL C 658 32.16 69.33 -65.80
N ARG C 659 32.85 68.20 -65.67
CA ARG C 659 33.45 67.88 -64.37
C ARG C 659 34.45 68.93 -63.91
N PRO C 660 35.40 69.38 -64.74
CA PRO C 660 36.28 70.48 -64.30
C PRO C 660 35.54 71.75 -64.00
N LEU C 661 34.36 71.97 -64.60
CA LEU C 661 33.60 73.17 -64.30
C LEU C 661 33.22 73.22 -62.83
N ARG C 662 32.80 72.08 -62.27
CA ARG C 662 32.65 71.97 -60.82
C ARG C 662 33.99 71.97 -60.11
N ARG C 663 35.00 71.34 -60.71
CA ARG C 663 36.28 71.16 -60.04
C ARG C 663 36.94 72.48 -59.71
N VAL C 664 36.85 73.46 -60.62
CA VAL C 664 37.55 74.73 -60.42
C VAL C 664 37.03 75.50 -59.22
N VAL C 665 35.80 75.26 -58.78
CA VAL C 665 35.32 75.80 -57.52
C VAL C 665 35.24 74.73 -56.45
N GLU C 666 35.60 73.49 -56.76
CA GLU C 666 35.46 72.38 -55.83
C GLU C 666 36.24 72.63 -54.55
N GLN C 667 37.37 73.31 -54.66
CA GLN C 667 38.20 73.61 -53.51
C GLN C 667 38.65 75.06 -53.46
N GLU C 668 38.75 75.74 -54.59
CA GLU C 668 39.38 77.05 -54.63
C GLU C 668 38.57 78.06 -53.82
N ILE C 669 37.24 78.00 -53.94
CA ILE C 669 36.39 78.89 -53.16
C ILE C 669 36.49 78.53 -51.68
N ARG C 670 36.34 77.25 -51.38
CA ARG C 670 36.28 76.82 -49.98
C ARG C 670 37.64 76.89 -49.31
N ASP C 671 38.73 76.83 -50.09
CA ASP C 671 40.04 77.07 -49.51
C ASP C 671 40.19 78.48 -48.98
N LYS C 672 39.74 79.48 -49.75
CA LYS C 672 39.71 80.84 -49.26
C LYS C 672 38.79 80.97 -48.06
N VAL C 673 37.62 80.33 -48.15
CA VAL C 673 36.66 80.40 -47.04
C VAL C 673 37.28 79.83 -45.77
N THR C 674 38.13 78.83 -45.91
CA THR C 674 38.82 78.28 -44.75
C THR C 674 39.57 79.36 -44.00
N ASP C 675 40.39 80.13 -44.69
CA ASP C 675 41.18 81.16 -44.02
C ASP C 675 40.32 82.31 -43.54
N PHE C 676 39.32 82.71 -44.33
CA PHE C 676 38.45 83.78 -43.87
C PHE C 676 37.67 83.38 -42.63
N HIS C 677 37.41 82.08 -42.46
CA HIS C 677 36.70 81.61 -41.28
C HIS C 677 37.54 81.69 -40.02
N LEU C 678 38.86 81.78 -40.15
CA LEU C 678 39.70 82.03 -39.00
C LEU C 678 39.39 83.38 -38.36
N ASP C 679 38.78 84.28 -39.11
CA ASP C 679 38.23 85.52 -38.59
C ASP C 679 36.94 85.18 -37.84
N HIS C 680 36.46 86.04 -36.91
CA HIS C 680 36.56 87.51 -36.82
C HIS C 680 35.93 88.04 -38.10
N LEU C 681 34.85 87.37 -38.51
CA LEU C 681 34.38 87.42 -39.88
C LEU C 681 32.98 88.01 -39.94
N ASP C 682 32.79 88.97 -40.85
CA ASP C 682 31.46 89.45 -41.22
C ASP C 682 30.91 88.49 -42.25
N ALA C 683 30.15 87.49 -41.80
CA ALA C 683 29.63 86.49 -42.71
C ALA C 683 28.72 87.08 -43.77
N LYS C 684 28.11 88.23 -43.49
CA LYS C 684 27.21 88.89 -44.44
C LYS C 684 27.98 89.60 -45.54
N HIS C 685 29.23 89.97 -45.30
CA HIS C 685 29.97 90.86 -46.17
C HIS C 685 30.78 90.15 -47.24
N LEU C 686 30.97 88.84 -47.12
CA LEU C 686 31.92 88.15 -47.99
C LEU C 686 31.53 88.27 -49.45
N GLU C 687 32.29 89.06 -50.20
CA GLU C 687 32.10 89.23 -51.62
C GLU C 687 33.38 88.84 -52.34
N ALA C 688 33.25 88.01 -53.35
CA ALA C 688 34.40 87.45 -54.07
C ALA C 688 34.54 88.12 -55.43
N ASP C 689 35.77 88.52 -55.75
CA ASP C 689 36.10 89.07 -57.06
C ASP C 689 37.44 88.51 -57.51
N MET C 690 37.92 89.01 -58.64
CA MET C 690 39.04 88.43 -59.36
C MET C 690 40.14 89.45 -59.56
N GLU C 691 41.37 89.07 -59.22
CA GLU C 691 42.55 89.89 -59.46
C GLU C 691 43.55 89.01 -60.19
N ASP C 692 43.58 89.12 -61.52
CA ASP C 692 44.57 88.43 -62.33
C ASP C 692 44.52 86.92 -62.10
N GLY C 693 43.31 86.38 -62.03
CA GLY C 693 43.13 84.97 -61.80
C GLY C 693 43.24 84.55 -60.35
N VAL C 694 43.31 85.50 -59.42
CA VAL C 694 43.40 85.18 -58.00
C VAL C 694 42.10 85.60 -57.31
N LEU C 695 41.54 84.69 -56.53
CA LEU C 695 40.28 84.96 -55.83
C LEU C 695 40.54 85.89 -54.66
N VAL C 696 39.82 87.00 -54.61
CA VAL C 696 39.98 87.99 -53.56
C VAL C 696 38.61 88.27 -52.96
N ILE C 697 38.45 88.00 -51.67
CA ILE C 697 37.17 88.12 -51.00
C ILE C 697 37.30 89.17 -49.90
N ARG C 698 36.28 90.01 -49.77
CA ARG C 698 36.21 90.96 -48.68
C ARG C 698 34.86 90.83 -47.99
N LEU D 76 -17.47 -4.28 -40.21
CA LEU D 76 -16.80 -3.41 -41.17
C LEU D 76 -16.60 -2.05 -40.54
N ALA D 77 -17.07 -1.01 -41.25
CA ALA D 77 -17.21 0.33 -40.69
C ALA D 77 -15.90 0.82 -40.06
N LYS D 78 -14.78 0.44 -40.67
CA LYS D 78 -13.47 0.89 -40.21
C LYS D 78 -12.75 1.50 -41.40
N LEU D 79 -12.75 2.83 -41.45
CA LEU D 79 -12.12 3.57 -42.54
C LEU D 79 -12.66 3.13 -43.90
N GLY D 80 -13.95 2.87 -43.96
CA GLY D 80 -14.53 2.39 -45.20
C GLY D 80 -16.04 2.31 -45.11
N ARG D 81 -16.63 1.86 -46.21
CA ARG D 81 -18.08 1.80 -46.32
C ARG D 81 -18.50 0.56 -47.08
N ASN D 82 -19.56 -0.08 -46.59
CA ASN D 82 -20.15 -1.23 -47.28
C ASN D 82 -21.13 -0.73 -48.30
N LEU D 83 -20.74 -0.78 -49.58
CA LEU D 83 -21.64 -0.36 -50.64
C LEU D 83 -22.81 -1.32 -50.82
N THR D 84 -22.60 -2.61 -50.57
CA THR D 84 -23.70 -3.57 -50.69
C THR D 84 -24.79 -3.26 -49.67
N ALA D 85 -24.40 -2.87 -48.46
CA ALA D 85 -25.39 -2.54 -47.44
C ALA D 85 -26.28 -1.40 -47.89
N GLU D 86 -25.69 -0.35 -48.45
CA GLU D 86 -26.49 0.74 -49.00
C GLU D 86 -27.34 0.26 -50.16
N ALA D 87 -26.80 -0.64 -50.97
CA ALA D 87 -27.54 -1.14 -52.12
C ALA D 87 -28.81 -1.85 -51.68
N ARG D 88 -28.75 -2.65 -50.62
CA ARG D 88 -29.94 -3.32 -50.13
C ARG D 88 -31.03 -2.32 -49.78
N GLU D 89 -30.63 -1.18 -49.23
CA GLU D 89 -31.57 -0.17 -48.78
C GLU D 89 -32.18 0.62 -49.92
N GLY D 90 -31.67 0.47 -51.14
CA GLY D 90 -32.14 1.29 -52.23
C GLY D 90 -31.67 2.73 -52.16
N LYS D 91 -30.59 2.99 -51.43
CA LYS D 91 -30.08 4.33 -51.24
C LYS D 91 -29.20 4.81 -52.39
N LEU D 92 -29.01 3.99 -53.41
CA LEU D 92 -28.03 4.27 -54.46
C LEU D 92 -28.72 4.48 -55.78
N ASP D 93 -28.23 5.46 -56.54
CA ASP D 93 -28.88 5.84 -57.79
C ASP D 93 -28.72 4.74 -58.83
N PRO D 94 -29.71 4.55 -59.70
CA PRO D 94 -29.55 3.57 -60.78
C PRO D 94 -28.44 3.99 -61.74
N VAL D 95 -27.61 3.03 -62.10
CA VAL D 95 -26.52 3.26 -63.03
C VAL D 95 -27.02 2.96 -64.44
N ILE D 96 -26.78 3.90 -65.35
CA ILE D 96 -27.47 3.93 -66.63
C ILE D 96 -26.47 3.78 -67.77
N GLY D 97 -26.79 2.92 -68.72
CA GLY D 97 -26.05 2.83 -69.97
C GLY D 97 -24.70 2.17 -69.89
N ARG D 98 -24.42 1.41 -68.85
CA ARG D 98 -23.10 0.82 -68.67
C ARG D 98 -23.12 -0.69 -68.85
N ASN D 99 -24.09 -1.22 -69.59
CA ASN D 99 -24.46 -2.62 -69.46
C ASN D 99 -23.29 -3.59 -69.54
N LYS D 100 -22.72 -3.76 -70.72
CA LYS D 100 -21.70 -4.81 -70.83
C LYS D 100 -20.51 -4.47 -69.96
N GLU D 101 -20.10 -3.21 -69.95
CA GLU D 101 -18.92 -2.79 -69.22
C GLU D 101 -18.99 -3.20 -67.75
N ILE D 102 -20.19 -3.32 -67.19
CA ILE D 102 -20.20 -3.72 -65.79
C ILE D 102 -20.10 -5.24 -65.67
N GLN D 103 -20.92 -5.97 -66.41
CA GLN D 103 -21.04 -7.39 -66.17
C GLN D 103 -19.90 -8.14 -66.84
N GLU D 104 -19.27 -7.52 -67.84
CA GLU D 104 -17.98 -8.01 -68.30
C GLU D 104 -17.00 -8.14 -67.15
N ALA D 105 -17.07 -7.24 -66.17
CA ALA D 105 -16.22 -7.34 -64.99
C ALA D 105 -16.38 -8.68 -64.30
N SER D 106 -17.62 -9.16 -64.17
CA SER D 106 -17.83 -10.46 -63.56
C SER D 106 -17.03 -11.55 -64.25
N GLU D 107 -16.85 -11.43 -65.57
CA GLU D 107 -16.12 -12.44 -66.33
C GLU D 107 -14.69 -12.57 -65.88
N ILE D 108 -14.16 -11.60 -65.15
CA ILE D 108 -12.86 -11.73 -64.54
C ILE D 108 -12.95 -12.32 -63.14
N LEU D 109 -13.92 -11.85 -62.35
CA LEU D 109 -13.98 -12.25 -60.95
C LEU D 109 -14.31 -13.72 -60.80
N SER D 110 -15.05 -14.29 -61.74
CA SER D 110 -15.48 -15.68 -61.63
C SER D 110 -14.34 -16.68 -61.72
N ARG D 111 -13.14 -16.24 -62.10
CA ARG D 111 -12.04 -17.17 -62.27
C ARG D 111 -11.42 -17.53 -60.92
N ARG D 112 -10.76 -18.69 -60.89
CA ARG D 112 -10.06 -19.11 -59.68
C ARG D 112 -8.79 -18.31 -59.45
N THR D 113 -8.03 -18.04 -60.50
CA THR D 113 -6.89 -17.15 -60.46
C THR D 113 -7.07 -16.07 -61.51
N LYS D 114 -6.09 -15.17 -61.59
CA LYS D 114 -6.10 -14.08 -62.56
C LYS D 114 -7.45 -13.35 -62.47
N ASN D 115 -7.68 -12.74 -61.32
CA ASN D 115 -9.00 -12.31 -60.92
C ASN D 115 -8.97 -10.96 -60.23
N ASN D 116 -8.21 -10.02 -60.79
CA ASN D 116 -8.03 -8.69 -60.20
C ASN D 116 -8.24 -7.67 -61.30
N PRO D 117 -9.49 -7.34 -61.61
CA PRO D 117 -9.75 -6.36 -62.66
C PRO D 117 -9.63 -4.94 -62.15
N VAL D 118 -9.05 -4.09 -62.99
CA VAL D 118 -8.96 -2.67 -62.72
C VAL D 118 -9.56 -1.91 -63.89
N LEU D 119 -10.33 -0.88 -63.59
CA LEU D 119 -10.96 -0.05 -64.60
C LEU D 119 -10.01 1.05 -65.00
N VAL D 120 -9.76 1.18 -66.30
CA VAL D 120 -8.78 2.12 -66.80
C VAL D 120 -9.50 3.15 -67.66
N GLY D 121 -9.09 4.40 -67.53
CA GLY D 121 -9.67 5.47 -68.32
C GLY D 121 -9.43 6.80 -67.67
N ASP D 122 -9.85 7.85 -68.37
CA ASP D 122 -9.68 9.19 -67.85
C ASP D 122 -10.74 9.52 -66.81
N ALA D 123 -10.46 10.53 -66.00
CA ALA D 123 -11.35 10.92 -64.92
C ALA D 123 -12.59 11.61 -65.47
N GLY D 124 -13.55 11.82 -64.58
CA GLY D 124 -14.79 12.46 -64.97
C GLY D 124 -15.61 11.68 -65.95
N VAL D 125 -15.60 10.35 -65.86
CA VAL D 125 -16.33 9.50 -66.78
C VAL D 125 -17.29 8.58 -66.06
N GLY D 126 -17.67 8.91 -64.84
CA GLY D 126 -18.44 7.97 -64.05
C GLY D 126 -17.67 6.73 -63.69
N LYS D 127 -16.40 6.89 -63.31
CA LYS D 127 -15.55 5.73 -63.10
C LYS D 127 -16.08 4.84 -62.00
N THR D 128 -16.41 5.42 -60.85
CA THR D 128 -16.98 4.61 -59.78
C THR D 128 -18.37 4.10 -60.13
N ALA D 129 -19.15 4.87 -60.88
CA ALA D 129 -20.51 4.49 -61.21
C ALA D 129 -20.58 3.04 -61.67
N VAL D 130 -19.52 2.55 -62.32
CA VAL D 130 -19.48 1.16 -62.71
C VAL D 130 -19.56 0.24 -61.50
N VAL D 131 -18.78 0.53 -60.46
CA VAL D 131 -18.76 -0.40 -59.34
C VAL D 131 -20.05 -0.28 -58.53
N GLU D 132 -20.60 0.93 -58.40
CA GLU D 132 -21.92 0.96 -57.75
C GLU D 132 -22.95 0.17 -58.56
N GLY D 133 -22.91 0.28 -59.88
CA GLY D 133 -23.79 -0.54 -60.70
C GLY D 133 -23.56 -2.02 -60.50
N LEU D 134 -22.30 -2.41 -60.28
CA LEU D 134 -22.01 -3.80 -60.00
C LEU D 134 -22.68 -4.25 -58.70
N ALA D 135 -22.60 -3.43 -57.66
CA ALA D 135 -23.27 -3.77 -56.41
C ALA D 135 -24.78 -3.86 -56.63
N GLN D 136 -25.33 -2.93 -57.40
CA GLN D 136 -26.75 -2.96 -57.73
C GLN D 136 -27.12 -4.28 -58.38
N ALA D 137 -26.34 -4.71 -59.36
CA ALA D 137 -26.63 -5.98 -60.03
C ALA D 137 -26.50 -7.16 -59.09
N ILE D 138 -25.49 -7.14 -58.21
CA ILE D 138 -25.33 -8.23 -57.25
C ILE D 138 -26.59 -8.37 -56.42
N VAL D 139 -27.09 -7.25 -55.89
CA VAL D 139 -28.35 -7.30 -55.18
C VAL D 139 -29.45 -7.77 -56.10
N ASN D 140 -29.40 -7.37 -57.36
CA ASN D 140 -30.42 -7.69 -58.34
C ASN D 140 -30.43 -9.15 -58.74
N GLY D 141 -29.40 -9.91 -58.41
CA GLY D 141 -29.30 -11.26 -58.93
C GLY D 141 -28.97 -11.32 -60.40
N ASP D 142 -28.29 -10.29 -60.92
CA ASP D 142 -27.90 -10.29 -62.32
C ASP D 142 -26.61 -11.06 -62.57
N VAL D 143 -25.75 -11.15 -61.56
CA VAL D 143 -24.40 -11.68 -61.72
C VAL D 143 -24.45 -13.18 -61.95
N PRO D 144 -23.37 -13.78 -62.45
CA PRO D 144 -23.28 -15.24 -62.43
C PRO D 144 -23.05 -15.74 -61.02
N ALA D 145 -23.24 -17.05 -60.85
CA ALA D 145 -23.32 -17.65 -59.52
C ALA D 145 -22.02 -17.51 -58.74
N ALA D 146 -20.91 -17.21 -59.42
CA ALA D 146 -19.61 -17.24 -58.77
C ALA D 146 -19.50 -16.23 -57.64
N ILE D 147 -20.23 -15.13 -57.72
CA ILE D 147 -20.05 -14.03 -56.77
C ILE D 147 -21.34 -13.72 -56.02
N LYS D 148 -22.24 -14.71 -55.92
CA LYS D 148 -23.52 -14.46 -55.28
C LYS D 148 -23.33 -14.03 -53.83
N ASN D 149 -22.45 -14.70 -53.09
CA ASN D 149 -22.41 -14.59 -51.64
C ASN D 149 -21.44 -13.53 -51.15
N LYS D 150 -20.91 -12.71 -52.03
CA LYS D 150 -19.89 -11.75 -51.65
C LYS D 150 -20.50 -10.37 -51.46
N GLU D 151 -19.73 -9.50 -50.82
CA GLU D 151 -20.08 -8.09 -50.70
C GLU D 151 -18.85 -7.25 -50.99
N ILE D 152 -19.09 -5.97 -51.23
CA ILE D 152 -18.06 -5.04 -51.66
C ILE D 152 -17.92 -3.94 -50.63
N VAL D 153 -16.69 -3.66 -50.22
CA VAL D 153 -16.41 -2.55 -49.31
C VAL D 153 -15.41 -1.62 -49.97
N SER D 154 -15.72 -0.33 -49.97
CA SER D 154 -14.82 0.68 -50.48
C SER D 154 -14.00 1.25 -49.34
N ILE D 155 -12.73 1.52 -49.61
CA ILE D 155 -11.79 1.90 -48.55
C ILE D 155 -11.19 3.26 -48.86
N ASP D 156 -11.17 4.13 -47.85
CA ASP D 156 -10.44 5.39 -47.87
C ASP D 156 -8.95 5.07 -47.70
N ILE D 157 -8.28 4.85 -48.82
CA ILE D 157 -6.84 4.62 -48.77
C ILE D 157 -6.13 5.87 -48.23
N SER D 158 -6.42 7.03 -48.81
CA SER D 158 -5.69 8.25 -48.48
C SER D 158 -5.80 8.63 -47.02
N GLY D 159 -6.93 8.34 -46.39
CA GLY D 159 -7.13 8.64 -44.99
C GLY D 159 -6.77 7.55 -44.02
N LEU D 160 -6.10 6.49 -44.47
CA LEU D 160 -5.82 5.39 -43.56
C LEU D 160 -4.96 5.82 -42.38
N GLU D 161 -3.91 6.60 -42.62
CA GLU D 161 -3.08 7.06 -41.51
C GLU D 161 -3.84 7.95 -40.54
N ALA D 162 -5.01 8.47 -40.95
CA ALA D 162 -5.84 9.23 -40.03
C ALA D 162 -6.36 8.38 -38.88
N GLY D 163 -6.50 7.07 -39.09
CA GLY D 163 -7.07 6.22 -38.07
C GLY D 163 -6.13 5.80 -36.97
N THR D 164 -4.87 6.22 -37.02
CA THR D 164 -3.88 5.77 -36.06
C THR D 164 -2.83 6.84 -35.85
N GLN D 165 -2.06 6.69 -34.79
CA GLN D 165 -1.06 7.69 -34.42
C GLN D 165 0.34 7.29 -34.84
N TYR D 166 0.66 6.00 -34.77
CA TYR D 166 2.01 5.51 -35.05
C TYR D 166 1.96 4.57 -36.24
N ARG D 167 2.93 4.73 -37.14
CA ARG D 167 2.88 4.02 -38.41
C ARG D 167 3.19 2.54 -38.26
N GLY D 168 3.89 2.15 -37.18
CA GLY D 168 3.97 0.75 -36.85
C GLY D 168 2.62 0.19 -36.42
N SER D 169 1.92 0.93 -35.55
CA SER D 169 0.54 0.61 -35.25
C SER D 169 -0.32 0.66 -36.51
N PHE D 170 0.00 1.58 -37.42
CA PHE D 170 -0.70 1.64 -38.70
C PHE D 170 -0.54 0.33 -39.46
N GLU D 171 0.70 -0.14 -39.59
CA GLU D 171 0.93 -1.39 -40.31
C GLU D 171 0.24 -2.55 -39.62
N GLU D 172 0.25 -2.56 -38.29
CA GLU D 172 -0.47 -3.61 -37.58
C GLU D 172 -1.95 -3.57 -37.91
N ASN D 173 -2.54 -2.38 -37.92
CA ASN D 173 -3.94 -2.27 -38.32
C ASN D 173 -4.15 -2.72 -39.75
N VAL D 174 -3.20 -2.41 -40.63
CA VAL D 174 -3.31 -2.80 -42.02
C VAL D 174 -3.36 -4.32 -42.15
N GLN D 175 -2.43 -5.00 -41.50
CA GLN D 175 -2.45 -6.47 -41.53
C GLN D 175 -3.70 -6.99 -40.84
N ASN D 176 -4.20 -6.27 -39.83
CA ASN D 176 -5.44 -6.64 -39.20
C ASN D 176 -6.59 -6.62 -40.19
N LEU D 177 -6.46 -5.88 -41.28
CA LEU D 177 -7.45 -5.95 -42.34
C LEU D 177 -7.46 -7.33 -42.97
N VAL D 178 -6.29 -7.83 -43.36
CA VAL D 178 -6.19 -9.19 -43.87
C VAL D 178 -6.75 -10.15 -42.85
N ASN D 179 -6.45 -9.91 -41.58
CA ASN D 179 -7.03 -10.72 -40.52
C ASN D 179 -8.55 -10.70 -40.60
N GLU D 180 -9.14 -9.53 -40.83
CA GLU D 180 -10.58 -9.46 -41.08
C GLU D 180 -10.94 -10.13 -42.40
N VAL D 181 -10.04 -10.09 -43.39
CA VAL D 181 -10.39 -10.66 -44.68
C VAL D 181 -10.12 -12.15 -44.60
N LYS D 182 -11.03 -12.87 -43.95
CA LYS D 182 -11.05 -14.32 -43.94
C LYS D 182 -12.45 -14.86 -44.07
N GLU D 183 -13.47 -14.00 -44.13
CA GLU D 183 -14.86 -14.43 -44.09
C GLU D 183 -15.32 -14.83 -45.47
N ALA D 184 -14.94 -16.05 -45.86
CA ALA D 184 -15.33 -16.70 -47.10
C ALA D 184 -15.02 -15.87 -48.32
N GLY D 185 -14.14 -14.88 -48.21
CA GLY D 185 -13.91 -13.97 -49.29
C GLY D 185 -15.12 -13.14 -49.64
N ASN D 186 -16.16 -13.16 -48.79
CA ASN D 186 -17.37 -12.40 -49.02
C ASN D 186 -17.09 -10.91 -49.07
N ILE D 187 -15.94 -10.50 -48.55
CA ILE D 187 -15.51 -9.12 -48.58
C ILE D 187 -14.62 -8.96 -49.81
N ILE D 188 -14.86 -7.90 -50.56
CA ILE D 188 -14.04 -7.53 -51.72
C ILE D 188 -13.67 -6.08 -51.59
N LEU D 189 -12.38 -5.79 -51.66
CA LEU D 189 -11.89 -4.44 -51.41
C LEU D 189 -11.94 -3.63 -52.69
N PHE D 190 -12.42 -2.40 -52.58
CA PHE D 190 -12.42 -1.45 -53.69
C PHE D 190 -11.66 -0.20 -53.29
N PHE D 191 -10.97 0.38 -54.26
CA PHE D 191 -10.20 1.60 -54.07
C PHE D 191 -10.38 2.48 -55.29
N ASP D 192 -9.77 3.65 -55.25
CA ASP D 192 -9.89 4.60 -56.35
C ASP D 192 -8.54 5.19 -56.77
N ALA D 193 -7.47 4.88 -56.06
CA ALA D 193 -6.14 5.43 -56.38
C ALA D 193 -5.11 4.32 -56.19
N ILE D 194 -4.86 3.56 -57.26
CA ILE D 194 -3.97 2.41 -57.15
C ILE D 194 -2.55 2.87 -56.90
N HIS D 195 -2.12 3.96 -57.54
CA HIS D 195 -0.84 4.55 -57.23
C HIS D 195 -0.71 4.93 -55.77
N GLN D 196 -1.80 5.39 -55.14
CA GLN D 196 -1.80 5.63 -53.70
C GLN D 196 -1.76 4.34 -52.90
N ILE D 197 -2.08 3.21 -53.51
CA ILE D 197 -1.90 1.92 -52.86
C ILE D 197 -0.46 1.43 -53.00
N LEU D 198 0.11 1.57 -54.20
CA LEU D 198 1.47 1.12 -54.45
C LEU D 198 2.44 2.08 -53.78
N GLY D 199 2.48 2.00 -52.45
CA GLY D 199 3.37 2.80 -51.64
C GLY D 199 4.34 1.94 -50.85
N ALA D 200 4.56 2.27 -49.57
CA ALA D 200 5.41 1.48 -48.69
C ALA D 200 6.83 1.39 -49.22
N GLY D 201 7.09 2.13 -50.31
CA GLY D 201 8.36 2.08 -50.99
C GLY D 201 8.44 3.11 -52.10
N SER D 202 9.49 3.01 -52.91
CA SER D 202 9.75 3.97 -53.97
C SER D 202 9.16 3.48 -55.29
N THR D 203 7.85 3.18 -55.25
CA THR D 203 7.13 2.90 -56.48
C THR D 203 6.80 4.15 -57.27
N GLY D 204 6.82 5.31 -56.63
CA GLY D 204 6.52 6.56 -57.31
C GLY D 204 7.03 7.73 -56.50
N GLY D 205 7.63 8.68 -57.21
CA GLY D 205 8.28 9.76 -56.51
C GLY D 205 9.59 9.29 -55.89
N ASP D 206 9.98 9.98 -54.81
CA ASP D 206 11.21 9.68 -54.09
C ASP D 206 11.01 8.71 -52.94
N SER D 207 9.89 8.80 -52.23
CA SER D 207 9.66 7.96 -51.06
C SER D 207 8.16 7.74 -50.91
N GLY D 208 7.79 7.08 -49.83
CA GLY D 208 6.38 6.87 -49.53
C GLY D 208 6.21 6.28 -48.15
N SER D 209 4.99 6.42 -47.64
CA SER D 209 4.65 5.85 -46.35
C SER D 209 4.27 4.38 -46.50
N LYS D 210 4.35 3.65 -45.39
CA LYS D 210 3.98 2.24 -45.40
C LYS D 210 2.52 2.06 -45.80
N GLY D 211 2.27 1.02 -46.58
CA GLY D 211 0.91 0.72 -47.00
C GLY D 211 0.79 -0.75 -47.35
N LEU D 212 -0.25 -1.05 -48.12
CA LEU D 212 -0.52 -2.43 -48.50
C LEU D 212 0.64 -3.07 -49.27
N ALA D 213 1.51 -2.25 -49.87
CA ALA D 213 2.51 -2.78 -50.78
C ALA D 213 3.33 -3.88 -50.13
N ASP D 214 3.92 -3.59 -48.97
CA ASP D 214 4.76 -4.56 -48.29
C ASP D 214 3.99 -5.76 -47.79
N ILE D 215 2.67 -5.71 -47.82
CA ILE D 215 1.81 -6.81 -47.42
C ILE D 215 1.10 -7.43 -48.62
N LEU D 216 0.68 -6.61 -49.59
CA LEU D 216 -0.11 -7.13 -50.69
C LEU D 216 0.70 -8.04 -51.59
N LYS D 217 1.97 -7.70 -51.83
CA LYS D 217 2.78 -8.35 -52.85
C LYS D 217 2.74 -9.86 -52.66
N PRO D 218 2.91 -10.38 -51.44
CA PRO D 218 2.63 -11.80 -51.24
C PRO D 218 1.15 -12.12 -51.28
N ALA D 219 0.32 -11.35 -50.57
CA ALA D 219 -1.08 -11.73 -50.40
C ALA D 219 -1.77 -11.92 -51.74
N LEU D 220 -1.55 -10.99 -52.67
CA LEU D 220 -2.12 -11.13 -54.00
C LEU D 220 -1.52 -12.32 -54.73
N SER D 221 -0.20 -12.50 -54.62
CA SER D 221 0.43 -13.69 -55.18
C SER D 221 -0.18 -14.95 -54.58
N ARG D 222 -0.31 -15.02 -53.26
CA ARG D 222 -0.97 -16.15 -52.64
C ARG D 222 -2.48 -16.02 -52.56
N GLY D 223 -3.09 -15.19 -53.39
CA GLY D 223 -4.52 -15.29 -53.65
C GLY D 223 -5.41 -14.89 -52.51
N GLU D 224 -4.85 -14.19 -51.52
CA GLU D 224 -5.62 -13.78 -50.35
C GLU D 224 -6.73 -12.79 -50.69
N LEU D 225 -6.46 -11.82 -51.54
CA LEU D 225 -7.38 -10.70 -51.70
C LEU D 225 -7.92 -10.67 -53.12
N THR D 226 -9.03 -9.95 -53.29
CA THR D 226 -9.47 -9.54 -54.61
C THR D 226 -9.79 -8.05 -54.57
N VAL D 227 -9.06 -7.27 -55.33
CA VAL D 227 -9.24 -5.82 -55.36
C VAL D 227 -9.75 -5.43 -56.73
N ILE D 228 -10.35 -4.25 -56.81
CA ILE D 228 -10.93 -3.75 -58.05
C ILE D 228 -10.54 -2.30 -58.23
N GLY D 229 -9.67 -2.04 -59.21
CA GLY D 229 -9.37 -0.68 -59.64
C GLY D 229 -8.87 0.21 -58.52
N ALA D 230 -8.84 1.50 -58.82
CA ALA D 230 -9.16 2.05 -60.14
C ALA D 230 -8.22 3.21 -60.42
N THR D 231 -7.96 3.48 -61.69
CA THR D 231 -7.01 4.54 -62.03
C THR D 231 -7.09 4.94 -63.49
N THR D 232 -6.14 5.78 -63.91
CA THR D 232 -6.11 6.35 -65.25
C THR D 232 -5.14 5.58 -66.14
N GLN D 233 -5.13 5.97 -67.42
CA GLN D 233 -4.31 5.30 -68.43
C GLN D 233 -2.83 5.38 -68.13
N ASP D 234 -2.33 6.58 -67.85
CA ASP D 234 -0.91 6.82 -67.69
C ASP D 234 -0.39 6.22 -66.39
N GLU D 235 -1.15 6.35 -65.30
CA GLU D 235 -0.86 5.59 -64.09
C GLU D 235 -0.67 4.12 -64.40
N TYR D 236 -1.55 3.57 -65.24
CA TYR D 236 -1.50 2.15 -65.54
C TYR D 236 -0.19 1.76 -66.22
N ARG D 237 0.17 2.47 -67.30
CA ARG D 237 1.38 2.04 -67.98
C ARG D 237 2.63 2.38 -67.18
N ASN D 238 2.56 3.38 -66.31
CA ASN D 238 3.77 3.80 -65.62
C ASN D 238 4.04 3.00 -64.35
N THR D 239 3.01 2.49 -63.70
CA THR D 239 3.19 1.81 -62.43
C THR D 239 2.88 0.33 -62.47
N ILE D 240 1.84 -0.07 -63.19
CA ILE D 240 1.35 -1.43 -63.09
C ILE D 240 2.14 -2.38 -63.96
N LEU D 241 2.42 -2.01 -65.20
CA LEU D 241 3.10 -2.89 -66.14
C LEU D 241 4.58 -3.06 -65.82
N LYS D 242 5.04 -2.53 -64.70
CA LYS D 242 6.45 -2.60 -64.36
C LYS D 242 6.77 -3.63 -63.28
N ASN D 243 5.80 -4.00 -62.47
CA ASN D 243 5.98 -5.05 -61.47
C ASN D 243 5.39 -6.34 -62.02
N ALA D 244 6.26 -7.29 -62.34
CA ALA D 244 5.80 -8.55 -62.91
C ALA D 244 4.86 -9.28 -61.96
N ALA D 245 4.98 -9.03 -60.66
CA ALA D 245 4.09 -9.67 -59.71
C ALA D 245 2.63 -9.34 -59.99
N LEU D 246 2.33 -8.06 -60.24
CA LEU D 246 0.98 -7.69 -60.63
C LEU D 246 0.60 -8.27 -61.98
N ALA D 247 1.58 -8.44 -62.87
CA ALA D 247 1.28 -8.91 -64.22
C ALA D 247 0.60 -10.26 -64.20
N ARG D 248 0.95 -11.11 -63.24
CA ARG D 248 0.41 -12.47 -63.19
C ARG D 248 -0.81 -12.56 -62.28
N ARG D 249 -1.36 -11.42 -61.87
CA ARG D 249 -2.61 -11.42 -61.13
C ARG D 249 -3.65 -10.45 -61.66
N PHE D 250 -3.26 -9.39 -62.37
CA PHE D 250 -4.16 -8.29 -62.66
C PHE D 250 -4.65 -8.33 -64.09
N ASN D 251 -5.78 -7.65 -64.31
CA ASN D 251 -6.37 -7.51 -65.62
C ASN D 251 -6.96 -6.12 -65.71
N GLU D 252 -7.25 -5.69 -66.93
CA GLU D 252 -7.67 -4.31 -67.16
C GLU D 252 -8.93 -4.30 -68.01
N VAL D 253 -9.79 -3.32 -67.73
CA VAL D 253 -11.04 -3.15 -68.47
C VAL D 253 -11.13 -1.69 -68.91
N LYS D 254 -11.34 -1.48 -70.20
CA LYS D 254 -11.36 -0.14 -70.78
C LYS D 254 -12.69 0.55 -70.46
N VAL D 255 -12.62 1.86 -70.21
CA VAL D 255 -13.79 2.68 -69.94
C VAL D 255 -13.75 3.90 -70.85
N ASN D 256 -14.89 4.24 -71.44
CA ASN D 256 -14.98 5.38 -72.34
C ASN D 256 -16.22 6.19 -72.03
N ALA D 257 -16.15 7.50 -72.26
CA ALA D 257 -17.29 8.35 -72.06
C ALA D 257 -18.38 8.04 -73.09
N PRO D 258 -19.63 8.09 -72.70
CA PRO D 258 -20.72 7.75 -73.63
C PRO D 258 -21.05 8.90 -74.56
N SER D 259 -21.98 8.63 -75.47
CA SER D 259 -22.41 9.59 -76.47
C SER D 259 -23.48 10.53 -75.91
N ALA D 260 -23.88 11.48 -76.74
CA ALA D 260 -24.83 12.49 -76.28
C ALA D 260 -26.26 12.01 -76.43
N GLU D 261 -26.52 10.77 -76.04
CA GLU D 261 -27.86 10.31 -75.75
C GLU D 261 -27.99 9.78 -74.34
N ASN D 262 -27.08 8.90 -73.96
CA ASN D 262 -27.02 8.38 -72.61
C ASN D 262 -26.74 9.49 -71.61
N THR D 263 -25.87 10.42 -71.99
CA THR D 263 -25.65 11.60 -71.16
C THR D 263 -26.95 12.34 -70.92
N PHE D 264 -27.75 12.48 -71.97
CA PHE D 264 -29.04 13.13 -71.84
C PHE D 264 -29.92 12.36 -70.85
N LYS D 265 -29.87 11.04 -70.91
CA LYS D 265 -30.64 10.22 -69.98
C LYS D 265 -30.19 10.45 -68.55
N ILE D 266 -28.88 10.43 -68.32
CA ILE D 266 -28.37 10.61 -66.97
C ILE D 266 -28.78 11.97 -66.44
N LEU D 267 -28.68 13.00 -67.29
CA LEU D 267 -29.07 14.32 -66.86
C LEU D 267 -30.55 14.36 -66.52
N GLN D 268 -31.38 13.70 -67.33
CA GLN D 268 -32.80 13.60 -67.02
C GLN D 268 -33.00 12.97 -65.65
N GLY D 269 -32.22 11.94 -65.35
CA GLY D 269 -32.33 11.31 -64.06
C GLY D 269 -31.98 12.26 -62.92
N ILE D 270 -30.88 12.99 -63.08
CA ILE D 270 -30.45 13.89 -62.00
C ILE D 270 -31.42 15.05 -61.83
N ARG D 271 -32.08 15.43 -62.92
CA ARG D 271 -32.85 16.66 -63.05
C ARG D 271 -33.61 17.09 -61.80
N ASP D 272 -34.28 16.15 -61.16
CA ASP D 272 -35.11 16.46 -60.00
C ASP D 272 -34.30 16.93 -58.80
N LEU D 273 -33.03 16.55 -58.68
CA LEU D 273 -32.24 16.93 -57.53
C LEU D 273 -32.24 18.45 -57.32
N TYR D 274 -32.20 19.21 -58.41
CA TYR D 274 -32.07 20.65 -58.35
C TYR D 274 -33.40 21.37 -58.15
N GLN D 275 -34.39 20.69 -57.59
CA GLN D 275 -35.45 21.41 -56.91
C GLN D 275 -34.89 22.18 -55.72
N GLN D 276 -33.70 21.80 -55.26
CA GLN D 276 -33.06 22.47 -54.13
C GLN D 276 -32.99 23.97 -54.32
N HIS D 277 -32.74 24.43 -55.54
CA HIS D 277 -32.43 25.82 -55.79
C HIS D 277 -33.67 26.65 -56.11
N HIS D 278 -34.86 26.07 -55.99
CA HIS D 278 -36.13 26.78 -56.12
C HIS D 278 -36.22 27.56 -57.42
N ASN D 279 -35.81 26.89 -58.51
CA ASN D 279 -35.85 27.47 -59.83
C ASN D 279 -36.46 26.44 -60.78
N VAL D 280 -36.54 26.78 -62.06
CA VAL D 280 -37.14 25.86 -63.01
C VAL D 280 -36.39 24.55 -62.98
N ILE D 281 -37.13 23.45 -62.87
CA ILE D 281 -36.60 22.15 -63.22
C ILE D 281 -36.68 22.04 -64.73
N LEU D 282 -35.54 21.76 -65.33
CA LEU D 282 -35.23 22.25 -66.66
C LEU D 282 -35.83 21.39 -67.78
N PRO D 283 -36.42 22.01 -68.78
CA PRO D 283 -36.93 21.26 -69.93
C PRO D 283 -35.81 20.74 -70.80
N ASP D 284 -36.12 19.67 -71.52
CA ASP D 284 -35.10 18.89 -72.23
C ASP D 284 -34.33 19.74 -73.23
N GLU D 285 -34.99 20.75 -73.81
CA GLU D 285 -34.34 21.57 -74.82
C GLU D 285 -33.13 22.27 -74.25
N VAL D 286 -33.27 22.85 -73.06
CA VAL D 286 -32.14 23.49 -72.40
C VAL D 286 -31.04 22.48 -72.14
N LEU D 287 -31.41 21.25 -71.78
CA LEU D 287 -30.41 20.25 -71.45
C LEU D 287 -29.59 19.89 -72.67
N LYS D 288 -30.26 19.55 -73.77
CA LYS D 288 -29.53 19.19 -74.98
C LYS D 288 -28.71 20.37 -75.49
N ALA D 289 -29.22 21.59 -75.30
CA ALA D 289 -28.44 22.75 -75.69
C ALA D 289 -27.16 22.86 -74.87
N ALA D 290 -27.26 22.61 -73.57
CA ALA D 290 -26.07 22.64 -72.72
C ALA D 290 -25.08 21.59 -73.16
N VAL D 291 -25.57 20.40 -73.49
CA VAL D 291 -24.67 19.36 -73.97
C VAL D 291 -23.97 19.81 -75.24
N ASP D 292 -24.74 20.34 -76.21
CA ASP D 292 -24.16 20.72 -77.48
C ASP D 292 -23.17 21.85 -77.34
N TYR D 293 -23.35 22.71 -76.34
CA TYR D 293 -22.39 23.78 -76.17
C TYR D 293 -21.13 23.31 -75.45
N SER D 294 -21.29 22.53 -74.39
CA SER D 294 -20.12 22.08 -73.65
C SER D 294 -19.26 21.16 -74.49
N VAL D 295 -19.87 20.39 -75.40
CA VAL D 295 -19.09 19.48 -76.21
C VAL D 295 -18.20 20.23 -77.18
N GLN D 296 -18.70 21.34 -77.73
CA GLN D 296 -17.95 22.06 -78.76
C GLN D 296 -17.07 23.16 -78.21
N TYR D 297 -17.33 23.65 -77.00
CA TYR D 297 -16.54 24.76 -76.48
C TYR D 297 -15.55 24.35 -75.40
N ILE D 298 -15.76 23.23 -74.73
CA ILE D 298 -14.83 22.79 -73.68
C ILE D 298 -14.35 21.38 -74.00
N PRO D 299 -13.56 21.19 -75.04
CA PRO D 299 -13.05 19.84 -75.33
C PRO D 299 -12.06 19.33 -74.31
N GLN D 300 -11.45 20.21 -73.53
CA GLN D 300 -10.40 19.78 -72.61
C GLN D 300 -10.95 19.04 -71.40
N ARG D 301 -12.23 18.70 -71.38
CA ARG D 301 -12.82 17.96 -70.28
C ARG D 301 -13.69 16.83 -70.82
N SER D 302 -13.87 15.81 -69.99
CA SER D 302 -14.75 14.71 -70.35
C SER D 302 -16.19 15.18 -70.41
N LEU D 303 -16.98 14.49 -71.22
CA LEU D 303 -18.37 14.90 -71.42
C LEU D 303 -19.22 14.82 -70.15
N PRO D 304 -19.30 13.68 -69.45
CA PRO D 304 -20.32 13.57 -68.39
C PRO D 304 -20.20 14.60 -67.28
N ASP D 305 -18.99 14.90 -66.83
CA ASP D 305 -18.86 15.86 -65.75
C ASP D 305 -19.09 17.29 -66.23
N LYS D 306 -18.55 17.66 -67.39
CA LYS D 306 -18.70 19.03 -67.83
C LYS D 306 -20.15 19.35 -68.11
N ALA D 307 -20.90 18.41 -68.69
CA ALA D 307 -22.30 18.68 -68.95
C ALA D 307 -23.05 18.97 -67.66
N ILE D 308 -22.70 18.26 -66.59
CA ILE D 308 -23.34 18.49 -65.30
C ILE D 308 -22.94 19.83 -64.71
N ASP D 309 -21.64 20.13 -64.75
CA ASP D 309 -21.16 21.36 -64.10
C ASP D 309 -21.74 22.58 -64.80
N LEU D 310 -21.86 22.54 -66.11
CA LEU D 310 -22.47 23.65 -66.81
C LEU D 310 -23.89 23.90 -66.31
N VAL D 311 -24.67 22.83 -66.17
CA VAL D 311 -26.03 22.96 -65.67
C VAL D 311 -26.02 23.53 -64.26
N ASP D 312 -25.10 23.03 -63.43
CA ASP D 312 -25.06 23.46 -62.03
C ASP D 312 -24.80 24.95 -61.92
N VAL D 313 -23.76 25.44 -62.59
CA VAL D 313 -23.46 26.86 -62.54
C VAL D 313 -24.59 27.66 -63.18
N THR D 314 -25.21 27.10 -64.23
CA THR D 314 -26.35 27.77 -64.82
C THR D 314 -27.44 28.02 -63.80
N ALA D 315 -27.80 26.99 -63.03
CA ALA D 315 -28.83 27.15 -62.02
C ALA D 315 -28.40 28.15 -60.96
N ALA D 316 -27.15 28.04 -60.49
CA ALA D 316 -26.70 28.95 -59.45
C ALA D 316 -26.81 30.39 -59.90
N HIS D 317 -26.43 30.68 -61.15
CA HIS D 317 -26.58 32.04 -61.66
C HIS D 317 -28.05 32.40 -61.77
N LEU D 318 -28.87 31.48 -62.25
CA LEU D 318 -30.29 31.76 -62.39
C LEU D 318 -30.96 32.00 -61.06
N ALA D 319 -30.31 31.67 -59.95
CA ALA D 319 -30.81 32.15 -58.68
C ALA D 319 -30.88 33.66 -58.66
N ALA D 320 -30.14 34.32 -59.55
CA ALA D 320 -30.22 35.77 -59.76
C ALA D 320 -29.95 36.53 -58.47
N GLN D 321 -29.29 35.88 -57.52
CA GLN D 321 -28.90 36.51 -56.27
C GLN D 321 -30.09 37.12 -55.55
N HIS D 322 -31.22 36.42 -55.59
CA HIS D 322 -32.41 36.94 -54.94
C HIS D 322 -32.29 36.82 -53.42
N PRO D 323 -32.83 37.78 -52.70
CA PRO D 323 -32.77 37.75 -51.24
C PRO D 323 -33.84 36.83 -50.66
N VAL D 324 -33.89 36.77 -49.34
CA VAL D 324 -34.89 35.98 -48.63
C VAL D 324 -35.54 36.77 -47.50
N THR D 325 -35.10 38.01 -47.26
CA THR D 325 -35.71 38.84 -46.23
C THR D 325 -37.19 39.04 -46.44
N ASP D 326 -37.64 39.06 -47.70
CA ASP D 326 -39.04 39.34 -48.00
C ASP D 326 -39.95 38.27 -47.46
N VAL D 327 -39.37 37.14 -47.04
CA VAL D 327 -40.08 36.14 -46.29
C VAL D 327 -39.51 35.98 -44.89
N HIS D 328 -38.23 36.32 -44.71
CA HIS D 328 -37.57 36.13 -43.43
C HIS D 328 -38.17 37.03 -42.36
N ALA D 329 -38.54 38.25 -42.74
CA ALA D 329 -39.18 39.16 -41.79
C ALA D 329 -40.45 38.55 -41.22
N VAL D 330 -41.28 37.96 -42.08
CA VAL D 330 -42.53 37.39 -41.59
C VAL D 330 -42.27 36.09 -40.84
N GLU D 331 -41.15 35.42 -41.13
CA GLU D 331 -40.77 34.32 -40.26
C GLU D 331 -40.52 34.82 -38.84
N ARG D 332 -39.82 35.94 -38.71
CA ARG D 332 -39.65 36.55 -37.38
C ARG D 332 -41.00 36.89 -36.76
N GLU D 333 -41.91 37.42 -37.58
CA GLU D 333 -43.23 37.77 -37.07
C GLU D 333 -43.94 36.54 -36.54
N ILE D 334 -43.88 35.43 -37.27
CA ILE D 334 -44.51 34.20 -36.82
C ILE D 334 -43.89 33.74 -35.51
N GLU D 335 -42.58 33.92 -35.38
CA GLU D 335 -41.94 33.55 -34.11
C GLU D 335 -42.50 34.37 -32.95
N THR D 336 -42.61 35.68 -33.14
CA THR D 336 -43.11 36.53 -32.06
C THR D 336 -44.55 36.17 -31.71
N GLU D 337 -45.39 35.99 -32.73
CA GLU D 337 -46.78 35.63 -32.48
C GLU D 337 -46.88 34.29 -31.78
N LYS D 338 -46.00 33.35 -32.14
CA LYS D 338 -45.99 32.06 -31.48
C LYS D 338 -45.64 32.21 -30.01
N ASP D 339 -44.67 33.08 -29.70
CA ASP D 339 -44.33 33.28 -28.29
C ASP D 339 -45.50 33.86 -27.51
N LYS D 340 -46.17 34.87 -28.07
CA LYS D 340 -47.34 35.43 -27.39
C LYS D 340 -48.44 34.39 -27.25
N GLN D 341 -48.60 33.52 -28.25
CA GLN D 341 -49.59 32.46 -28.17
C GLN D 341 -49.28 31.51 -27.02
N GLU D 342 -48.01 31.12 -26.88
CA GLU D 342 -47.64 30.28 -25.75
C GLU D 342 -47.90 30.98 -24.43
N LYS D 343 -47.60 32.28 -24.37
CA LYS D 343 -47.85 33.01 -23.13
C LYS D 343 -49.33 32.99 -22.76
N ALA D 344 -50.20 33.25 -23.74
CA ALA D 344 -51.64 33.24 -23.47
C ALA D 344 -52.11 31.85 -23.08
N VAL D 345 -51.56 30.80 -23.72
CA VAL D 345 -51.91 29.45 -23.32
C VAL D 345 -51.53 29.20 -21.87
N GLU D 346 -50.40 29.76 -21.43
CA GLU D 346 -50.03 29.62 -20.03
C GLU D 346 -51.13 30.16 -19.12
N ALA D 347 -51.73 31.29 -19.51
CA ALA D 347 -52.81 31.89 -18.73
C ALA D 347 -54.18 31.34 -19.08
N GLU D 348 -54.25 30.31 -19.94
CA GLU D 348 -55.49 29.60 -20.24
C GLU D 348 -56.57 30.53 -20.78
N ASP D 349 -56.17 31.50 -21.59
CA ASP D 349 -57.10 32.41 -22.23
C ASP D 349 -57.29 31.92 -23.67
N PHE D 350 -58.32 31.10 -23.85
CA PHE D 350 -58.43 30.30 -25.06
C PHE D 350 -58.79 31.12 -26.28
N GLU D 351 -59.57 32.19 -26.11
CA GLU D 351 -59.89 33.04 -27.24
C GLU D 351 -58.65 33.69 -27.84
N ALA D 352 -57.74 34.19 -26.98
CA ALA D 352 -56.54 34.82 -27.48
C ALA D 352 -55.64 33.81 -28.18
N ALA D 353 -55.51 32.61 -27.61
CA ALA D 353 -54.70 31.58 -28.24
C ALA D 353 -55.29 31.17 -29.58
N LEU D 354 -56.62 31.08 -29.66
CA LEU D 354 -57.26 30.76 -30.93
C LEU D 354 -57.00 31.84 -31.97
N ASN D 355 -57.10 33.11 -31.56
CA ASN D 355 -56.77 34.19 -32.47
C ASN D 355 -55.33 34.11 -32.93
N TYR D 356 -54.42 33.82 -32.00
CA TYR D 356 -53.02 33.70 -32.35
C TYR D 356 -52.79 32.57 -33.34
N LYS D 357 -53.46 31.44 -33.14
CA LYS D 357 -53.31 30.32 -34.07
C LYS D 357 -53.84 30.67 -35.44
N THR D 358 -54.96 31.39 -35.48
CA THR D 358 -55.49 31.85 -36.76
C THR D 358 -54.49 32.76 -37.47
N ARG D 359 -53.89 33.69 -36.73
CA ARG D 359 -52.90 34.58 -37.33
C ARG D 359 -51.68 33.81 -37.79
N ILE D 360 -51.30 32.78 -37.03
CA ILE D 360 -50.17 31.95 -37.41
C ILE D 360 -50.45 31.26 -38.74
N ALA D 361 -51.65 30.68 -38.88
CA ALA D 361 -52.02 30.07 -40.14
C ALA D 361 -52.00 31.11 -41.26
N GLU D 362 -52.54 32.29 -41.00
CA GLU D 362 -52.53 33.37 -41.98
C GLU D 362 -51.13 33.63 -42.51
N LEU D 363 -50.21 33.95 -41.62
CA LEU D 363 -48.85 34.28 -42.02
C LEU D 363 -48.18 33.08 -42.68
N GLU D 364 -48.49 31.88 -42.21
CA GLU D 364 -47.90 30.68 -42.78
C GLU D 364 -48.25 30.56 -44.25
N ARG D 365 -49.53 30.62 -44.60
CA ARG D 365 -49.84 30.40 -46.01
C ARG D 365 -49.46 31.61 -46.84
N LYS D 366 -49.34 32.79 -46.22
CA LYS D 366 -48.75 33.90 -46.95
C LYS D 366 -47.33 33.55 -47.38
N ILE D 367 -46.52 33.07 -46.42
CA ILE D 367 -45.15 32.68 -46.71
C ILE D 367 -45.13 31.57 -47.75
N GLU D 368 -46.09 30.66 -47.67
CA GLU D 368 -46.23 29.64 -48.71
C GLU D 368 -46.41 30.28 -50.07
N ASN D 369 -47.27 31.31 -50.15
CA ASN D 369 -47.48 31.98 -51.43
C ASN D 369 -46.20 32.63 -51.94
N HIS D 370 -45.47 33.31 -51.05
CA HIS D 370 -44.19 33.87 -51.48
C HIS D 370 -43.21 32.81 -51.93
N THR D 371 -43.19 31.65 -51.26
CA THR D 371 -42.21 30.62 -51.60
C THR D 371 -42.39 30.14 -53.02
N GLU D 372 -43.64 29.94 -53.43
CA GLU D 372 -43.92 29.54 -54.80
C GLU D 372 -43.73 30.66 -55.80
N ASP D 373 -43.38 31.86 -55.35
CA ASP D 373 -43.04 32.95 -56.27
C ASP D 373 -41.59 32.78 -56.73
N MET D 374 -41.36 31.68 -57.44
CA MET D 374 -40.09 31.38 -58.05
C MET D 374 -40.21 31.50 -59.56
N LYS D 375 -39.18 32.07 -60.18
CA LYS D 375 -39.13 32.23 -61.62
C LYS D 375 -38.68 30.92 -62.24
N VAL D 376 -39.43 30.44 -63.21
CA VAL D 376 -39.09 29.22 -63.91
C VAL D 376 -38.81 29.58 -65.37
N THR D 377 -37.56 29.85 -65.65
CA THR D 377 -37.13 30.30 -66.97
C THR D 377 -35.80 29.63 -67.29
N ALA D 378 -35.88 28.47 -67.93
CA ALA D 378 -34.70 27.86 -68.50
C ALA D 378 -34.61 28.23 -69.98
N SER D 379 -33.57 28.98 -70.32
CA SER D 379 -33.40 29.46 -71.68
C SER D 379 -32.03 29.05 -72.16
N VAL D 380 -31.96 28.66 -73.44
CA VAL D 380 -30.67 28.41 -74.05
C VAL D 380 -29.79 29.63 -73.96
N ASN D 381 -30.38 30.82 -74.04
CA ASN D 381 -29.62 32.06 -73.96
C ASN D 381 -28.89 32.19 -72.63
N ASP D 382 -29.57 31.90 -71.53
CA ASP D 382 -28.96 32.01 -70.21
C ASP D 382 -27.78 31.06 -70.07
N VAL D 383 -27.94 29.84 -70.56
CA VAL D 383 -26.82 28.92 -70.64
C VAL D 383 -25.70 29.55 -71.45
N ALA D 384 -26.06 30.27 -72.50
CA ALA D 384 -25.04 30.89 -73.34
C ALA D 384 -24.24 31.93 -72.56
N GLU D 385 -24.92 32.81 -71.81
CA GLU D 385 -24.13 33.80 -71.06
C GLU D 385 -23.33 33.12 -69.97
N SER D 386 -23.84 32.01 -69.42
CA SER D 386 -23.02 31.24 -68.50
C SER D 386 -21.74 30.77 -69.17
N VAL D 387 -21.85 30.30 -70.41
CA VAL D 387 -20.68 29.88 -71.15
C VAL D 387 -19.73 31.06 -71.33
N GLU D 388 -20.30 32.21 -71.70
CA GLU D 388 -19.48 33.39 -71.97
C GLU D 388 -18.71 33.79 -70.73
N ARG D 389 -19.33 33.64 -69.57
CA ARG D 389 -18.62 33.95 -68.33
C ARG D 389 -17.57 32.90 -68.06
N MET D 390 -17.84 31.67 -68.51
CA MET D 390 -16.85 30.61 -68.32
C MET D 390 -15.57 30.90 -69.10
N THR D 391 -15.70 31.31 -70.36
CA THR D 391 -14.54 31.40 -71.25
C THR D 391 -14.25 32.80 -71.72
N GLY D 392 -15.11 33.77 -71.40
CA GLY D 392 -14.85 35.14 -71.84
C GLY D 392 -15.10 35.40 -73.30
N ILE D 393 -15.71 34.47 -74.02
CA ILE D 393 -15.87 34.57 -75.46
C ILE D 393 -17.35 34.81 -75.78
N PRO D 394 -17.73 36.00 -76.20
CA PRO D 394 -19.06 36.17 -76.79
C PRO D 394 -19.16 35.33 -78.05
N VAL D 395 -20.32 34.75 -78.25
CA VAL D 395 -20.55 33.85 -79.38
C VAL D 395 -21.60 34.50 -80.26
N SER D 396 -21.20 34.88 -81.45
CA SER D 396 -22.20 35.17 -82.46
C SER D 396 -22.70 33.85 -83.06
N GLN D 397 -23.94 33.87 -83.51
CA GLN D 397 -24.59 32.70 -84.11
C GLN D 397 -24.54 31.50 -83.15
N MET D 398 -25.03 31.73 -81.93
CA MET D 398 -25.09 30.69 -80.93
C MET D 398 -25.98 29.55 -81.41
N GLY D 399 -25.57 28.32 -81.12
CA GLY D 399 -26.28 27.14 -81.56
C GLY D 399 -26.00 26.73 -82.98
N ALA D 400 -25.11 27.42 -83.68
CA ALA D 400 -24.81 27.08 -85.07
C ALA D 400 -24.25 25.67 -85.14
N SER D 401 -24.51 25.00 -86.26
CA SER D 401 -23.98 23.65 -86.44
C SER D 401 -22.46 23.70 -86.56
N ASP D 402 -21.84 22.58 -86.20
CA ASP D 402 -20.42 22.41 -86.50
C ASP D 402 -20.16 22.63 -87.98
N ILE D 403 -21.08 22.21 -88.84
CA ILE D 403 -20.92 22.44 -90.27
C ILE D 403 -20.79 23.92 -90.55
N GLU D 404 -21.64 24.72 -89.91
CA GLU D 404 -21.51 26.17 -90.02
C GLU D 404 -20.15 26.63 -89.51
N ARG D 405 -19.78 26.19 -88.31
CA ARG D 405 -18.63 26.76 -87.62
C ARG D 405 -17.33 26.45 -88.34
N LEU D 406 -17.18 25.20 -88.81
CA LEU D 406 -15.95 24.79 -89.45
C LEU D 406 -15.70 25.53 -90.76
N LYS D 407 -16.73 26.10 -91.36
CA LYS D 407 -16.56 26.97 -92.51
C LYS D 407 -16.45 28.44 -92.15
N ASP D 408 -17.15 28.86 -91.10
CA ASP D 408 -17.14 30.26 -90.71
C ASP D 408 -15.81 30.66 -90.09
N MET D 409 -15.17 29.74 -89.37
CA MET D 409 -13.85 30.04 -88.81
C MET D 409 -12.84 30.40 -89.90
N ALA D 410 -13.06 29.93 -91.13
CA ALA D 410 -12.21 30.36 -92.24
C ALA D 410 -12.16 31.88 -92.32
N HIS D 411 -13.33 32.52 -92.32
CA HIS D 411 -13.35 33.98 -92.28
C HIS D 411 -12.96 34.52 -90.93
N ARG D 412 -13.37 33.85 -89.85
CA ARG D 412 -13.08 34.32 -88.50
C ARG D 412 -11.60 34.63 -88.35
N LEU D 413 -10.74 33.69 -88.76
CA LEU D 413 -9.32 33.96 -88.81
C LEU D 413 -8.94 34.83 -90.00
N GLN D 414 -9.58 34.60 -91.14
CA GLN D 414 -9.24 35.35 -92.35
C GLN D 414 -9.45 36.84 -92.16
N ASP D 415 -10.50 37.23 -91.46
CA ASP D 415 -10.85 38.63 -91.31
C ASP D 415 -10.15 39.30 -90.14
N LYS D 416 -9.50 38.54 -89.27
CA LYS D 416 -8.62 39.12 -88.26
C LYS D 416 -7.18 39.19 -88.73
N VAL D 417 -6.86 38.53 -89.84
CA VAL D 417 -5.56 38.63 -90.46
C VAL D 417 -5.74 39.30 -91.81
N ILE D 418 -4.63 39.49 -92.52
CA ILE D 418 -4.65 40.15 -93.81
C ILE D 418 -4.04 39.20 -94.83
N GLY D 419 -4.88 38.72 -95.76
CA GLY D 419 -4.39 37.88 -96.83
C GLY D 419 -3.73 36.62 -96.31
N GLN D 420 -2.70 36.19 -97.04
CA GLN D 420 -1.97 34.95 -96.74
C GLN D 420 -2.95 33.78 -96.65
N ASP D 421 -3.89 33.73 -97.60
CA ASP D 421 -5.01 32.80 -97.51
C ASP D 421 -4.58 31.34 -97.53
N LYS D 422 -3.37 31.06 -98.01
CA LYS D 422 -2.91 29.68 -98.05
C LYS D 422 -2.83 29.08 -96.65
N ALA D 423 -2.28 29.84 -95.71
CA ALA D 423 -2.19 29.36 -94.33
C ALA D 423 -3.57 29.14 -93.75
N VAL D 424 -4.49 30.06 -94.02
CA VAL D 424 -5.86 29.90 -93.56
C VAL D 424 -6.45 28.60 -94.09
N GLU D 425 -6.32 28.37 -95.40
CA GLU D 425 -6.84 27.15 -96.00
C GLU D 425 -6.28 25.90 -95.35
N VAL D 426 -4.95 25.83 -95.26
CA VAL D 426 -4.30 24.64 -94.73
C VAL D 426 -4.73 24.39 -93.29
N VAL D 427 -4.64 25.43 -92.46
CA VAL D 427 -4.95 25.25 -91.05
C VAL D 427 -6.42 24.86 -90.87
N ALA D 428 -7.32 25.50 -91.60
CA ALA D 428 -8.73 25.19 -91.45
C ALA D 428 -9.02 23.75 -91.84
N ARG D 429 -8.49 23.30 -92.98
CA ARG D 429 -8.77 21.93 -93.39
C ARG D 429 -8.18 20.93 -92.40
N ALA D 430 -6.96 21.16 -91.93
CA ALA D 430 -6.37 20.25 -90.97
C ALA D 430 -7.20 20.20 -89.69
N ILE D 431 -7.62 21.37 -89.20
CA ILE D 431 -8.42 21.41 -87.99
C ILE D 431 -9.72 20.67 -88.17
N CYS D 432 -10.36 20.85 -89.32
CA CYS D 432 -11.61 20.14 -89.55
C CYS D 432 -11.39 18.63 -89.57
N ARG D 433 -10.31 18.18 -90.21
CA ARG D 433 -10.03 16.75 -90.25
C ARG D 433 -9.85 16.19 -88.85
N ASN D 434 -9.07 16.87 -88.01
CA ASN D 434 -8.91 16.38 -86.65
C ASN D 434 -10.23 16.42 -85.88
N ARG D 435 -10.98 17.51 -86.01
CA ARG D 435 -12.23 17.64 -85.28
C ARG D 435 -13.25 16.62 -85.73
N ALA D 436 -13.40 16.41 -87.03
CA ALA D 436 -14.36 15.43 -87.52
C ALA D 436 -13.89 14.00 -87.31
N GLY D 437 -12.63 13.80 -86.96
CA GLY D 437 -12.12 12.47 -86.76
C GLY D 437 -11.89 11.67 -88.02
N PHE D 438 -11.72 12.34 -89.16
CA PHE D 438 -11.44 11.63 -90.39
C PHE D 438 -10.05 11.00 -90.37
N ASP D 439 -9.06 11.77 -89.94
CA ASP D 439 -7.69 11.28 -89.90
C ASP D 439 -7.57 10.15 -88.88
N GLU D 440 -6.77 9.13 -89.25
CA GLU D 440 -6.49 8.07 -88.31
C GLU D 440 -5.74 8.63 -87.11
N GLY D 441 -5.97 8.03 -85.95
CA GLY D 441 -5.35 8.49 -84.73
C GLY D 441 -3.87 8.17 -84.68
N ASN D 442 -3.34 8.22 -83.46
CA ASN D 442 -1.96 7.89 -83.16
C ASN D 442 -0.98 8.87 -83.82
N ARG D 443 -1.47 10.06 -84.14
CA ARG D 443 -0.64 11.15 -84.64
C ARG D 443 -1.04 12.42 -83.92
N PRO D 444 -0.10 13.34 -83.73
CA PRO D 444 -0.45 14.62 -83.09
C PRO D 444 -1.41 15.40 -83.97
N ILE D 445 -2.07 16.39 -83.35
CA ILE D 445 -3.14 17.11 -84.02
C ILE D 445 -2.63 17.80 -85.28
N GLY D 446 -1.51 18.51 -85.17
CA GLY D 446 -0.95 19.19 -86.31
C GLY D 446 0.45 19.65 -85.98
N ASN D 447 1.29 19.60 -87.00
CA ASN D 447 2.70 19.94 -86.89
C ASN D 447 3.05 20.77 -88.12
N PHE D 448 3.19 22.07 -87.93
CA PHE D 448 3.32 22.95 -89.08
C PHE D 448 4.50 23.90 -88.93
N LEU D 449 5.07 24.27 -90.06
CA LEU D 449 6.22 25.15 -90.12
C LEU D 449 5.83 26.43 -90.84
N PHE D 450 6.33 27.56 -90.36
CA PHE D 450 6.03 28.87 -90.91
C PHE D 450 7.34 29.65 -91.03
N VAL D 451 7.65 30.10 -92.23
CA VAL D 451 8.99 30.57 -92.55
C VAL D 451 8.87 31.93 -93.24
N GLY D 452 9.43 32.96 -92.62
CA GLY D 452 9.35 34.30 -93.16
C GLY D 452 9.92 35.31 -92.18
N SER D 453 9.70 36.59 -92.50
CA SER D 453 10.14 37.67 -91.64
C SER D 453 9.17 37.89 -90.49
N THR D 454 9.56 38.75 -89.55
CA THR D 454 8.76 38.96 -88.35
C THR D 454 7.57 39.88 -88.61
N GLY D 455 7.82 41.07 -89.14
CA GLY D 455 6.78 42.05 -89.31
C GLY D 455 5.78 41.67 -90.39
N VAL D 456 5.14 40.53 -90.22
CA VAL D 456 4.16 40.04 -91.18
C VAL D 456 2.93 39.59 -90.42
N GLY D 457 2.83 40.01 -89.17
CA GLY D 457 1.95 39.30 -88.26
C GLY D 457 2.44 37.89 -88.02
N LYS D 458 3.73 37.71 -87.83
CA LYS D 458 4.31 36.37 -87.75
C LYS D 458 3.68 35.57 -86.61
N THR D 459 3.18 36.24 -85.59
CA THR D 459 2.57 35.59 -84.45
C THR D 459 1.04 35.61 -84.52
N GLU D 460 0.48 36.00 -85.66
CA GLU D 460 -0.97 36.08 -85.80
C GLU D 460 -1.65 34.77 -85.44
N LEU D 461 -1.16 33.67 -86.02
CA LEU D 461 -1.72 32.38 -85.70
C LEU D 461 -1.39 31.92 -84.29
N ALA D 462 -0.41 32.54 -83.65
CA ALA D 462 -0.14 32.27 -82.25
C ALA D 462 -1.16 32.90 -81.32
N LYS D 463 -1.79 34.00 -81.74
CA LYS D 463 -2.76 34.69 -80.89
C LYS D 463 -4.20 34.39 -81.30
N GLN D 464 -4.57 34.73 -82.53
CA GLN D 464 -5.98 34.62 -82.94
C GLN D 464 -6.39 33.18 -83.16
N LEU D 465 -5.56 32.40 -83.84
CA LEU D 465 -5.85 30.98 -83.99
C LEU D 465 -5.96 30.31 -82.64
N ALA D 466 -5.02 30.60 -81.74
CA ALA D 466 -5.06 29.99 -80.42
C ALA D 466 -6.34 30.34 -79.69
N LEU D 467 -6.73 31.62 -79.71
CA LEU D 467 -7.92 32.02 -78.99
C LEU D 467 -9.17 31.38 -79.58
N ASP D 468 -9.30 31.39 -80.92
CA ASP D 468 -10.47 30.77 -81.52
C ASP D 468 -10.52 29.28 -81.24
N MET D 469 -9.36 28.61 -81.29
CA MET D 469 -9.32 27.20 -80.95
C MET D 469 -9.78 26.96 -79.51
N PHE D 470 -9.35 27.79 -78.58
CA PHE D 470 -9.49 27.44 -77.17
C PHE D 470 -10.23 28.45 -76.34
N GLY D 471 -11.08 29.30 -76.92
CA GLY D 471 -11.79 30.28 -76.15
C GLY D 471 -10.90 31.21 -75.34
N THR D 472 -9.60 31.17 -75.58
CA THR D 472 -8.64 32.06 -74.95
C THR D 472 -7.31 31.86 -75.65
N GLN D 473 -6.59 32.95 -75.85
CA GLN D 473 -5.25 32.89 -76.38
C GLN D 473 -4.27 32.25 -75.40
N ASP D 474 -4.63 32.14 -74.12
CA ASP D 474 -3.75 31.59 -73.10
C ASP D 474 -3.82 30.06 -73.16
N ALA D 475 -3.46 29.53 -74.31
CA ALA D 475 -3.37 28.10 -74.51
C ALA D 475 -2.11 27.73 -75.26
N ILE D 476 -1.06 28.55 -75.18
CA ILE D 476 0.16 28.34 -75.94
C ILE D 476 1.35 28.53 -75.02
N ILE D 477 2.38 27.72 -75.25
CA ILE D 477 3.70 27.93 -74.68
C ILE D 477 4.69 28.05 -75.82
N ARG D 478 5.48 29.13 -75.81
CA ARG D 478 6.40 29.42 -76.90
C ARG D 478 7.82 29.43 -76.36
N LEU D 479 8.69 28.74 -77.10
CA LEU D 479 10.12 28.75 -76.87
C LEU D 479 10.82 29.18 -78.16
N ASP D 480 11.62 30.23 -78.05
CA ASP D 480 12.44 30.69 -79.17
C ASP D 480 13.69 29.83 -79.15
N MET D 481 13.68 28.76 -79.95
CA MET D 481 14.65 27.69 -79.73
C MET D 481 16.07 28.20 -79.91
N SER D 482 16.28 29.11 -80.88
CA SER D 482 17.61 29.64 -81.10
C SER D 482 18.16 30.29 -79.84
N GLU D 483 17.39 31.20 -79.24
CA GLU D 483 17.80 31.80 -77.98
C GLU D 483 17.60 30.84 -76.82
N TYR D 484 16.75 29.83 -77.00
CA TYR D 484 16.53 28.85 -75.93
C TYR D 484 17.82 28.17 -75.52
N SER D 485 18.60 27.71 -76.48
CA SER D 485 19.71 26.83 -76.16
C SER D 485 20.85 27.61 -75.50
N ASP D 486 21.95 26.90 -75.27
CA ASP D 486 23.13 27.46 -74.65
C ASP D 486 24.23 27.63 -75.69
N ARG D 487 24.75 28.86 -75.79
CA ARG D 487 25.82 29.13 -76.76
C ARG D 487 27.14 29.51 -76.09
N THR D 488 27.16 30.59 -75.32
CA THR D 488 28.38 31.10 -74.73
C THR D 488 28.07 31.60 -73.32
N ALA D 489 29.08 31.56 -72.45
CA ALA D 489 28.88 31.85 -71.03
C ALA D 489 28.61 33.35 -70.85
N VAL D 490 27.38 33.73 -71.18
CA VAL D 490 26.92 35.10 -71.10
C VAL D 490 25.72 35.14 -70.16
N SER D 491 25.49 36.30 -69.54
CA SER D 491 24.51 36.38 -68.46
C SER D 491 23.08 36.47 -68.99
N LYS D 492 22.73 35.58 -69.90
CA LYS D 492 21.34 35.40 -70.31
C LYS D 492 21.10 33.91 -70.39
N LEU D 493 22.18 33.13 -70.34
CA LEU D 493 22.12 31.69 -70.47
C LEU D 493 23.30 31.07 -69.72
N ILE D 494 23.02 29.99 -68.98
CA ILE D 494 24.00 29.35 -68.12
C ILE D 494 24.04 27.85 -68.37
N GLY D 495 25.24 27.29 -68.46
CA GLY D 495 25.38 25.84 -68.55
C GLY D 495 25.84 25.35 -69.90
N THR D 496 25.27 24.24 -70.35
CA THR D 496 25.60 23.68 -71.66
C THR D 496 24.31 23.36 -72.39
N THR D 497 24.35 23.44 -73.72
CA THR D 497 23.16 23.19 -74.51
C THR D 497 22.62 21.80 -74.26
N ALA D 498 23.53 20.82 -74.08
CA ALA D 498 23.12 19.52 -73.62
C ALA D 498 22.28 19.61 -72.36
N GLY D 499 22.74 20.34 -71.36
CA GLY D 499 21.95 20.53 -70.16
C GLY D 499 20.50 20.83 -70.45
N TYR D 500 20.23 21.56 -71.54
CA TYR D 500 18.86 21.95 -71.85
C TYR D 500 17.94 20.76 -72.01
N VAL D 501 18.35 19.73 -72.76
CA VAL D 501 17.46 18.58 -72.91
C VAL D 501 17.18 17.97 -71.54
N GLY D 502 18.18 17.99 -70.65
CA GLY D 502 17.96 17.51 -69.30
C GLY D 502 16.80 18.22 -68.63
N TYR D 503 16.78 19.56 -68.69
CA TYR D 503 15.66 20.29 -68.09
C TYR D 503 14.34 19.78 -68.66
N ASP D 504 14.33 19.49 -69.96
CA ASP D 504 13.07 19.15 -70.60
C ASP D 504 12.56 17.79 -70.14
N ASP D 505 13.44 16.97 -69.56
CA ASP D 505 13.06 15.59 -69.38
C ASP D 505 13.01 15.16 -67.91
N ASN D 506 13.34 16.05 -66.98
CA ASN D 506 13.32 15.71 -65.56
C ASN D 506 12.72 16.81 -64.70
N SER D 507 12.39 17.96 -65.27
CA SER D 507 12.07 19.13 -64.48
C SER D 507 10.72 19.70 -64.91
N ASN D 508 10.09 20.44 -63.98
CA ASN D 508 8.77 21.01 -64.20
C ASN D 508 8.85 22.20 -65.14
N THR D 509 9.32 21.93 -66.35
CA THR D 509 9.41 22.98 -67.36
C THR D 509 8.72 22.57 -68.66
N LEU D 510 8.89 21.32 -69.10
CA LEU D 510 8.25 20.93 -70.35
C LEU D 510 7.25 19.80 -70.14
N THR D 511 7.71 18.69 -69.58
CA THR D 511 6.82 17.56 -69.37
C THR D 511 5.72 17.86 -68.37
N GLU D 512 6.04 18.55 -67.27
CA GLU D 512 5.00 18.96 -66.34
C GLU D 512 3.86 19.63 -67.08
N ARG D 513 4.16 20.70 -67.82
CA ARG D 513 3.11 21.49 -68.44
C ARG D 513 2.33 20.72 -69.50
N VAL D 514 3.00 20.02 -70.40
CA VAL D 514 2.27 19.37 -71.48
C VAL D 514 1.29 18.33 -70.95
N ARG D 515 1.63 17.65 -69.87
CA ARG D 515 0.70 16.73 -69.24
C ARG D 515 -0.41 17.45 -68.51
N ARG D 516 -0.21 18.71 -68.13
CA ARG D 516 -1.28 19.48 -67.51
C ARG D 516 -2.35 19.94 -68.49
N ASN D 517 -1.96 20.30 -69.71
CA ASN D 517 -2.91 20.78 -70.71
C ASN D 517 -2.68 20.01 -72.00
N PRO D 518 -3.05 18.73 -72.03
CA PRO D 518 -2.75 17.90 -73.20
C PRO D 518 -3.37 18.42 -74.49
N TYR D 519 -4.08 19.54 -74.46
CA TYR D 519 -4.60 20.15 -75.66
C TYR D 519 -3.84 21.42 -76.06
N SER D 520 -2.90 21.88 -75.23
CA SER D 520 -2.26 23.16 -75.47
C SER D 520 -1.49 23.15 -76.79
N ILE D 521 -1.05 24.33 -77.19
CA ILE D 521 -0.28 24.53 -78.41
C ILE D 521 1.12 24.98 -78.03
N ILE D 522 2.13 24.40 -78.69
CA ILE D 522 3.51 24.73 -78.40
C ILE D 522 4.14 25.31 -79.66
N LEU D 523 4.87 26.40 -79.49
CA LEU D 523 5.42 27.19 -80.57
C LEU D 523 6.93 27.26 -80.40
N LEU D 524 7.66 27.00 -81.48
CA LEU D 524 9.12 27.01 -81.47
C LEU D 524 9.61 28.01 -82.51
N ASP D 525 10.10 29.15 -82.02
CA ASP D 525 10.50 30.23 -82.90
C ASP D 525 11.84 29.93 -83.58
N ALA D 526 11.91 30.20 -84.88
CA ALA D 526 13.19 30.36 -85.56
C ALA D 526 14.13 29.19 -85.30
N ILE D 527 13.85 28.03 -85.87
CA ILE D 527 14.45 26.79 -85.40
C ILE D 527 15.53 26.22 -86.31
N GLU D 528 16.28 27.01 -87.08
CA GLU D 528 17.46 26.40 -87.68
C GLU D 528 18.33 25.89 -86.53
N LYS D 529 18.56 26.70 -85.50
CA LYS D 529 18.96 28.10 -85.58
C LYS D 529 19.96 28.25 -84.45
N ALA D 530 19.82 27.35 -83.49
CA ALA D 530 20.71 27.33 -82.34
C ALA D 530 21.67 26.16 -82.43
N ASP D 531 22.46 26.02 -81.36
CA ASP D 531 23.40 24.90 -81.28
C ASP D 531 22.74 23.54 -81.49
N PRO D 532 21.59 23.23 -80.89
CA PRO D 532 21.05 21.87 -81.02
C PRO D 532 20.44 21.64 -82.39
N GLN D 533 20.77 20.49 -82.98
CA GLN D 533 20.10 19.99 -84.18
C GLN D 533 19.04 18.97 -83.78
N VAL D 534 18.07 19.45 -83.00
CA VAL D 534 17.05 18.57 -82.41
C VAL D 534 16.02 18.32 -83.51
N ILE D 535 16.27 17.29 -84.29
CA ILE D 535 15.29 16.80 -85.26
C ILE D 535 14.77 15.47 -84.75
N THR D 536 15.69 14.55 -84.48
CA THR D 536 15.31 13.19 -84.13
C THR D 536 14.65 13.08 -82.77
N LEU D 537 15.10 13.86 -81.77
CA LEU D 537 14.46 13.78 -80.47
C LEU D 537 12.97 14.09 -80.58
N LEU D 538 12.60 14.94 -81.51
CA LEU D 538 11.20 15.25 -81.75
C LEU D 538 10.47 14.15 -82.52
N LEU D 539 11.18 13.41 -83.37
CA LEU D 539 10.52 12.42 -84.21
C LEU D 539 9.64 11.47 -83.41
N GLN D 540 10.00 11.18 -82.17
CA GLN D 540 9.20 10.30 -81.34
C GLN D 540 7.75 10.78 -81.29
N VAL D 541 7.53 12.04 -80.96
CA VAL D 541 6.18 12.57 -81.09
C VAL D 541 5.81 12.70 -82.55
N LEU D 542 6.74 13.19 -83.38
CA LEU D 542 6.43 13.45 -84.78
C LEU D 542 6.00 12.18 -85.49
N ASP D 543 6.32 11.03 -84.90
CA ASP D 543 5.77 9.77 -85.40
C ASP D 543 4.45 9.43 -84.71
N ASP D 544 4.45 9.38 -83.37
CA ASP D 544 3.33 8.76 -82.67
C ASP D 544 2.86 9.53 -81.45
N GLY D 545 3.51 10.63 -81.07
CA GLY D 545 3.06 11.41 -79.95
C GLY D 545 3.40 10.85 -78.60
N ARG D 546 3.97 9.66 -78.53
CA ARG D 546 4.44 9.06 -77.29
C ARG D 546 5.93 9.32 -77.17
N LEU D 547 6.33 10.02 -76.11
CA LEU D 547 7.74 10.36 -75.98
C LEU D 547 8.17 10.24 -74.52
N THR D 548 9.33 9.61 -74.32
CA THR D 548 9.81 9.26 -72.99
C THR D 548 10.43 10.46 -72.30
N ASP D 549 10.41 10.43 -70.98
CA ASP D 549 11.00 11.47 -70.18
C ASP D 549 12.38 11.02 -69.68
N GLY D 550 12.97 11.82 -68.80
CA GLY D 550 14.22 11.43 -68.17
C GLY D 550 14.05 10.39 -67.07
N GLN D 551 12.84 9.90 -66.86
CA GLN D 551 12.60 8.82 -65.92
C GLN D 551 12.02 7.58 -66.59
N GLY D 552 11.86 7.61 -67.90
CA GLY D 552 11.27 6.50 -68.61
C GLY D 552 9.78 6.61 -68.84
N ASN D 553 9.09 7.51 -68.14
CA ASN D 553 7.67 7.70 -68.36
C ASN D 553 7.44 8.30 -69.73
N THR D 554 6.43 7.80 -70.43
CA THR D 554 6.08 8.31 -71.74
C THR D 554 4.90 9.26 -71.59
N VAL D 555 4.96 10.37 -72.30
CA VAL D 555 3.87 11.32 -72.35
C VAL D 555 3.27 11.28 -73.74
N ASN D 556 1.94 11.31 -73.79
CA ASN D 556 1.21 11.34 -75.04
C ASN D 556 1.12 12.78 -75.52
N PHE D 557 1.19 12.98 -76.83
CA PHE D 557 1.01 14.27 -77.44
C PHE D 557 -0.12 14.26 -78.45
N LYS D 558 -1.14 13.45 -78.19
CA LYS D 558 -2.18 13.21 -79.18
C LYS D 558 -2.95 14.48 -79.50
N ASN D 559 -3.29 15.28 -78.50
CA ASN D 559 -4.21 16.37 -78.66
C ASN D 559 -3.53 17.73 -78.67
N THR D 560 -2.25 17.78 -79.02
CA THR D 560 -1.54 19.05 -79.04
C THR D 560 -1.19 19.46 -80.46
N VAL D 561 -0.85 20.73 -80.60
CA VAL D 561 -0.41 21.30 -81.87
C VAL D 561 0.98 21.85 -81.69
N ILE D 562 1.85 21.58 -82.67
CA ILE D 562 3.22 22.07 -82.68
C ILE D 562 3.38 22.97 -83.89
N ILE D 563 3.76 24.21 -83.66
CA ILE D 563 4.02 25.17 -84.71
C ILE D 563 5.42 25.71 -84.53
N ALA D 564 6.22 25.68 -85.59
CA ALA D 564 7.59 26.16 -85.53
C ALA D 564 7.84 27.12 -86.69
N THR D 565 8.76 28.05 -86.47
CA THR D 565 8.99 29.15 -87.40
C THR D 565 10.44 29.16 -87.88
N SER D 566 10.69 29.96 -88.90
CA SER D 566 12.01 30.05 -89.52
C SER D 566 12.09 31.32 -90.37
N ASN D 567 13.24 31.51 -91.01
CA ASN D 567 13.55 32.68 -91.81
C ASN D 567 13.47 32.32 -93.28
N ALA D 568 12.63 33.05 -94.03
CA ALA D 568 12.51 32.85 -95.47
C ALA D 568 13.29 33.85 -96.29
N GLY D 569 14.40 34.38 -95.76
CA GLY D 569 15.00 35.56 -96.32
C GLY D 569 14.23 36.79 -95.91
N PHE D 570 14.67 37.93 -96.42
CA PHE D 570 14.05 39.20 -96.07
C PHE D 570 14.34 40.24 -97.13
N GLY D 571 13.35 41.08 -97.40
CA GLY D 571 13.53 42.19 -98.30
C GLY D 571 13.91 43.44 -97.54
N TYR D 572 13.15 44.52 -97.70
CA TYR D 572 12.04 44.53 -98.64
C TYR D 572 12.21 45.72 -99.59
N GLU D 573 12.01 45.47 -100.88
CA GLU D 573 12.27 46.48 -101.90
C GLU D 573 11.07 47.11 -102.62
N ALA D 574 9.82 47.01 -102.15
CA ALA D 574 9.30 46.26 -101.01
C ALA D 574 8.93 44.86 -101.43
N ASN D 575 8.08 44.77 -102.45
CA ASN D 575 7.63 43.48 -102.96
C ASN D 575 8.41 43.02 -104.19
N LEU D 576 9.42 43.78 -104.62
CA LEU D 576 10.20 43.37 -105.79
C LEU D 576 11.08 42.17 -105.49
N THR D 577 11.51 42.01 -104.23
CA THR D 577 12.26 40.83 -103.81
C THR D 577 11.58 40.11 -102.66
N GLU D 578 10.28 40.33 -102.44
CA GLU D 578 9.58 39.60 -101.40
C GLU D 578 9.50 38.12 -101.72
N ASP D 579 9.42 37.77 -103.01
CA ASP D 579 9.40 36.36 -103.43
C ASP D 579 9.83 36.32 -104.90
N ALA D 580 11.04 35.78 -105.13
CA ALA D 580 11.59 35.73 -106.48
C ALA D 580 11.19 34.45 -107.20
N ASP D 581 11.27 33.31 -106.51
CA ASP D 581 10.86 32.03 -107.08
C ASP D 581 10.65 31.04 -105.93
N LYS D 582 9.95 29.94 -106.26
CA LYS D 582 9.69 28.91 -105.25
C LYS D 582 10.97 28.27 -104.72
N PRO D 583 11.94 27.85 -105.55
CA PRO D 583 13.16 27.26 -104.99
C PRO D 583 14.11 28.28 -104.40
N GLU D 584 13.96 29.57 -104.75
CA GLU D 584 14.65 30.66 -104.04
C GLU D 584 14.50 30.52 -102.53
N LEU D 585 13.55 29.71 -102.10
CA LEU D 585 13.38 29.36 -100.70
C LEU D 585 13.95 27.98 -100.36
N MET D 586 13.38 26.89 -100.91
CA MET D 586 13.76 25.57 -100.41
C MET D 586 15.23 25.29 -100.63
N ASP D 587 15.77 25.68 -101.80
CA ASP D 587 17.14 25.33 -102.10
C ASP D 587 18.08 25.97 -101.09
N ARG D 588 17.78 27.20 -100.67
CA ARG D 588 18.50 27.79 -99.57
C ARG D 588 18.24 27.05 -98.26
N LEU D 589 16.99 26.67 -98.02
CA LEU D 589 16.69 25.98 -96.76
C LEU D 589 17.24 24.56 -96.73
N LYS D 590 17.62 24.00 -97.88
CA LYS D 590 18.23 22.67 -97.83
C LYS D 590 19.48 22.62 -96.97
N PRO D 591 20.46 23.53 -97.11
CA PRO D 591 21.53 23.61 -96.10
C PRO D 591 21.06 24.20 -94.79
N PHE D 592 19.87 24.80 -94.73
CA PHE D 592 19.38 25.40 -93.50
C PHE D 592 18.51 24.44 -92.70
N PHE D 593 17.52 23.83 -93.34
CA PHE D 593 16.67 22.84 -92.71
C PHE D 593 16.95 21.50 -93.36
N ARG D 594 17.17 20.48 -92.53
CA ARG D 594 17.46 19.15 -93.03
C ARG D 594 16.24 18.62 -93.78
N PRO D 595 16.42 18.04 -94.98
CA PRO D 595 15.27 17.61 -95.77
C PRO D 595 14.37 16.62 -95.05
N GLU D 596 14.93 15.75 -94.22
CA GLU D 596 14.11 14.83 -93.46
C GLU D 596 13.20 15.56 -92.48
N PHE D 597 13.72 16.56 -91.77
CA PHE D 597 12.89 17.33 -90.85
C PHE D 597 11.80 18.08 -91.60
N LEU D 598 12.08 18.48 -92.84
CA LEU D 598 11.04 19.02 -93.70
C LEU D 598 9.97 17.99 -93.98
N ASN D 599 10.36 16.78 -94.37
CA ASN D 599 9.41 15.77 -94.81
C ASN D 599 8.49 15.28 -93.69
N ARG D 600 8.81 15.58 -92.43
CA ARG D 600 8.01 15.14 -91.29
C ARG D 600 6.77 15.99 -91.06
N PHE D 601 6.69 17.16 -91.68
CA PHE D 601 5.64 18.08 -91.30
C PHE D 601 4.38 17.88 -92.13
N ASN D 602 3.25 18.26 -91.55
CA ASN D 602 2.00 18.30 -92.30
C ASN D 602 2.10 19.32 -93.44
N ALA D 603 2.70 20.48 -93.17
CA ALA D 603 2.91 21.50 -94.19
C ALA D 603 3.83 22.59 -93.67
N VAL D 604 4.41 23.32 -94.61
CA VAL D 604 5.15 24.54 -94.35
C VAL D 604 4.49 25.66 -95.13
N ILE D 605 4.42 26.84 -94.53
CA ILE D 605 3.85 28.03 -95.14
C ILE D 605 4.87 29.15 -94.95
N GLU D 606 4.77 30.18 -95.77
CA GLU D 606 5.77 31.23 -95.76
C GLU D 606 5.13 32.60 -95.52
N PHE D 607 5.95 33.51 -95.01
CA PHE D 607 5.58 34.91 -94.80
C PHE D 607 6.42 35.78 -95.73
N SER D 608 5.96 35.94 -96.96
CA SER D 608 6.60 36.83 -97.91
C SER D 608 5.84 38.14 -98.08
N HIS D 609 4.86 38.40 -97.22
CA HIS D 609 3.83 39.37 -97.53
C HIS D 609 4.13 40.72 -96.88
N LEU D 610 4.44 41.72 -97.71
CA LEU D 610 4.66 43.08 -97.23
C LEU D 610 4.52 44.03 -98.40
N THR D 611 3.49 44.88 -98.36
CA THR D 611 3.11 45.72 -99.50
C THR D 611 2.59 47.04 -98.97
N LYS D 612 1.81 47.75 -99.79
CA LYS D 612 1.22 49.02 -99.38
C LYS D 612 -0.28 49.13 -99.60
N GLU D 613 -0.83 48.47 -100.62
CA GLU D 613 -2.25 48.63 -100.92
C GLU D 613 -3.14 47.95 -99.89
N ASP D 614 -2.71 46.83 -99.34
CA ASP D 614 -3.50 46.06 -98.39
C ASP D 614 -3.28 46.52 -96.96
N LEU D 615 -2.48 47.55 -96.76
CA LEU D 615 -2.08 48.00 -95.44
C LEU D 615 -3.01 49.06 -94.87
N SER D 616 -3.93 49.58 -95.67
CA SER D 616 -4.99 50.41 -95.12
C SER D 616 -5.87 49.60 -94.18
N LYS D 617 -6.04 48.32 -94.49
CA LYS D 617 -6.89 47.46 -93.67
C LYS D 617 -6.33 47.35 -92.25
N ILE D 618 -5.02 47.13 -92.13
CA ILE D 618 -4.44 47.13 -90.81
C ILE D 618 -4.54 48.52 -90.18
N VAL D 619 -4.53 49.56 -91.01
CA VAL D 619 -4.66 50.92 -90.49
C VAL D 619 -5.97 51.08 -89.75
N ASP D 620 -7.09 50.71 -90.38
CA ASP D 620 -8.35 50.88 -89.67
C ASP D 620 -8.50 49.85 -88.56
N LEU D 621 -7.73 48.76 -88.63
CA LEU D 621 -7.70 47.86 -87.48
C LEU D 621 -7.13 48.56 -86.25
N MET D 622 -5.96 49.19 -86.39
CA MET D 622 -5.44 49.94 -85.25
C MET D 622 -6.34 51.12 -84.89
N LEU D 623 -6.98 51.74 -85.87
CA LEU D 623 -7.90 52.81 -85.52
C LEU D 623 -9.05 52.28 -84.68
N ALA D 624 -9.52 51.07 -85.00
CA ALA D 624 -10.54 50.43 -84.20
C ALA D 624 -10.06 50.21 -82.77
N GLU D 625 -8.85 49.69 -82.60
CA GLU D 625 -8.41 49.44 -81.23
C GLU D 625 -8.19 50.75 -80.48
N VAL D 626 -7.77 51.79 -81.20
CA VAL D 626 -7.60 53.10 -80.57
C VAL D 626 -8.92 53.60 -80.02
N ASN D 627 -9.96 53.57 -80.84
CA ASN D 627 -11.26 54.03 -80.34
C ASN D 627 -11.78 53.11 -79.25
N GLN D 628 -11.47 51.81 -79.34
CA GLN D 628 -11.81 50.90 -78.27
C GLN D 628 -11.16 51.30 -76.95
N THR D 629 -9.88 51.64 -77.00
CA THR D 629 -9.18 52.10 -75.80
C THR D 629 -9.81 53.39 -75.28
N LEU D 630 -10.13 54.30 -76.19
CA LEU D 630 -10.75 55.56 -75.79
C LEU D 630 -12.10 55.34 -75.14
N ALA D 631 -12.79 54.25 -75.50
CA ALA D 631 -14.12 54.01 -74.97
C ALA D 631 -14.11 53.91 -73.45
N LYS D 632 -12.95 53.62 -72.86
CA LYS D 632 -12.87 53.57 -71.40
C LYS D 632 -13.22 54.92 -70.79
N LYS D 633 -12.87 56.01 -71.45
CA LYS D 633 -13.15 57.35 -70.96
C LYS D 633 -14.29 58.02 -71.71
N ASP D 634 -15.11 57.24 -72.42
CA ASP D 634 -16.28 57.74 -73.13
C ASP D 634 -15.89 58.72 -74.23
N ILE D 635 -14.76 58.45 -74.86
CA ILE D 635 -14.18 59.35 -75.87
C ILE D 635 -14.21 58.65 -77.21
N ASP D 636 -14.66 59.36 -78.24
CA ASP D 636 -14.72 58.84 -79.60
C ASP D 636 -13.86 59.72 -80.50
N LEU D 637 -12.97 59.08 -81.26
CA LEU D 637 -12.11 59.78 -82.21
C LEU D 637 -12.53 59.44 -83.62
N VAL D 638 -12.60 60.46 -84.48
CA VAL D 638 -12.85 60.27 -85.89
C VAL D 638 -11.58 60.57 -86.66
N VAL D 639 -11.32 59.78 -87.71
CA VAL D 639 -10.10 59.90 -88.50
C VAL D 639 -10.48 60.17 -89.94
N SER D 640 -9.89 61.20 -90.53
CA SER D 640 -10.11 61.50 -91.93
C SER D 640 -9.36 60.51 -92.83
N GLN D 641 -9.88 60.34 -94.04
CA GLN D 641 -9.23 59.45 -95.00
C GLN D 641 -7.85 59.99 -95.38
N ALA D 642 -7.72 61.31 -95.54
CA ALA D 642 -6.42 61.88 -95.86
C ALA D 642 -5.42 61.59 -94.75
N ALA D 643 -5.87 61.65 -93.50
CA ALA D 643 -5.01 61.25 -92.39
C ALA D 643 -4.58 59.80 -92.55
N LYS D 644 -5.50 58.93 -92.97
CA LYS D 644 -5.14 57.53 -93.18
C LYS D 644 -4.08 57.41 -94.26
N ASP D 645 -4.23 58.14 -95.37
CA ASP D 645 -3.25 58.08 -96.44
C ASP D 645 -1.89 58.55 -95.97
N TYR D 646 -1.86 59.64 -95.20
CA TYR D 646 -0.59 60.14 -94.69
C TYR D 646 0.04 59.16 -93.72
N ILE D 647 -0.76 58.54 -92.85
CA ILE D 647 -0.22 57.56 -91.92
C ILE D 647 0.39 56.40 -92.68
N THR D 648 -0.33 55.90 -93.69
CA THR D 648 0.22 54.84 -94.52
C THR D 648 1.56 55.25 -95.11
N GLU D 649 1.61 56.44 -95.70
CA GLU D 649 2.85 56.88 -96.31
C GLU D 649 3.96 56.99 -95.27
N GLU D 650 3.63 57.42 -94.05
CA GLU D 650 4.61 57.47 -92.99
C GLU D 650 5.14 56.08 -92.66
N GLY D 651 4.25 55.14 -92.42
CA GLY D 651 4.63 53.79 -92.07
C GLY D 651 5.17 52.97 -93.21
N TYR D 652 5.12 53.47 -94.44
CA TYR D 652 5.62 52.71 -95.55
C TYR D 652 7.14 52.79 -95.63
N ASP D 653 7.80 52.50 -94.51
CA ASP D 653 9.21 52.13 -94.52
C ASP D 653 9.25 50.66 -94.90
N GLU D 654 8.73 50.37 -96.09
CA GLU D 654 8.45 49.00 -96.51
C GLU D 654 9.78 48.31 -96.85
N VAL D 655 10.57 48.11 -95.80
CA VAL D 655 11.87 47.46 -95.93
C VAL D 655 11.98 46.20 -95.09
N MET D 656 11.31 46.11 -93.95
CA MET D 656 11.37 44.89 -93.14
C MET D 656 9.99 44.38 -92.74
N GLY D 657 9.08 45.27 -92.37
CA GLY D 657 7.81 44.83 -91.84
C GLY D 657 6.94 46.00 -91.42
N VAL D 658 5.94 45.69 -90.58
CA VAL D 658 4.87 46.63 -90.26
C VAL D 658 4.97 47.16 -88.84
N ARG D 659 6.09 46.94 -88.16
CA ARG D 659 6.25 47.55 -86.84
C ARG D 659 6.18 49.07 -86.87
N PRO D 660 6.88 49.77 -87.77
CA PRO D 660 6.71 51.22 -87.84
C PRO D 660 5.30 51.63 -88.22
N LEU D 661 4.55 50.76 -88.90
CA LEU D 661 3.17 51.11 -89.24
C LEU D 661 2.35 51.33 -87.97
N ARG D 662 2.52 50.48 -86.97
CA ARG D 662 1.97 50.73 -85.65
C ARG D 662 2.68 51.90 -84.96
N ARG D 663 4.00 52.00 -85.14
CA ARG D 663 4.78 52.97 -84.40
C ARG D 663 4.35 54.40 -84.70
N VAL D 664 4.02 54.70 -85.96
CA VAL D 664 3.68 56.06 -86.35
C VAL D 664 2.43 56.58 -85.68
N VAL D 665 1.54 55.70 -85.24
CA VAL D 665 0.42 56.11 -84.39
C VAL D 665 0.62 55.67 -82.94
N GLU D 666 1.74 55.02 -82.63
CA GLU D 666 1.97 54.48 -81.29
C GLU D 666 1.93 55.59 -80.24
N GLN D 667 2.37 56.78 -80.61
CA GLN D 667 2.37 57.91 -79.69
C GLN D 667 1.81 59.18 -80.29
N GLU D 668 1.89 59.34 -81.61
CA GLU D 668 1.55 60.62 -82.23
C GLU D 668 0.09 60.97 -82.02
N ILE D 669 -0.79 59.97 -82.16
CA ILE D 669 -2.21 60.20 -81.92
C ILE D 669 -2.45 60.48 -80.45
N ARG D 670 -1.89 59.63 -79.59
CA ARG D 670 -2.18 59.74 -78.16
C ARG D 670 -1.48 60.94 -77.54
N ASP D 671 -0.39 61.42 -78.14
CA ASP D 671 0.21 62.66 -77.67
C ASP D 671 -0.72 63.83 -77.86
N LYS D 672 -1.37 63.93 -79.03
CA LYS D 672 -2.38 64.95 -79.24
C LYS D 672 -3.54 64.77 -78.28
N VAL D 673 -3.98 63.51 -78.11
CA VAL D 673 -5.10 63.23 -77.21
C VAL D 673 -4.77 63.68 -75.80
N THR D 674 -3.51 63.57 -75.41
CA THR D 674 -3.08 64.05 -74.10
C THR D 674 -3.47 65.51 -73.89
N ASP D 675 -3.09 66.36 -74.83
CA ASP D 675 -3.37 67.79 -74.69
C ASP D 675 -4.85 68.09 -74.84
N PHE D 676 -5.53 67.41 -75.76
CA PHE D 676 -6.97 67.64 -75.90
C PHE D 676 -7.72 67.21 -74.65
N HIS D 677 -7.19 66.25 -73.90
CA HIS D 677 -7.84 65.80 -72.68
C HIS D 677 -7.74 66.83 -71.57
N LEU D 678 -6.78 67.75 -71.67
CA LEU D 678 -6.75 68.85 -70.72
C LEU D 678 -8.00 69.72 -70.80
N ASP D 679 -8.72 69.66 -71.92
CA ASP D 679 -10.03 70.23 -72.06
C ASP D 679 -11.03 69.35 -71.29
N HIS D 680 -12.22 69.85 -70.90
CA HIS D 680 -13.06 70.91 -71.50
C HIS D 680 -13.38 70.43 -72.91
N LEU D 681 -13.60 69.13 -73.01
CA LEU D 681 -13.48 68.41 -74.26
C LEU D 681 -14.81 67.79 -74.66
N ASP D 682 -15.21 68.01 -75.91
CA ASP D 682 -16.32 67.29 -76.53
C ASP D 682 -15.77 65.97 -77.02
N ALA D 683 -15.88 64.93 -76.20
CA ALA D 683 -15.32 63.64 -76.55
C ALA D 683 -15.95 63.07 -77.82
N LYS D 684 -17.18 63.47 -78.13
CA LYS D 684 -17.88 62.99 -79.31
C LYS D 684 -17.37 63.64 -80.59
N HIS D 685 -16.78 64.82 -80.48
CA HIS D 685 -16.47 65.66 -81.64
C HIS D 685 -15.08 65.43 -82.21
N LEU D 686 -14.20 64.75 -81.49
CA LEU D 686 -12.81 64.69 -81.89
C LEU D 686 -12.64 64.05 -83.25
N GLU D 687 -12.30 64.86 -84.24
CA GLU D 687 -12.04 64.40 -85.59
C GLU D 687 -10.64 64.83 -85.98
N ALA D 688 -9.86 63.89 -86.49
CA ALA D 688 -8.46 64.09 -86.81
C ALA D 688 -8.27 64.22 -88.32
N ASP D 689 -7.51 65.23 -88.74
CA ASP D 689 -7.15 65.43 -90.13
C ASP D 689 -5.68 65.85 -90.20
N MET D 690 -5.24 66.16 -91.41
CA MET D 690 -3.84 66.34 -91.73
C MET D 690 -3.58 67.71 -92.33
N GLU D 691 -2.59 68.41 -91.79
CA GLU D 691 -2.15 69.70 -92.32
C GLU D 691 -0.64 69.60 -92.52
N ASP D 692 -0.22 69.28 -93.74
CA ASP D 692 1.19 69.27 -94.09
C ASP D 692 1.99 68.33 -93.18
N GLY D 693 1.41 67.16 -92.93
CA GLY D 693 2.05 66.19 -92.07
C GLY D 693 1.86 66.43 -90.59
N VAL D 694 1.02 67.38 -90.21
CA VAL D 694 0.76 67.68 -88.80
C VAL D 694 -0.66 67.26 -88.45
N LEU D 695 -0.80 66.50 -87.37
CA LEU D 695 -2.11 66.03 -86.93
C LEU D 695 -2.90 67.17 -86.32
N VAL D 696 -4.10 67.40 -86.83
CA VAL D 696 -4.95 68.48 -86.34
C VAL D 696 -6.31 67.90 -86.02
N ILE D 697 -6.72 68.00 -84.76
CA ILE D 697 -7.96 67.40 -84.29
C ILE D 697 -8.88 68.50 -83.80
N ARG D 698 -10.16 68.38 -84.13
CA ARG D 698 -11.17 69.29 -83.60
C ARG D 698 -12.30 68.47 -83.00
N LEU E 76 4.45 -27.04 -34.38
CA LEU E 76 4.73 -26.31 -35.60
C LEU E 76 3.81 -25.09 -35.67
N ALA E 77 3.11 -24.97 -36.79
CA ALA E 77 2.00 -24.03 -36.94
C ALA E 77 2.40 -22.61 -36.55
N LYS E 78 3.65 -22.25 -36.86
CA LYS E 78 4.14 -20.90 -36.60
C LYS E 78 4.71 -20.37 -37.91
N LEU E 79 3.92 -19.52 -38.58
CA LEU E 79 4.31 -18.93 -39.86
C LEU E 79 4.68 -20.01 -40.87
N GLY E 80 3.93 -21.10 -40.86
CA GLY E 80 4.26 -22.20 -41.76
C GLY E 80 3.21 -23.28 -41.71
N ARG E 81 3.45 -24.31 -42.51
CA ARG E 81 2.49 -25.40 -42.64
C ARG E 81 3.22 -26.74 -42.75
N ASN E 82 2.68 -27.74 -42.07
CA ASN E 82 3.20 -29.10 -42.16
C ASN E 82 2.56 -29.78 -43.35
N LEU E 83 3.32 -29.93 -44.43
CA LEU E 83 2.80 -30.61 -45.61
C LEU E 83 2.61 -32.10 -45.37
N THR E 84 3.46 -32.72 -44.54
CA THR E 84 3.29 -34.14 -44.25
C THR E 84 1.97 -34.40 -43.54
N ALA E 85 1.58 -33.50 -42.64
CA ALA E 85 0.31 -33.67 -41.94
C ALA E 85 -0.85 -33.69 -42.91
N GLU E 86 -0.87 -32.77 -43.87
CA GLU E 86 -1.90 -32.80 -44.89
C GLU E 86 -1.80 -34.06 -45.73
N ALA E 87 -0.58 -34.51 -46.00
CA ALA E 87 -0.40 -35.70 -46.81
C ALA E 87 -1.03 -36.92 -46.16
N ARG E 88 -0.87 -37.06 -44.85
CA ARG E 88 -1.49 -38.18 -44.15
C ARG E 88 -3.00 -38.20 -44.35
N GLU E 89 -3.60 -37.02 -44.39
CA GLU E 89 -5.04 -36.90 -44.49
C GLU E 89 -5.54 -37.15 -45.90
N GLY E 90 -4.66 -37.26 -46.89
CA GLY E 90 -5.10 -37.40 -48.26
C GLY E 90 -5.67 -36.12 -48.84
N LYS E 91 -5.31 -34.97 -48.28
CA LYS E 91 -5.84 -33.68 -48.71
C LYS E 91 -5.09 -33.12 -49.91
N LEU E 92 -4.09 -33.81 -50.42
CA LEU E 92 -3.19 -33.27 -51.43
C LEU E 92 -3.34 -34.02 -52.73
N ASP E 93 -3.32 -33.28 -53.83
CA ASP E 93 -3.57 -33.87 -55.13
C ASP E 93 -2.42 -34.78 -55.54
N PRO E 94 -2.69 -35.86 -56.26
CA PRO E 94 -1.60 -36.70 -56.75
C PRO E 94 -0.73 -35.96 -57.75
N VAL E 95 0.58 -36.10 -57.58
CA VAL E 95 1.55 -35.47 -58.46
C VAL E 95 1.87 -36.44 -59.59
N ILE E 96 1.80 -35.95 -60.82
CA ILE E 96 1.74 -36.80 -62.01
C ILE E 96 2.95 -36.54 -62.89
N GLY E 97 3.59 -37.61 -63.34
CA GLY E 97 4.61 -37.52 -64.37
C GLY E 97 5.94 -36.98 -63.95
N ARG E 98 6.22 -36.96 -62.64
CA ARG E 98 7.46 -36.37 -62.16
C ARG E 98 8.42 -37.40 -61.61
N ASN E 99 8.31 -38.65 -62.06
CA ASN E 99 8.86 -39.77 -61.30
C ASN E 99 10.31 -39.59 -60.87
N LYS E 100 11.25 -39.67 -61.82
CA LYS E 100 12.63 -39.66 -61.39
C LYS E 100 12.97 -38.34 -60.72
N GLU E 101 12.49 -37.24 -61.28
CA GLU E 101 12.82 -35.92 -60.77
C GLU E 101 12.50 -35.80 -59.29
N ILE E 102 11.51 -36.54 -58.79
CA ILE E 102 11.26 -36.38 -57.37
C ILE E 102 12.20 -37.25 -56.55
N GLN E 103 12.32 -38.52 -56.90
CA GLN E 103 13.02 -39.44 -56.02
C GLN E 103 14.52 -39.34 -56.22
N GLU E 104 14.95 -38.80 -57.36
CA GLU E 104 16.33 -38.34 -57.49
C GLU E 104 16.69 -37.39 -56.36
N ALA E 105 15.74 -36.57 -55.92
CA ALA E 105 15.99 -35.68 -54.80
C ALA E 105 16.44 -36.44 -53.57
N SER E 106 15.81 -37.58 -53.28
CA SER E 106 16.23 -38.37 -52.14
C SER E 106 17.71 -38.73 -52.22
N GLU E 107 18.23 -38.93 -53.43
CA GLU E 107 19.63 -39.31 -53.60
C GLU E 107 20.57 -38.25 -53.07
N ILE E 108 20.09 -37.03 -52.85
CA ILE E 108 20.89 -36.01 -52.20
C ILE E 108 20.68 -36.03 -50.69
N LEU E 109 19.42 -36.16 -50.25
CA LEU E 109 19.12 -36.05 -48.83
C LEU E 109 19.73 -37.18 -48.03
N SER E 110 19.89 -38.35 -48.63
CA SER E 110 20.38 -39.51 -47.91
C SER E 110 21.83 -39.38 -47.47
N ARG E 111 22.55 -38.38 -47.96
CA ARG E 111 23.95 -38.25 -47.61
C ARG E 111 24.14 -37.64 -46.23
N ARG E 112 25.30 -37.91 -45.64
CA ARG E 112 25.62 -37.33 -44.35
C ARG E 112 25.95 -35.85 -44.46
N THR E 113 26.71 -35.47 -45.48
CA THR E 113 26.96 -34.08 -45.80
C THR E 113 26.55 -33.83 -47.24
N LYS E 114 26.74 -32.59 -47.68
CA LYS E 114 26.40 -32.19 -49.04
C LYS E 114 24.98 -32.63 -49.37
N ASN E 115 24.04 -32.05 -48.65
CA ASN E 115 22.69 -32.58 -48.56
C ASN E 115 21.65 -31.47 -48.57
N ASN E 116 21.81 -30.50 -49.47
CA ASN E 116 20.93 -29.36 -49.56
C ASN E 116 20.54 -29.17 -51.02
N PRO E 117 19.57 -29.93 -51.51
CA PRO E 117 19.18 -29.80 -52.90
C PRO E 117 18.22 -28.64 -53.11
N VAL E 118 18.41 -27.94 -54.22
CA VAL E 118 17.52 -26.87 -54.63
C VAL E 118 17.05 -27.17 -56.05
N LEU E 119 15.76 -26.95 -56.30
CA LEU E 119 15.18 -27.18 -57.61
C LEU E 119 15.34 -25.92 -58.43
N VAL E 120 15.90 -26.05 -59.62
CA VAL E 120 16.20 -24.91 -60.47
C VAL E 120 15.37 -25.01 -61.74
N GLY E 121 14.85 -23.88 -62.19
CA GLY E 121 14.08 -23.84 -63.41
C GLY E 121 13.20 -22.61 -63.44
N ASP E 122 12.52 -22.44 -64.56
CA ASP E 122 11.65 -21.30 -64.73
C ASP E 122 10.32 -21.51 -64.01
N ALA E 123 9.62 -20.42 -63.76
CA ALA E 123 8.37 -20.46 -63.02
C ALA E 123 7.25 -21.06 -63.88
N GLY E 124 6.13 -21.33 -63.24
CA GLY E 124 5.00 -21.90 -63.94
C GLY E 124 5.24 -23.29 -64.48
N VAL E 125 6.02 -24.10 -63.78
CA VAL E 125 6.34 -25.44 -64.23
C VAL E 125 5.96 -26.49 -63.21
N GLY E 126 5.06 -26.17 -62.29
CA GLY E 126 4.80 -27.08 -61.19
C GLY E 126 5.97 -27.22 -60.27
N LYS E 127 6.65 -26.11 -59.94
CA LYS E 127 7.89 -26.20 -59.19
C LYS E 127 7.64 -26.82 -57.82
N THR E 128 6.65 -26.34 -57.09
CA THR E 128 6.36 -26.93 -55.80
C THR E 128 5.81 -28.34 -55.92
N ALA E 129 5.04 -28.60 -56.99
CA ALA E 129 4.43 -29.91 -57.14
C ALA E 129 5.42 -31.04 -56.90
N VAL E 130 6.70 -30.80 -57.18
CA VAL E 130 7.72 -31.79 -56.89
C VAL E 130 7.78 -32.07 -55.39
N VAL E 131 7.80 -31.02 -54.58
CA VAL E 131 7.97 -31.26 -53.14
C VAL E 131 6.70 -31.84 -52.54
N GLU E 132 5.52 -31.42 -53.01
CA GLU E 132 4.34 -32.12 -52.52
C GLU E 132 4.37 -33.60 -52.91
N GLY E 133 4.80 -33.90 -54.13
CA GLY E 133 4.95 -35.30 -54.50
C GLY E 133 5.95 -36.02 -53.63
N LEU E 134 7.00 -35.33 -53.21
CA LEU E 134 7.96 -35.94 -52.29
C LEU E 134 7.29 -36.31 -50.97
N ALA E 135 6.48 -35.39 -50.43
CA ALA E 135 5.76 -35.71 -49.20
C ALA E 135 4.82 -36.89 -49.41
N GLN E 136 4.14 -36.91 -50.55
CA GLN E 136 3.26 -38.02 -50.88
C GLN E 136 4.03 -39.34 -50.87
N ALA E 137 5.20 -39.37 -51.50
CA ALA E 137 6.00 -40.59 -51.52
C ALA E 137 6.47 -40.97 -50.12
N ILE E 138 6.86 -39.99 -49.31
CA ILE E 138 7.29 -40.28 -47.96
C ILE E 138 6.19 -41.00 -47.20
N VAL E 139 4.98 -40.47 -47.28
CA VAL E 139 3.84 -41.17 -46.68
C VAL E 139 3.68 -42.54 -47.32
N ASN E 140 3.93 -42.62 -48.62
CA ASN E 140 3.73 -43.84 -49.39
C ASN E 140 4.76 -44.91 -49.07
N GLY E 141 5.84 -44.57 -48.37
CA GLY E 141 6.91 -45.53 -48.19
C GLY E 141 7.71 -45.78 -49.46
N ASP E 142 7.75 -44.82 -50.36
CA ASP E 142 8.53 -44.95 -51.59
C ASP E 142 9.99 -44.62 -51.39
N VAL E 143 10.30 -43.78 -50.42
CA VAL E 143 11.63 -43.22 -50.24
C VAL E 143 12.59 -44.29 -49.76
N PRO E 144 13.90 -44.08 -49.87
CA PRO E 144 14.85 -44.94 -49.17
C PRO E 144 14.82 -44.67 -47.67
N ALA E 145 15.41 -45.60 -46.92
CA ALA E 145 15.25 -45.63 -45.47
C ALA E 145 15.80 -44.40 -44.79
N ALA E 146 16.66 -43.64 -45.48
CA ALA E 146 17.37 -42.53 -44.83
C ALA E 146 16.42 -41.48 -44.30
N ILE E 147 15.28 -41.29 -44.93
CA ILE E 147 14.40 -40.18 -44.59
C ILE E 147 13.03 -40.65 -44.12
N LYS E 148 12.95 -41.88 -43.61
CA LYS E 148 11.66 -42.43 -43.22
C LYS E 148 11.01 -41.58 -42.13
N ASN E 149 11.79 -41.17 -41.13
CA ASN E 149 11.24 -40.63 -39.91
C ASN E 149 11.11 -39.12 -39.91
N LYS E 150 11.30 -38.48 -41.05
CA LYS E 150 11.30 -37.04 -41.11
C LYS E 150 9.97 -36.51 -41.61
N GLU E 151 9.76 -35.22 -41.42
CA GLU E 151 8.62 -34.51 -41.98
C GLU E 151 9.09 -33.21 -42.59
N ILE E 152 8.23 -32.61 -43.40
CA ILE E 152 8.56 -31.42 -44.16
C ILE E 152 7.61 -30.31 -43.76
N VAL E 153 8.17 -29.13 -43.48
CA VAL E 153 7.38 -27.95 -43.18
C VAL E 153 7.76 -26.85 -44.15
N SER E 154 6.75 -26.24 -44.76
CA SER E 154 6.97 -25.10 -45.64
C SER E 154 6.79 -23.82 -44.86
N ILE E 155 7.63 -22.83 -45.17
CA ILE E 155 7.70 -21.61 -44.38
C ILE E 155 7.41 -20.40 -45.25
N ASP E 156 6.54 -19.53 -44.76
CA ASP E 156 6.31 -18.21 -45.33
C ASP E 156 7.48 -17.32 -44.97
N ILE E 157 8.50 -17.33 -45.83
CA ILE E 157 9.65 -16.45 -45.61
C ILE E 157 9.21 -14.99 -45.68
N SER E 158 8.51 -14.61 -46.75
CA SER E 158 8.17 -13.22 -46.99
C SER E 158 7.34 -12.60 -45.89
N GLY E 159 6.49 -13.39 -45.24
CA GLY E 159 5.66 -12.91 -44.16
C GLY E 159 6.23 -13.07 -42.78
N LEU E 160 7.51 -13.42 -42.64
CA LEU E 160 8.05 -13.66 -41.32
C LEU E 160 7.98 -12.42 -40.43
N GLU E 161 8.34 -11.25 -40.96
CA GLU E 161 8.25 -10.03 -40.17
C GLU E 161 6.83 -9.71 -39.76
N ALA E 162 5.83 -10.31 -40.41
CA ALA E 162 4.45 -10.12 -39.99
C ALA E 162 4.19 -10.69 -38.60
N GLY E 163 4.95 -11.69 -38.19
CA GLY E 163 4.72 -12.34 -36.91
C GLY E 163 5.24 -11.61 -35.70
N THR E 164 5.90 -10.47 -35.89
CA THR E 164 6.54 -9.77 -34.77
C THR E 164 6.55 -8.27 -35.06
N GLN E 165 6.82 -7.51 -34.00
CA GLN E 165 6.79 -6.05 -34.11
C GLN E 165 8.19 -5.46 -34.22
N TYR E 166 9.17 -6.05 -33.55
CA TYR E 166 10.52 -5.50 -33.50
C TYR E 166 11.48 -6.50 -34.12
N ARG E 167 12.39 -5.99 -34.94
CA ARG E 167 13.24 -6.88 -35.74
C ARG E 167 14.30 -7.56 -34.89
N GLY E 168 14.65 -6.99 -33.74
CA GLY E 168 15.44 -7.74 -32.78
C GLY E 168 14.66 -8.91 -32.21
N SER E 169 13.41 -8.66 -31.82
CA SER E 169 12.52 -9.75 -31.47
C SER E 169 12.32 -10.70 -32.65
N PHE E 170 12.33 -10.16 -33.86
CA PHE E 170 12.24 -11.00 -35.05
C PHE E 170 13.42 -11.96 -35.11
N GLU E 171 14.63 -11.45 -34.94
CA GLU E 171 15.81 -12.30 -34.99
C GLU E 171 15.78 -13.33 -33.87
N GLU E 172 15.31 -12.92 -32.69
CA GLU E 172 15.19 -13.88 -31.60
C GLU E 172 14.23 -15.00 -31.97
N ASN E 173 13.09 -14.65 -32.57
CA ASN E 173 12.17 -15.68 -33.02
C ASN E 173 12.79 -16.56 -34.09
N VAL E 174 13.60 -15.95 -34.98
CA VAL E 174 14.26 -16.71 -36.03
C VAL E 174 15.19 -17.76 -35.43
N GLN E 175 16.04 -17.35 -34.50
CA GLN E 175 16.91 -18.31 -33.85
C GLN E 175 16.10 -19.32 -33.05
N ASN E 176 14.95 -18.90 -32.52
CA ASN E 176 14.06 -19.82 -31.84
C ASN E 176 13.59 -20.91 -32.78
N LEU E 177 13.61 -20.67 -34.08
CA LEU E 177 13.33 -21.74 -35.03
C LEU E 177 14.39 -22.83 -34.95
N VAL E 178 15.66 -22.44 -35.01
CA VAL E 178 16.73 -23.41 -34.82
C VAL E 178 16.56 -24.11 -33.49
N ASN E 179 16.18 -23.35 -32.46
CA ASN E 179 15.87 -23.96 -31.17
C ASN E 179 14.80 -25.05 -31.34
N GLU E 180 13.77 -24.78 -32.11
CA GLU E 180 12.79 -25.81 -32.42
C GLU E 180 13.40 -26.90 -33.30
N VAL E 181 14.37 -26.55 -34.14
CA VAL E 181 14.92 -27.55 -35.03
C VAL E 181 16.00 -28.29 -34.26
N LYS E 182 15.56 -29.20 -33.39
CA LYS E 182 16.41 -30.13 -32.71
C LYS E 182 15.80 -31.52 -32.63
N GLU E 183 14.57 -31.69 -33.13
CA GLU E 183 13.82 -32.93 -32.96
C GLU E 183 14.23 -33.94 -34.02
N ALA E 184 15.38 -34.57 -33.76
CA ALA E 184 15.93 -35.65 -34.58
C ALA E 184 16.10 -35.26 -36.03
N GLY E 185 16.07 -33.97 -36.35
CA GLY E 185 16.07 -33.57 -37.74
C GLY E 185 14.83 -33.97 -38.48
N ASN E 186 13.80 -34.45 -37.77
CA ASN E 186 12.56 -34.89 -38.38
C ASN E 186 11.87 -33.74 -39.10
N ILE E 187 12.25 -32.52 -38.78
CA ILE E 187 11.75 -31.32 -39.43
C ILE E 187 12.71 -30.98 -40.55
N ILE E 188 12.16 -30.69 -41.73
CA ILE E 188 12.93 -30.24 -42.87
C ILE E 188 12.27 -28.99 -43.42
N LEU E 189 13.04 -27.92 -43.57
CA LEU E 189 12.49 -26.64 -43.95
C LEU E 189 12.41 -26.53 -45.47
N PHE E 190 11.29 -26.05 -45.96
CA PHE E 190 11.11 -25.78 -47.38
C PHE E 190 10.74 -24.32 -47.58
N PHE E 191 11.23 -23.75 -48.68
CA PHE E 191 10.97 -22.37 -49.04
C PHE E 191 10.75 -22.31 -50.53
N ASP E 192 10.45 -21.11 -51.02
CA ASP E 192 10.19 -20.91 -52.44
C ASP E 192 10.93 -19.71 -53.02
N ALA E 193 11.63 -18.93 -52.19
CA ALA E 193 12.36 -17.75 -52.68
C ALA E 193 13.70 -17.68 -51.95
N ILE E 194 14.72 -18.33 -52.54
CA ILE E 194 16.01 -18.41 -51.86
C ILE E 194 16.66 -17.04 -51.78
N HIS E 195 16.52 -16.24 -52.84
CA HIS E 195 16.97 -14.87 -52.79
C HIS E 195 16.31 -14.08 -51.66
N GLN E 196 15.04 -14.35 -51.37
CA GLN E 196 14.38 -13.77 -50.21
C GLN E 196 14.90 -14.33 -48.90
N ILE E 197 15.58 -15.46 -48.93
CA ILE E 197 16.26 -15.97 -47.75
C ILE E 197 17.62 -15.32 -47.58
N LEU E 198 18.37 -15.20 -48.67
CA LEU E 198 19.71 -14.61 -48.62
C LEU E 198 19.57 -13.10 -48.44
N GLY E 199 19.18 -12.72 -47.23
CA GLY E 199 19.03 -11.34 -46.84
C GLY E 199 19.97 -10.97 -45.70
N ALA E 200 19.47 -10.22 -44.71
CA ALA E 200 20.23 -9.86 -43.53
C ALA E 200 21.50 -9.09 -43.90
N GLY E 201 21.62 -8.75 -45.18
CA GLY E 201 22.80 -8.11 -45.71
C GLY E 201 22.61 -7.72 -47.16
N SER E 202 23.72 -7.30 -47.77
CA SER E 202 23.69 -6.82 -49.15
C SER E 202 24.04 -7.96 -50.12
N THR E 203 23.28 -9.04 -50.01
CA THR E 203 23.38 -10.11 -50.99
C THR E 203 22.66 -9.77 -52.29
N GLY E 204 21.74 -8.81 -52.27
CA GLY E 204 21.02 -8.44 -53.47
C GLY E 204 20.38 -7.08 -53.26
N GLY E 205 20.49 -6.26 -54.31
CA GLY E 205 20.05 -4.89 -54.17
C GLY E 205 21.03 -4.09 -53.33
N ASP E 206 20.51 -3.03 -52.70
CA ASP E 206 21.32 -2.15 -51.86
C ASP E 206 21.36 -2.56 -50.40
N SER E 207 20.25 -3.08 -49.86
CA SER E 207 20.17 -3.43 -48.45
C SER E 207 19.18 -4.57 -48.29
N GLY E 208 18.95 -4.94 -47.04
CA GLY E 208 17.96 -5.96 -46.73
C GLY E 208 17.70 -6.03 -45.25
N SER E 209 16.57 -6.66 -44.91
CA SER E 209 16.21 -6.87 -43.53
C SER E 209 16.88 -8.13 -42.99
N LYS E 210 16.99 -8.21 -41.67
CA LYS E 210 17.59 -9.37 -41.04
C LYS E 210 16.80 -10.64 -41.37
N GLY E 211 17.54 -11.72 -41.58
CA GLY E 211 16.90 -12.99 -41.89
C GLY E 211 17.82 -14.13 -41.51
N LEU E 212 17.55 -15.30 -42.10
CA LEU E 212 18.33 -16.49 -41.80
C LEU E 212 19.80 -16.32 -42.14
N ALA E 213 20.14 -15.35 -43.00
CA ALA E 213 21.50 -15.28 -43.52
C ALA E 213 22.52 -15.21 -42.39
N ASP E 214 22.34 -14.26 -41.48
CA ASP E 214 23.30 -14.09 -40.39
C ASP E 214 23.29 -15.25 -39.42
N ILE E 215 22.33 -16.15 -39.53
CA ILE E 215 22.24 -17.34 -38.71
C ILE E 215 22.55 -18.61 -39.51
N LEU E 216 22.09 -18.66 -40.76
CA LEU E 216 22.24 -19.89 -41.52
C LEU E 216 23.69 -20.18 -41.86
N LYS E 217 24.47 -19.14 -42.19
CA LYS E 217 25.81 -19.31 -42.74
C LYS E 217 26.62 -20.25 -41.87
N PRO E 218 26.62 -20.09 -40.54
CA PRO E 218 27.21 -21.15 -39.71
C PRO E 218 26.37 -22.40 -39.66
N ALA E 219 25.06 -22.27 -39.43
CA ALA E 219 24.24 -23.45 -39.17
C ALA E 219 24.33 -24.46 -40.30
N LEU E 220 24.26 -23.99 -41.54
CA LEU E 220 24.41 -24.88 -42.68
C LEU E 220 25.83 -25.45 -42.75
N SER E 221 26.83 -24.61 -42.51
CA SER E 221 28.19 -25.11 -42.41
C SER E 221 28.31 -26.17 -41.33
N ARG E 222 27.79 -25.91 -40.14
CA ARG E 222 27.79 -26.90 -39.08
C ARG E 222 26.61 -27.85 -39.14
N GLY E 223 25.96 -28.00 -40.30
CA GLY E 223 25.10 -29.14 -40.54
C GLY E 223 23.81 -29.16 -39.76
N GLU E 224 23.44 -28.02 -39.19
CA GLU E 224 22.22 -27.95 -38.38
C GLU E 224 20.96 -28.18 -39.18
N LEU E 225 20.86 -27.63 -40.38
CA LEU E 225 19.59 -27.60 -41.09
C LEU E 225 19.69 -28.40 -42.38
N THR E 226 18.53 -28.75 -42.92
CA THR E 226 18.43 -29.20 -44.29
C THR E 226 17.29 -28.45 -44.97
N VAL E 227 17.61 -27.67 -45.97
CA VAL E 227 16.61 -26.88 -46.68
C VAL E 227 16.50 -27.40 -48.09
N ILE E 228 15.39 -27.07 -48.74
CA ILE E 228 15.12 -27.54 -50.09
C ILE E 228 14.58 -26.38 -50.92
N GLY E 229 15.39 -25.91 -51.87
CA GLY E 229 14.94 -24.95 -52.86
C GLY E 229 14.35 -23.68 -52.27
N ALA E 230 13.68 -22.91 -53.13
CA ALA E 230 13.61 -23.19 -54.56
C ALA E 230 13.67 -21.88 -55.31
N THR E 231 14.14 -21.90 -56.55
CA THR E 231 14.28 -20.66 -57.30
C THR E 231 14.52 -20.89 -58.79
N THR E 232 14.83 -19.82 -59.51
CA THR E 232 14.98 -19.84 -60.95
C THR E 232 16.45 -19.92 -61.34
N GLN E 233 16.68 -20.06 -62.65
CA GLN E 233 18.03 -20.22 -63.20
C GLN E 233 18.93 -19.05 -62.90
N ASP E 234 18.45 -17.84 -63.18
CA ASP E 234 19.26 -16.64 -63.10
C ASP E 234 19.54 -16.26 -61.64
N GLU E 235 18.52 -16.37 -60.77
CA GLU E 235 18.77 -16.29 -59.33
C GLU E 235 19.90 -17.21 -58.92
N TYR E 236 19.91 -18.44 -59.44
CA TYR E 236 20.92 -19.40 -59.03
C TYR E 236 22.31 -18.94 -59.41
N ARG E 237 22.53 -18.57 -60.67
CA ARG E 237 23.90 -18.20 -61.02
C ARG E 237 24.29 -16.86 -60.42
N ASN E 238 23.32 -16.00 -60.11
CA ASN E 238 23.68 -14.66 -59.64
C ASN E 238 23.91 -14.61 -58.14
N THR E 239 23.26 -15.47 -57.37
CA THR E 239 23.34 -15.38 -55.92
C THR E 239 24.03 -16.57 -55.28
N ILE E 240 23.79 -17.77 -55.77
CA ILE E 240 24.23 -18.97 -55.07
C ILE E 240 25.69 -19.28 -55.36
N LEU E 241 26.09 -19.23 -56.62
CA LEU E 241 27.45 -19.60 -57.02
C LEU E 241 28.49 -18.58 -56.59
N LYS E 242 28.10 -17.57 -55.82
CA LYS E 242 29.03 -16.53 -55.43
C LYS E 242 29.50 -16.65 -53.98
N ASN E 243 28.74 -17.31 -53.12
CA ASN E 243 29.15 -17.56 -51.76
C ASN E 243 29.70 -18.97 -51.66
N ALA E 244 31.02 -19.07 -51.47
CA ALA E 244 31.65 -20.38 -51.41
C ALA E 244 31.09 -21.22 -50.27
N ALA E 245 30.56 -20.58 -49.23
CA ALA E 245 29.98 -21.33 -48.12
C ALA E 245 28.84 -22.22 -48.60
N LEU E 246 27.95 -21.69 -49.42
CA LEU E 246 26.89 -22.51 -50.00
C LEU E 246 27.44 -23.57 -50.94
N ALA E 247 28.56 -23.26 -51.61
CA ALA E 247 29.12 -24.18 -52.60
C ALA E 247 29.45 -25.53 -51.98
N ARG E 248 29.87 -25.54 -50.72
CA ARG E 248 30.30 -26.76 -50.07
C ARG E 248 29.16 -27.41 -49.28
N ARG E 249 27.94 -26.94 -49.46
CA ARG E 249 26.78 -27.58 -48.87
C ARG E 249 25.64 -27.85 -49.84
N PHE E 250 25.53 -27.11 -50.94
CA PHE E 250 24.32 -27.12 -51.75
C PHE E 250 24.50 -27.92 -53.02
N ASN E 251 23.37 -28.35 -53.58
CA ASN E 251 23.33 -29.07 -54.83
C ASN E 251 22.10 -28.61 -55.59
N GLU E 252 22.07 -28.91 -56.88
CA GLU E 252 21.01 -28.39 -57.74
C GLU E 252 20.41 -29.52 -58.55
N VAL E 253 19.10 -29.41 -58.80
CA VAL E 253 18.38 -30.40 -59.60
C VAL E 253 17.58 -29.66 -60.66
N LYS E 254 17.77 -30.06 -61.91
CA LYS E 254 17.14 -29.40 -63.04
C LYS E 254 15.67 -29.78 -63.14
N VAL E 255 14.84 -28.82 -63.54
CA VAL E 255 13.41 -29.03 -63.74
C VAL E 255 13.02 -28.48 -65.10
N ASN E 256 12.22 -29.24 -65.83
CA ASN E 256 11.78 -28.84 -67.16
C ASN E 256 10.30 -29.10 -67.31
N ALA E 257 9.64 -28.27 -68.13
CA ALA E 257 8.23 -28.47 -68.40
C ALA E 257 8.02 -29.73 -69.22
N PRO E 258 6.96 -30.47 -68.96
CA PRO E 258 6.72 -31.73 -69.67
C PRO E 258 6.12 -31.51 -71.04
N SER E 259 5.94 -32.61 -71.75
CA SER E 259 5.42 -32.59 -73.11
C SER E 259 3.89 -32.57 -73.09
N ALA E 260 3.31 -32.49 -74.28
CA ALA E 260 1.88 -32.37 -74.40
C ALA E 260 1.20 -33.73 -74.37
N GLU E 261 1.63 -34.59 -73.45
CA GLU E 261 0.84 -35.74 -73.05
C GLU E 261 0.57 -35.74 -71.57
N ASN E 262 1.62 -35.57 -70.77
CA ASN E 262 1.49 -35.43 -69.34
C ASN E 262 0.67 -34.22 -68.96
N THR E 263 0.85 -33.12 -69.68
CA THR E 263 0.00 -31.95 -69.48
C THR E 263 -1.46 -32.32 -69.68
N PHE E 264 -1.74 -33.10 -70.71
CA PHE E 264 -3.10 -33.56 -70.95
C PHE E 264 -3.61 -34.36 -69.77
N LYS E 265 -2.75 -35.20 -69.20
CA LYS E 265 -3.14 -35.99 -68.04
C LYS E 265 -3.46 -35.09 -66.86
N ILE E 266 -2.60 -34.11 -66.58
CA ILE E 266 -2.83 -33.22 -65.46
C ILE E 266 -4.12 -32.47 -65.64
N LEU E 267 -4.38 -32.01 -66.86
CA LEU E 267 -5.61 -31.29 -67.12
C LEU E 267 -6.81 -32.21 -66.89
N GLN E 268 -6.71 -33.46 -67.35
CA GLN E 268 -7.77 -34.42 -67.09
C GLN E 268 -8.02 -34.56 -65.60
N GLY E 269 -6.95 -34.58 -64.81
CA GLY E 269 -7.10 -34.67 -63.38
C GLY E 269 -7.83 -33.47 -62.80
N ILE E 270 -7.44 -32.27 -63.23
CA ILE E 270 -8.06 -31.07 -62.68
C ILE E 270 -9.50 -30.95 -63.12
N ARG E 271 -9.83 -31.49 -64.30
CA ARG E 271 -11.08 -31.28 -65.01
C ARG E 271 -12.32 -31.16 -64.14
N ASP E 272 -12.45 -32.04 -63.16
CA ASP E 272 -13.64 -32.06 -62.32
C ASP E 272 -13.78 -30.82 -61.45
N LEU E 273 -12.69 -30.15 -61.11
CA LEU E 273 -12.77 -28.99 -60.23
C LEU E 273 -13.75 -27.96 -60.75
N TYR E 274 -13.80 -27.77 -62.06
CA TYR E 274 -14.61 -26.72 -62.68
C TYR E 274 -16.06 -27.13 -62.90
N GLN E 275 -16.55 -28.10 -62.13
CA GLN E 275 -17.99 -28.17 -61.91
C GLN E 275 -18.49 -26.92 -61.20
N GLN E 276 -17.57 -26.20 -60.55
CA GLN E 276 -17.92 -24.97 -59.84
C GLN E 276 -18.71 -24.01 -60.71
N HIS E 277 -18.37 -23.91 -61.99
CA HIS E 277 -18.91 -22.86 -62.85
C HIS E 277 -20.17 -23.30 -63.56
N HIS E 278 -20.71 -24.48 -63.24
CA HIS E 278 -22.01 -24.94 -63.74
C HIS E 278 -22.07 -24.91 -65.27
N ASN E 279 -21.00 -25.37 -65.89
CA ASN E 279 -20.90 -25.44 -67.34
C ASN E 279 -20.38 -26.82 -67.72
N VAL E 280 -20.18 -27.03 -69.01
CA VAL E 280 -19.72 -28.34 -69.46
C VAL E 280 -18.40 -28.65 -68.78
N ILE E 281 -18.30 -29.85 -68.21
CA ILE E 281 -17.01 -30.42 -67.88
C ILE E 281 -16.46 -31.01 -69.17
N LEU E 282 -15.26 -30.58 -69.52
CA LEU E 282 -14.87 -30.44 -70.91
C LEU E 282 -14.37 -31.76 -71.52
N PRO E 283 -14.82 -32.07 -72.74
CA PRO E 283 -14.31 -33.27 -73.41
C PRO E 283 -12.89 -33.07 -73.89
N ASP E 284 -12.20 -34.21 -74.04
CA ASP E 284 -10.77 -34.21 -74.26
C ASP E 284 -10.38 -33.43 -75.51
N GLU E 285 -11.25 -33.41 -76.51
CA GLU E 285 -10.92 -32.74 -77.77
C GLU E 285 -10.68 -31.26 -77.53
N VAL E 286 -11.56 -30.62 -76.76
CA VAL E 286 -11.39 -29.22 -76.42
C VAL E 286 -10.08 -29.02 -75.67
N LEU E 287 -9.74 -29.96 -74.80
CA LEU E 287 -8.53 -29.80 -74.00
C LEU E 287 -7.29 -29.84 -74.87
N LYS E 288 -7.17 -30.86 -75.71
CA LYS E 288 -6.00 -30.94 -76.57
C LYS E 288 -5.96 -29.77 -77.54
N ALA E 289 -7.12 -29.28 -77.97
CA ALA E 289 -7.13 -28.10 -78.82
C ALA E 289 -6.58 -26.89 -78.08
N ALA E 290 -6.96 -26.72 -76.82
CA ALA E 290 -6.43 -25.61 -76.04
C ALA E 290 -4.93 -25.73 -75.89
N VAL E 291 -4.44 -26.93 -75.65
CA VAL E 291 -3.00 -27.12 -75.56
C VAL E 291 -2.32 -26.73 -76.85
N ASP E 292 -2.85 -27.22 -77.98
CA ASP E 292 -2.22 -26.96 -79.27
C ASP E 292 -2.25 -25.49 -79.62
N TYR E 293 -3.25 -24.76 -79.15
CA TYR E 293 -3.29 -23.34 -79.45
C TYR E 293 -2.36 -22.54 -78.54
N SER E 294 -2.38 -22.84 -77.25
CA SER E 294 -1.53 -22.08 -76.33
C SER E 294 -0.06 -22.33 -76.60
N VAL E 295 0.29 -23.53 -77.07
CA VAL E 295 1.69 -23.81 -77.33
C VAL E 295 2.21 -23.00 -78.51
N GLN E 296 1.38 -22.79 -79.53
CA GLN E 296 1.84 -22.13 -80.74
C GLN E 296 1.60 -20.63 -80.72
N TYR E 297 0.69 -20.13 -79.90
CA TYR E 297 0.40 -18.70 -79.91
C TYR E 297 0.96 -17.94 -78.73
N ILE E 298 1.26 -18.62 -77.62
CA ILE E 298 1.81 -17.92 -76.46
C ILE E 298 3.12 -18.59 -76.05
N PRO E 299 4.18 -18.48 -76.86
CA PRO E 299 5.45 -19.08 -76.45
C PRO E 299 6.10 -18.40 -75.27
N GLN E 300 5.73 -17.16 -74.96
CA GLN E 300 6.41 -16.43 -73.90
C GLN E 300 6.04 -16.93 -72.51
N ARG E 301 5.32 -18.03 -72.40
CA ARG E 301 4.96 -18.59 -71.10
C ARG E 301 5.21 -20.08 -71.09
N SER E 302 5.42 -20.62 -69.90
CA SER E 302 5.59 -22.06 -69.74
C SER E 302 4.29 -22.78 -70.08
N LEU E 303 4.43 -24.03 -70.51
CA LEU E 303 3.26 -24.81 -70.93
C LEU E 303 2.26 -25.06 -69.82
N PRO E 304 2.64 -25.64 -68.67
CA PRO E 304 1.62 -26.11 -67.72
C PRO E 304 0.68 -25.03 -67.23
N ASP E 305 1.20 -23.84 -66.91
CA ASP E 305 0.33 -22.80 -66.40
C ASP E 305 -0.53 -22.19 -67.50
N LYS E 306 0.04 -21.93 -68.66
CA LYS E 306 -0.74 -21.27 -69.71
C LYS E 306 -1.88 -22.17 -70.17
N ALA E 307 -1.62 -23.48 -70.27
CA ALA E 307 -2.69 -24.37 -70.69
C ALA E 307 -3.86 -24.32 -69.72
N ILE E 308 -3.57 -24.20 -68.43
CA ILE E 308 -4.62 -24.11 -67.43
C ILE E 308 -5.36 -22.79 -67.51
N ASP E 309 -4.60 -21.69 -67.62
CA ASP E 309 -5.23 -20.38 -67.61
C ASP E 309 -6.14 -20.19 -68.81
N LEU E 310 -5.72 -20.72 -69.96
CA LEU E 310 -6.59 -20.64 -71.13
C LEU E 310 -7.92 -21.31 -70.85
N VAL E 311 -7.88 -22.51 -70.27
CA VAL E 311 -9.11 -23.23 -69.95
C VAL E 311 -9.94 -22.42 -68.96
N ASP E 312 -9.29 -21.86 -67.96
CA ASP E 312 -10.01 -21.12 -66.93
C ASP E 312 -10.77 -19.94 -67.51
N VAL E 313 -10.08 -19.11 -68.28
CA VAL E 313 -10.76 -17.97 -68.89
C VAL E 313 -11.81 -18.43 -69.88
N THR E 314 -11.55 -19.54 -70.57
CA THR E 314 -12.55 -20.10 -71.46
C THR E 314 -13.85 -20.39 -70.71
N ALA E 315 -13.75 -21.07 -69.58
CA ALA E 315 -14.94 -21.37 -68.80
C ALA E 315 -15.61 -20.11 -68.32
N ALA E 316 -14.83 -19.17 -67.79
CA ALA E 316 -15.43 -17.94 -67.28
C ALA E 316 -16.22 -17.24 -68.36
N HIS E 317 -15.68 -17.17 -69.57
CA HIS E 317 -16.43 -16.54 -70.65
C HIS E 317 -17.65 -17.38 -71.01
N LEU E 318 -17.50 -18.69 -71.02
CA LEU E 318 -18.64 -19.54 -71.35
C LEU E 318 -19.74 -19.45 -70.31
N ALA E 319 -19.47 -18.87 -69.14
CA ALA E 319 -20.57 -18.53 -68.27
C ALA E 319 -21.54 -17.60 -68.96
N ALA E 320 -21.10 -16.93 -70.02
CA ALA E 320 -21.95 -16.11 -70.88
C ALA E 320 -22.68 -15.04 -70.09
N GLN E 321 -22.16 -14.72 -68.91
CA GLN E 321 -22.70 -13.64 -68.08
C GLN E 321 -24.18 -13.87 -67.79
N HIS E 322 -24.54 -15.13 -67.55
CA HIS E 322 -25.94 -15.44 -67.27
C HIS E 322 -26.32 -14.96 -65.87
N PRO E 323 -27.54 -14.49 -65.70
CA PRO E 323 -28.00 -14.03 -64.40
C PRO E 323 -28.41 -15.20 -63.51
N VAL E 324 -28.88 -14.88 -62.31
CA VAL E 324 -29.37 -15.85 -61.36
C VAL E 324 -30.71 -15.47 -60.76
N THR E 325 -31.23 -14.28 -61.11
CA THR E 325 -32.53 -13.87 -60.61
C THR E 325 -33.64 -14.85 -60.95
N ASP E 326 -33.53 -15.52 -62.10
CA ASP E 326 -34.58 -16.41 -62.57
C ASP E 326 -34.77 -17.58 -61.62
N VAL E 327 -33.83 -17.77 -60.70
CA VAL E 327 -33.99 -18.69 -59.59
C VAL E 327 -33.98 -17.96 -58.26
N HIS E 328 -33.34 -16.80 -58.21
CA HIS E 328 -33.21 -16.07 -56.96
C HIS E 328 -34.57 -15.58 -56.46
N ALA E 329 -35.44 -15.16 -57.38
CA ALA E 329 -36.77 -14.75 -56.99
C ALA E 329 -37.51 -15.86 -56.26
N VAL E 330 -37.44 -17.08 -56.78
CA VAL E 330 -38.15 -18.17 -56.14
C VAL E 330 -37.45 -18.60 -54.86
N GLU E 331 -36.15 -18.33 -54.75
CA GLU E 331 -35.52 -18.51 -53.45
C GLU E 331 -36.15 -17.58 -52.42
N ARG E 332 -36.38 -16.32 -52.80
CA ARG E 332 -37.09 -15.42 -51.90
C ARG E 332 -38.48 -15.95 -51.58
N GLU E 333 -39.16 -16.49 -52.59
CA GLU E 333 -40.49 -17.04 -52.35
C GLU E 333 -40.45 -18.18 -51.33
N ILE E 334 -39.47 -19.07 -51.48
CA ILE E 334 -39.33 -20.17 -50.52
C ILE E 334 -39.08 -19.63 -49.13
N GLU E 335 -38.30 -18.56 -49.02
CA GLU E 335 -38.07 -17.96 -47.72
C GLU E 335 -39.38 -17.47 -47.10
N THR E 336 -40.18 -16.75 -47.88
CA THR E 336 -41.44 -16.24 -47.35
C THR E 336 -42.38 -17.37 -46.94
N GLU E 337 -42.50 -18.38 -47.79
CA GLU E 337 -43.36 -19.51 -47.47
C GLU E 337 -42.86 -20.24 -46.22
N LYS E 338 -41.54 -20.34 -46.06
CA LYS E 338 -40.98 -20.96 -44.88
C LYS E 338 -41.35 -20.16 -43.63
N ASP E 339 -41.29 -18.84 -43.71
CA ASP E 339 -41.68 -18.03 -42.55
C ASP E 339 -43.14 -18.25 -42.18
N LYS E 340 -44.03 -18.23 -43.18
CA LYS E 340 -45.43 -18.48 -42.89
C LYS E 340 -45.65 -19.89 -42.32
N GLN E 341 -44.88 -20.86 -42.82
CA GLN E 341 -44.97 -22.21 -42.29
C GLN E 341 -44.58 -22.27 -40.83
N GLU E 342 -43.50 -21.58 -40.47
CA GLU E 342 -43.12 -21.51 -39.06
C GLU E 342 -44.20 -20.85 -38.23
N LYS E 343 -44.80 -19.79 -38.76
CA LYS E 343 -45.86 -19.11 -38.03
C LYS E 343 -47.02 -20.05 -37.76
N ALA E 344 -47.46 -20.79 -38.78
CA ALA E 344 -48.56 -21.72 -38.60
C ALA E 344 -48.20 -22.84 -37.63
N VAL E 345 -46.95 -23.31 -37.68
CA VAL E 345 -46.51 -24.32 -36.72
C VAL E 345 -46.60 -23.76 -35.30
N GLU E 346 -46.31 -22.47 -35.12
CA GLU E 346 -46.45 -21.88 -33.81
C GLU E 346 -47.89 -22.03 -33.31
N ALA E 347 -48.87 -21.84 -34.20
CA ALA E 347 -50.27 -21.97 -33.83
C ALA E 347 -50.78 -23.40 -33.96
N GLU E 348 -49.91 -24.36 -34.23
CA GLU E 348 -50.25 -25.78 -34.23
C GLU E 348 -51.40 -26.11 -35.19
N ASP E 349 -51.39 -25.44 -36.34
CA ASP E 349 -52.39 -25.71 -37.37
C ASP E 349 -51.71 -26.60 -38.41
N PHE E 350 -51.89 -27.91 -38.24
CA PHE E 350 -51.05 -28.86 -38.94
C PHE E 350 -51.37 -28.96 -40.42
N GLU E 351 -52.63 -28.76 -40.81
CA GLU E 351 -52.98 -28.79 -42.22
C GLU E 351 -52.27 -27.68 -42.99
N ALA E 352 -52.24 -26.47 -42.43
CA ALA E 352 -51.58 -25.36 -43.10
C ALA E 352 -50.08 -25.58 -43.21
N ALA E 353 -49.47 -26.10 -42.14
CA ALA E 353 -48.05 -26.39 -42.19
C ALA E 353 -47.74 -27.49 -43.20
N LEU E 354 -48.60 -28.50 -43.29
CA LEU E 354 -48.41 -29.54 -44.29
C LEU E 354 -48.51 -28.97 -45.70
N ASN E 355 -49.49 -28.10 -45.94
CA ASN E 355 -49.59 -27.45 -47.23
C ASN E 355 -48.36 -26.63 -47.53
N TYR E 356 -47.86 -25.89 -46.54
CA TYR E 356 -46.67 -25.10 -46.73
C TYR E 356 -45.47 -25.97 -47.07
N LYS E 357 -45.33 -27.11 -46.39
CA LYS E 357 -44.21 -28.00 -46.68
C LYS E 357 -44.33 -28.57 -48.08
N THR E 358 -45.54 -28.90 -48.52
CA THR E 358 -45.74 -29.37 -49.87
C THR E 358 -45.34 -28.29 -50.88
N ARG E 359 -45.72 -27.05 -50.62
CA ARG E 359 -45.35 -25.97 -51.53
C ARG E 359 -43.85 -25.73 -51.52
N ILE E 360 -43.22 -25.90 -50.36
CA ILE E 360 -41.78 -25.77 -50.26
C ILE E 360 -41.09 -26.82 -51.12
N ALA E 361 -41.55 -28.07 -51.02
CA ALA E 361 -40.99 -29.11 -51.88
C ALA E 361 -41.21 -28.77 -53.35
N GLU E 362 -42.40 -28.31 -53.69
CA GLU E 362 -42.70 -27.90 -55.06
C GLU E 362 -41.66 -26.92 -55.59
N LEU E 363 -41.53 -25.77 -54.90
CA LEU E 363 -40.61 -24.74 -55.35
C LEU E 363 -39.18 -25.24 -55.34
N GLU E 364 -38.84 -26.10 -54.38
CA GLU E 364 -37.49 -26.63 -54.30
C GLU E 364 -37.14 -27.40 -55.56
N ARG E 365 -37.96 -28.36 -55.95
CA ARG E 365 -37.56 -29.15 -57.11
C ARG E 365 -37.72 -28.35 -58.39
N LYS E 366 -38.57 -27.32 -58.39
CA LYS E 366 -38.55 -26.41 -59.53
C LYS E 366 -37.18 -25.78 -59.68
N ILE E 367 -36.67 -25.22 -58.57
CA ILE E 367 -35.35 -24.60 -58.59
C ILE E 367 -34.29 -25.62 -58.99
N GLU E 368 -34.45 -26.86 -58.54
CA GLU E 368 -33.56 -27.92 -58.99
C GLU E 368 -33.59 -28.05 -60.50
N ASN E 369 -34.79 -28.02 -61.09
CA ASN E 369 -34.91 -28.12 -62.54
C ASN E 369 -34.21 -26.97 -63.23
N HIS E 370 -34.40 -25.74 -62.73
CA HIS E 370 -33.69 -24.61 -63.31
C HIS E 370 -32.18 -24.75 -63.17
N THR E 371 -31.71 -25.27 -62.05
CA THR E 371 -30.28 -25.35 -61.81
C THR E 371 -29.61 -26.22 -62.86
N GLU E 372 -30.22 -27.35 -63.19
CA GLU E 372 -29.68 -28.23 -64.22
C GLU E 372 -29.88 -27.68 -65.62
N ASP E 373 -30.51 -26.51 -65.76
CA ASP E 373 -30.61 -25.86 -67.06
C ASP E 373 -29.31 -25.09 -67.33
N MET E 374 -28.23 -25.86 -67.43
CA MET E 374 -26.92 -25.34 -67.77
C MET E 374 -26.54 -25.81 -69.17
N LYS E 375 -25.95 -24.91 -69.94
CA LYS E 375 -25.50 -25.21 -71.28
C LYS E 375 -24.15 -25.92 -71.20
N VAL E 376 -24.05 -27.06 -71.87
CA VAL E 376 -22.82 -27.83 -71.90
C VAL E 376 -22.32 -27.84 -73.35
N THR E 377 -21.48 -26.86 -73.66
CA THR E 377 -20.99 -26.68 -75.02
C THR E 377 -19.52 -26.28 -74.93
N ALA E 378 -18.65 -27.27 -74.96
CA ALA E 378 -17.23 -27.02 -75.13
C ALA E 378 -16.87 -27.17 -76.60
N SER E 379 -16.47 -26.06 -77.21
CA SER E 379 -16.16 -26.05 -78.62
C SER E 379 -14.76 -25.49 -78.80
N VAL E 380 -14.02 -26.08 -79.74
CA VAL E 380 -12.73 -25.53 -80.10
C VAL E 380 -12.88 -24.08 -80.56
N ASN E 381 -13.99 -23.76 -81.21
CA ASN E 381 -14.23 -22.40 -81.68
C ASN E 381 -14.26 -21.41 -80.54
N ASP E 382 -14.96 -21.73 -79.46
CA ASP E 382 -15.06 -20.83 -78.31
C ASP E 382 -13.70 -20.58 -77.70
N VAL E 383 -12.90 -21.63 -77.56
CA VAL E 383 -11.52 -21.45 -77.15
C VAL E 383 -10.82 -20.51 -78.11
N ALA E 384 -11.13 -20.62 -79.41
CA ALA E 384 -10.48 -19.76 -80.38
C ALA E 384 -10.82 -18.29 -80.14
N GLU E 385 -12.09 -17.97 -79.92
CA GLU E 385 -12.41 -16.55 -79.68
C GLU E 385 -11.81 -16.09 -78.36
N SER E 386 -11.69 -16.99 -77.40
CA SER E 386 -10.98 -16.64 -76.18
C SER E 386 -9.54 -16.25 -76.49
N VAL E 387 -8.90 -17.02 -77.37
CA VAL E 387 -7.54 -16.67 -77.78
C VAL E 387 -7.52 -15.31 -78.45
N GLU E 388 -8.48 -15.08 -79.34
CA GLU E 388 -8.52 -13.83 -80.09
C GLU E 388 -8.65 -12.66 -79.14
N ARG E 389 -9.43 -12.84 -78.08
CA ARG E 389 -9.55 -11.76 -77.10
C ARG E 389 -8.26 -11.62 -76.31
N MET E 390 -7.55 -12.73 -76.16
CA MET E 390 -6.27 -12.66 -75.45
C MET E 390 -5.27 -11.81 -76.21
N THR E 391 -5.15 -12.03 -77.52
CA THR E 391 -4.06 -11.43 -78.29
C THR E 391 -4.54 -10.46 -79.36
N GLY E 392 -5.85 -10.34 -79.58
CA GLY E 392 -6.34 -9.42 -80.58
C GLY E 392 -6.15 -9.87 -82.01
N ILE E 393 -5.77 -11.12 -82.22
CA ILE E 393 -5.44 -11.61 -83.56
C ILE E 393 -6.52 -12.58 -84.01
N PRO E 394 -7.36 -12.20 -84.96
CA PRO E 394 -8.20 -13.20 -85.61
C PRO E 394 -7.31 -14.20 -86.35
N VAL E 395 -7.71 -15.46 -86.30
CA VAL E 395 -6.94 -16.54 -86.90
C VAL E 395 -7.76 -17.13 -88.03
N SER E 396 -7.29 -16.95 -89.24
CA SER E 396 -7.81 -17.78 -90.31
C SER E 396 -7.16 -19.16 -90.24
N GLN E 397 -7.89 -20.16 -90.71
CA GLN E 397 -7.43 -21.55 -90.71
C GLN E 397 -7.01 -21.99 -89.31
N MET E 398 -7.93 -21.82 -88.37
CA MET E 398 -7.69 -22.23 -87.00
C MET E 398 -7.47 -23.74 -86.93
N GLY E 399 -6.52 -24.15 -86.09
CA GLY E 399 -6.16 -25.55 -85.95
C GLY E 399 -5.20 -26.06 -87.01
N ALA E 400 -4.75 -25.20 -87.92
CA ALA E 400 -3.84 -25.63 -88.95
C ALA E 400 -2.55 -26.16 -88.34
N SER E 401 -1.94 -27.12 -89.03
CA SER E 401 -0.69 -27.66 -88.54
C SER E 401 0.41 -26.61 -88.59
N ASP E 402 1.41 -26.78 -87.73
CA ASP E 402 2.62 -26.00 -87.85
C ASP E 402 3.21 -26.12 -89.25
N ILE E 403 3.10 -27.29 -89.86
CA ILE E 403 3.59 -27.47 -91.21
C ILE E 403 2.89 -26.51 -92.15
N GLU E 404 1.57 -26.39 -92.00
CA GLU E 404 0.82 -25.40 -92.76
C GLU E 404 1.32 -24.00 -92.46
N ARG E 405 1.43 -23.66 -91.17
CA ARG E 405 1.66 -22.27 -90.79
C ARG E 405 3.04 -21.79 -91.22
N LEU E 406 4.06 -22.62 -91.05
CA LEU E 406 5.42 -22.21 -91.37
C LEU E 406 5.61 -21.96 -92.85
N LYS E 407 4.74 -22.50 -93.70
CA LYS E 407 4.74 -22.18 -95.12
C LYS E 407 3.80 -21.04 -95.47
N ASP E 408 2.68 -20.94 -94.76
CA ASP E 408 1.70 -19.91 -95.08
C ASP E 408 2.18 -18.53 -94.66
N MET E 409 2.94 -18.45 -93.57
CA MET E 409 3.50 -17.17 -93.16
C MET E 409 4.38 -16.56 -94.24
N ALA E 410 4.95 -17.39 -95.12
CA ALA E 410 5.69 -16.85 -96.25
C ALA E 410 4.83 -15.86 -97.03
N HIS E 411 3.62 -16.27 -97.40
CA HIS E 411 2.70 -15.34 -98.04
C HIS E 411 2.17 -14.29 -97.07
N ARG E 412 1.91 -14.69 -95.82
CA ARG E 412 1.34 -13.77 -94.84
C ARG E 412 2.16 -12.49 -94.77
N LEU E 413 3.47 -12.62 -94.66
CA LEU E 413 4.35 -11.46 -94.77
C LEU E 413 4.51 -11.00 -96.21
N GLN E 414 4.60 -11.94 -97.15
CA GLN E 414 4.82 -11.58 -98.55
C GLN E 414 3.71 -10.71 -99.08
N ASP E 415 2.47 -10.99 -98.69
CA ASP E 415 1.32 -10.29 -99.23
C ASP E 415 0.99 -9.01 -98.47
N LYS E 416 1.60 -8.78 -97.32
CA LYS E 416 1.52 -7.48 -96.66
C LYS E 416 2.67 -6.57 -97.03
N VAL E 417 3.69 -7.11 -97.70
CA VAL E 417 4.78 -6.31 -98.24
C VAL E 417 4.72 -6.43 -99.76
N ILE E 418 5.64 -5.73 -100.42
CA ILE E 418 5.70 -5.72 -101.87
C ILE E 418 7.07 -6.22 -102.31
N GLY E 419 7.09 -7.39 -102.94
CA GLY E 419 8.34 -7.91 -103.47
C GLY E 419 9.38 -8.11 -102.40
N GLN E 420 10.63 -7.89 -102.79
CA GLN E 420 11.80 -8.09 -101.92
C GLN E 420 11.78 -9.49 -101.33
N ASP E 421 11.47 -10.48 -102.19
CA ASP E 421 11.20 -11.83 -101.73
C ASP E 421 12.41 -12.48 -101.05
N LYS E 422 13.62 -11.96 -101.29
CA LYS E 422 14.80 -12.54 -100.65
C LYS E 422 14.70 -12.45 -99.14
N ALA E 423 14.31 -11.28 -98.63
CA ALA E 423 14.18 -11.10 -97.19
C ALA E 423 13.11 -12.04 -96.64
N VAL E 424 11.99 -12.18 -97.35
CA VAL E 424 10.95 -13.10 -96.92
C VAL E 424 11.52 -14.52 -96.82
N GLU E 425 12.22 -14.97 -97.86
CA GLU E 425 12.79 -16.31 -97.85
C GLU E 425 13.72 -16.51 -96.67
N VAL E 426 14.67 -15.60 -96.48
CA VAL E 426 15.67 -15.76 -95.44
C VAL E 426 15.01 -15.78 -94.06
N VAL E 427 14.15 -14.80 -93.81
CA VAL E 427 13.52 -14.69 -92.50
C VAL E 427 12.66 -15.92 -92.22
N ALA E 428 11.89 -16.36 -93.22
CA ALA E 428 11.03 -17.50 -93.00
C ALA E 428 11.82 -18.76 -92.68
N ARG E 429 12.88 -19.02 -93.46
CA ARG E 429 13.66 -20.22 -93.19
C ARG E 429 14.33 -20.16 -91.82
N ALA E 430 14.89 -19.01 -91.47
CA ALA E 430 15.52 -18.88 -90.15
C ALA E 430 14.51 -19.11 -89.04
N ILE E 431 13.33 -18.51 -89.18
CA ILE E 431 12.30 -18.66 -88.17
C ILE E 431 11.90 -20.12 -88.04
N CYS E 432 11.74 -20.81 -89.17
CA CYS E 432 11.36 -22.21 -89.09
C CYS E 432 12.43 -23.03 -88.40
N ARG E 433 13.70 -22.76 -88.71
CA ARG E 433 14.78 -23.49 -88.06
C ARG E 433 14.75 -23.31 -86.55
N ASN E 434 14.60 -22.07 -86.09
CA ASN E 434 14.52 -21.84 -84.65
C ASN E 434 13.29 -22.51 -84.06
N ARG E 435 12.14 -22.37 -84.71
CA ARG E 435 10.91 -22.94 -84.19
C ARG E 435 10.96 -24.46 -84.15
N ALA E 436 11.45 -25.10 -85.21
CA ALA E 436 11.53 -26.54 -85.23
C ALA E 436 12.66 -27.08 -84.35
N GLY E 437 13.55 -26.22 -83.89
CA GLY E 437 14.66 -26.66 -83.07
C GLY E 437 15.74 -27.40 -83.81
N PHE E 438 15.86 -27.20 -85.12
CA PHE E 438 16.94 -27.83 -85.87
C PHE E 438 18.29 -27.25 -85.49
N ASP E 439 18.38 -25.93 -85.42
CA ASP E 439 19.64 -25.28 -85.10
C ASP E 439 20.06 -25.60 -83.66
N GLU E 440 21.35 -25.81 -83.48
CA GLU E 440 21.87 -26.01 -82.14
C GLU E 440 21.65 -24.77 -81.31
N GLY E 441 21.43 -24.96 -80.02
CA GLY E 441 21.16 -23.85 -79.12
C GLY E 441 22.39 -23.01 -78.86
N ASN E 442 22.29 -22.23 -77.78
CA ASN E 442 23.38 -21.38 -77.31
C ASN E 442 23.72 -20.28 -78.30
N ARG E 443 22.75 -19.94 -79.15
CA ARG E 443 22.86 -18.82 -80.07
C ARG E 443 21.55 -18.05 -80.04
N PRO E 444 21.59 -16.74 -80.26
CA PRO E 444 20.34 -15.97 -80.31
C PRO E 444 19.50 -16.41 -81.50
N ILE E 445 18.22 -16.04 -81.44
CA ILE E 445 17.25 -16.53 -82.42
C ILE E 445 17.64 -16.11 -83.82
N GLY E 446 17.96 -14.83 -84.00
CA GLY E 446 18.37 -14.35 -85.30
C GLY E 446 18.96 -12.97 -85.17
N ASN E 447 19.96 -12.73 -86.01
CA ASN E 447 20.72 -11.49 -86.01
C ASN E 447 20.90 -11.08 -87.46
N PHE E 448 20.14 -10.09 -87.90
CA PHE E 448 20.10 -9.77 -89.31
C PHE E 448 20.32 -8.29 -89.56
N LEU E 449 20.90 -8.00 -90.72
CA LEU E 449 21.21 -6.64 -91.14
C LEU E 449 20.39 -6.31 -92.38
N PHE E 450 19.91 -5.08 -92.47
CA PHE E 450 19.11 -4.61 -93.58
C PHE E 450 19.61 -3.24 -93.97
N VAL E 451 19.98 -3.09 -95.25
CA VAL E 451 20.77 -1.94 -95.69
C VAL E 451 20.09 -1.36 -96.93
N GLY E 452 19.65 -0.12 -96.83
CA GLY E 452 18.96 0.53 -97.93
C GLY E 452 18.41 1.87 -97.52
N SER E 453 17.59 2.45 -98.41
CA SER E 453 16.95 3.73 -98.13
C SER E 453 15.71 3.53 -97.25
N THR E 454 15.13 4.65 -96.82
CA THR E 454 14.01 4.59 -95.89
C THR E 454 12.70 4.25 -96.60
N GLY E 455 12.35 5.04 -97.61
CA GLY E 455 11.07 4.89 -98.27
C GLY E 455 10.97 3.62 -99.09
N VAL E 456 11.16 2.48 -98.43
CA VAL E 456 11.10 1.19 -99.10
C VAL E 456 10.22 0.27 -98.27
N GLY E 457 9.45 0.84 -97.36
CA GLY E 457 8.93 0.05 -96.27
C GLY E 457 10.05 -0.45 -95.39
N LYS E 458 11.01 0.41 -95.06
CA LYS E 458 12.20 -0.02 -94.35
C LYS E 458 11.84 -0.64 -93.01
N THR E 459 10.72 -0.24 -92.43
CA THR E 459 10.27 -0.75 -91.15
C THR E 459 9.19 -1.82 -91.29
N GLU E 460 8.96 -2.31 -92.50
CA GLU E 460 7.93 -3.32 -92.73
C GLU E 460 8.12 -4.53 -91.84
N LEU E 461 9.32 -5.08 -91.80
CA LEU E 461 9.60 -6.21 -90.95
C LEU E 461 9.63 -5.84 -89.48
N ALA E 462 9.71 -4.57 -89.16
CA ALA E 462 9.57 -4.12 -87.78
C ALA E 462 8.13 -4.14 -87.30
N LYS E 463 7.17 -4.00 -88.21
CA LYS E 463 5.75 -3.98 -87.83
C LYS E 463 5.06 -5.30 -88.11
N GLN E 464 5.02 -5.73 -89.38
CA GLN E 464 4.24 -6.90 -89.75
C GLN E 464 4.89 -8.19 -89.29
N LEU E 465 6.21 -8.31 -89.49
CA LEU E 465 6.90 -9.48 -88.98
C LEU E 465 6.75 -9.58 -87.47
N ALA E 466 6.92 -8.45 -86.77
CA ALA E 466 6.80 -8.48 -85.32
C ALA E 466 5.41 -8.93 -84.90
N LEU E 467 4.38 -8.39 -85.53
CA LEU E 467 3.02 -8.74 -85.14
C LEU E 467 2.74 -10.21 -85.41
N ASP E 468 3.12 -10.70 -86.59
CA ASP E 468 2.86 -12.10 -86.90
C ASP E 468 3.64 -13.01 -85.96
N MET E 469 4.87 -12.65 -85.64
CA MET E 469 5.64 -13.43 -84.68
C MET E 469 4.96 -13.47 -83.32
N PHE E 470 4.43 -12.35 -82.86
CA PHE E 470 4.04 -12.24 -81.46
C PHE E 470 2.60 -11.86 -81.22
N GLY E 471 1.70 -12.08 -82.18
CA GLY E 471 0.31 -11.71 -81.98
C GLY E 471 0.10 -10.26 -81.67
N THR E 472 1.13 -9.42 -81.80
CA THR E 472 1.05 -7.99 -81.62
C THR E 472 2.37 -7.40 -82.07
N GLN E 473 2.28 -6.25 -82.73
CA GLN E 473 3.47 -5.51 -83.11
C GLN E 473 4.21 -4.95 -81.91
N ASP E 474 3.56 -4.88 -80.74
CA ASP E 474 4.16 -4.30 -79.53
C ASP E 474 5.06 -5.35 -78.87
N ALA E 475 6.04 -5.80 -79.64
CA ALA E 475 7.05 -6.72 -79.14
C ALA E 475 8.44 -6.30 -79.58
N ILE E 476 8.66 -5.02 -79.85
CA ILE E 476 9.92 -4.52 -80.36
C ILE E 476 10.33 -3.28 -79.58
N ILE E 477 11.63 -3.15 -79.36
CA ILE E 477 12.24 -1.92 -78.89
C ILE E 477 13.27 -1.49 -79.92
N ARG E 478 13.18 -0.25 -80.37
CA ARG E 478 14.04 0.25 -81.42
C ARG E 478 14.86 1.43 -80.89
N LEU E 479 16.16 1.36 -81.18
CA LEU E 479 17.09 2.45 -80.93
C LEU E 479 17.78 2.82 -82.23
N ASP E 480 17.68 4.10 -82.59
CA ASP E 480 18.37 4.63 -83.75
C ASP E 480 19.78 4.95 -83.28
N MET E 481 20.71 4.01 -83.49
CA MET E 481 21.96 4.07 -82.75
C MET E 481 22.74 5.34 -83.09
N SER E 482 22.68 5.77 -84.35
CA SER E 482 23.39 6.99 -84.74
C SER E 482 22.93 8.18 -83.91
N GLU E 483 21.62 8.41 -83.84
CA GLU E 483 21.10 9.47 -82.99
C GLU E 483 21.12 9.07 -81.51
N TYR E 484 21.19 7.75 -81.24
CA TYR E 484 21.25 7.29 -79.86
C TYR E 484 22.43 7.89 -79.12
N SER E 485 23.62 7.84 -79.72
CA SER E 485 24.82 8.16 -78.97
C SER E 485 24.92 9.65 -78.70
N ASP E 486 26.06 10.03 -78.12
CA ASP E 486 26.35 11.41 -77.77
C ASP E 486 27.39 11.99 -78.72
N ARG E 487 27.04 13.11 -79.37
CA ARG E 487 27.98 13.73 -80.29
C ARG E 487 28.46 15.11 -79.82
N THR E 488 27.53 16.05 -79.66
CA THR E 488 27.88 17.42 -79.30
C THR E 488 26.87 17.96 -78.31
N ALA E 489 27.30 18.90 -77.48
CA ALA E 489 26.48 19.39 -76.37
C ALA E 489 25.32 20.21 -76.92
N VAL E 490 24.32 19.48 -77.45
CA VAL E 490 23.14 20.08 -78.02
C VAL E 490 21.93 19.55 -77.28
N SER E 491 20.84 20.32 -77.28
CA SER E 491 19.71 20.01 -76.41
C SER E 491 18.83 18.91 -76.97
N LYS E 492 19.44 17.81 -77.38
CA LYS E 492 18.71 16.61 -77.72
C LYS E 492 19.47 15.44 -77.10
N LEU E 493 20.69 15.72 -76.66
CA LEU E 493 21.56 14.71 -76.09
C LEU E 493 22.51 15.36 -75.10
N ILE E 494 22.71 14.68 -73.95
CA ILE E 494 23.48 15.24 -72.85
C ILE E 494 24.51 14.21 -72.37
N GLY E 495 25.75 14.66 -72.14
CA GLY E 495 26.75 13.81 -71.53
C GLY E 495 27.85 13.40 -72.47
N THR E 496 28.29 12.15 -72.38
CA THR E 496 29.31 11.62 -73.26
C THR E 496 28.85 10.28 -73.81
N THR E 497 29.31 9.97 -75.03
CA THR E 497 28.90 8.73 -75.67
C THR E 497 29.27 7.54 -74.82
N ALA E 498 30.44 7.59 -74.17
CA ALA E 498 30.78 6.60 -73.17
C ALA E 498 29.68 6.45 -72.13
N GLY E 499 29.20 7.55 -71.56
CA GLY E 499 28.09 7.48 -70.63
C GLY E 499 26.98 6.57 -71.09
N TYR E 500 26.74 6.52 -72.41
CA TYR E 500 25.64 5.72 -72.93
C TYR E 500 25.77 4.25 -72.56
N VAL E 501 26.95 3.65 -72.72
CA VAL E 501 27.06 2.25 -72.36
C VAL E 501 26.75 2.08 -70.88
N GLY E 502 27.13 3.05 -70.06
CA GLY E 502 26.78 3.00 -68.65
C GLY E 502 25.29 2.86 -68.43
N TYR E 503 24.48 3.68 -69.12
CA TYR E 503 23.04 3.55 -68.98
C TYR E 503 22.62 2.13 -69.30
N ASP E 504 23.23 1.53 -70.31
CA ASP E 504 22.77 0.23 -70.78
C ASP E 504 23.07 -0.85 -69.77
N ASP E 505 23.98 -0.60 -68.83
CA ASP E 505 24.49 -1.70 -68.03
C ASP E 505 24.20 -1.57 -66.54
N ASN E 506 23.56 -0.47 -66.12
CA ASN E 506 23.24 -0.28 -64.71
C ASN E 506 21.84 0.28 -64.48
N SER E 507 21.11 0.61 -65.55
CA SER E 507 19.89 1.39 -65.41
C SER E 507 18.74 0.68 -66.11
N ASN E 508 17.53 0.99 -65.66
CA ASN E 508 16.31 0.37 -66.18
C ASN E 508 15.98 0.90 -67.57
N THR E 509 16.91 0.69 -68.49
CA THR E 509 16.70 1.11 -69.86
C THR E 509 16.92 -0.03 -70.85
N LEU E 510 17.94 -0.84 -70.65
CA LEU E 510 18.18 -1.92 -71.60
C LEU E 510 18.08 -3.29 -70.94
N THR E 511 18.88 -3.51 -69.90
CA THR E 511 18.85 -4.80 -69.23
C THR E 511 17.54 -5.07 -68.53
N GLU E 512 16.95 -4.07 -67.87
CA GLU E 512 15.63 -4.25 -67.29
C GLU E 512 14.68 -4.83 -68.31
N ARG E 513 14.51 -4.17 -69.44
CA ARG E 513 13.51 -4.58 -70.41
C ARG E 513 13.78 -5.94 -71.03
N VAL E 514 15.01 -6.21 -71.46
CA VAL E 514 15.27 -7.47 -72.15
C VAL E 514 15.00 -8.66 -71.24
N ARG E 515 15.28 -8.53 -69.95
CA ARG E 515 14.96 -9.59 -69.01
C ARG E 515 13.46 -9.68 -68.75
N ARG E 516 12.71 -8.61 -68.98
CA ARG E 516 11.26 -8.69 -68.85
C ARG E 516 10.58 -9.43 -69.97
N ASN E 517 11.07 -9.29 -71.21
CA ASN E 517 10.46 -9.95 -72.35
C ASN E 517 11.55 -10.68 -73.11
N PRO E 518 12.07 -11.78 -72.57
CA PRO E 518 13.19 -12.46 -73.21
C PRO E 518 12.90 -12.95 -74.62
N TYR E 519 11.70 -12.71 -75.13
CA TYR E 519 11.39 -13.04 -76.52
C TYR E 519 11.32 -11.82 -77.41
N SER E 520 11.40 -10.62 -76.85
CA SER E 520 11.17 -9.41 -77.64
C SER E 520 12.19 -9.29 -78.77
N ILE E 521 11.93 -8.33 -79.66
CA ILE E 521 12.80 -8.04 -80.79
C ILE E 521 13.38 -6.65 -80.60
N ILE E 522 14.68 -6.51 -80.86
CA ILE E 522 15.36 -5.24 -80.70
C ILE E 522 15.90 -4.82 -82.05
N LEU E 523 15.70 -3.55 -82.38
CA LEU E 523 16.00 -2.98 -83.68
C LEU E 523 16.97 -1.83 -83.50
N LEU E 524 18.03 -1.80 -84.29
CA LEU E 524 19.06 -0.78 -84.22
C LEU E 524 19.18 -0.10 -85.58
N ASP E 525 18.67 1.12 -85.67
CA ASP E 525 18.61 1.84 -86.92
C ASP E 525 19.98 2.37 -87.32
N ALA E 526 20.33 2.20 -88.59
CA ALA E 526 21.38 2.99 -89.21
C ALA E 526 22.66 2.98 -88.40
N ILE E 527 23.38 1.86 -88.39
CA ILE E 527 24.39 1.63 -87.35
C ILE E 527 25.83 1.74 -87.84
N GLU E 528 26.15 2.54 -88.87
CA GLU E 528 27.58 2.80 -89.06
C GLU E 528 28.10 3.42 -87.76
N LYS E 529 27.40 4.42 -87.21
CA LYS E 529 26.87 5.58 -87.92
C LYS E 529 27.09 6.72 -86.95
N ALA E 530 27.19 6.33 -85.69
CA ALA E 530 27.43 7.29 -84.62
C ALA E 530 28.85 7.20 -84.11
N ASP E 531 29.12 7.97 -83.06
CA ASP E 531 30.44 7.94 -82.42
C ASP E 531 30.86 6.53 -82.01
N PRO E 532 30.02 5.71 -81.39
CA PRO E 532 30.51 4.42 -80.90
C PRO E 532 30.70 3.42 -82.02
N GLN E 533 31.85 2.73 -81.99
CA GLN E 533 32.09 1.58 -82.86
C GLN E 533 31.82 0.30 -82.07
N VAL E 534 30.56 0.16 -81.65
CA VAL E 534 30.17 -0.94 -80.77
C VAL E 534 29.96 -2.16 -81.66
N ILE E 535 31.04 -2.89 -81.88
CA ILE E 535 30.98 -4.18 -82.54
C ILE E 535 31.24 -5.26 -81.49
N THR E 536 32.35 -5.11 -80.78
CA THR E 536 32.79 -6.15 -79.86
C THR E 536 31.91 -6.27 -78.63
N LEU E 537 31.40 -5.16 -78.10
CA LEU E 537 30.53 -5.26 -76.94
C LEU E 537 29.32 -6.13 -77.24
N LEU E 538 28.87 -6.13 -78.49
CA LEU E 538 27.78 -6.99 -78.90
C LEU E 538 28.20 -8.43 -79.10
N LEU E 539 29.44 -8.68 -79.47
CA LEU E 539 29.88 -10.03 -79.78
C LEU E 539 29.55 -11.02 -78.68
N GLN E 540 29.54 -10.57 -77.43
CA GLN E 540 29.20 -11.45 -76.32
C GLN E 540 27.87 -12.15 -76.56
N VAL E 541 26.82 -11.38 -76.87
CA VAL E 541 25.59 -12.04 -77.29
C VAL E 541 25.77 -12.66 -78.66
N LEU E 542 26.43 -11.94 -79.57
CA LEU E 542 26.55 -12.41 -80.95
C LEU E 542 27.26 -13.75 -81.01
N ASP E 543 27.99 -14.09 -79.94
CA ASP E 543 28.52 -15.43 -79.82
C ASP E 543 27.55 -16.37 -79.11
N ASP E 544 27.10 -15.99 -77.90
CA ASP E 544 26.44 -16.97 -77.04
C ASP E 544 25.20 -16.43 -76.34
N GLY E 545 24.86 -15.16 -76.49
CA GLY E 545 23.66 -14.62 -75.89
C GLY E 545 23.77 -14.33 -74.41
N ARG E 546 24.88 -14.68 -73.78
CA ARG E 546 25.12 -14.36 -72.38
C ARG E 546 25.98 -13.10 -72.33
N LEU E 547 25.48 -12.06 -71.69
CA LEU E 547 26.22 -10.80 -71.67
C LEU E 547 26.09 -10.13 -70.32
N THR E 548 27.21 -9.67 -69.78
CA THR E 548 27.29 -9.15 -68.43
C THR E 548 26.77 -7.73 -68.35
N ASP E 549 26.30 -7.37 -67.16
CA ASP E 549 25.80 -6.03 -66.92
C ASP E 549 26.88 -5.21 -66.22
N GLY E 550 26.50 -4.01 -65.77
CA GLY E 550 27.40 -3.20 -64.97
C GLY E 550 27.52 -3.65 -63.54
N GLN E 551 26.88 -4.75 -63.17
CA GLN E 551 27.03 -5.33 -61.85
C GLN E 551 27.60 -6.73 -61.89
N GLY E 552 27.95 -7.23 -63.07
CA GLY E 552 28.45 -8.58 -63.20
C GLY E 552 27.41 -9.62 -63.53
N ASN E 553 26.12 -9.31 -63.36
CA ASN E 553 25.07 -10.26 -63.70
C ASN E 553 25.03 -10.44 -65.21
N THR E 554 24.87 -11.69 -65.64
CA THR E 554 24.77 -12.00 -67.04
C THR E 554 23.31 -12.17 -67.41
N VAL E 555 22.93 -11.63 -68.56
CA VAL E 555 21.59 -11.79 -69.10
C VAL E 555 21.68 -12.67 -70.33
N ASN E 556 20.74 -13.60 -70.44
CA ASN E 556 20.65 -14.47 -71.60
C ASN E 556 19.89 -13.74 -72.69
N PHE E 557 20.28 -13.97 -73.94
CA PHE E 557 19.58 -13.44 -75.10
C PHE E 557 19.14 -14.56 -76.03
N LYS E 558 18.82 -15.72 -75.47
CA LYS E 558 18.57 -16.90 -76.28
C LYS E 558 17.37 -16.73 -77.19
N ASN E 559 16.30 -16.13 -76.68
CA ASN E 559 15.03 -16.13 -77.38
C ASN E 559 14.70 -14.78 -78.00
N THR E 560 15.69 -13.95 -78.27
CA THR E 560 15.44 -12.64 -78.84
C THR E 560 15.95 -12.57 -80.27
N VAL E 561 15.47 -11.55 -80.98
CA VAL E 561 15.88 -11.27 -82.34
C VAL E 561 16.49 -9.87 -82.38
N ILE E 562 17.61 -9.75 -83.08
CA ILE E 562 18.29 -8.47 -83.25
C ILE E 562 18.29 -8.14 -84.74
N ILE E 563 17.73 -7.00 -85.09
CA ILE E 563 17.71 -6.53 -86.47
C ILE E 563 18.31 -5.13 -86.49
N ALA E 564 19.27 -4.93 -87.37
CA ALA E 564 19.94 -3.64 -87.49
C ALA E 564 19.94 -3.19 -88.94
N THR E 565 19.97 -1.88 -89.14
CA THR E 565 19.79 -1.29 -90.46
C THR E 565 20.99 -0.41 -90.82
N SER E 566 21.04 -0.03 -92.09
CA SER E 566 22.14 0.76 -92.62
C SER E 566 21.74 1.38 -93.96
N ASN E 567 22.67 2.12 -94.56
CA ASN E 567 22.46 2.84 -95.81
C ASN E 567 23.15 2.10 -96.94
N ALA E 568 22.38 1.76 -97.98
CA ALA E 568 22.92 1.11 -99.16
C ALA E 568 23.16 2.06 -100.31
N GLY E 569 23.44 3.32 -100.04
CA GLY E 569 23.35 4.34 -101.07
C GLY E 569 21.91 4.71 -101.31
N PHE E 570 21.72 5.61 -102.28
CA PHE E 570 20.38 6.09 -102.58
C PHE E 570 20.34 6.65 -104.00
N GLY E 571 19.22 6.41 -104.66
CA GLY E 571 18.99 6.98 -105.97
C GLY E 571 18.24 8.29 -105.85
N TYR E 572 17.10 8.39 -106.54
CA TYR E 572 16.63 7.34 -107.43
C TYR E 572 16.38 7.94 -108.82
N GLU E 573 16.82 7.24 -109.85
CA GLU E 573 16.78 7.77 -111.20
C GLU E 573 15.80 7.11 -112.19
N ALA E 574 14.81 6.32 -111.79
CA ALA E 574 14.48 5.82 -110.45
C ALA E 574 15.22 4.52 -110.18
N ASN E 575 15.02 3.56 -111.09
CA ASN E 575 15.66 2.26 -110.97
C ASN E 575 16.94 2.14 -111.79
N LEU E 576 17.34 3.21 -112.50
CA LEU E 576 18.56 3.13 -113.29
C LEU E 576 19.82 3.06 -112.42
N THR E 577 19.77 3.64 -111.23
CA THR E 577 20.87 3.54 -110.27
C THR E 577 20.41 2.95 -108.93
N GLU E 578 19.28 2.24 -108.92
CA GLU E 578 18.85 1.60 -107.68
C GLU E 578 19.81 0.48 -107.28
N ASP E 579 20.42 -0.19 -108.25
CA ASP E 579 21.41 -1.24 -107.97
C ASP E 579 22.27 -1.41 -109.22
N ALA E 580 23.53 -0.97 -109.13
CA ALA E 580 24.43 -1.04 -110.28
C ALA E 580 25.19 -2.36 -110.33
N ASP E 581 25.68 -2.83 -109.19
CA ASP E 581 26.37 -4.11 -109.11
C ASP E 581 26.43 -4.55 -107.65
N LYS E 582 26.70 -5.84 -107.45
CA LYS E 582 26.78 -6.39 -106.09
C LYS E 582 27.89 -5.74 -105.27
N PRO E 583 29.13 -5.59 -105.76
CA PRO E 583 30.16 -4.93 -104.94
C PRO E 583 30.01 -3.42 -104.86
N GLU E 584 29.23 -2.82 -105.77
CA GLU E 584 28.82 -1.42 -105.62
C GLU E 584 28.25 -1.15 -104.23
N LEU E 585 27.91 -2.20 -103.51
CA LEU E 585 27.52 -2.13 -102.12
C LEU E 585 28.63 -2.52 -101.16
N MET E 586 29.08 -3.78 -101.15
CA MET E 586 29.97 -4.21 -100.08
C MET E 586 31.27 -3.43 -100.08
N ASP E 587 31.82 -3.16 -101.26
CA ASP E 587 33.13 -2.50 -101.31
C ASP E 587 33.06 -1.13 -100.68
N ARG E 588 31.95 -0.43 -100.89
CA ARG E 588 31.70 0.81 -100.16
C ARG E 588 31.50 0.54 -98.68
N LEU E 589 30.76 -0.50 -98.33
CA LEU E 589 30.52 -0.78 -96.92
C LEU E 589 31.76 -1.31 -96.20
N LYS E 590 32.78 -1.75 -96.94
CA LYS E 590 34.00 -2.17 -96.25
C LYS E 590 34.62 -1.05 -95.41
N PRO E 591 34.81 0.17 -95.92
CA PRO E 591 35.15 1.28 -95.01
C PRO E 591 34.00 1.73 -94.15
N PHE E 592 32.78 1.30 -94.43
CA PHE E 592 31.61 1.72 -93.65
C PHE E 592 31.30 0.75 -92.53
N PHE E 593 31.19 -0.54 -92.86
CA PHE E 593 30.96 -1.59 -91.88
C PHE E 593 32.20 -2.46 -91.81
N ARG E 594 32.68 -2.70 -90.60
CA ARG E 594 33.87 -3.52 -90.40
C ARG E 594 33.60 -4.94 -90.87
N PRO E 595 34.50 -5.54 -91.66
CA PRO E 595 34.23 -6.88 -92.20
C PRO E 595 33.92 -7.92 -91.14
N GLU E 596 34.56 -7.84 -89.98
CA GLU E 596 34.26 -8.78 -88.91
C GLU E 596 32.83 -8.64 -88.43
N PHE E 597 32.34 -7.41 -88.24
CA PHE E 597 30.95 -7.23 -87.83
C PHE E 597 29.99 -7.73 -88.89
N LEU E 598 30.39 -7.65 -90.16
CA LEU E 598 29.62 -8.30 -91.22
C LEU E 598 29.58 -9.81 -91.04
N ASN E 599 30.74 -10.43 -90.80
CA ASN E 599 30.83 -11.88 -90.75
C ASN E 599 30.07 -12.49 -89.59
N ARG E 600 29.67 -11.70 -88.60
CA ARG E 600 28.97 -12.19 -87.42
C ARG E 600 27.49 -12.44 -87.67
N PHE E 601 26.94 -11.93 -88.75
CA PHE E 601 25.49 -11.96 -88.91
C PHE E 601 25.02 -13.23 -89.61
N ASN E 602 23.78 -13.60 -89.31
CA ASN E 602 23.14 -14.67 -90.06
C ASN E 602 22.99 -14.30 -91.53
N ALA E 603 22.62 -13.05 -91.81
CA ALA E 603 22.51 -12.56 -93.18
C ALA E 603 22.31 -11.04 -93.17
N VAL E 604 22.62 -10.46 -94.32
CA VAL E 604 22.31 -9.07 -94.63
C VAL E 604 21.45 -9.04 -95.88
N ILE E 605 20.47 -8.15 -95.89
CA ILE E 605 19.56 -7.97 -97.01
C ILE E 605 19.54 -6.48 -97.33
N GLU E 606 19.14 -6.13 -98.54
CA GLU E 606 19.21 -4.75 -98.97
C GLU E 606 17.84 -4.24 -99.42
N PHE E 607 17.69 -2.93 -99.36
CA PHE E 607 16.51 -2.23 -99.85
C PHE E 607 16.91 -1.35 -101.02
N SER E 608 16.91 -1.95 -102.22
CA SER E 608 17.16 -1.21 -103.44
C SER E 608 15.90 -0.96 -104.23
N HIS E 609 14.74 -1.22 -103.64
CA HIS E 609 13.52 -1.40 -104.41
C HIS E 609 12.69 -0.12 -104.46
N LEU E 610 12.59 0.47 -105.64
CA LEU E 610 11.76 1.66 -105.84
C LEU E 610 11.49 1.81 -107.32
N THR E 611 10.24 1.65 -107.73
CA THR E 611 9.88 1.58 -109.14
C THR E 611 8.51 2.23 -109.32
N LYS E 612 7.81 1.88 -110.40
CA LYS E 612 6.49 2.43 -110.66
C LYS E 612 5.42 1.38 -110.97
N GLU E 613 5.79 0.26 -111.59
CA GLU E 613 4.79 -0.73 -112.00
C GLU E 613 4.20 -1.48 -110.81
N ASP E 614 5.00 -1.72 -109.78
CA ASP E 614 4.56 -2.50 -108.63
C ASP E 614 3.93 -1.61 -107.56
N LEU E 615 3.80 -0.32 -107.83
CA LEU E 615 3.35 0.65 -106.85
C LEU E 615 1.84 0.85 -106.89
N SER E 616 1.15 0.30 -107.89
CA SER E 616 -0.31 0.27 -107.82
C SER E 616 -0.77 -0.60 -106.66
N LYS E 617 -0.01 -1.64 -106.34
CA LYS E 617 -0.37 -2.53 -105.24
C LYS E 617 -0.41 -1.77 -103.93
N ILE E 618 0.61 -0.96 -103.66
CA ILE E 618 0.54 -0.15 -102.46
C ILE E 618 -0.59 0.86 -102.56
N VAL E 619 -0.92 1.29 -103.78
CA VAL E 619 -2.01 2.23 -103.95
C VAL E 619 -3.32 1.64 -103.44
N ASP E 620 -3.67 0.43 -103.87
CA ASP E 620 -4.93 -0.13 -103.38
C ASP E 620 -4.79 -0.57 -101.93
N LEU E 621 -3.56 -0.76 -101.44
CA LEU E 621 -3.40 -0.96 -100.00
C LEU E 621 -3.86 0.27 -99.22
N MET E 622 -3.35 1.45 -99.58
CA MET E 622 -3.84 2.64 -98.90
C MET E 622 -5.32 2.88 -99.16
N LEU E 623 -5.81 2.54 -100.36
CA LEU E 623 -7.25 2.68 -100.59
C LEU E 623 -8.04 1.80 -99.64
N ALA E 624 -7.52 0.60 -99.39
CA ALA E 624 -8.15 -0.29 -98.43
C ALA E 624 -8.18 0.34 -97.04
N GLU E 625 -7.06 0.89 -96.59
CA GLU E 625 -7.09 1.47 -95.24
C GLU E 625 -7.98 2.69 -95.19
N VAL E 626 -8.07 3.44 -96.30
CA VAL E 626 -8.95 4.59 -96.33
C VAL E 626 -10.40 4.15 -96.14
N ASN E 627 -10.83 3.16 -96.90
CA ASN E 627 -12.21 2.69 -96.73
C ASN E 627 -12.41 2.07 -95.36
N GLN E 628 -11.37 1.42 -94.82
CA GLN E 628 -11.44 0.92 -93.46
C GLN E 628 -11.70 2.04 -92.46
N THR E 629 -10.97 3.14 -92.60
CA THR E 629 -11.18 4.29 -91.73
C THR E 629 -12.59 4.83 -91.90
N LEU E 630 -13.05 4.92 -93.14
CA LEU E 630 -14.39 5.42 -93.40
C LEU E 630 -15.45 4.53 -92.79
N ALA E 631 -15.15 3.24 -92.62
CA ALA E 631 -16.13 2.30 -92.10
C ALA E 631 -16.61 2.71 -90.72
N LYS E 632 -15.83 3.52 -90.00
CA LYS E 632 -16.27 3.99 -88.70
C LYS E 632 -17.54 4.80 -88.79
N LYS E 633 -17.72 5.55 -89.87
CA LYS E 633 -18.91 6.37 -90.08
C LYS E 633 -19.86 5.77 -91.10
N ASP E 634 -19.71 4.47 -91.39
CA ASP E 634 -20.60 3.76 -92.31
C ASP E 634 -20.52 4.33 -93.72
N ILE E 635 -19.32 4.76 -94.12
CA ILE E 635 -19.10 5.43 -95.39
C ILE E 635 -18.22 4.55 -96.25
N ASP E 636 -18.61 4.39 -97.51
CA ASP E 636 -17.85 3.59 -98.48
C ASP E 636 -17.44 4.49 -99.63
N LEU E 637 -16.16 4.47 -99.97
CA LEU E 637 -15.63 5.24 -101.09
C LEU E 637 -15.23 4.29 -102.21
N VAL E 638 -15.58 4.65 -103.44
CA VAL E 638 -15.15 3.91 -104.61
C VAL E 638 -14.15 4.76 -105.37
N VAL E 639 -13.11 4.12 -105.92
CA VAL E 639 -12.04 4.80 -106.62
C VAL E 639 -11.96 4.27 -108.04
N SER E 640 -11.95 5.18 -109.01
CA SER E 640 -11.79 4.79 -110.40
C SER E 640 -10.35 4.41 -110.70
N GLN E 641 -10.18 3.56 -111.72
CA GLN E 641 -8.84 3.16 -112.13
C GLN E 641 -8.04 4.35 -112.65
N ALA E 642 -8.69 5.24 -113.39
CA ALA E 642 -8.01 6.43 -113.88
C ALA E 642 -7.51 7.28 -112.72
N ALA E 643 -8.32 7.38 -111.67
CA ALA E 643 -7.85 8.06 -110.47
C ALA E 643 -6.61 7.38 -109.91
N LYS E 644 -6.59 6.05 -109.91
CA LYS E 644 -5.41 5.33 -109.44
C LYS E 644 -4.19 5.68 -110.28
N ASP E 645 -4.36 5.70 -111.61
CA ASP E 645 -3.24 6.02 -112.49
C ASP E 645 -2.73 7.42 -112.23
N TYR E 646 -3.64 8.38 -112.06
CA TYR E 646 -3.22 9.75 -111.78
C TYR E 646 -2.52 9.85 -110.44
N ILE E 647 -3.03 9.16 -109.42
CA ILE E 647 -2.38 9.18 -108.12
C ILE E 647 -0.96 8.63 -108.22
N THR E 648 -0.82 7.50 -108.91
CA THR E 648 0.51 6.95 -109.12
C THR E 648 1.42 7.97 -109.77
N GLU E 649 0.95 8.60 -110.85
CA GLU E 649 1.78 9.58 -111.55
C GLU E 649 2.14 10.74 -110.62
N GLU E 650 1.21 11.14 -109.76
CA GLU E 650 1.50 12.20 -108.79
C GLU E 650 2.60 11.77 -107.83
N GLY E 651 2.45 10.60 -107.23
CA GLY E 651 3.41 10.11 -106.27
C GLY E 651 4.69 9.61 -106.86
N TYR E 652 4.78 9.53 -108.20
CA TYR E 652 6.02 9.05 -108.80
C TYR E 652 7.07 10.14 -108.84
N ASP E 653 7.32 10.77 -107.68
CA ASP E 653 8.55 11.51 -107.47
C ASP E 653 9.60 10.47 -107.09
N GLU E 654 9.83 9.56 -108.04
CA GLU E 654 10.61 8.35 -107.79
C GLU E 654 12.10 8.74 -107.70
N VAL E 655 12.41 9.49 -106.65
CA VAL E 655 13.78 9.93 -106.40
C VAL E 655 14.33 9.46 -105.07
N MET E 656 13.49 9.27 -104.05
CA MET E 656 13.98 8.78 -102.77
C MET E 656 13.16 7.60 -102.23
N GLY E 657 11.84 7.65 -102.38
CA GLY E 657 11.02 6.64 -101.75
C GLY E 657 9.54 6.91 -101.96
N VAL E 658 8.73 6.27 -101.12
CA VAL E 658 7.28 6.21 -101.32
C VAL E 658 6.52 7.06 -100.31
N ARG E 659 7.21 7.92 -99.56
CA ARG E 659 6.49 8.82 -98.66
C ARG E 659 5.53 9.74 -99.41
N PRO E 660 5.92 10.42 -100.50
CA PRO E 660 4.94 11.20 -101.25
C PRO E 660 3.83 10.36 -101.84
N LEU E 661 4.06 9.07 -102.07
CA LEU E 661 2.98 8.23 -102.58
C LEU E 661 1.82 8.18 -101.61
N ARG E 662 2.11 8.05 -100.31
CA ARG E 662 1.09 8.24 -99.30
C ARG E 662 0.64 9.69 -99.19
N ARG E 663 1.58 10.62 -99.34
CA ARG E 663 1.28 12.03 -99.10
C ARG E 663 0.22 12.55 -100.05
N VAL E 664 0.26 12.13 -101.32
CA VAL E 664 -0.67 12.66 -102.32
C VAL E 664 -2.12 12.32 -102.02
N VAL E 665 -2.37 11.26 -101.26
CA VAL E 665 -3.72 11.00 -100.74
C VAL E 665 -3.84 11.29 -99.26
N GLU E 666 -2.75 11.75 -98.64
CA GLU E 666 -2.73 11.98 -97.20
C GLU E 666 -3.80 12.98 -96.78
N GLN E 667 -4.09 13.95 -97.64
CA GLN E 667 -5.09 14.95 -97.35
C GLN E 667 -6.06 15.20 -98.50
N GLU E 668 -5.63 14.95 -99.74
CA GLU E 668 -6.42 15.35 -100.89
C GLU E 668 -7.74 14.61 -100.93
N ILE E 669 -7.72 13.31 -100.64
CA ILE E 669 -8.94 12.54 -100.60
C ILE E 669 -9.81 13.00 -99.44
N ARG E 670 -9.21 13.11 -98.25
CA ARG E 670 -9.98 13.41 -97.06
C ARG E 670 -10.43 14.85 -97.03
N ASP E 671 -9.73 15.74 -97.74
CA ASP E 671 -10.23 17.11 -97.87
C ASP E 671 -11.54 17.15 -98.64
N LYS E 672 -11.63 16.42 -99.75
CA LYS E 672 -12.91 16.30 -100.44
C LYS E 672 -13.97 15.65 -99.56
N VAL E 673 -13.57 14.60 -98.85
CA VAL E 673 -14.51 13.90 -97.98
C VAL E 673 -15.06 14.84 -96.92
N THR E 674 -14.23 15.78 -96.47
CA THR E 674 -14.69 16.79 -95.52
C THR E 674 -15.92 17.52 -96.03
N ASP E 675 -15.83 18.05 -97.25
CA ASP E 675 -16.95 18.81 -97.79
C ASP E 675 -18.13 17.92 -98.13
N PHE E 676 -17.87 16.73 -98.66
CA PHE E 676 -18.98 15.84 -98.96
C PHE E 676 -19.71 15.40 -97.69
N HIS E 677 -19.00 15.38 -96.56
CA HIS E 677 -19.64 15.01 -95.30
C HIS E 677 -20.58 16.09 -94.79
N LEU E 678 -20.43 17.32 -95.26
CA LEU E 678 -21.41 18.35 -94.95
C LEU E 678 -22.79 18.00 -95.47
N ASP E 679 -22.87 17.12 -96.45
CA ASP E 679 -24.10 16.52 -96.91
C ASP E 679 -24.55 15.48 -95.87
N HIS E 680 -25.84 15.09 -95.80
CA HIS E 680 -26.86 15.00 -96.86
C HIS E 680 -26.30 14.04 -97.90
N LEU E 681 -25.63 13.02 -97.39
CA LEU E 681 -24.67 12.25 -98.16
C LEU E 681 -25.10 10.81 -98.29
N ASP E 682 -25.07 10.29 -99.51
CA ASP E 682 -25.21 8.85 -99.78
C ASP E 682 -23.83 8.24 -99.56
N ALA E 683 -23.58 7.74 -98.36
CA ALA E 683 -22.27 7.19 -98.04
C ALA E 683 -21.93 6.00 -98.92
N LYS E 684 -22.92 5.29 -99.44
CA LYS E 684 -22.71 4.13 -100.30
C LYS E 684 -22.29 4.53 -101.71
N HIS E 685 -22.63 5.73 -102.14
CA HIS E 685 -22.50 6.13 -103.53
C HIS E 685 -21.18 6.79 -103.87
N LEU E 686 -20.39 7.19 -102.87
CA LEU E 686 -19.22 8.02 -103.13
C LEU E 686 -18.23 7.30 -104.03
N GLU E 687 -18.13 7.76 -105.28
CA GLU E 687 -17.18 7.24 -106.24
C GLU E 687 -16.30 8.37 -106.72
N ALA E 688 -15.00 8.15 -106.69
CA ALA E 688 -14.01 9.18 -107.02
C ALA E 688 -13.42 8.93 -108.39
N ASP E 689 -13.35 9.99 -109.20
CA ASP E 689 -12.71 9.95 -110.51
C ASP E 689 -11.90 11.22 -110.70
N MET E 690 -11.34 11.37 -111.90
CA MET E 690 -10.33 12.38 -112.19
C MET E 690 -10.77 13.26 -113.36
N GLU E 691 -10.69 14.57 -113.15
CA GLU E 691 -10.97 15.54 -114.21
C GLU E 691 -9.77 16.47 -114.27
N ASP E 692 -8.84 16.19 -115.17
CA ASP E 692 -7.69 17.07 -115.42
C ASP E 692 -6.88 17.29 -114.14
N GLY E 693 -6.67 16.21 -113.40
CA GLY E 693 -5.94 16.29 -112.16
C GLY E 693 -6.75 16.77 -110.97
N VAL E 694 -8.06 16.91 -111.12
CA VAL E 694 -8.91 17.35 -110.02
C VAL E 694 -9.80 16.19 -109.59
N LEU E 695 -9.83 15.93 -108.29
CA LEU E 695 -10.62 14.84 -107.74
C LEU E 695 -12.10 15.21 -107.76
N VAL E 696 -12.92 14.35 -108.37
CA VAL E 696 -14.35 14.60 -108.49
C VAL E 696 -15.08 13.37 -107.99
N ILE E 697 -15.88 13.54 -106.94
CA ILE E 697 -16.56 12.43 -106.30
C ILE E 697 -18.06 12.64 -106.42
N ARG E 698 -18.77 11.57 -106.72
CA ARG E 698 -20.23 11.60 -106.72
C ARG E 698 -20.76 10.47 -105.86
N LEU F 76 31.68 -24.83 -17.60
CA LEU F 76 31.87 -24.52 -19.01
C LEU F 76 30.52 -24.40 -19.69
N ALA F 77 30.35 -25.16 -20.77
CA ALA F 77 29.05 -25.37 -21.39
C ALA F 77 28.34 -24.05 -21.70
N LYS F 78 29.12 -23.04 -22.08
CA LYS F 78 28.57 -21.75 -22.45
C LYS F 78 29.12 -21.40 -23.83
N LEU F 79 28.29 -21.62 -24.86
CA LEU F 79 28.68 -21.35 -26.24
C LEU F 79 29.96 -22.09 -26.61
N GLY F 80 30.08 -23.32 -26.12
CA GLY F 80 31.30 -24.07 -26.39
C GLY F 80 31.19 -25.49 -25.90
N ARG F 81 32.28 -26.23 -26.10
CA ARG F 81 32.30 -27.63 -25.75
C ARG F 81 33.65 -28.03 -25.18
N ASN F 82 33.63 -28.84 -24.14
CA ASN F 82 34.85 -29.39 -23.56
C ASN F 82 35.24 -30.64 -24.32
N LEU F 83 36.26 -30.52 -25.17
CA LEU F 83 36.73 -31.68 -25.91
C LEU F 83 37.40 -32.71 -25.01
N THR F 84 38.08 -32.26 -23.95
CA THR F 84 38.72 -33.20 -23.04
C THR F 84 37.68 -34.08 -22.35
N ALA F 85 36.53 -33.50 -22.00
CA ALA F 85 35.48 -34.29 -21.36
C ALA F 85 35.01 -35.42 -22.26
N GLU F 86 34.80 -35.12 -23.54
CA GLU F 86 34.45 -36.17 -24.49
C GLU F 86 35.58 -37.17 -24.63
N ALA F 87 36.83 -36.68 -24.60
CA ALA F 87 37.97 -37.57 -24.74
C ALA F 87 38.02 -38.61 -23.63
N ARG F 88 37.74 -38.18 -22.40
CA ARG F 88 37.73 -39.13 -21.28
C ARG F 88 36.73 -40.25 -21.53
N GLU F 89 35.61 -39.94 -22.15
CA GLU F 89 34.55 -40.90 -22.39
C GLU F 89 34.86 -41.85 -23.52
N GLY F 90 35.90 -41.59 -24.29
CA GLY F 90 36.16 -42.41 -25.46
C GLY F 90 35.21 -42.16 -26.60
N LYS F 91 34.56 -40.99 -26.63
CA LYS F 91 33.58 -40.66 -27.64
C LYS F 91 34.19 -40.13 -28.93
N LEU F 92 35.51 -40.04 -29.00
CA LEU F 92 36.18 -39.36 -30.10
C LEU F 92 37.00 -40.35 -30.90
N ASP F 93 36.97 -40.18 -32.22
CA ASP F 93 37.62 -41.13 -33.11
C ASP F 93 39.13 -41.04 -32.97
N PRO F 94 39.86 -42.14 -33.13
CA PRO F 94 41.31 -42.07 -33.10
C PRO F 94 41.85 -41.28 -34.28
N VAL F 95 42.80 -40.41 -34.00
CA VAL F 95 43.43 -39.58 -35.02
C VAL F 95 44.65 -40.32 -35.55
N ILE F 96 44.75 -40.42 -36.87
CA ILE F 96 45.65 -41.38 -37.51
C ILE F 96 46.67 -40.63 -38.36
N GLY F 97 47.94 -41.00 -38.22
CA GLY F 97 48.98 -40.55 -39.12
C GLY F 97 49.44 -39.13 -38.92
N ARG F 98 49.16 -38.53 -37.77
CA ARG F 98 49.51 -37.13 -37.56
C ARG F 98 50.62 -36.95 -36.54
N ASN F 99 51.46 -37.97 -36.37
CA ASN F 99 52.25 -38.09 -35.15
C ASN F 99 53.02 -36.83 -34.78
N LYS F 100 54.07 -36.50 -35.52
CA LYS F 100 54.89 -35.39 -35.06
C LYS F 100 54.09 -34.10 -35.07
N GLU F 101 53.29 -33.90 -36.13
CA GLU F 101 52.54 -32.66 -36.28
C GLU F 101 51.71 -32.36 -35.04
N ILE F 102 51.27 -33.38 -34.30
CA ILE F 102 50.47 -33.03 -33.14
C ILE F 102 51.37 -32.67 -31.97
N GLN F 103 52.35 -33.53 -31.67
CA GLN F 103 53.09 -33.36 -30.43
C GLN F 103 54.16 -32.29 -30.58
N GLU F 104 54.56 -32.00 -31.82
CA GLU F 104 55.31 -30.78 -32.07
C GLU F 104 54.59 -29.57 -31.49
N ALA F 105 53.26 -29.56 -31.55
CA ALA F 105 52.49 -28.47 -30.96
C ALA F 105 52.82 -28.27 -29.49
N SER F 106 52.96 -29.37 -28.74
CA SER F 106 53.33 -29.24 -27.34
C SER F 106 54.62 -28.47 -27.16
N GLU F 107 55.55 -28.59 -28.11
CA GLU F 107 56.82 -27.90 -28.02
C GLU F 107 56.67 -26.39 -28.00
N ILE F 108 55.51 -25.88 -28.40
CA ILE F 108 55.23 -24.46 -28.26
C ILE F 108 54.54 -24.17 -26.93
N LEU F 109 53.57 -25.00 -26.55
CA LEU F 109 52.78 -24.71 -25.36
C LEU F 109 53.60 -24.77 -24.10
N SER F 110 54.63 -25.60 -24.07
CA SER F 110 55.43 -25.79 -22.87
C SER F 110 56.21 -24.54 -22.46
N ARG F 111 56.30 -23.54 -23.33
CA ARG F 111 57.10 -22.38 -23.02
C ARG F 111 56.36 -21.43 -22.08
N ARG F 112 57.14 -20.61 -21.36
CA ARG F 112 56.55 -19.62 -20.48
C ARG F 112 55.93 -18.47 -21.26
N THR F 113 56.61 -18.00 -22.30
CA THR F 113 56.07 -17.02 -23.21
C THR F 113 56.14 -17.58 -24.62
N LYS F 114 55.68 -16.78 -25.59
CA LYS F 114 55.70 -17.17 -26.99
C LYS F 114 55.08 -18.55 -27.15
N ASN F 115 53.80 -18.63 -26.83
CA ASN F 115 53.13 -19.89 -26.57
C ASN F 115 51.72 -19.90 -27.15
N ASN F 116 51.58 -19.44 -28.39
CA ASN F 116 50.29 -19.35 -29.06
C ASN F 116 50.43 -19.94 -30.45
N PRO F 117 50.38 -21.25 -30.57
CA PRO F 117 50.52 -21.88 -31.89
C PRO F 117 49.21 -21.86 -32.65
N VAL F 118 49.33 -21.61 -33.96
CA VAL F 118 48.20 -21.68 -34.88
C VAL F 118 48.57 -22.63 -36.00
N LEU F 119 47.61 -23.46 -36.38
CA LEU F 119 47.80 -24.42 -37.46
C LEU F 119 47.45 -23.74 -38.78
N VAL F 120 48.36 -23.79 -39.73
CA VAL F 120 48.19 -23.11 -41.01
C VAL F 120 48.13 -24.13 -42.12
N GLY F 121 47.24 -23.90 -43.07
CA GLY F 121 47.11 -24.78 -44.20
C GLY F 121 45.76 -24.62 -44.85
N ASP F 122 45.58 -25.34 -45.96
CA ASP F 122 44.32 -25.25 -46.69
C ASP F 122 43.25 -26.11 -46.02
N ALA F 123 41.99 -25.82 -46.35
CA ALA F 123 40.87 -26.50 -45.73
C ALA F 123 40.75 -27.92 -46.27
N GLY F 124 39.88 -28.70 -45.63
CA GLY F 124 39.67 -30.06 -46.05
C GLY F 124 40.88 -30.95 -45.86
N VAL F 125 41.67 -30.72 -44.82
CA VAL F 125 42.88 -31.49 -44.57
C VAL F 125 42.87 -32.13 -43.20
N GLY F 126 41.70 -32.28 -42.59
CA GLY F 126 41.66 -32.72 -41.21
C GLY F 126 42.25 -31.71 -40.26
N LYS F 127 41.94 -30.43 -40.46
CA LYS F 127 42.60 -29.38 -39.69
C LYS F 127 42.31 -29.52 -38.21
N THR F 128 41.04 -29.69 -37.84
CA THR F 128 40.73 -29.89 -36.43
C THR F 128 41.23 -31.23 -35.91
N ALA F 129 41.24 -32.25 -36.76
CA ALA F 129 41.65 -33.58 -36.33
C ALA F 129 42.94 -33.54 -35.53
N VAL F 130 43.81 -32.58 -35.83
CA VAL F 130 45.03 -32.40 -35.05
C VAL F 130 44.69 -32.09 -33.60
N VAL F 131 43.78 -31.15 -33.37
CA VAL F 131 43.53 -30.75 -31.99
C VAL F 131 42.76 -31.84 -31.24
N GLU F 132 41.83 -32.54 -31.92
CA GLU F 132 41.23 -33.67 -31.22
C GLU F 132 42.29 -34.72 -30.87
N GLY F 133 43.24 -34.98 -31.78
CA GLY F 133 44.31 -35.89 -31.45
C GLY F 133 45.15 -35.39 -30.28
N LEU F 134 45.31 -34.07 -30.17
CA LEU F 134 46.03 -33.52 -29.03
C LEU F 134 45.29 -33.83 -27.74
N ALA F 135 43.98 -33.65 -27.73
CA ALA F 135 43.21 -33.98 -26.53
C ALA F 135 43.33 -35.47 -26.21
N GLN F 136 43.27 -36.31 -27.25
CA GLN F 136 43.44 -37.74 -27.05
C GLN F 136 44.77 -38.04 -26.38
N ALA F 137 45.85 -37.42 -26.86
CA ALA F 137 47.16 -37.65 -26.28
C ALA F 137 47.22 -37.16 -24.85
N ILE F 138 46.62 -36.00 -24.57
CA ILE F 138 46.60 -35.48 -23.21
C ILE F 138 45.99 -36.49 -22.27
N VAL F 139 44.82 -37.02 -22.64
CA VAL F 139 44.23 -38.09 -21.85
C VAL F 139 45.17 -39.28 -21.78
N ASN F 140 45.86 -39.55 -22.88
CA ASN F 140 46.74 -40.70 -22.99
C ASN F 140 48.00 -40.57 -22.15
N GLY F 141 48.31 -39.39 -21.64
CA GLY F 141 49.58 -39.21 -20.99
C GLY F 141 50.76 -39.19 -21.93
N ASP F 142 50.53 -38.81 -23.19
CA ASP F 142 51.61 -38.73 -24.16
C ASP F 142 52.38 -37.41 -24.06
N VAL F 143 51.74 -36.36 -23.59
CA VAL F 143 52.30 -35.02 -23.63
C VAL F 143 53.44 -34.89 -22.65
N PRO F 144 54.28 -33.86 -22.78
CA PRO F 144 55.22 -33.55 -21.71
C PRO F 144 54.50 -32.95 -20.52
N ALA F 145 55.21 -32.90 -19.39
CA ALA F 145 54.59 -32.60 -18.10
C ALA F 145 53.99 -31.20 -18.06
N ALA F 146 54.39 -30.32 -18.97
CA ALA F 146 54.00 -28.92 -18.89
C ALA F 146 52.49 -28.73 -18.96
N ILE F 147 51.79 -29.61 -19.65
CA ILE F 147 50.38 -29.40 -19.93
C ILE F 147 49.53 -30.53 -19.37
N LYS F 148 50.02 -31.23 -18.34
CA LYS F 148 49.29 -32.36 -17.80
C LYS F 148 47.92 -31.94 -17.28
N ASN F 149 47.87 -30.83 -16.56
CA ASN F 149 46.71 -30.50 -15.75
C ASN F 149 45.71 -29.62 -16.47
N LYS F 150 45.88 -29.42 -17.77
CA LYS F 150 45.02 -28.49 -18.50
C LYS F 150 43.95 -29.25 -19.25
N GLU F 151 42.94 -28.51 -19.70
CA GLU F 151 41.92 -29.02 -20.59
C GLU F 151 41.67 -28.03 -21.71
N ILE F 152 40.99 -28.50 -22.75
CA ILE F 152 40.79 -27.73 -23.97
C ILE F 152 39.29 -27.55 -24.18
N VAL F 153 38.89 -26.32 -24.45
CA VAL F 153 37.50 -26.01 -24.78
C VAL F 153 37.46 -25.34 -26.13
N SER F 154 36.60 -25.83 -27.01
CA SER F 154 36.38 -25.21 -28.31
C SER F 154 35.20 -24.27 -28.23
N ILE F 155 35.32 -23.14 -28.92
CA ILE F 155 34.34 -22.07 -28.79
C ILE F 155 33.72 -21.76 -30.15
N ASP F 156 32.40 -21.66 -30.16
CA ASP F 156 31.64 -21.14 -31.31
C ASP F 156 31.81 -19.63 -31.34
N ILE F 157 32.85 -19.18 -32.05
CA ILE F 157 33.05 -17.74 -32.21
C ILE F 157 31.90 -17.13 -32.97
N SER F 158 31.55 -17.70 -34.13
CA SER F 158 30.56 -17.11 -35.02
C SER F 158 29.19 -16.96 -34.37
N GLY F 159 28.82 -17.88 -33.47
CA GLY F 159 27.55 -17.82 -32.79
C GLY F 159 27.56 -17.10 -31.47
N LEU F 160 28.64 -16.39 -31.12
CA LEU F 160 28.68 -15.75 -29.80
C LEU F 160 27.56 -14.75 -29.62
N GLU F 161 27.31 -13.90 -30.62
CA GLU F 161 26.23 -12.93 -30.49
C GLU F 161 24.87 -13.60 -30.36
N ALA F 162 24.76 -14.89 -30.70
CA ALA F 162 23.51 -15.60 -30.49
C ALA F 162 23.17 -15.73 -29.01
N GLY F 163 24.16 -15.72 -28.13
CA GLY F 163 23.92 -15.92 -26.72
C GLY F 163 23.42 -14.72 -25.96
N THR F 164 23.26 -13.58 -26.63
CA THR F 164 22.89 -12.34 -25.95
C THR F 164 22.10 -11.45 -26.89
N GLN F 165 21.45 -10.44 -26.31
CA GLN F 165 20.59 -9.56 -27.09
C GLN F 165 21.26 -8.23 -27.39
N TYR F 166 22.07 -7.72 -26.48
CA TYR F 166 22.68 -6.41 -26.62
C TYR F 166 24.20 -6.56 -26.65
N ARG F 167 24.84 -5.85 -27.57
CA ARG F 167 26.26 -6.06 -27.81
C ARG F 167 27.12 -5.50 -26.69
N GLY F 168 26.60 -4.54 -25.92
CA GLY F 168 27.27 -4.18 -24.68
C GLY F 168 27.22 -5.31 -23.67
N SER F 169 26.04 -5.91 -23.50
CA SER F 169 25.94 -7.13 -22.73
C SER F 169 26.79 -8.24 -23.33
N PHE F 170 26.91 -8.26 -24.66
CA PHE F 170 27.79 -9.21 -25.31
C PHE F 170 29.23 -9.03 -24.86
N GLU F 171 29.72 -7.79 -24.89
CA GLU F 171 31.09 -7.53 -24.48
C GLU F 171 31.28 -7.87 -23.01
N GLU F 172 30.27 -7.58 -22.18
CA GLU F 172 30.37 -7.96 -20.77
C GLU F 172 30.50 -9.47 -20.63
N ASN F 173 29.71 -10.22 -21.38
CA ASN F 173 29.82 -11.67 -21.35
C ASN F 173 31.19 -12.12 -21.85
N VAL F 174 31.72 -11.43 -22.86
CA VAL F 174 33.02 -11.79 -23.40
C VAL F 174 34.10 -11.63 -22.34
N GLN F 175 34.12 -10.48 -21.66
CA GLN F 175 35.08 -10.30 -20.59
C GLN F 175 34.82 -11.26 -19.46
N ASN F 176 33.56 -11.64 -19.25
CA ASN F 176 33.24 -12.66 -18.26
C ASN F 176 33.90 -13.97 -18.59
N LEU F 177 34.25 -14.19 -19.86
CA LEU F 177 35.03 -15.37 -20.20
C LEU F 177 36.41 -15.30 -19.57
N VAL F 178 37.11 -14.18 -19.74
CA VAL F 178 38.38 -13.99 -19.06
C VAL F 178 38.21 -14.16 -17.57
N ASN F 179 37.11 -13.63 -17.04
CA ASN F 179 36.79 -13.86 -15.64
C ASN F 179 36.74 -15.35 -15.32
N GLU F 180 36.11 -16.14 -16.18
CA GLU F 180 36.16 -17.59 -16.02
C GLU F 180 37.56 -18.12 -16.26
N VAL F 181 38.34 -17.48 -17.12
CA VAL F 181 39.67 -18.00 -17.39
C VAL F 181 40.60 -17.49 -16.31
N LYS F 182 40.51 -18.13 -15.15
CA LYS F 182 41.45 -17.92 -14.06
C LYS F 182 41.81 -19.22 -13.38
N GLU F 183 41.23 -20.34 -13.81
CA GLU F 183 41.38 -21.62 -13.10
C GLU F 183 42.67 -22.30 -13.55
N ALA F 184 43.77 -21.82 -12.97
CA ALA F 184 45.10 -22.38 -13.16
C ALA F 184 45.51 -22.46 -14.61
N GLY F 185 44.84 -21.73 -15.50
CA GLY F 185 45.08 -21.89 -16.90
C GLY F 185 44.73 -23.25 -17.43
N ASN F 186 44.03 -24.07 -16.63
CA ASN F 186 43.63 -25.40 -17.04
C ASN F 186 42.71 -25.37 -18.23
N ILE F 187 42.12 -24.21 -18.51
CA ILE F 187 41.27 -24.00 -19.67
C ILE F 187 42.17 -23.44 -20.77
N ILE F 188 42.03 -23.99 -21.97
CA ILE F 188 42.72 -23.50 -23.16
C ILE F 188 41.69 -23.33 -24.25
N LEU F 189 41.65 -22.15 -24.85
CA LEU F 189 40.62 -21.82 -25.82
C LEU F 189 41.05 -22.26 -27.20
N PHE F 190 40.14 -22.89 -27.93
CA PHE F 190 40.37 -23.27 -29.31
C PHE F 190 39.29 -22.65 -30.19
N PHE F 191 39.69 -22.27 -31.40
CA PHE F 191 38.81 -21.67 -32.39
C PHE F 191 39.15 -22.24 -33.74
N ASP F 192 38.39 -21.82 -34.75
CA ASP F 192 38.61 -22.30 -36.11
C ASP F 192 38.62 -21.19 -37.14
N ALA F 193 38.35 -19.94 -36.74
CA ALA F 193 38.33 -18.82 -37.69
C ALA F 193 38.98 -17.62 -37.02
N ILE F 194 40.31 -17.49 -37.17
CA ILE F 194 41.03 -16.43 -36.47
C ILE F 194 40.63 -15.07 -37.01
N HIS F 195 40.44 -14.97 -38.33
CA HIS F 195 39.90 -13.76 -38.90
C HIS F 195 38.56 -13.37 -38.32
N GLN F 196 37.71 -14.35 -37.99
CA GLN F 196 36.46 -14.08 -37.27
C GLN F 196 36.70 -13.69 -35.83
N ILE F 197 37.88 -13.95 -35.29
CA ILE F 197 38.24 -13.44 -33.98
C ILE F 197 38.75 -12.01 -34.07
N LEU F 198 39.60 -11.74 -35.05
CA LEU F 198 40.18 -10.41 -35.21
C LEU F 198 39.11 -9.47 -35.76
N GLY F 199 38.17 -9.14 -34.90
CA GLY F 199 37.08 -8.23 -35.21
C GLY F 199 37.11 -7.00 -34.32
N ALA F 200 35.95 -6.56 -33.83
CA ALA F 200 35.85 -5.43 -32.91
C ALA F 200 36.42 -4.16 -33.54
N GLY F 201 36.77 -4.25 -34.83
CA GLY F 201 37.40 -3.16 -35.54
C GLY F 201 37.56 -3.48 -37.01
N SER F 202 38.32 -2.62 -37.69
CA SER F 202 38.51 -2.74 -39.14
C SER F 202 39.79 -3.53 -39.43
N THR F 203 39.86 -4.74 -38.86
CA THR F 203 40.93 -5.65 -39.22
C THR F 203 40.69 -6.32 -40.56
N GLY F 204 39.45 -6.34 -41.04
CA GLY F 204 39.14 -6.97 -42.30
C GLY F 204 37.80 -6.48 -42.81
N GLY F 205 37.76 -6.19 -44.10
CA GLY F 205 36.57 -5.58 -44.64
C GLY F 205 36.48 -4.11 -44.23
N ASP F 206 35.25 -3.61 -44.19
CA ASP F 206 34.99 -2.22 -43.83
C ASP F 206 34.73 -2.02 -42.34
N SER F 207 34.07 -2.96 -41.68
CA SER F 207 33.71 -2.81 -40.28
C SER F 207 33.63 -4.20 -39.65
N GLY F 208 33.23 -4.23 -38.38
CA GLY F 208 33.05 -5.49 -37.69
C GLY F 208 32.37 -5.27 -36.37
N SER F 209 31.82 -6.35 -35.83
CA SER F 209 31.19 -6.32 -34.52
C SER F 209 32.23 -6.51 -33.43
N LYS F 210 31.87 -6.08 -32.22
CA LYS F 210 32.77 -6.22 -31.10
C LYS F 210 33.09 -7.69 -30.83
N GLY F 211 34.34 -7.94 -30.47
CA GLY F 211 34.78 -9.29 -30.17
C GLY F 211 35.99 -9.27 -29.26
N LEU F 212 36.70 -10.39 -29.25
CA LEU F 212 37.87 -10.52 -28.39
C LEU F 212 38.93 -9.48 -28.69
N ALA F 213 38.91 -8.89 -29.88
CA ALA F 213 40.02 -8.03 -30.30
C ALA F 213 40.28 -6.94 -29.29
N ASP F 214 39.27 -6.17 -28.94
CA ASP F 214 39.44 -5.06 -28.02
C ASP F 214 39.79 -5.52 -26.62
N ILE F 215 39.68 -6.81 -26.33
CA ILE F 215 40.04 -7.39 -25.05
C ILE F 215 41.31 -8.23 -25.15
N LEU F 216 41.47 -8.97 -26.26
CA LEU F 216 42.61 -9.89 -26.34
C LEU F 216 43.93 -9.16 -26.44
N LYS F 217 43.98 -8.05 -27.16
CA LYS F 217 45.22 -7.38 -27.50
C LYS F 217 46.06 -7.14 -26.26
N PRO F 218 45.48 -6.64 -25.16
CA PRO F 218 46.24 -6.66 -23.91
C PRO F 218 46.38 -8.05 -23.31
N ALA F 219 45.28 -8.81 -23.24
CA ALA F 219 45.32 -10.07 -22.49
C ALA F 219 46.40 -11.00 -23.01
N LEU F 220 46.52 -11.13 -24.33
CA LEU F 220 47.58 -11.94 -24.91
C LEU F 220 48.95 -11.33 -24.64
N SER F 221 49.07 -10.01 -24.77
CA SER F 221 50.30 -9.35 -24.37
C SER F 221 50.64 -9.62 -22.91
N ARG F 222 49.66 -9.45 -22.02
CA ARG F 222 49.89 -9.77 -20.62
C ARG F 222 49.65 -11.25 -20.29
N GLY F 223 49.70 -12.14 -21.27
CA GLY F 223 49.86 -13.56 -20.99
C GLY F 223 48.67 -14.22 -20.36
N GLU F 224 47.50 -13.59 -20.41
CA GLU F 224 46.31 -14.14 -19.79
C GLU F 224 45.85 -15.43 -20.46
N LEU F 225 45.87 -15.51 -21.78
CA LEU F 225 45.21 -16.59 -22.47
C LEU F 225 46.23 -17.42 -23.23
N THR F 226 45.81 -18.63 -23.61
CA THR F 226 46.51 -19.41 -24.62
C THR F 226 45.49 -19.94 -25.61
N VAL F 227 45.61 -19.50 -26.86
CA VAL F 227 44.68 -19.91 -27.89
C VAL F 227 45.43 -20.75 -28.90
N ILE F 228 44.67 -21.51 -29.70
CA ILE F 228 45.25 -22.42 -30.67
C ILE F 228 44.47 -22.30 -31.97
N GLY F 229 45.11 -21.71 -32.99
CA GLY F 229 44.56 -21.71 -34.34
C GLY F 229 43.17 -21.12 -34.44
N ALA F 230 42.55 -21.35 -35.60
CA ALA F 230 43.18 -22.02 -36.73
C ALA F 230 42.69 -21.36 -38.00
N THR F 231 43.50 -21.41 -39.07
CA THR F 231 43.13 -20.74 -40.30
C THR F 231 43.97 -21.19 -41.49
N THR F 232 43.81 -20.48 -42.60
CA THR F 232 44.44 -20.83 -43.86
C THR F 232 45.68 -19.97 -44.10
N GLN F 233 46.40 -20.29 -45.17
CA GLN F 233 47.65 -19.62 -45.51
C GLN F 233 47.48 -18.13 -45.75
N ASP F 234 46.52 -17.78 -46.59
CA ASP F 234 46.33 -16.41 -47.04
C ASP F 234 45.78 -15.54 -45.91
N GLU F 235 44.81 -16.05 -45.15
CA GLU F 235 44.41 -15.39 -43.91
C GLU F 235 45.61 -15.07 -43.05
N TYR F 236 46.55 -16.01 -42.93
CA TYR F 236 47.71 -15.80 -42.08
C TYR F 236 48.55 -14.63 -42.55
N ARG F 237 48.94 -14.62 -43.83
CA ARG F 237 49.81 -13.53 -44.24
C ARG F 237 49.08 -12.21 -44.32
N ASN F 238 47.76 -12.24 -44.50
CA ASN F 238 47.04 -10.99 -44.69
C ASN F 238 46.62 -10.34 -43.39
N THR F 239 46.39 -11.12 -42.34
CA THR F 239 45.88 -10.56 -41.09
C THR F 239 46.86 -10.65 -39.94
N ILE F 240 47.59 -11.75 -39.83
CA ILE F 240 48.37 -12.00 -38.63
C ILE F 240 49.70 -11.27 -38.66
N LEU F 241 50.41 -11.33 -39.77
CA LEU F 241 51.74 -10.73 -39.87
C LEU F 241 51.71 -9.22 -39.92
N LYS F 242 50.55 -8.61 -39.73
CA LYS F 242 50.43 -7.16 -39.83
C LYS F 242 50.31 -6.47 -38.49
N ASN F 243 49.86 -7.18 -37.45
CA ASN F 243 49.81 -6.63 -36.10
C ASN F 243 51.02 -7.12 -35.33
N ALA F 244 51.95 -6.21 -35.04
CA ALA F 244 53.17 -6.59 -34.34
C ALA F 244 52.86 -7.19 -32.98
N ALA F 245 51.71 -6.83 -32.39
CA ALA F 245 51.36 -7.39 -31.09
C ALA F 245 51.26 -8.90 -31.15
N LEU F 246 50.60 -9.44 -32.18
CA LEU F 246 50.56 -10.88 -32.35
C LEU F 246 51.92 -11.46 -32.66
N ALA F 247 52.78 -10.69 -33.33
CA ALA F 247 54.08 -11.19 -33.74
C ALA F 247 54.91 -11.63 -32.54
N ARG F 248 54.76 -10.96 -31.42
CA ARG F 248 55.56 -11.27 -30.24
C ARG F 248 54.85 -12.23 -29.30
N ARG F 249 53.77 -12.84 -29.75
CA ARG F 249 53.13 -13.90 -28.98
C ARG F 249 52.82 -15.16 -29.76
N PHE F 250 52.70 -15.09 -31.09
CA PHE F 250 52.15 -16.19 -31.86
C PHE F 250 53.21 -16.97 -32.60
N ASN F 251 52.87 -18.19 -32.94
CA ASN F 251 53.73 -19.08 -33.71
C ASN F 251 52.85 -19.87 -34.66
N GLU F 252 53.47 -20.48 -35.67
CA GLU F 252 52.73 -21.14 -36.72
C GLU F 252 53.27 -22.54 -36.93
N VAL F 253 52.38 -23.46 -37.28
CA VAL F 253 52.73 -24.84 -37.55
C VAL F 253 52.11 -25.26 -38.87
N LYS F 254 52.94 -25.75 -39.77
CA LYS F 254 52.51 -26.11 -41.12
C LYS F 254 51.73 -27.42 -41.10
N VAL F 255 50.70 -27.50 -41.95
CA VAL F 255 49.88 -28.69 -42.09
C VAL F 255 49.77 -29.03 -43.57
N ASN F 256 49.92 -30.31 -43.91
CA ASN F 256 49.85 -30.75 -45.28
C ASN F 256 49.01 -32.02 -45.38
N ALA F 257 48.34 -32.18 -46.51
CA ALA F 257 47.55 -33.38 -46.72
C ALA F 257 48.47 -34.60 -46.87
N PRO F 258 48.05 -35.75 -46.34
CA PRO F 258 48.90 -36.93 -46.40
C PRO F 258 48.84 -37.62 -47.75
N SER F 259 49.64 -38.68 -47.86
CA SER F 259 49.74 -39.45 -49.10
C SER F 259 48.63 -40.50 -49.16
N ALA F 260 48.62 -41.21 -50.28
CA ALA F 260 47.55 -42.18 -50.52
C ALA F 260 47.89 -43.53 -49.89
N GLU F 261 48.38 -43.49 -48.66
CA GLU F 261 48.37 -44.67 -47.79
C GLU F 261 47.64 -44.41 -46.49
N ASN F 262 47.99 -43.32 -45.84
CA ASN F 262 47.31 -42.90 -44.63
C ASN F 262 45.85 -42.57 -44.91
N THR F 263 45.58 -41.95 -46.06
CA THR F 263 44.20 -41.74 -46.47
C THR F 263 43.45 -43.05 -46.55
N PHE F 264 44.10 -44.07 -47.10
CA PHE F 264 43.49 -45.39 -47.17
C PHE F 264 43.19 -45.91 -45.78
N LYS F 265 44.09 -45.68 -44.84
CA LYS F 265 43.87 -46.11 -43.46
C LYS F 265 42.68 -45.40 -42.85
N ILE F 266 42.60 -44.08 -43.03
CA ILE F 266 41.49 -43.32 -42.47
C ILE F 266 40.19 -43.81 -43.05
N LEU F 267 40.16 -44.05 -44.36
CA LEU F 267 38.95 -44.54 -44.98
C LEU F 267 38.56 -45.90 -44.42
N GLN F 268 39.56 -46.77 -44.22
CA GLN F 268 39.29 -48.06 -43.61
C GLN F 268 38.66 -47.86 -42.24
N GLY F 269 39.15 -46.89 -41.48
CA GLY F 269 38.58 -46.62 -40.18
C GLY F 269 37.13 -46.19 -40.27
N ILE F 270 36.83 -45.27 -41.19
CA ILE F 270 35.47 -44.76 -41.31
C ILE F 270 34.52 -45.83 -41.81
N ARG F 271 35.05 -46.77 -42.61
CA ARG F 271 34.30 -47.72 -43.41
C ARG F 271 33.03 -48.25 -42.75
N ASP F 272 33.10 -48.62 -41.49
CA ASP F 272 31.96 -49.21 -40.81
C ASP F 272 30.80 -48.25 -40.62
N LEU F 273 31.07 -46.94 -40.59
CA LEU F 273 29.99 -45.98 -40.36
C LEU F 273 28.85 -46.17 -41.36
N TYR F 274 29.17 -46.48 -42.60
CA TYR F 274 28.20 -46.55 -43.67
C TYR F 274 27.49 -47.90 -43.75
N GLN F 275 27.45 -48.64 -42.64
CA GLN F 275 26.39 -49.62 -42.49
C GLN F 275 25.03 -48.95 -42.47
N GLN F 276 25.00 -47.65 -42.20
CA GLN F 276 23.76 -46.89 -42.16
C GLN F 276 22.93 -47.09 -43.42
N HIS F 277 23.57 -47.17 -44.58
CA HIS F 277 22.87 -47.14 -45.85
C HIS F 277 22.50 -48.52 -46.34
N HIS F 278 22.71 -49.56 -45.53
CA HIS F 278 22.25 -50.92 -45.83
C HIS F 278 22.74 -51.40 -47.18
N ASN F 279 24.00 -51.14 -47.46
CA ASN F 279 24.63 -51.55 -48.71
C ASN F 279 25.97 -52.19 -48.36
N VAL F 280 26.71 -52.58 -49.39
CA VAL F 280 28.00 -53.24 -49.15
C VAL F 280 28.88 -52.31 -48.34
N ILE F 281 29.45 -52.83 -47.27
CA ILE F 281 30.60 -52.20 -46.65
C ILE F 281 31.82 -52.58 -47.48
N LEU F 282 32.53 -51.56 -47.93
CA LEU F 282 33.23 -51.63 -49.20
C LEU F 282 34.60 -52.31 -49.09
N PRO F 283 34.91 -53.20 -50.04
CA PRO F 283 36.23 -53.82 -50.05
C PRO F 283 37.31 -52.84 -50.49
N ASP F 284 38.53 -53.14 -50.05
CA ASP F 284 39.65 -52.19 -50.18
C ASP F 284 39.90 -51.79 -51.63
N GLU F 285 39.63 -52.70 -52.56
CA GLU F 285 39.91 -52.42 -53.97
C GLU F 285 39.10 -51.22 -54.44
N VAL F 286 37.82 -51.20 -54.09
CA VAL F 286 36.97 -50.06 -54.45
C VAL F 286 37.50 -48.79 -53.82
N LEU F 287 38.00 -48.89 -52.59
CA LEU F 287 38.47 -47.70 -51.90
C LEU F 287 39.69 -47.12 -52.58
N LYS F 288 40.70 -47.95 -52.84
CA LYS F 288 41.89 -47.44 -53.51
C LYS F 288 41.56 -46.94 -54.89
N ALA F 289 40.60 -47.58 -55.57
CA ALA F 289 40.18 -47.09 -56.88
C ALA F 289 39.58 -45.69 -56.77
N ALA F 290 38.75 -45.47 -55.75
CA ALA F 290 38.17 -44.15 -55.55
C ALA F 290 39.25 -43.11 -55.29
N VAL F 291 40.25 -43.48 -54.49
CA VAL F 291 41.35 -42.57 -54.24
C VAL F 291 42.06 -42.23 -55.54
N ASP F 292 42.39 -43.26 -56.33
CA ASP F 292 43.15 -43.04 -57.55
C ASP F 292 42.37 -42.21 -58.55
N TYR F 293 41.05 -42.31 -58.54
CA TYR F 293 40.27 -41.50 -59.47
C TYR F 293 40.13 -40.07 -59.00
N SER F 294 39.82 -39.87 -57.71
CA SER F 294 39.64 -38.52 -57.22
C SER F 294 40.93 -37.72 -57.26
N VAL F 295 42.07 -38.40 -57.10
CA VAL F 295 43.34 -37.67 -57.12
C VAL F 295 43.63 -37.14 -58.52
N GLN F 296 43.29 -37.90 -59.56
CA GLN F 296 43.65 -37.52 -60.90
C GLN F 296 42.58 -36.71 -61.61
N TYR F 297 41.33 -36.77 -61.17
CA TYR F 297 40.27 -36.06 -61.86
C TYR F 297 39.77 -34.82 -61.15
N ILE F 298 39.99 -34.71 -59.84
CA ILE F 298 39.54 -33.52 -59.11
C ILE F 298 40.73 -32.91 -58.38
N PRO F 299 41.70 -32.34 -59.08
CA PRO F 299 42.83 -31.72 -58.37
C PRO F 299 42.45 -30.46 -57.62
N GLN F 300 41.33 -29.83 -57.95
CA GLN F 300 40.99 -28.56 -57.31
C GLN F 300 40.52 -28.71 -55.88
N ARG F 301 40.64 -29.91 -55.29
CA ARG F 301 40.25 -30.12 -53.92
C ARG F 301 41.33 -30.92 -53.19
N SER F 302 41.36 -30.75 -51.88
CA SER F 302 42.28 -31.51 -51.05
C SER F 302 41.93 -32.99 -51.08
N LEU F 303 42.93 -33.83 -50.87
CA LEU F 303 42.73 -35.28 -50.93
C LEU F 303 41.76 -35.80 -49.88
N PRO F 304 41.97 -35.56 -48.58
CA PRO F 304 41.19 -36.30 -47.57
C PRO F 304 39.68 -36.10 -47.69
N ASP F 305 39.23 -34.88 -47.96
CA ASP F 305 37.79 -34.67 -48.03
C ASP F 305 37.21 -35.21 -49.32
N LYS F 306 37.88 -34.98 -50.46
CA LYS F 306 37.31 -35.44 -51.72
C LYS F 306 37.22 -36.95 -51.76
N ALA F 307 38.22 -37.64 -51.23
CA ALA F 307 38.15 -39.10 -51.23
C ALA F 307 36.94 -39.59 -50.45
N ILE F 308 36.60 -38.92 -49.36
CA ILE F 308 35.44 -39.30 -48.57
C ILE F 308 34.15 -38.98 -49.30
N ASP F 309 34.06 -37.78 -49.87
CA ASP F 309 32.82 -37.37 -50.51
C ASP F 309 32.50 -38.25 -51.71
N LEU F 310 33.52 -38.65 -52.46
CA LEU F 310 33.28 -39.56 -53.57
C LEU F 310 32.65 -40.86 -53.08
N VAL F 311 33.19 -41.42 -52.00
CA VAL F 311 32.62 -42.64 -51.44
C VAL F 311 31.20 -42.41 -51.00
N ASP F 312 30.95 -41.28 -50.35
CA ASP F 312 29.62 -41.00 -49.81
C ASP F 312 28.58 -40.95 -50.91
N VAL F 313 28.84 -40.16 -51.96
CA VAL F 313 27.90 -40.08 -53.07
C VAL F 313 27.79 -41.42 -53.77
N THR F 314 28.90 -42.16 -53.84
CA THR F 314 28.84 -43.50 -54.41
C THR F 314 27.83 -44.36 -53.69
N ALA F 315 27.90 -44.39 -52.36
CA ALA F 315 26.96 -45.19 -51.59
C ALA F 315 25.53 -44.70 -51.79
N ALA F 316 25.34 -43.39 -51.74
CA ALA F 316 23.99 -42.86 -51.89
C ALA F 316 23.38 -43.28 -53.21
N HIS F 317 24.16 -43.23 -54.29
CA HIS F 317 23.65 -43.68 -55.57
C HIS F 317 23.41 -45.18 -55.55
N LEU F 318 24.32 -45.93 -54.94
CA LEU F 318 24.14 -47.37 -54.89
C LEU F 318 22.93 -47.78 -54.07
N ALA F 319 22.36 -46.86 -53.31
CA ALA F 319 21.04 -47.14 -52.74
C ALA F 319 20.04 -47.43 -53.85
N ALA F 320 20.34 -47.01 -55.08
CA ALA F 320 19.55 -47.34 -56.26
C ALA F 320 18.10 -46.93 -56.10
N GLN F 321 17.84 -45.99 -55.19
CA GLN F 321 16.51 -45.44 -54.99
C GLN F 321 15.49 -46.52 -54.69
N HIS F 322 15.90 -47.52 -53.92
CA HIS F 322 15.00 -48.61 -53.60
C HIS F 322 13.94 -48.15 -52.59
N PRO F 323 12.73 -48.66 -52.73
CA PRO F 323 11.65 -48.29 -51.83
C PRO F 323 11.75 -49.06 -50.52
N VAL F 324 10.77 -48.81 -49.63
CA VAL F 324 10.67 -49.51 -48.37
C VAL F 324 9.26 -50.01 -48.08
N THR F 325 8.31 -49.72 -48.97
CA THR F 325 6.95 -50.21 -48.79
C THR F 325 6.88 -51.73 -48.69
N ASP F 326 7.79 -52.42 -49.38
CA ASP F 326 7.74 -53.89 -49.42
C ASP F 326 7.97 -54.48 -48.05
N VAL F 327 8.43 -53.67 -47.10
CA VAL F 327 8.47 -54.05 -45.71
C VAL F 327 7.54 -53.16 -44.87
N HIS F 328 7.28 -51.94 -45.35
CA HIS F 328 6.47 -51.00 -44.58
C HIS F 328 5.04 -51.48 -44.44
N ALA F 329 4.51 -52.11 -45.49
CA ALA F 329 3.16 -52.66 -45.40
C ALA F 329 3.04 -53.67 -44.28
N VAL F 330 4.02 -54.57 -44.16
CA VAL F 330 3.94 -55.58 -43.12
C VAL F 330 4.23 -54.98 -41.75
N GLU F 331 4.96 -53.86 -41.71
CA GLU F 331 5.04 -53.13 -40.45
C GLU F 331 3.66 -52.67 -40.02
N ARG F 332 2.88 -52.13 -40.95
CA ARG F 332 1.50 -51.78 -40.62
C ARG F 332 0.71 -52.99 -40.16
N GLU F 333 0.92 -54.13 -40.82
CA GLU F 333 0.23 -55.36 -40.43
C GLU F 333 0.58 -55.75 -39.00
N ILE F 334 1.85 -55.68 -38.65
CA ILE F 334 2.27 -55.99 -37.29
C ILE F 334 1.62 -55.05 -36.30
N GLU F 335 1.49 -53.78 -36.68
CA GLU F 335 0.82 -52.84 -35.79
C GLU F 335 -0.64 -53.24 -35.55
N THR F 336 -1.35 -53.59 -36.61
CA THR F 336 -2.75 -53.98 -36.45
C THR F 336 -2.88 -55.24 -35.60
N GLU F 337 -2.05 -56.24 -35.88
CA GLU F 337 -2.09 -57.48 -35.11
C GLU F 337 -1.75 -57.22 -33.65
N LYS F 338 -0.81 -56.31 -33.39
CA LYS F 338 -0.48 -55.96 -32.03
C LYS F 338 -1.65 -55.33 -31.31
N ASP F 339 -2.40 -54.46 -32.01
CA ASP F 339 -3.56 -53.85 -31.38
C ASP F 339 -4.61 -54.91 -31.04
N LYS F 340 -4.89 -55.82 -31.96
CA LYS F 340 -5.84 -56.89 -31.66
C LYS F 340 -5.35 -57.76 -30.51
N GLN F 341 -4.05 -58.00 -30.46
CA GLN F 341 -3.48 -58.79 -29.37
C GLN F 341 -3.71 -58.09 -28.03
N GLU F 342 -3.47 -56.79 -27.97
CA GLU F 342 -3.75 -56.05 -26.75
C GLU F 342 -5.23 -56.14 -26.38
N LYS F 343 -6.11 -56.02 -27.38
CA LYS F 343 -7.54 -56.11 -27.11
C LYS F 343 -7.89 -57.45 -26.49
N ALA F 344 -7.38 -58.54 -27.06
CA ALA F 344 -7.66 -59.87 -26.52
C ALA F 344 -7.09 -60.04 -25.13
N VAL F 345 -5.90 -59.48 -24.88
CA VAL F 345 -5.34 -59.53 -23.54
C VAL F 345 -6.25 -58.82 -22.56
N GLU F 346 -6.87 -57.71 -22.99
CA GLU F 346 -7.82 -57.04 -22.11
C GLU F 346 -8.93 -57.99 -21.69
N ALA F 347 -9.41 -58.82 -22.60
CA ALA F 347 -10.46 -59.78 -22.29
C ALA F 347 -9.92 -61.11 -21.75
N GLU F 348 -8.61 -61.20 -21.50
CA GLU F 348 -8.00 -62.35 -20.84
C GLU F 348 -8.27 -63.65 -21.60
N ASP F 349 -8.26 -63.58 -22.93
CA ASP F 349 -8.42 -64.75 -23.77
C ASP F 349 -7.04 -65.17 -24.23
N PHE F 350 -6.44 -66.08 -23.47
CA PHE F 350 -5.01 -66.32 -23.60
C PHE F 350 -4.65 -67.06 -24.88
N GLU F 351 -5.52 -67.92 -25.37
CA GLU F 351 -5.24 -68.63 -26.62
C GLU F 351 -5.12 -67.64 -27.79
N ALA F 352 -6.04 -66.66 -27.86
CA ALA F 352 -5.99 -65.69 -28.95
C ALA F 352 -4.75 -64.83 -28.85
N ALA F 353 -4.39 -64.40 -27.63
CA ALA F 353 -3.19 -63.60 -27.47
C ALA F 353 -1.95 -64.39 -27.83
N LEU F 354 -1.91 -65.68 -27.48
CA LEU F 354 -0.79 -66.52 -27.86
C LEU F 354 -0.68 -66.66 -29.38
N ASN F 355 -1.83 -66.85 -30.04
CA ASN F 355 -1.82 -66.90 -31.50
C ASN F 355 -1.33 -65.59 -32.09
N TYR F 356 -1.79 -64.47 -31.53
CA TYR F 356 -1.35 -63.17 -32.01
C TYR F 356 0.16 -63.00 -31.83
N LYS F 357 0.70 -63.43 -30.70
CA LYS F 357 2.13 -63.31 -30.48
C LYS F 357 2.90 -64.18 -31.45
N THR F 358 2.39 -65.37 -31.74
CA THR F 358 3.04 -66.23 -32.73
C THR F 358 3.04 -65.56 -34.10
N ARG F 359 1.91 -64.95 -34.48
CA ARG F 359 1.85 -64.26 -35.77
C ARG F 359 2.78 -63.06 -35.79
N ILE F 360 2.90 -62.38 -34.66
CA ILE F 360 3.82 -61.25 -34.56
C ILE F 360 5.24 -61.70 -34.78
N ALA F 361 5.65 -62.80 -34.14
CA ALA F 361 6.97 -63.34 -34.37
C ALA F 361 7.15 -63.71 -35.84
N GLU F 362 6.14 -64.35 -36.42
CA GLU F 362 6.19 -64.72 -37.83
C GLU F 362 6.52 -63.52 -38.71
N LEU F 363 5.68 -62.48 -38.63
CA LEU F 363 5.87 -61.31 -39.47
C LEU F 363 7.18 -60.63 -39.15
N GLU F 364 7.59 -60.64 -37.88
CA GLU F 364 8.84 -60.01 -37.50
C GLU F 364 10.02 -60.64 -38.23
N ARG F 365 10.15 -61.97 -38.16
CA ARG F 365 11.34 -62.54 -38.79
C ARG F 365 11.20 -62.53 -40.30
N LYS F 366 9.98 -62.46 -40.83
CA LYS F 366 9.85 -62.20 -42.27
C LYS F 366 10.50 -60.88 -42.62
N ILE F 367 10.13 -59.82 -41.89
CA ILE F 367 10.70 -58.50 -42.12
C ILE F 367 12.20 -58.54 -41.95
N GLU F 368 12.68 -59.32 -40.97
CA GLU F 368 14.11 -59.51 -40.82
C GLU F 368 14.72 -60.07 -42.10
N ASN F 369 14.06 -61.08 -42.68
CA ASN F 369 14.56 -61.66 -43.93
C ASN F 369 14.61 -60.63 -45.05
N HIS F 370 13.55 -59.83 -45.18
CA HIS F 370 13.60 -58.78 -46.19
C HIS F 370 14.70 -57.76 -45.93
N THR F 371 14.94 -57.43 -44.66
CA THR F 371 15.92 -56.41 -44.35
C THR F 371 17.31 -56.81 -44.82
N GLU F 372 17.67 -58.07 -44.62
CA GLU F 372 18.95 -58.57 -45.09
C GLU F 372 18.98 -58.77 -46.59
N ASP F 373 17.88 -58.52 -47.30
CA ASP F 373 17.89 -58.55 -48.76
C ASP F 373 18.44 -57.23 -49.29
N MET F 374 19.72 -56.99 -48.97
CA MET F 374 20.46 -55.84 -49.44
C MET F 374 21.51 -56.30 -50.43
N LYS F 375 21.67 -55.53 -51.50
CA LYS F 375 22.66 -55.82 -52.52
C LYS F 375 24.02 -55.30 -52.04
N VAL F 376 25.02 -56.17 -52.10
CA VAL F 376 26.36 -55.82 -51.70
C VAL F 376 27.24 -55.91 -52.94
N THR F 377 27.37 -54.80 -53.64
CA THR F 377 28.11 -54.74 -54.89
C THR F 377 28.87 -53.42 -54.94
N ALA F 378 30.10 -53.46 -54.45
CA ALA F 378 31.01 -52.36 -54.64
C ALA F 378 31.88 -52.64 -55.85
N SER F 379 31.73 -51.82 -56.88
CA SER F 379 32.46 -52.02 -58.13
C SER F 379 33.18 -50.75 -58.46
N VAL F 380 34.40 -50.89 -58.98
CA VAL F 380 35.12 -49.73 -59.50
C VAL F 380 34.31 -49.05 -60.59
N ASN F 381 33.55 -49.82 -61.36
CA ASN F 381 32.74 -49.25 -62.43
C ASN F 381 31.70 -48.29 -61.90
N ASP F 382 31.00 -48.66 -60.82
CA ASP F 382 29.97 -47.80 -60.24
C ASP F 382 30.57 -46.50 -59.75
N VAL F 383 31.72 -46.57 -59.09
CA VAL F 383 32.46 -45.37 -58.75
C VAL F 383 32.73 -44.55 -60.00
N ALA F 384 33.03 -45.24 -61.10
CA ALA F 384 33.34 -44.53 -62.33
C ALA F 384 32.13 -43.74 -62.83
N GLU F 385 30.94 -44.36 -62.85
CA GLU F 385 29.78 -43.60 -63.32
C GLU F 385 29.45 -42.48 -62.34
N SER F 386 29.73 -42.69 -61.06
CA SER F 386 29.58 -41.59 -60.11
C SER F 386 30.48 -40.43 -60.50
N VAL F 387 31.72 -40.73 -60.89
CA VAL F 387 32.62 -39.69 -61.33
C VAL F 387 32.06 -39.00 -62.56
N GLU F 388 31.56 -39.79 -63.51
CA GLU F 388 31.05 -39.24 -64.76
C GLU F 388 29.90 -38.29 -64.48
N ARG F 389 29.08 -38.62 -63.50
CA ARG F 389 27.99 -37.72 -63.14
C ARG F 389 28.54 -36.48 -62.45
N MET F 390 29.64 -36.65 -61.76
CA MET F 390 30.27 -35.50 -61.10
C MET F 390 30.74 -34.48 -62.12
N THR F 391 31.43 -34.93 -63.17
CA THR F 391 32.11 -34.02 -64.07
C THR F 391 31.58 -34.04 -65.49
N GLY F 392 30.66 -34.95 -65.80
CA GLY F 392 30.11 -35.01 -67.14
C GLY F 392 31.03 -35.60 -68.19
N ILE F 393 32.14 -36.20 -67.78
CA ILE F 393 33.15 -36.69 -68.70
C ILE F 393 33.14 -38.21 -68.70
N PRO F 394 32.66 -38.85 -69.76
CA PRO F 394 32.90 -40.28 -69.91
C PRO F 394 34.39 -40.53 -70.04
N VAL F 395 34.85 -41.60 -69.43
CA VAL F 395 36.27 -41.92 -69.41
C VAL F 395 36.45 -43.22 -70.17
N SER F 396 37.13 -43.16 -71.30
CA SER F 396 37.64 -44.38 -71.88
C SER F 396 38.91 -44.78 -71.15
N GLN F 397 39.16 -46.09 -71.11
CA GLN F 397 40.33 -46.66 -70.45
C GLN F 397 40.39 -46.23 -68.99
N MET F 398 39.29 -46.49 -68.28
CA MET F 398 39.20 -46.17 -66.87
C MET F 398 40.24 -46.96 -66.09
N GLY F 399 40.87 -46.31 -65.11
CA GLY F 399 41.91 -46.91 -64.31
C GLY F 399 43.28 -46.88 -64.95
N ALA F 400 43.42 -46.29 -66.13
CA ALA F 400 44.71 -46.24 -66.80
C ALA F 400 45.72 -45.50 -65.94
N SER F 401 46.98 -45.89 -66.07
CA SER F 401 48.02 -45.22 -65.32
C SER F 401 48.18 -43.79 -65.80
N ASP F 402 48.69 -42.93 -64.91
CA ASP F 402 49.11 -41.61 -65.33
C ASP F 402 50.11 -41.70 -66.48
N ILE F 403 50.97 -42.72 -66.46
CA ILE F 403 51.92 -42.90 -67.55
C ILE F 403 51.17 -43.05 -68.86
N GLU F 404 50.11 -43.86 -68.85
CA GLU F 404 49.26 -43.98 -70.03
C GLU F 404 48.66 -42.62 -70.39
N ARG F 405 48.06 -41.95 -69.42
CA ARG F 405 47.25 -40.77 -69.71
C ARG F 405 48.09 -39.63 -70.26
N LEU F 406 49.26 -39.40 -69.66
CA LEU F 406 50.09 -38.28 -70.06
C LEU F 406 50.61 -38.43 -71.48
N LYS F 407 50.63 -39.64 -72.02
CA LYS F 407 50.96 -39.85 -73.42
C LYS F 407 49.73 -39.89 -74.31
N ASP F 408 48.61 -40.40 -73.80
CA ASP F 408 47.41 -40.51 -74.61
C ASP F 408 46.77 -39.16 -74.85
N MET F 409 46.87 -38.24 -73.89
CA MET F 409 46.34 -36.91 -74.10
C MET F 409 46.99 -36.22 -75.29
N ALA F 410 48.21 -36.62 -75.66
CA ALA F 410 48.83 -36.10 -76.86
C ALA F 410 47.90 -36.31 -78.07
N HIS F 411 47.41 -37.53 -78.25
CA HIS F 411 46.44 -37.76 -79.30
C HIS F 411 45.08 -37.17 -78.97
N ARG F 412 44.68 -37.23 -77.70
CA ARG F 412 43.36 -36.74 -77.29
C ARG F 412 43.15 -35.32 -77.79
N LEU F 413 44.12 -34.44 -77.57
CA LEU F 413 44.08 -33.12 -78.16
C LEU F 413 44.44 -33.14 -79.63
N GLN F 414 45.41 -33.97 -80.02
CA GLN F 414 45.86 -34.01 -81.40
C GLN F 414 44.73 -34.39 -82.34
N ASP F 415 43.89 -35.32 -81.94
CA ASP F 415 42.84 -35.84 -82.81
C ASP F 415 41.55 -35.02 -82.75
N LYS F 416 41.44 -34.08 -81.80
CA LYS F 416 40.35 -33.11 -81.84
C LYS F 416 40.76 -31.82 -82.53
N VAL F 417 42.04 -31.66 -82.82
CA VAL F 417 42.55 -30.55 -83.61
C VAL F 417 43.11 -31.12 -84.90
N ILE F 418 43.59 -30.23 -85.75
CA ILE F 418 44.15 -30.62 -87.05
C ILE F 418 45.58 -30.11 -87.12
N GLY F 419 46.54 -31.04 -87.13
CA GLY F 419 47.92 -30.67 -87.28
C GLY F 419 48.40 -29.73 -86.19
N GLN F 420 49.30 -28.83 -86.58
CA GLN F 420 49.93 -27.88 -85.66
C GLN F 420 50.56 -28.62 -84.48
N ASP F 421 51.23 -29.73 -84.79
CA ASP F 421 51.71 -30.66 -83.76
C ASP F 421 52.70 -30.02 -82.81
N LYS F 422 53.33 -28.91 -83.20
CA LYS F 422 54.29 -28.27 -82.31
C LYS F 422 53.62 -27.81 -81.02
N ALA F 423 52.45 -27.18 -81.14
CA ALA F 423 51.73 -26.73 -79.96
C ALA F 423 51.33 -27.91 -79.09
N VAL F 424 50.88 -29.00 -79.71
CA VAL F 424 50.55 -30.20 -78.94
C VAL F 424 51.76 -30.68 -78.16
N GLU F 425 52.90 -30.79 -78.83
CA GLU F 425 54.13 -31.25 -78.17
C GLU F 425 54.47 -30.38 -76.98
N VAL F 426 54.54 -29.07 -77.20
CA VAL F 426 54.96 -28.15 -76.15
C VAL F 426 54.00 -28.22 -74.97
N VAL F 427 52.70 -28.10 -75.25
CA VAL F 427 51.72 -28.07 -74.17
C VAL F 427 51.76 -29.38 -73.40
N ALA F 428 51.84 -30.52 -74.10
CA ALA F 428 51.82 -31.80 -73.42
C ALA F 428 53.04 -31.95 -72.51
N ARG F 429 54.23 -31.60 -73.01
CA ARG F 429 55.41 -31.76 -72.18
C ARG F 429 55.35 -30.84 -70.97
N ALA F 430 54.93 -29.59 -71.17
CA ALA F 430 54.83 -28.68 -70.04
C ALA F 430 53.84 -29.18 -69.00
N ILE F 431 52.69 -29.67 -69.46
CA ILE F 431 51.68 -30.19 -68.55
C ILE F 431 52.23 -31.37 -67.77
N CYS F 432 52.93 -32.26 -68.45
CA CYS F 432 53.49 -33.41 -67.76
C CYS F 432 54.50 -32.98 -66.70
N ARG F 433 55.35 -32.00 -67.04
CA ARG F 433 56.32 -31.53 -66.07
C ARG F 433 55.64 -30.97 -64.82
N ASN F 434 54.62 -30.14 -65.01
CA ASN F 434 53.91 -29.62 -63.85
C ASN F 434 53.22 -30.73 -63.08
N ARG F 435 52.56 -31.65 -63.78
CA ARG F 435 51.84 -32.72 -63.11
C ARG F 435 52.78 -33.65 -62.36
N ALA F 436 53.89 -34.03 -62.97
CA ALA F 436 54.82 -34.92 -62.30
C ALA F 436 55.63 -34.21 -61.23
N GLY F 437 55.59 -32.89 -61.18
CA GLY F 437 56.33 -32.15 -60.18
C GLY F 437 57.82 -32.09 -60.44
N PHE F 438 58.25 -32.27 -61.68
CA PHE F 438 59.67 -32.15 -61.98
C PHE F 438 60.15 -30.71 -61.85
N ASP F 439 59.39 -29.77 -62.41
CA ASP F 439 59.77 -28.37 -62.37
C ASP F 439 59.76 -27.86 -60.94
N GLU F 440 60.74 -27.03 -60.60
CA GLU F 440 60.74 -26.39 -59.30
C GLU F 440 59.52 -25.49 -59.17
N GLY F 441 59.02 -25.38 -57.95
CA GLY F 441 57.84 -24.58 -57.70
C GLY F 441 58.11 -23.09 -57.80
N ASN F 442 57.18 -22.33 -57.21
CA ASN F 442 57.26 -20.88 -57.14
C ASN F 442 57.20 -20.24 -58.51
N ARG F 443 56.62 -20.95 -59.48
CA ARG F 443 56.35 -20.42 -60.80
C ARG F 443 54.95 -20.84 -61.20
N PRO F 444 54.27 -20.03 -62.01
CA PRO F 444 52.94 -20.43 -62.47
C PRO F 444 53.02 -21.66 -63.36
N ILE F 445 51.87 -22.30 -63.55
CA ILE F 445 51.84 -23.60 -64.24
C ILE F 445 52.37 -23.47 -65.65
N GLY F 446 51.89 -22.48 -66.39
CA GLY F 446 52.35 -22.28 -67.74
C GLY F 446 51.90 -20.94 -68.25
N ASN F 447 52.77 -20.34 -69.04
CA ASN F 447 52.56 -19.00 -69.58
C ASN F 447 52.96 -19.05 -71.04
N PHE F 448 51.99 -19.08 -71.94
CA PHE F 448 52.29 -19.33 -73.34
C PHE F 448 51.64 -18.29 -74.23
N LEU F 449 52.30 -18.05 -75.37
CA LEU F 449 51.83 -17.08 -76.35
C LEU F 449 51.52 -17.81 -77.65
N PHE F 450 50.46 -17.39 -78.32
CA PHE F 450 50.01 -17.99 -79.57
C PHE F 450 49.67 -16.87 -80.53
N VAL F 451 50.31 -16.89 -81.70
CA VAL F 451 50.33 -15.74 -82.60
C VAL F 451 49.95 -16.21 -83.99
N GLY F 452 48.85 -15.69 -84.51
CA GLY F 452 48.39 -16.09 -85.83
C GLY F 452 47.02 -15.48 -86.12
N SER F 453 46.43 -15.96 -87.21
CA SER F 453 45.10 -15.50 -87.59
C SER F 453 44.02 -16.23 -86.80
N THR F 454 42.77 -15.79 -86.97
CA THR F 454 41.67 -16.33 -86.18
C THR F 454 41.20 -17.67 -86.71
N GLY F 455 40.84 -17.73 -87.99
CA GLY F 455 40.26 -18.91 -88.57
C GLY F 455 41.26 -20.05 -88.70
N VAL F 456 41.83 -20.46 -87.58
CA VAL F 456 42.81 -21.53 -87.57
C VAL F 456 42.45 -22.49 -86.44
N GLY F 457 41.22 -22.39 -85.95
CA GLY F 457 40.94 -22.93 -84.64
C GLY F 457 41.71 -22.21 -83.58
N LYS F 458 41.76 -20.87 -83.65
CA LYS F 458 42.61 -20.10 -82.75
C LYS F 458 42.24 -20.35 -81.29
N THR F 459 40.99 -20.71 -81.04
CA THR F 459 40.51 -20.96 -79.69
C THR F 459 40.44 -22.45 -79.36
N GLU F 460 41.03 -23.30 -80.22
CA GLU F 460 40.98 -24.74 -79.99
C GLU F 460 41.52 -25.12 -78.63
N LEU F 461 42.69 -24.61 -78.28
CA LEU F 461 43.27 -24.89 -76.98
C LEU F 461 42.52 -24.19 -75.86
N ALA F 462 41.70 -23.21 -76.17
CA ALA F 462 40.83 -22.61 -75.16
C ALA F 462 39.64 -23.48 -74.82
N LYS F 463 39.20 -24.35 -75.73
CA LYS F 463 38.06 -25.20 -75.47
C LYS F 463 38.46 -26.64 -75.14
N GLN F 464 39.15 -27.31 -76.06
CA GLN F 464 39.43 -28.74 -75.88
C GLN F 464 40.51 -28.97 -74.84
N LEU F 465 41.59 -28.19 -74.88
CA LEU F 465 42.60 -28.30 -73.85
C LEU F 465 42.01 -28.01 -72.48
N ALA F 466 41.20 -26.95 -72.37
CA ALA F 466 40.60 -26.62 -71.09
C ALA F 466 39.73 -27.75 -70.58
N LEU F 467 38.90 -28.32 -71.45
CA LEU F 467 38.01 -29.38 -71.01
C LEU F 467 38.79 -30.61 -70.58
N ASP F 468 39.79 -31.02 -71.37
CA ASP F 468 40.56 -32.20 -70.99
C ASP F 468 41.32 -31.96 -69.70
N MET F 469 41.87 -30.76 -69.53
CA MET F 469 42.53 -30.42 -68.27
C MET F 469 41.58 -30.52 -67.09
N PHE F 470 40.36 -30.03 -67.24
CA PHE F 470 39.51 -29.82 -66.07
C PHE F 470 38.17 -30.50 -66.12
N GLY F 471 38.02 -31.57 -66.90
CA GLY F 471 36.74 -32.24 -66.98
C GLY F 471 35.59 -31.35 -67.39
N THR F 472 35.87 -30.14 -67.84
CA THR F 472 34.88 -29.22 -68.35
C THR F 472 35.64 -28.05 -68.97
N GLN F 473 35.11 -27.56 -70.09
CA GLN F 473 35.65 -26.37 -70.72
C GLN F 473 35.40 -25.12 -69.87
N ASP F 474 34.46 -25.18 -68.92
CA ASP F 474 34.11 -24.03 -68.09
C ASP F 474 35.14 -23.87 -66.98
N ALA F 475 36.39 -23.71 -67.39
CA ALA F 475 37.48 -23.44 -66.46
C ALA F 475 38.37 -22.32 -66.98
N ILE F 476 37.85 -21.42 -67.80
CA ILE F 476 38.64 -20.37 -68.41
C ILE F 476 37.90 -19.05 -68.30
N ILE F 477 38.66 -17.99 -68.10
CA ILE F 477 38.18 -16.62 -68.23
C ILE F 477 39.03 -15.93 -69.28
N ARG F 478 38.38 -15.34 -70.27
CA ARG F 478 39.07 -14.72 -71.39
C ARG F 478 38.76 -13.23 -71.44
N LEU F 479 39.82 -12.45 -71.59
CA LEU F 479 39.74 -11.02 -71.83
C LEU F 479 40.47 -10.69 -73.11
N ASP F 480 39.76 -10.05 -74.04
CA ASP F 480 40.35 -9.57 -75.27
C ASP F 480 40.99 -8.22 -74.95
N MET F 481 42.29 -8.25 -74.63
CA MET F 481 42.88 -7.10 -73.95
C MET F 481 42.79 -5.85 -74.80
N SER F 482 42.94 -5.99 -76.12
CA SER F 482 42.84 -4.83 -76.99
C SER F 482 41.50 -4.12 -76.83
N GLU F 483 40.41 -4.88 -76.96
CA GLU F 483 39.10 -4.30 -76.72
C GLU F 483 38.83 -4.10 -75.24
N TYR F 484 39.56 -4.81 -74.38
CA TYR F 484 39.39 -4.65 -72.95
C TYR F 484 39.59 -3.21 -72.51
N SER F 485 40.68 -2.60 -72.96
CA SER F 485 41.08 -1.32 -72.39
C SER F 485 40.15 -0.20 -72.83
N ASP F 486 40.51 1.01 -72.45
CA ASP F 486 39.76 2.21 -72.78
C ASP F 486 40.50 3.03 -73.83
N ARG F 487 39.81 3.31 -74.94
CA ARG F 487 40.44 4.10 -76.01
C ARG F 487 39.77 5.45 -76.21
N THR F 488 38.49 5.47 -76.56
CA THR F 488 37.79 6.71 -76.87
C THR F 488 36.38 6.64 -76.30
N ALA F 489 35.82 7.80 -75.98
CA ALA F 489 34.54 7.88 -75.28
C ALA F 489 33.41 7.41 -76.21
N VAL F 490 33.34 6.11 -76.38
CA VAL F 490 32.34 5.48 -77.24
C VAL F 490 31.54 4.50 -76.38
N SER F 491 30.30 4.25 -76.80
CA SER F 491 29.37 3.51 -75.95
C SER F 491 29.60 2.02 -75.98
N LYS F 492 30.85 1.61 -75.80
CA LYS F 492 31.19 0.21 -75.56
C LYS F 492 32.20 0.19 -74.43
N LEU F 493 32.74 1.36 -74.10
CA LEU F 493 33.77 1.50 -73.09
C LEU F 493 33.68 2.88 -72.47
N ILE F 494 33.82 2.92 -71.14
CA ILE F 494 33.64 4.16 -70.38
C ILE F 494 34.82 4.36 -69.43
N GLY F 495 35.33 5.59 -69.37
CA GLY F 495 36.34 5.93 -68.38
C GLY F 495 37.71 6.16 -68.96
N THR F 496 38.74 5.68 -68.27
CA THR F 496 40.12 5.79 -68.75
C THR F 496 40.80 4.44 -68.63
N THR F 497 41.74 4.20 -69.53
CA THR F 497 42.43 2.90 -69.54
C THR F 497 43.11 2.66 -68.20
N ALA F 498 43.67 3.72 -67.60
CA ALA F 498 44.15 3.62 -66.23
C ALA F 498 43.08 3.06 -65.31
N GLY F 499 41.87 3.61 -65.35
CA GLY F 499 40.78 3.07 -64.54
C GLY F 499 40.72 1.56 -64.59
N TYR F 500 41.06 0.96 -65.74
CA TYR F 500 40.94 -0.48 -65.87
C TYR F 500 41.78 -1.24 -64.85
N VAL F 501 43.03 -0.84 -64.66
CA VAL F 501 43.84 -1.55 -63.67
C VAL F 501 43.18 -1.44 -62.30
N GLY F 502 42.56 -0.29 -62.01
CA GLY F 502 41.84 -0.14 -60.77
C GLY F 502 40.79 -1.22 -60.58
N TYR F 503 39.97 -1.46 -61.62
CA TYR F 503 38.98 -2.52 -61.51
C TYR F 503 39.64 -3.83 -61.15
N ASP F 504 40.80 -4.09 -61.73
CA ASP F 504 41.43 -5.39 -61.56
C ASP F 504 41.93 -5.58 -60.13
N ASP F 505 42.09 -4.48 -59.38
CA ASP F 505 42.83 -4.60 -58.13
C ASP F 505 42.00 -4.27 -56.91
N ASN F 506 40.73 -3.88 -57.07
CA ASN F 506 39.88 -3.55 -55.94
C ASN F 506 38.47 -4.11 -56.07
N SER F 507 38.14 -4.73 -57.20
CA SER F 507 36.74 -5.04 -57.50
C SER F 507 36.61 -6.51 -57.85
N ASN F 508 35.39 -7.03 -57.67
CA ASN F 508 35.10 -8.44 -57.89
C ASN F 508 35.04 -8.75 -59.39
N THR F 509 36.17 -8.51 -60.05
CA THR F 509 36.25 -8.80 -61.47
C THR F 509 37.45 -9.68 -61.79
N LEU F 510 38.60 -9.43 -61.18
CA LEU F 510 39.77 -10.26 -61.50
C LEU F 510 40.28 -11.00 -60.28
N THR F 511 40.61 -10.27 -59.22
CA THR F 511 41.12 -10.92 -58.02
C THR F 511 40.09 -11.80 -57.35
N GLU F 512 38.84 -11.37 -57.27
CA GLU F 512 37.79 -12.23 -56.73
C GLU F 512 37.84 -13.59 -57.40
N ARG F 513 37.73 -13.62 -58.73
CA ARG F 513 37.62 -14.88 -59.44
C ARG F 513 38.86 -15.75 -59.33
N VAL F 514 40.06 -15.19 -59.53
CA VAL F 514 41.25 -16.03 -59.53
C VAL F 514 41.45 -16.71 -58.19
N ARG F 515 41.10 -16.05 -57.09
CA ARG F 515 41.16 -16.67 -55.79
C ARG F 515 40.07 -17.70 -55.59
N ARG F 516 38.97 -17.61 -56.33
CA ARG F 516 37.93 -18.63 -56.25
C ARG F 516 38.31 -19.93 -56.94
N ASN F 517 39.01 -19.87 -58.05
CA ASN F 517 39.40 -21.08 -58.79
C ASN F 517 40.89 -21.01 -59.07
N PRO F 518 41.72 -21.19 -58.04
CA PRO F 518 43.17 -21.03 -58.23
C PRO F 518 43.76 -21.97 -59.25
N TYR F 519 42.96 -22.82 -59.88
CA TYR F 519 43.43 -23.68 -60.96
C TYR F 519 42.97 -23.22 -62.33
N SER F 520 42.10 -22.21 -62.40
CA SER F 520 41.49 -21.83 -63.67
C SER F 520 42.55 -21.37 -64.67
N ILE F 521 42.11 -21.21 -65.91
CA ILE F 521 42.97 -20.75 -67.01
C ILE F 521 42.47 -19.39 -67.46
N ILE F 522 43.40 -18.47 -67.69
CA ILE F 522 43.06 -17.12 -68.12
C ILE F 522 43.68 -16.87 -69.48
N LEU F 523 42.89 -16.29 -70.37
CA LEU F 523 43.24 -16.11 -71.77
C LEU F 523 43.16 -14.63 -72.09
N LEU F 524 44.19 -14.12 -72.75
CA LEU F 524 44.28 -12.71 -73.11
C LEU F 524 44.44 -12.61 -74.63
N ASP F 525 43.37 -12.19 -75.29
CA ASP F 525 43.35 -12.17 -76.75
C ASP F 525 44.15 -10.97 -77.28
N ALA F 526 44.97 -11.23 -78.31
CA ALA F 526 45.45 -10.16 -79.18
C ALA F 526 46.08 -9.03 -78.38
N ILE F 527 47.26 -9.24 -77.80
CA ILE F 527 47.75 -8.37 -76.73
C ILE F 527 48.87 -7.43 -77.15
N GLU F 528 48.99 -7.00 -78.41
CA GLU F 528 49.92 -5.90 -78.62
C GLU F 528 49.44 -4.73 -77.75
N LYS F 529 48.15 -4.41 -77.77
CA LYS F 529 47.33 -4.25 -78.96
C LYS F 529 46.45 -3.07 -78.63
N ALA F 530 46.29 -2.86 -77.33
CA ALA F 530 45.49 -1.76 -76.83
C ALA F 530 46.38 -0.68 -76.26
N ASP F 531 45.73 0.34 -75.69
CA ASP F 531 46.45 1.43 -75.04
C ASP F 531 47.45 0.95 -74.00
N PRO F 532 47.12 0.02 -73.10
CA PRO F 532 48.07 -0.32 -72.04
C PRO F 532 49.22 -1.18 -72.56
N GLN F 533 50.43 -0.80 -72.15
CA GLN F 533 51.62 -1.64 -72.36
C GLN F 533 51.91 -2.41 -71.07
N VAL F 534 50.95 -3.25 -70.71
CA VAL F 534 51.01 -3.98 -69.43
C VAL F 534 51.92 -5.18 -69.66
N ILE F 535 53.21 -4.96 -69.45
CA ILE F 535 54.19 -6.03 -69.42
C ILE F 535 54.64 -6.22 -67.99
N THR F 536 55.09 -5.14 -67.38
CA THR F 536 55.69 -5.22 -66.05
C THR F 536 54.69 -5.55 -64.96
N LEU F 537 53.46 -5.03 -65.03
CA LEU F 537 52.48 -5.35 -64.01
C LEU F 537 52.27 -6.85 -63.92
N LEU F 538 52.39 -7.55 -65.05
CA LEU F 538 52.28 -8.99 -65.06
C LEU F 538 53.52 -9.68 -64.54
N LEU F 539 54.69 -9.08 -64.69
CA LEU F 539 55.94 -9.75 -64.31
C LEU F 539 55.90 -10.28 -62.89
N GLN F 540 55.17 -9.62 -61.99
CA GLN F 540 55.06 -10.10 -60.62
C GLN F 540 54.62 -11.55 -60.59
N VAL F 541 53.52 -11.88 -61.27
CA VAL F 541 53.19 -13.29 -61.39
C VAL F 541 54.19 -13.98 -62.30
N LEU F 542 54.57 -13.33 -63.41
CA LEU F 542 55.43 -13.97 -64.39
C LEU F 542 56.76 -14.35 -63.78
N ASP F 543 57.09 -13.75 -62.64
CA ASP F 543 58.24 -14.19 -61.88
C ASP F 543 57.86 -15.26 -60.86
N ASP F 544 56.88 -14.97 -59.99
CA ASP F 544 56.68 -15.80 -58.82
C ASP F 544 55.22 -16.12 -58.52
N GLY F 545 54.27 -15.58 -59.26
CA GLY F 545 52.88 -15.88 -59.05
C GLY F 545 52.24 -15.19 -57.88
N ARG F 546 53.01 -14.43 -57.09
CA ARG F 546 52.48 -13.63 -56.00
C ARG F 546 52.32 -12.21 -56.50
N LEU F 547 51.09 -11.69 -56.45
CA LEU F 547 50.86 -10.36 -56.98
C LEU F 547 49.88 -9.61 -56.11
N THR F 548 50.20 -8.36 -55.80
CA THR F 548 49.46 -7.57 -54.85
C THR F 548 48.20 -6.99 -55.46
N ASP F 549 47.22 -6.73 -54.62
CA ASP F 549 45.97 -6.13 -55.05
C ASP F 549 45.98 -4.64 -54.77
N GLY F 550 44.83 -3.99 -54.95
CA GLY F 550 44.69 -2.60 -54.59
C GLY F 550 44.53 -2.36 -53.10
N GLN F 551 44.60 -3.42 -52.30
CA GLN F 551 44.58 -3.29 -50.85
C GLN F 551 45.85 -3.80 -50.20
N GLY F 552 46.83 -4.23 -50.99
CA GLY F 552 48.04 -4.79 -50.45
C GLY F 552 48.04 -6.30 -50.30
N ASN F 553 46.88 -6.95 -50.36
CA ASN F 553 46.84 -8.40 -50.27
C ASN F 553 47.47 -9.00 -51.52
N THR F 554 48.25 -10.05 -51.32
CA THR F 554 48.88 -10.75 -52.42
C THR F 554 48.07 -11.99 -52.74
N VAL F 555 47.90 -12.26 -54.02
CA VAL F 555 47.24 -13.46 -54.48
C VAL F 555 48.28 -14.34 -55.15
N ASN F 556 48.21 -15.63 -54.87
CA ASN F 556 49.09 -16.62 -55.48
C ASN F 556 48.50 -17.01 -56.83
N PHE F 557 49.37 -17.26 -57.79
CA PHE F 557 48.98 -17.75 -59.10
C PHE F 557 49.68 -19.07 -59.43
N LYS F 558 49.94 -19.87 -58.40
CA LYS F 558 50.78 -21.05 -58.58
C LYS F 558 50.15 -22.06 -59.53
N ASN F 559 48.84 -22.28 -59.40
CA ASN F 559 48.19 -23.38 -60.10
C ASN F 559 47.36 -22.93 -61.28
N THR F 560 47.67 -21.78 -61.86
CA THR F 560 46.91 -21.27 -62.99
C THR F 560 47.75 -21.31 -64.26
N VAL F 561 47.05 -21.19 -65.39
CA VAL F 561 47.66 -21.14 -66.71
C VAL F 561 47.26 -19.84 -67.35
N ILE F 562 48.23 -19.17 -67.98
CA ILE F 562 48.01 -17.92 -68.70
C ILE F 562 48.36 -18.16 -70.15
N ILE F 563 47.39 -17.92 -71.04
CA ILE F 563 47.59 -18.05 -72.47
C ILE F 563 47.18 -16.74 -73.11
N ALA F 564 48.07 -16.19 -73.93
CA ALA F 564 47.80 -14.93 -74.60
C ALA F 564 48.06 -15.08 -76.10
N THR F 565 47.36 -14.28 -76.90
CA THR F 565 47.36 -14.42 -78.35
C THR F 565 47.81 -13.12 -79.01
N SER F 566 48.08 -13.23 -80.31
CA SER F 566 48.58 -12.09 -81.09
C SER F 566 48.40 -12.39 -82.58
N ASN F 567 48.84 -11.44 -83.41
CA ASN F 567 48.70 -11.50 -84.86
C ASN F 567 50.04 -11.84 -85.48
N ALA F 568 50.08 -12.92 -86.27
CA ALA F 568 51.29 -13.31 -86.97
C ALA F 568 51.31 -12.87 -88.43
N GLY F 569 50.64 -11.77 -88.77
CA GLY F 569 50.33 -11.49 -90.15
C GLY F 569 49.17 -12.34 -90.61
N PHE F 570 48.85 -12.20 -91.90
CA PHE F 570 47.71 -12.91 -92.46
C PHE F 570 47.86 -13.00 -93.96
N GLY F 571 47.45 -14.16 -94.50
CA GLY F 571 47.42 -14.34 -95.94
C GLY F 571 46.05 -13.99 -96.49
N TYR F 572 45.43 -14.92 -97.21
CA TYR F 572 46.06 -16.20 -97.52
C TYR F 572 46.01 -16.41 -99.03
N GLU F 573 47.13 -16.86 -99.59
CA GLU F 573 47.27 -16.97 -101.03
C GLU F 573 47.33 -18.38 -101.65
N ALA F 574 46.95 -19.47 -100.96
CA ALA F 574 46.54 -19.61 -99.57
C ALA F 574 47.74 -19.84 -98.69
N ASN F 575 48.51 -20.87 -99.04
CA ASN F 575 49.72 -21.23 -98.29
C ASN F 575 50.99 -20.65 -98.90
N LEU F 576 50.89 -19.90 -99.99
CA LEU F 576 52.09 -19.34 -100.61
C LEU F 576 52.71 -18.25 -99.75
N THR F 577 51.89 -17.53 -98.97
CA THR F 577 52.38 -16.54 -98.02
C THR F 577 51.93 -16.84 -96.58
N GLU F 578 51.55 -18.08 -96.29
CA GLU F 578 51.18 -18.43 -94.93
C GLU F 578 52.39 -18.35 -94.00
N ASP F 579 53.59 -18.65 -94.52
CA ASP F 579 54.82 -18.56 -93.73
C ASP F 579 55.99 -18.43 -94.70
N ALA F 580 56.58 -17.24 -94.76
CA ALA F 580 57.68 -17.00 -95.70
C ALA F 580 59.03 -17.33 -95.08
N ASP F 581 59.26 -16.95 -93.83
CA ASP F 581 60.50 -17.27 -93.13
C ASP F 581 60.26 -17.07 -91.63
N LYS F 582 61.17 -17.65 -90.82
CA LYS F 582 61.06 -17.53 -89.37
C LYS F 582 61.16 -16.08 -88.90
N PRO F 583 62.14 -15.27 -89.34
CA PRO F 583 62.17 -13.87 -88.87
C PRO F 583 61.12 -12.99 -89.51
N GLU F 584 60.52 -13.41 -90.65
CA GLU F 584 59.34 -12.75 -91.19
C GLU F 584 58.27 -12.56 -90.11
N LEU F 585 58.42 -13.26 -89.00
CA LEU F 585 57.58 -13.06 -87.83
C LEU F 585 58.25 -12.24 -86.74
N MET F 586 59.33 -12.73 -86.13
CA MET F 586 59.84 -12.07 -84.93
C MET F 586 60.29 -10.65 -85.24
N ASP F 587 60.95 -10.45 -86.38
CA ASP F 587 61.50 -9.13 -86.65
C ASP F 587 60.39 -8.10 -86.74
N ARG F 588 59.25 -8.49 -87.32
CA ARG F 588 58.07 -7.65 -87.26
C ARG F 588 57.56 -7.51 -85.85
N LEU F 589 57.53 -8.60 -85.09
CA LEU F 589 57.01 -8.52 -83.72
C LEU F 589 57.95 -7.76 -82.79
N LYS F 590 59.21 -7.56 -83.18
CA LYS F 590 60.08 -6.76 -82.31
C LYS F 590 59.54 -5.37 -82.06
N PRO F 591 59.13 -4.58 -83.07
CA PRO F 591 58.38 -3.36 -82.77
C PRO F 591 56.96 -3.61 -82.28
N PHE F 592 56.46 -4.84 -82.39
CA PHE F 592 55.10 -5.14 -81.96
C PHE F 592 55.05 -5.66 -80.53
N PHE F 593 55.88 -6.66 -80.22
CA PHE F 593 56.00 -7.20 -78.87
C PHE F 593 57.38 -6.87 -78.35
N ARG F 594 57.43 -6.33 -77.14
CA ARG F 594 58.69 -5.96 -76.53
C ARG F 594 59.53 -7.21 -76.29
N PRO F 595 60.81 -7.20 -76.65
CA PRO F 595 61.62 -8.42 -76.52
C PRO F 595 61.65 -8.99 -75.11
N GLU F 596 61.64 -8.13 -74.09
CA GLU F 596 61.59 -8.62 -72.73
C GLU F 596 60.32 -9.40 -72.44
N PHE F 597 59.17 -8.89 -72.88
CA PHE F 597 57.92 -9.62 -72.67
C PHE F 597 57.93 -10.94 -73.42
N LEU F 598 58.62 -10.99 -74.55
CA LEU F 598 58.85 -12.27 -75.22
C LEU F 598 59.66 -13.21 -74.35
N ASN F 599 60.77 -12.73 -73.80
CA ASN F 599 61.70 -13.59 -73.07
C ASN F 599 61.11 -14.16 -71.79
N ARG F 600 59.99 -13.63 -71.32
CA ARG F 600 59.36 -14.09 -70.08
C ARG F 600 58.55 -15.36 -70.26
N PHE F 601 58.25 -15.76 -71.48
CA PHE F 601 57.29 -16.83 -71.68
C PHE F 601 57.97 -18.19 -71.73
N ASN F 602 57.21 -19.22 -71.36
CA ASN F 602 57.66 -20.58 -71.55
C ASN F 602 57.86 -20.89 -73.02
N ALA F 603 56.95 -20.43 -73.87
CA ALA F 603 57.07 -20.60 -75.30
C ALA F 603 56.03 -19.77 -76.03
N VAL F 604 56.30 -19.51 -77.30
CA VAL F 604 55.35 -18.93 -78.23
C VAL F 604 55.18 -19.89 -79.39
N ILE F 605 53.95 -20.02 -79.88
CA ILE F 605 53.60 -20.88 -80.99
C ILE F 605 52.80 -20.02 -81.97
N GLU F 606 52.74 -20.44 -83.22
CA GLU F 606 52.12 -19.63 -84.25
C GLU F 606 51.01 -20.40 -84.96
N PHE F 607 50.08 -19.64 -85.52
CA PHE F 607 48.98 -20.16 -86.35
C PHE F 607 49.18 -19.67 -87.78
N SER F 608 49.97 -20.42 -88.54
CA SER F 608 50.15 -20.14 -89.95
C SER F 608 49.37 -21.11 -90.84
N HIS F 609 48.49 -21.91 -90.25
CA HIS F 609 48.03 -23.12 -90.91
C HIS F 609 46.68 -22.88 -91.59
N LEU F 610 46.67 -22.93 -92.92
CA LEU F 610 45.44 -22.80 -93.69
C LEU F 610 45.70 -23.34 -95.09
N THR F 611 45.06 -24.45 -95.44
CA THR F 611 45.35 -25.17 -96.67
C THR F 611 44.04 -25.77 -97.20
N LYS F 612 44.15 -26.81 -98.02
CA LYS F 612 42.98 -27.47 -98.57
C LYS F 612 42.96 -28.99 -98.41
N GLU F 613 44.13 -29.65 -98.42
CA GLU F 613 44.16 -31.10 -98.36
C GLU F 613 43.77 -31.64 -96.99
N ASP F 614 44.10 -30.92 -95.93
CA ASP F 614 43.84 -31.38 -94.57
C ASP F 614 42.48 -30.93 -94.08
N LEU F 615 41.70 -30.27 -94.93
CA LEU F 615 40.44 -29.67 -94.54
C LEU F 615 39.26 -30.61 -94.74
N SER F 616 39.46 -31.74 -95.40
CA SER F 616 38.43 -32.77 -95.40
C SER F 616 38.19 -33.30 -94.00
N LYS F 617 39.25 -33.34 -93.19
CA LYS F 617 39.13 -33.84 -91.83
C LYS F 617 38.17 -32.99 -91.01
N ILE F 618 38.30 -31.66 -91.11
CA ILE F 618 37.34 -30.81 -90.43
C ILE F 618 35.96 -31.00 -91.05
N VAL F 619 35.91 -31.32 -92.35
CA VAL F 619 34.63 -31.53 -93.00
C VAL F 619 33.87 -32.67 -92.34
N ASP F 620 34.51 -33.83 -92.17
CA ASP F 620 33.78 -34.92 -91.54
C ASP F 620 33.61 -34.67 -90.04
N LEU F 621 34.43 -33.79 -89.47
CA LEU F 621 34.14 -33.37 -88.09
C LEU F 621 32.79 -32.66 -87.99
N MET F 622 32.56 -31.65 -88.84
CA MET F 622 31.24 -31.02 -88.83
C MET F 622 30.16 -31.99 -89.26
N LEU F 623 30.44 -32.91 -90.17
CA LEU F 623 29.42 -33.89 -90.52
C LEU F 623 29.04 -34.73 -89.31
N ALA F 624 30.04 -35.08 -88.50
CA ALA F 624 29.79 -35.79 -87.26
C ALA F 624 28.89 -34.99 -86.34
N GLU F 625 29.18 -33.71 -86.14
CA GLU F 625 28.32 -32.95 -85.22
C GLU F 625 26.93 -32.78 -85.80
N VAL F 626 26.82 -32.69 -87.12
CA VAL F 626 25.51 -32.58 -87.75
C VAL F 626 24.67 -33.80 -87.44
N ASN F 627 25.25 -34.99 -87.66
CA ASN F 627 24.49 -36.19 -87.37
C ASN F 627 24.23 -36.33 -85.88
N GLN F 628 25.16 -35.85 -85.05
CA GLN F 628 24.92 -35.82 -83.61
C GLN F 628 23.70 -34.98 -83.27
N THR F 629 23.60 -33.79 -83.88
CA THR F 629 22.45 -32.94 -83.65
C THR F 629 21.17 -33.63 -84.13
N LEU F 630 21.25 -34.27 -85.29
CA LEU F 630 20.09 -34.96 -85.82
C LEU F 630 19.66 -36.10 -84.92
N ALA F 631 20.58 -36.67 -84.16
CA ALA F 631 20.25 -37.81 -83.30
C ALA F 631 19.17 -37.46 -82.30
N LYS F 632 18.98 -36.17 -82.01
CA LYS F 632 17.91 -35.77 -81.10
C LYS F 632 16.54 -36.19 -81.63
N LYS F 633 16.36 -36.14 -82.95
CA LYS F 633 15.09 -36.52 -83.56
C LYS F 633 15.17 -37.88 -84.25
N ASP F 634 16.15 -38.71 -83.88
CA ASP F 634 16.28 -40.07 -84.41
C ASP F 634 16.51 -40.06 -85.91
N ILE F 635 17.24 -39.06 -86.39
CA ILE F 635 17.45 -38.87 -87.82
C ILE F 635 18.93 -39.07 -88.13
N ASP F 636 19.21 -39.83 -89.18
CA ASP F 636 20.57 -40.10 -89.62
C ASP F 636 20.74 -39.60 -91.04
N LEU F 637 21.78 -38.81 -91.26
CA LEU F 637 22.10 -38.28 -92.58
C LEU F 637 23.36 -38.95 -93.11
N VAL F 638 23.34 -39.34 -94.37
CA VAL F 638 24.52 -39.87 -95.04
C VAL F 638 24.99 -38.84 -96.06
N VAL F 639 26.31 -38.69 -96.19
CA VAL F 639 26.91 -37.71 -97.08
C VAL F 639 27.81 -38.43 -98.07
N SER F 640 27.62 -38.14 -99.35
CA SER F 640 28.47 -38.70 -100.38
C SER F 640 29.83 -38.01 -100.40
N GLN F 641 30.84 -38.75 -100.88
CA GLN F 641 32.18 -38.19 -100.99
C GLN F 641 32.22 -37.03 -101.97
N ALA F 642 31.49 -37.13 -103.08
CA ALA F 642 31.43 -36.03 -104.03
C ALA F 642 30.85 -34.78 -103.38
N ALA F 643 29.83 -34.97 -102.54
CA ALA F 643 29.31 -33.84 -101.78
C ALA F 643 30.41 -33.23 -100.90
N LYS F 644 31.22 -34.08 -100.29
CA LYS F 644 32.33 -33.58 -99.48
C LYS F 644 33.29 -32.75 -100.31
N ASP F 645 33.64 -33.25 -101.50
CA ASP F 645 34.56 -32.53 -102.37
C ASP F 645 33.98 -31.18 -102.77
N TYR F 646 32.70 -31.16 -103.12
CA TYR F 646 32.08 -29.90 -103.50
C TYR F 646 32.01 -28.93 -102.32
N ILE F 647 31.71 -29.43 -101.13
CA ILE F 647 31.68 -28.56 -99.95
C ILE F 647 33.05 -27.96 -99.71
N THR F 648 34.09 -28.79 -99.79
CA THR F 648 35.45 -28.29 -99.64
C THR F 648 35.72 -27.18 -100.65
N GLU F 649 35.39 -27.42 -101.92
CA GLU F 649 35.64 -26.42 -102.94
C GLU F 649 34.86 -25.15 -102.67
N GLU F 650 33.64 -25.28 -102.14
CA GLU F 650 32.86 -24.11 -101.76
C GLU F 650 33.55 -23.32 -100.66
N GLY F 651 33.93 -23.99 -99.59
CA GLY F 651 34.57 -23.34 -98.46
C GLY F 651 36.00 -22.95 -98.69
N TYR F 652 36.59 -23.34 -99.82
CA TYR F 652 37.97 -22.97 -100.06
C TYR F 652 38.08 -21.53 -100.56
N ASP F 653 37.46 -20.61 -99.82
CA ASP F 653 37.81 -19.20 -99.91
C ASP F 653 39.05 -19.01 -99.05
N GLU F 654 40.10 -19.73 -99.43
CA GLU F 654 41.30 -19.88 -98.62
C GLU F 654 42.08 -18.57 -98.64
N VAL F 655 41.47 -17.55 -98.05
CA VAL F 655 42.09 -16.22 -97.97
C VAL F 655 42.29 -15.75 -96.54
N MET F 656 41.43 -16.14 -95.59
CA MET F 656 41.61 -15.73 -94.21
C MET F 656 41.55 -16.90 -93.23
N GLY F 657 40.63 -17.83 -93.44
CA GLY F 657 40.43 -18.87 -92.46
C GLY F 657 39.30 -19.80 -92.86
N VAL F 658 38.80 -20.54 -91.85
CA VAL F 658 37.88 -21.64 -92.08
C VAL F 658 36.46 -21.32 -91.62
N ARG F 659 36.16 -20.06 -91.32
CA ARG F 659 34.78 -19.71 -91.00
C ARG F 659 33.81 -20.01 -92.14
N PRO F 660 34.08 -19.64 -93.39
CA PRO F 660 33.18 -20.05 -94.48
C PRO F 660 33.11 -21.55 -94.66
N LEU F 661 34.13 -22.29 -94.24
CA LEU F 661 34.06 -23.74 -94.35
C LEU F 661 32.91 -24.30 -93.53
N ARG F 662 32.73 -23.78 -92.32
CA ARG F 662 31.52 -24.06 -91.56
C ARG F 662 30.29 -23.42 -92.17
N ARG F 663 30.45 -22.20 -92.69
CA ARG F 663 29.30 -21.43 -93.16
C ARG F 663 28.57 -22.13 -94.29
N VAL F 664 29.32 -22.76 -95.20
CA VAL F 664 28.70 -23.37 -96.38
C VAL F 664 27.77 -24.51 -96.04
N VAL F 665 27.94 -25.15 -94.88
CA VAL F 665 26.96 -26.10 -94.37
C VAL F 665 26.17 -25.54 -93.21
N GLU F 666 26.43 -24.30 -92.82
CA GLU F 666 25.79 -23.71 -91.65
C GLU F 666 24.28 -23.69 -91.81
N GLN F 667 23.80 -23.52 -93.03
CA GLN F 667 22.37 -23.49 -93.31
C GLN F 667 21.96 -24.36 -94.48
N GLU F 668 22.85 -24.58 -95.44
CA GLU F 668 22.48 -25.23 -96.68
C GLU F 668 21.99 -26.65 -96.44
N ILE F 669 22.69 -27.38 -95.57
CA ILE F 669 22.27 -28.73 -95.23
C ILE F 669 20.96 -28.69 -94.47
N ARG F 670 20.89 -27.84 -93.45
CA ARG F 670 19.73 -27.83 -92.57
C ARG F 670 18.52 -27.21 -93.25
N ASP F 671 18.74 -26.36 -94.25
CA ASP F 671 17.61 -25.86 -95.04
C ASP F 671 16.92 -26.98 -95.80
N LYS F 672 17.71 -27.86 -96.44
CA LYS F 672 17.13 -29.04 -97.06
C LYS F 672 16.45 -29.93 -96.04
N VAL F 673 17.11 -30.13 -94.89
CA VAL F 673 16.54 -30.97 -93.84
C VAL F 673 15.20 -30.41 -93.39
N THR F 674 15.06 -29.09 -93.39
CA THR F 674 13.78 -28.48 -93.04
C THR F 674 12.66 -29.03 -93.90
N ASP F 675 12.83 -28.99 -95.21
CA ASP F 675 11.78 -29.45 -96.11
C ASP F 675 11.61 -30.96 -96.06
N PHE F 676 12.69 -31.70 -95.95
CA PHE F 676 12.56 -33.15 -95.84
C PHE F 676 11.84 -33.56 -94.56
N HIS F 677 11.94 -32.73 -93.51
CA HIS F 677 11.26 -33.04 -92.27
C HIS F 677 9.76 -32.85 -92.37
N LEU F 678 9.29 -32.09 -93.36
CA LEU F 678 7.86 -32.02 -93.60
C LEU F 678 7.28 -33.37 -93.98
N ASP F 679 8.11 -34.29 -94.44
CA ASP F 679 7.76 -35.68 -94.62
C ASP F 679 7.69 -36.35 -93.23
N HIS F 680 6.99 -37.49 -93.06
CA HIS F 680 6.70 -38.58 -94.01
C HIS F 680 8.05 -39.12 -94.45
N LEU F 681 8.96 -39.16 -93.48
CA LEU F 681 10.38 -39.21 -93.76
C LEU F 681 11.00 -40.48 -93.20
N ASP F 682 11.78 -41.17 -94.05
CA ASP F 682 12.64 -42.26 -93.60
C ASP F 682 13.91 -41.64 -93.06
N ALA F 683 13.95 -41.41 -91.75
CA ALA F 683 15.10 -40.75 -91.15
C ALA F 683 16.39 -41.55 -91.35
N LYS F 684 16.29 -42.86 -91.53
CA LYS F 684 17.44 -43.72 -91.73
C LYS F 684 18.01 -43.60 -93.13
N HIS F 685 17.20 -43.18 -94.10
CA HIS F 685 17.56 -43.26 -95.51
C HIS F 685 18.23 -42.01 -96.05
N LEU F 686 18.18 -40.89 -95.32
CA LEU F 686 18.62 -39.63 -95.87
C LEU F 686 20.09 -39.66 -96.27
N GLU F 687 20.32 -39.67 -97.58
CA GLU F 687 21.66 -39.64 -98.14
C GLU F 687 21.77 -38.42 -99.06
N ALA F 688 22.82 -37.64 -98.86
CA ALA F 688 23.01 -36.39 -99.58
C ALA F 688 24.09 -36.56 -100.64
N ASP F 689 23.79 -36.06 -101.85
CA ASP F 689 24.75 -36.03 -102.95
C ASP F 689 24.62 -34.71 -103.67
N MET F 690 25.36 -34.58 -104.77
CA MET F 690 25.58 -33.32 -105.45
C MET F 690 25.16 -33.42 -106.91
N GLU F 691 24.36 -32.45 -107.34
CA GLU F 691 23.95 -32.34 -108.74
C GLU F 691 24.26 -30.91 -109.17
N ASP F 692 25.43 -30.71 -109.79
CA ASP F 692 25.79 -29.42 -110.37
C ASP F 692 25.77 -28.32 -109.30
N GLY F 693 26.31 -28.63 -108.13
CA GLY F 693 26.33 -27.69 -107.03
C GLY F 693 25.04 -27.60 -106.26
N VAL F 694 24.07 -28.48 -106.52
CA VAL F 694 22.81 -28.46 -105.80
C VAL F 694 22.71 -29.70 -104.91
N LEU F 695 22.37 -29.49 -103.64
CA LEU F 695 22.27 -30.59 -102.69
C LEU F 695 21.00 -31.39 -102.96
N VAL F 696 21.16 -32.69 -103.14
CA VAL F 696 20.04 -33.58 -103.44
C VAL F 696 20.08 -34.73 -102.46
N ILE F 697 19.03 -34.86 -101.65
CA ILE F 697 18.99 -35.87 -100.59
C ILE F 697 17.84 -36.82 -100.88
N ARG F 698 18.09 -38.10 -100.68
CA ARG F 698 17.03 -39.11 -100.77
C ARG F 698 17.02 -39.95 -99.50
N LEU G 76 43.84 0.81 -2.41
CA LEU G 76 44.30 0.71 -3.79
C LEU G 76 43.50 -0.36 -4.50
N ALA G 77 44.21 -1.30 -5.12
CA ALA G 77 43.63 -2.53 -5.63
C ALA G 77 42.44 -2.26 -6.55
N LYS G 78 42.53 -1.19 -7.32
CA LYS G 78 41.49 -0.82 -8.29
C LYS G 78 42.17 -0.64 -9.63
N LEU G 79 42.06 -1.66 -10.48
CA LEU G 79 42.69 -1.65 -11.81
C LEU G 79 44.18 -1.36 -11.73
N GLY G 80 44.83 -1.92 -10.72
CA GLY G 80 46.24 -1.64 -10.54
C GLY G 80 46.83 -2.50 -9.45
N ARG G 81 48.13 -2.29 -9.23
CA ARG G 81 48.87 -3.08 -8.26
C ARG G 81 49.87 -2.23 -7.52
N ASN G 82 49.97 -2.46 -6.21
CA ASN G 82 50.97 -1.79 -5.39
C ASN G 82 52.27 -2.56 -5.46
N LEU G 83 53.23 -2.04 -6.20
CA LEU G 83 54.52 -2.70 -6.30
C LEU G 83 55.30 -2.63 -4.99
N THR G 84 55.14 -1.54 -4.23
CA THR G 84 55.83 -1.43 -2.95
C THR G 84 55.37 -2.52 -2.00
N ALA G 85 54.08 -2.83 -2.01
CA ALA G 85 53.55 -3.88 -1.12
C ALA G 85 54.23 -5.21 -1.42
N GLU G 86 54.35 -5.56 -2.70
CA GLU G 86 55.06 -6.78 -3.06
C GLU G 86 56.53 -6.69 -2.67
N ALA G 87 57.11 -5.50 -2.81
CA ALA G 87 58.52 -5.32 -2.46
C ALA G 87 58.78 -5.63 -1.00
N ARG G 88 57.88 -5.17 -0.11
CA ARG G 88 58.04 -5.46 1.31
C ARG G 88 58.10 -6.95 1.56
N GLU G 89 57.31 -7.72 0.81
CA GLU G 89 57.20 -9.15 1.00
C GLU G 89 58.40 -9.91 0.46
N GLY G 90 59.28 -9.24 -0.29
CA GLY G 90 60.37 -9.95 -0.93
C GLY G 90 59.93 -10.80 -2.10
N LYS G 91 58.78 -10.50 -2.70
CA LYS G 91 58.24 -11.27 -3.80
C LYS G 91 58.82 -10.89 -5.15
N LEU G 92 59.74 -9.94 -5.19
CA LEU G 92 60.21 -9.37 -6.43
C LEU G 92 61.68 -9.68 -6.65
N ASP G 93 62.03 -10.00 -7.89
CA ASP G 93 63.37 -10.45 -8.21
C ASP G 93 64.35 -9.29 -8.06
N PRO G 94 65.59 -9.55 -7.64
CA PRO G 94 66.59 -8.49 -7.57
C PRO G 94 66.91 -7.96 -8.96
N VAL G 95 66.98 -6.64 -9.08
CA VAL G 95 67.31 -5.99 -10.33
C VAL G 95 68.81 -5.78 -10.38
N ILE G 96 69.41 -6.18 -11.50
CA ILE G 96 70.86 -6.38 -11.58
C ILE G 96 71.44 -5.44 -12.63
N GLY G 97 72.53 -4.76 -12.25
CA GLY G 97 73.32 -4.02 -13.21
C GLY G 97 72.74 -2.71 -13.68
N ARG G 98 71.77 -2.16 -12.97
CA ARG G 98 71.10 -0.94 -13.41
C ARG G 98 71.43 0.25 -12.53
N ASN G 99 72.58 0.22 -11.86
CA ASN G 99 72.79 1.07 -10.69
C ASN G 99 72.46 2.53 -10.91
N LYS G 100 73.29 3.25 -11.67
CA LYS G 100 73.05 4.69 -11.75
C LYS G 100 71.71 4.97 -12.40
N GLU G 101 71.38 4.23 -13.46
CA GLU G 101 70.16 4.47 -14.20
C GLU G 101 68.95 4.46 -13.30
N ILE G 102 68.98 3.72 -12.19
CA ILE G 102 67.77 3.76 -11.36
C ILE G 102 67.80 4.97 -10.45
N GLN G 103 68.89 5.18 -9.75
CA GLN G 103 68.88 6.18 -8.69
C GLN G 103 69.08 7.57 -9.26
N GLU G 104 69.63 7.66 -10.48
CA GLU G 104 69.52 8.91 -11.22
C GLU G 104 68.08 9.37 -11.32
N ALA G 105 67.13 8.43 -11.43
CA ALA G 105 65.73 8.79 -11.47
C ALA G 105 65.33 9.60 -10.25
N SER G 106 65.81 9.21 -9.07
CA SER G 106 65.50 9.98 -7.87
C SER G 106 65.90 11.43 -8.01
N GLU G 107 66.98 11.71 -8.74
CA GLU G 107 67.45 13.06 -8.91
C GLU G 107 66.43 13.94 -9.61
N ILE G 108 65.44 13.36 -10.27
CA ILE G 108 64.33 14.13 -10.81
C ILE G 108 63.19 14.25 -9.81
N LEU G 109 62.87 13.15 -9.13
CA LEU G 109 61.69 13.14 -8.26
C LEU G 109 61.87 14.07 -7.08
N SER G 110 63.10 14.26 -6.61
CA SER G 110 63.34 15.05 -5.42
C SER G 110 63.03 16.52 -5.60
N ARG G 111 62.80 16.97 -6.83
CA ARG G 111 62.56 18.39 -7.07
C ARG G 111 61.13 18.78 -6.71
N ARG G 112 60.95 20.06 -6.42
CA ARG G 112 59.61 20.58 -6.14
C ARG G 112 58.77 20.66 -7.38
N THR G 113 59.34 21.12 -8.48
CA THR G 113 58.69 21.10 -9.79
C THR G 113 59.59 20.35 -10.77
N LYS G 114 59.13 20.27 -12.01
CA LYS G 114 59.87 19.60 -13.07
C LYS G 114 60.30 18.22 -12.59
N ASN G 115 59.31 17.38 -12.34
CA ASN G 115 59.49 16.17 -11.56
C ASN G 115 58.70 15.00 -12.14
N ASN G 116 58.76 14.83 -13.45
CA ASN G 116 58.01 13.79 -14.15
C ASN G 116 58.97 13.09 -15.10
N PRO G 117 59.75 12.15 -14.59
CA PRO G 117 60.70 11.44 -15.46
C PRO G 117 60.03 10.31 -16.21
N VAL G 118 60.42 10.16 -17.47
CA VAL G 118 59.98 9.05 -18.31
C VAL G 118 61.21 8.34 -18.85
N LEU G 119 61.15 7.02 -18.84
CA LEU G 119 62.24 6.20 -19.34
C LEU G 119 62.06 6.00 -20.83
N VAL G 120 63.09 6.30 -21.61
CA VAL G 120 63.01 6.24 -23.06
C VAL G 120 63.97 5.19 -23.57
N GLY G 121 63.53 4.43 -24.55
CA GLY G 121 64.37 3.42 -25.16
C GLY G 121 63.53 2.39 -25.87
N ASP G 122 64.23 1.46 -26.53
CA ASP G 122 63.54 0.42 -27.27
C ASP G 122 63.04 -0.67 -26.33
N ALA G 123 62.08 -1.45 -26.82
CA ALA G 123 61.47 -2.50 -26.01
C ALA G 123 62.42 -3.67 -25.84
N GLY G 124 62.02 -4.59 -24.95
CA GLY G 124 62.84 -5.74 -24.69
C GLY G 124 64.17 -5.43 -24.05
N VAL G 125 64.23 -4.41 -23.20
CA VAL G 125 65.47 -4.01 -22.56
C VAL G 125 65.36 -4.01 -21.05
N GLY G 126 64.39 -4.73 -20.50
CA GLY G 126 64.14 -4.62 -19.08
C GLY G 126 63.60 -3.26 -18.68
N LYS G 127 62.70 -2.70 -19.47
CA LYS G 127 62.28 -1.33 -19.25
C LYS G 127 61.62 -1.17 -17.88
N THR G 128 60.67 -2.04 -17.55
CA THR G 128 60.07 -1.97 -16.23
C THR G 128 61.05 -2.33 -15.12
N ALA G 129 61.97 -3.25 -15.39
CA ALA G 129 62.89 -3.70 -14.37
C ALA G 129 63.52 -2.53 -13.62
N VAL G 130 63.67 -1.40 -14.29
CA VAL G 130 64.16 -0.20 -13.62
C VAL G 130 63.22 0.22 -12.50
N VAL G 131 61.92 0.26 -12.78
CA VAL G 131 61.02 0.76 -11.76
C VAL G 131 60.84 -0.25 -10.63
N GLU G 132 60.84 -1.55 -10.95
CA GLU G 132 60.84 -2.49 -9.83
C GLU G 132 62.10 -2.33 -8.99
N GLY G 133 63.25 -2.14 -9.62
CA GLY G 133 64.45 -1.87 -8.84
C GLY G 133 64.34 -0.61 -8.01
N LEU G 134 63.64 0.39 -8.52
CA LEU G 134 63.41 1.59 -7.74
C LEU G 134 62.61 1.29 -6.49
N ALA G 135 61.55 0.49 -6.63
CA ALA G 135 60.77 0.10 -5.45
C ALA G 135 61.63 -0.69 -4.47
N GLN G 136 62.46 -1.58 -4.99
CA GLN G 136 63.37 -2.34 -4.15
C GLN G 136 64.27 -1.41 -3.35
N ALA G 137 64.85 -0.41 -4.01
CA ALA G 137 65.72 0.52 -3.31
C ALA G 137 64.95 1.34 -2.28
N ILE G 138 63.73 1.75 -2.61
CA ILE G 138 62.92 2.50 -1.65
C ILE G 138 62.74 1.70 -0.37
N VAL G 139 62.37 0.43 -0.52
CA VAL G 139 62.29 -0.44 0.65
C VAL G 139 63.65 -0.54 1.31
N ASN G 140 64.71 -0.57 0.51
CA ASN G 140 66.06 -0.75 0.98
C ASN G 140 66.60 0.47 1.73
N GLY G 141 65.93 1.61 1.64
CA GLY G 141 66.50 2.81 2.21
C GLY G 141 67.67 3.34 1.42
N ASP G 142 67.72 3.06 0.12
CA ASP G 142 68.81 3.56 -0.73
C ASP G 142 68.54 4.98 -1.21
N VAL G 143 67.28 5.37 -1.31
CA VAL G 143 66.89 6.62 -1.96
C VAL G 143 67.29 7.80 -1.09
N PRO G 144 67.33 9.01 -1.64
CA PRO G 144 67.43 10.20 -0.79
C PRO G 144 66.12 10.45 -0.05
N ALA G 145 66.21 11.31 0.95
CA ALA G 145 65.12 11.48 1.91
C ALA G 145 63.84 11.99 1.27
N ALA G 146 63.93 12.56 0.07
CA ALA G 146 62.77 13.22 -0.52
C ALA G 146 61.61 12.28 -0.75
N ILE G 147 61.88 11.01 -0.99
CA ILE G 147 60.84 10.08 -1.40
C ILE G 147 60.69 8.92 -0.41
N LYS G 148 61.10 9.13 0.83
CA LYS G 148 61.07 8.04 1.80
C LYS G 148 59.65 7.54 2.00
N ASN G 149 58.68 8.43 2.13
CA ASN G 149 57.37 8.09 2.63
C ASN G 149 56.38 7.76 1.52
N LYS G 150 56.84 7.61 0.29
CA LYS G 150 55.93 7.39 -0.82
C LYS G 150 55.88 5.93 -1.20
N GLU G 151 54.87 5.58 -1.99
CA GLU G 151 54.76 4.26 -2.58
C GLU G 151 54.40 4.40 -4.04
N ILE G 152 54.56 3.30 -4.78
CA ILE G 152 54.38 3.29 -6.22
C ILE G 152 53.28 2.31 -6.57
N VAL G 153 52.35 2.74 -7.41
CA VAL G 153 51.29 1.88 -7.91
C VAL G 153 51.34 1.88 -9.43
N SER G 154 51.32 0.69 -10.01
CA SER G 154 51.27 0.54 -11.45
C SER G 154 49.82 0.36 -11.88
N ILE G 155 49.47 0.97 -13.02
CA ILE G 155 48.08 1.03 -13.45
C ILE G 155 47.94 0.40 -14.82
N ASP G 156 46.94 -0.46 -14.95
CA ASP G 156 46.49 -1.00 -16.24
C ASP G 156 45.72 0.10 -16.96
N ILE G 157 46.45 0.90 -17.74
CA ILE G 157 45.80 1.92 -18.54
C ILE G 157 44.87 1.28 -19.57
N SER G 158 45.37 0.32 -20.34
CA SER G 158 44.63 -0.25 -21.45
C SER G 158 43.33 -0.91 -21.01
N GLY G 159 43.29 -1.49 -19.81
CA GLY G 159 42.10 -2.12 -19.29
C GLY G 159 41.20 -1.24 -18.47
N LEU G 160 41.43 0.07 -18.44
CA LEU G 160 40.62 0.92 -17.56
C LEU G 160 39.14 0.86 -17.93
N GLU G 161 38.80 0.93 -19.21
CA GLU G 161 37.41 0.85 -19.61
C GLU G 161 36.78 -0.48 -19.25
N ALA G 162 37.59 -1.51 -18.96
CA ALA G 162 37.04 -2.78 -18.50
C ALA G 162 36.35 -2.66 -17.15
N GLY G 163 36.75 -1.67 -16.33
CA GLY G 163 36.18 -1.55 -15.00
C GLY G 163 34.84 -0.88 -14.93
N THR G 164 34.28 -0.44 -16.05
CA THR G 164 33.04 0.31 -16.04
C THR G 164 32.27 0.05 -17.34
N GLN G 165 31.00 0.43 -17.32
CA GLN G 165 30.13 0.18 -18.46
C GLN G 165 29.93 1.42 -19.32
N TYR G 166 29.87 2.59 -18.70
CA TYR G 166 29.59 3.83 -19.41
C TYR G 166 30.77 4.77 -19.28
N ARG G 167 31.13 5.39 -20.40
CA ARG G 167 32.38 6.17 -20.45
C ARG G 167 32.26 7.47 -19.68
N GLY G 168 31.04 7.98 -19.47
CA GLY G 168 30.86 9.05 -18.51
C GLY G 168 31.13 8.60 -17.10
N SER G 169 30.59 7.43 -16.73
CA SER G 169 30.97 6.79 -15.48
C SER G 169 32.46 6.49 -15.45
N PHE G 170 33.02 6.15 -16.61
CA PHE G 170 34.46 5.93 -16.70
C PHE G 170 35.22 7.19 -16.30
N GLU G 171 34.85 8.33 -16.89
CA GLU G 171 35.52 9.58 -16.57
C GLU G 171 35.35 9.93 -15.11
N GLU G 172 34.15 9.68 -14.56
CA GLU G 172 33.96 9.93 -13.15
C GLU G 172 34.89 9.09 -12.30
N ASN G 173 35.03 7.81 -12.65
CA ASN G 173 35.98 6.96 -11.95
C ASN G 173 37.41 7.46 -12.10
N VAL G 174 37.74 7.96 -13.30
CA VAL G 174 39.07 8.48 -13.55
C VAL G 174 39.38 9.65 -12.63
N GLN G 175 38.46 10.61 -12.56
CA GLN G 175 38.67 11.74 -11.66
C GLN G 175 38.66 11.27 -10.21
N ASN G 176 37.89 10.21 -9.92
CA ASN G 176 37.92 9.62 -8.60
C ASN G 176 39.31 9.12 -8.23
N LEU G 177 40.14 8.83 -9.24
CA LEU G 177 41.53 8.51 -8.95
C LEU G 177 42.25 9.69 -8.36
N VAL G 178 42.14 10.86 -8.99
CA VAL G 178 42.70 12.08 -8.42
C VAL G 178 42.14 12.30 -7.03
N ASN G 179 40.85 12.04 -6.86
CA ASN G 179 40.26 12.10 -5.53
C ASN G 179 40.99 11.19 -4.56
N GLU G 180 41.33 9.97 -4.98
CA GLU G 180 42.17 9.12 -4.17
C GLU G 180 43.58 9.68 -4.05
N VAL G 181 44.06 10.38 -5.08
CA VAL G 181 45.43 10.86 -5.02
C VAL G 181 45.41 12.17 -4.25
N LYS G 182 45.31 12.06 -2.92
CA LYS G 182 45.48 13.17 -2.01
C LYS G 182 46.27 12.77 -0.79
N GLU G 183 46.66 11.51 -0.67
CA GLU G 183 47.28 10.99 0.55
C GLU G 183 48.78 11.32 0.55
N ALA G 184 49.08 12.56 0.89
CA ALA G 184 50.43 13.08 1.05
C ALA G 184 51.30 12.86 -0.19
N GLY G 185 50.69 12.59 -1.33
CA GLY G 185 51.47 12.22 -2.49
C GLY G 185 52.21 10.93 -2.34
N ASN G 186 51.91 10.16 -1.29
CA ASN G 186 52.57 8.89 -1.04
C ASN G 186 52.30 7.91 -2.17
N ILE G 187 51.30 8.17 -2.98
CA ILE G 187 50.98 7.37 -4.14
C ILE G 187 51.68 8.02 -5.33
N ILE G 188 52.33 7.20 -6.14
CA ILE G 188 52.97 7.63 -7.38
C ILE G 188 52.51 6.69 -8.49
N LEU G 189 51.98 7.26 -9.56
CA LEU G 189 51.39 6.46 -10.62
C LEU G 189 52.46 6.05 -11.61
N PHE G 190 52.44 4.79 -12.01
CA PHE G 190 53.31 4.27 -13.05
C PHE G 190 52.49 3.67 -14.17
N PHE G 191 52.98 3.83 -15.39
CA PHE G 191 52.34 3.30 -16.58
C PHE G 191 53.42 2.75 -17.50
N ASP G 192 52.98 2.19 -18.62
CA ASP G 192 53.89 1.61 -19.58
C ASP G 192 53.61 2.03 -21.01
N ALA G 193 52.53 2.78 -21.27
CA ALA G 193 52.19 3.21 -22.62
C ALA G 193 51.69 4.66 -22.55
N ILE G 194 52.62 5.60 -22.68
CA ILE G 194 52.26 7.00 -22.52
C ILE G 194 51.36 7.45 -23.65
N HIS G 195 51.62 6.98 -24.86
CA HIS G 195 50.72 7.23 -25.98
C HIS G 195 49.31 6.72 -25.70
N GLN G 196 49.17 5.60 -25.00
CA GLN G 196 47.87 5.13 -24.56
C GLN G 196 47.28 6.00 -23.45
N ILE G 197 48.09 6.81 -22.80
CA ILE G 197 47.58 7.79 -21.85
C ILE G 197 47.13 9.05 -22.57
N LEU G 198 47.93 9.52 -23.53
CA LEU G 198 47.60 10.74 -24.26
C LEU G 198 46.47 10.43 -25.24
N GLY G 199 45.29 10.26 -24.67
CA GLY G 199 44.07 10.01 -25.43
C GLY G 199 43.05 11.11 -25.23
N ALA G 200 41.78 10.73 -25.05
CA ALA G 200 40.70 11.67 -24.77
C ALA G 200 40.58 12.70 -25.88
N GLY G 201 41.33 12.51 -26.96
CA GLY G 201 41.39 13.44 -28.07
C GLY G 201 42.23 12.89 -29.21
N SER G 202 42.50 13.77 -30.17
CA SER G 202 43.23 13.38 -31.38
C SER G 202 44.72 13.67 -31.21
N THR G 203 45.28 13.11 -30.15
CA THR G 203 46.73 13.14 -29.98
C THR G 203 47.44 12.12 -30.87
N GLY G 204 46.73 11.10 -31.34
CA GLY G 204 47.33 10.09 -32.18
C GLY G 204 46.25 9.33 -32.92
N GLY G 205 46.51 9.09 -34.20
CA GLY G 205 45.49 8.51 -35.02
C GLY G 205 44.40 9.53 -35.35
N ASP G 206 43.20 9.01 -35.60
CA ASP G 206 42.06 9.85 -35.95
C ASP G 206 41.22 10.25 -34.74
N SER G 207 41.07 9.38 -33.76
CA SER G 207 40.22 9.65 -32.60
C SER G 207 40.77 8.89 -31.40
N GLY G 208 40.05 8.98 -30.30
CA GLY G 208 40.42 8.24 -29.11
C GLY G 208 39.32 8.32 -28.07
N SER G 209 39.39 7.39 -27.12
CA SER G 209 38.45 7.37 -26.01
C SER G 209 38.93 8.30 -24.91
N LYS G 210 37.98 8.70 -24.05
CA LYS G 210 38.32 9.58 -22.94
C LYS G 210 39.33 8.93 -22.02
N GLY G 211 40.24 9.74 -21.51
CA GLY G 211 41.26 9.25 -20.59
C GLY G 211 41.80 10.38 -19.75
N LEU G 212 42.98 10.15 -19.18
CA LEU G 212 43.58 11.14 -18.30
C LEU G 212 43.83 12.46 -18.99
N ALA G 213 43.88 12.47 -20.32
CA ALA G 213 44.32 13.67 -21.04
C ALA G 213 43.50 14.88 -20.65
N ASP G 214 42.18 14.78 -20.75
CA ASP G 214 41.32 15.91 -20.44
C ASP G 214 41.34 16.27 -18.96
N ILE G 215 41.94 15.44 -18.12
CA ILE G 215 42.09 15.71 -16.70
C ILE G 215 43.53 16.01 -16.33
N LEU G 216 44.49 15.30 -16.96
CA LEU G 216 45.87 15.46 -16.55
C LEU G 216 46.43 16.83 -16.90
N LYS G 217 46.05 17.37 -18.06
CA LYS G 217 46.67 18.56 -18.61
C LYS G 217 46.69 19.67 -17.58
N PRO G 218 45.59 19.93 -16.88
CA PRO G 218 45.69 20.84 -15.72
C PRO G 218 46.40 20.20 -14.54
N ALA G 219 46.05 18.97 -14.17
CA ALA G 219 46.56 18.40 -12.93
C ALA G 219 48.07 18.39 -12.90
N LEU G 220 48.71 17.98 -14.00
CA LEU G 220 50.16 18.02 -14.08
C LEU G 220 50.69 19.43 -14.05
N SER G 221 50.03 20.35 -14.78
CA SER G 221 50.38 21.76 -14.67
C SER G 221 50.26 22.26 -13.24
N ARG G 222 49.15 21.97 -12.58
CA ARG G 222 49.01 22.33 -11.18
C ARG G 222 49.59 21.32 -10.22
N GLY G 223 50.51 20.47 -10.67
CA GLY G 223 51.37 19.74 -9.75
C GLY G 223 50.70 18.66 -8.94
N GLU G 224 49.50 18.26 -9.33
CA GLU G 224 48.75 17.26 -8.59
C GLU G 224 49.42 15.89 -8.61
N LEU G 225 49.96 15.46 -9.74
CA LEU G 225 50.37 14.08 -9.88
C LEU G 225 51.88 14.01 -10.11
N THR G 226 52.43 12.82 -9.90
CA THR G 226 53.76 12.49 -10.38
C THR G 226 53.69 11.13 -11.07
N VAL G 227 53.96 11.12 -12.36
CA VAL G 227 53.91 9.90 -13.15
C VAL G 227 55.30 9.55 -13.61
N ILE G 228 55.50 8.30 -13.98
CA ILE G 228 56.81 7.81 -14.40
C ILE G 228 56.64 6.95 -15.64
N GLY G 229 57.10 7.45 -16.78
CA GLY G 229 57.20 6.67 -17.99
C GLY G 229 55.88 6.06 -18.43
N ALA G 230 55.98 5.12 -19.38
CA ALA G 230 57.24 4.77 -20.03
C ALA G 230 56.95 4.49 -21.50
N THR G 231 57.93 4.69 -22.37
CA THR G 231 57.71 4.48 -23.78
C THR G 231 59.00 4.42 -24.59
N THR G 232 58.86 4.42 -25.91
CA THR G 232 59.97 4.25 -26.83
C THR G 232 60.44 5.61 -27.37
N GLN G 233 61.52 5.57 -28.14
CA GLN G 233 62.14 6.77 -28.69
C GLN G 233 61.22 7.54 -29.61
N ASP G 234 60.62 6.84 -30.56
CA ASP G 234 59.81 7.48 -31.60
C ASP G 234 58.50 8.01 -31.05
N GLU G 235 57.84 7.23 -30.18
CA GLU G 235 56.72 7.77 -29.41
C GLU G 235 57.09 9.07 -28.75
N TYR G 236 58.28 9.14 -28.15
CA TYR G 236 58.68 10.34 -27.43
C TYR G 236 58.76 11.55 -28.35
N ARG G 237 59.49 11.43 -29.47
CA ARG G 237 59.61 12.63 -30.30
C ARG G 237 58.31 12.95 -31.02
N ASN G 238 57.45 11.96 -31.23
CA ASN G 238 56.26 12.22 -32.03
C ASN G 238 55.10 12.76 -31.20
N THR G 239 55.03 12.41 -29.92
CA THR G 239 53.89 12.79 -29.10
C THR G 239 54.23 13.76 -28.00
N ILE G 240 55.37 13.59 -27.34
CA ILE G 240 55.66 14.34 -26.12
C ILE G 240 56.18 15.73 -26.42
N LEU G 241 57.13 15.84 -27.35
CA LEU G 241 57.76 17.12 -27.64
C LEU G 241 56.85 18.07 -28.40
N LYS G 242 55.59 17.72 -28.57
CA LYS G 242 54.68 18.56 -29.34
C LYS G 242 53.69 19.34 -28.48
N ASN G 243 53.43 18.87 -27.26
CA ASN G 243 52.58 19.60 -26.34
C ASN G 243 53.47 20.36 -25.36
N ALA G 244 53.49 21.69 -25.48
CA ALA G 244 54.34 22.50 -24.62
C ALA G 244 53.99 22.31 -23.15
N ALA G 245 52.75 21.93 -22.85
CA ALA G 245 52.37 21.72 -21.47
C ALA G 245 53.22 20.64 -20.82
N LEU G 246 53.42 19.53 -21.51
CA LEU G 246 54.32 18.50 -20.99
C LEU G 246 55.76 18.98 -20.93
N ALA G 247 56.15 19.87 -21.84
CA ALA G 247 57.53 20.33 -21.91
C ALA G 247 57.97 20.97 -20.60
N ARG G 248 57.05 21.65 -19.92
CA ARG G 248 57.40 22.37 -18.70
C ARG G 248 57.14 21.54 -17.46
N ARG G 249 56.88 20.24 -17.62
CA ARG G 249 56.76 19.34 -16.48
C ARG G 249 57.59 18.07 -16.61
N PHE G 250 57.93 17.63 -17.81
CA PHE G 250 58.46 16.29 -18.00
C PHE G 250 59.96 16.31 -18.24
N ASN G 251 60.57 15.15 -17.99
CA ASN G 251 61.98 14.93 -18.22
C ASN G 251 62.17 13.52 -18.73
N GLU G 252 63.33 13.25 -19.30
CA GLU G 252 63.56 11.98 -19.96
C GLU G 252 64.87 11.38 -19.46
N VAL G 253 64.90 10.05 -19.38
CA VAL G 253 66.08 9.32 -18.96
C VAL G 253 66.35 8.21 -19.97
N LYS G 254 67.57 8.18 -20.50
CA LYS G 254 67.94 7.24 -21.54
C LYS G 254 68.16 5.86 -20.96
N VAL G 255 67.78 4.83 -21.71
CA VAL G 255 67.94 3.44 -21.32
C VAL G 255 68.60 2.69 -22.48
N ASN G 256 69.59 1.86 -22.17
CA ASN G 256 70.30 1.09 -23.18
C ASN G 256 70.47 -0.34 -22.72
N ALA G 257 70.49 -1.26 -23.68
CA ALA G 257 70.73 -2.66 -23.35
C ALA G 257 72.16 -2.85 -22.86
N PRO G 258 72.36 -3.73 -21.89
CA PRO G 258 73.70 -3.93 -21.33
C PRO G 258 74.55 -4.83 -22.21
N SER G 259 75.80 -5.00 -21.78
CA SER G 259 76.77 -5.81 -22.50
C SER G 259 76.62 -7.28 -22.13
N ALA G 260 77.44 -8.11 -22.79
CA ALA G 260 77.33 -9.54 -22.59
C ALA G 260 78.15 -10.00 -21.40
N GLU G 261 78.05 -9.26 -20.30
CA GLU G 261 78.44 -9.78 -18.99
C GLU G 261 77.30 -9.71 -18.00
N ASN G 262 76.66 -8.56 -17.91
CA ASN G 262 75.48 -8.39 -17.07
C ASN G 262 74.35 -9.28 -17.55
N THR G 263 74.19 -9.40 -18.86
CA THR G 263 73.22 -10.34 -19.40
C THR G 263 73.50 -11.75 -18.88
N PHE G 264 74.77 -12.13 -18.87
CA PHE G 264 75.14 -13.44 -18.35
C PHE G 264 74.74 -13.56 -16.89
N LYS G 265 74.92 -12.49 -16.12
CA LYS G 265 74.52 -12.50 -14.72
C LYS G 265 73.02 -12.69 -14.57
N ILE G 266 72.25 -11.94 -15.35
CA ILE G 266 70.80 -12.04 -15.26
C ILE G 266 70.35 -13.44 -15.61
N LEU G 267 70.95 -14.01 -16.66
CA LEU G 267 70.59 -15.36 -17.04
C LEU G 267 70.93 -16.34 -15.93
N GLN G 268 72.09 -16.17 -15.30
CA GLN G 268 72.45 -17.00 -14.16
C GLN G 268 71.39 -16.89 -13.08
N GLY G 269 70.90 -15.69 -12.84
CA GLY G 269 69.85 -15.52 -11.84
C GLY G 269 68.59 -16.27 -12.20
N ILE G 270 68.16 -16.16 -13.45
CA ILE G 270 66.92 -16.80 -13.86
C ILE G 270 67.06 -18.31 -13.86
N ARG G 271 68.28 -18.80 -14.11
CA ARG G 271 68.59 -20.19 -14.40
C ARG G 271 67.76 -21.22 -13.64
N ASP G 272 67.59 -21.01 -12.34
CA ASP G 272 66.88 -21.98 -11.52
C ASP G 272 65.41 -22.09 -11.87
N LEU G 273 64.79 -21.06 -12.42
CA LEU G 273 63.37 -21.12 -12.73
C LEU G 273 63.02 -22.33 -13.58
N TYR G 274 63.88 -22.69 -14.52
CA TYR G 274 63.60 -23.74 -15.48
C TYR G 274 63.93 -25.13 -14.95
N GLN G 275 63.94 -25.31 -13.63
CA GLN G 275 63.72 -26.64 -13.10
C GLN G 275 62.33 -27.14 -13.46
N GLN G 276 61.43 -26.22 -13.83
CA GLN G 276 60.08 -26.58 -14.21
C GLN G 276 60.05 -27.66 -15.27
N HIS G 277 60.97 -27.62 -16.23
CA HIS G 277 60.90 -28.47 -17.40
C HIS G 277 61.64 -29.80 -17.21
N HIS G 278 62.12 -30.07 -16.00
CA HIS G 278 62.70 -31.37 -15.64
C HIS G 278 63.83 -31.77 -16.60
N ASN G 279 64.68 -30.80 -16.90
CA ASN G 279 65.82 -31.00 -17.77
C ASN G 279 67.04 -30.39 -17.11
N VAL G 280 68.18 -30.45 -17.80
CA VAL G 280 69.40 -29.90 -17.21
C VAL G 280 69.19 -28.45 -16.88
N ILE G 281 69.54 -28.06 -15.67
CA ILE G 281 69.76 -26.66 -15.35
C ILE G 281 71.16 -26.33 -15.85
N LEU G 282 71.23 -25.31 -16.68
CA LEU G 282 72.22 -25.25 -17.74
C LEU G 282 73.57 -24.71 -17.27
N PRO G 283 74.67 -25.35 -17.67
CA PRO G 283 76.00 -24.85 -17.32
C PRO G 283 76.33 -23.60 -18.11
N ASP G 284 77.24 -22.81 -17.53
CA ASP G 284 77.52 -21.46 -18.02
C ASP G 284 77.97 -21.47 -19.48
N GLU G 285 78.65 -22.53 -19.90
CA GLU G 285 79.18 -22.58 -21.26
C GLU G 285 78.06 -22.51 -22.27
N VAL G 286 77.00 -23.27 -22.04
CA VAL G 286 75.84 -23.23 -22.92
C VAL G 286 75.24 -21.84 -22.92
N LEU G 287 75.22 -21.18 -21.77
CA LEU G 287 74.61 -19.87 -21.69
C LEU G 287 75.37 -18.85 -22.51
N LYS G 288 76.68 -18.77 -22.31
CA LYS G 288 77.48 -17.82 -23.06
C LYS G 288 77.44 -18.15 -24.54
N ALA G 289 77.36 -19.44 -24.89
CA ALA G 289 77.23 -19.80 -26.30
C ALA G 289 75.93 -19.27 -26.88
N ALA G 290 74.84 -19.39 -26.12
CA ALA G 290 73.56 -18.87 -26.59
C ALA G 290 73.63 -17.37 -26.79
N VAL G 291 74.28 -16.68 -25.86
CA VAL G 291 74.44 -15.24 -26.02
C VAL G 291 75.21 -14.93 -27.29
N ASP G 292 76.33 -15.60 -27.48
CA ASP G 292 77.19 -15.31 -28.63
C ASP G 292 76.49 -15.62 -29.95
N TYR G 293 75.59 -16.59 -29.94
CA TYR G 293 74.89 -16.88 -31.18
C TYR G 293 73.75 -15.90 -31.44
N SER G 294 72.95 -15.60 -30.41
CA SER G 294 71.84 -14.70 -30.62
C SER G 294 72.32 -13.30 -30.96
N VAL G 295 73.48 -12.89 -30.45
CA VAL G 295 73.96 -11.55 -30.74
C VAL G 295 74.35 -11.42 -32.21
N GLN G 296 74.94 -12.47 -32.78
CA GLN G 296 75.44 -12.38 -34.14
C GLN G 296 74.45 -12.81 -35.19
N TYR G 297 73.43 -13.58 -34.83
CA TYR G 297 72.49 -14.07 -35.83
C TYR G 297 71.14 -13.38 -35.80
N ILE G 298 70.76 -12.76 -34.69
CA ILE G 298 69.47 -12.07 -34.62
C ILE G 298 69.69 -10.62 -34.20
N PRO G 299 70.30 -9.79 -35.04
CA PRO G 299 70.49 -8.39 -34.66
C PRO G 299 69.19 -7.61 -34.59
N GLN G 300 68.13 -8.07 -35.23
CA GLN G 300 66.91 -7.29 -35.28
C GLN G 300 66.15 -7.28 -33.96
N ARG G 301 66.74 -7.80 -32.89
CA ARG G 301 66.09 -7.78 -31.59
C ARG G 301 67.08 -7.33 -30.52
N SER G 302 66.55 -6.80 -29.43
CA SER G 302 67.37 -6.40 -28.31
C SER G 302 68.00 -7.62 -27.66
N LEU G 303 69.15 -7.41 -27.02
CA LEU G 303 69.89 -8.51 -26.42
C LEU G 303 69.14 -9.21 -25.29
N PRO G 304 68.68 -8.51 -24.24
CA PRO G 304 68.20 -9.23 -23.05
C PRO G 304 67.04 -10.18 -23.32
N ASP G 305 66.08 -9.78 -24.15
CA ASP G 305 64.94 -10.66 -24.39
C ASP G 305 65.31 -11.82 -25.31
N LYS G 306 66.07 -11.55 -26.37
CA LYS G 306 66.37 -12.61 -27.31
C LYS G 306 67.23 -13.69 -26.65
N ALA G 307 68.17 -13.28 -25.81
CA ALA G 307 68.99 -14.28 -25.13
C ALA G 307 68.14 -15.21 -24.27
N ILE G 308 67.12 -14.66 -23.64
CA ILE G 308 66.21 -15.48 -22.83
C ILE G 308 65.36 -16.39 -23.68
N ASP G 309 64.78 -15.84 -24.75
CA ASP G 309 63.87 -16.63 -25.57
C ASP G 309 64.60 -17.79 -26.23
N LEU G 310 65.84 -17.57 -26.66
CA LEU G 310 66.60 -18.66 -27.22
C LEU G 310 66.75 -19.80 -26.22
N VAL G 311 67.08 -19.47 -24.98
CA VAL G 311 67.22 -20.48 -23.95
C VAL G 311 65.88 -21.19 -23.73
N ASP G 312 64.81 -20.42 -23.69
CA ASP G 312 63.50 -21.01 -23.42
C ASP G 312 63.11 -22.03 -24.47
N VAL G 313 63.20 -21.64 -25.75
CA VAL G 313 62.86 -22.58 -26.80
C VAL G 313 63.84 -23.75 -26.81
N THR G 314 65.10 -23.49 -26.47
CA THR G 314 66.07 -24.57 -26.37
C THR G 314 65.59 -25.63 -25.38
N ALA G 315 65.19 -25.19 -24.18
CA ALA G 315 64.72 -26.13 -23.17
C ALA G 315 63.48 -26.86 -23.65
N ALA G 316 62.53 -26.12 -24.22
CA ALA G 316 61.30 -26.75 -24.67
C ALA G 316 61.59 -27.85 -25.67
N HIS G 317 62.49 -27.60 -26.61
CA HIS G 317 62.86 -28.64 -27.56
C HIS G 317 63.57 -29.79 -26.86
N LEU G 318 64.46 -29.47 -25.92
CA LEU G 318 65.18 -30.52 -25.21
C LEU G 318 64.26 -31.36 -24.36
N ALA G 319 63.01 -30.93 -24.14
CA ALA G 319 62.05 -31.86 -23.58
C ALA G 319 61.89 -33.08 -24.46
N ALA G 320 62.29 -32.97 -25.73
CA ALA G 320 62.34 -34.09 -26.66
C ALA G 320 61.00 -34.78 -26.79
N GLN G 321 59.93 -34.07 -26.43
CA GLN G 321 58.58 -34.57 -26.59
C GLN G 321 58.38 -35.89 -25.86
N HIS G 322 59.01 -36.03 -24.69
CA HIS G 322 58.88 -37.26 -23.95
C HIS G 322 57.49 -37.40 -23.33
N PRO G 323 56.97 -38.61 -23.27
CA PRO G 323 55.65 -38.84 -22.71
C PRO G 323 55.71 -38.88 -21.18
N VAL G 324 54.56 -39.13 -20.57
CA VAL G 324 54.45 -39.25 -19.12
C VAL G 324 53.64 -40.48 -18.72
N THR G 325 53.09 -41.22 -19.68
CA THR G 325 52.34 -42.43 -19.36
C THR G 325 53.17 -43.43 -18.57
N ASP G 326 54.48 -43.47 -18.81
CA ASP G 326 55.34 -44.47 -18.17
C ASP G 326 55.37 -44.28 -16.66
N VAL G 327 54.88 -43.14 -16.19
CA VAL G 327 54.62 -42.93 -14.77
C VAL G 327 53.14 -42.75 -14.50
N HIS G 328 52.39 -42.28 -15.49
CA HIS G 328 50.98 -41.98 -15.30
C HIS G 328 50.18 -43.26 -15.01
N ALA G 329 50.56 -44.36 -15.67
CA ALA G 329 49.88 -45.63 -15.42
C ALA G 329 50.00 -46.02 -13.96
N VAL G 330 51.19 -45.89 -13.39
CA VAL G 330 51.37 -46.29 -12.00
C VAL G 330 50.73 -45.27 -11.06
N GLU G 331 50.58 -44.03 -11.50
CA GLU G 331 49.76 -43.12 -10.72
C GLU G 331 48.32 -43.64 -10.62
N ARG G 332 47.78 -44.11 -11.74
CA ARG G 332 46.46 -44.74 -11.69
C ARG G 332 46.46 -45.94 -10.75
N GLU G 333 47.52 -46.73 -10.80
CA GLU G 333 47.61 -47.90 -9.92
C GLU G 333 47.59 -47.47 -8.45
N ILE G 334 48.34 -46.44 -8.11
CA ILE G 334 48.35 -45.94 -6.74
C ILE G 334 46.96 -45.48 -6.35
N GLU G 335 46.24 -44.84 -7.27
CA GLU G 335 44.88 -44.43 -6.96
C GLU G 335 44.00 -45.63 -6.62
N THR G 336 44.06 -46.68 -7.44
CA THR G 336 43.24 -47.85 -7.19
C THR G 336 43.60 -48.51 -5.85
N GLU G 337 44.89 -48.66 -5.59
CA GLU G 337 45.32 -49.27 -4.34
C GLU G 337 44.90 -48.42 -3.16
N LYS G 338 44.93 -47.10 -3.31
CA LYS G 338 44.48 -46.21 -2.25
C LYS G 338 42.99 -46.40 -1.97
N ASP G 339 42.19 -46.57 -3.03
CA ASP G 339 40.77 -46.79 -2.82
C ASP G 339 40.52 -48.10 -2.07
N LYS G 340 41.20 -49.16 -2.47
CA LYS G 340 41.04 -50.44 -1.76
C LYS G 340 41.52 -50.32 -0.31
N GLN G 341 42.58 -49.55 -0.08
CA GLN G 341 43.06 -49.33 1.27
C GLN G 341 42.01 -48.63 2.12
N GLU G 342 41.37 -47.60 1.57
CA GLU G 342 40.30 -46.93 2.30
C GLU G 342 39.16 -47.90 2.58
N LYS G 343 38.81 -48.74 1.61
CA LYS G 343 37.74 -49.70 1.82
C LYS G 343 38.07 -50.64 2.97
N ALA G 344 39.29 -51.18 3.00
CA ALA G 344 39.68 -52.08 4.07
C ALA G 344 39.71 -51.36 5.42
N VAL G 345 40.14 -50.10 5.44
CA VAL G 345 40.10 -49.33 6.68
C VAL G 345 38.67 -49.20 7.16
N GLU G 346 37.72 -49.04 6.24
CA GLU G 346 36.32 -48.99 6.65
C GLU G 346 35.93 -50.25 7.41
N ALA G 347 36.41 -51.41 6.96
CA ALA G 347 36.12 -52.67 7.64
C ALA G 347 37.10 -52.99 8.76
N GLU G 348 38.01 -52.06 9.09
CA GLU G 348 38.91 -52.20 10.23
C GLU G 348 39.76 -53.46 10.16
N ASP G 349 40.19 -53.81 8.96
CA ASP G 349 41.08 -54.95 8.76
C ASP G 349 42.49 -54.39 8.61
N PHE G 350 43.20 -54.34 9.73
CA PHE G 350 44.42 -53.55 9.80
C PHE G 350 45.57 -54.17 9.04
N GLU G 351 45.63 -55.49 8.96
CA GLU G 351 46.70 -56.14 8.19
C GLU G 351 46.61 -55.77 6.71
N ALA G 352 45.39 -55.79 6.15
CA ALA G 352 45.23 -55.45 4.74
C ALA G 352 45.57 -54.00 4.49
N ALA G 353 45.14 -53.11 5.37
CA ALA G 353 45.47 -51.69 5.21
C ALA G 353 46.97 -51.46 5.32
N LEU G 354 47.63 -52.17 6.24
CA LEU G 354 49.08 -52.05 6.35
C LEU G 354 49.77 -52.54 5.08
N ASN G 355 49.32 -53.65 4.52
CA ASN G 355 49.86 -54.13 3.26
C ASN G 355 49.64 -53.12 2.15
N TYR G 356 48.44 -52.52 2.10
CA TYR G 356 48.15 -51.52 1.09
C TYR G 356 49.07 -50.31 1.24
N LYS G 357 49.30 -49.87 2.47
CA LYS G 357 50.19 -48.73 2.68
C LYS G 357 51.62 -49.06 2.26
N THR G 358 52.06 -50.28 2.54
CA THR G 358 53.38 -50.69 2.10
C THR G 358 53.47 -50.68 0.57
N ARG G 359 52.44 -51.17 -0.10
CA ARG G 359 52.44 -51.16 -1.56
C ARG G 359 52.40 -49.74 -2.10
N ILE G 360 51.68 -48.86 -1.41
CA ILE G 360 51.62 -47.46 -1.80
C ILE G 360 53.00 -46.83 -1.71
N ALA G 361 53.71 -47.08 -0.61
CA ALA G 361 55.08 -46.58 -0.50
C ALA G 361 55.95 -47.14 -1.62
N GLU G 362 55.81 -48.44 -1.89
CA GLU G 362 56.57 -49.09 -2.96
C GLU G 362 56.39 -48.33 -4.27
N LEU G 363 55.14 -48.22 -4.73
CA LEU G 363 54.88 -47.57 -6.00
C LEU G 363 55.31 -46.12 -5.98
N GLU G 364 55.15 -45.46 -4.84
CA GLU G 364 55.54 -44.07 -4.73
C GLU G 364 57.03 -43.88 -5.02
N ARG G 365 57.89 -44.64 -4.33
CA ARG G 365 59.31 -44.38 -4.57
C ARG G 365 59.75 -44.93 -5.91
N LYS G 366 59.01 -45.89 -6.47
CA LYS G 366 59.28 -46.25 -7.85
C LYS G 366 59.08 -45.04 -8.76
N ILE G 367 57.92 -44.39 -8.62
CA ILE G 367 57.62 -43.20 -9.41
C ILE G 367 58.66 -42.13 -9.17
N GLU G 368 59.12 -42.00 -7.92
CA GLU G 368 60.21 -41.09 -7.63
C GLU G 368 61.44 -41.43 -8.46
N ASN G 369 61.77 -42.72 -8.55
CA ASN G 369 62.92 -43.13 -9.34
C ASN G 369 62.74 -42.76 -10.80
N HIS G 370 61.56 -43.02 -11.35
CA HIS G 370 61.31 -42.62 -12.74
C HIS G 370 61.40 -41.11 -12.92
N THR G 371 60.93 -40.34 -11.95
CA THR G 371 60.91 -38.89 -12.10
C THR G 371 62.32 -38.34 -12.26
N GLU G 372 63.26 -38.85 -11.48
CA GLU G 372 64.65 -38.43 -11.59
C GLU G 372 65.33 -39.00 -12.83
N ASP G 373 64.63 -39.80 -13.63
CA ASP G 373 65.18 -40.27 -14.90
C ASP G 373 64.98 -39.19 -15.94
N MET G 374 65.63 -38.06 -15.71
CA MET G 374 65.65 -36.93 -16.63
C MET G 374 67.04 -36.80 -17.24
N LYS G 375 67.07 -36.51 -18.53
CA LYS G 375 68.32 -36.33 -19.25
C LYS G 375 68.81 -34.90 -19.01
N VAL G 376 70.07 -34.79 -18.60
CA VAL G 376 70.68 -33.50 -18.34
C VAL G 376 71.81 -33.34 -19.35
N THR G 377 71.49 -32.73 -20.48
CA THR G 377 72.42 -32.57 -21.58
C THR G 377 72.20 -31.19 -22.20
N ALA G 378 72.94 -30.21 -21.68
CA ALA G 378 73.00 -28.91 -22.32
C ALA G 378 74.24 -28.86 -23.22
N SER G 379 74.00 -28.76 -24.51
CA SER G 379 75.08 -28.76 -25.49
C SER G 379 74.96 -27.53 -26.34
N VAL G 380 76.10 -26.93 -26.67
CA VAL G 380 76.12 -25.84 -27.62
C VAL G 380 75.52 -26.29 -28.95
N ASN G 381 75.70 -27.55 -29.31
CA ASN G 381 75.16 -28.07 -30.56
C ASN G 381 73.64 -28.00 -30.59
N ASP G 382 72.99 -28.40 -29.50
CA ASP G 382 71.53 -28.38 -29.44
C ASP G 382 71.00 -26.96 -29.59
N VAL G 383 71.64 -26.01 -28.92
CA VAL G 383 71.32 -24.62 -29.14
C VAL G 383 71.49 -24.27 -30.61
N ALA G 384 72.51 -24.84 -31.24
CA ALA G 384 72.73 -24.55 -32.65
C ALA G 384 71.57 -25.03 -33.52
N GLU G 385 71.09 -26.26 -33.30
CA GLU G 385 69.97 -26.70 -34.14
C GLU G 385 68.72 -25.91 -33.81
N SER G 386 68.58 -25.46 -32.56
CA SER G 386 67.49 -24.56 -32.25
C SER G 386 67.58 -23.29 -33.09
N VAL G 387 68.79 -22.75 -33.23
CA VAL G 387 68.97 -21.58 -34.06
C VAL G 387 68.59 -21.90 -35.50
N GLU G 388 69.04 -23.05 -35.99
CA GLU G 388 68.80 -23.42 -37.37
C GLU G 388 67.30 -23.51 -37.63
N ARG G 389 66.56 -24.01 -36.65
CA ARG G 389 65.11 -24.06 -36.80
C ARG G 389 64.52 -22.67 -36.75
N MET G 390 65.17 -21.78 -35.99
CA MET G 390 64.70 -20.41 -35.92
C MET G 390 64.78 -19.72 -37.28
N THR G 391 65.92 -19.86 -37.96
CA THR G 391 66.19 -19.06 -39.15
C THR G 391 66.33 -19.89 -40.41
N GLY G 392 66.33 -21.21 -40.31
CA GLY G 392 66.45 -22.04 -41.50
C GLY G 392 67.83 -22.10 -42.09
N ILE G 393 68.84 -21.60 -41.40
CA ILE G 393 70.19 -21.50 -41.94
C ILE G 393 71.09 -22.50 -41.23
N PRO G 394 71.49 -23.58 -41.89
CA PRO G 394 72.58 -24.38 -41.34
C PRO G 394 73.84 -23.55 -41.27
N VAL G 395 74.60 -23.75 -40.20
CA VAL G 395 75.81 -22.98 -39.97
C VAL G 395 76.99 -23.92 -40.02
N SER G 396 77.83 -23.75 -41.02
CA SER G 396 79.13 -24.38 -40.94
C SER G 396 80.03 -23.53 -40.04
N GLN G 397 80.99 -24.21 -39.39
CA GLN G 397 81.92 -23.56 -38.46
C GLN G 397 81.18 -22.79 -37.38
N MET G 398 80.29 -23.51 -36.70
CA MET G 398 79.54 -22.92 -35.60
C MET G 398 80.49 -22.48 -34.49
N GLY G 399 80.19 -21.33 -33.89
CA GLY G 399 81.02 -20.75 -32.86
C GLY G 399 82.22 -19.98 -33.36
N ALA G 400 82.38 -19.86 -34.67
CA ALA G 400 83.52 -19.14 -35.23
C ALA G 400 83.50 -17.69 -34.77
N SER G 401 84.68 -17.11 -34.64
CA SER G 401 84.76 -15.72 -34.23
C SER G 401 84.19 -14.82 -35.32
N ASP G 402 83.73 -13.64 -34.90
CA ASP G 402 83.39 -12.61 -35.87
C ASP G 402 84.57 -12.32 -36.78
N ILE G 403 85.79 -12.39 -36.25
CA ILE G 403 86.97 -12.18 -37.09
C ILE G 403 86.99 -13.21 -38.21
N GLU G 404 86.71 -14.46 -37.88
CA GLU G 404 86.58 -15.48 -38.91
C GLU G 404 85.47 -15.14 -39.89
N ARG G 405 84.29 -14.81 -39.38
CA ARG G 405 83.11 -14.69 -40.23
C ARG G 405 83.23 -13.52 -41.19
N LEU G 406 83.71 -12.39 -40.72
CA LEU G 406 83.80 -11.20 -41.55
C LEU G 406 84.76 -11.37 -42.70
N LYS G 407 85.69 -12.31 -42.61
CA LYS G 407 86.55 -12.65 -43.74
C LYS G 407 86.00 -13.80 -44.57
N ASP G 408 85.32 -14.75 -43.93
CA ASP G 408 84.82 -15.91 -44.66
C ASP G 408 83.63 -15.55 -45.53
N MET G 409 82.82 -14.58 -45.10
CA MET G 409 81.71 -14.14 -45.95
C MET G 409 82.20 -13.61 -47.28
N ALA G 410 83.44 -13.13 -47.35
CA ALA G 410 84.00 -12.74 -48.64
C ALA G 410 83.89 -13.87 -49.64
N HIS G 411 84.34 -15.07 -49.27
CA HIS G 411 84.14 -16.22 -50.14
C HIS G 411 82.69 -16.68 -50.18
N ARG G 412 82.00 -16.61 -49.05
CA ARG G 412 80.60 -17.07 -48.99
C ARG G 412 79.78 -16.45 -50.11
N LEU G 413 79.88 -15.13 -50.26
CA LEU G 413 79.27 -14.48 -51.41
C LEU G 413 80.07 -14.69 -52.68
N GLN G 414 81.40 -14.67 -52.59
CA GLN G 414 82.24 -14.81 -53.77
C GLN G 414 81.99 -16.13 -54.49
N ASP G 415 81.80 -17.20 -53.73
CA ASP G 415 81.66 -18.52 -54.31
C ASP G 415 80.22 -18.87 -54.71
N LYS G 416 79.25 -18.05 -54.31
CA LYS G 416 77.90 -18.18 -54.85
C LYS G 416 77.67 -17.27 -56.05
N VAL G 417 78.60 -16.36 -56.31
CA VAL G 417 78.57 -15.53 -57.50
C VAL G 417 79.78 -15.90 -58.34
N ILE G 418 79.90 -15.25 -59.49
CA ILE G 418 80.99 -15.51 -60.42
C ILE G 418 81.74 -14.20 -60.65
N GLY G 419 82.99 -14.15 -60.18
CA GLY G 419 83.82 -12.99 -60.41
C GLY G 419 83.21 -11.72 -59.87
N GLN G 420 83.46 -10.63 -60.59
CA GLN G 420 83.01 -9.29 -60.18
C GLN G 420 83.49 -8.98 -58.77
N ASP G 421 84.75 -9.32 -58.49
CA ASP G 421 85.27 -9.29 -57.13
C ASP G 421 85.27 -7.90 -56.53
N LYS G 422 85.19 -6.85 -57.35
CA LYS G 422 85.18 -5.49 -56.83
C LYS G 422 83.97 -5.26 -55.93
N ALA G 423 82.80 -5.70 -56.39
CA ALA G 423 81.59 -5.56 -55.59
C ALA G 423 81.70 -6.33 -54.29
N VAL G 424 82.24 -7.54 -54.36
CA VAL G 424 82.45 -8.33 -53.14
C VAL G 424 83.33 -7.56 -52.17
N GLU G 425 84.46 -7.04 -52.65
CA GLU G 425 85.38 -6.29 -51.79
C GLU G 425 84.68 -5.12 -51.13
N VAL G 426 84.02 -4.28 -51.93
CA VAL G 426 83.40 -3.07 -51.40
C VAL G 426 82.33 -3.42 -50.39
N VAL G 427 81.43 -4.33 -50.75
CA VAL G 427 80.33 -4.67 -49.86
C VAL G 427 80.86 -5.26 -48.56
N ALA G 428 81.84 -6.16 -48.66
CA ALA G 428 82.36 -6.79 -47.45
C ALA G 428 82.99 -5.78 -46.52
N ARG G 429 83.83 -4.89 -47.06
CA ARG G 429 84.47 -3.91 -46.20
C ARG G 429 83.44 -2.97 -45.56
N ALA G 430 82.46 -2.52 -46.33
CA ALA G 430 81.44 -1.64 -45.77
C ALA G 430 80.67 -2.36 -44.66
N ILE G 431 80.29 -3.60 -44.90
CA ILE G 431 79.56 -4.36 -43.91
C ILE G 431 80.38 -4.51 -42.64
N CYS G 432 81.67 -4.82 -42.79
CA CYS G 432 82.50 -4.96 -41.61
C CYS G 432 82.59 -3.67 -40.83
N ARG G 433 82.74 -2.54 -41.54
CA ARG G 433 82.81 -1.26 -40.86
C ARG G 433 81.55 -0.99 -40.05
N ASN G 434 80.38 -1.21 -40.66
CA ASN G 434 79.15 -1.00 -39.91
C ASN G 434 79.04 -1.97 -38.74
N ARG G 435 79.36 -3.25 -38.97
CA ARG G 435 79.25 -4.25 -37.91
C ARG G 435 80.20 -3.97 -36.77
N ALA G 436 81.45 -3.63 -37.08
CA ALA G 436 82.42 -3.36 -36.02
C ALA G 436 82.19 -2.01 -35.37
N GLY G 437 81.34 -1.16 -35.94
CA GLY G 437 81.09 0.14 -35.37
C GLY G 437 82.22 1.14 -35.55
N PHE G 438 83.08 0.94 -36.54
CA PHE G 438 84.14 1.91 -36.80
C PHE G 438 83.57 3.22 -37.33
N ASP G 439 82.66 3.14 -38.30
CA ASP G 439 82.09 4.33 -38.90
C ASP G 439 81.26 5.09 -37.86
N GLU G 440 81.35 6.41 -37.90
CA GLU G 440 80.50 7.22 -37.06
C GLU G 440 79.05 7.01 -37.42
N GLY G 441 78.17 7.10 -36.42
CA GLY G 441 76.77 6.88 -36.62
C GLY G 441 76.11 8.01 -37.39
N ASN G 442 74.78 8.04 -37.28
CA ASN G 442 73.94 9.07 -37.89
C ASN G 442 74.00 9.02 -39.41
N ARG G 443 74.36 7.87 -39.95
CA ARG G 443 74.33 7.61 -41.39
C ARG G 443 73.70 6.24 -41.61
N PRO G 444 73.02 6.05 -42.73
CA PRO G 444 72.46 4.72 -43.03
C PRO G 444 73.57 3.72 -43.24
N ILE G 445 73.20 2.43 -43.16
CA ILE G 445 74.20 1.37 -43.16
C ILE G 445 75.01 1.39 -44.45
N GLY G 446 74.34 1.48 -45.57
CA GLY G 446 75.03 1.51 -46.85
C GLY G 446 74.08 1.92 -47.93
N ASN G 447 74.63 2.68 -48.88
CA ASN G 447 73.87 3.23 -49.99
C ASN G 447 74.72 3.04 -51.24
N PHE G 448 74.35 2.06 -52.06
CA PHE G 448 75.21 1.69 -53.17
C PHE G 448 74.44 1.64 -54.48
N LEU G 449 75.17 1.90 -55.56
CA LEU G 449 74.62 1.92 -56.90
C LEU G 449 75.29 0.83 -57.72
N PHE G 450 74.52 0.17 -58.57
CA PHE G 450 74.99 -0.92 -59.41
C PHE G 450 74.43 -0.72 -60.80
N VAL G 451 75.31 -0.65 -61.79
CA VAL G 451 74.96 -0.15 -63.12
C VAL G 451 75.46 -1.14 -64.15
N GLY G 452 74.55 -1.73 -64.91
CA GLY G 452 74.92 -2.71 -65.90
C GLY G 452 73.69 -3.35 -66.52
N SER G 453 73.93 -4.41 -67.29
CA SER G 453 72.84 -5.16 -67.91
C SER G 453 72.21 -6.13 -66.92
N THR G 454 71.11 -6.77 -67.34
CA THR G 454 70.36 -7.64 -66.44
C THR G 454 71.02 -9.01 -66.32
N GLY G 455 71.25 -9.68 -67.44
CA GLY G 455 71.75 -11.03 -67.42
C GLY G 455 73.19 -11.12 -66.96
N VAL G 456 73.45 -10.65 -65.75
CA VAL G 456 74.79 -10.67 -65.18
C VAL G 456 74.70 -11.20 -63.76
N GLY G 457 73.58 -11.84 -63.45
CA GLY G 457 73.24 -11.99 -62.05
C GLY G 457 72.97 -10.65 -61.40
N LYS G 458 72.24 -9.77 -62.09
CA LYS G 458 72.07 -8.41 -61.60
C LYS G 458 71.44 -8.38 -60.22
N THR G 459 70.66 -9.39 -59.89
CA THR G 459 69.99 -9.49 -58.61
C THR G 459 70.72 -10.40 -57.63
N GLU G 460 71.94 -10.81 -57.96
CA GLU G 460 72.69 -11.72 -57.09
C GLU G 460 72.82 -11.17 -55.68
N LEU G 461 73.24 -9.92 -55.56
CA LEU G 461 73.35 -9.31 -54.24
C LEU G 461 72.00 -9.03 -53.62
N ALA G 462 70.92 -9.06 -54.40
CA ALA G 462 69.60 -8.96 -53.83
C ALA G 462 69.13 -10.25 -53.17
N LYS G 463 69.66 -11.40 -53.60
CA LYS G 463 69.26 -12.67 -53.03
C LYS G 463 70.28 -13.22 -52.04
N GLN G 464 71.51 -13.48 -52.50
CA GLN G 464 72.50 -14.14 -51.67
C GLN G 464 73.05 -13.23 -50.59
N LEU G 465 73.36 -11.99 -50.94
CA LEU G 465 73.79 -11.04 -49.92
C LEU G 465 72.71 -10.85 -48.88
N ALA G 466 71.46 -10.68 -49.33
CA ALA G 466 70.37 -10.50 -48.37
C ALA G 466 70.25 -11.68 -47.43
N LEU G 467 70.30 -12.89 -47.98
CA LEU G 467 70.12 -14.06 -47.14
C LEU G 467 71.28 -14.20 -46.15
N ASP G 468 72.52 -14.01 -46.61
CA ASP G 468 73.65 -14.13 -45.69
C ASP G 468 73.58 -13.05 -44.62
N MET G 469 73.20 -11.84 -45.00
CA MET G 469 73.03 -10.77 -44.01
C MET G 469 71.98 -11.14 -42.96
N PHE G 470 70.86 -11.72 -43.39
CA PHE G 470 69.71 -11.80 -42.50
C PHE G 470 69.17 -13.20 -42.28
N GLY G 471 69.98 -14.23 -42.49
CA GLY G 471 69.49 -15.59 -42.30
C GLY G 471 68.28 -15.94 -43.15
N THR G 472 67.92 -15.08 -44.09
CA THR G 472 66.84 -15.32 -45.03
C THR G 472 66.90 -14.23 -46.08
N GLN G 473 66.64 -14.62 -47.32
CA GLN G 473 66.53 -13.65 -48.40
C GLN G 473 65.30 -12.76 -48.25
N ASP G 474 64.34 -13.15 -47.43
CA ASP G 474 63.09 -12.39 -47.26
C ASP G 474 63.34 -11.23 -46.29
N ALA G 475 64.28 -10.39 -46.67
CA ALA G 475 64.57 -9.17 -45.92
C ALA G 475 64.74 -7.98 -46.86
N ILE G 476 64.12 -8.01 -48.03
CA ILE G 476 64.28 -6.97 -49.02
C ILE G 476 62.92 -6.58 -49.57
N ILE G 477 62.75 -5.30 -49.85
CA ILE G 477 61.64 -4.79 -50.63
C ILE G 477 62.21 -4.06 -51.84
N ARG G 478 61.74 -4.43 -53.02
CA ARG G 478 62.26 -3.89 -54.26
C ARG G 478 61.17 -3.15 -55.01
N LEU G 479 61.52 -1.95 -55.46
CA LEU G 479 60.69 -1.14 -56.34
C LEU G 479 61.48 -0.81 -57.59
N ASP G 480 60.91 -1.16 -58.75
CA ASP G 480 61.49 -0.82 -60.03
C ASP G 480 61.03 0.60 -60.33
N MET G 481 61.86 1.58 -59.99
CA MET G 481 61.37 2.95 -59.88
C MET G 481 60.86 3.44 -61.22
N SER G 482 61.51 3.05 -62.31
CA SER G 482 61.06 3.48 -63.64
C SER G 482 59.63 3.05 -63.89
N GLU G 483 59.33 1.77 -63.70
CA GLU G 483 57.96 1.30 -63.83
C GLU G 483 57.12 1.70 -62.63
N TYR G 484 57.76 2.01 -61.50
CA TYR G 484 57.03 2.43 -60.31
C TYR G 484 56.17 3.65 -60.59
N SER G 485 56.73 4.66 -61.21
CA SER G 485 56.05 5.94 -61.29
C SER G 485 54.88 5.89 -62.25
N ASP G 486 54.29 7.06 -62.47
CA ASP G 486 53.14 7.22 -63.35
C ASP G 486 53.56 7.94 -64.62
N ARG G 487 53.30 7.31 -65.78
CA ARG G 487 53.65 7.94 -67.04
C ARG G 487 52.43 8.30 -67.90
N THR G 488 51.63 7.32 -68.27
CA THR G 488 50.50 7.53 -69.16
C THR G 488 49.32 6.69 -68.69
N ALA G 489 48.10 7.15 -68.99
CA ALA G 489 46.90 6.53 -68.45
C ALA G 489 46.70 5.17 -69.11
N VAL G 490 47.48 4.20 -68.67
CA VAL G 490 47.44 2.84 -69.18
C VAL G 490 47.15 1.90 -68.01
N SER G 491 46.56 0.75 -68.32
CA SER G 491 46.02 -0.11 -67.27
C SER G 491 47.10 -0.93 -66.59
N LYS G 492 48.18 -0.27 -66.18
CA LYS G 492 49.16 -0.89 -65.30
C LYS G 492 49.51 0.15 -64.24
N LEU G 493 49.08 1.38 -64.46
CA LEU G 493 49.37 2.50 -63.58
C LEU G 493 48.26 3.54 -63.69
N ILE G 494 47.85 4.06 -62.53
CA ILE G 494 46.72 4.97 -62.45
C ILE G 494 47.11 6.21 -61.64
N GLY G 495 46.72 7.39 -62.13
CA GLY G 495 46.90 8.61 -61.37
C GLY G 495 47.96 9.53 -61.92
N THR G 496 48.74 10.15 -61.04
CA THR G 496 49.82 11.03 -61.44
C THR G 496 51.07 10.64 -60.67
N THR G 497 52.23 10.87 -61.31
CA THR G 497 53.49 10.52 -60.67
C THR G 497 53.65 11.23 -59.35
N ALA G 498 53.20 12.49 -59.28
CA ALA G 498 53.12 13.17 -58.00
C ALA G 498 52.36 12.35 -56.98
N GLY G 499 51.18 11.85 -57.33
CA GLY G 499 50.44 11.00 -56.42
C GLY G 499 51.30 9.95 -55.76
N TYR G 500 52.32 9.44 -56.48
CA TYR G 500 53.14 8.39 -55.93
C TYR G 500 53.83 8.78 -54.64
N VAL G 501 54.43 9.98 -54.58
CA VAL G 501 55.07 10.37 -53.34
C VAL G 501 54.04 10.41 -52.21
N GLY G 502 52.82 10.81 -52.54
CA GLY G 502 51.76 10.79 -51.53
C GLY G 502 51.59 9.41 -50.92
N TYR G 503 51.52 8.37 -51.77
CA TYR G 503 51.39 7.03 -51.22
C TYR G 503 52.52 6.74 -50.26
N ASP G 504 53.72 7.20 -50.60
CA ASP G 504 54.89 6.85 -49.81
C ASP G 504 54.85 7.50 -48.44
N ASP G 505 54.04 8.55 -48.28
CA ASP G 505 54.20 9.37 -47.08
C ASP G 505 52.96 9.39 -46.19
N ASN G 506 51.88 8.70 -46.58
CA ASN G 506 50.67 8.68 -45.78
C ASN G 506 50.04 7.29 -45.70
N SER G 507 50.57 6.32 -46.43
CA SER G 507 49.87 5.05 -46.63
C SER G 507 50.77 3.89 -46.25
N ASN G 508 50.14 2.76 -45.90
CA ASN G 508 50.85 1.57 -45.45
C ASN G 508 51.53 0.88 -46.64
N THR G 509 52.43 1.62 -47.28
CA THR G 509 53.17 1.05 -48.39
C THR G 509 54.68 1.21 -48.21
N LEU G 510 55.14 2.35 -47.73
CA LEU G 510 56.57 2.53 -47.57
C LEU G 510 56.96 2.77 -46.13
N THR G 511 56.38 3.79 -45.51
CA THR G 511 56.71 4.10 -44.13
C THR G 511 56.27 3.01 -43.16
N GLU G 512 55.07 2.45 -43.36
CA GLU G 512 54.65 1.33 -42.54
C GLU G 512 55.73 0.27 -42.49
N ARG G 513 56.14 -0.24 -43.66
CA ARG G 513 57.07 -1.36 -43.71
C ARG G 513 58.44 -1.02 -43.13
N VAL G 514 59.03 0.11 -43.51
CA VAL G 514 60.39 0.39 -43.07
C VAL G 514 60.46 0.49 -41.55
N ARG G 515 59.42 1.02 -40.91
CA ARG G 515 59.38 1.06 -39.46
C ARG G 515 59.13 -0.32 -38.86
N ARG G 516 58.55 -1.25 -39.62
CA ARG G 516 58.40 -2.60 -39.13
C ARG G 516 59.69 -3.40 -39.10
N ASN G 517 60.56 -3.22 -40.08
CA ASN G 517 61.81 -3.96 -40.15
C ASN G 517 62.94 -2.97 -40.35
N PRO G 518 63.28 -2.20 -39.32
CA PRO G 518 64.29 -1.14 -39.49
C PRO G 518 65.65 -1.66 -39.92
N TYR G 519 65.80 -2.96 -40.12
CA TYR G 519 67.04 -3.52 -40.65
C TYR G 519 66.92 -3.96 -42.11
N SER G 520 65.71 -3.93 -42.68
CA SER G 520 65.51 -4.49 -44.01
C SER G 520 66.35 -3.75 -45.05
N ILE G 521 66.38 -4.33 -46.25
CA ILE G 521 67.10 -3.78 -47.38
C ILE G 521 66.11 -3.38 -48.44
N ILE G 522 66.29 -2.20 -49.02
CA ILE G 522 65.40 -1.68 -50.04
C ILE G 522 66.19 -1.51 -51.33
N LEU G 523 65.59 -1.95 -52.43
CA LEU G 523 66.23 -2.02 -53.74
C LEU G 523 65.40 -1.21 -54.72
N LEU G 524 66.07 -0.36 -55.49
CA LEU G 524 65.42 0.52 -56.46
C LEU G 524 66.02 0.23 -57.83
N ASP G 525 65.25 -0.45 -58.68
CA ASP G 525 65.73 -0.88 -59.97
C ASP G 525 65.77 0.28 -60.95
N ALA G 526 66.88 0.37 -61.70
CA ALA G 526 66.90 1.15 -62.94
C ALA G 526 66.39 2.57 -62.74
N ILE G 527 67.16 3.42 -62.07
CA ILE G 527 66.60 4.64 -61.51
C ILE G 527 67.01 5.91 -62.25
N GLU G 528 67.29 5.89 -63.55
CA GLU G 528 67.36 7.20 -64.22
C GLU G 528 66.02 7.89 -64.01
N LYS G 529 64.90 7.19 -64.25
CA LYS G 529 64.64 6.36 -65.41
C LYS G 529 63.19 6.63 -65.72
N ALA G 530 62.49 7.05 -64.67
CA ALA G 530 61.07 7.37 -64.79
C ALA G 530 60.86 8.86 -64.74
N ASP G 531 59.58 9.25 -64.74
CA ASP G 531 59.22 10.67 -64.65
C ASP G 531 59.85 11.36 -63.45
N PRO G 532 59.86 10.80 -62.24
CA PRO G 532 60.37 11.55 -61.10
C PRO G 532 61.88 11.64 -61.11
N GLN G 533 62.38 12.85 -60.85
CA GLN G 533 63.81 13.06 -60.58
C GLN G 533 64.02 13.14 -59.07
N VAL G 534 63.71 12.04 -58.41
CA VAL G 534 63.73 12.01 -56.93
C VAL G 534 65.18 11.78 -56.54
N ILE G 535 65.90 12.89 -56.39
CA ILE G 535 67.25 12.87 -55.81
C ILE G 535 67.17 13.50 -54.44
N THR G 536 66.62 14.71 -54.37
CA THR G 536 66.63 15.46 -53.15
C THR G 536 65.71 14.89 -52.07
N LEU G 537 64.55 14.36 -52.45
CA LEU G 537 63.68 13.78 -51.44
C LEU G 537 64.39 12.68 -50.67
N LEU G 538 65.30 11.98 -51.34
CA LEU G 538 66.08 10.94 -50.68
C LEU G 538 67.21 11.51 -49.84
N LEU G 539 67.74 12.68 -50.18
CA LEU G 539 68.89 13.22 -49.48
C LEU G 539 68.68 13.28 -47.98
N GLN G 540 67.44 13.48 -47.54
CA GLN G 540 67.15 13.51 -46.11
C GLN G 540 67.69 12.27 -45.41
N VAL G 541 67.35 11.08 -45.92
CA VAL G 541 68.00 9.90 -45.38
C VAL G 541 69.46 9.85 -45.82
N LEU G 542 69.73 10.20 -47.08
CA LEU G 542 71.08 10.08 -47.61
C LEU G 542 72.04 10.96 -46.82
N ASP G 543 71.52 11.92 -46.08
CA ASP G 543 72.33 12.66 -45.14
C ASP G 543 72.34 12.01 -43.77
N ASP G 544 71.15 11.79 -43.18
CA ASP G 544 71.09 11.46 -41.77
C ASP G 544 70.12 10.34 -41.42
N GLY G 545 69.38 9.80 -42.38
CA GLY G 545 68.49 8.70 -42.12
C GLY G 545 67.19 9.08 -41.45
N ARG G 546 67.02 10.33 -41.06
CA ARG G 546 65.77 10.82 -40.50
C ARG G 546 64.98 11.48 -41.61
N LEU G 547 63.78 10.99 -41.87
CA LEU G 547 63.01 11.54 -42.98
C LEU G 547 61.54 11.61 -42.60
N THR G 548 60.92 12.75 -42.90
CA THR G 548 59.57 13.04 -42.47
C THR G 548 58.53 12.35 -43.34
N ASP G 549 57.37 12.10 -42.76
CA ASP G 549 56.28 11.48 -43.49
C ASP G 549 55.30 12.56 -43.93
N GLY G 550 54.15 12.12 -44.46
CA GLY G 550 53.08 13.05 -44.79
C GLY G 550 52.30 13.55 -43.59
N GLN G 551 52.69 13.15 -42.39
CA GLN G 551 52.08 13.67 -41.17
C GLN G 551 53.07 14.41 -40.29
N GLY G 552 54.31 14.56 -40.74
CA GLY G 552 55.33 15.21 -39.94
C GLY G 552 56.17 14.26 -39.11
N ASN G 553 55.74 13.02 -38.91
CA ASN G 553 56.55 12.07 -38.17
C ASN G 553 57.80 11.74 -38.95
N THR G 554 58.92 11.66 -38.25
CA THR G 554 60.19 11.30 -38.86
C THR G 554 60.47 9.83 -38.60
N VAL G 555 60.95 9.15 -39.62
CA VAL G 555 61.37 7.76 -39.51
C VAL G 555 62.87 7.70 -39.63
N ASN G 556 63.50 6.91 -38.79
CA ASN G 556 64.93 6.68 -38.83
C ASN G 556 65.22 5.60 -39.86
N PHE G 557 66.34 5.76 -40.55
CA PHE G 557 66.83 4.76 -41.49
C PHE G 557 68.22 4.29 -41.14
N LYS G 558 68.53 4.26 -39.84
CA LYS G 558 69.90 4.01 -39.40
C LYS G 558 70.39 2.64 -39.80
N ASN G 559 69.53 1.62 -39.66
CA ASN G 559 69.97 0.24 -39.79
C ASN G 559 69.53 -0.41 -41.09
N THR G 560 69.26 0.38 -42.12
CA THR G 560 68.82 -0.16 -43.39
C THR G 560 69.90 0.00 -44.46
N VAL G 561 69.73 -0.74 -45.54
CA VAL G 561 70.60 -0.69 -46.70
C VAL G 561 69.77 -0.30 -47.90
N ILE G 562 70.29 0.61 -48.71
CA ILE G 562 69.65 1.05 -49.94
C ILE G 562 70.56 0.69 -51.10
N ILE G 563 70.03 -0.09 -52.04
CA ILE G 563 70.76 -0.48 -53.23
C ILE G 563 69.91 -0.09 -54.43
N ALA G 564 70.51 0.62 -55.37
CA ALA G 564 69.81 1.06 -56.56
C ALA G 564 70.62 0.68 -57.80
N THR G 565 69.92 0.48 -58.92
CA THR G 565 70.52 -0.06 -60.12
C THR G 565 70.31 0.89 -61.30
N SER G 566 71.03 0.62 -62.38
CA SER G 566 70.98 1.47 -63.57
C SER G 566 71.56 0.70 -64.76
N ASN G 567 71.61 1.36 -65.91
CA ASN G 567 72.05 0.78 -67.17
C ASN G 567 73.45 1.31 -67.49
N ALA G 568 74.40 0.40 -67.69
CA ALA G 568 75.76 0.76 -68.07
C ALA G 568 76.02 0.61 -69.56
N GLY G 569 75.02 0.76 -70.39
CA GLY G 569 75.11 0.31 -71.77
C GLY G 569 74.95 -1.19 -71.84
N PHE G 570 75.09 -1.71 -73.06
CA PHE G 570 74.89 -3.14 -73.28
C PHE G 570 75.60 -3.56 -74.57
N GLY G 571 76.18 -4.75 -74.52
CA GLY G 571 76.78 -5.33 -75.70
C GLY G 571 75.78 -6.22 -76.42
N TYR G 572 76.15 -7.49 -76.64
CA TYR G 572 77.48 -7.97 -76.30
C TYR G 572 78.10 -8.60 -77.53
N GLU G 573 79.38 -8.29 -77.76
CA GLU G 573 80.07 -8.70 -78.99
C GLU G 573 81.16 -9.76 -78.87
N ALA G 574 81.31 -10.54 -77.77
CA ALA G 574 80.58 -10.49 -76.50
C ALA G 574 81.28 -9.54 -75.54
N ASN G 575 82.58 -9.77 -75.34
CA ASN G 575 83.39 -8.95 -74.45
C ASN G 575 84.17 -7.88 -75.19
N LEU G 576 84.04 -7.78 -76.51
CA LEU G 576 84.79 -6.78 -77.26
C LEU G 576 84.26 -5.37 -76.98
N THR G 577 82.98 -5.24 -76.67
CA THR G 577 82.40 -3.96 -76.26
C THR G 577 81.75 -4.03 -74.89
N GLU G 578 82.11 -5.02 -74.06
CA GLU G 578 81.57 -5.09 -72.71
C GLU G 578 82.06 -3.91 -71.87
N ASP G 579 83.28 -3.43 -72.12
CA ASP G 579 83.83 -2.28 -71.41
C ASP G 579 84.94 -1.68 -72.28
N ALA G 580 84.68 -0.51 -72.85
CA ALA G 580 85.66 0.13 -73.73
C ALA G 580 86.61 1.03 -72.96
N ASP G 581 86.09 1.82 -72.02
CA ASP G 581 86.92 2.69 -71.19
C ASP G 581 86.10 3.11 -69.98
N LYS G 582 86.82 3.61 -68.96
CA LYS G 582 86.15 4.05 -67.73
C LYS G 582 85.19 5.22 -67.98
N PRO G 583 85.56 6.28 -68.70
CA PRO G 583 84.58 7.36 -68.93
C PRO G 583 83.53 7.03 -69.97
N GLU G 584 83.76 5.99 -70.80
CA GLU G 584 82.70 5.42 -71.65
C GLU G 584 81.44 5.14 -70.85
N LEU G 585 81.57 5.12 -69.53
CA LEU G 585 80.43 5.02 -68.63
C LEU G 585 80.04 6.36 -68.01
N MET G 586 80.89 6.97 -67.19
CA MET G 586 80.43 8.12 -66.42
C MET G 586 80.01 9.27 -67.31
N ASP G 587 80.77 9.52 -68.39
CA ASP G 587 80.48 10.67 -69.22
C ASP G 587 79.10 10.55 -69.84
N ARG G 588 78.71 9.33 -70.22
CA ARG G 588 77.35 9.07 -70.63
C ARG G 588 76.39 9.24 -69.47
N LEU G 589 76.75 8.74 -68.29
CA LEU G 589 75.85 8.85 -67.14
C LEU G 589 75.74 10.27 -66.62
N LYS G 590 76.66 11.17 -67.00
CA LYS G 590 76.50 12.55 -66.56
C LYS G 590 75.18 13.17 -67.03
N PRO G 591 74.79 13.08 -68.30
CA PRO G 591 73.40 13.45 -68.65
C PRO G 591 72.37 12.46 -68.16
N PHE G 592 72.77 11.27 -67.72
CA PHE G 592 71.82 10.26 -67.26
C PHE G 592 71.60 10.33 -65.76
N PHE G 593 72.67 10.33 -64.98
CA PHE G 593 72.60 10.48 -63.53
C PHE G 593 73.21 11.82 -63.15
N ARG G 594 72.48 12.57 -62.34
CA ARG G 594 72.96 13.87 -61.90
C ARG G 594 74.22 13.71 -61.07
N PRO G 595 75.27 14.50 -61.32
CA PRO G 595 76.53 14.31 -60.60
C PRO G 595 76.39 14.38 -59.09
N GLU G 596 75.51 15.25 -58.59
CA GLU G 596 75.29 15.31 -57.15
C GLU G 596 74.73 14.01 -56.60
N PHE G 597 73.76 13.41 -57.28
CA PHE G 597 73.22 12.13 -56.83
C PHE G 597 74.28 11.05 -56.86
N LEU G 598 75.22 11.14 -57.80
CA LEU G 598 76.38 10.27 -57.80
C LEU G 598 77.22 10.48 -56.55
N ASN G 599 77.54 11.73 -56.22
CA ASN G 599 78.45 12.03 -55.13
C ASN G 599 77.91 11.65 -53.77
N ARG G 600 76.61 11.36 -53.65
CA ARG G 600 76.00 11.00 -52.38
C ARG G 600 76.25 9.56 -51.99
N PHE G 601 76.69 8.71 -52.90
CA PHE G 601 76.72 7.29 -52.61
C PHE G 601 78.03 6.87 -51.99
N ASN G 602 77.98 5.78 -51.22
CA ASN G 602 79.18 5.15 -50.73
C ASN G 602 80.03 4.63 -51.88
N ALA G 603 79.41 4.04 -52.89
CA ALA G 603 80.11 3.57 -54.08
C ALA G 603 79.11 3.18 -55.15
N VAL G 604 79.62 3.14 -56.39
CA VAL G 604 78.92 2.58 -57.53
C VAL G 604 79.78 1.48 -58.11
N ILE G 605 79.14 0.40 -58.55
CA ILE G 605 79.80 -0.75 -59.14
C ILE G 605 79.07 -1.04 -60.45
N GLU G 606 79.73 -1.74 -61.36
CA GLU G 606 79.15 -1.96 -62.68
C GLU G 606 79.06 -3.46 -62.99
N PHE G 607 78.15 -3.77 -63.90
CA PHE G 607 77.97 -5.12 -64.43
C PHE G 607 78.33 -5.11 -65.92
N SER G 608 79.61 -5.26 -66.20
CA SER G 608 80.08 -5.40 -67.58
C SER G 608 80.41 -6.83 -67.95
N HIS G 609 80.05 -7.78 -67.10
CA HIS G 609 80.68 -9.10 -67.14
C HIS G 609 79.81 -10.09 -67.91
N LEU G 610 80.31 -10.53 -69.07
CA LEU G 610 79.62 -11.54 -69.87
C LEU G 610 80.62 -12.14 -70.83
N THR G 611 80.94 -13.42 -70.67
CA THR G 611 82.02 -14.06 -71.40
C THR G 611 81.63 -15.51 -71.65
N LYS G 612 82.62 -16.37 -71.89
CA LYS G 612 82.37 -17.79 -72.12
C LYS G 612 83.22 -18.73 -71.28
N GLU G 613 84.44 -18.35 -70.92
CA GLU G 613 85.31 -19.26 -70.19
C GLU G 613 84.87 -19.47 -68.75
N ASP G 614 84.30 -18.45 -68.12
CA ASP G 614 83.90 -18.51 -66.73
C ASP G 614 82.49 -19.02 -66.57
N LEU G 615 81.83 -19.39 -67.67
CA LEU G 615 80.43 -19.75 -67.66
C LEU G 615 80.22 -21.23 -67.47
N SER G 616 81.27 -22.04 -67.51
CA SER G 616 81.15 -23.42 -67.08
C SER G 616 80.79 -23.51 -65.61
N LYS G 617 81.28 -22.55 -64.82
CA LYS G 617 81.01 -22.56 -63.39
C LYS G 617 79.52 -22.41 -63.12
N ILE G 618 78.87 -21.49 -63.81
CA ILE G 618 77.43 -21.39 -63.66
C ILE G 618 76.76 -22.65 -64.19
N VAL G 619 77.38 -23.30 -65.19
CA VAL G 619 76.82 -24.53 -65.73
C VAL G 619 76.72 -25.59 -64.65
N ASP G 620 77.81 -25.85 -63.93
CA ASP G 620 77.71 -26.88 -62.90
C ASP G 620 76.90 -26.38 -61.71
N LEU G 621 76.75 -25.06 -61.57
CA LEU G 621 75.81 -24.57 -60.56
C LEU G 621 74.39 -25.01 -60.88
N MET G 622 73.92 -24.77 -62.10
CA MET G 622 72.60 -25.27 -62.46
C MET G 622 72.54 -26.79 -62.43
N LEU G 623 73.62 -27.47 -62.80
CA LEU G 623 73.60 -28.92 -62.70
C LEU G 623 73.40 -29.36 -61.26
N ALA G 624 74.03 -28.65 -60.33
CA ALA G 624 73.84 -28.91 -58.92
C ALA G 624 72.39 -28.73 -58.52
N GLU G 625 71.76 -27.63 -58.93
CA GLU G 625 70.37 -27.45 -58.51
C GLU G 625 69.47 -28.48 -59.17
N VAL G 626 69.80 -28.90 -60.39
CA VAL G 626 69.02 -29.93 -61.05
C VAL G 626 69.05 -31.22 -60.26
N ASN G 627 70.24 -31.66 -59.88
CA ASN G 627 70.32 -32.89 -59.09
C ASN G 627 69.68 -32.70 -57.72
N GLN G 628 69.77 -31.49 -57.16
CA GLN G 628 69.06 -31.19 -55.93
C GLN G 628 67.56 -31.39 -56.08
N THR G 629 67.00 -30.87 -57.16
CA THR G 629 65.57 -31.04 -57.43
C THR G 629 65.25 -32.51 -57.60
N LEU G 630 66.09 -33.24 -58.32
CA LEU G 630 65.87 -34.66 -58.52
C LEU G 630 65.90 -35.43 -57.21
N ALA G 631 66.65 -34.92 -56.23
CA ALA G 631 66.79 -35.64 -54.96
C ALA G 631 65.44 -35.86 -54.29
N LYS G 632 64.43 -35.05 -54.64
CA LYS G 632 63.10 -35.26 -54.08
C LYS G 632 62.56 -36.64 -54.42
N LYS G 633 62.87 -37.14 -55.62
CA LYS G 633 62.40 -38.46 -56.05
C LYS G 633 63.51 -39.50 -56.01
N ASP G 634 64.59 -39.24 -55.26
CA ASP G 634 65.67 -40.20 -55.08
C ASP G 634 66.37 -40.50 -56.40
N ILE G 635 66.48 -39.49 -57.26
CA ILE G 635 67.01 -39.64 -58.60
C ILE G 635 68.31 -38.86 -58.70
N ASP G 636 69.34 -39.48 -59.25
CA ASP G 636 70.63 -38.84 -59.46
C ASP G 636 70.95 -38.83 -60.94
N LEU G 637 71.32 -37.65 -61.45
CA LEU G 637 71.70 -37.50 -62.85
C LEU G 637 73.19 -37.21 -62.93
N VAL G 638 73.86 -37.86 -63.87
CA VAL G 638 75.27 -37.60 -64.15
C VAL G 638 75.35 -36.91 -65.51
N VAL G 639 76.25 -35.95 -65.62
CA VAL G 639 76.42 -35.15 -66.83
C VAL G 639 77.85 -35.31 -67.33
N SER G 640 77.98 -35.63 -68.61
CA SER G 640 79.31 -35.73 -69.22
C SER G 640 79.88 -34.34 -69.48
N GLN G 641 81.22 -34.28 -69.51
CA GLN G 641 81.88 -33.01 -69.81
C GLN G 641 81.56 -32.52 -71.20
N ALA G 642 81.49 -33.44 -72.18
CA ALA G 642 81.14 -33.04 -73.54
C ALA G 642 79.75 -32.44 -73.58
N ALA G 643 78.82 -33.00 -72.80
CA ALA G 643 77.51 -32.39 -72.67
C ALA G 643 77.62 -30.97 -72.13
N LYS G 644 78.50 -30.77 -71.14
CA LYS G 644 78.69 -29.43 -70.61
C LYS G 644 79.19 -28.48 -71.69
N ASP G 645 80.15 -28.93 -72.48
CA ASP G 645 80.70 -28.08 -73.53
C ASP G 645 79.63 -27.73 -74.55
N TYR G 646 78.82 -28.71 -74.94
CA TYR G 646 77.74 -28.43 -75.89
C TYR G 646 76.71 -27.49 -75.30
N ILE G 647 76.35 -27.66 -74.03
CA ILE G 647 75.40 -26.76 -73.40
C ILE G 647 75.94 -25.34 -73.41
N THR G 648 77.21 -25.18 -73.02
CA THR G 648 77.83 -23.86 -73.07
C THR G 648 77.72 -23.26 -74.46
N GLU G 649 78.09 -24.04 -75.48
CA GLU G 649 78.04 -23.52 -76.84
C GLU G 649 76.61 -23.14 -77.23
N GLU G 650 75.63 -23.92 -76.77
CA GLU G 650 74.24 -23.58 -77.02
C GLU G 650 73.87 -22.26 -76.38
N GLY G 651 74.16 -22.09 -75.10
CA GLY G 651 73.83 -20.89 -74.38
C GLY G 651 74.69 -19.71 -74.69
N TYR G 652 75.76 -19.89 -75.47
CA TYR G 652 76.62 -18.76 -75.79
C TYR G 652 76.01 -17.92 -76.89
N ASP G 653 74.75 -17.51 -76.70
CA ASP G 653 74.19 -16.38 -77.43
C ASP G 653 74.67 -15.14 -76.69
N GLU G 654 75.99 -15.00 -76.64
CA GLU G 654 76.64 -14.01 -75.79
C GLU G 654 76.44 -12.62 -76.38
N VAL G 655 75.18 -12.19 -76.37
CA VAL G 655 74.81 -10.88 -76.88
C VAL G 655 74.15 -9.99 -75.84
N MET G 656 73.43 -10.55 -74.86
CA MET G 656 72.82 -9.74 -73.82
C MET G 656 73.13 -10.25 -72.42
N GLY G 657 73.10 -11.56 -72.21
CA GLY G 657 73.24 -12.08 -70.87
C GLY G 657 73.11 -13.60 -70.84
N VAL G 658 72.84 -14.11 -69.63
CA VAL G 658 72.91 -15.54 -69.36
C VAL G 658 71.54 -16.17 -69.18
N ARG G 659 70.46 -15.47 -69.52
CA ARG G 659 69.15 -16.10 -69.46
C ARG G 659 69.05 -17.32 -70.37
N PRO G 660 69.46 -17.27 -71.65
CA PRO G 660 69.44 -18.49 -72.45
C PRO G 660 70.35 -19.57 -71.93
N LEU G 661 71.38 -19.22 -71.16
CA LEU G 661 72.24 -20.25 -70.59
C LEU G 661 71.45 -21.15 -69.66
N ARG G 662 70.58 -20.59 -68.83
CA ARG G 662 69.60 -21.37 -68.09
C ARG G 662 68.56 -21.99 -69.00
N ARG G 663 68.13 -21.24 -70.02
CA ARG G 663 67.01 -21.67 -70.84
C ARG G 663 67.31 -22.98 -71.56
N VAL G 664 68.54 -23.16 -72.03
CA VAL G 664 68.88 -24.34 -72.82
C VAL G 664 68.78 -25.63 -72.02
N VAL G 665 68.87 -25.57 -70.70
CA VAL G 665 68.56 -26.71 -69.85
C VAL G 665 67.24 -26.55 -69.13
N GLU G 666 66.54 -25.44 -69.35
CA GLU G 666 65.31 -25.15 -68.63
C GLU G 666 64.27 -26.23 -68.85
N GLN G 667 64.26 -26.82 -70.04
CA GLN G 667 63.32 -27.87 -70.37
C GLN G 667 63.95 -29.08 -71.02
N GLU G 668 65.08 -28.90 -71.72
CA GLU G 668 65.63 -29.97 -72.53
C GLU G 668 66.05 -31.16 -71.67
N ILE G 669 66.68 -30.88 -70.53
CA ILE G 669 67.06 -31.95 -69.63
C ILE G 669 65.82 -32.60 -69.04
N ARG G 670 64.90 -31.78 -68.54
CA ARG G 670 63.74 -32.31 -67.82
C ARG G 670 62.75 -32.95 -68.78
N ASP G 671 62.76 -32.55 -70.05
CA ASP G 671 61.93 -33.25 -71.03
C ASP G 671 62.39 -34.70 -71.22
N LYS G 672 63.69 -34.92 -71.33
CA LYS G 672 64.21 -36.28 -71.37
C LYS G 672 63.88 -37.02 -70.07
N VAL G 673 64.06 -36.34 -68.93
CA VAL G 673 63.78 -36.96 -67.64
C VAL G 673 62.33 -37.39 -67.56
N THR G 674 61.44 -36.63 -68.19
CA THR G 674 60.04 -37.00 -68.23
C THR G 674 59.86 -38.40 -68.79
N ASP G 675 60.43 -38.66 -69.96
CA ASP G 675 60.26 -39.97 -70.59
C ASP G 675 61.02 -41.06 -69.85
N PHE G 676 62.21 -40.75 -69.35
CA PHE G 676 62.93 -41.77 -68.59
C PHE G 676 62.21 -42.13 -67.31
N HIS G 677 61.42 -41.20 -66.76
CA HIS G 677 60.67 -41.50 -65.54
C HIS G 677 59.51 -42.45 -65.80
N LEU G 678 59.07 -42.58 -67.05
CA LEU G 678 58.10 -43.60 -67.38
C LEU G 678 58.61 -45.00 -67.11
N ASP G 679 59.93 -45.16 -67.03
CA ASP G 679 60.56 -46.37 -66.57
C ASP G 679 60.43 -46.43 -65.04
N HIS G 680 60.54 -47.61 -64.40
CA HIS G 680 61.33 -48.81 -64.73
C HIS G 680 62.76 -48.36 -64.80
N LEU G 681 63.10 -47.46 -63.89
CA LEU G 681 64.26 -46.59 -64.03
C LEU G 681 65.26 -46.83 -62.92
N ASP G 682 66.53 -46.99 -63.30
CA ASP G 682 67.65 -46.96 -62.36
C ASP G 682 67.99 -45.51 -62.12
N ALA G 683 67.42 -44.94 -61.05
CA ALA G 683 67.64 -43.52 -60.77
C ALA G 683 69.10 -43.21 -60.52
N LYS G 684 69.89 -44.20 -60.06
CA LYS G 684 71.30 -44.01 -59.78
C LYS G 684 72.13 -43.96 -61.05
N HIS G 685 71.65 -44.55 -62.15
CA HIS G 685 72.45 -44.79 -63.33
C HIS G 685 72.38 -43.66 -64.36
N LEU G 686 71.42 -42.75 -64.23
CA LEU G 686 71.17 -41.79 -65.29
C LEU G 686 72.39 -40.92 -65.56
N GLU G 687 73.03 -41.17 -66.70
CA GLU G 687 74.17 -40.38 -67.14
C GLU G 687 73.85 -39.80 -68.51
N ALA G 688 74.07 -38.49 -68.64
CA ALA G 688 73.72 -37.76 -69.85
C ALA G 688 74.97 -37.45 -70.66
N ASP G 689 74.90 -37.70 -71.98
CA ASP G 689 75.96 -37.35 -72.91
C ASP G 689 75.33 -36.79 -74.18
N MET G 690 76.17 -36.53 -75.16
CA MET G 690 75.82 -35.77 -76.35
C MET G 690 76.10 -36.57 -77.61
N GLU G 691 75.09 -36.63 -78.49
CA GLU G 691 75.23 -37.26 -79.80
C GLU G 691 74.76 -36.25 -80.82
N ASP G 692 75.69 -35.50 -81.40
CA ASP G 692 75.39 -34.58 -82.50
C ASP G 692 74.34 -33.55 -82.07
N GLY G 693 74.50 -33.03 -80.86
CA GLY G 693 73.56 -32.06 -80.34
C GLY G 693 72.30 -32.67 -79.75
N VAL G 694 72.22 -33.98 -79.63
CA VAL G 694 71.04 -34.63 -79.06
C VAL G 694 71.41 -35.23 -77.71
N LEU G 695 70.58 -34.94 -76.70
CA LEU G 695 70.83 -35.44 -75.35
C LEU G 695 70.49 -36.92 -75.28
N VAL G 696 71.44 -37.72 -74.82
CA VAL G 696 71.28 -39.16 -74.73
C VAL G 696 71.65 -39.59 -73.32
N ILE G 697 70.69 -40.15 -72.60
CA ILE G 697 70.88 -40.52 -71.20
C ILE G 697 70.72 -42.03 -71.07
N ARG G 698 71.60 -42.64 -70.27
CA ARG G 698 71.47 -44.04 -69.94
C ARG G 698 71.52 -44.21 -68.43
N LEU H 76 15.83 -28.90 28.95
CA LEU H 76 15.22 -28.73 30.26
C LEU H 76 15.16 -27.25 30.59
N ALA H 77 15.68 -26.90 31.77
CA ALA H 77 15.95 -25.51 32.13
C ALA H 77 14.71 -24.63 31.97
N LYS H 78 13.55 -25.20 32.26
CA LYS H 78 12.29 -24.47 32.20
C LYS H 78 11.59 -24.64 33.54
N LEU H 79 11.71 -23.63 34.39
CA LEU H 79 11.12 -23.65 35.73
C LEU H 79 11.57 -24.87 36.51
N GLY H 80 12.84 -25.22 36.37
CA GLY H 80 13.34 -26.40 37.04
C GLY H 80 14.83 -26.54 36.88
N ARG H 81 15.35 -27.61 37.47
CA ARG H 81 16.79 -27.85 37.48
C ARG H 81 17.10 -29.32 37.31
N ASN H 82 18.10 -29.62 36.50
CA ASN H 82 18.57 -30.99 36.33
C ASN H 82 19.57 -31.30 37.42
N LEU H 83 19.14 -32.08 38.41
CA LEU H 83 20.05 -32.47 39.49
C LEU H 83 21.13 -33.43 39.01
N THR H 84 20.82 -34.29 38.03
CA THR H 84 21.83 -35.19 37.52
C THR H 84 22.97 -34.43 36.86
N ALA H 85 22.64 -33.36 36.15
CA ALA H 85 23.68 -32.56 35.51
C ALA H 85 24.65 -32.00 36.53
N GLU H 86 24.14 -31.46 37.64
CA GLU H 86 25.01 -31.00 38.71
C GLU H 86 25.80 -32.15 39.31
N ALA H 87 25.16 -33.32 39.42
CA ALA H 87 25.82 -34.48 40.00
C ALA H 87 27.04 -34.87 39.20
N ARG H 88 26.93 -34.85 37.87
CA ARG H 88 28.08 -35.19 37.03
C ARG H 88 29.25 -34.28 37.32
N GLU H 89 28.97 -33.01 37.60
CA GLU H 89 30.00 -32.01 37.82
C GLU H 89 30.65 -32.13 39.19
N GLY H 90 30.09 -32.95 40.09
CA GLY H 90 30.60 -33.00 41.44
C GLY H 90 30.26 -31.78 42.26
N LYS H 91 29.22 -31.05 41.88
CA LYS H 91 28.83 -29.82 42.56
C LYS H 91 27.96 -30.07 43.79
N LEU H 92 27.68 -31.32 44.11
CA LEU H 92 26.70 -31.66 45.13
C LEU H 92 27.37 -32.36 46.30
N ASP H 93 26.94 -31.99 47.51
CA ASP H 93 27.59 -32.50 48.71
C ASP H 93 27.31 -33.99 48.87
N PRO H 94 28.25 -34.75 49.42
CA PRO H 94 27.98 -36.16 49.69
C PRO H 94 26.90 -36.33 50.74
N VAL H 95 25.97 -37.24 50.46
CA VAL H 95 24.87 -37.54 51.38
C VAL H 95 25.31 -38.66 52.30
N ILE H 96 25.13 -38.46 53.60
CA ILE H 96 25.79 -39.26 54.62
C ILE H 96 24.75 -39.99 55.46
N GLY H 97 24.96 -41.28 55.68
CA GLY H 97 24.18 -42.03 56.64
C GLY H 97 22.79 -42.41 56.22
N ARG H 98 22.48 -42.34 54.94
CA ARG H 98 21.12 -42.59 54.48
C ARG H 98 21.01 -43.90 53.70
N ASN H 99 21.91 -44.85 53.94
CA ASN H 99 22.16 -45.90 52.98
C ASN H 99 20.91 -46.62 52.50
N LYS H 100 20.29 -47.44 53.35
CA LYS H 100 19.19 -48.23 52.83
C LYS H 100 18.05 -47.34 52.37
N GLU H 101 17.75 -46.30 53.15
CA GLU H 101 16.64 -45.44 52.85
C GLU H 101 16.71 -44.89 51.44
N ILE H 102 17.91 -44.73 50.88
CA ILE H 102 17.93 -44.21 49.52
C ILE H 102 17.69 -45.31 48.51
N GLN H 103 18.44 -46.40 48.64
CA GLN H 103 18.43 -47.39 47.57
C GLN H 103 17.22 -48.30 47.68
N GLU H 104 16.62 -48.37 48.87
CA GLU H 104 15.28 -48.93 48.99
C GLU H 104 14.33 -48.25 48.01
N ALA H 105 14.51 -46.95 47.77
CA ALA H 105 13.67 -46.24 46.82
C ALA H 105 13.73 -46.89 45.44
N SER H 106 14.93 -47.30 45.01
CA SER H 106 15.04 -47.97 43.73
C SER H 106 14.14 -49.19 43.65
N GLU H 107 13.94 -49.87 44.77
CA GLU H 107 13.12 -51.07 44.78
C GLU H 107 11.69 -50.79 44.38
N ILE H 108 11.26 -49.53 44.41
CA ILE H 108 9.96 -49.15 43.88
C ILE H 108 10.05 -48.78 42.41
N LEU H 109 11.07 -48.01 42.04
CA LEU H 109 11.15 -47.48 40.69
C LEU H 109 11.35 -48.59 39.66
N SER H 110 12.00 -49.67 40.04
CA SER H 110 12.33 -50.73 39.11
C SER H 110 11.10 -51.48 38.60
N ARG H 111 9.94 -51.26 39.21
CA ARG H 111 8.76 -52.00 38.81
C ARG H 111 8.14 -51.42 37.54
N ARG H 112 7.39 -52.26 36.83
CA ARG H 112 6.69 -51.81 35.63
C ARG H 112 5.50 -50.93 35.98
N THR H 113 4.73 -51.30 37.00
CA THR H 113 3.68 -50.46 37.54
C THR H 113 3.93 -50.27 39.02
N LYS H 114 3.01 -49.53 39.66
CA LYS H 114 3.10 -49.25 41.09
C LYS H 114 4.50 -48.73 41.43
N ASN H 115 4.81 -47.58 40.87
CA ASN H 115 6.18 -47.10 40.78
C ASN H 115 6.28 -45.60 41.05
N ASN H 116 5.58 -45.13 42.08
CA ASN H 116 5.54 -43.72 42.43
C ASN H 116 5.80 -43.59 43.92
N PRO H 117 7.06 -43.63 44.33
CA PRO H 117 7.38 -43.52 45.75
C PRO H 117 7.39 -42.07 46.21
N VAL H 118 6.86 -41.86 47.41
CA VAL H 118 6.90 -40.56 48.06
C VAL H 118 7.52 -40.73 49.44
N LEU H 119 8.39 -39.79 49.79
CA LEU H 119 9.08 -39.81 51.08
C LEU H 119 8.19 -39.10 52.09
N VAL H 120 7.92 -39.77 53.21
CA VAL H 120 7.01 -39.25 54.22
C VAL H 120 7.78 -39.01 55.50
N GLY H 121 7.50 -37.90 56.16
CA GLY H 121 8.14 -37.60 57.43
C GLY H 121 8.04 -36.12 57.72
N ASP H 122 8.52 -35.76 58.90
CA ASP H 122 8.47 -34.36 59.32
C ASP H 122 9.59 -33.57 58.65
N ALA H 123 9.41 -32.25 58.63
CA ALA H 123 10.36 -31.36 57.98
C ALA H 123 11.64 -31.24 58.80
N GLY H 124 12.65 -30.63 58.19
CA GLY H 124 13.92 -30.46 58.86
C GLY H 124 14.65 -31.74 59.13
N VAL H 125 14.52 -32.73 58.26
CA VAL H 125 15.15 -34.03 58.45
C VAL H 125 16.06 -34.40 57.29
N GLY H 126 16.50 -33.43 56.50
CA GLY H 126 17.20 -33.75 55.29
C GLY H 126 16.33 -34.45 54.27
N LYS H 127 15.10 -33.99 54.11
CA LYS H 127 14.16 -34.71 53.26
C LYS H 127 14.64 -34.79 51.83
N THR H 128 15.05 -33.67 51.25
CA THR H 128 15.58 -33.71 49.90
C THR H 128 16.91 -34.43 49.82
N ALA H 129 17.73 -34.34 50.87
CA ALA H 129 19.05 -34.95 50.85
C ALA H 129 18.98 -36.39 50.35
N VAL H 130 17.87 -37.08 50.59
CA VAL H 130 17.69 -38.42 50.06
C VAL H 130 17.73 -38.41 48.54
N VAL H 131 17.00 -37.49 47.91
CA VAL H 131 16.94 -37.54 46.45
C VAL H 131 18.25 -37.06 45.85
N GLU H 132 18.92 -36.07 46.46
CA GLU H 132 20.24 -35.77 45.93
C GLU H 132 21.18 -36.97 46.06
N GLY H 133 21.11 -37.68 47.18
CA GLY H 133 21.90 -38.89 47.30
C GLY H 133 21.55 -39.92 46.25
N LEU H 134 20.27 -39.98 45.88
CA LEU H 134 19.87 -40.89 44.81
C LEU H 134 20.54 -40.52 43.50
N ALA H 135 20.56 -39.23 43.17
CA ALA H 135 21.23 -38.79 41.96
C ALA H 135 22.72 -39.12 42.02
N GLN H 136 23.33 -38.91 43.19
CA GLN H 136 24.73 -39.25 43.37
C GLN H 136 24.98 -40.71 43.09
N ALA H 137 24.12 -41.59 43.62
CA ALA H 137 24.28 -43.02 43.39
C ALA H 137 24.09 -43.37 41.93
N ILE H 138 23.11 -42.74 41.27
CA ILE H 138 22.88 -43.00 39.85
C ILE H 138 24.14 -42.71 39.06
N VAL H 139 24.75 -41.56 39.31
CA VAL H 139 26.03 -41.25 38.67
C VAL H 139 27.06 -42.29 39.08
N ASN H 140 27.00 -42.73 40.33
CA ASN H 140 27.97 -43.66 40.89
C ASN H 140 27.84 -45.06 40.33
N GLY H 141 26.76 -45.38 39.63
CA GLY H 141 26.54 -46.74 39.23
C GLY H 141 26.16 -47.66 40.36
N ASP H 142 25.56 -47.11 41.42
CA ASP H 142 25.13 -47.93 42.56
C ASP H 142 23.77 -48.57 42.33
N VAL H 143 22.94 -47.96 41.48
CA VAL H 143 21.55 -48.37 41.34
C VAL H 143 21.47 -49.70 40.61
N PRO H 144 20.33 -50.39 40.67
CA PRO H 144 20.11 -51.52 39.77
C PRO H 144 19.87 -51.04 38.34
N ALA H 145 19.96 -51.99 37.42
CA ALA H 145 20.02 -51.65 35.99
C ALA H 145 18.76 -50.97 35.50
N ALA H 146 17.67 -51.06 36.25
CA ALA H 146 16.38 -50.57 35.76
C ALA H 146 16.40 -49.07 35.47
N ILE H 147 17.20 -48.31 36.20
CA ILE H 147 17.15 -46.87 36.11
C ILE H 147 18.48 -46.27 35.66
N LYS H 148 19.29 -47.06 34.95
CA LYS H 148 20.60 -46.58 34.56
C LYS H 148 20.50 -45.34 33.67
N ASN H 149 19.58 -45.36 32.71
CA ASN H 149 19.59 -44.39 31.63
C ASN H 149 18.73 -43.17 31.91
N LYS H 150 18.24 -43.01 33.12
CA LYS H 150 17.32 -41.93 33.42
C LYS H 150 18.05 -40.78 34.09
N GLU H 151 17.37 -39.64 34.14
CA GLU H 151 17.84 -38.49 34.89
C GLU H 151 16.68 -37.90 35.67
N ILE H 152 17.01 -37.04 36.63
CA ILE H 152 16.05 -36.48 37.57
C ILE H 152 16.04 -34.97 37.42
N VAL H 153 14.85 -34.40 37.30
CA VAL H 153 14.69 -32.96 37.26
C VAL H 153 13.75 -32.54 38.38
N SER H 154 14.17 -31.54 39.15
CA SER H 154 13.34 -30.98 40.19
C SER H 154 12.61 -29.77 39.65
N ILE H 155 11.36 -29.61 40.07
CA ILE H 155 10.49 -28.60 39.49
C ILE H 155 9.97 -27.66 40.58
N ASP H 156 10.07 -26.36 40.31
CA ASP H 156 9.45 -25.31 41.11
C ASP H 156 7.95 -25.33 40.82
N ILE H 157 7.23 -26.14 41.60
CA ILE H 157 5.77 -26.16 41.47
C ILE H 157 5.18 -24.80 41.81
N SER H 158 5.55 -24.25 42.97
CA SER H 158 4.93 -23.03 43.47
C SER H 158 5.12 -21.84 42.54
N GLY H 159 6.24 -21.79 41.83
CA GLY H 159 6.50 -20.71 40.90
C GLY H 159 6.07 -20.96 39.47
N LEU H 160 5.31 -22.02 39.21
CA LEU H 160 4.96 -22.31 37.82
C LEU H 160 4.18 -21.18 37.18
N GLU H 161 3.19 -20.62 37.87
CA GLU H 161 2.43 -19.51 37.30
C GLU H 161 3.29 -18.29 37.05
N ALA H 162 4.48 -18.23 37.65
CA ALA H 162 5.39 -17.13 37.35
C ALA H 162 5.88 -17.16 35.91
N GLY H 163 5.90 -18.33 35.27
CA GLY H 163 6.42 -18.43 33.94
C GLY H 163 5.48 -18.02 32.83
N THR H 164 4.26 -17.61 33.16
CA THR H 164 3.26 -17.30 32.15
C THR H 164 2.31 -16.23 32.68
N GLN H 165 1.55 -15.63 31.75
CA GLN H 165 0.66 -14.55 32.11
C GLN H 165 -0.79 -15.01 32.24
N TYR H 166 -1.21 -15.96 31.41
CA TYR H 166 -2.59 -16.40 31.37
C TYR H 166 -2.66 -17.87 31.75
N ARG H 167 -3.63 -18.21 32.59
CA ARG H 167 -3.68 -19.54 33.17
C ARG H 167 -4.11 -20.59 32.15
N GLY H 168 -4.82 -20.18 31.09
CA GLY H 168 -5.01 -21.09 29.96
C GLY H 168 -3.69 -21.37 29.26
N SER H 169 -2.91 -20.33 29.00
CA SER H 169 -1.55 -20.51 28.52
C SER H 169 -0.73 -21.31 29.52
N PHE H 170 -1.00 -21.11 30.81
CA PHE H 170 -0.33 -21.90 31.84
C PHE H 170 -0.62 -23.38 31.67
N GLU H 171 -1.89 -23.74 31.51
CA GLU H 171 -2.25 -25.13 31.34
C GLU H 171 -1.65 -25.69 30.06
N GLU H 172 -1.61 -24.89 29.00
CA GLU H 172 -0.97 -25.35 27.78
C GLU H 172 0.50 -25.64 28.01
N ASN H 173 1.19 -24.76 28.74
CA ASN H 173 2.58 -25.02 29.07
C ASN H 173 2.72 -26.27 29.93
N VAL H 174 1.78 -26.47 30.85
CA VAL H 174 1.81 -27.65 31.71
C VAL H 174 1.73 -28.93 30.89
N GLN H 175 0.76 -28.99 29.98
CA GLN H 175 0.66 -30.17 29.12
C GLN H 175 1.88 -30.26 28.21
N ASN H 176 2.46 -29.12 27.84
CA ASN H 176 3.69 -29.14 27.07
C ASN H 176 4.81 -29.83 27.83
N LEU H 177 4.71 -29.88 29.17
CA LEU H 177 5.66 -30.67 29.92
C LEU H 177 5.54 -32.14 29.59
N VAL H 178 4.31 -32.67 29.64
CA VAL H 178 4.09 -34.05 29.22
C VAL H 178 4.59 -34.25 27.80
N ASN H 179 4.35 -33.25 26.94
CA ASN H 179 4.90 -33.29 25.59
C ASN H 179 6.41 -33.46 25.63
N GLU H 180 7.09 -32.73 26.50
CA GLU H 180 8.51 -32.94 26.70
C GLU H 180 8.79 -34.30 27.33
N VAL H 181 7.87 -34.78 28.16
CA VAL H 181 8.13 -36.05 28.83
C VAL H 181 7.74 -37.16 27.88
N LYS H 182 8.60 -37.41 26.90
CA LYS H 182 8.50 -38.55 26.02
C LYS H 182 9.84 -39.17 25.74
N GLU H 183 10.92 -38.62 26.28
CA GLU H 183 12.28 -39.04 25.95
C GLU H 183 12.67 -40.25 26.79
N ALA H 184 12.17 -41.40 26.37
CA ALA H 184 12.49 -42.71 26.94
C ALA H 184 12.20 -42.78 28.44
N GLY H 185 11.42 -41.84 28.96
CA GLY H 185 11.24 -41.76 30.39
C GLY H 185 12.51 -41.42 31.13
N ASN H 186 13.56 -41.01 30.41
CA ASN H 186 14.82 -40.64 31.02
C ASN H 186 14.67 -39.46 31.97
N ILE H 187 13.57 -38.73 31.84
CA ILE H 187 13.25 -37.62 32.72
C ILE H 187 12.35 -38.18 33.82
N ILE H 188 12.66 -37.81 35.06
CA ILE H 188 11.85 -38.16 36.22
C ILE H 188 11.60 -36.89 37.01
N LEU H 189 10.34 -36.61 37.29
CA LEU H 189 9.96 -35.34 37.92
C LEU H 189 10.05 -35.49 39.42
N PHE H 190 10.64 -34.49 40.08
CA PHE H 190 10.68 -34.41 41.52
C PHE H 190 10.05 -33.12 41.99
N PHE H 191 9.37 -33.19 43.13
CA PHE H 191 8.73 -32.05 43.74
C PHE H 191 8.95 -32.11 45.24
N ASP H 192 8.43 -31.11 45.94
CA ASP H 192 8.60 -31.04 47.39
C ASP H 192 7.30 -30.72 48.11
N ALA H 193 6.21 -30.43 47.39
CA ALA H 193 4.95 -30.09 48.02
C ALA H 193 3.83 -30.76 47.23
N ILE H 194 3.48 -31.99 47.63
CA ILE H 194 2.50 -32.76 46.87
C ILE H 194 1.13 -32.13 46.99
N HIS H 195 0.78 -31.62 48.17
CA HIS H 195 -0.44 -30.85 48.33
C HIS H 195 -0.50 -29.66 47.40
N GLN H 196 0.64 -29.01 47.14
CA GLN H 196 0.70 -27.95 46.14
C GLN H 196 0.58 -28.47 44.73
N ILE H 197 0.78 -29.76 44.51
CA ILE H 197 0.51 -30.37 43.23
C ILE H 197 -0.97 -30.72 43.08
N LEU H 198 -1.56 -31.29 44.14
CA LEU H 198 -2.95 -31.69 44.10
C LEU H 198 -3.82 -30.44 44.19
N GLY H 199 -3.83 -29.70 43.08
CA GLY H 199 -4.62 -28.49 42.95
C GLY H 199 -5.65 -28.61 41.82
N ALA H 200 -5.80 -27.56 41.03
CA ALA H 200 -6.69 -27.57 39.86
C ALA H 200 -8.13 -27.86 40.28
N GLY H 201 -8.36 -27.91 41.59
CA GLY H 201 -9.64 -28.25 42.14
C GLY H 201 -9.67 -28.10 43.66
N SER H 202 -10.75 -28.59 44.26
CA SER H 202 -10.94 -28.45 45.71
C SER H 202 -10.43 -29.70 46.42
N THR H 203 -9.16 -30.01 46.19
CA THR H 203 -8.49 -31.04 46.97
C THR H 203 -8.08 -30.56 48.34
N GLY H 204 -7.99 -29.25 48.54
CA GLY H 204 -7.60 -28.70 49.83
C GLY H 204 -7.99 -27.25 49.91
N GLY H 205 -8.53 -26.88 51.06
CA GLY H 205 -9.07 -25.55 51.18
C GLY H 205 -10.39 -25.42 50.44
N ASP H 206 -10.69 -24.19 50.03
CA ASP H 206 -11.92 -23.89 49.31
C ASP H 206 -11.78 -23.98 47.80
N SER H 207 -10.64 -23.57 47.25
CA SER H 207 -10.44 -23.54 45.81
C SER H 207 -8.96 -23.74 45.51
N GLY H 208 -8.62 -23.65 44.23
CA GLY H 208 -7.23 -23.76 43.83
C GLY H 208 -7.06 -23.38 42.37
N SER H 209 -5.83 -23.08 42.01
CA SER H 209 -5.50 -22.77 40.63
C SER H 209 -5.25 -24.05 39.85
N LYS H 210 -5.36 -23.94 38.53
CA LYS H 210 -5.12 -25.10 37.67
C LYS H 210 -3.69 -25.60 37.83
N GLY H 211 -3.55 -26.92 37.80
CA GLY H 211 -2.24 -27.53 37.92
C GLY H 211 -2.24 -28.91 37.31
N LEU H 212 -1.25 -29.71 37.71
CA LEU H 212 -1.12 -31.06 37.17
C LEU H 212 -2.34 -31.92 37.43
N ALA H 213 -3.16 -31.57 38.42
CA ALA H 213 -4.22 -32.46 38.85
C ALA H 213 -5.11 -32.85 37.69
N ASP H 214 -5.64 -31.88 36.96
CA ASP H 214 -6.55 -32.16 35.87
C ASP H 214 -5.86 -32.88 34.72
N ILE H 215 -4.54 -32.95 34.73
CA ILE H 215 -3.77 -33.66 33.72
C ILE H 215 -3.15 -34.93 34.27
N LEU H 216 -2.69 -34.90 35.52
CA LEU H 216 -1.97 -36.06 36.06
C LEU H 216 -2.88 -37.26 36.25
N LYS H 217 -4.13 -37.02 36.69
CA LYS H 217 -5.01 -38.09 37.12
C LYS H 217 -5.10 -39.18 36.06
N PRO H 218 -5.28 -38.83 34.78
CA PRO H 218 -5.11 -39.85 33.75
C PRO H 218 -3.66 -40.25 33.53
N ALA H 219 -2.75 -39.28 33.41
CA ALA H 219 -1.39 -39.60 33.01
C ALA H 219 -0.75 -40.61 33.94
N LEU H 220 -0.92 -40.43 35.25
CA LEU H 220 -0.40 -41.40 36.20
C LEU H 220 -1.11 -42.73 36.09
N SER H 221 -2.44 -42.69 35.93
CA SER H 221 -3.18 -43.92 35.66
C SER H 221 -2.66 -44.61 34.41
N ARG H 222 -2.50 -43.87 33.31
CA ARG H 222 -1.93 -44.45 32.11
C ARG H 222 -0.41 -44.42 32.08
N GLY H 223 0.24 -44.32 33.23
CA GLY H 223 1.66 -44.67 33.33
C GLY H 223 2.60 -43.72 32.64
N GLU H 224 2.13 -42.53 32.30
CA GLU H 224 2.97 -41.56 31.60
C GLU H 224 4.15 -41.07 32.43
N LEU H 225 3.95 -40.81 33.70
CA LEU H 225 4.94 -40.10 34.48
C LEU H 225 5.45 -40.98 35.61
N THR H 226 6.60 -40.60 36.15
CA THR H 226 7.05 -41.12 37.44
C THR H 226 7.49 -39.95 38.29
N VAL H 227 6.81 -39.73 39.40
CA VAL H 227 7.11 -38.62 40.29
C VAL H 227 7.62 -39.18 41.60
N ILE H 228 8.30 -38.34 42.36
CA ILE H 228 8.89 -38.75 43.63
C ILE H 228 8.61 -37.69 44.68
N GLY H 229 7.75 -38.00 45.63
CA GLY H 229 7.56 -37.17 46.80
C GLY H 229 7.16 -35.73 46.48
N ALA H 230 7.23 -34.89 47.50
CA ALA H 230 7.56 -35.30 48.86
C ALA H 230 6.72 -34.46 49.82
N THR H 231 6.44 -35.00 51.01
CA THR H 231 5.59 -34.29 51.94
C THR H 231 5.65 -34.86 53.35
N THR H 232 4.76 -34.38 54.22
CA THR H 232 4.74 -34.74 55.62
C THR H 232 3.69 -35.81 55.91
N GLN H 233 3.68 -36.27 57.15
CA GLN H 233 2.79 -37.35 57.57
C GLN H 233 1.33 -36.98 57.42
N ASP H 234 0.95 -35.83 57.94
CA ASP H 234 -0.46 -35.42 58.01
C ASP H 234 -0.99 -35.06 56.63
N GLU H 235 -0.19 -34.35 55.82
CA GLU H 235 -0.52 -34.20 54.41
C GLU H 235 -0.83 -35.53 53.76
N TYR H 236 -0.02 -36.55 54.06
CA TYR H 236 -0.21 -37.86 53.44
C TYR H 236 -1.56 -38.46 53.79
N ARG H 237 -1.88 -38.53 55.09
CA ARG H 237 -3.15 -39.18 55.41
C ARG H 237 -4.35 -38.32 55.02
N ASN H 238 -4.17 -37.01 54.92
CA ASN H 238 -5.32 -36.16 54.67
C ASN H 238 -5.62 -36.00 53.19
N THR H 239 -4.61 -36.09 52.33
CA THR H 239 -4.82 -35.84 50.92
C THR H 239 -4.64 -37.06 50.03
N ILE H 240 -3.65 -37.90 50.33
CA ILE H 240 -3.27 -38.96 49.41
C ILE H 240 -4.17 -40.17 49.54
N LEU H 241 -4.45 -40.60 50.77
CA LEU H 241 -5.23 -41.81 51.00
C LEU H 241 -6.70 -41.64 50.69
N LYS H 242 -7.09 -40.49 50.13
CA LYS H 242 -8.50 -40.23 49.86
C LYS H 242 -8.87 -40.37 48.40
N ASN H 243 -7.91 -40.24 47.49
CA ASN H 243 -8.16 -40.45 46.07
C ASN H 243 -7.69 -41.85 45.70
N ALA H 244 -8.64 -42.73 45.41
CA ALA H 244 -8.30 -44.11 45.08
C ALA H 244 -7.40 -44.19 43.86
N ALA H 245 -7.47 -43.18 42.99
CA ALA H 245 -6.60 -43.20 41.81
C ALA H 245 -5.14 -43.22 42.19
N LEU H 246 -4.74 -42.39 43.15
CA LEU H 246 -3.37 -42.45 43.64
C LEU H 246 -3.07 -43.75 44.37
N ALA H 247 -4.08 -44.34 44.99
CA ALA H 247 -3.86 -45.55 45.77
C ALA H 247 -3.31 -46.68 44.92
N ARG H 248 -3.70 -46.74 43.65
CA ARG H 248 -3.28 -47.82 42.77
C ARG H 248 -2.04 -47.45 41.96
N ARG H 249 -1.39 -46.35 42.30
CA ARG H 249 -0.12 -45.99 41.68
C ARG H 249 0.99 -45.63 42.66
N PHE H 250 0.66 -45.20 43.88
CA PHE H 250 1.65 -44.58 44.74
C PHE H 250 2.09 -45.51 45.85
N ASN H 251 3.27 -45.21 46.39
CA ASN H 251 3.84 -45.94 47.50
C ASN H 251 4.54 -44.94 48.40
N GLU H 252 4.83 -45.36 49.63
CA GLU H 252 5.36 -44.46 50.63
C GLU H 252 6.59 -45.06 51.28
N VAL H 253 7.54 -44.20 51.62
CA VAL H 253 8.77 -44.60 52.28
C VAL H 253 8.98 -43.73 53.51
N LYS H 254 9.16 -44.36 54.66
CA LYS H 254 9.30 -43.66 55.92
C LYS H 254 10.68 -43.03 56.05
N VAL H 255 10.73 -41.85 56.65
CA VAL H 255 11.97 -41.14 56.90
C VAL H 255 12.00 -40.71 58.36
N ASN H 256 13.15 -40.90 59.01
CA ASN H 256 13.32 -40.55 60.41
C ASN H 256 14.63 -39.82 60.62
N ALA H 257 14.65 -38.92 61.59
CA ALA H 257 15.88 -38.22 61.91
C ALA H 257 16.90 -39.19 62.52
N PRO H 258 18.17 -39.01 62.20
CA PRO H 258 19.19 -39.93 62.70
C PRO H 258 19.60 -39.62 64.13
N SER H 259 20.49 -40.47 64.65
CA SER H 259 20.96 -40.34 66.02
C SER H 259 22.11 -39.35 66.10
N ALA H 260 22.58 -39.13 67.33
CA ALA H 260 23.61 -38.14 67.55
C ALA H 260 24.99 -38.73 67.34
N GLU H 261 25.17 -39.50 66.27
CA GLU H 261 26.48 -39.79 65.72
C GLU H 261 26.59 -39.36 64.28
N ASN H 262 25.63 -39.77 63.46
CA ASN H 262 25.56 -39.34 62.07
C ASN H 262 25.39 -37.83 61.96
N THR H 263 24.60 -37.25 62.85
CA THR H 263 24.50 -35.80 62.92
C THR H 263 25.86 -35.18 63.14
N PHE H 264 26.64 -35.77 64.03
CA PHE H 264 27.99 -35.29 64.28
C PHE H 264 28.82 -35.36 63.02
N LYS H 265 28.67 -36.44 62.25
CA LYS H 265 29.38 -36.59 61.00
C LYS H 265 29.00 -35.50 60.01
N ILE H 266 27.70 -35.27 59.85
CA ILE H 266 27.23 -34.26 58.91
C ILE H 266 27.77 -32.90 59.31
N LEU H 267 27.74 -32.60 60.60
CA LEU H 267 28.26 -31.32 61.05
C LEU H 267 29.74 -31.21 60.76
N GLN H 268 30.48 -32.30 60.98
CA GLN H 268 31.90 -32.29 60.63
C GLN H 268 32.08 -31.99 59.16
N GLY H 269 31.23 -32.55 58.32
CA GLY H 269 31.31 -32.27 56.90
C GLY H 269 31.08 -30.81 56.59
N ILE H 270 30.04 -30.22 57.18
CA ILE H 270 29.71 -28.83 56.89
C ILE H 270 30.79 -27.90 57.43
N ARG H 271 31.45 -28.30 58.51
CA ARG H 271 32.32 -27.48 59.34
C ARG H 271 33.14 -26.44 58.58
N ASP H 272 33.75 -26.85 57.48
CA ASP H 272 34.63 -25.97 56.72
C ASP H 272 33.89 -24.80 56.08
N LEU H 273 32.59 -24.93 55.79
CA LEU H 273 31.87 -23.86 55.13
C LEU H 273 32.01 -22.54 55.89
N TYR H 274 32.00 -22.59 57.21
CA TYR H 274 32.00 -21.40 58.04
C TYR H 274 33.38 -20.83 58.28
N GLN H 275 34.33 -21.11 57.40
CA GLN H 275 35.47 -20.21 57.27
C GLN H 275 35.01 -18.83 56.81
N GLN H 276 33.80 -18.75 56.24
CA GLN H 276 33.25 -17.49 55.77
C GLN H 276 33.30 -16.41 56.83
N HIS H 277 33.05 -16.77 58.09
CA HIS H 277 32.86 -15.80 59.14
C HIS H 277 34.15 -15.44 59.86
N HIS H 278 35.30 -15.93 59.38
CA HIS H 278 36.62 -15.54 59.87
C HIS H 278 36.73 -15.73 61.38
N ASN H 279 36.24 -16.87 61.84
CA ASN H 279 36.30 -17.23 63.25
C ASN H 279 36.79 -18.66 63.36
N VAL H 280 36.86 -19.18 64.58
CA VAL H 280 37.36 -20.54 64.76
C VAL H 280 36.51 -21.49 63.96
N ILE H 281 37.16 -22.35 63.19
CA ILE H 281 36.51 -23.55 62.68
C ILE H 281 36.54 -24.56 63.82
N LEU H 282 35.36 -25.06 64.16
CA LEU H 282 35.06 -25.44 65.53
C LEU H 282 35.55 -26.86 65.87
N PRO H 283 36.17 -27.02 67.04
CA PRO H 283 36.58 -28.36 67.47
C PRO H 283 35.40 -29.20 67.88
N ASP H 284 35.59 -30.52 67.79
CA ASP H 284 34.50 -31.47 67.92
C ASP H 284 33.78 -31.34 69.25
N GLU H 285 34.50 -30.95 70.30
CA GLU H 285 33.90 -30.86 71.62
C GLU H 285 32.75 -29.86 71.63
N VAL H 286 32.99 -28.70 71.03
CA VAL H 286 31.94 -27.69 70.93
C VAL H 286 30.75 -28.24 70.14
N LEU H 287 31.04 -29.02 69.09
CA LEU H 287 29.96 -29.53 68.26
C LEU H 287 29.08 -30.50 69.03
N LYS H 288 29.69 -31.48 69.68
CA LYS H 288 28.90 -32.44 70.45
C LYS H 288 28.17 -31.75 71.59
N ALA H 289 28.79 -30.72 72.16
CA ALA H 289 28.10 -29.96 73.21
C ALA H 289 26.85 -29.28 72.66
N ALA H 290 26.96 -28.69 71.46
CA ALA H 290 25.81 -28.06 70.85
C ALA H 290 24.71 -29.07 70.59
N VAL H 291 25.09 -30.26 70.11
CA VAL H 291 24.10 -31.30 69.90
C VAL H 291 23.41 -31.65 71.20
N ASP H 292 24.19 -31.88 72.26
CA ASP H 292 23.62 -32.31 73.53
C ASP H 292 22.72 -31.24 74.13
N TYR H 293 23.01 -29.98 73.85
CA TYR H 293 22.14 -28.94 74.39
C TYR H 293 20.87 -28.78 73.57
N SER H 294 20.99 -28.75 72.25
CA SER H 294 19.80 -28.57 71.42
C SER H 294 18.85 -29.74 71.56
N VAL H 295 19.37 -30.95 71.79
CA VAL H 295 18.48 -32.10 71.90
C VAL H 295 17.65 -32.01 73.17
N GLN H 296 18.22 -31.51 74.26
CA GLN H 296 17.52 -31.50 75.54
C GLN H 296 16.74 -30.23 75.79
N TYR H 297 17.07 -29.14 75.12
CA TYR H 297 16.39 -27.87 75.41
C TYR H 297 15.40 -27.45 74.33
N ILE H 298 15.53 -27.96 73.10
CA ILE H 298 14.60 -27.60 72.05
C ILE H 298 13.99 -28.85 71.45
N PRO H 299 13.15 -29.58 72.19
CA PRO H 299 12.53 -30.77 71.61
C PRO H 299 11.53 -30.47 70.52
N GLN H 300 11.01 -29.26 70.46
CA GLN H 300 9.96 -28.96 69.49
C GLN H 300 10.47 -28.85 68.06
N ARG H 301 11.73 -29.21 67.81
CA ARG H 301 12.27 -29.17 66.47
C ARG H 301 13.04 -30.45 66.18
N SER H 302 13.15 -30.79 64.91
CA SER H 302 13.93 -31.95 64.49
C SER H 302 15.40 -31.73 64.79
N LEU H 303 16.11 -32.83 64.99
CA LEU H 303 17.53 -32.74 65.34
C LEU H 303 18.39 -32.10 64.27
N PRO H 304 18.40 -32.59 63.01
CA PRO H 304 19.43 -32.12 62.06
C PRO H 304 19.42 -30.62 61.83
N ASP H 305 18.25 -30.02 61.69
CA ASP H 305 18.24 -28.58 61.42
C ASP H 305 18.58 -27.76 62.65
N LYS H 306 18.03 -28.13 63.81
CA LYS H 306 18.29 -27.33 64.99
C LYS H 306 19.76 -27.36 65.37
N ALA H 307 20.40 -28.52 65.24
CA ALA H 307 21.82 -28.59 65.56
C ALA H 307 22.62 -27.63 64.69
N ILE H 308 22.25 -27.52 63.42
CA ILE H 308 22.94 -26.61 62.53
C ILE H 308 22.67 -25.15 62.87
N ASP H 309 21.40 -24.83 63.11
CA ASP H 309 21.04 -23.44 63.37
C ASP H 309 21.69 -22.93 64.65
N LEU H 310 21.78 -23.79 65.66
CA LEU H 310 22.47 -23.37 66.88
C LEU H 310 23.91 -22.99 66.58
N VAL H 311 24.60 -23.82 65.80
CA VAL H 311 25.97 -23.52 65.44
C VAL H 311 26.05 -22.21 64.66
N ASP H 312 25.13 -22.03 63.73
CA ASP H 312 25.15 -20.84 62.88
C ASP H 312 25.02 -19.56 63.71
N VAL H 313 24.01 -19.51 64.57
CA VAL H 313 23.83 -18.32 65.40
C VAL H 313 25.00 -18.18 66.36
N THR H 314 25.55 -19.30 66.83
CA THR H 314 26.73 -19.24 67.68
C THR H 314 27.85 -18.50 66.98
N ALA H 315 28.15 -18.88 65.74
CA ALA H 315 29.22 -18.23 65.00
C ALA H 315 28.90 -16.76 64.77
N ALA H 316 27.67 -16.46 64.38
CA ALA H 316 27.32 -15.07 64.12
C ALA H 316 27.54 -14.21 65.35
N HIS H 317 27.15 -14.70 66.52
CA HIS H 317 27.40 -13.95 67.74
C HIS H 317 28.89 -13.86 68.02
N LEU H 318 29.62 -14.95 67.81
CA LEU H 318 31.06 -14.93 68.05
C LEU H 318 31.78 -13.99 67.11
N ALA H 319 31.13 -13.52 66.05
CA ALA H 319 31.70 -12.41 65.32
C ALA H 319 31.90 -11.21 66.22
N ALA H 320 31.20 -11.16 67.36
CA ALA H 320 31.38 -10.16 68.39
C ALA H 320 31.22 -8.75 67.84
N GLN H 321 30.54 -8.64 66.70
CA GLN H 321 30.22 -7.34 66.11
C GLN H 321 31.49 -6.53 65.87
N HIS H 322 32.55 -7.19 65.45
CA HIS H 322 33.80 -6.49 65.21
C HIS H 322 33.72 -5.66 63.94
N PRO H 323 34.34 -4.50 63.93
CA PRO H 323 34.32 -3.63 62.75
C PRO H 323 35.33 -4.10 61.71
N VAL H 324 35.41 -3.35 60.61
CA VAL H 324 36.36 -3.62 59.55
C VAL H 324 37.10 -2.36 59.10
N THR H 325 36.78 -1.21 59.68
CA THR H 325 37.48 0.03 59.35
C THR H 325 38.97 -0.07 59.59
N ASP H 326 39.38 -0.85 60.59
CA ASP H 326 40.79 -0.93 60.96
C ASP H 326 41.62 -1.52 59.84
N VAL H 327 40.96 -2.11 58.86
CA VAL H 327 41.60 -2.51 57.62
C VAL H 327 41.05 -1.74 56.43
N HIS H 328 39.82 -1.25 56.54
CA HIS H 328 39.17 -0.57 55.43
C HIS H 328 39.88 0.74 55.11
N ALA H 329 40.34 1.45 56.13
CA ALA H 329 41.08 2.68 55.91
C ALA H 329 42.31 2.44 55.05
N VAL H 330 43.06 1.39 55.35
CA VAL H 330 44.27 1.12 54.58
C VAL H 330 43.93 0.58 53.21
N GLU H 331 42.75 -0.04 53.05
CA GLU H 331 42.30 -0.34 51.70
C GLU H 331 42.12 0.93 50.89
N ARG H 332 41.52 1.95 51.49
CA ARG H 332 41.44 3.25 50.81
C ARG H 332 42.83 3.79 50.49
N GLU H 333 43.76 3.64 51.43
CA GLU H 333 45.13 4.11 51.19
C GLU H 333 45.75 3.41 50.01
N ILE H 334 45.57 2.09 49.91
CA ILE H 334 46.11 1.34 48.79
C ILE H 334 45.49 1.83 47.50
N GLU H 335 44.19 2.15 47.53
CA GLU H 335 43.56 2.68 46.33
C GLU H 335 44.21 3.99 45.89
N THR H 336 44.43 4.91 46.83
CA THR H 336 45.03 6.18 46.48
C THR H 336 46.45 6.00 45.94
N GLU H 337 47.24 5.16 46.60
CA GLU H 337 48.60 4.92 46.15
C GLU H 337 48.61 4.27 44.78
N LYS H 338 47.65 3.39 44.52
CA LYS H 338 47.54 2.77 43.20
C LYS H 338 47.24 3.81 42.14
N ASP H 339 46.37 4.76 42.44
CA ASP H 339 46.07 5.81 41.47
C ASP H 339 47.31 6.63 41.16
N LYS H 340 48.04 7.04 42.20
CA LYS H 340 49.27 7.80 41.97
C LYS H 340 50.28 6.97 41.18
N GLN H 341 50.35 5.67 41.45
CA GLN H 341 51.25 4.79 40.71
C GLN H 341 50.89 4.76 39.24
N GLU H 342 49.60 4.64 38.92
CA GLU H 342 49.18 4.70 37.53
C GLU H 342 49.55 6.03 36.90
N LYS H 343 49.35 7.12 37.63
CA LYS H 343 49.69 8.43 37.10
C LYS H 343 51.18 8.51 36.75
N ALA H 344 52.03 8.05 37.66
CA ALA H 344 53.47 8.08 37.40
C ALA H 344 53.85 7.18 36.22
N VAL H 345 53.20 6.02 36.11
CA VAL H 345 53.43 5.16 34.96
C VAL H 345 53.07 5.88 33.67
N GLU H 346 52.00 6.68 33.70
CA GLU H 346 51.66 7.46 32.51
C GLU H 346 52.83 8.34 32.10
N ALA H 347 53.52 8.94 33.06
CA ALA H 347 54.66 9.81 32.77
C ALA H 347 55.96 9.04 32.67
N GLU H 348 55.93 7.70 32.73
CA GLU H 348 57.09 6.85 32.51
C GLU H 348 58.24 7.18 33.47
N ASP H 349 57.88 7.48 34.71
CA ASP H 349 58.88 7.73 35.75
C ASP H 349 58.99 6.46 36.57
N PHE H 350 59.95 5.61 36.20
CA PHE H 350 59.95 4.24 36.67
C PHE H 350 60.35 4.12 38.13
N GLU H 351 61.21 5.01 38.62
CA GLU H 351 61.58 4.96 40.03
C GLU H 351 60.39 5.21 40.92
N ALA H 352 59.55 6.20 40.58
CA ALA H 352 58.38 6.50 41.39
C ALA H 352 57.39 5.36 41.36
N ALA H 353 57.17 4.77 40.18
CA ALA H 353 56.26 3.63 40.08
C ALA H 353 56.79 2.44 40.88
N LEU H 354 58.10 2.21 40.85
CA LEU H 354 58.68 1.14 41.64
C LEU H 354 58.48 1.38 43.13
N ASN H 355 58.69 2.62 43.58
CA ASN H 355 58.44 2.95 44.96
C ASN H 355 56.97 2.74 45.33
N TYR H 356 56.07 3.14 44.44
CA TYR H 356 54.66 2.95 44.68
C TYR H 356 54.31 1.47 44.79
N LYS H 357 54.88 0.64 43.92
CA LYS H 357 54.61 -0.79 43.99
C LYS H 357 55.14 -1.39 45.28
N THR H 358 56.32 -0.94 45.72
CA THR H 358 56.84 -1.40 46.99
C THR H 358 55.92 -1.02 48.14
N ARG H 359 55.40 0.21 48.12
CA ARG H 359 54.49 0.63 49.18
C ARG H 359 53.18 -0.15 49.11
N ILE H 360 52.74 -0.47 47.90
CA ILE H 360 51.54 -1.27 47.73
C ILE H 360 51.73 -2.65 48.36
N ALA H 361 52.87 -3.28 48.08
CA ALA H 361 53.15 -4.56 48.71
C ALA H 361 53.18 -4.43 50.22
N GLU H 362 53.83 -3.37 50.71
CA GLU H 362 53.89 -3.11 52.15
C GLU H 362 52.50 -3.13 52.76
N LEU H 363 51.63 -2.24 52.28
CA LEU H 363 50.29 -2.12 52.84
C LEU H 363 49.52 -3.41 52.66
N GLU H 364 49.73 -4.09 51.54
CA GLU H 364 49.03 -5.35 51.30
C GLU H 364 49.32 -6.36 52.38
N ARG H 365 50.59 -6.63 52.65
CA ARG H 365 50.86 -7.68 53.62
C ARG H 365 50.56 -7.20 55.03
N LYS H 366 50.55 -5.88 55.25
CA LYS H 366 50.03 -5.40 56.54
C LYS H 366 48.57 -5.82 56.70
N ILE H 367 47.75 -5.54 55.68
CA ILE H 367 46.35 -5.91 55.70
C ILE H 367 46.21 -7.42 55.86
N GLU H 368 47.09 -8.18 55.22
CA GLU H 368 47.11 -9.62 55.42
C GLU H 368 47.31 -9.96 56.89
N ASN H 369 48.25 -9.28 57.55
CA ASN H 369 48.49 -9.52 58.96
C ASN H 369 47.26 -9.22 59.80
N HIS H 370 46.60 -8.08 59.52
CA HIS H 370 45.37 -7.79 60.24
C HIS H 370 44.29 -8.83 59.99
N THR H 371 44.19 -9.33 58.76
CA THR H 371 43.12 -10.26 58.43
C THR H 371 43.22 -11.52 59.27
N GLU H 372 44.43 -12.04 59.43
CA GLU H 372 44.64 -13.22 60.26
C GLU H 372 44.52 -12.91 61.74
N ASP H 373 44.28 -11.67 62.13
CA ASP H 373 44.01 -11.33 63.52
C ASP H 373 42.55 -11.63 63.84
N MET H 374 42.21 -12.91 63.73
CA MET H 374 40.89 -13.41 64.07
C MET H 374 40.98 -14.24 65.34
N LYS H 375 40.00 -14.07 66.21
CA LYS H 375 39.92 -14.82 67.45
C LYS H 375 39.33 -16.20 67.17
N VAL H 376 40.03 -17.23 67.63
CA VAL H 376 39.57 -18.59 67.45
C VAL H 376 39.28 -19.16 68.84
N THR H 377 38.04 -19.02 69.26
CA THR H 377 37.62 -19.44 70.59
C THR H 377 36.22 -20.04 70.49
N ALA H 378 36.20 -21.35 70.29
CA ALA H 378 34.96 -22.10 70.40
C ALA H 378 34.86 -22.69 71.80
N SER H 379 33.88 -22.21 72.56
CA SER H 379 33.72 -22.65 73.94
C SER H 379 32.30 -23.15 74.11
N VAL H 380 32.16 -24.23 74.90
CA VAL H 380 30.84 -24.70 75.26
C VAL H 380 30.07 -23.59 75.97
N ASN H 381 30.76 -22.74 76.73
CA ASN H 381 30.09 -21.66 77.44
C ASN H 381 29.42 -20.69 76.49
N ASP H 382 30.10 -20.30 75.41
CA ASP H 382 29.54 -19.37 74.46
C ASP H 382 28.29 -19.93 73.81
N VAL H 383 28.33 -21.20 73.44
CA VAL H 383 27.13 -21.89 72.98
C VAL H 383 26.06 -21.79 74.04
N ALA H 384 26.45 -21.89 75.31
CA ALA H 384 25.46 -21.83 76.38
C ALA H 384 24.77 -20.47 76.42
N GLU H 385 25.53 -19.38 76.33
CA GLU H 385 24.86 -18.07 76.36
C GLU H 385 24.03 -17.88 75.10
N SER H 386 24.45 -18.46 73.99
CA SER H 386 23.61 -18.45 72.80
C SER H 386 22.27 -19.12 73.09
N VAL H 387 22.32 -20.25 73.78
CA VAL H 387 21.08 -20.93 74.16
C VAL H 387 20.24 -20.03 75.05
N GLU H 388 20.88 -19.40 76.02
CA GLU H 388 20.17 -18.56 76.98
C GLU H 388 19.46 -17.43 76.25
N ARG H 389 20.10 -16.90 75.22
CA ARG H 389 19.45 -15.84 74.44
C ARG H 389 18.33 -16.42 73.62
N MET H 390 18.47 -17.67 73.23
CA MET H 390 17.42 -18.32 72.47
C MET H 390 16.14 -18.45 73.30
N THR H 391 16.26 -18.92 74.54
CA THR H 391 15.10 -19.29 75.33
C THR H 391 14.92 -18.43 76.57
N GLY H 392 15.86 -17.55 76.90
CA GLY H 392 15.71 -16.71 78.07
C GLY H 392 15.94 -17.41 79.38
N ILE H 393 16.45 -18.64 79.36
CA ILE H 393 16.58 -19.44 80.57
C ILE H 393 18.07 -19.57 80.92
N PRO H 394 18.53 -18.91 81.98
CA PRO H 394 19.86 -19.25 82.50
C PRO H 394 19.84 -20.68 82.99
N VAL H 395 20.95 -21.38 82.75
CA VAL H 395 21.08 -22.77 83.10
C VAL H 395 22.15 -22.89 84.17
N SER H 396 21.75 -23.28 85.36
CA SER H 396 22.74 -23.74 86.31
C SER H 396 23.12 -25.18 85.96
N GLN H 397 24.35 -25.55 86.29
CA GLN H 397 24.88 -26.89 86.03
C GLN H 397 24.75 -27.26 84.55
N MET H 398 25.29 -26.38 83.72
CA MET H 398 25.29 -26.60 82.29
C MET H 398 26.07 -27.86 81.95
N GLY H 399 25.55 -28.63 80.98
CA GLY H 399 26.16 -29.88 80.59
C GLY H 399 25.80 -31.06 81.48
N ALA H 400 24.96 -30.86 82.49
CA ALA H 400 24.60 -31.94 83.38
C ALA H 400 23.91 -33.05 82.61
N SER H 401 24.09 -34.28 83.08
CA SER H 401 23.45 -35.41 82.42
C SER H 401 21.93 -35.32 82.58
N ASP H 402 21.23 -35.94 81.64
CA ASP H 402 19.79 -36.13 81.83
C ASP H 402 19.51 -36.84 83.14
N ILE H 403 20.37 -37.77 83.54
CA ILE H 403 20.19 -38.44 84.81
C ILE H 403 20.18 -37.42 85.94
N GLU H 404 21.11 -36.47 85.90
CA GLU H 404 21.10 -35.39 86.86
C GLU H 404 19.80 -34.60 86.77
N ARG H 405 19.42 -34.19 85.57
CA ARG H 405 18.34 -33.22 85.40
C ARG H 405 17.01 -33.81 85.82
N LEU H 406 16.74 -35.06 85.45
CA LEU H 406 15.46 -35.67 85.75
C LEU H 406 15.23 -35.86 87.24
N LYS H 407 16.30 -35.86 88.04
CA LYS H 407 16.17 -35.86 89.48
C LYS H 407 16.20 -34.47 90.08
N ASP H 408 16.96 -33.55 89.48
CA ASP H 408 17.07 -32.21 90.03
C ASP H 408 15.80 -31.41 89.81
N MET H 409 15.09 -31.65 88.71
CA MET H 409 13.83 -30.96 88.48
C MET H 409 12.83 -31.25 89.60
N ALA H 410 12.97 -32.39 90.29
CA ALA H 410 12.13 -32.64 91.44
C ALA H 410 12.21 -31.50 92.44
N HIS H 411 13.42 -31.09 92.80
CA HIS H 411 13.57 -29.92 93.65
C HIS H 411 13.26 -28.63 92.91
N ARG H 412 13.63 -28.54 91.63
CA ARG H 412 13.43 -27.32 90.86
C ARG H 412 11.98 -26.86 90.96
N LEU H 413 11.04 -27.78 90.75
CA LEU H 413 9.64 -27.48 91.00
C LEU H 413 9.30 -27.49 92.48
N GLN H 414 9.89 -28.41 93.24
CA GLN H 414 9.59 -28.53 94.66
C GLN H 414 9.92 -27.26 95.41
N ASP H 415 11.02 -26.61 95.06
CA ASP H 415 11.50 -25.44 95.78
C ASP H 415 10.89 -24.14 95.27
N LYS H 416 10.20 -24.15 94.13
CA LYS H 416 9.39 -23.02 93.72
C LYS H 416 7.95 -23.13 94.17
N VAL H 417 7.55 -24.29 94.66
CA VAL H 417 6.24 -24.48 95.26
C VAL H 417 6.45 -24.79 96.73
N ILE H 418 5.34 -24.96 97.44
CA ILE H 418 5.39 -25.24 98.87
C ILE H 418 4.67 -26.56 99.12
N GLY H 419 5.43 -27.58 99.54
CA GLY H 419 4.85 -28.85 99.90
C GLY H 419 4.10 -29.48 98.74
N GLN H 420 3.02 -30.17 99.09
CA GLN H 420 2.20 -30.91 98.12
C GLN H 420 3.07 -31.87 97.31
N ASP H 421 3.99 -32.55 98.00
CA ASP H 421 5.03 -33.32 97.34
C ASP H 421 4.47 -34.46 96.48
N LYS H 422 3.23 -34.88 96.73
CA LYS H 422 2.65 -35.95 95.93
C LYS H 422 2.57 -35.56 94.47
N ALA H 423 2.09 -34.35 94.19
CA ALA H 423 2.00 -33.88 92.81
C ALA H 423 3.38 -33.81 92.17
N VAL H 424 4.37 -33.32 92.92
CA VAL H 424 5.73 -33.29 92.40
C VAL H 424 6.20 -34.69 92.02
N GLU H 425 6.01 -35.65 92.93
CA GLU H 425 6.41 -37.03 92.66
C GLU H 425 5.76 -37.57 91.40
N VAL H 426 4.44 -37.46 91.31
CA VAL H 426 3.70 -38.03 90.19
C VAL H 426 4.15 -37.38 88.89
N VAL H 427 4.16 -36.05 88.86
CA VAL H 427 4.50 -35.36 87.62
C VAL H 427 5.92 -35.69 87.20
N ALA H 428 6.86 -35.71 88.14
CA ALA H 428 8.25 -35.97 87.80
C ALA H 428 8.42 -37.37 87.22
N ARG H 429 7.81 -38.37 87.86
CA ARG H 429 7.96 -39.72 87.35
C ARG H 429 7.32 -39.87 85.97
N ALA H 430 6.14 -39.29 85.78
CA ALA H 430 5.50 -39.38 84.48
C ALA H 430 6.34 -38.72 83.41
N ILE H 431 6.88 -37.54 83.72
CA ILE H 431 7.70 -36.82 82.76
C ILE H 431 8.93 -37.63 82.42
N CYS H 432 9.56 -38.25 83.41
CA CYS H 432 10.74 -39.05 83.13
C CYS H 432 10.39 -40.23 82.24
N ARG H 433 9.27 -40.89 82.51
CA ARG H 433 8.86 -42.02 81.67
C ARG H 433 8.68 -41.59 80.23
N ASN H 434 7.98 -40.49 80.00
CA ASN H 434 7.81 -40.03 78.63
C ASN H 434 9.14 -39.64 78.01
N ARG H 435 9.98 -38.92 78.75
CA ARG H 435 11.26 -38.48 78.21
C ARG H 435 12.18 -39.65 77.91
N ALA H 436 12.27 -40.62 78.81
CA ALA H 436 13.14 -41.76 78.58
C ALA H 436 12.56 -42.72 77.56
N GLY H 437 11.29 -42.57 77.20
CA GLY H 437 10.68 -43.47 76.23
C GLY H 437 10.36 -44.84 76.77
N PHE H 438 10.21 -44.98 78.09
CA PHE H 438 9.83 -46.27 78.63
C PHE H 438 8.40 -46.63 78.28
N ASP H 439 7.48 -45.69 78.44
CA ASP H 439 6.08 -45.93 78.15
C ASP H 439 5.88 -46.21 76.66
N GLU H 440 5.01 -47.16 76.36
CA GLU H 440 4.66 -47.41 74.97
C GLU H 440 3.99 -46.18 74.39
N GLY H 441 4.21 -45.96 73.09
CA GLY H 441 3.65 -44.81 72.42
C GLY H 441 2.15 -44.91 72.23
N ASN H 442 1.67 -44.08 71.31
CA ASN H 442 0.26 -44.05 70.91
C ASN H 442 -0.64 -43.61 72.06
N ARG H 443 -0.06 -42.89 73.02
CA ARG H 443 -0.81 -42.26 74.10
C ARG H 443 -0.29 -40.85 74.28
N PRO H 444 -1.13 -39.93 74.72
CA PRO H 444 -0.66 -38.56 74.98
C PRO H 444 0.33 -38.55 76.13
N ILE H 445 1.08 -37.45 76.21
CA ILE H 445 2.20 -37.39 77.16
C ILE H 445 1.71 -37.55 78.59
N GLY H 446 0.66 -36.83 78.96
CA GLY H 446 0.13 -36.94 80.29
C GLY H 446 -1.21 -36.26 80.36
N ASN H 447 -2.08 -36.86 81.17
CA ASN H 447 -3.46 -36.41 81.32
C ASN H 447 -3.76 -36.46 82.81
N PHE H 448 -3.79 -35.31 83.46
CA PHE H 448 -3.88 -35.30 84.92
C PHE H 448 -4.97 -34.36 85.39
N LEU H 449 -5.54 -34.71 86.55
CA LEU H 449 -6.61 -33.95 87.16
C LEU H 449 -6.12 -33.41 88.50
N PHE H 450 -6.53 -32.19 88.82
CA PHE H 450 -6.13 -31.51 90.04
C PHE H 450 -7.38 -30.86 90.64
N VAL H 451 -7.68 -31.21 91.88
CA VAL H 451 -8.98 -30.91 92.47
C VAL H 451 -8.77 -30.26 93.83
N GLY H 452 -9.22 -29.03 93.98
CA GLY H 452 -9.04 -28.30 95.21
C GLY H 452 -9.50 -26.86 95.07
N SER H 453 -9.17 -26.07 96.09
CA SER H 453 -9.51 -24.65 96.07
C SER H 453 -8.48 -23.86 95.27
N THR H 454 -8.78 -22.57 95.06
CA THR H 454 -7.93 -21.75 94.21
C THR H 454 -6.68 -21.28 94.93
N GLY H 455 -6.84 -20.64 96.09
CA GLY H 455 -5.72 -20.06 96.79
C GLY H 455 -4.79 -21.09 97.39
N VAL H 456 -4.24 -21.95 96.54
CA VAL H 456 -3.33 -23.00 96.98
C VAL H 456 -2.13 -23.00 96.06
N GLY H 457 -1.95 -21.90 95.31
CA GLY H 457 -1.11 -21.99 94.14
C GLY H 457 -1.71 -22.93 93.11
N LYS H 458 -3.02 -22.84 92.89
CA LYS H 458 -3.69 -23.79 92.02
C LYS H 458 -3.11 -23.81 90.62
N THR H 459 -2.53 -22.69 90.20
CA THR H 459 -1.95 -22.57 88.88
C THR H 459 -0.43 -22.72 88.90
N GLU H 460 0.14 -23.15 90.03
CA GLU H 460 1.59 -23.29 90.14
C GLU H 460 2.16 -24.17 89.04
N LEU H 461 1.57 -25.34 88.85
CA LEU H 461 2.03 -26.22 87.80
C LEU H 461 1.69 -25.70 86.41
N ALA H 462 0.79 -24.73 86.30
CA ALA H 462 0.54 -24.08 85.03
C ALA H 462 1.63 -23.10 84.66
N LYS H 463 2.34 -22.53 85.63
CA LYS H 463 3.38 -21.56 85.36
C LYS H 463 4.78 -22.15 85.45
N GLN H 464 5.15 -22.67 86.63
CA GLN H 464 6.52 -23.12 86.84
C GLN H 464 6.81 -24.43 86.14
N LEU H 465 5.89 -25.39 86.22
CA LEU H 465 6.07 -26.62 85.47
C LEU H 465 6.15 -26.34 83.98
N ALA H 466 5.26 -25.49 83.47
CA ALA H 466 5.29 -25.18 82.05
C ALA H 466 6.62 -24.57 81.65
N LEU H 467 7.10 -23.60 82.42
CA LEU H 467 8.35 -22.94 82.07
C LEU H 467 9.52 -23.92 82.11
N ASP H 468 9.62 -24.73 83.17
CA ASP H 468 10.72 -25.67 83.24
C ASP H 468 10.65 -26.69 82.11
N MET H 469 9.45 -27.15 81.78
CA MET H 469 9.29 -28.06 80.65
C MET H 469 9.76 -27.42 79.36
N PHE H 470 9.43 -26.15 79.13
CA PHE H 470 9.57 -25.59 77.80
C PHE H 470 10.42 -24.34 77.71
N GLY H 471 11.31 -24.10 78.68
CA GLY H 471 12.13 -22.91 78.64
C GLY H 471 11.35 -21.62 78.59
N THR H 472 10.04 -21.68 78.80
CA THR H 472 9.18 -20.52 78.86
C THR H 472 7.81 -20.99 79.33
N GLN H 473 7.19 -20.18 80.18
CA GLN H 473 5.83 -20.45 80.60
C GLN H 473 4.82 -20.28 79.46
N ASP H 474 5.22 -19.61 78.38
CA ASP H 474 4.31 -19.37 77.24
C ASP H 474 4.25 -20.61 76.36
N ALA H 475 3.83 -21.70 76.98
CA ALA H 475 3.60 -22.95 76.26
C ALA H 475 2.29 -23.59 76.67
N ILE H 476 1.33 -22.81 77.14
CA ILE H 476 0.07 -23.33 77.65
C ILE H 476 -1.08 -22.52 77.07
N ILE H 477 -2.18 -23.22 76.79
CA ILE H 477 -3.45 -22.58 76.51
C ILE H 477 -4.46 -23.11 77.51
N ARG H 478 -5.16 -22.19 78.18
CA ARG H 478 -6.08 -22.54 79.25
C ARG H 478 -7.48 -22.09 78.88
N LEU H 479 -8.42 -23.01 79.07
CA LEU H 479 -9.84 -22.74 78.94
C LEU H 479 -10.53 -23.13 80.24
N ASP H 480 -11.25 -22.17 80.82
CA ASP H 480 -12.05 -22.40 82.01
C ASP H 480 -13.37 -22.97 81.51
N MET H 481 -13.46 -24.31 81.50
CA MET H 481 -14.51 -24.94 80.70
C MET H 481 -15.89 -24.53 81.19
N SER H 482 -16.05 -24.38 82.51
CA SER H 482 -17.34 -23.98 83.06
C SER H 482 -17.80 -22.66 82.48
N GLU H 483 -16.95 -21.64 82.53
CA GLU H 483 -17.27 -20.37 81.90
C GLU H 483 -17.12 -20.43 80.39
N TYR H 484 -16.36 -21.41 79.89
CA TYR H 484 -16.19 -21.56 78.45
C TYR H 484 -17.52 -21.73 77.74
N SER H 485 -18.37 -22.63 78.25
CA SER H 485 -19.54 -23.03 77.50
C SER H 485 -20.58 -21.92 77.47
N ASP H 486 -21.73 -22.25 76.90
CA ASP H 486 -22.85 -21.34 76.78
C ASP H 486 -23.97 -21.73 77.74
N ARG H 487 -24.37 -20.78 78.60
CA ARG H 487 -25.45 -21.07 79.55
C ARG H 487 -26.71 -20.25 79.29
N THR H 488 -26.61 -18.92 79.35
CA THR H 488 -27.77 -18.06 79.21
C THR H 488 -27.39 -16.84 78.39
N ALA H 489 -28.38 -16.26 77.71
CA ALA H 489 -28.11 -15.18 76.75
C ALA H 489 -27.71 -13.92 77.51
N VAL H 490 -26.46 -13.93 77.96
CA VAL H 490 -25.89 -12.82 78.71
C VAL H 490 -24.66 -12.33 77.96
N SER H 491 -24.32 -11.06 78.16
CA SER H 491 -23.31 -10.42 77.32
C SER H 491 -21.89 -10.78 77.75
N LYS H 492 -21.64 -12.07 77.93
CA LYS H 492 -20.29 -12.57 78.10
C LYS H 492 -20.17 -13.82 77.25
N LEU H 493 -21.31 -14.31 76.77
CA LEU H 493 -21.38 -15.53 75.99
C LEU H 493 -22.58 -15.47 75.06
N ILE H 494 -22.37 -15.91 73.82
CA ILE H 494 -23.39 -15.80 72.77
C ILE H 494 -23.56 -17.14 72.06
N GLY H 495 -24.80 -17.54 71.83
CA GLY H 495 -25.06 -18.72 71.03
C GLY H 495 -25.60 -19.89 71.81
N THR H 496 -25.14 -21.10 71.48
CA THR H 496 -25.54 -22.30 72.19
C THR H 496 -24.30 -23.11 72.53
N THR H 497 -24.38 -23.84 73.65
CA THR H 497 -23.24 -24.62 74.08
C THR H 497 -22.82 -25.61 73.02
N ALA H 498 -23.80 -26.20 72.32
CA ALA H 498 -23.48 -26.99 71.14
C ALA H 498 -22.60 -26.22 70.18
N GLY H 499 -22.97 -24.99 69.83
CA GLY H 499 -22.14 -24.18 68.97
C GLY H 499 -20.67 -24.24 69.35
N TYR H 500 -20.38 -24.35 70.64
CA TYR H 500 -18.99 -24.34 71.09
C TYR H 500 -18.17 -25.46 70.47
N VAL H 501 -18.68 -26.69 70.45
CA VAL H 501 -17.91 -27.76 69.84
C VAL H 501 -17.64 -27.44 68.38
N GLY H 502 -18.61 -26.80 67.71
CA GLY H 502 -18.40 -26.38 66.34
C GLY H 502 -17.17 -25.49 66.20
N TYR H 503 -17.03 -24.49 67.07
CA TYR H 503 -15.84 -23.65 67.00
C TYR H 503 -14.59 -24.50 67.10
N ASP H 504 -14.63 -25.51 67.96
CA ASP H 504 -13.42 -26.28 68.23
C ASP H 504 -13.02 -27.11 67.01
N ASP H 505 -13.94 -27.34 66.09
CA ASP H 505 -13.67 -28.36 65.08
C ASP H 505 -13.63 -27.81 63.66
N ASN H 506 -13.87 -26.51 63.47
CA ASN H 506 -13.82 -25.92 62.13
C ASN H 506 -13.11 -24.57 62.10
N SER H 507 -12.70 -24.05 63.25
CA SER H 507 -12.26 -22.65 63.32
C SER H 507 -10.88 -22.57 63.96
N ASN H 508 -10.17 -21.48 63.65
CA ASN H 508 -8.81 -21.29 64.14
C ASN H 508 -8.81 -20.90 65.62
N THR H 509 -9.34 -21.82 66.43
CA THR H 509 -9.36 -21.59 67.85
C THR H 509 -8.74 -22.76 68.62
N LEU H 510 -9.03 -24.00 68.22
CA LEU H 510 -8.46 -25.12 68.95
C LEU H 510 -7.56 -25.98 68.08
N THR H 511 -8.09 -26.47 66.97
CA THR H 511 -7.29 -27.30 66.09
C THR H 511 -6.15 -26.55 65.45
N GLU H 512 -6.38 -25.32 65.00
CA GLU H 512 -5.29 -24.50 64.48
C GLU H 512 -4.11 -24.52 65.44
N ARG H 513 -4.35 -24.11 66.68
CA ARG H 513 -3.25 -23.95 67.64
C ARG H 513 -2.56 -25.25 67.98
N VAL H 514 -3.32 -26.31 68.29
CA VAL H 514 -2.67 -27.54 68.73
C VAL H 514 -1.77 -28.11 67.65
N ARG H 515 -2.13 -27.97 66.39
CA ARG H 515 -1.27 -28.39 65.30
C ARG H 515 -0.07 -27.47 65.12
N ARG H 516 -0.16 -26.23 65.59
CA ARG H 516 0.99 -25.34 65.54
C ARG H 516 2.06 -25.66 66.56
N ASN H 517 1.67 -26.07 67.76
CA ASN H 517 2.63 -26.39 68.82
C ASN H 517 2.30 -27.75 69.38
N PRO H 518 2.56 -28.82 68.61
CA PRO H 518 2.17 -30.16 69.06
C PRO H 518 2.79 -30.59 70.37
N TYR H 519 3.60 -29.73 71.00
CA TYR H 519 4.13 -30.02 72.32
C TYR H 519 3.47 -29.20 73.42
N SER H 520 2.60 -28.25 73.07
CA SER H 520 2.06 -27.34 74.07
C SER H 520 1.26 -28.09 75.13
N ILE H 521 0.90 -27.36 76.18
CA ILE H 521 0.12 -27.88 77.29
C ILE H 521 -1.22 -27.17 77.30
N ILE H 522 -2.29 -27.94 77.50
CA ILE H 522 -3.64 -27.40 77.52
C ILE H 522 -4.24 -27.65 78.89
N LEU H 523 -4.88 -26.62 79.43
CA LEU H 523 -5.39 -26.61 80.79
C LEU H 523 -6.89 -26.33 80.74
N LEU H 524 -7.65 -27.12 81.46
CA LEU H 524 -9.11 -27.00 81.50
C LEU H 524 -9.55 -26.79 82.95
N ASP H 525 -9.93 -25.56 83.27
CA ASP H 525 -10.26 -25.20 84.64
C ASP H 525 -11.63 -25.73 85.03
N ALA H 526 -11.71 -26.30 86.23
CA ALA H 526 -13.00 -26.49 86.91
C ALA H 526 -14.02 -27.18 86.02
N ILE H 527 -13.85 -28.47 85.77
CA ILE H 527 -14.55 -29.11 84.65
C ILE H 527 -15.70 -30.01 85.06
N GLU H 528 -16.39 -29.81 86.18
CA GLU H 528 -17.64 -30.54 86.32
C GLU H 528 -18.52 -30.19 85.13
N LYS H 529 -18.65 -28.90 84.79
CA LYS H 529 -18.94 -27.80 85.72
C LYS H 529 -19.88 -26.93 84.95
N ALA H 530 -19.80 -27.06 83.64
CA ALA H 530 -20.65 -26.30 82.74
C ALA H 530 -21.71 -27.19 82.13
N ASP H 531 -22.48 -26.61 81.22
CA ASP H 531 -23.50 -27.36 80.50
C ASP H 531 -22.97 -28.61 79.82
N PRO H 532 -21.83 -28.59 79.12
CA PRO H 532 -21.43 -29.79 78.40
C PRO H 532 -20.87 -30.86 79.32
N GLN H 533 -21.31 -32.09 79.10
CA GLN H 533 -20.71 -33.27 79.73
C GLN H 533 -19.73 -33.92 78.76
N VAL H 534 -18.70 -33.16 78.40
CA VAL H 534 -17.75 -33.57 77.37
C VAL H 534 -16.77 -34.51 78.06
N ILE H 535 -17.12 -35.79 78.07
CA ILE H 535 -16.22 -36.84 78.51
C ILE H 535 -15.80 -37.64 77.28
N THR H 536 -16.78 -38.11 76.53
CA THR H 536 -16.51 -39.01 75.42
C THR H 536 -15.84 -38.33 74.25
N LEU H 537 -16.18 -37.08 73.94
CA LEU H 537 -15.52 -36.40 72.84
C LEU H 537 -14.02 -36.35 73.07
N LEU H 538 -13.60 -36.27 74.33
CA LEU H 538 -12.19 -36.29 74.65
C LEU H 538 -11.58 -37.67 74.57
N LEU H 539 -12.36 -38.72 74.82
CA LEU H 539 -11.81 -40.07 74.86
C LEU H 539 -11.00 -40.41 73.64
N GLN H 540 -11.35 -39.86 72.47
CA GLN H 540 -10.60 -40.11 71.26
C GLN H 540 -9.11 -39.83 71.47
N VAL H 541 -8.77 -38.64 71.97
CA VAL H 541 -7.38 -38.42 72.34
C VAL H 541 -7.04 -39.24 73.58
N LEU H 542 -7.96 -39.28 74.56
CA LEU H 542 -7.67 -39.94 75.83
C LEU H 542 -7.36 -41.41 75.60
N ASP H 543 -7.76 -41.94 74.44
CA ASP H 543 -7.33 -43.28 74.06
C ASP H 543 -6.03 -43.24 73.27
N ASP H 544 -6.00 -42.47 72.18
CA ASP H 544 -4.91 -42.63 71.21
C ASP H 544 -4.34 -41.31 70.69
N GLY H 545 -4.89 -40.17 71.07
CA GLY H 545 -4.34 -38.90 70.66
C GLY H 545 -4.70 -38.49 69.25
N ARG H 546 -5.37 -39.36 68.49
CA ARG H 546 -5.85 -39.02 67.16
C ARG H 546 -7.31 -38.62 67.26
N LEU H 547 -7.63 -37.40 66.85
CA LEU H 547 -9.00 -36.93 66.99
C LEU H 547 -9.39 -36.11 65.79
N THR H 548 -10.59 -36.39 65.27
CA THR H 548 -11.07 -35.81 64.02
C THR H 548 -11.57 -34.39 64.22
N ASP H 549 -11.51 -33.62 63.14
CA ASP H 549 -11.99 -32.26 63.16
C ASP H 549 -13.38 -32.20 62.55
N GLY H 550 -13.89 -30.99 62.34
CA GLY H 550 -15.15 -30.82 61.63
C GLY H 550 -15.05 -30.98 60.14
N GLN H 551 -13.87 -31.33 59.63
CA GLN H 551 -13.70 -31.64 58.22
C GLN H 551 -13.24 -33.07 57.98
N GLY H 552 -13.12 -33.86 59.04
CA GLY H 552 -12.63 -35.22 58.90
C GLY H 552 -11.15 -35.39 59.11
N ASN H 553 -10.37 -34.31 59.08
CA ASN H 553 -8.94 -34.42 59.32
C ASN H 553 -8.71 -34.79 60.78
N THR H 554 -7.76 -35.69 61.00
CA THR H 554 -7.40 -36.11 62.33
C THR H 554 -6.14 -35.37 62.77
N VAL H 555 -6.13 -34.92 64.01
CA VAL H 555 -4.96 -34.29 64.59
C VAL H 555 -4.39 -35.21 65.64
N ASN H 556 -3.08 -35.33 65.66
CA ASN H 556 -2.38 -36.14 66.65
C ASN H 556 -2.19 -35.29 67.90
N PHE H 557 -2.27 -35.92 69.06
CA PHE H 557 -2.00 -35.28 70.33
C PHE H 557 -0.90 -36.00 71.09
N LYS H 558 0.05 -36.58 70.36
CA LYS H 558 1.05 -37.44 70.97
C LYS H 558 1.91 -36.71 71.98
N ASN H 559 2.33 -35.49 71.65
CA ASN H 559 3.35 -34.80 72.41
C ASN H 559 2.78 -33.68 73.27
N THR H 560 1.52 -33.74 73.62
CA THR H 560 0.90 -32.70 74.42
C THR H 560 0.56 -33.20 75.81
N VAL H 561 0.32 -32.25 76.70
CA VAL H 561 -0.10 -32.53 78.06
C VAL H 561 -1.45 -31.88 78.30
N ILE H 562 -2.36 -32.62 78.94
CA ILE H 562 -3.68 -32.11 79.29
C ILE H 562 -3.79 -32.13 80.80
N ILE H 563 -4.07 -30.97 81.38
CA ILE H 563 -4.28 -30.84 82.81
C ILE H 563 -5.62 -30.18 83.04
N ALA H 564 -6.45 -30.79 83.87
CA ALA H 564 -7.77 -30.26 84.17
C ALA H 564 -7.97 -30.17 85.67
N THR H 565 -8.80 -29.23 86.10
CA THR H 565 -8.96 -28.91 87.51
C THR H 565 -10.42 -29.07 87.93
N SER H 566 -10.63 -29.04 89.25
CA SER H 566 -11.96 -29.23 89.83
C SER H 566 -11.95 -28.74 91.28
N ASN H 567 -13.10 -28.89 91.93
CA ASN H 567 -13.33 -28.41 93.29
C ASN H 567 -13.32 -29.60 94.24
N ALA H 568 -12.45 -29.55 95.25
CA ALA H 568 -12.38 -30.60 96.27
C ALA H 568 -13.10 -30.23 97.55
N GLY H 569 -14.13 -29.41 97.48
CA GLY H 569 -14.65 -28.76 98.67
C GLY H 569 -13.76 -27.60 99.06
N PHE H 570 -14.12 -26.97 100.18
CA PHE H 570 -13.38 -25.81 100.64
C PHE H 570 -13.62 -25.61 102.13
N GLY H 571 -12.57 -25.18 102.82
CA GLY H 571 -12.67 -24.84 104.22
C GLY H 571 -12.93 -23.36 104.38
N TYR H 572 -12.09 -22.67 105.14
CA TYR H 572 -11.01 -23.32 105.86
C TYR H 572 -11.11 -22.94 107.34
N GLU H 573 -10.94 -23.94 108.21
CA GLU H 573 -11.16 -23.75 109.64
C GLU H 573 -9.93 -23.79 110.56
N ALA H 574 -8.68 -23.68 110.09
CA ALA H 574 -8.20 -23.62 108.71
C ALA H 574 -7.95 -25.02 108.18
N ASN H 575 -7.15 -25.77 108.91
CA ASN H 575 -6.81 -27.14 108.53
C ASN H 575 -7.67 -28.18 109.25
N LEU H 576 -8.62 -27.76 110.08
CA LEU H 576 -9.46 -28.73 110.79
C LEU H 576 -10.43 -29.42 109.84
N THR H 577 -10.83 -28.75 108.76
CA THR H 577 -11.67 -29.36 107.74
C THR H 577 -11.02 -29.29 106.35
N GLU H 578 -9.71 -29.10 106.29
CA GLU H 578 -9.04 -29.10 104.99
C GLU H 578 -9.09 -30.48 104.35
N ASP H 579 -9.08 -31.54 105.14
CA ASP H 579 -9.19 -32.91 104.63
C ASP H 579 -9.67 -33.79 105.78
N ALA H 580 -10.91 -34.25 105.68
CA ALA H 580 -11.50 -35.07 106.74
C ALA H 580 -11.23 -36.56 106.52
N ASP H 581 -11.39 -37.03 105.28
CA ASP H 581 -11.10 -38.43 104.95
C ASP H 581 -10.96 -38.53 103.43
N LYS H 582 -10.36 -39.65 102.99
CA LYS H 582 -10.16 -39.87 101.56
C LYS H 582 -11.47 -39.95 100.79
N PRO H 583 -12.49 -40.72 101.22
CA PRO H 583 -13.75 -40.74 100.46
C PRO H 583 -14.59 -39.49 100.65
N GLU H 584 -14.34 -38.69 101.69
CA GLU H 584 -14.91 -37.34 101.81
C GLU H 584 -14.73 -36.55 100.53
N LEU H 585 -13.85 -37.01 99.66
CA LEU H 585 -13.67 -36.46 98.33
C LEU H 585 -14.34 -37.29 97.25
N MET H 586 -13.88 -38.52 97.00
CA MET H 586 -14.35 -39.23 95.81
C MET H 586 -15.85 -39.47 95.86
N ASP H 587 -16.39 -39.82 97.04
CA ASP H 587 -17.79 -40.17 97.11
C ASP H 587 -18.65 -38.99 96.73
N ARG H 588 -18.23 -37.79 97.13
CA ARG H 588 -18.87 -36.58 96.63
C ARG H 588 -18.64 -36.40 95.14
N LEU H 589 -17.43 -36.65 94.68
CA LEU H 589 -17.15 -36.46 93.25
C LEU H 589 -17.81 -37.52 92.39
N LYS H 590 -18.27 -38.62 92.96
CA LYS H 590 -18.99 -39.60 92.14
C LYS H 590 -20.22 -39.01 91.46
N PRO H 591 -21.12 -38.30 92.16
CA PRO H 591 -22.15 -37.53 91.43
C PRO H 591 -21.60 -36.30 90.73
N PHE H 592 -20.36 -35.89 91.01
CA PHE H 592 -19.79 -34.71 90.40
C PHE H 592 -18.99 -35.06 89.15
N PHE H 593 -18.07 -36.00 89.26
CA PHE H 593 -17.28 -36.48 88.13
C PHE H 593 -17.69 -37.92 87.84
N ARG H 594 -17.97 -38.19 86.57
CA ARG H 594 -18.39 -39.52 86.17
C ARG H 594 -17.24 -40.50 86.41
N PRO H 595 -17.50 -41.66 87.01
CA PRO H 595 -16.41 -42.60 87.34
C PRO H 595 -15.58 -43.00 86.15
N GLU H 596 -16.19 -43.15 84.98
CA GLU H 596 -15.43 -43.47 83.78
C GLU H 596 -14.44 -42.38 83.43
N PHE H 597 -14.85 -41.12 83.48
CA PHE H 597 -13.94 -40.02 83.20
C PHE H 597 -12.81 -39.98 84.22
N LEU H 598 -13.09 -40.39 85.45
CA LEU H 598 -12.03 -40.56 86.42
C LEU H 598 -11.05 -41.64 85.99
N ASN H 599 -11.56 -42.80 85.58
CA ASN H 599 -10.70 -43.95 85.28
C ASN H 599 -9.81 -43.72 84.07
N ARG H 600 -10.06 -42.70 83.26
CA ARG H 600 -9.28 -42.42 82.07
C ARG H 600 -7.96 -41.72 82.37
N PHE H 601 -7.79 -41.17 83.56
CA PHE H 601 -6.65 -40.30 83.80
C PHE H 601 -5.45 -41.07 84.30
N ASN H 602 -4.27 -40.51 84.03
CA ASN H 602 -3.05 -41.04 84.62
C ASN H 602 -3.09 -40.91 86.13
N ALA H 603 -3.58 -39.79 86.64
CA ALA H 603 -3.72 -39.58 88.08
C ALA H 603 -4.54 -38.33 88.35
N VAL H 604 -5.08 -38.28 89.56
CA VAL H 604 -5.71 -37.08 90.11
C VAL H 604 -4.99 -36.74 91.41
N ILE H 605 -4.79 -35.44 91.64
CA ILE H 605 -4.14 -34.92 92.82
C ILE H 605 -5.06 -33.84 93.38
N GLU H 606 -4.90 -33.53 94.67
CA GLU H 606 -5.81 -32.60 95.32
C GLU H 606 -5.05 -31.44 95.94
N PHE H 607 -5.77 -30.34 96.11
CA PHE H 607 -5.28 -29.13 96.78
C PHE H 607 -6.08 -28.94 98.07
N SER H 608 -5.63 -29.60 99.13
CA SER H 608 -6.21 -29.41 100.45
C SER H 608 -5.35 -28.55 101.35
N HIS H 609 -4.33 -27.91 100.80
CA HIS H 609 -3.23 -27.41 101.60
C HIS H 609 -3.40 -25.92 101.91
N LEU H 610 -3.63 -25.61 103.19
CA LEU H 610 -3.74 -24.23 103.64
C LEU H 610 -3.54 -24.21 105.15
N THR H 611 -2.45 -23.59 105.60
CA THR H 611 -2.05 -23.65 107.00
C THR H 611 -1.39 -22.32 107.37
N LYS H 612 -0.57 -22.33 108.42
CA LYS H 612 0.13 -21.12 108.85
C LYS H 612 1.63 -21.30 109.04
N GLU H 613 2.10 -22.47 109.45
CA GLU H 613 3.52 -22.65 109.74
C GLU H 613 4.37 -22.64 108.48
N ASP H 614 3.86 -23.15 107.37
CA ASP H 614 4.61 -23.25 106.13
C ASP H 614 4.47 -22.01 105.28
N LEU H 615 3.77 -21.00 105.77
CA LEU H 615 3.44 -19.82 105.00
C LEU H 615 4.47 -18.71 105.17
N SER H 616 5.41 -18.86 106.09
CA SER H 616 6.55 -17.95 106.12
C SER H 616 7.39 -18.10 104.87
N LYS H 617 7.44 -19.31 104.33
CA LYS H 617 8.22 -19.56 103.12
C LYS H 617 7.70 -18.74 101.95
N ILE H 618 6.38 -18.73 101.76
CA ILE H 618 5.83 -17.88 100.72
C ILE H 618 6.07 -16.41 101.07
N VAL H 619 6.12 -16.09 102.36
CA VAL H 619 6.39 -14.71 102.77
C VAL H 619 7.73 -14.25 102.24
N ASP H 620 8.80 -15.01 102.48
CA ASP H 620 10.08 -14.54 101.99
C ASP H 620 10.17 -14.71 100.47
N LEU H 621 9.32 -15.54 99.89
CA LEU H 621 9.24 -15.56 98.43
C LEU H 621 8.76 -14.20 97.89
N MET H 622 7.65 -13.70 98.41
CA MET H 622 7.22 -12.37 97.98
C MET H 622 8.23 -11.30 98.38
N LEU H 623 8.89 -11.44 99.52
CA LEU H 623 9.91 -10.46 99.87
C LEU H 623 11.03 -10.47 98.84
N ALA H 624 11.38 -11.65 98.35
CA ALA H 624 12.37 -11.76 97.29
C ALA H 624 11.92 -11.03 96.04
N GLU H 625 10.66 -11.25 95.62
CA GLU H 625 10.25 -10.56 94.39
C GLU H 625 10.16 -9.07 94.62
N VAL H 626 9.81 -8.64 95.83
CA VAL H 626 9.75 -7.21 96.12
C VAL H 626 11.14 -6.60 95.94
N ASN H 627 12.15 -7.20 96.54
CA ASN H 627 13.49 -6.65 96.39
C ASN H 627 13.96 -6.75 94.95
N GLN H 628 13.54 -7.80 94.25
CA GLN H 628 13.84 -7.91 92.82
C GLN H 628 13.26 -6.73 92.05
N THR H 629 12.01 -6.38 92.33
CA THR H 629 11.39 -5.24 91.67
C THR H 629 12.12 -3.96 92.03
N LEU H 630 12.50 -3.82 93.29
CA LEU H 630 13.24 -2.63 93.72
C LEU H 630 14.59 -2.52 93.03
N ALA H 631 15.15 -3.66 92.64
CA ALA H 631 16.48 -3.65 92.02
C ALA H 631 16.51 -2.80 90.76
N LYS H 632 15.34 -2.56 90.14
CA LYS H 632 15.30 -1.71 88.96
C LYS H 632 15.79 -0.30 89.28
N LYS H 633 15.49 0.19 90.49
CA LYS H 633 15.91 1.53 90.90
C LYS H 633 17.08 1.49 91.87
N ASP H 634 17.81 0.38 91.93
CA ASP H 634 19.00 0.26 92.77
C ASP H 634 18.66 0.39 94.24
N ILE H 635 17.49 -0.12 94.63
CA ILE H 635 16.97 0.03 95.98
C ILE H 635 16.91 -1.34 96.62
N ASP H 636 17.38 -1.44 97.86
CA ASP H 636 17.37 -2.68 98.62
C ASP H 636 16.55 -2.47 99.89
N LEU H 637 15.59 -3.36 100.14
CA LEU H 637 14.77 -3.30 101.33
C LEU H 637 15.13 -4.47 102.25
N VAL H 638 15.25 -4.18 103.53
CA VAL H 638 15.46 -5.21 104.54
C VAL H 638 14.19 -5.34 105.37
N VAL H 639 13.84 -6.57 105.72
CA VAL H 639 12.62 -6.86 106.47
C VAL H 639 12.98 -7.56 107.77
N SER H 640 12.46 -7.04 108.88
CA SER H 640 12.67 -7.68 110.16
C SER H 640 11.81 -8.94 110.30
N GLN H 641 12.29 -9.86 111.15
CA GLN H 641 11.53 -11.08 111.39
C GLN H 641 10.19 -10.79 112.06
N ALA H 642 10.17 -9.83 112.99
CA ALA H 642 8.91 -9.45 113.63
C ALA H 642 7.92 -8.92 112.60
N ALA H 643 8.42 -8.16 111.62
CA ALA H 643 7.55 -7.73 110.54
C ALA H 643 7.00 -8.93 109.80
N LYS H 644 7.83 -9.95 109.56
CA LYS H 644 7.36 -11.16 108.91
C LYS H 644 6.24 -11.82 109.72
N ASP H 645 6.44 -11.92 111.04
CA ASP H 645 5.43 -12.55 111.88
C ASP H 645 4.12 -11.77 111.83
N TYR H 646 4.21 -10.46 111.89
CA TYR H 646 3.00 -9.64 111.83
C TYR H 646 2.31 -9.77 110.47
N ILE H 647 3.09 -9.80 109.39
CA ILE H 647 2.49 -9.96 108.07
C ILE H 647 1.76 -11.30 107.98
N THR H 648 2.41 -12.36 108.45
CA THR H 648 1.75 -13.66 108.49
C THR H 648 0.44 -13.58 109.24
N GLU H 649 0.47 -12.99 110.44
CA GLU H 649 -0.76 -12.90 111.24
C GLU H 649 -1.82 -12.10 110.51
N GLU H 650 -1.41 -11.05 109.79
CA GLU H 650 -2.36 -10.28 109.00
C GLU H 650 -3.00 -11.13 107.91
N GLY H 651 -2.18 -11.82 107.12
CA GLY H 651 -2.67 -12.63 106.04
C GLY H 651 -3.30 -13.93 106.45
N TYR H 652 -3.24 -14.27 107.74
CA TYR H 652 -3.84 -15.53 108.18
C TYR H 652 -5.35 -15.38 108.34
N ASP H 653 -6.00 -14.86 107.30
CA ASP H 653 -7.43 -15.05 107.12
C ASP H 653 -7.61 -16.44 106.52
N GLU H 654 -7.14 -17.43 107.28
CA GLU H 654 -7.00 -18.79 106.78
C GLU H 654 -8.38 -19.43 106.65
N VAL H 655 -9.16 -18.89 105.73
CA VAL H 655 -10.51 -19.38 105.48
C VAL H 655 -10.71 -19.86 104.06
N MET H 656 -10.02 -19.29 103.07
CA MET H 656 -10.16 -19.75 101.69
C MET H 656 -8.82 -20.03 101.03
N GLY H 657 -7.83 -19.17 101.25
CA GLY H 657 -6.58 -19.31 100.52
C GLY H 657 -5.61 -18.20 100.87
N VAL H 658 -4.62 -18.02 99.98
CA VAL H 658 -3.46 -17.17 100.26
C VAL H 658 -3.48 -15.88 99.46
N ARG H 659 -4.60 -15.55 98.82
CA ARG H 659 -4.66 -14.25 98.15
C ARG H 659 -4.48 -13.08 99.10
N PRO H 660 -5.14 -13.01 100.26
CA PRO H 660 -4.84 -11.92 101.20
C PRO H 660 -3.42 -11.95 101.70
N LEU H 661 -2.75 -13.10 101.68
CA LEU H 661 -1.36 -13.15 102.12
C LEU H 661 -0.50 -12.28 101.23
N ARG H 662 -0.71 -12.32 99.92
CA ARG H 662 -0.11 -11.36 99.01
C ARG H 662 -0.70 -9.98 99.19
N ARG H 663 -2.00 -9.89 99.43
CA ARG H 663 -2.68 -8.61 99.45
C ARG H 663 -2.14 -7.70 100.55
N VAL H 664 -1.82 -8.26 101.72
CA VAL H 664 -1.38 -7.44 102.85
C VAL H 664 -0.07 -6.73 102.59
N VAL H 665 0.76 -7.23 101.68
CA VAL H 665 1.92 -6.49 101.21
C VAL H 665 1.73 -5.94 99.81
N GLU H 666 0.56 -6.17 99.21
CA GLU H 666 0.33 -5.76 97.83
C GLU H 666 0.49 -4.27 97.66
N GLN H 667 0.15 -3.50 98.69
CA GLN H 667 0.26 -2.05 98.64
C GLN H 667 0.91 -1.45 99.87
N GLU H 668 0.81 -2.12 101.02
CA GLU H 668 1.23 -1.52 102.28
C GLU H 668 2.73 -1.24 102.28
N ILE H 669 3.51 -2.18 101.76
CA ILE H 669 4.95 -1.98 101.67
C ILE H 669 5.25 -0.88 100.66
N ARG H 670 4.66 -0.98 99.47
CA ARG H 670 4.98 -0.05 98.40
C ARG H 670 4.41 1.33 98.65
N ASP H 671 3.35 1.43 99.46
CA ASP H 671 2.87 2.75 99.84
C ASP H 671 3.89 3.49 100.69
N LYS H 672 4.50 2.80 101.66
CA LYS H 672 5.60 3.40 102.41
C LYS H 672 6.77 3.73 101.50
N VAL H 673 7.10 2.81 100.59
CA VAL H 673 8.22 3.04 99.67
C VAL H 673 7.96 4.28 98.84
N THR H 674 6.70 4.53 98.50
CA THR H 674 6.36 5.75 97.77
C THR H 674 6.87 6.99 98.47
N ASP H 675 6.54 7.13 99.75
CA ASP H 675 6.94 8.32 100.49
C ASP H 675 8.45 8.34 100.75
N PHE H 676 9.04 7.18 101.04
CA PHE H 676 10.48 7.17 101.25
C PHE H 676 11.23 7.52 99.98
N HIS H 677 10.63 7.25 98.82
CA HIS H 677 11.29 7.60 97.56
C HIS H 677 11.29 9.08 97.30
N LEU H 678 10.43 9.84 97.97
CA LEU H 678 10.50 11.29 97.89
C LEU H 678 11.82 11.81 98.44
N ASP H 679 12.49 11.03 99.25
CA ASP H 679 13.85 11.30 99.68
C ASP H 679 14.80 10.98 98.51
N HIS H 680 16.03 11.51 98.47
CA HIS H 680 16.94 11.91 99.56
C HIS H 680 17.18 10.66 100.38
N LEU H 681 17.29 9.55 99.66
CA LEU H 681 17.08 8.23 100.23
C LEU H 681 18.34 7.39 100.13
N ASP H 682 18.72 6.77 101.24
CA ASP H 682 19.75 5.73 101.26
C ASP H 682 19.07 4.43 100.86
N ALA H 683 19.12 4.10 99.58
CA ALA H 683 18.45 2.91 99.09
C ALA H 683 18.99 1.65 99.72
N LYS H 684 20.24 1.66 100.18
CA LYS H 684 20.87 0.51 100.81
C LYS H 684 20.38 0.30 102.24
N HIS H 685 19.89 1.35 102.89
CA HIS H 685 19.63 1.33 104.32
C HIS H 685 18.21 0.91 104.69
N LEU H 686 17.29 0.88 103.72
CA LEU H 686 15.88 0.72 104.04
C LEU H 686 15.63 -0.61 104.73
N GLU H 687 15.34 -0.53 106.03
CA GLU H 687 15.00 -1.70 106.83
C GLU H 687 13.63 -1.48 107.44
N ALA H 688 12.76 -2.47 107.30
CA ALA H 688 11.37 -2.38 107.72
C ALA H 688 11.16 -3.19 109.01
N ASP H 689 10.47 -2.57 109.97
CA ASP H 689 10.09 -3.23 111.21
C ASP H 689 8.67 -2.82 111.57
N MET H 690 8.22 -3.27 112.72
CA MET H 690 6.83 -3.20 113.13
C MET H 690 6.68 -2.47 114.44
N GLU H 691 5.76 -1.50 114.47
CA GLU H 691 5.43 -0.77 115.69
C GLU H 691 3.91 -0.84 115.83
N ASP H 692 3.42 -1.80 116.61
CA ASP H 692 2.01 -1.91 116.94
C ASP H 692 1.16 -2.03 115.67
N GLY H 693 1.64 -2.86 114.73
CA GLY H 693 0.95 -3.05 113.48
C GLY H 693 1.19 -1.97 112.46
N VAL H 694 2.13 -1.06 112.71
CA VAL H 694 2.44 0.00 111.76
C VAL H 694 3.83 -0.23 111.18
N LEU H 695 3.94 -0.17 109.86
CA LEU H 695 5.21 -0.40 109.18
C LEU H 695 6.12 0.81 109.37
N VAL H 696 7.32 0.59 109.87
CA VAL H 696 8.27 1.66 110.13
C VAL H 696 9.59 1.28 109.47
N ILE H 697 10.03 2.10 108.51
CA ILE H 697 11.22 1.80 107.74
C ILE H 697 12.24 2.90 107.99
N ARG H 698 13.50 2.49 108.14
CA ARG H 698 14.60 3.44 108.25
C ARG H 698 15.67 3.08 107.24
N LEU I 76 -7.42 -41.76 11.24
CA LEU I 76 -7.67 -41.90 12.67
C LEU I 76 -6.67 -41.06 13.43
N ALA I 77 -5.98 -41.69 14.39
CA ALA I 77 -4.82 -41.11 15.04
C ALA I 77 -5.10 -39.74 15.60
N LYS I 78 -6.32 -39.54 16.11
CA LYS I 78 -6.71 -38.28 16.73
C LYS I 78 -7.27 -38.60 18.11
N LEU I 79 -6.43 -38.41 19.12
CA LEU I 79 -6.80 -38.69 20.51
C LEU I 79 -7.28 -40.13 20.67
N GLY I 80 -6.61 -41.05 19.98
CA GLY I 80 -7.04 -42.43 20.04
C GLY I 80 -6.07 -43.33 19.32
N ARG I 81 -6.41 -44.62 19.32
CA ARG I 81 -5.55 -45.64 18.74
C ARG I 81 -6.36 -46.70 18.04
N ASN I 82 -5.89 -47.12 16.88
CA ASN I 82 -6.51 -48.21 16.14
C ASN I 82 -5.95 -49.52 16.65
N LEU I 83 -6.75 -50.24 17.44
CA LEU I 83 -6.30 -51.53 17.94
C LEU I 83 -6.23 -52.58 16.85
N THR I 84 -7.09 -52.51 15.84
CA THR I 84 -7.03 -53.45 14.74
C THR I 84 -5.72 -53.33 13.99
N ALA I 85 -5.23 -52.11 13.80
CA ALA I 85 -3.97 -51.90 13.10
C ALA I 85 -2.83 -52.60 13.83
N GLU I 86 -2.78 -52.46 15.15
CA GLU I 86 -1.77 -53.17 15.92
C GLU I 86 -1.98 -54.68 15.82
N ALA I 87 -3.23 -55.10 15.80
CA ALA I 87 -3.54 -56.53 15.73
C ALA I 87 -2.97 -57.14 14.46
N ARG I 88 -3.11 -56.44 13.33
CA ARG I 88 -2.56 -56.95 12.07
C ARG I 88 -1.08 -57.19 12.19
N GLU I 89 -0.38 -56.33 12.92
CA GLU I 89 1.06 -56.40 13.04
C GLU I 89 1.52 -57.50 13.98
N GLY I 90 0.60 -58.12 14.72
CA GLY I 90 1.00 -59.09 15.72
C GLY I 90 1.64 -58.48 16.94
N LYS I 91 1.39 -57.20 17.20
CA LYS I 91 1.99 -56.49 18.32
C LYS I 91 1.27 -56.70 19.63
N LEU I 92 0.20 -57.50 19.64
CA LEU I 92 -0.68 -57.61 20.79
C LEU I 92 -0.62 -59.01 21.37
N ASP I 93 -0.61 -59.09 22.70
CA ASP I 93 -0.43 -60.36 23.37
C ASP I 93 -1.66 -61.24 23.17
N PRO I 94 -1.48 -62.56 23.08
CA PRO I 94 -2.64 -63.45 22.97
C PRO I 94 -3.48 -63.40 24.25
N VAL I 95 -4.79 -63.31 24.06
CA VAL I 95 -5.74 -63.27 25.17
C VAL I 95 -6.16 -64.70 25.48
N ILE I 96 -6.08 -65.07 26.76
CA ILE I 96 -6.11 -66.46 27.18
C ILE I 96 -7.32 -66.71 28.07
N GLY I 97 -8.04 -67.78 27.80
CA GLY I 97 -9.07 -68.26 28.70
C GLY I 97 -10.36 -67.47 28.71
N ARG I 98 -10.60 -66.64 27.71
CA ARG I 98 -11.78 -65.80 27.71
C ARG I 98 -12.81 -66.21 26.67
N ASN I 99 -12.81 -67.48 26.28
CA ASN I 99 -13.41 -67.86 25.01
C ASN I 99 -14.83 -67.37 24.81
N LYS I 100 -15.79 -67.93 25.53
CA LYS I 100 -17.17 -67.55 25.24
C LYS I 100 -17.38 -66.07 25.51
N GLU I 101 -16.84 -65.58 26.62
CA GLU I 101 -17.05 -64.20 27.02
C GLU I 101 -16.69 -63.23 25.92
N ILE I 102 -15.76 -63.58 25.04
CA ILE I 102 -15.45 -62.61 24.00
C ILE I 102 -16.44 -62.73 22.85
N GLN I 103 -16.65 -63.94 22.36
CA GLN I 103 -17.40 -64.09 21.12
C GLN I 103 -18.90 -64.01 21.39
N GLU I 104 -19.31 -64.25 22.64
CA GLU I 104 -20.66 -63.87 23.04
C GLU I 104 -20.92 -62.41 22.73
N ALA I 105 -19.91 -61.55 22.85
CA ALA I 105 -20.07 -60.15 22.51
C ALA I 105 -20.54 -59.96 21.09
N SER I 106 -19.99 -60.74 20.15
CA SER I 106 -20.44 -60.65 18.77
C SER I 106 -21.94 -60.87 18.66
N GLU I 107 -22.50 -61.72 19.50
CA GLU I 107 -23.92 -62.02 19.45
C GLU I 107 -24.78 -60.79 19.70
N ILE I 108 -24.21 -59.73 20.25
CA ILE I 108 -24.90 -58.47 20.37
C ILE I 108 -24.66 -57.58 19.16
N LEU I 109 -23.41 -57.52 18.70
CA LEU I 109 -23.07 -56.59 17.64
C LEU I 109 -23.74 -56.95 16.32
N SER I 110 -24.00 -58.22 16.10
CA SER I 110 -24.55 -58.67 14.83
C SER I 110 -25.98 -58.19 14.59
N ARG I 111 -26.63 -57.64 15.61
CA ARG I 111 -28.01 -57.23 15.46
C ARG I 111 -28.12 -55.89 14.74
N ARG I 112 -29.28 -55.67 14.12
CA ARG I 112 -29.53 -54.39 13.46
C ARG I 112 -29.75 -53.27 14.46
N THR I 113 -30.50 -53.53 15.52
CA THR I 113 -30.66 -52.60 16.63
C THR I 113 -30.26 -53.31 17.91
N LYS I 114 -30.37 -52.59 19.02
CA LYS I 114 -30.04 -53.12 20.34
C LYS I 114 -28.67 -53.77 20.30
N ASN I 115 -27.66 -52.95 20.04
CA ASN I 115 -26.35 -53.41 19.61
C ASN I 115 -25.23 -52.62 20.27
N ASN I 116 -25.35 -52.39 21.57
CA ASN I 116 -24.39 -51.61 22.33
C ASN I 116 -24.03 -52.37 23.59
N PRO I 117 -23.13 -53.34 23.48
CA PRO I 117 -22.75 -54.11 24.66
C PRO I 117 -21.71 -53.39 25.50
N VAL I 118 -21.88 -53.49 26.82
CA VAL I 118 -20.92 -52.98 27.78
C VAL I 118 -20.51 -54.11 28.70
N LEU I 119 -19.21 -54.17 28.99
CA LEU I 119 -18.68 -55.19 29.88
C LEU I 119 -18.77 -54.68 31.31
N VAL I 120 -19.36 -55.47 32.19
CA VAL I 120 -19.60 -55.07 33.56
C VAL I 120 -18.81 -55.97 34.49
N GLY I 121 -18.21 -55.39 35.51
CA GLY I 121 -17.48 -56.15 36.49
C GLY I 121 -16.51 -55.28 37.24
N ASP I 122 -15.85 -55.87 38.22
CA ASP I 122 -14.90 -55.13 39.02
C ASP I 122 -13.57 -54.96 38.28
N ALA I 123 -12.78 -53.99 38.73
CA ALA I 123 -11.52 -53.68 38.08
C ALA I 123 -10.48 -54.75 38.38
N GLY I 124 -9.36 -54.65 37.66
CA GLY I 124 -8.29 -55.61 37.85
C GLY I 124 -8.65 -57.02 37.44
N VAL I 125 -9.47 -57.18 36.41
CA VAL I 125 -9.90 -58.49 35.97
C VAL I 125 -9.59 -58.73 34.50
N GLY I 126 -8.63 -57.99 33.95
CA GLY I 126 -8.41 -58.06 32.52
C GLY I 126 -9.57 -57.52 31.72
N LYS I 127 -10.15 -56.40 32.16
CA LYS I 127 -11.38 -55.92 31.54
C LYS I 127 -11.16 -55.59 30.07
N THR I 128 -10.11 -54.83 29.77
CA THR I 128 -9.83 -54.54 28.36
C THR I 128 -9.39 -55.78 27.60
N ALA I 129 -8.68 -56.69 28.25
CA ALA I 129 -8.17 -57.87 27.58
C ALA I 129 -9.22 -58.53 26.72
N VAL I 130 -10.48 -58.43 27.12
CA VAL I 130 -11.57 -58.95 26.32
C VAL I 130 -11.62 -58.26 24.96
N VAL I 131 -11.53 -56.93 24.95
CA VAL I 131 -11.69 -56.25 23.67
C VAL I 131 -10.45 -56.43 22.81
N GLU I 132 -9.26 -56.46 23.41
CA GLU I 132 -8.12 -56.81 22.56
C GLU I 132 -8.27 -58.22 21.98
N GLY I 133 -8.76 -59.17 22.77
CA GLY I 133 -9.02 -60.48 22.22
C GLY I 133 -10.05 -60.45 21.11
N LEU I 134 -11.03 -59.57 21.22
CA LEU I 134 -12.01 -59.42 20.15
C LEU I 134 -11.34 -58.95 18.86
N ALA I 135 -10.44 -57.97 18.97
CA ALA I 135 -9.72 -57.53 17.77
C ALA I 135 -8.88 -58.65 17.20
N GLN I 136 -8.23 -59.42 18.08
CA GLN I 136 -7.45 -60.56 17.64
C GLN I 136 -8.31 -61.54 16.86
N ALA I 137 -9.50 -61.85 17.37
CA ALA I 137 -10.38 -62.77 16.66
C ALA I 137 -10.85 -62.20 15.34
N ILE I 138 -11.15 -60.90 15.30
CA ILE I 138 -11.56 -60.28 14.05
C ILE I 138 -10.50 -60.47 12.99
N VAL I 139 -9.25 -60.19 13.34
CA VAL I 139 -8.16 -60.45 12.41
C VAL I 139 -8.11 -61.94 12.08
N ASN I 140 -8.39 -62.77 13.08
CA ASN I 140 -8.32 -64.22 12.94
C ASN I 140 -9.41 -64.80 12.06
N GLY I 141 -10.45 -64.03 11.75
CA GLY I 141 -11.57 -64.60 11.05
C GLY I 141 -12.42 -65.51 11.91
N ASP I 142 -12.41 -65.29 13.22
CA ASP I 142 -13.23 -66.08 14.13
C ASP I 142 -14.66 -65.59 14.22
N VAL I 143 -14.89 -64.31 13.97
CA VAL I 143 -16.17 -63.67 14.21
C VAL I 143 -17.19 -64.15 13.19
N PRO I 144 -18.48 -63.95 13.44
CA PRO I 144 -19.47 -64.14 12.38
C PRO I 144 -19.38 -63.02 11.36
N ALA I 145 -20.03 -63.26 10.21
CA ALA I 145 -19.83 -62.41 9.04
C ALA I 145 -20.28 -60.98 9.27
N ALA I 146 -21.10 -60.73 10.29
CA ALA I 146 -21.71 -59.42 10.47
C ALA I 146 -20.68 -58.32 10.67
N ILE I 147 -19.53 -58.64 11.25
CA ILE I 147 -18.56 -57.63 11.63
C ILE I 147 -17.22 -57.82 10.93
N LYS I 148 -17.23 -58.48 9.79
CA LYS I 148 -15.97 -58.77 9.11
C LYS I 148 -15.24 -57.49 8.73
N ASN I 149 -15.95 -56.50 8.22
CA ASN I 149 -15.33 -55.37 7.55
C ASN I 149 -15.10 -54.19 8.47
N LYS I 150 -15.26 -54.37 9.78
CA LYS I 150 -15.16 -53.26 10.70
C LYS I 150 -13.80 -53.25 11.38
N GLU I 151 -13.50 -52.12 12.01
CA GLU I 151 -12.32 -51.99 12.86
C GLU I 151 -12.70 -51.29 14.14
N ILE I 152 -11.81 -51.37 15.12
CA ILE I 152 -12.07 -50.87 16.47
C ILE I 152 -11.04 -49.81 16.80
N VAL I 153 -11.50 -48.67 17.30
CA VAL I 153 -10.62 -47.61 17.75
C VAL I 153 -10.94 -47.31 19.21
N SER I 154 -9.91 -47.26 20.04
CA SER I 154 -10.05 -46.89 21.43
C SER I 154 -9.77 -45.40 21.59
N ILE I 155 -10.54 -44.75 22.44
CA ILE I 155 -10.49 -43.31 22.56
C ILE I 155 -10.14 -42.90 23.98
N ASP I 156 -9.19 -41.97 24.11
CA ASP I 156 -8.87 -41.29 25.35
C ASP I 156 -9.97 -40.29 25.63
N ILE I 157 -11.01 -40.74 26.34
CA ILE I 157 -12.08 -39.83 26.73
C ILE I 157 -11.54 -38.75 27.67
N SER I 158 -10.83 -39.15 28.72
CA SER I 158 -10.40 -38.23 29.75
C SER I 158 -9.50 -37.12 29.22
N GLY I 159 -8.68 -37.42 28.21
CA GLY I 159 -7.80 -36.44 27.62
C GLY I 159 -8.36 -35.69 26.45
N LEU I 160 -9.66 -35.79 26.16
CA LEU I 160 -10.19 -35.13 24.97
C LEU I 160 -9.99 -33.62 25.03
N GLU I 161 -10.27 -32.99 26.17
CA GLU I 161 -10.09 -31.55 26.26
C GLU I 161 -8.63 -31.14 26.11
N ALA I 162 -7.70 -32.09 26.24
CA ALA I 162 -6.30 -31.78 25.98
C ALA I 162 -6.04 -31.41 24.53
N GLY I 163 -6.87 -31.89 23.60
CA GLY I 163 -6.65 -31.65 22.19
C GLY I 163 -7.09 -30.31 21.69
N THR I 164 -7.66 -29.47 22.54
CA THR I 164 -8.22 -28.20 22.11
C THR I 164 -8.13 -27.18 23.23
N GLN I 165 -8.32 -25.91 22.87
CA GLN I 165 -8.18 -24.82 23.83
C GLN I 165 -9.53 -24.32 24.33
N TYR I 166 -10.54 -24.31 23.46
CA TYR I 166 -11.84 -23.75 23.79
C TYR I 166 -12.89 -24.84 23.70
N ARG I 167 -13.78 -24.88 24.68
CA ARG I 167 -14.71 -25.99 24.80
C ARG I 167 -15.80 -25.94 23.75
N GLY I 168 -16.08 -24.77 23.18
CA GLY I 168 -16.90 -24.72 21.99
C GLY I 168 -16.20 -25.35 20.80
N SER I 169 -14.92 -25.02 20.61
CA SER I 169 -14.10 -25.73 19.65
C SER I 169 -14.01 -27.20 19.99
N PHE I 170 -13.99 -27.52 21.29
CA PHE I 170 -14.00 -28.91 21.72
C PHE I 170 -15.25 -29.62 21.22
N GLU I 171 -16.41 -29.02 21.43
CA GLU I 171 -17.66 -29.64 20.98
C GLU I 171 -17.68 -29.77 19.47
N GLU I 172 -17.16 -28.76 18.76
CA GLU I 172 -17.08 -28.88 17.31
C GLU I 172 -16.21 -30.05 16.90
N ASN I 173 -15.07 -30.23 17.56
CA ASN I 173 -14.24 -31.38 17.28
C ASN I 173 -14.95 -32.69 17.61
N VAL I 174 -15.72 -32.68 18.69
CA VAL I 174 -16.47 -33.88 19.08
C VAL I 174 -17.45 -34.28 18.00
N GLN I 175 -18.25 -33.33 17.53
CA GLN I 175 -19.18 -33.62 16.45
C GLN I 175 -18.42 -33.99 15.18
N ASN I 176 -17.23 -33.42 15.00
CA ASN I 176 -16.40 -33.80 13.87
C ASN I 176 -16.03 -35.28 13.94
N LEU I 177 -16.08 -35.88 15.12
CA LEU I 177 -15.89 -37.32 15.21
C LEU I 177 -17.03 -38.05 14.51
N VAL I 178 -18.27 -37.68 14.83
CA VAL I 178 -19.41 -38.25 14.12
C VAL I 178 -19.26 -38.02 12.64
N ASN I 179 -18.79 -36.82 12.26
CA ASN I 179 -18.50 -36.54 10.87
C ASN I 179 -17.52 -37.57 10.31
N GLU I 180 -16.48 -37.91 11.06
CA GLU I 180 -15.59 -38.99 10.65
C GLU I 180 -16.31 -40.34 10.70
N VAL I 181 -17.26 -40.50 11.62
CA VAL I 181 -17.91 -41.79 11.72
C VAL I 181 -19.02 -41.83 10.69
N LYS I 182 -18.62 -42.06 9.44
CA LYS I 182 -19.53 -42.32 8.35
C LYS I 182 -19.02 -43.40 7.44
N GLU I 183 -17.83 -43.94 7.70
CA GLU I 183 -17.16 -44.87 6.78
C GLU I 183 -17.67 -46.29 7.02
N ALA I 184 -18.86 -46.53 6.47
CA ALA I 184 -19.51 -47.84 6.47
C ALA I 184 -19.67 -48.42 7.87
N GLY I 185 -19.57 -47.58 8.90
CA GLY I 185 -19.56 -48.10 10.25
C GLY I 185 -18.38 -48.97 10.56
N ASN I 186 -17.38 -48.99 9.68
CA ASN I 186 -16.18 -49.80 9.87
C ASN I 186 -15.44 -49.38 11.11
N ILE I 187 -15.71 -48.19 11.61
CA ILE I 187 -15.13 -47.68 12.85
C ILE I 187 -16.10 -48.02 13.97
N ILE I 188 -15.56 -48.55 15.06
CA ILE I 188 -16.33 -48.83 16.27
C ILE I 188 -15.57 -48.22 17.45
N LEU I 189 -16.26 -47.42 18.23
CA LEU I 189 -15.63 -46.67 19.30
C LEU I 189 -15.58 -47.51 20.56
N PHE I 190 -14.43 -47.51 21.23
CA PHE I 190 -14.28 -48.17 22.51
C PHE I 190 -13.81 -47.17 23.55
N PHE I 191 -14.27 -47.35 24.77
CA PHE I 191 -13.92 -46.50 25.89
C PHE I 191 -13.73 -47.37 27.11
N ASP I 192 -13.36 -46.73 28.22
CA ASP I 192 -13.11 -47.46 29.46
C ASP I 192 -13.78 -46.81 30.66
N ALA I 193 -14.40 -45.65 30.50
CA ALA I 193 -15.05 -44.96 31.62
C ALA I 193 -16.37 -44.36 31.12
N ILE I 194 -17.44 -45.14 31.21
CA ILE I 194 -18.71 -44.71 30.67
C ILE I 194 -19.26 -43.52 31.46
N HIS I 195 -19.10 -43.54 32.78
CA HIS I 195 -19.43 -42.40 33.59
C HIS I 195 -18.69 -41.14 33.15
N GLN I 196 -17.44 -41.28 32.72
CA GLN I 196 -16.71 -40.15 32.13
C GLN I 196 -17.23 -39.75 30.77
N ILE I 197 -18.00 -40.62 30.11
CA ILE I 197 -18.69 -40.26 28.89
C ILE I 197 -19.99 -39.54 29.19
N LEU I 198 -20.75 -40.05 30.15
CA LEU I 198 -22.04 -39.46 30.50
C LEU I 198 -21.78 -38.17 31.27
N GLY I 199 -21.35 -37.16 30.52
CA GLY I 199 -21.08 -35.83 31.05
C GLY I 199 -21.96 -34.79 30.40
N ALA I 200 -21.38 -33.63 30.06
CA ALA I 200 -22.10 -32.57 29.35
C ALA I 200 -23.30 -32.09 30.15
N GLY I 201 -23.43 -32.60 31.38
CA GLY I 201 -24.57 -32.32 32.23
C GLY I 201 -24.39 -32.91 33.61
N SER I 202 -25.48 -32.87 34.38
CA SER I 202 -25.45 -33.33 35.77
C SER I 202 -25.91 -34.78 35.85
N THR I 203 -25.21 -35.63 35.08
CA THR I 203 -25.42 -37.07 35.21
C THR I 203 -24.71 -37.64 36.43
N GLY I 204 -23.73 -36.94 36.98
CA GLY I 204 -23.01 -37.41 38.13
C GLY I 204 -22.27 -36.27 38.78
N GLY I 205 -22.33 -36.25 40.11
CA GLY I 205 -21.79 -35.11 40.82
C GLY I 205 -22.70 -33.90 40.67
N ASP I 206 -22.08 -32.72 40.79
CA ASP I 206 -22.80 -31.45 40.69
C ASP I 206 -22.83 -30.89 39.28
N SER I 207 -21.76 -31.05 38.50
CA SER I 207 -21.67 -30.48 37.17
C SER I 207 -20.77 -31.35 36.32
N GLY I 208 -20.52 -30.90 35.10
CA GLY I 208 -19.61 -31.61 34.21
C GLY I 208 -19.32 -30.77 32.98
N SER I 209 -18.24 -31.15 32.31
CA SER I 209 -17.85 -30.50 31.06
C SER I 209 -18.61 -31.12 29.89
N LYS I 210 -18.69 -30.37 28.81
CA LYS I 210 -19.36 -30.87 27.62
C LYS I 210 -18.67 -32.13 27.09
N GLY I 211 -19.49 -33.06 26.62
CA GLY I 211 -18.96 -34.29 26.06
C GLY I 211 -19.96 -34.90 25.10
N LEU I 212 -19.79 -36.20 24.85
CA LEU I 212 -20.65 -36.90 23.92
C LEU I 212 -22.11 -36.86 24.32
N ALA I 213 -22.39 -36.60 25.60
CA ALA I 213 -23.76 -36.76 26.09
C ALA I 213 -24.74 -35.94 25.27
N ASP I 214 -24.48 -34.65 25.12
CA ASP I 214 -25.38 -33.78 24.38
C ASP I 214 -25.45 -34.12 22.90
N ILE I 215 -24.55 -34.97 22.41
CA ILE I 215 -24.54 -35.40 21.03
C ILE I 215 -24.95 -36.87 20.91
N LEU I 216 -24.53 -37.71 21.86
CA LEU I 216 -24.79 -39.14 21.73
C LEU I 216 -26.27 -39.46 21.86
N LYS I 217 -26.98 -38.78 22.76
CA LYS I 217 -28.34 -39.15 23.14
C LYS I 217 -29.19 -39.31 21.90
N PRO I 218 -29.16 -38.37 20.94
CA PRO I 218 -29.80 -38.66 19.66
C PRO I 218 -29.05 -39.69 18.83
N ALA I 219 -27.74 -39.54 18.70
CA ALA I 219 -27.00 -40.37 17.75
C ALA I 219 -27.19 -41.85 18.03
N LEU I 220 -27.10 -42.24 19.30
CA LEU I 220 -27.36 -43.63 19.67
C LEU I 220 -28.82 -44.02 19.42
N SER I 221 -29.74 -43.13 19.76
CA SER I 221 -31.14 -43.37 19.42
C SER I 221 -31.32 -43.54 17.92
N ARG I 222 -30.74 -42.64 17.12
CA ARG I 222 -30.80 -42.79 15.68
C ARG I 222 -29.68 -43.67 15.11
N GLY I 223 -29.08 -44.54 15.92
CA GLY I 223 -28.31 -45.65 15.40
C GLY I 223 -27.00 -45.28 14.73
N GLU I 224 -26.53 -44.06 14.97
CA GLU I 224 -25.30 -43.60 14.34
C GLU I 224 -24.07 -44.37 14.80
N LEU I 225 -23.97 -44.67 16.08
CA LEU I 225 -22.72 -45.16 16.62
C LEU I 225 -22.91 -46.57 17.17
N THR I 226 -21.79 -47.27 17.36
CA THR I 226 -21.75 -48.47 18.18
C THR I 226 -20.57 -48.37 19.12
N VAL I 227 -20.86 -48.34 20.42
CA VAL I 227 -19.82 -48.21 21.43
C VAL I 227 -19.78 -49.49 22.23
N ILE I 228 -18.67 -49.71 22.92
CA ILE I 228 -18.46 -50.92 23.70
C ILE I 228 -17.86 -50.54 25.04
N GLY I 229 -18.65 -50.68 26.10
CA GLY I 229 -18.16 -50.56 27.46
C GLY I 229 -17.47 -49.24 27.75
N ALA I 230 -16.77 -49.21 28.88
CA ALA I 230 -16.75 -50.31 29.85
C ALA I 230 -16.72 -49.72 31.24
N THR I 231 -17.24 -50.45 32.22
CA THR I 231 -17.29 -49.91 33.57
C THR I 231 -17.58 -50.99 34.62
N THR I 232 -17.83 -50.55 35.85
CA THR I 232 -18.02 -51.43 36.99
C THR I 232 -19.50 -51.63 37.29
N GLN I 233 -19.77 -52.51 38.25
CA GLN I 233 -21.14 -52.88 38.62
C GLN I 233 -21.95 -51.69 39.12
N ASP I 234 -21.38 -50.95 40.07
CA ASP I 234 -22.10 -49.89 40.74
C ASP I 234 -22.31 -48.68 39.83
N GLU I 235 -21.29 -48.32 39.04
CA GLU I 235 -21.48 -47.36 37.96
C GLU I 235 -22.68 -47.75 37.10
N TYR I 236 -22.79 -49.04 36.76
CA TYR I 236 -23.86 -49.49 35.89
C TYR I 236 -25.22 -49.24 36.50
N ARG I 237 -25.44 -49.70 37.74
CA ARG I 237 -26.79 -49.52 38.28
C ARG I 237 -27.07 -48.07 38.62
N ASN I 238 -26.03 -47.27 38.88
CA ASN I 238 -26.27 -45.90 39.32
C ASN I 238 -26.47 -44.93 38.17
N THR I 239 -25.86 -45.19 37.02
CA THR I 239 -25.90 -44.23 35.92
C THR I 239 -26.66 -44.74 34.71
N ILE I 240 -26.52 -46.00 34.36
CA ILE I 240 -27.03 -46.49 33.10
C ILE I 240 -28.51 -46.81 33.18
N LEU I 241 -28.95 -47.50 34.22
CA LEU I 241 -30.33 -47.93 34.34
C LEU I 241 -31.29 -46.80 34.64
N LYS I 242 -30.81 -45.56 34.64
CA LYS I 242 -31.64 -44.42 34.99
C LYS I 242 -32.08 -43.61 33.78
N ASN I 243 -31.36 -43.66 32.68
CA ASN I 243 -31.75 -43.00 31.45
C ASN I 243 -32.41 -44.02 30.53
N ALA I 244 -33.72 -43.88 30.34
CA ALA I 244 -34.45 -44.84 29.52
C ALA I 244 -33.92 -44.85 28.10
N ALA I 245 -33.31 -43.75 27.64
CA ALA I 245 -32.77 -43.72 26.29
C ALA I 245 -31.71 -44.79 26.10
N LEU I 246 -30.80 -44.93 27.05
CA LEU I 246 -29.83 -46.02 26.99
C LEU I 246 -30.48 -47.38 27.12
N ALA I 247 -31.59 -47.46 27.86
CA ALA I 247 -32.23 -48.74 28.09
C ALA I 247 -32.65 -49.41 26.79
N ARG I 248 -33.04 -48.63 25.80
CA ARG I 248 -33.54 -49.17 24.55
C ARG I 248 -32.43 -49.28 23.50
N ARG I 249 -31.18 -49.11 23.91
CA ARG I 249 -30.06 -49.35 23.00
C ARG I 249 -28.97 -50.23 23.59
N PHE I 250 -28.84 -50.33 24.90
CA PHE I 250 -27.65 -50.91 25.51
C PHE I 250 -27.92 -52.31 26.03
N ASN I 251 -26.84 -53.07 26.18
CA ASN I 251 -26.88 -54.40 26.74
C ASN I 251 -25.63 -54.59 27.59
N GLU I 252 -25.66 -55.61 28.44
CA GLU I 252 -24.59 -55.80 29.41
C GLU I 252 -24.09 -57.23 29.35
N VAL I 253 -22.80 -57.40 29.59
CA VAL I 253 -22.16 -58.71 29.59
C VAL I 253 -21.32 -58.83 30.87
N LYS I 254 -21.59 -59.89 31.62
CA LYS I 254 -20.93 -60.11 32.90
C LYS I 254 -19.50 -60.58 32.72
N VAL I 255 -18.61 -60.11 33.59
CA VAL I 255 -17.21 -60.51 33.58
C VAL I 255 -16.82 -60.93 34.99
N ASN I 256 -16.09 -62.03 35.09
CA ASN I 256 -15.65 -62.56 36.37
C ASN I 256 -14.19 -62.98 36.30
N ALA I 257 -13.50 -62.86 37.42
CA ALA I 257 -12.11 -63.28 37.49
C ALA I 257 -12.02 -64.79 37.36
N PRO I 258 -11.00 -65.29 36.68
CA PRO I 258 -10.88 -66.75 36.48
C PRO I 258 -10.29 -67.44 37.69
N SER I 259 -10.22 -68.77 37.57
CA SER I 259 -9.72 -69.61 38.64
C SER I 259 -8.20 -69.70 38.60
N ALA I 260 -7.64 -70.40 39.59
CA ALA I 260 -6.20 -70.48 39.71
C ALA I 260 -5.63 -71.59 38.85
N GLU I 261 -6.10 -71.69 37.61
CA GLU I 261 -5.39 -72.40 36.57
C GLU I 261 -5.09 -71.52 35.37
N ASN I 262 -6.10 -70.82 34.88
CA ASN I 262 -5.93 -69.86 33.82
C ASN I 262 -5.01 -68.73 34.25
N THR I 263 -5.13 -68.28 35.49
CA THR I 263 -4.19 -67.30 36.02
C THR I 263 -2.77 -67.82 35.91
N PHE I 264 -2.58 -69.09 36.25
CA PHE I 264 -1.26 -69.69 36.13
C PHE I 264 -0.77 -69.65 34.69
N LYS I 265 -1.68 -69.91 33.74
CA LYS I 265 -1.33 -69.84 32.33
C LYS I 265 -0.91 -68.44 31.93
N ILE I 266 -1.68 -67.44 32.33
CA ILE I 266 -1.37 -66.07 31.97
C ILE I 266 -0.02 -65.68 32.54
N LEU I 267 0.24 -66.07 33.79
CA LEU I 267 1.51 -65.75 34.39
C LEU I 267 2.64 -66.43 33.63
N GLN I 268 2.44 -67.69 33.23
CA GLN I 268 3.44 -68.37 32.42
C GLN I 268 3.70 -67.59 31.14
N GLY I 269 2.65 -67.05 30.53
CA GLY I 269 2.83 -66.26 29.33
C GLY I 269 3.66 -65.01 29.59
N ILE I 270 3.35 -64.30 30.66
CA ILE I 270 4.08 -63.06 30.95
C ILE I 270 5.52 -63.34 31.31
N ARG I 271 5.77 -64.51 31.92
CA ARG I 271 7.01 -64.87 32.58
C ARG I 271 8.28 -64.32 31.93
N ASP I 272 8.38 -64.45 30.62
CA ASP I 272 9.57 -64.04 29.90
C ASP I 272 9.83 -62.54 29.96
N LEU I 273 8.79 -61.73 30.13
CA LEU I 273 8.98 -60.28 30.13
C LEU I 273 10.03 -59.85 31.15
N TYR I 274 10.06 -60.50 32.30
CA TYR I 274 10.93 -60.11 33.41
C TYR I 274 12.33 -60.68 33.29
N GLN I 275 12.78 -61.01 32.08
CA GLN I 275 14.21 -61.03 31.83
C GLN I 275 14.81 -59.65 32.02
N GLN I 276 13.97 -58.62 31.96
CA GLN I 276 14.42 -57.24 32.13
C GLN I 276 15.26 -57.06 33.38
N HIS I 277 14.90 -57.73 34.46
CA HIS I 277 15.49 -57.48 35.76
C HIS I 277 16.70 -58.36 36.05
N HIS I 278 17.16 -59.12 35.06
CA HIS I 278 18.41 -59.90 35.13
C HIS I 278 18.44 -60.80 36.36
N ASN I 279 17.32 -61.47 36.61
CA ASN I 279 17.19 -62.39 37.73
C ASN I 279 16.56 -63.67 37.19
N VAL I 280 16.31 -64.61 38.10
CA VAL I 280 15.74 -65.89 37.67
C VAL I 280 14.41 -65.62 36.98
N ILE I 281 14.24 -66.21 35.80
CA ILE I 281 12.92 -66.37 35.22
C ILE I 281 12.30 -67.57 35.90
N LEU I 282 11.13 -67.36 36.48
CA LEU I 282 10.72 -68.07 37.67
C LEU I 282 10.10 -69.45 37.37
N PRO I 283 10.50 -70.46 38.13
CA PRO I 283 9.88 -71.79 37.96
C PRO I 283 8.46 -71.82 38.49
N ASP I 284 7.71 -72.76 37.94
CA ASP I 284 6.26 -72.79 38.16
C ASP I 284 5.90 -72.90 39.64
N GLU I 285 6.74 -73.56 40.42
CA GLU I 285 6.44 -73.76 41.83
C GLU I 285 6.32 -72.43 42.54
N VAL I 286 7.26 -71.52 42.29
CA VAL I 286 7.20 -70.20 42.88
C VAL I 286 5.92 -69.48 42.44
N LEU I 287 5.54 -69.67 41.18
CA LEU I 287 4.37 -68.98 40.68
C LEU I 287 3.10 -69.44 41.39
N LYS I 288 2.88 -70.75 41.44
CA LYS I 288 1.70 -71.25 42.10
C LYS I 288 1.72 -70.90 43.58
N ALA I 289 2.90 -70.87 44.19
CA ALA I 289 2.98 -70.46 45.58
C ALA I 289 2.54 -69.00 45.75
N ALA I 290 2.96 -68.14 44.84
CA ALA I 290 2.54 -66.75 44.90
C ALA I 290 1.04 -66.62 44.75
N VAL I 291 0.46 -67.41 43.84
CA VAL I 291 -0.99 -67.40 43.68
C VAL I 291 -1.66 -67.82 44.98
N ASP I 292 -1.20 -68.93 45.56
CA ASP I 292 -1.84 -69.46 46.76
C ASP I 292 -1.71 -68.51 47.94
N TYR I 293 -0.64 -67.72 47.97
CA TYR I 293 -0.51 -66.78 49.07
C TYR I 293 -1.35 -65.54 48.85
N SER I 294 -1.33 -64.98 47.65
CA SER I 294 -2.09 -63.77 47.40
C SER I 294 -3.58 -64.02 47.52
N VAL I 295 -4.03 -65.23 47.16
CA VAL I 295 -5.46 -65.50 47.23
C VAL I 295 -5.94 -65.54 48.68
N GLN I 296 -5.13 -66.06 49.59
CA GLN I 296 -5.56 -66.23 50.96
C GLN I 296 -5.22 -65.06 51.85
N TYR I 297 -4.26 -64.22 51.48
CA TYR I 297 -3.86 -63.13 52.36
C TYR I 297 -4.33 -61.77 51.89
N ILE I 298 -4.65 -61.60 50.61
CA ILE I 298 -5.12 -60.31 50.12
C ILE I 298 -6.46 -60.49 49.42
N PRO I 299 -7.52 -60.81 50.16
CA PRO I 299 -8.84 -60.95 49.51
C PRO I 299 -9.40 -59.65 49.00
N GLN I 300 -8.93 -58.51 49.50
CA GLN I 300 -9.53 -57.24 49.11
C GLN I 300 -9.17 -56.81 47.70
N ARG I 301 -8.53 -57.67 46.92
CA ARG I 301 -8.19 -57.35 45.54
C ARG I 301 -8.54 -58.51 44.63
N SER I 302 -8.75 -58.19 43.37
CA SER I 302 -9.03 -59.22 42.37
C SER I 302 -7.80 -60.09 42.17
N LEU I 303 -8.04 -61.34 41.76
CA LEU I 303 -6.95 -62.29 41.58
C LEU I 303 -5.94 -61.88 40.51
N PRO I 304 -6.34 -61.62 39.27
CA PRO I 304 -5.32 -61.49 38.20
C PRO I 304 -4.30 -60.40 38.45
N ASP I 305 -4.72 -59.24 38.93
CA ASP I 305 -3.76 -58.16 39.14
C ASP I 305 -2.88 -58.41 40.35
N LYS I 306 -3.47 -58.87 41.46
CA LYS I 306 -2.66 -59.05 42.66
C LYS I 306 -1.61 -60.13 42.45
N ALA I 307 -1.96 -61.20 41.75
CA ALA I 307 -0.97 -62.24 41.50
C ALA I 307 0.21 -61.69 40.73
N ILE I 308 -0.03 -60.80 39.79
CA ILE I 308 1.05 -60.19 39.02
C ILE I 308 1.87 -59.25 39.87
N ASP I 309 1.21 -58.40 40.65
CA ASP I 309 1.93 -57.39 41.41
C ASP I 309 2.82 -58.05 42.46
N LEU I 310 2.35 -59.13 43.07
CA LEU I 310 3.19 -59.84 44.02
C LEU I 310 4.47 -60.31 43.35
N VAL I 311 4.36 -60.90 42.17
CA VAL I 311 5.53 -61.35 41.44
C VAL I 311 6.45 -60.19 41.14
N ASP I 312 5.86 -59.07 40.69
CA ASP I 312 6.65 -57.92 40.30
C ASP I 312 7.50 -57.39 41.46
N VAL I 313 6.85 -57.15 42.60
CA VAL I 313 7.59 -56.67 43.76
C VAL I 313 8.58 -57.72 44.24
N THR I 314 8.22 -59.00 44.11
CA THR I 314 9.16 -60.05 44.45
C THR I 314 10.45 -59.93 43.65
N ALA I 315 10.32 -59.76 42.34
CA ALA I 315 11.50 -59.63 41.50
C ALA I 315 12.28 -58.38 41.87
N ALA I 316 11.59 -57.25 42.05
CA ALA I 316 12.28 -56.02 42.37
C ALA I 316 13.11 -56.17 43.63
N HIS I 317 12.53 -56.81 44.66
CA HIS I 317 13.31 -57.04 45.87
C HIS I 317 14.46 -58.00 45.61
N LEU I 318 14.22 -59.04 44.83
CA LEU I 318 15.27 -60.00 44.54
C LEU I 318 16.40 -59.39 43.74
N ALA I 319 16.20 -58.19 43.18
CA ALA I 319 17.35 -57.47 42.66
C ALA I 319 18.37 -57.22 43.75
N ALA I 320 17.95 -57.31 45.01
CA ALA I 320 18.84 -57.24 46.17
C ALA I 320 19.66 -55.97 46.18
N GLN I 321 19.20 -54.95 45.45
CA GLN I 321 19.84 -53.65 45.43
C GLN I 321 21.30 -53.75 45.01
N HIS I 322 21.58 -54.64 44.06
CA HIS I 322 22.95 -54.81 43.62
C HIS I 322 23.40 -53.61 42.77
N PRO I 323 24.66 -53.23 42.89
CA PRO I 323 25.18 -52.10 42.12
C PRO I 323 25.52 -52.52 40.70
N VAL I 324 26.05 -51.57 39.94
CA VAL I 324 26.48 -51.81 38.57
C VAL I 324 27.87 -51.22 38.29
N THR I 325 28.47 -50.54 39.27
CA THR I 325 29.80 -50.00 39.10
C THR I 325 30.83 -51.06 38.75
N ASP I 326 30.63 -52.29 39.25
CA ASP I 326 31.61 -53.35 39.05
C ASP I 326 31.73 -53.72 37.58
N VAL I 327 30.80 -53.25 36.76
CA VAL I 327 30.91 -53.32 35.32
C VAL I 327 30.99 -51.92 34.71
N HIS I 328 30.45 -50.92 35.39
CA HIS I 328 30.40 -49.58 34.84
C HIS I 328 31.80 -48.99 34.71
N ALA I 329 32.68 -49.28 35.67
CA ALA I 329 34.05 -48.82 35.58
C ALA I 329 34.72 -49.31 34.30
N VAL I 330 34.55 -50.59 33.98
CA VAL I 330 35.19 -51.12 32.79
C VAL I 330 34.49 -50.62 31.53
N GLU I 331 33.22 -50.25 31.64
CA GLU I 331 32.60 -49.55 30.51
C GLU I 331 33.33 -48.24 30.24
N ARG I 332 33.64 -47.48 31.30
CA ARG I 332 34.44 -46.29 31.12
C ARG I 332 35.79 -46.60 30.50
N GLU I 333 36.41 -47.70 30.95
CA GLU I 333 37.70 -48.10 30.40
C GLU I 333 37.60 -48.37 28.91
N ILE I 334 36.55 -49.09 28.50
CA ILE I 334 36.35 -49.37 27.09
C ILE I 334 36.17 -48.07 26.31
N GLU I 335 35.48 -47.10 26.90
CA GLU I 335 35.34 -45.81 26.23
C GLU I 335 36.68 -45.14 26.01
N THR I 336 37.52 -45.11 27.04
CA THR I 336 38.83 -44.48 26.90
C THR I 336 39.68 -45.20 25.86
N GLU I 337 39.71 -46.53 25.92
CA GLU I 337 40.49 -47.29 24.95
C GLU I 337 39.97 -47.07 23.53
N LYS I 338 38.66 -46.95 23.38
CA LYS I 338 38.08 -46.68 22.08
C LYS I 338 38.53 -45.32 21.55
N ASP I 339 38.58 -44.32 22.43
CA ASP I 339 39.04 -43.01 21.99
C ASP I 339 40.49 -43.06 21.53
N LYS I 340 41.35 -43.72 22.30
CA LYS I 340 42.75 -43.85 21.88
C LYS I 340 42.86 -44.63 20.58
N GLN I 341 42.02 -45.65 20.40
CA GLN I 341 42.01 -46.40 19.16
C GLN I 341 41.66 -45.52 17.98
N GLU I 342 40.64 -44.68 18.13
CA GLU I 342 40.31 -43.75 17.07
C GLU I 342 41.45 -42.80 16.78
N LYS I 343 42.11 -42.32 17.83
CA LYS I 343 43.23 -41.42 17.63
C LYS I 343 44.34 -42.08 16.82
N ALA I 344 44.68 -43.33 17.17
CA ALA I 344 45.72 -44.04 16.43
C ALA I 344 45.30 -44.30 14.99
N VAL I 345 44.02 -44.61 14.77
CA VAL I 345 43.54 -44.79 13.41
C VAL I 345 43.70 -43.49 12.62
N GLU I 346 43.50 -42.35 13.27
CA GLU I 346 43.73 -41.09 12.58
C GLU I 346 45.15 -41.01 12.07
N ALA I 347 46.12 -41.47 12.86
CA ALA I 347 47.52 -41.47 12.45
C ALA I 347 47.93 -42.70 11.67
N GLU I 348 46.98 -43.57 11.33
CA GLU I 348 47.21 -44.71 10.44
C GLU I 348 48.30 -45.64 10.98
N ASP I 349 48.33 -45.81 12.30
CA ASP I 349 49.28 -46.72 12.93
C ASP I 349 48.51 -48.01 13.23
N PHE I 350 48.59 -48.95 12.30
CA PHE I 350 47.67 -50.08 12.30
C PHE I 350 47.94 -51.07 13.42
N GLU I 351 49.21 -51.23 13.80
CA GLU I 351 49.51 -52.15 14.90
C GLU I 351 48.88 -51.68 16.20
N ALA I 352 48.95 -50.38 16.48
CA ALA I 352 48.36 -49.87 17.72
C ALA I 352 46.85 -50.00 17.71
N ALA I 353 46.22 -49.71 16.56
CA ALA I 353 44.78 -49.87 16.45
C ALA I 353 44.37 -51.32 16.61
N LEU I 354 45.15 -52.24 16.04
CA LEU I 354 44.87 -53.66 16.20
C LEU I 354 44.97 -54.07 17.66
N ASN I 355 46.00 -53.61 18.35
CA ASN I 355 46.12 -53.88 19.78
C ASN I 355 44.94 -53.32 20.55
N TYR I 356 44.53 -52.10 20.22
CA TYR I 356 43.39 -51.50 20.88
C TYR I 356 42.12 -52.30 20.65
N LYS I 357 41.92 -52.78 19.43
CA LYS I 357 40.73 -53.58 19.14
C LYS I 357 40.76 -54.89 19.91
N THR I 358 41.94 -55.50 20.02
CA THR I 358 42.07 -56.72 20.81
C THR I 358 41.73 -56.45 22.28
N ARG I 359 42.21 -55.34 22.82
CA ARG I 359 41.90 -55.00 24.20
C ARG I 359 40.41 -54.71 24.38
N ILE I 360 39.81 -54.09 23.37
CA ILE I 360 38.38 -53.82 23.41
C ILE I 360 37.61 -55.12 23.47
N ALA I 361 37.97 -56.08 22.63
CA ALA I 361 37.31 -57.38 22.69
C ALA I 361 37.51 -58.02 24.06
N GLU I 362 38.74 -57.95 24.58
CA GLU I 362 39.02 -58.48 25.90
C GLU I 362 38.05 -57.94 26.94
N LEU I 363 38.02 -56.63 27.09
CA LEU I 363 37.18 -56.01 28.11
C LEU I 363 35.71 -56.30 27.83
N GLU I 364 35.33 -56.36 26.56
CA GLU I 364 33.94 -56.63 26.22
C GLU I 364 33.51 -57.98 26.75
N ARG I 365 34.25 -59.04 26.46
CA ARG I 365 33.76 -60.34 26.91
C ARG I 365 33.95 -60.51 28.41
N LYS I 366 34.87 -59.75 29.00
CA LYS I 366 34.90 -59.71 30.47
C LYS I 366 33.57 -59.21 31.01
N ILE I 367 33.13 -58.06 30.48
CA ILE I 367 31.85 -57.48 30.90
C ILE I 367 30.72 -58.45 30.62
N GLU I 368 30.80 -59.16 29.51
CA GLU I 368 29.82 -60.20 29.25
C GLU I 368 29.81 -61.24 30.37
N ASN I 369 30.99 -61.67 30.82
CA ASN I 369 31.06 -62.63 31.91
C ASN I 369 30.43 -62.08 33.17
N HIS I 370 30.73 -60.83 33.51
CA HIS I 370 30.09 -60.23 34.68
C HIS I 370 28.58 -60.14 34.53
N THR I 371 28.10 -59.85 33.33
CA THR I 371 26.67 -59.66 33.13
C THR I 371 25.91 -60.94 33.45
N GLU I 372 26.42 -62.07 33.02
CA GLU I 372 25.81 -63.35 33.31
C GLU I 372 26.01 -63.77 34.76
N ASP I 373 26.72 -62.99 35.57
CA ASP I 373 26.84 -63.27 36.99
C ASP I 373 25.59 -62.73 37.70
N MET I 374 24.46 -63.32 37.35
CA MET I 374 23.19 -63.02 37.96
C MET I 374 22.74 -64.21 38.80
N LYS I 375 22.19 -63.92 39.97
CA LYS I 375 21.69 -64.95 40.87
C LYS I 375 20.29 -65.36 40.41
N VAL I 376 20.09 -66.65 40.25
CA VAL I 376 18.81 -67.20 39.84
C VAL I 376 18.28 -68.04 40.99
N THR I 377 17.51 -67.40 41.85
CA THR I 377 16.99 -68.04 43.06
C THR I 377 15.56 -67.56 43.27
N ALA I 378 14.62 -68.30 42.71
CA ALA I 378 13.23 -68.10 43.04
C ALA I 378 12.82 -69.08 44.13
N SER I 379 12.48 -68.54 45.29
CA SER I 379 12.14 -69.37 46.44
C SER I 379 10.77 -68.94 46.94
N VAL I 380 9.98 -69.92 47.35
CA VAL I 380 8.73 -69.61 48.01
C VAL I 380 8.97 -68.76 49.25
N ASN I 381 10.09 -68.98 49.93
CA ASN I 381 10.41 -68.21 51.13
C ASN I 381 10.55 -66.72 50.83
N ASP I 382 11.25 -66.38 49.74
CA ASP I 382 11.44 -64.98 49.39
C ASP I 382 10.12 -64.30 49.09
N VAL I 383 9.24 -64.99 48.36
CA VAL I 383 7.89 -64.51 48.18
C VAL I 383 7.24 -64.29 49.53
N ALA I 384 7.51 -65.18 50.48
CA ALA I 384 6.91 -65.05 51.80
C ALA I 384 7.36 -63.77 52.49
N GLU I 385 8.66 -63.47 52.48
CA GLU I 385 9.08 -62.23 53.14
C GLU I 385 8.55 -61.02 52.38
N SER I 386 8.39 -61.14 51.07
CA SER I 386 7.74 -60.06 50.33
C SER I 386 6.33 -59.85 50.87
N VAL I 387 5.60 -60.93 51.11
CA VAL I 387 4.27 -60.82 51.68
C VAL I 387 4.33 -60.15 53.04
N GLU I 388 5.29 -60.57 53.86
CA GLU I 388 5.41 -60.04 55.22
C GLU I 388 5.64 -58.55 55.17
N ARG I 389 6.42 -58.09 54.20
CA ARG I 389 6.65 -56.66 54.07
C ARG I 389 5.40 -55.98 53.57
N MET I 390 4.61 -56.70 52.79
CA MET I 390 3.36 -56.14 52.31
C MET I 390 2.40 -55.85 53.45
N THR I 391 2.23 -56.81 54.36
CA THR I 391 1.18 -56.72 55.37
C THR I 391 1.70 -56.63 56.79
N GLY I 392 3.01 -56.77 56.99
CA GLY I 392 3.54 -56.69 58.34
C GLY I 392 3.30 -57.90 59.21
N ILE I 393 2.81 -58.99 58.64
CA ILE I 393 2.41 -60.16 59.41
C ILE I 393 3.40 -61.29 59.15
N PRO I 394 4.25 -61.62 60.10
CA PRO I 394 5.00 -62.88 60.00
C PRO I 394 4.02 -64.04 60.00
N VAL I 395 4.33 -65.04 59.18
CA VAL I 395 3.45 -66.20 59.02
C VAL I 395 4.20 -67.41 59.54
N SER I 396 3.71 -67.98 60.62
CA SER I 396 4.15 -69.32 60.96
C SER I 396 3.40 -70.32 60.08
N GLN I 397 4.04 -71.45 59.82
CA GLN I 397 3.48 -72.52 58.99
C GLN I 397 3.06 -71.99 57.62
N MET I 398 4.01 -71.35 56.96
CA MET I 398 3.79 -70.82 55.62
C MET I 398 3.45 -71.95 54.66
N GLY I 399 2.50 -71.70 53.76
CA GLY I 399 2.04 -72.69 52.82
C GLY I 399 1.02 -73.67 53.37
N ALA I 400 0.61 -73.50 54.63
CA ALA I 400 -0.36 -74.41 55.21
C ALA I 400 -1.67 -74.37 54.44
N SER I 401 -2.37 -75.49 54.42
CA SER I 401 -3.65 -75.54 53.73
C SER I 401 -4.66 -74.65 54.44
N ASP I 402 -5.65 -74.19 53.68
CA ASP I 402 -6.80 -73.56 54.29
C ASP I 402 -7.42 -74.46 55.33
N ILE I 403 -7.43 -75.77 55.10
CA ILE I 403 -7.97 -76.69 56.09
C ILE I 403 -7.21 -76.55 57.40
N GLU I 404 -5.88 -76.47 57.31
CA GLU I 404 -5.08 -76.20 58.50
C GLU I 404 -5.47 -74.87 59.13
N ARG I 405 -5.52 -73.81 58.32
CA ARG I 405 -5.64 -72.46 58.85
C ARG I 405 -6.98 -72.24 59.53
N LEU I 406 -8.05 -72.72 58.92
CA LEU I 406 -9.39 -72.50 59.45
C LEU I 406 -9.60 -73.18 60.78
N LYS I 407 -8.79 -74.19 61.12
CA LYS I 407 -8.81 -74.79 62.43
C LYS I 407 -7.79 -74.18 63.37
N ASP I 408 -6.65 -73.75 62.85
CA ASP I 408 -5.60 -73.20 63.71
C ASP I 408 -5.97 -71.82 64.21
N MET I 409 -6.70 -71.04 63.42
CA MET I 409 -7.15 -69.73 63.88
C MET I 409 -8.00 -69.84 65.14
N ALA I 410 -8.66 -70.99 65.34
CA ALA I 410 -9.38 -71.20 66.59
C ALA I 410 -8.47 -70.96 67.79
N HIS I 411 -7.30 -71.59 67.80
CA HIS I 411 -6.33 -71.30 68.85
C HIS I 411 -5.69 -69.93 68.70
N ARG I 412 -5.44 -69.51 67.46
CA ARG I 412 -4.79 -68.22 67.23
C ARG I 412 -5.50 -67.11 67.98
N LEU I 413 -6.81 -67.05 67.84
CA LEU I 413 -7.61 -66.13 68.66
C LEU I 413 -7.76 -66.63 70.08
N GLN I 414 -7.96 -67.94 70.26
CA GLN I 414 -8.18 -68.49 71.59
C GLN I 414 -7.01 -68.21 72.51
N ASP I 415 -5.79 -68.29 72.01
CA ASP I 415 -4.61 -68.15 72.84
C ASP I 415 -4.17 -66.69 73.00
N LYS I 416 -4.73 -65.76 72.23
CA LYS I 416 -4.53 -64.34 72.50
C LYS I 416 -5.62 -63.76 73.38
N VAL I 417 -6.69 -64.51 73.61
CA VAL I 417 -7.73 -64.14 74.54
C VAL I 417 -7.72 -65.15 75.68
N ILE I 418 -8.60 -64.95 76.65
CA ILE I 418 -8.69 -65.81 77.81
C ILE I 418 -10.10 -66.36 77.90
N GLY I 419 -10.23 -67.67 77.69
CA GLY I 419 -11.52 -68.32 77.82
C GLY I 419 -12.56 -67.74 76.87
N GLN I 420 -13.80 -67.72 77.36
CA GLN I 420 -14.95 -67.26 76.57
C GLN I 420 -15.03 -68.02 75.25
N ASP I 421 -14.81 -69.33 75.33
CA ASP I 421 -14.64 -70.15 74.13
C ASP I 421 -15.86 -70.16 73.24
N LYS I 422 -17.04 -69.80 73.77
CA LYS I 422 -18.24 -69.79 72.95
C LYS I 422 -18.10 -68.80 71.80
N ALA I 423 -17.61 -67.60 72.09
CA ALA I 423 -17.43 -66.59 71.06
C ALA I 423 -16.43 -67.08 70.01
N VAL I 424 -15.34 -67.71 70.47
CA VAL I 424 -14.36 -68.26 69.54
C VAL I 424 -15.02 -69.27 68.61
N GLU I 425 -15.78 -70.20 69.18
CA GLU I 425 -16.46 -71.21 68.38
C GLU I 425 -17.37 -70.59 67.34
N VAL I 426 -18.25 -69.69 67.77
CA VAL I 426 -19.23 -69.10 66.87
C VAL I 426 -18.54 -68.33 65.76
N VAL I 427 -17.59 -67.46 66.12
CA VAL I 427 -16.94 -66.63 65.13
C VAL I 427 -16.16 -67.50 64.14
N ALA I 428 -15.45 -68.51 64.64
CA ALA I 428 -14.67 -69.35 63.75
C ALA I 428 -15.55 -70.09 62.76
N ARG I 429 -16.64 -70.68 63.24
CA ARG I 429 -17.50 -71.42 62.32
C ARG I 429 -18.13 -70.49 61.29
N ALA I 430 -18.60 -69.31 61.73
CA ALA I 430 -19.19 -68.38 60.78
C ALA I 430 -18.17 -67.95 59.73
N ILE I 431 -16.94 -67.65 60.17
CA ILE I 431 -15.91 -67.23 59.25
C ILE I 431 -15.61 -68.33 58.25
N CYS I 432 -15.53 -69.57 58.72
CA CYS I 432 -15.26 -70.67 57.80
C CYS I 432 -16.37 -70.81 56.79
N ARG I 433 -17.63 -70.69 57.23
CA ARG I 433 -18.74 -70.81 56.29
C ARG I 433 -18.65 -69.75 55.21
N ASN I 434 -18.40 -68.50 55.60
CA ASN I 434 -18.28 -67.45 54.58
C ASN I 434 -17.08 -67.71 53.68
N ARG I 435 -15.94 -68.08 54.25
CA ARG I 435 -14.75 -68.31 53.45
C ARG I 435 -14.92 -69.48 52.50
N ALA I 436 -15.47 -70.59 52.97
CA ALA I 436 -15.66 -71.73 52.10
C ALA I 436 -16.80 -71.54 51.12
N GLY I 437 -17.62 -70.52 51.29
CA GLY I 437 -18.73 -70.28 50.40
C GLY I 437 -19.89 -71.24 50.57
N PHE I 438 -20.02 -71.87 51.74
CA PHE I 438 -21.16 -72.73 51.97
C PHE I 438 -22.46 -71.95 52.06
N ASP I 439 -22.45 -70.86 52.81
CA ASP I 439 -23.64 -70.05 52.99
C ASP I 439 -24.05 -69.42 51.66
N GLU I 440 -25.36 -69.38 51.42
CA GLU I 440 -25.85 -68.68 50.24
C GLU I 440 -25.52 -67.20 50.35
N GLY I 441 -25.28 -66.59 49.19
CA GLY I 441 -24.91 -65.20 49.15
C GLY I 441 -26.07 -64.28 49.48
N ASN I 442 -25.89 -63.01 49.09
CA ASN I 442 -26.89 -61.97 49.26
C ASN I 442 -27.17 -61.67 50.74
N ARG I 443 -26.21 -62.00 51.59
CA ARG I 443 -26.26 -61.65 53.01
C ARG I 443 -24.89 -61.13 53.40
N PRO I 444 -24.84 -60.23 54.37
CA PRO I 444 -23.54 -59.73 54.85
C PRO I 444 -22.76 -60.86 55.52
N ILE I 445 -21.45 -60.63 55.65
CA ILE I 445 -20.55 -61.69 56.11
C ILE I 445 -20.95 -62.18 57.49
N GLY I 446 -21.17 -61.26 58.41
CA GLY I 446 -21.56 -61.64 59.75
C GLY I 446 -22.05 -60.42 60.50
N ASN I 447 -23.05 -60.66 61.34
CA ASN I 447 -23.71 -59.63 62.11
C ASN I 447 -23.89 -60.18 63.52
N PHE I 448 -23.07 -59.71 64.44
CA PHE I 448 -23.05 -60.32 65.76
C PHE I 448 -23.17 -59.29 66.87
N LEU I 449 -23.75 -59.72 67.97
CA LEU I 449 -23.96 -58.87 69.14
C LEU I 449 -23.17 -59.43 70.31
N PHE I 450 -22.59 -58.54 71.11
CA PHE I 450 -21.77 -58.91 72.25
C PHE I 450 -22.18 -58.02 73.41
N VAL I 451 -22.57 -58.64 74.53
CA VAL I 451 -23.28 -57.94 75.59
C VAL I 451 -22.59 -58.29 76.91
N GLY I 452 -22.06 -57.28 77.58
CA GLY I 452 -21.37 -57.50 78.83
C GLY I 452 -20.70 -56.22 79.30
N SER I 453 -19.86 -56.36 80.33
CA SER I 453 -19.12 -55.24 80.87
C SER I 453 -17.87 -54.95 80.02
N THR I 454 -17.20 -53.84 80.35
CA THR I 454 -16.06 -53.41 79.54
C THR I 454 -14.80 -54.20 79.87
N GLY I 455 -14.42 -54.21 81.14
CA GLY I 455 -13.16 -54.83 81.54
C GLY I 455 -13.19 -56.34 81.41
N VAL I 456 -13.44 -56.83 80.21
CA VAL I 456 -13.49 -58.25 79.95
C VAL I 456 -12.67 -58.55 78.71
N GLY I 457 -11.83 -57.59 78.32
CA GLY I 457 -11.35 -57.60 76.96
C GLY I 457 -12.48 -57.38 75.98
N LYS I 458 -13.37 -56.42 76.28
CA LYS I 458 -14.56 -56.25 75.47
C LYS I 458 -14.23 -55.95 74.01
N THR I 459 -13.06 -55.37 73.78
CA THR I 459 -12.62 -55.03 72.44
C THR I 459 -11.63 -56.03 71.87
N GLU I 460 -11.47 -57.18 72.53
CA GLU I 460 -10.52 -58.19 72.07
C GLU I 460 -10.78 -58.60 70.63
N LEU I 461 -12.02 -58.91 70.31
CA LEU I 461 -12.37 -59.28 68.94
C LEU I 461 -12.31 -58.09 68.00
N ALA I 462 -12.30 -56.87 68.53
CA ALA I 462 -12.09 -55.70 67.70
C ALA I 462 -10.65 -55.53 67.27
N LYS I 463 -9.69 -56.03 68.05
CA LYS I 463 -8.28 -55.90 67.72
C LYS I 463 -7.70 -57.17 67.12
N GLN I 464 -7.72 -58.27 67.87
CA GLN I 464 -7.03 -59.48 67.43
C GLN I 464 -7.77 -60.18 66.31
N LEU I 465 -9.10 -60.30 66.43
CA LEU I 465 -9.86 -60.86 65.32
C LEU I 465 -9.68 -60.03 64.07
N ALA I 466 -9.76 -58.71 64.19
CA ALA I 466 -9.60 -57.86 63.02
C ALA I 466 -8.24 -58.06 62.37
N LEU I 467 -7.18 -58.08 63.18
CA LEU I 467 -5.85 -58.22 62.62
C LEU I 467 -5.68 -59.58 61.95
N ASP I 468 -6.12 -60.66 62.59
CA ASP I 468 -5.98 -61.98 61.97
C ASP I 468 -6.80 -62.07 60.70
N MET I 469 -8.00 -61.50 60.70
CA MET I 469 -8.80 -61.46 59.48
C MET I 469 -8.09 -60.72 58.36
N PHE I 470 -7.46 -59.59 58.66
CA PHE I 470 -7.04 -58.69 57.61
C PHE I 470 -5.56 -58.35 57.61
N GLY I 471 -4.70 -59.17 58.21
CA GLY I 471 -3.29 -58.86 58.24
C GLY I 471 -2.96 -57.53 58.87
N THR I 472 -3.94 -56.89 59.51
CA THR I 472 -3.75 -55.64 60.23
C THR I 472 -5.03 -55.35 60.99
N GLN I 473 -4.87 -54.85 62.20
CA GLN I 473 -6.01 -54.41 62.99
C GLN I 473 -6.67 -53.17 62.39
N ASP I 474 -5.99 -52.46 61.50
CA ASP I 474 -6.52 -51.23 60.89
C ASP I 474 -7.47 -51.59 59.76
N ALA I 475 -8.51 -52.34 60.13
CA ALA I 475 -9.57 -52.68 59.19
C ALA I 475 -10.94 -52.53 59.84
N ILE I 476 -11.06 -51.65 60.83
CA ILE I 476 -12.30 -51.48 61.57
C ILE I 476 -12.59 -50.01 61.72
N ILE I 477 -13.87 -49.66 61.65
CA ILE I 477 -14.37 -48.36 62.06
C ILE I 477 -15.41 -48.57 63.15
N ARG I 478 -15.23 -47.86 64.26
CA ARG I 478 -16.07 -48.04 65.42
C ARG I 478 -16.79 -46.74 65.74
N LEU I 479 -18.10 -46.86 65.96
CA LEU I 479 -18.94 -45.79 66.45
C LEU I 479 -19.63 -46.23 67.73
N ASP I 480 -19.45 -45.45 68.78
CA ASP I 480 -20.13 -45.68 70.05
C ASP I 480 -21.49 -45.04 69.91
N MET I 481 -22.49 -45.84 69.53
CA MET I 481 -23.72 -45.25 69.01
C MET I 481 -24.40 -44.40 70.06
N SER I 482 -24.35 -44.83 71.33
CA SER I 482 -24.97 -44.04 72.40
C SER I 482 -24.40 -42.63 72.44
N GLU I 483 -23.08 -42.50 72.49
CA GLU I 483 -22.47 -41.18 72.44
C GLU I 483 -22.48 -40.62 71.04
N TYR I 484 -22.64 -41.47 70.03
CA TYR I 484 -22.70 -41.00 68.64
C TYR I 484 -23.81 -39.98 68.45
N SER I 485 -25.01 -40.30 68.93
CA SER I 485 -26.17 -39.52 68.57
C SER I 485 -26.16 -38.15 69.25
N ASP I 486 -27.24 -37.42 69.06
CA ASP I 486 -27.41 -36.10 69.63
C ASP I 486 -28.44 -36.13 70.77
N ARG I 487 -28.04 -35.67 71.94
CA ARG I 487 -28.94 -35.66 73.08
C ARG I 487 -29.30 -34.26 73.56
N THR I 488 -28.30 -33.48 73.97
CA THR I 488 -28.55 -32.16 74.54
C THR I 488 -27.47 -31.21 74.04
N ALA I 489 -27.81 -29.92 73.97
CA ALA I 489 -26.92 -28.93 73.35
C ALA I 489 -25.72 -28.70 74.27
N VAL I 490 -24.79 -29.66 74.22
CA VAL I 490 -23.58 -29.63 75.01
C VAL I 490 -22.40 -29.69 74.06
N SER I 491 -21.26 -29.15 74.49
CA SER I 491 -20.13 -28.95 73.59
C SER I 491 -19.35 -30.23 73.35
N LYS I 492 -20.05 -31.31 73.02
CA LYS I 492 -19.42 -32.52 72.54
C LYS I 492 -20.25 -33.02 71.36
N LEU I 493 -21.43 -32.43 71.21
CA LEU I 493 -22.37 -32.82 70.17
C LEU I 493 -23.24 -31.63 69.80
N ILE I 494 -23.46 -31.45 68.50
CA ILE I 494 -24.17 -30.30 67.97
C ILE I 494 -25.25 -30.73 67.00
N GLY I 495 -26.44 -30.15 67.11
CA GLY I 495 -27.49 -30.38 66.14
C GLY I 495 -28.65 -31.19 66.67
N THR I 496 -29.17 -32.09 65.84
CA THR I 496 -30.26 -32.97 66.25
C THR I 496 -29.91 -34.40 65.86
N THR I 497 -30.42 -35.35 66.65
CA THR I 497 -30.12 -36.76 66.39
C THR I 497 -30.56 -37.15 65.00
N ALA I 498 -31.71 -36.62 64.55
CA ALA I 498 -32.09 -36.78 63.16
C ALA I 498 -30.97 -36.35 62.22
N GLY I 499 -30.41 -35.17 62.43
CA GLY I 499 -29.29 -34.73 61.62
C GLY I 499 -28.25 -35.82 61.40
N TYR I 500 -28.05 -36.68 62.41
CA TYR I 500 -27.02 -37.71 62.31
C TYR I 500 -27.25 -38.63 61.13
N VAL I 501 -28.47 -39.12 60.92
CA VAL I 501 -28.69 -40.00 59.78
C VAL I 501 -28.35 -39.26 58.49
N GLY I 502 -28.64 -37.95 58.45
CA GLY I 502 -28.26 -37.17 57.28
C GLY I 502 -26.79 -37.26 56.98
N TYR I 503 -25.93 -37.09 58.01
CA TYR I 503 -24.50 -37.22 57.79
C TYR I 503 -24.19 -38.56 57.16
N ASP I 504 -24.88 -39.61 57.62
CA ASP I 504 -24.53 -40.95 57.20
C ASP I 504 -24.88 -41.17 55.73
N ASP I 505 -25.75 -40.34 55.17
CA ASP I 505 -26.31 -40.69 53.88
C ASP I 505 -25.97 -39.70 52.77
N ASN I 506 -25.25 -38.62 53.09
CA ASN I 506 -24.89 -37.64 52.07
C ASN I 506 -23.44 -37.17 52.20
N SER I 507 -22.72 -37.60 53.22
CA SER I 507 -21.44 -36.99 53.55
C SER I 507 -20.36 -38.06 53.65
N ASN I 508 -19.11 -37.63 53.45
CA ASN I 508 -17.96 -38.54 53.45
C ASN I 508 -17.63 -38.98 54.87
N THR I 509 -18.60 -39.63 55.50
CA THR I 509 -18.38 -40.14 56.84
C THR I 509 -18.71 -41.63 56.93
N LEU I 510 -19.79 -42.09 56.30
CA LEU I 510 -20.12 -43.50 56.41
C LEU I 510 -20.12 -44.18 55.06
N THR I 511 -20.90 -43.66 54.12
CA THR I 511 -20.95 -44.28 52.80
C THR I 511 -19.64 -44.17 52.05
N GLU I 512 -18.98 -43.01 52.12
CA GLU I 512 -17.66 -42.90 51.50
C GLU I 512 -16.77 -44.06 51.93
N ARG I 513 -16.59 -44.23 53.24
CA ARG I 513 -15.64 -45.22 53.74
C ARG I 513 -16.02 -46.65 53.40
N VAL I 514 -17.29 -47.04 53.62
CA VAL I 514 -17.66 -48.43 53.41
C VAL I 514 -17.47 -48.84 51.96
N ARG I 515 -17.69 -47.94 51.01
CA ARG I 515 -17.42 -48.22 49.61
C ARG I 515 -15.93 -48.24 49.31
N ARG I 516 -15.11 -47.60 50.13
CA ARG I 516 -13.67 -47.68 49.93
C ARG I 516 -13.07 -49.01 50.37
N ASN I 517 -13.57 -49.61 51.44
CA ASN I 517 -13.04 -50.88 51.92
C ASN I 517 -14.21 -51.83 52.12
N PRO I 518 -14.79 -52.33 51.04
CA PRO I 518 -15.98 -53.17 51.15
C PRO I 518 -15.76 -54.44 51.97
N TYR I 519 -14.56 -54.66 52.49
CA TYR I 519 -14.31 -55.77 53.38
C TYR I 519 -14.16 -55.36 54.83
N SER I 520 -14.14 -54.07 55.13
CA SER I 520 -13.84 -53.60 56.47
C SER I 520 -14.88 -54.11 57.48
N ILE I 521 -14.57 -53.92 58.76
CA ILE I 521 -15.44 -54.32 59.85
C ILE I 521 -15.91 -53.06 60.56
N ILE I 522 -17.20 -53.00 60.89
CA ILE I 522 -17.78 -51.85 61.55
C ILE I 522 -18.32 -52.30 62.90
N LEU I 523 -18.04 -51.51 63.91
CA LEU I 523 -18.32 -51.83 65.31
C LEU I 523 -19.21 -50.73 65.88
N LEU I 524 -20.28 -51.13 66.56
CA LEU I 524 -21.23 -50.19 67.15
C LEU I 524 -21.32 -50.47 68.64
N ASP I 525 -20.72 -49.60 69.44
CA ASP I 525 -20.64 -49.80 70.88
C ASP I 525 -21.98 -49.51 71.55
N ALA I 526 -22.37 -50.40 72.47
CA ALA I 526 -23.38 -50.07 73.47
C ALA I 526 -24.64 -49.50 72.84
N ILE I 527 -25.43 -50.32 72.16
CA ILE I 527 -26.43 -49.80 71.24
C ILE I 527 -27.87 -49.90 71.73
N GLU I 528 -28.16 -49.87 73.04
CA GLU I 528 -29.57 -49.67 73.38
C GLU I 528 -30.00 -48.36 72.75
N LYS I 529 -29.22 -47.28 72.90
CA LYS I 529 -28.62 -46.83 74.16
C LYS I 529 -28.74 -45.33 74.08
N ALA I 530 -28.84 -44.86 72.85
CA ALA I 530 -28.96 -43.44 72.60
C ALA I 530 -30.39 -43.10 72.16
N ASP I 531 -30.57 -41.82 71.81
CA ASP I 531 -31.87 -41.37 71.32
C ASP I 531 -32.39 -42.19 70.15
N PRO I 532 -31.60 -42.53 69.13
CA PRO I 532 -32.17 -43.22 67.98
C PRO I 532 -32.46 -44.68 68.27
N GLN I 533 -33.66 -45.12 67.85
CA GLN I 533 -34.01 -46.54 67.84
C GLN I 533 -33.81 -47.09 66.43
N VAL I 534 -32.56 -47.04 65.98
CA VAL I 534 -32.22 -47.40 64.60
C VAL I 534 -32.13 -48.92 64.57
N ILE I 535 -33.27 -49.55 64.32
CA ILE I 535 -33.31 -50.98 64.06
C ILE I 535 -33.64 -51.18 62.59
N THR I 536 -34.72 -50.55 62.13
CA THR I 536 -35.20 -50.78 60.79
C THR I 536 -34.30 -50.19 59.71
N LEU I 537 -33.70 -49.02 59.95
CA LEU I 537 -32.81 -48.46 58.94
C LEU I 537 -31.68 -49.42 58.63
N LEU I 538 -31.27 -50.21 59.60
CA LEU I 538 -30.25 -51.22 59.38
C LEU I 538 -30.77 -52.46 58.68
N LEU I 539 -32.05 -52.79 58.85
CA LEU I 539 -32.59 -54.01 58.29
C LEU I 539 -32.31 -54.15 56.81
N GLN I 540 -32.24 -53.04 56.08
CA GLN I 540 -31.94 -53.09 54.66
C GLN I 540 -30.67 -53.88 54.40
N VAL I 541 -29.57 -53.54 55.08
CA VAL I 541 -28.41 -54.40 54.97
C VAL I 541 -28.66 -55.71 55.70
N LEU I 542 -29.29 -55.66 56.88
CA LEU I 542 -29.48 -56.85 57.69
C LEU I 542 -30.29 -57.89 56.94
N ASP I 543 -31.01 -57.46 55.90
CA ASP I 543 -31.64 -58.41 55.00
C ASP I 543 -30.73 -58.79 53.85
N ASP I 544 -30.23 -57.79 53.10
CA ASP I 544 -29.62 -58.09 51.81
C ASP I 544 -28.32 -57.33 51.56
N GLY I 545 -27.89 -56.44 52.44
CA GLY I 545 -26.64 -55.74 52.26
C GLY I 545 -26.69 -54.60 51.26
N ARG I 546 -27.81 -54.41 50.57
CA ARG I 546 -27.99 -53.28 49.66
C ARG I 546 -28.76 -52.21 50.41
N LEU I 547 -28.16 -51.03 50.53
CA LEU I 547 -28.80 -49.97 51.28
C LEU I 547 -28.58 -48.63 50.61
N THR I 548 -29.67 -47.85 50.50
CA THR I 548 -29.67 -46.62 49.74
C THR I 548 -29.04 -45.48 50.53
N ASP I 549 -28.52 -44.51 49.79
CA ASP I 549 -27.92 -43.34 50.41
C ASP I 549 -28.91 -42.18 50.37
N GLY I 550 -28.44 -41.00 50.73
CA GLY I 550 -29.26 -39.80 50.62
C GLY I 550 -29.38 -39.28 49.22
N GLN I 551 -28.81 -39.97 48.23
CA GLN I 551 -28.97 -39.61 46.84
C GLN I 551 -29.65 -40.71 46.04
N GLY I 552 -30.06 -41.79 46.67
CA GLY I 552 -30.66 -42.90 45.97
C GLY I 552 -29.70 -44.00 45.57
N ASN I 553 -28.40 -43.75 45.59
CA ASN I 553 -27.43 -44.78 45.26
C ASN I 553 -27.44 -45.85 46.35
N THR I 554 -27.38 -47.10 45.92
CA THR I 554 -27.35 -48.21 46.85
C THR I 554 -25.91 -48.68 47.00
N VAL I 555 -25.51 -48.97 48.23
CA VAL I 555 -24.21 -49.53 48.52
C VAL I 555 -24.39 -50.96 48.97
N ASN I 556 -23.52 -51.84 48.47
CA ASN I 556 -23.52 -53.24 48.86
C ASN I 556 -22.73 -53.38 50.15
N PHE I 557 -23.17 -54.29 51.01
CA PHE I 557 -22.47 -54.62 52.23
C PHE I 557 -22.14 -56.10 52.29
N LYS I 558 -21.88 -56.71 51.12
CA LYS I 558 -21.74 -58.15 51.04
C LYS I 558 -20.56 -58.66 51.84
N ASN I 559 -19.44 -57.96 51.77
CA ASN I 559 -18.18 -58.47 52.29
C ASN I 559 -17.76 -57.81 53.59
N THR I 560 -18.70 -57.25 54.33
CA THR I 560 -18.37 -56.58 55.57
C THR I 560 -18.90 -57.34 56.78
N VAL I 561 -18.37 -57.00 57.94
CA VAL I 561 -18.79 -57.58 59.21
C VAL I 561 -19.29 -56.45 60.09
N ILE I 562 -20.42 -56.69 60.76
CA ILE I 562 -21.00 -55.75 61.70
C ILE I 562 -21.02 -56.39 63.07
N ILE I 563 -20.37 -55.74 64.03
CA ILE I 563 -20.36 -56.20 65.41
C ILE I 563 -20.85 -55.07 66.29
N ALA I 564 -21.82 -55.37 67.14
CA ALA I 564 -22.39 -54.37 68.03
C ALA I 564 -22.39 -54.90 69.46
N THR I 565 -22.33 -53.98 70.42
CA THR I 565 -22.14 -54.33 71.82
C THR I 565 -23.26 -53.77 72.66
N SER I 566 -23.33 -54.24 73.91
CA SER I 566 -24.38 -53.85 74.84
C SER I 566 -23.96 -54.20 76.27
N ASN I 567 -24.85 -53.92 77.21
CA ASN I 567 -24.61 -54.11 78.64
C ASN I 567 -25.38 -55.34 79.12
N ALA I 568 -24.67 -56.30 79.71
CA ALA I 568 -25.30 -57.49 80.26
C ALA I 568 -25.48 -57.42 81.76
N GLY I 569 -25.67 -56.23 82.33
CA GLY I 569 -25.53 -56.05 83.75
C GLY I 569 -24.06 -56.02 84.14
N PHE I 570 -23.83 -55.92 85.44
CA PHE I 570 -22.46 -55.81 85.94
C PHE I 570 -22.42 -56.23 87.40
N GLY I 571 -21.33 -56.91 87.75
CA GLY I 571 -21.10 -57.27 89.14
C GLY I 571 -20.25 -56.23 89.82
N TYR I 572 -19.11 -56.64 90.40
CA TYR I 572 -18.75 -58.05 90.45
C TYR I 572 -18.49 -58.43 91.90
N GLU I 573 -19.01 -59.58 92.31
CA GLU I 573 -18.96 -59.99 93.70
C GLU I 573 -18.06 -61.19 94.07
N ALA I 574 -17.11 -61.65 93.23
CA ALA I 574 -16.79 -61.24 91.87
C ALA I 574 -17.61 -62.05 90.88
N ASN I 575 -17.52 -63.38 91.01
CA ASN I 575 -18.25 -64.29 90.14
C ASN I 575 -19.55 -64.78 90.75
N LEU I 576 -19.89 -64.34 91.97
CA LEU I 576 -21.13 -64.80 92.60
C LEU I 576 -22.37 -64.23 91.90
N THR I 577 -22.25 -63.05 91.30
CA THR I 577 -23.33 -62.47 90.50
C THR I 577 -22.88 -62.15 89.07
N GLU I 578 -21.81 -62.79 88.60
CA GLU I 578 -21.40 -62.59 87.22
C GLU I 578 -22.43 -63.15 86.24
N ASP I 579 -23.12 -64.23 86.63
CA ASP I 579 -24.16 -64.82 85.79
C ASP I 579 -25.06 -65.64 86.71
N ALA I 580 -26.29 -65.15 86.93
CA ALA I 580 -27.22 -65.83 87.83
C ALA I 580 -28.07 -66.85 87.08
N ASP I 581 -28.58 -66.50 85.90
CA ASP I 581 -29.35 -67.41 85.09
C ASP I 581 -29.40 -66.87 83.66
N LYS I 582 -29.77 -67.75 82.72
CA LYS I 582 -29.86 -67.34 81.32
C LYS I 582 -30.90 -66.25 81.08
N PRO I 583 -32.14 -66.34 81.61
CA PRO I 583 -33.09 -65.25 81.37
C PRO I 583 -32.83 -64.02 82.22
N GLU I 584 -32.03 -64.14 83.29
CA GLU I 584 -31.51 -62.97 84.01
C GLU I 584 -30.89 -61.96 83.06
N LEU I 585 -30.62 -62.38 81.83
CA LEU I 585 -30.19 -61.51 80.76
C LEU I 585 -31.30 -61.15 79.79
N MET I 586 -31.84 -62.11 79.04
CA MET I 586 -32.73 -61.74 77.95
C MET I 586 -33.97 -61.02 78.46
N ASP I 587 -34.54 -61.49 79.58
CA ASP I 587 -35.78 -60.90 80.03
C ASP I 587 -35.60 -59.43 80.37
N ARG I 588 -34.45 -59.09 80.93
CA ARG I 588 -34.09 -57.70 81.10
C ARG I 588 -33.88 -57.01 79.76
N LEU I 589 -33.20 -57.68 78.83
CA LEU I 589 -32.95 -57.07 77.53
C LEU I 589 -34.21 -56.96 76.68
N LYS I 590 -35.27 -57.68 77.02
CA LYS I 590 -36.50 -57.50 76.25
C LYS I 590 -37.02 -56.05 76.28
N PRO I 591 -37.13 -55.39 77.43
CA PRO I 591 -37.38 -53.93 77.40
C PRO I 591 -36.17 -53.13 76.95
N PHE I 592 -34.98 -53.73 76.88
CA PHE I 592 -33.78 -53.01 76.48
C PHE I 592 -33.51 -53.13 74.99
N PHE I 593 -33.50 -54.36 74.47
CA PHE I 593 -33.33 -54.61 73.05
C PHE I 593 -34.64 -55.16 72.50
N ARG I 594 -35.10 -54.58 71.41
CA ARG I 594 -36.34 -55.01 70.79
C ARG I 594 -36.18 -56.45 70.29
N PRO I 595 -37.15 -57.33 70.57
CA PRO I 595 -36.99 -58.75 70.18
C PRO I 595 -36.74 -58.95 68.70
N GLU I 596 -37.34 -58.14 67.84
CA GLU I 596 -37.08 -58.25 66.42
C GLU I 596 -35.63 -57.96 66.09
N PHE I 597 -35.05 -56.91 66.66
CA PHE I 597 -33.65 -56.61 66.41
C PHE I 597 -32.75 -57.73 66.92
N LEU I 598 -33.17 -58.40 67.99
CA LEU I 598 -32.48 -59.61 68.42
C LEU I 598 -32.55 -60.69 67.36
N ASN I 599 -33.74 -60.96 66.82
CA ASN I 599 -33.93 -62.07 65.91
C ASN I 599 -33.21 -61.90 64.59
N ARG I 600 -32.72 -60.70 64.27
CA ARG I 600 -32.02 -60.43 63.02
C ARG I 600 -30.58 -60.88 63.03
N PHE I 601 -30.01 -61.19 64.18
CA PHE I 601 -28.58 -61.41 64.25
C PHE I 601 -28.22 -62.87 64.02
N ASN I 602 -27.01 -63.08 63.54
CA ASN I 602 -26.46 -64.42 63.46
C ASN I 602 -26.32 -65.03 64.85
N ALA I 603 -25.86 -64.24 65.82
CA ALA I 603 -25.75 -64.69 67.20
C ALA I 603 -25.44 -63.52 68.11
N VAL I 604 -25.74 -63.72 69.39
CA VAL I 604 -25.33 -62.83 70.46
C VAL I 604 -24.50 -63.64 71.45
N ILE I 605 -23.46 -63.01 71.97
CA ILE I 605 -22.56 -63.62 72.95
C ILE I 605 -22.44 -62.63 74.10
N GLU I 606 -22.05 -63.12 75.28
CA GLU I 606 -22.03 -62.28 76.45
C GLU I 606 -20.64 -62.25 77.08
N PHE I 607 -20.38 -61.19 77.83
CA PHE I 607 -19.16 -61.01 78.62
C PHE I 607 -19.53 -61.01 80.10
N SER I 608 -19.61 -62.20 80.67
CA SER I 608 -19.83 -62.35 82.10
C SER I 608 -18.56 -62.72 82.84
N HIS I 609 -17.41 -62.65 82.19
CA HIS I 609 -16.23 -63.36 82.66
C HIS I 609 -15.31 -62.43 83.45
N LEU I 610 -15.20 -62.69 84.75
CA LEU I 610 -14.28 -61.93 85.60
C LEU I 610 -14.05 -62.74 86.87
N THR I 611 -12.82 -63.21 87.06
CA THR I 611 -12.49 -64.14 88.14
C THR I 611 -11.08 -63.84 88.63
N LYS I 612 -10.43 -64.82 89.26
CA LYS I 612 -9.08 -64.65 89.76
C LYS I 612 -8.11 -65.75 89.34
N GLU I 613 -8.57 -66.97 89.17
CA GLU I 613 -7.65 -68.07 88.86
C GLU I 613 -7.10 -67.99 87.44
N ASP I 614 -7.88 -67.50 86.50
CA ASP I 614 -7.48 -67.44 85.11
C ASP I 614 -6.76 -66.15 84.78
N LEU I 615 -6.54 -65.29 85.78
CA LEU I 615 -5.99 -63.97 85.57
C LEU I 615 -4.47 -63.94 85.69
N SER I 616 -3.85 -65.03 86.12
CA SER I 616 -2.41 -65.13 86.01
C SER I 616 -1.98 -65.14 84.56
N LYS I 617 -2.81 -65.71 83.69
CA LYS I 617 -2.48 -65.79 82.28
C LYS I 617 -2.35 -64.39 81.68
N ILE I 618 -3.30 -63.50 81.98
CA ILE I 618 -3.15 -62.13 81.52
C ILE I 618 -1.95 -61.48 82.18
N VAL I 619 -1.62 -61.91 83.42
CA VAL I 619 -0.46 -61.36 84.09
C VAL I 619 0.81 -61.60 83.29
N ASP I 620 1.06 -62.85 82.89
CA ASP I 620 2.27 -63.08 82.13
C ASP I 620 2.14 -62.54 80.72
N LEU I 621 0.92 -62.31 80.25
CA LEU I 621 0.78 -61.58 78.98
C LEU I 621 1.34 -60.16 79.09
N MET I 622 0.92 -59.41 80.10
CA MET I 622 1.51 -58.09 80.28
C MET I 622 3.00 -58.18 80.60
N LEU I 623 3.43 -59.20 81.33
CA LEU I 623 4.87 -59.34 81.57
C LEU I 623 5.61 -59.52 80.25
N ALA I 624 5.02 -60.28 79.33
CA ALA I 624 5.60 -60.45 78.01
C ALA I 624 5.72 -59.11 77.30
N GLU I 625 4.65 -58.31 77.31
CA GLU I 625 4.76 -57.04 76.58
C GLU I 625 5.75 -56.11 77.26
N VAL I 626 5.85 -56.20 78.58
CA VAL I 626 6.82 -55.37 79.29
C VAL I 626 8.23 -55.70 78.83
N ASN I 627 8.57 -56.99 78.82
CA ASN I 627 9.90 -57.35 78.37
C ASN I 627 10.10 -57.03 76.89
N GLN I 628 9.03 -57.14 76.10
CA GLN I 628 9.09 -56.71 74.71
C GLN I 628 9.46 -55.24 74.59
N THR I 629 8.81 -54.40 75.40
CA THR I 629 9.13 -52.98 75.39
C THR I 629 10.57 -52.75 75.82
N LEU I 630 11.00 -53.47 76.85
CA LEU I 630 12.37 -53.34 77.33
C LEU I 630 13.37 -53.74 76.27
N ALA I 631 12.98 -54.65 75.37
CA ALA I 631 13.90 -55.14 74.36
C ALA I 631 14.44 -54.01 73.49
N LYS I 632 13.74 -52.88 73.44
CA LYS I 632 14.24 -51.74 72.66
C LYS I 632 15.58 -51.25 73.20
N LYS I 633 15.79 -51.33 74.51
CA LYS I 633 17.03 -50.89 75.14
C LYS I 633 17.89 -52.07 75.56
N ASP I 634 17.65 -53.26 75.02
CA ASP I 634 18.46 -54.45 75.28
C ASP I 634 18.39 -54.84 76.75
N ILE I 635 17.22 -54.65 77.36
CA ILE I 635 17.02 -54.88 78.78
C ILE I 635 16.05 -56.03 78.96
N ASP I 636 16.40 -56.96 79.85
CA ASP I 636 15.56 -58.12 80.15
C ASP I 636 15.19 -58.08 81.63
N LEU I 637 13.91 -58.20 81.92
CA LEU I 637 13.40 -58.24 83.29
C LEU I 637 12.91 -59.63 83.61
N VAL I 638 13.26 -60.13 84.79
CA VAL I 638 12.74 -61.40 85.29
C VAL I 638 11.79 -61.11 86.44
N VAL I 639 10.70 -61.87 86.51
CA VAL I 639 9.67 -61.67 87.51
C VAL I 639 9.51 -62.96 88.32
N SER I 640 9.55 -62.83 89.64
CA SER I 640 9.33 -63.97 90.51
C SER I 640 7.85 -64.35 90.55
N GLN I 641 7.59 -65.62 90.85
CA GLN I 641 6.22 -66.09 90.96
C GLN I 641 5.50 -65.40 92.12
N ALA I 642 6.19 -65.20 93.25
CA ALA I 642 5.58 -64.51 94.36
C ALA I 642 5.19 -63.09 93.98
N ALA I 643 6.02 -62.42 93.18
CA ALA I 643 5.64 -61.13 92.65
C ALA I 643 4.36 -61.24 91.83
N LYS I 644 4.24 -62.29 91.03
CA LYS I 644 3.03 -62.49 90.24
C LYS I 644 1.82 -62.64 91.15
N ASP I 645 1.95 -63.43 92.21
CA ASP I 645 0.84 -63.63 93.14
C ASP I 645 0.43 -62.32 93.80
N TYR I 646 1.42 -61.54 94.22
CA TYR I 646 1.11 -60.26 94.85
C TYR I 646 0.46 -59.30 93.85
N ILE I 647 0.93 -59.27 92.61
CA ILE I 647 0.33 -58.41 91.61
C ILE I 647 -1.12 -58.81 91.40
N THR I 648 -1.38 -60.11 91.26
CA THR I 648 -2.75 -60.57 91.12
C THR I 648 -3.60 -60.10 92.29
N GLU I 649 -3.11 -60.29 93.52
CA GLU I 649 -3.88 -59.87 94.68
C GLU I 649 -4.12 -58.37 94.67
N GLU I 650 -3.15 -57.60 94.20
CA GLU I 650 -3.33 -56.16 94.08
C GLU I 650 -4.44 -55.83 93.09
N GLY I 651 -4.37 -56.39 91.89
CA GLY I 651 -5.33 -56.13 90.86
C GLY I 651 -6.67 -56.79 91.06
N TYR I 652 -6.79 -57.65 92.07
CA TYR I 652 -8.08 -58.32 92.29
C TYR I 652 -9.04 -57.38 93.01
N ASP I 653 -9.22 -56.17 92.49
CA ASP I 653 -10.39 -55.36 92.79
C ASP I 653 -11.50 -55.89 91.90
N GLU I 654 -11.82 -57.17 92.10
CA GLU I 654 -12.69 -57.91 91.20
C GLU I 654 -14.13 -57.45 91.39
N VAL I 655 -14.36 -56.18 91.03
CA VAL I 655 -15.68 -55.59 91.13
C VAL I 655 -16.24 -55.12 89.79
N MET I 656 -15.40 -54.70 88.85
CA MET I 656 -15.89 -54.28 87.54
C MET I 656 -15.15 -54.94 86.39
N GLY I 657 -13.83 -55.08 86.49
CA GLY I 657 -13.07 -55.57 85.37
C GLY I 657 -11.59 -55.59 85.66
N VAL I 658 -10.80 -55.65 84.58
CA VAL I 658 -9.37 -55.92 84.67
C VAL I 658 -8.53 -54.68 84.36
N ARG I 659 -9.13 -53.50 84.30
CA ARG I 659 -8.32 -52.30 84.12
C ARG I 659 -7.31 -52.09 85.25
N PRO I 660 -7.68 -52.19 86.53
CA PRO I 660 -6.66 -52.10 87.58
C PRO I 660 -5.62 -53.20 87.50
N LEU I 661 -5.96 -54.34 86.90
CA LEU I 661 -4.96 -55.41 86.78
C LEU I 661 -3.79 -54.94 85.94
N ARG I 662 -4.04 -54.24 84.85
CA ARG I 662 -2.99 -53.54 84.12
C ARG I 662 -2.44 -52.37 84.91
N ARG I 663 -3.31 -51.65 85.62
CA ARG I 663 -2.91 -50.41 86.28
C ARG I 663 -1.83 -50.65 87.32
N VAL I 664 -1.92 -51.75 88.07
CA VAL I 664 -0.98 -52.01 89.16
C VAL I 664 0.45 -52.21 88.68
N VAL I 665 0.64 -52.60 87.43
CA VAL I 665 1.97 -52.60 86.82
C VAL I 665 2.13 -51.47 85.83
N GLU I 666 1.11 -50.65 85.64
CA GLU I 666 1.15 -49.59 84.63
C GLU I 666 2.30 -48.63 84.87
N GLN I 667 2.63 -48.41 86.14
CA GLN I 667 3.71 -47.51 86.49
C GLN I 667 4.66 -48.09 87.53
N GLU I 668 4.19 -49.00 88.38
CA GLU I 668 4.98 -49.44 89.52
C GLU I 668 6.24 -50.15 89.06
N ILE I 669 6.12 -51.00 88.04
CA ILE I 669 7.29 -51.67 87.51
C ILE I 669 8.23 -50.66 86.85
N ARG I 670 7.66 -49.82 85.98
CA ARG I 670 8.48 -48.91 85.19
C ARG I 670 9.04 -47.79 86.05
N ASP I 671 8.39 -47.46 87.16
CA ASP I 671 8.98 -46.50 88.08
C ASP I 671 10.28 -47.02 88.69
N LYS I 672 10.29 -48.29 89.12
CA LYS I 672 11.53 -48.91 89.57
C LYS I 672 12.55 -48.96 88.45
N VAL I 673 12.11 -49.33 87.25
CA VAL I 673 13.01 -49.41 86.10
C VAL I 673 13.66 -48.06 85.83
N THR I 674 12.91 -46.99 86.06
CA THR I 674 13.46 -45.65 85.90
C THR I 674 14.73 -45.48 86.73
N ASP I 675 14.66 -45.78 88.01
CA ASP I 675 15.81 -45.59 88.88
C ASP I 675 16.92 -46.60 88.58
N PHE I 676 16.56 -47.84 88.28
CA PHE I 676 17.59 -48.81 87.94
C PHE I 676 18.31 -48.44 86.65
N HIS I 677 17.64 -47.71 85.76
CA HIS I 677 18.27 -47.29 84.52
C HIS I 677 19.30 -46.20 84.74
N LEU I 678 19.23 -45.50 85.87
CA LEU I 678 20.29 -44.56 86.21
C LEU I 678 21.63 -45.26 86.38
N ASP I 679 21.61 -46.56 86.63
CA ASP I 679 22.79 -47.40 86.60
C ASP I 679 23.19 -47.62 85.12
N HIS I 680 24.44 -47.98 84.81
CA HIS I 680 25.43 -48.77 85.57
C HIS I 680 24.78 -50.12 85.82
N LEU I 681 24.05 -50.58 84.81
CA LEU I 681 23.01 -51.58 84.99
C LEU I 681 23.33 -52.83 84.19
N ASP I 682 23.23 -53.98 84.86
CA ASP I 682 23.25 -55.28 84.19
C ASP I 682 21.84 -55.54 83.68
N ALA I 683 21.58 -55.19 82.42
CA ALA I 683 20.25 -55.33 81.88
C ALA I 683 19.79 -56.78 81.86
N LYS I 684 20.72 -57.72 81.82
CA LYS I 684 20.40 -59.15 81.80
C LYS I 684 19.97 -59.67 83.17
N HIS I 685 20.40 -59.00 84.24
CA HIS I 685 20.27 -59.52 85.59
C HIS I 685 18.99 -59.11 86.30
N LEU I 686 18.25 -58.13 85.77
CA LEU I 686 17.13 -57.55 86.50
C LEU I 686 16.07 -58.59 86.80
N GLU I 687 15.98 -58.97 88.07
CA GLU I 687 14.98 -59.90 88.55
C GLU I 687 14.18 -59.23 89.64
N ALA I 688 12.86 -59.29 89.53
CA ALA I 688 11.94 -58.60 90.43
C ALA I 688 11.30 -59.59 91.39
N ASP I 689 11.28 -59.24 92.67
CA ASP I 689 10.61 -60.02 93.70
C ASP I 689 9.90 -59.07 94.65
N MET I 690 9.33 -59.64 95.70
CA MET I 690 8.40 -58.95 96.58
C MET I 690 8.87 -59.00 98.02
N GLU I 691 8.89 -57.83 98.66
CA GLU I 691 9.21 -57.71 100.08
C GLU I 691 8.08 -56.92 100.73
N ASP I 692 7.11 -57.63 101.31
CA ASP I 692 6.04 -57.00 102.07
C ASP I 692 5.28 -55.99 101.20
N GLY I 693 5.00 -56.38 99.96
CA GLY I 693 4.30 -55.50 99.05
C GLY I 693 5.17 -54.47 98.38
N VAL I 694 6.49 -54.54 98.54
CA VAL I 694 7.39 -53.60 97.92
C VAL I 694 8.21 -54.31 96.84
N LEU I 695 8.25 -53.72 95.65
CA LEU I 695 8.98 -54.31 94.53
C LEU I 695 10.47 -54.14 94.73
N VAL I 696 11.20 -55.25 94.68
CA VAL I 696 12.65 -55.23 94.89
C VAL I 696 13.29 -55.95 93.72
N ILE I 697 14.13 -55.24 92.97
CA ILE I 697 14.74 -55.78 91.77
C ILE I 697 16.24 -55.80 91.95
N ARG I 698 16.88 -56.89 91.51
CA ARG I 698 18.33 -56.97 91.51
C ARG I 698 18.80 -57.38 90.11
N LEU J 76 -33.93 -27.94 -0.17
CA LEU J 76 -34.14 -28.53 1.15
C LEU J 76 -32.79 -28.95 1.73
N ALA J 77 -32.70 -30.21 2.13
CA ALA J 77 -31.43 -30.85 2.46
C ALA J 77 -30.64 -30.04 3.48
N LYS J 78 -31.35 -29.41 4.41
CA LYS J 78 -30.72 -28.64 5.48
C LYS J 78 -31.26 -29.15 6.80
N LEU J 79 -30.48 -30.01 7.47
CA LEU J 79 -30.88 -30.60 8.74
C LEU J 79 -32.21 -31.32 8.62
N GLY J 80 -32.42 -32.00 7.49
CA GLY J 80 -33.69 -32.67 7.29
C GLY J 80 -33.66 -33.51 6.03
N ARG J 81 -34.80 -34.14 5.78
CA ARG J 81 -34.92 -35.05 4.65
C ARG J 81 -36.29 -34.92 4.00
N ASN J 82 -36.30 -34.95 2.67
CA ASN J 82 -37.54 -34.93 1.91
C ASN J 82 -38.04 -36.37 1.77
N LEU J 83 -39.06 -36.71 2.55
CA LEU J 83 -39.63 -38.05 2.45
C LEU J 83 -40.35 -38.28 1.13
N THR J 84 -40.97 -37.23 0.57
CA THR J 84 -41.65 -37.38 -0.71
C THR J 84 -40.67 -37.74 -1.80
N ALA J 85 -39.47 -37.15 -1.78
CA ALA J 85 -38.47 -37.46 -2.78
C ALA J 85 -38.11 -38.94 -2.75
N GLU J 86 -37.89 -39.49 -1.56
CA GLU J 86 -37.64 -40.92 -1.45
C GLU J 86 -38.85 -41.71 -1.91
N ALA J 87 -40.05 -41.23 -1.62
CA ALA J 87 -41.25 -41.94 -2.00
C ALA J 87 -41.35 -42.09 -3.51
N ARG J 88 -41.02 -41.04 -4.25
CA ARG J 88 -41.04 -41.11 -5.71
C ARG J 88 -40.14 -42.22 -6.21
N GLU J 89 -39.00 -42.41 -5.56
CA GLU J 89 -38.02 -43.39 -5.98
C GLU J 89 -38.43 -44.81 -5.63
N GLY J 90 -39.47 -45.01 -4.84
CA GLY J 90 -39.81 -46.34 -4.39
C GLY J 90 -38.87 -46.89 -3.35
N LYS J 91 -38.14 -46.03 -2.65
CA LYS J 91 -37.15 -46.45 -1.67
C LYS J 91 -37.76 -46.77 -0.31
N LEU J 92 -39.06 -46.63 -0.16
CA LEU J 92 -39.71 -46.71 1.13
C LEU J 92 -40.62 -47.93 1.21
N ASP J 93 -40.60 -48.60 2.36
CA ASP J 93 -41.33 -49.84 2.51
C ASP J 93 -42.84 -49.58 2.49
N PRO J 94 -43.63 -50.50 1.97
CA PRO J 94 -45.09 -50.33 2.02
C PRO J 94 -45.59 -50.38 3.46
N VAL J 95 -46.47 -49.45 3.79
CA VAL J 95 -47.06 -49.36 5.12
C VAL J 95 -48.34 -50.19 5.12
N ILE J 96 -48.48 -51.06 6.11
CA ILE J 96 -49.45 -52.14 6.07
C ILE J 96 -50.43 -51.98 7.23
N GLY J 97 -51.72 -52.12 6.91
CA GLY J 97 -52.74 -52.23 7.93
C GLY J 97 -53.11 -50.95 8.64
N ARG J 98 -52.75 -49.79 8.10
CA ARG J 98 -53.00 -48.53 8.77
C ARG J 98 -54.07 -47.71 8.10
N ASN J 99 -54.98 -48.34 7.36
CA ASN J 99 -55.75 -47.64 6.34
C ASN J 99 -56.42 -46.37 6.83
N LYS J 100 -57.46 -46.49 7.65
CA LYS J 100 -58.19 -45.28 7.98
C LYS J 100 -57.30 -44.31 8.74
N GLU J 101 -56.51 -44.84 9.67
CA GLU J 101 -55.69 -43.99 10.52
C GLU J 101 -54.80 -43.07 9.71
N ILE J 102 -54.43 -43.46 8.48
CA ILE J 102 -53.58 -42.53 7.75
C ILE J 102 -54.43 -41.49 7.05
N GLN J 103 -55.46 -41.91 6.32
CA GLN J 103 -56.16 -40.98 5.47
C GLN J 103 -57.15 -40.15 6.25
N GLU J 104 -57.55 -40.64 7.43
CA GLU J 104 -58.22 -39.77 8.37
C GLU J 104 -57.41 -38.51 8.64
N ALA J 105 -56.08 -38.63 8.64
CA ALA J 105 -55.23 -37.46 8.82
C ALA J 105 -55.52 -36.39 7.78
N SER J 106 -55.71 -36.80 6.53
CA SER J 106 -56.04 -35.83 5.49
C SER J 106 -57.27 -35.03 5.85
N GLU J 107 -58.22 -35.63 6.56
CA GLU J 107 -59.44 -34.94 6.93
C GLU J 107 -59.18 -33.73 7.82
N ILE J 108 -58.01 -33.65 8.43
CA ILE J 108 -57.61 -32.45 9.16
C ILE J 108 -56.88 -31.47 8.26
N LEU J 109 -55.97 -31.97 7.43
CA LEU J 109 -55.13 -31.08 6.64
C LEU J 109 -55.93 -30.30 5.61
N SER J 110 -57.02 -30.87 5.12
CA SER J 110 -57.79 -30.23 4.06
C SER J 110 -58.48 -28.96 4.51
N ARG J 111 -58.51 -28.68 5.80
CA ARG J 111 -59.22 -27.51 6.29
C ARG J 111 -58.40 -26.24 6.09
N ARG J 112 -59.10 -25.11 6.03
CA ARG J 112 -58.42 -23.82 5.91
C ARG J 112 -57.74 -23.42 7.21
N THR J 113 -58.41 -23.63 8.34
CA THR J 113 -57.82 -23.45 9.65
C THR J 113 -57.96 -24.74 10.43
N LYS J 114 -57.47 -24.71 11.67
CA LYS J 114 -57.55 -25.87 12.56
C LYS J 114 -57.02 -27.10 11.83
N ASN J 115 -55.75 -27.06 11.49
CA ASN J 115 -55.16 -27.95 10.52
C ASN J 115 -53.77 -28.42 10.93
N ASN J 116 -53.62 -28.80 12.20
CA ASN J 116 -52.35 -29.22 12.75
C ASN J 116 -52.56 -30.52 13.51
N PRO J 117 -52.60 -31.64 12.81
CA PRO J 117 -52.81 -32.92 13.48
C PRO J 117 -51.53 -33.46 14.07
N VAL J 118 -51.65 -34.04 15.26
CA VAL J 118 -50.55 -34.73 15.93
C VAL J 118 -51.00 -36.14 16.27
N LEU J 119 -50.12 -37.09 16.04
CA LEU J 119 -50.39 -38.49 16.33
C LEU J 119 -50.03 -38.77 17.78
N VAL J 120 -50.97 -39.33 18.53
CA VAL J 120 -50.77 -39.56 19.96
C VAL J 120 -50.80 -41.05 20.22
N GLY J 121 -49.91 -41.50 21.09
CA GLY J 121 -49.87 -42.90 21.46
C GLY J 121 -48.53 -43.26 22.04
N ASP J 122 -48.43 -44.51 22.49
CA ASP J 122 -47.18 -44.97 23.08
C ASP J 122 -46.17 -45.31 22.00
N ALA J 123 -44.90 -45.36 22.41
CA ALA J 123 -43.81 -45.62 21.48
C ALA J 123 -43.80 -47.08 21.05
N GLY J 124 -42.98 -47.37 20.05
CA GLY J 124 -42.88 -48.73 19.55
C GLY J 124 -44.14 -49.23 18.89
N VAL J 125 -44.89 -48.36 18.23
CA VAL J 125 -46.14 -48.74 17.60
C VAL J 125 -46.15 -48.42 16.11
N GLY J 126 -44.98 -48.25 15.51
CA GLY J 126 -44.95 -47.77 14.14
C GLY J 126 -45.43 -46.35 14.02
N LYS J 127 -45.04 -45.48 14.94
CA LYS J 127 -45.61 -44.14 14.97
C LYS J 127 -45.30 -43.38 13.70
N THR J 128 -44.04 -43.37 13.27
CA THR J 128 -43.71 -42.70 12.02
C THR J 128 -44.29 -43.42 10.82
N ALA J 129 -44.39 -44.74 10.87
CA ALA J 129 -44.88 -45.51 9.73
C ALA J 129 -46.15 -44.90 9.16
N VAL J 130 -46.96 -44.26 10.00
CA VAL J 130 -48.14 -43.57 9.51
C VAL J 130 -47.76 -42.47 8.53
N VAL J 131 -46.78 -41.65 8.90
CA VAL J 131 -46.46 -40.51 8.03
C VAL J 131 -45.76 -40.98 6.76
N GLU J 132 -44.90 -42.00 6.86
CA GLU J 132 -44.38 -42.53 5.59
C GLU J 132 -45.49 -43.08 4.71
N GLY J 133 -46.47 -43.76 5.31
CA GLY J 133 -47.60 -44.21 4.52
C GLY J 133 -48.37 -43.05 3.91
N LEU J 134 -48.44 -41.93 4.62
CA LEU J 134 -49.09 -40.76 4.07
C LEU J 134 -48.36 -40.26 2.83
N ALA J 135 -47.03 -40.21 2.89
CA ALA J 135 -46.26 -39.81 1.72
C ALA J 135 -46.48 -40.79 0.57
N GLN J 136 -46.50 -42.08 0.89
CA GLN J 136 -46.78 -43.09 -0.12
C GLN J 136 -48.10 -42.84 -0.80
N ALA J 137 -49.14 -42.57 -0.02
CA ALA J 137 -50.46 -42.30 -0.59
C ALA J 137 -50.46 -41.03 -1.43
N ILE J 138 -49.76 -39.99 -0.97
CA ILE J 138 -49.69 -38.75 -1.74
C ILE J 138 -49.12 -39.03 -3.11
N VAL J 139 -48.01 -39.76 -3.17
CA VAL J 139 -47.47 -40.17 -4.46
C VAL J 139 -48.49 -41.01 -5.21
N ASN J 140 -49.23 -41.85 -4.48
CA ASN J 140 -50.18 -42.76 -5.06
C ASN J 140 -51.41 -42.08 -5.62
N GLY J 141 -51.62 -40.80 -5.31
CA GLY J 141 -52.87 -40.17 -5.69
C GLY J 141 -54.07 -40.65 -4.90
N ASP J 142 -53.83 -41.11 -3.67
CA ASP J 142 -54.93 -41.56 -2.81
C ASP J 142 -55.60 -40.42 -2.08
N VAL J 143 -54.88 -39.33 -1.84
CA VAL J 143 -55.34 -38.26 -0.97
C VAL J 143 -56.46 -37.48 -1.65
N PRO J 144 -57.22 -36.68 -0.91
CA PRO J 144 -58.11 -35.71 -1.55
C PRO J 144 -57.32 -34.57 -2.16
N ALA J 145 -58.00 -33.80 -3.01
CA ALA J 145 -57.33 -32.84 -3.86
C ALA J 145 -56.64 -31.73 -3.07
N ALA J 146 -57.00 -31.57 -1.80
CA ALA J 146 -56.51 -30.43 -1.04
C ALA J 146 -54.99 -30.42 -0.91
N ILE J 147 -54.36 -31.59 -0.90
CA ILE J 147 -52.95 -31.70 -0.59
C ILE J 147 -52.16 -32.30 -1.74
N LYS J 148 -52.69 -32.20 -2.96
CA LYS J 148 -52.03 -32.83 -4.09
C LYS J 148 -50.63 -32.27 -4.30
N ASN J 149 -50.48 -30.96 -4.21
CA ASN J 149 -49.28 -30.28 -4.67
C ASN J 149 -48.23 -30.10 -3.59
N LYS J 150 -48.40 -30.71 -2.44
CA LYS J 150 -47.51 -30.48 -1.32
C LYS J 150 -46.51 -31.61 -1.20
N GLU J 151 -45.47 -31.36 -0.42
CA GLU J 151 -44.50 -32.37 -0.05
C GLU J 151 -44.21 -32.27 1.44
N ILE J 152 -43.58 -33.32 1.96
CA ILE J 152 -43.35 -33.46 3.39
C ILE J 152 -41.86 -33.55 3.63
N VAL J 153 -41.36 -32.76 4.58
CA VAL J 153 -39.97 -32.82 4.99
C VAL J 153 -39.91 -33.10 6.48
N SER J 154 -39.10 -34.08 6.86
CA SER J 154 -38.88 -34.39 8.25
C SER J 154 -37.63 -33.67 8.73
N ILE J 155 -37.67 -33.18 9.97
CA ILE J 155 -36.62 -32.33 10.48
C ILE J 155 -36.02 -32.93 11.74
N ASP J 156 -34.68 -32.96 11.78
CA ASP J 156 -33.93 -33.29 12.98
C ASP J 156 -33.99 -32.10 13.93
N ILE J 157 -35.01 -32.09 14.78
CA ILE J 157 -35.11 -31.04 15.78
C ILE J 157 -33.92 -31.09 16.74
N SER J 158 -33.64 -32.27 17.30
CA SER J 158 -32.64 -32.40 18.34
C SER J 158 -31.25 -31.99 17.88
N GLY J 159 -30.93 -32.21 16.61
CA GLY J 159 -29.65 -31.84 16.06
C GLY J 159 -29.57 -30.46 15.44
N LEU J 160 -30.59 -29.61 15.62
CA LEU J 160 -30.57 -28.32 14.95
C LEU J 160 -29.37 -27.48 15.39
N GLU J 161 -29.07 -27.42 16.69
CA GLU J 161 -27.92 -26.65 17.14
C GLU J 161 -26.61 -27.19 16.60
N ALA J 162 -26.60 -28.44 16.10
CA ALA J 162 -25.40 -28.95 15.47
C ALA J 162 -25.04 -28.20 14.19
N GLY J 163 -26.02 -27.58 13.53
CA GLY J 163 -25.75 -26.91 12.28
C GLY J 163 -25.15 -25.53 12.39
N THR J 164 -24.93 -25.03 13.61
CA THR J 164 -24.47 -23.67 13.79
C THR J 164 -23.63 -23.59 15.07
N GLN J 165 -22.89 -22.48 15.19
CA GLN J 165 -21.99 -22.30 16.32
C GLN J 165 -22.57 -21.39 17.39
N TYR J 166 -23.33 -20.37 16.98
CA TYR J 166 -23.85 -19.38 17.91
C TYR J 166 -25.38 -19.41 17.87
N ARG J 167 -25.98 -19.36 19.06
CA ARG J 167 -27.41 -19.58 19.15
C ARG J 167 -28.22 -18.40 18.63
N GLY J 168 -27.62 -17.20 18.58
CA GLY J 168 -28.23 -16.12 17.83
C GLY J 168 -28.23 -16.41 16.34
N SER J 169 -27.10 -16.87 15.81
CA SER J 169 -27.06 -17.38 14.45
C SER J 169 -28.01 -18.56 14.29
N PHE J 170 -28.15 -19.38 15.34
CA PHE J 170 -29.11 -20.47 15.31
C PHE J 170 -30.52 -19.95 15.09
N GLU J 171 -30.92 -18.95 15.88
CA GLU J 171 -32.26 -18.40 15.74
C GLU J 171 -32.45 -17.77 14.37
N GLU J 172 -31.41 -17.10 13.85
CA GLU J 172 -31.50 -16.55 12.51
C GLU J 172 -31.73 -17.65 11.48
N ASN J 173 -31.00 -18.76 11.61
CA ASN J 173 -31.23 -19.88 10.71
C ASN J 173 -32.63 -20.44 10.87
N VAL J 174 -33.13 -20.48 12.11
CA VAL J 174 -34.47 -20.99 12.37
C VAL J 174 -35.51 -20.15 11.64
N GLN J 175 -35.44 -18.83 11.80
CA GLN J 175 -36.36 -17.96 11.08
C GLN J 175 -36.14 -18.07 9.57
N ASN J 176 -34.91 -18.33 9.16
CA ASN J 176 -34.64 -18.57 7.76
C ASN J 176 -35.40 -19.77 7.23
N LEU J 177 -35.79 -20.68 8.12
CA LEU J 177 -36.66 -21.77 7.70
C LEU J 177 -38.02 -21.24 7.27
N VAL J 178 -38.63 -20.40 8.11
CA VAL J 178 -39.87 -19.75 7.72
C VAL J 178 -39.68 -19.00 6.42
N ASN J 179 -38.53 -18.34 6.28
CA ASN J 179 -38.20 -17.69 5.02
C ASN J 179 -38.26 -18.68 3.87
N GLU J 180 -37.71 -19.89 4.06
CA GLU J 180 -37.86 -20.93 3.06
C GLU J 180 -39.30 -21.40 2.96
N VAL J 181 -40.05 -21.35 4.06
CA VAL J 181 -41.42 -21.85 4.00
C VAL J 181 -42.28 -20.72 3.47
N LYS J 182 -42.22 -20.52 2.16
CA LYS J 182 -43.11 -19.64 1.43
C LYS J 182 -43.55 -20.24 0.11
N GLU J 183 -43.06 -21.43 -0.23
CA GLU J 183 -43.28 -22.01 -1.56
C GLU J 183 -44.62 -22.73 -1.59
N ALA J 184 -45.67 -21.92 -1.73
CA ALA J 184 -47.06 -22.38 -1.89
C ALA J 184 -47.49 -23.30 -0.76
N GLY J 185 -46.79 -23.30 0.36
CA GLY J 185 -47.08 -24.27 1.40
C GLY J 185 -46.83 -25.69 0.99
N ASN J 186 -46.18 -25.90 -0.16
CA ASN J 186 -45.88 -27.23 -0.66
C ASN J 186 -44.98 -27.99 0.30
N ILE J 187 -44.32 -27.28 1.20
CA ILE J 187 -43.49 -27.87 2.24
C ILE J 187 -44.36 -28.02 3.47
N ILE J 188 -44.29 -29.20 4.09
CA ILE J 188 -44.97 -29.49 5.34
C ILE J 188 -43.95 -30.09 6.30
N LEU J 189 -43.84 -29.50 7.49
CA LEU J 189 -42.81 -29.90 8.43
C LEU J 189 -43.30 -31.06 9.28
N PHE J 190 -42.45 -32.05 9.45
CA PHE J 190 -42.72 -33.17 10.34
C PHE J 190 -41.63 -33.28 11.38
N PHE J 191 -42.03 -33.68 12.58
CA PHE J 191 -41.12 -33.87 13.70
C PHE J 191 -41.54 -35.12 14.46
N ASP J 192 -40.78 -35.44 15.48
CA ASP J 192 -41.04 -36.63 16.28
C ASP J 192 -41.01 -36.36 17.78
N ALA J 193 -40.64 -35.16 18.22
CA ALA J 193 -40.57 -34.84 19.64
C ALA J 193 -41.12 -33.43 19.84
N ILE J 194 -42.43 -33.33 20.07
CA ILE J 194 -43.06 -32.02 20.18
C ILE J 194 -42.58 -31.30 21.42
N HIS J 195 -42.40 -32.02 22.52
CA HIS J 195 -41.79 -31.44 23.71
C HIS J 195 -40.42 -30.88 23.42
N GLN J 196 -39.63 -31.51 22.56
CA GLN J 196 -38.37 -30.96 22.12
C GLN J 196 -38.54 -29.75 21.22
N ILE J 197 -39.72 -29.55 20.65
CA ILE J 197 -40.01 -28.33 19.93
C ILE J 197 -40.44 -27.22 20.87
N LEU J 198 -41.28 -27.53 21.85
CA LEU J 198 -41.76 -26.54 22.78
C LEU J 198 -40.64 -26.20 23.77
N GLY J 199 -39.66 -25.47 23.25
CA GLY J 199 -38.52 -25.02 24.02
C GLY J 199 -38.45 -23.51 24.07
N ALA J 200 -37.24 -22.95 23.91
CA ALA J 200 -37.04 -21.50 23.85
C ALA J 200 -37.53 -20.83 25.13
N GLY J 201 -37.92 -21.64 26.12
CA GLY J 201 -38.48 -21.16 27.35
C GLY J 201 -38.70 -22.30 28.33
N SER J 202 -39.41 -21.98 29.42
CA SER J 202 -39.64 -22.94 30.50
C SER J 202 -40.98 -23.65 30.29
N THR J 203 -41.12 -24.26 29.12
CA THR J 203 -42.26 -25.13 28.87
C THR J 203 -42.10 -26.48 29.53
N GLY J 204 -40.88 -26.87 29.87
CA GLY J 204 -40.63 -28.16 30.49
C GLY J 204 -39.27 -28.17 31.15
N GLY J 205 -39.24 -28.72 32.36
CA GLY J 205 -38.02 -28.64 33.13
C GLY J 205 -37.82 -27.24 33.68
N ASP J 206 -36.56 -26.91 33.92
CA ASP J 206 -36.19 -25.60 34.47
C ASP J 206 -35.88 -24.56 33.40
N SER J 207 -35.28 -24.95 32.28
CA SER J 207 -34.89 -24.01 31.24
C SER J 207 -34.89 -24.73 29.91
N GLY J 208 -34.47 -24.02 28.87
CA GLY J 208 -34.35 -24.61 27.56
C GLY J 208 -33.63 -23.69 26.61
N SER J 209 -33.15 -24.26 25.51
CA SER J 209 -32.49 -23.51 24.48
C SER J 209 -33.53 -22.91 23.52
N LYS J 210 -33.11 -21.87 22.80
CA LYS J 210 -34.00 -21.24 21.84
C LYS J 210 -34.41 -22.23 20.76
N GLY J 211 -35.67 -22.11 20.35
CA GLY J 211 -36.19 -22.97 19.30
C GLY J 211 -37.38 -22.33 18.63
N LEU J 212 -38.17 -23.17 17.96
CA LEU J 212 -39.33 -22.67 17.23
C LEU J 212 -40.31 -21.95 18.12
N ALA J 213 -40.28 -22.19 19.44
CA ALA J 213 -41.33 -21.69 20.30
C ALA J 213 -41.50 -20.20 20.17
N ASP J 214 -40.42 -19.45 20.33
CA ASP J 214 -40.49 -18.00 20.26
C ASP J 214 -40.85 -17.49 18.87
N ILE J 215 -40.83 -18.36 17.87
CA ILE J 215 -41.19 -18.01 16.51
C ILE J 215 -42.52 -18.65 16.12
N LEU J 216 -42.77 -19.90 16.56
CA LEU J 216 -43.95 -20.60 16.10
C LEU J 216 -45.23 -19.99 16.65
N LYS J 217 -45.20 -19.54 17.90
CA LYS J 217 -46.41 -19.13 18.61
C LYS J 217 -47.21 -18.13 17.78
N PRO J 218 -46.58 -17.11 17.19
CA PRO J 218 -47.30 -16.32 16.19
C PRO J 218 -47.52 -17.05 14.89
N ALA J 219 -46.49 -17.68 14.35
CA ALA J 219 -46.59 -18.23 13.00
C ALA J 219 -47.75 -19.20 12.88
N LEU J 220 -47.91 -20.10 13.85
CA LEU J 220 -49.02 -21.02 13.85
C LEU J 220 -50.35 -20.29 14.03
N SER J 221 -50.38 -19.30 14.93
CA SER J 221 -51.55 -18.45 15.06
C SER J 221 -51.87 -17.76 13.74
N ARG J 222 -50.88 -17.16 13.10
CA ARG J 222 -51.10 -16.56 11.79
C ARG J 222 -50.94 -17.53 10.64
N GLY J 223 -51.08 -18.83 10.88
CA GLY J 223 -51.34 -19.78 9.80
C GLY J 223 -50.18 -20.02 8.87
N GLU J 224 -48.98 -19.62 9.26
CA GLU J 224 -47.82 -19.77 8.41
C GLU J 224 -47.46 -21.22 8.15
N LEU J 225 -47.52 -22.08 9.16
CA LEU J 225 -46.95 -23.41 9.03
C LEU J 225 -48.03 -24.46 9.17
N THR J 226 -47.72 -25.67 8.73
CA THR J 226 -48.49 -26.85 9.08
C THR J 226 -47.54 -27.94 9.53
N VAL J 227 -47.64 -28.34 10.78
CA VAL J 227 -46.77 -29.35 11.35
C VAL J 227 -47.59 -30.58 11.65
N ILE J 228 -46.91 -31.71 11.80
CA ILE J 228 -47.58 -32.98 12.06
C ILE J 228 -46.81 -33.72 13.15
N GLY J 229 -47.42 -33.83 14.33
CA GLY J 229 -46.91 -34.68 15.39
C GLY J 229 -45.49 -34.38 15.78
N ALA J 230 -44.91 -35.30 16.55
CA ALA J 230 -45.61 -36.47 17.07
C ALA J 230 -45.11 -36.74 18.47
N THR J 231 -45.93 -37.37 19.30
CA THR J 231 -45.53 -37.61 20.68
C THR J 231 -46.43 -38.62 21.39
N THR J 232 -46.25 -38.75 22.69
CA THR J 232 -46.93 -39.73 23.51
C THR J 232 -48.12 -39.11 24.24
N GLN J 233 -48.87 -39.97 24.93
CA GLN J 233 -50.08 -39.56 25.62
C GLN J 233 -49.81 -38.53 26.72
N ASP J 234 -48.84 -38.83 27.58
CA ASP J 234 -48.57 -38.01 28.76
C ASP J 234 -47.93 -36.68 28.37
N GLU J 235 -46.98 -36.70 27.42
CA GLU J 235 -46.51 -35.45 26.82
C GLU J 235 -47.68 -34.59 26.37
N TYR J 236 -48.67 -35.20 25.73
CA TYR J 236 -49.80 -34.45 25.19
C TYR J 236 -50.57 -33.74 26.31
N ARG J 237 -50.98 -34.48 27.33
CA ARG J 237 -51.78 -33.80 28.34
C ARG J 237 -50.95 -32.85 29.19
N ASN J 238 -49.64 -33.08 29.28
CA ASN J 238 -48.84 -32.25 30.17
C ASN J 238 -48.36 -30.97 29.51
N THR J 239 -48.16 -30.98 28.20
CA THR J 239 -47.59 -29.82 27.53
C THR J 239 -48.54 -29.13 26.58
N ILE J 240 -49.34 -29.88 25.85
CA ILE J 240 -50.11 -29.29 24.76
C ILE J 240 -51.39 -28.64 25.26
N LEU J 241 -52.13 -29.31 26.13
CA LEU J 241 -53.41 -28.81 26.60
C LEU J 241 -53.28 -27.64 27.56
N LYS J 242 -52.07 -27.12 27.75
CA LYS J 242 -51.85 -26.04 28.70
C LYS J 242 -51.66 -24.69 28.03
N ASN J 243 -51.24 -24.65 26.77
CA ASN J 243 -51.11 -23.41 26.03
C ASN J 243 -52.34 -23.25 25.15
N ALA J 244 -53.20 -22.29 25.49
CA ALA J 244 -54.42 -22.09 24.74
C ALA J 244 -54.13 -21.76 23.28
N ALA J 245 -52.95 -21.20 23.00
CA ALA J 245 -52.61 -20.88 21.62
C ALA J 245 -52.62 -22.13 20.75
N LEU J 246 -52.02 -23.21 21.23
CA LEU J 246 -52.09 -24.47 20.49
C LEU J 246 -53.50 -25.01 20.42
N ALA J 247 -54.31 -24.75 21.45
CA ALA J 247 -55.64 -25.30 21.51
C ALA J 247 -56.49 -24.88 20.31
N ARG J 248 -56.27 -23.67 19.81
CA ARG J 248 -57.06 -23.15 18.71
C ARG J 248 -56.40 -23.40 17.36
N ARG J 249 -55.38 -24.24 17.32
CA ARG J 249 -54.78 -24.65 16.05
C ARG J 249 -54.59 -26.14 15.92
N PHE J 250 -54.50 -26.90 17.00
CA PHE J 250 -54.03 -28.27 16.93
C PHE J 250 -55.18 -29.26 17.09
N ASN J 251 -54.92 -30.47 16.61
CA ASN J 251 -55.86 -31.58 16.71
C ASN J 251 -55.05 -32.84 16.96
N GLU J 252 -55.74 -33.88 17.41
CA GLU J 252 -55.07 -35.11 17.84
C GLU J 252 -55.72 -36.31 17.18
N VAL J 253 -54.89 -37.30 16.87
CA VAL J 253 -55.35 -38.54 16.26
C VAL J 253 -54.78 -39.71 17.06
N LYS J 254 -55.67 -40.60 17.49
CA LYS J 254 -55.29 -41.72 18.33
C LYS J 254 -54.60 -42.81 17.51
N VAL J 255 -53.60 -43.44 18.11
CA VAL J 255 -52.88 -44.54 17.49
C VAL J 255 -52.82 -45.70 18.46
N ASN J 256 -53.06 -46.92 17.96
CA ASN J 256 -53.05 -48.11 18.78
C ASN J 256 -52.31 -49.23 18.08
N ALA J 257 -51.67 -50.09 18.86
CA ALA J 257 -50.98 -51.22 18.29
C ALA J 257 -51.98 -52.21 17.70
N PRO J 258 -51.64 -52.84 16.58
CA PRO J 258 -52.57 -53.75 15.92
C PRO J 258 -52.58 -55.12 16.57
N SER J 259 -53.46 -55.97 16.05
CA SER J 259 -53.64 -57.31 16.57
C SER J 259 -52.62 -58.27 15.97
N ALA J 260 -52.66 -59.51 16.43
CA ALA J 260 -51.68 -60.50 16.00
C ALA J 260 -52.10 -61.16 14.70
N GLU J 261 -52.57 -60.37 13.75
CA GLU J 261 -52.61 -60.78 12.36
C GLU J 261 -51.84 -59.84 11.45
N ASN J 262 -52.10 -58.55 11.59
CA ASN J 262 -51.36 -57.53 10.87
C ASN J 262 -49.89 -57.54 11.25
N THR J 263 -49.60 -57.76 12.54
CA THR J 263 -48.22 -57.93 12.96
C THR J 263 -47.57 -59.08 12.21
N PHE J 264 -48.30 -60.18 12.05
CA PHE J 264 -47.79 -61.31 11.30
C PHE J 264 -47.49 -60.91 9.86
N LYS J 265 -48.36 -60.09 9.27
CA LYS J 265 -48.14 -59.61 7.91
C LYS J 265 -46.88 -58.76 7.83
N ILE J 266 -46.71 -57.83 8.76
CA ILE J 266 -45.55 -56.96 8.75
C ILE J 266 -44.29 -57.79 8.88
N LEU J 267 -44.31 -58.78 9.78
CA LEU J 267 -43.16 -59.62 9.95
C LEU J 267 -42.86 -60.39 8.67
N GLN J 268 -43.90 -60.90 8.02
CA GLN J 268 -43.70 -61.56 6.74
C GLN J 268 -43.04 -60.63 5.75
N GLY J 269 -43.45 -59.36 5.74
CA GLY J 269 -42.83 -58.40 4.85
C GLY J 269 -41.35 -58.21 5.15
N ILE J 270 -41.01 -58.06 6.44
CA ILE J 270 -39.62 -57.82 6.79
C ILE J 270 -38.77 -59.05 6.53
N ARG J 271 -39.37 -60.23 6.61
CA ARG J 271 -38.70 -61.52 6.65
C ARG J 271 -37.46 -61.64 5.79
N ASP J 272 -37.54 -61.15 4.56
CA ASP J 272 -36.43 -61.29 3.62
C ASP J 272 -35.21 -60.50 4.02
N LEU J 273 -35.36 -59.42 4.79
CA LEU J 273 -34.21 -58.60 5.16
C LEU J 273 -33.12 -59.42 5.81
N TYR J 274 -33.48 -60.40 6.63
CA TYR J 274 -32.54 -61.18 7.41
C TYR J 274 -31.94 -62.34 6.64
N GLN J 275 -31.92 -62.26 5.31
CA GLN J 275 -30.93 -63.02 4.57
C GLN J 275 -29.52 -62.58 4.93
N GLN J 276 -29.39 -61.37 5.50
CA GLN J 276 -28.11 -60.83 5.90
C GLN J 276 -27.32 -61.80 6.75
N HIS J 277 -27.99 -62.53 7.64
CA HIS J 277 -27.32 -63.32 8.66
C HIS J 277 -27.06 -64.75 8.20
N HIS J 278 -27.31 -65.07 6.94
CA HIS J 278 -26.96 -66.36 6.34
C HIS J 278 -27.51 -67.52 7.14
N ASN J 279 -28.76 -67.40 7.56
CA ASN J 279 -29.44 -68.43 8.31
C ASN J 279 -30.82 -68.64 7.70
N VAL J 280 -31.61 -69.53 8.29
CA VAL J 280 -32.93 -69.80 7.74
C VAL J 280 -33.73 -68.52 7.67
N ILE J 281 -34.31 -68.25 6.52
CA ILE J 281 -35.40 -67.28 6.43
C ILE J 281 -36.65 -68.01 6.89
N LEU J 282 -37.31 -67.43 7.89
CA LEU J 282 -38.04 -68.20 8.88
C LEU J 282 -39.45 -68.58 8.42
N PRO J 283 -39.85 -69.83 8.64
CA PRO J 283 -41.21 -70.24 8.31
C PRO J 283 -42.22 -69.66 9.28
N ASP J 284 -43.45 -69.54 8.79
CA ASP J 284 -44.49 -68.79 9.48
C ASP J 284 -44.74 -69.33 10.89
N GLU J 285 -44.57 -70.64 11.08
CA GLU J 285 -44.85 -71.23 12.38
C GLU J 285 -43.97 -70.63 13.45
N VAL J 286 -42.68 -70.50 13.16
CA VAL J 286 -41.77 -69.87 14.10
C VAL J 286 -42.20 -68.43 14.38
N LEU J 287 -42.68 -67.74 13.35
CA LEU J 287 -43.05 -66.34 13.53
C LEU J 287 -44.24 -66.20 14.47
N LYS J 288 -45.30 -66.96 14.20
CA LYS J 288 -46.47 -66.88 15.07
C LYS J 288 -46.14 -67.34 16.47
N ALA J 289 -45.23 -68.31 16.59
CA ALA J 289 -44.82 -68.74 17.92
C ALA J 289 -44.12 -67.61 18.66
N ALA J 290 -43.25 -66.88 17.96
CA ALA J 290 -42.57 -65.75 18.59
C ALA J 290 -43.57 -64.70 19.02
N VAL J 291 -44.57 -64.44 18.19
CA VAL J 291 -45.60 -63.48 18.57
C VAL J 291 -46.31 -63.95 19.83
N ASP J 292 -46.74 -65.22 19.85
CA ASP J 292 -47.50 -65.73 20.99
C ASP J 292 -46.68 -65.74 22.26
N TYR J 293 -45.37 -65.89 22.15
CA TYR J 293 -44.57 -65.86 23.35
C TYR J 293 -44.31 -64.45 23.84
N SER J 294 -43.96 -63.54 22.93
CA SER J 294 -43.67 -62.18 23.34
C SER J 294 -44.91 -61.49 23.90
N VAL J 295 -46.09 -61.85 23.39
CA VAL J 295 -47.29 -61.20 23.87
C VAL J 295 -47.59 -61.60 25.31
N GLN J 296 -47.33 -62.85 25.68
CA GLN J 296 -47.68 -63.34 27.00
C GLN J 296 -46.57 -63.19 28.02
N TYR J 297 -45.32 -63.06 27.59
CA TYR J 297 -44.23 -63.00 28.54
C TYR J 297 -43.63 -61.61 28.71
N ILE J 298 -43.81 -60.72 27.74
CA ILE J 298 -43.27 -59.36 27.86
C ILE J 298 -44.40 -58.36 27.68
N PRO J 299 -45.33 -58.26 28.61
CA PRO J 299 -46.40 -57.26 28.46
C PRO J 299 -45.92 -55.83 28.61
N GLN J 300 -44.76 -55.61 29.22
CA GLN J 300 -44.32 -54.25 29.47
C GLN J 300 -43.84 -53.53 28.22
N ARG J 301 -44.02 -54.12 27.04
CA ARG J 301 -43.62 -53.48 25.79
C ARG J 301 -44.74 -53.60 24.77
N SER J 302 -44.73 -52.67 23.82
CA SER J 302 -45.69 -52.71 22.74
C SER J 302 -45.44 -53.92 21.85
N LEU J 303 -46.49 -54.40 21.20
CA LEU J 303 -46.40 -55.60 20.37
C LEU J 303 -45.44 -55.45 19.19
N PRO J 304 -45.60 -54.46 18.30
CA PRO J 304 -44.85 -54.49 17.04
C PRO J 304 -43.34 -54.51 17.21
N ASP J 305 -42.81 -53.73 18.15
CA ASP J 305 -41.36 -53.71 18.30
C ASP J 305 -40.84 -54.95 18.99
N LYS J 306 -41.53 -55.42 20.04
CA LYS J 306 -41.02 -56.57 20.76
C LYS J 306 -41.03 -57.80 19.88
N ALA J 307 -42.06 -57.98 19.06
CA ALA J 307 -42.10 -59.14 18.18
C ALA J 307 -40.91 -59.14 17.24
N ILE J 308 -40.51 -57.97 16.76
CA ILE J 308 -39.36 -57.87 15.88
C ILE J 308 -38.07 -58.15 16.62
N ASP J 309 -37.90 -57.55 17.79
CA ASP J 309 -36.65 -57.69 18.53
C ASP J 309 -36.42 -59.14 18.93
N LEU J 310 -37.49 -59.83 19.32
CA LEU J 310 -37.33 -61.25 19.64
C LEU J 310 -36.78 -62.02 18.46
N VAL J 311 -37.33 -61.78 17.27
CA VAL J 311 -36.85 -62.45 16.07
C VAL J 311 -35.40 -62.10 15.82
N ASP J 312 -35.06 -60.83 15.98
CA ASP J 312 -33.70 -60.38 15.68
C ASP J 312 -32.69 -61.08 16.57
N VAL J 313 -32.92 -61.06 17.89
CA VAL J 313 -31.99 -61.72 18.79
C VAL J 313 -31.99 -63.22 18.54
N THR J 314 -33.15 -63.78 18.18
CA THR J 314 -33.20 -65.19 17.83
C THR J 314 -32.23 -65.51 16.71
N ALA J 315 -32.27 -64.73 15.63
CA ALA J 315 -31.38 -64.96 14.51
C ALA J 315 -29.93 -64.79 14.93
N ALA J 316 -29.64 -63.72 15.68
CA ALA J 316 -28.26 -63.49 16.07
C ALA J 316 -27.71 -64.67 16.86
N HIS J 317 -28.51 -65.21 17.78
CA HIS J 317 -28.06 -66.39 18.51
C HIS J 317 -27.92 -67.59 17.58
N LEU J 318 -28.87 -67.76 16.66
CA LEU J 318 -28.79 -68.88 15.75
C LEU J 318 -27.60 -68.79 14.83
N ALA J 319 -26.94 -67.63 14.74
CA ALA J 319 -25.64 -67.62 14.10
C ALA J 319 -24.69 -68.58 14.77
N ALA J 320 -24.98 -68.97 16.02
CA ALA J 320 -24.24 -70.00 16.74
C ALA J 320 -22.76 -69.67 16.83
N GLN J 321 -22.42 -68.40 16.65
CA GLN J 321 -21.05 -67.92 16.81
C GLN J 321 -20.10 -68.68 15.88
N HIS J 322 -20.57 -68.98 14.67
CA HIS J 322 -19.74 -69.71 13.73
C HIS J 322 -18.62 -68.82 13.19
N PRO J 323 -17.45 -69.39 12.96
CA PRO J 323 -16.33 -68.62 12.43
C PRO J 323 -16.45 -68.43 10.93
N VAL J 324 -15.45 -67.77 10.35
CA VAL J 324 -15.38 -67.57 8.91
C VAL J 324 -13.99 -67.90 8.35
N THR J 325 -13.05 -68.27 9.20
CA THR J 325 -11.72 -68.64 8.73
C THR J 325 -11.75 -69.79 7.74
N ASP J 326 -12.72 -70.69 7.89
CA ASP J 326 -12.78 -71.88 7.05
C ASP J 326 -13.02 -71.52 5.60
N VAL J 327 -13.40 -70.27 5.34
CA VAL J 327 -13.44 -69.71 4.00
C VAL J 327 -12.44 -68.58 3.85
N HIS J 328 -12.10 -67.91 4.96
CA HIS J 328 -11.22 -66.76 4.89
C HIS J 328 -9.81 -67.15 4.44
N ALA J 329 -9.35 -68.32 4.89
CA ALA J 329 -8.04 -68.80 4.46
C ALA J 329 -7.97 -68.94 2.94
N VAL J 330 -9.01 -69.51 2.34
CA VAL J 330 -8.98 -69.69 0.90
C VAL J 330 -9.20 -68.36 0.18
N GLU J 331 -9.84 -67.40 0.84
CA GLU J 331 -9.84 -66.06 0.27
C GLU J 331 -8.42 -65.52 0.18
N ARG J 332 -7.63 -65.72 1.22
CA ARG J 332 -6.22 -65.32 1.14
C ARG J 332 -5.52 -66.06 0.01
N GLU J 333 -5.81 -67.36 -0.14
CA GLU J 333 -5.20 -68.13 -1.21
C GLU J 333 -5.54 -67.57 -2.57
N ILE J 334 -6.81 -67.21 -2.78
CA ILE J 334 -7.22 -66.62 -4.04
C ILE J 334 -6.48 -65.31 -4.28
N GLU J 335 -6.27 -64.54 -3.21
CA GLU J 335 -5.51 -63.30 -3.37
C GLU J 335 -4.09 -63.58 -3.85
N THR J 336 -3.42 -64.54 -3.23
CA THR J 336 -2.05 -64.85 -3.62
C THR J 336 -1.99 -65.35 -5.07
N GLU J 337 -2.89 -66.25 -5.43
CA GLU J 337 -2.93 -66.77 -6.79
C GLU J 337 -3.22 -65.67 -7.78
N LYS J 338 -4.08 -64.72 -7.41
CA LYS J 338 -4.37 -63.59 -8.29
C LYS J 338 -3.12 -62.74 -8.50
N ASP J 339 -2.35 -62.52 -7.44
CA ASP J 339 -1.12 -61.75 -7.61
C ASP J 339 -0.15 -62.44 -8.55
N LYS J 340 0.05 -63.75 -8.37
CA LYS J 340 0.94 -64.48 -9.27
C LYS J 340 0.40 -64.45 -10.70
N GLN J 341 -0.92 -64.52 -10.87
CA GLN J 341 -1.51 -64.44 -12.19
C GLN J 341 -1.21 -63.10 -12.85
N GLU J 342 -1.34 -62.01 -12.09
CA GLU J 342 -0.99 -60.70 -12.63
C GLU J 342 0.48 -60.66 -13.01
N LYS J 343 1.34 -61.24 -12.18
CA LYS J 343 2.77 -61.23 -12.48
C LYS J 343 3.04 -61.95 -13.80
N ALA J 344 2.45 -63.13 -13.97
CA ALA J 344 2.65 -63.88 -15.22
C ALA J 344 2.09 -63.13 -16.42
N VAL J 345 0.94 -62.46 -16.25
CA VAL J 345 0.41 -61.65 -17.33
C VAL J 345 1.39 -60.54 -17.71
N GLU J 346 2.08 -59.98 -16.71
CA GLU J 346 3.09 -58.98 -17.03
C GLU J 346 4.14 -59.54 -17.97
N ALA J 347 4.54 -60.79 -17.76
CA ALA J 347 5.53 -61.44 -18.62
C ALA J 347 4.91 -62.13 -19.82
N GLU J 348 3.61 -61.96 -20.04
CA GLU J 348 2.93 -62.44 -21.25
C GLU J 348 3.09 -63.95 -21.44
N ASP J 349 3.05 -64.69 -20.33
CA ASP J 349 3.12 -66.14 -20.38
C ASP J 349 1.69 -66.65 -20.23
N PHE J 350 1.04 -66.89 -21.36
CA PHE J 350 -0.40 -67.06 -21.37
C PHE J 350 -0.85 -68.38 -20.79
N GLU J 351 -0.04 -69.43 -20.94
CA GLU J 351 -0.40 -70.72 -20.35
C GLU J 351 -0.46 -70.63 -18.83
N ALA J 352 0.51 -69.96 -18.21
CA ALA J 352 0.52 -69.85 -16.76
C ALA J 352 -0.66 -69.01 -16.28
N ALA J 353 -0.97 -67.92 -16.98
CA ALA J 353 -2.10 -67.10 -16.60
C ALA J 353 -3.40 -67.87 -16.76
N LEU J 354 -3.52 -68.67 -17.81
CA LEU J 354 -4.71 -69.50 -17.99
C LEU J 354 -4.85 -70.51 -16.86
N ASN J 355 -3.75 -71.14 -16.48
CA ASN J 355 -3.79 -72.06 -15.35
C ASN J 355 -4.19 -71.34 -14.07
N TYR J 356 -3.64 -70.14 -13.86
CA TYR J 356 -4.01 -69.37 -12.67
C TYR J 356 -5.48 -69.03 -12.67
N LYS J 357 -6.03 -68.64 -13.82
CA LYS J 357 -7.45 -68.32 -13.89
C LYS J 357 -8.31 -69.55 -13.61
N THR J 358 -7.88 -70.70 -14.12
CA THR J 358 -8.61 -71.93 -13.84
C THR J 358 -8.59 -72.23 -12.33
N ARG J 359 -7.43 -72.05 -11.70
CA ARG J 359 -7.35 -72.29 -10.26
C ARG J 359 -8.19 -71.28 -9.49
N ILE J 360 -8.25 -70.05 -9.98
CA ILE J 360 -9.07 -69.02 -9.35
C ILE J 360 -10.53 -69.42 -9.41
N ALA J 361 -10.99 -69.89 -10.57
CA ALA J 361 -12.36 -70.36 -10.68
C ALA J 361 -12.60 -71.53 -9.72
N GLU J 362 -11.65 -72.46 -9.68
CA GLU J 362 -11.75 -73.60 -8.77
C GLU J 362 -12.01 -73.15 -7.34
N LEU J 363 -11.11 -72.34 -6.81
CA LEU J 363 -11.23 -71.90 -5.42
C LEU J 363 -12.49 -71.08 -5.22
N GLU J 364 -12.87 -70.30 -6.24
CA GLU J 364 -14.06 -69.48 -6.13
C GLU J 364 -15.29 -70.34 -5.90
N ARG J 365 -15.51 -71.34 -6.75
CA ARG J 365 -16.76 -72.09 -6.56
C ARG J 365 -16.65 -73.01 -5.35
N LYS J 366 -15.44 -73.35 -4.92
CA LYS J 366 -15.32 -74.03 -3.63
C LYS J 366 -15.88 -73.14 -2.53
N ILE J 367 -15.42 -71.88 -2.48
CA ILE J 367 -15.90 -70.93 -1.50
C ILE J 367 -17.40 -70.75 -1.61
N GLU J 368 -17.91 -70.75 -2.84
CA GLU J 368 -19.35 -70.72 -3.05
C GLU J 368 -20.02 -71.89 -2.36
N ASN J 369 -19.45 -73.08 -2.50
CA ASN J 369 -20.02 -74.27 -1.86
C ASN J 369 -20.02 -74.13 -0.34
N HIS J 370 -18.91 -73.64 0.22
CA HIS J 370 -18.89 -73.41 1.67
C HIS J 370 -19.92 -72.37 2.09
N THR J 371 -20.10 -71.33 1.29
CA THR J 371 -21.00 -70.25 1.69
C THR J 371 -22.43 -70.78 1.86
N GLU J 372 -22.88 -71.62 0.95
CA GLU J 372 -24.20 -72.21 1.05
C GLU J 372 -24.28 -73.28 2.12
N ASP J 373 -23.18 -73.57 2.82
CA ASP J 373 -23.21 -74.49 3.96
C ASP J 373 -23.69 -73.72 5.19
N MET J 374 -24.93 -73.26 5.10
CA MET J 374 -25.59 -72.57 6.20
C MET J 374 -26.71 -73.46 6.74
N LYS J 375 -26.83 -73.49 8.06
CA LYS J 375 -27.86 -74.26 8.72
C LYS J 375 -29.17 -73.48 8.69
N VAL J 376 -30.23 -74.12 8.23
CA VAL J 376 -31.55 -73.51 8.17
C VAL J 376 -32.45 -74.27 9.13
N THR J 377 -32.51 -73.79 10.36
CA THR J 377 -33.27 -74.46 11.41
C THR J 377 -33.94 -73.39 12.26
N ALA J 378 -35.16 -73.04 11.88
CA ALA J 378 -36.00 -72.21 12.72
C ALA J 378 -36.92 -73.11 13.54
N SER J 379 -36.72 -73.10 14.85
CA SER J 379 -37.49 -73.95 15.74
C SER J 379 -38.13 -73.09 16.80
N VAL J 380 -39.36 -73.43 17.15
CA VAL J 380 -40.01 -72.78 18.28
C VAL J 380 -39.18 -72.95 19.54
N ASN J 381 -38.49 -74.09 19.68
CA ASN J 381 -37.67 -74.32 20.85
C ASN J 381 -36.55 -73.31 20.97
N ASP J 382 -35.85 -73.01 19.88
CA ASP J 382 -34.76 -72.05 19.91
C ASP J 382 -35.25 -70.67 20.32
N VAL J 383 -36.39 -70.26 19.78
CA VAL J 383 -37.02 -69.04 20.25
C VAL J 383 -37.27 -69.13 21.75
N ALA J 384 -37.65 -70.31 22.21
CA ALA J 384 -37.92 -70.48 23.64
C ALA J 384 -36.67 -70.24 24.48
N GLU J 385 -35.53 -70.82 24.09
CA GLU J 385 -34.33 -70.58 24.89
C GLU J 385 -33.90 -69.13 24.78
N SER J 386 -34.16 -68.50 23.64
CA SER J 386 -33.92 -67.06 23.54
C SER J 386 -34.74 -66.32 24.58
N VAL J 387 -36.01 -66.70 24.73
CA VAL J 387 -36.85 -66.08 25.75
C VAL J 387 -36.27 -66.31 27.13
N GLU J 388 -35.84 -67.54 27.38
CA GLU J 388 -35.32 -67.90 28.70
C GLU J 388 -34.10 -67.05 29.02
N ARG J 389 -33.28 -66.78 28.02
CA ARG J 389 -32.12 -65.92 28.25
C ARG J 389 -32.57 -64.50 28.46
N MET J 390 -33.68 -64.13 27.84
CA MET J 390 -34.20 -62.78 28.02
C MET J 390 -34.62 -62.55 29.47
N THR J 391 -35.36 -63.49 30.05
CA THR J 391 -36.00 -63.27 31.34
C THR J 391 -35.50 -64.18 32.43
N GLY J 392 -34.65 -65.16 32.11
CA GLY J 392 -34.14 -66.05 33.14
C GLY J 392 -35.12 -67.08 33.63
N ILE J 393 -36.26 -67.24 32.97
CA ILE J 393 -37.32 -68.11 33.44
C ILE J 393 -37.41 -69.32 32.53
N PRO J 394 -37.00 -70.50 32.96
CA PRO J 394 -37.35 -71.71 32.22
C PRO J 394 -38.86 -71.88 32.22
N VAL J 395 -39.38 -72.33 31.10
CA VAL J 395 -40.81 -72.48 30.92
C VAL J 395 -41.10 -73.96 30.74
N SER J 396 -41.79 -74.54 31.71
CA SER J 396 -42.40 -75.83 31.45
C SER J 396 -43.68 -75.61 30.65
N GLN J 397 -44.03 -76.62 29.84
CA GLN J 397 -45.21 -76.59 28.99
C GLN J 397 -45.21 -75.36 28.09
N MET J 398 -44.12 -75.21 27.35
CA MET J 398 -43.99 -74.11 26.41
C MET J 398 -45.07 -74.20 25.33
N GLY J 399 -45.61 -73.04 24.96
CA GLY J 399 -46.69 -72.97 24.00
C GLY J 399 -48.06 -73.24 24.56
N ALA J 400 -48.18 -73.48 25.86
CA ALA J 400 -49.48 -73.75 26.45
C ALA J 400 -50.41 -72.57 26.25
N SER J 401 -51.69 -72.87 26.14
CA SER J 401 -52.68 -71.82 25.97
C SER J 401 -52.74 -70.96 27.24
N ASP J 402 -53.17 -69.71 27.05
CA ASP J 402 -53.51 -68.88 28.20
C ASP J 402 -54.54 -69.57 29.07
N ILE J 403 -55.47 -70.31 28.47
CA ILE J 403 -56.45 -71.05 29.26
C ILE J 403 -55.74 -72.02 30.18
N GLU J 404 -54.74 -72.73 29.67
CA GLU J 404 -53.92 -73.58 30.51
C GLU J 404 -53.24 -72.78 31.61
N ARG J 405 -52.57 -71.69 31.22
CA ARG J 405 -51.69 -70.98 32.15
C ARG J 405 -52.46 -70.35 33.29
N LEU J 406 -53.59 -69.73 32.98
CA LEU J 406 -54.36 -69.02 33.99
C LEU J 406 -54.92 -69.96 35.05
N LYS J 407 -55.03 -71.25 34.74
CA LYS J 407 -55.40 -72.24 35.75
C LYS J 407 -54.20 -72.89 36.40
N ASP J 408 -53.10 -73.07 35.65
CA ASP J 408 -51.94 -73.73 36.20
C ASP J 408 -51.21 -72.85 37.20
N MET J 409 -51.21 -71.53 36.99
CA MET J 409 -50.60 -70.64 37.94
C MET J 409 -51.22 -70.76 39.32
N ALA J 410 -52.48 -71.21 39.40
CA ALA J 410 -53.09 -71.50 40.70
C ALA J 410 -52.21 -72.44 41.51
N HIS J 411 -51.81 -73.56 40.91
CA HIS J 411 -50.87 -74.44 41.58
C HIS J 411 -49.47 -73.87 41.64
N ARG J 412 -49.04 -73.18 40.58
CA ARG J 412 -47.69 -72.62 40.52
C ARG J 412 -47.38 -71.82 41.76
N LEU J 413 -48.29 -70.92 42.14
CA LEU J 413 -48.16 -70.23 43.41
C LEU J 413 -48.56 -71.11 44.58
N GLN J 414 -49.60 -71.93 44.41
CA GLN J 414 -50.07 -72.77 45.51
C GLN J 414 -48.99 -73.72 45.99
N ASP J 415 -48.21 -74.28 45.08
CA ASP J 415 -47.22 -75.27 45.44
C ASP J 415 -45.88 -74.68 45.86
N LYS J 416 -45.68 -73.38 45.66
CA LYS J 416 -44.53 -72.69 46.26
C LYS J 416 -44.86 -72.07 47.59
N VAL J 417 -46.13 -72.02 47.95
CA VAL J 417 -46.57 -71.59 49.26
C VAL J 417 -47.20 -72.77 49.96
N ILE J 418 -47.64 -72.55 51.20
CA ILE J 418 -48.25 -73.61 52.00
C ILE J 418 -49.64 -73.15 52.40
N GLY J 419 -50.66 -73.82 51.88
CA GLY J 419 -52.02 -73.53 52.26
C GLY J 419 -52.40 -72.09 51.97
N GLN J 420 -53.25 -71.55 52.85
CA GLN J 420 -53.79 -70.20 52.70
C GLN J 420 -54.44 -70.03 51.33
N ASP J 421 -55.20 -71.06 50.93
CA ASP J 421 -55.71 -71.14 49.57
C ASP J 421 -56.65 -69.98 49.21
N LYS J 422 -57.20 -69.29 50.20
CA LYS J 422 -58.09 -68.18 49.91
C LYS J 422 -57.36 -67.09 49.14
N ALA J 423 -56.15 -66.74 49.58
CA ALA J 423 -55.38 -65.71 48.90
C ALA J 423 -55.05 -66.15 47.48
N VAL J 424 -54.69 -67.42 47.30
CA VAL J 424 -54.43 -67.94 45.97
C VAL J 424 -55.65 -67.77 45.08
N GLU J 425 -56.81 -68.18 45.58
CA GLU J 425 -58.05 -68.07 44.81
C GLU J 425 -58.31 -66.62 44.40
N VAL J 426 -58.29 -65.71 45.37
CA VAL J 426 -58.62 -64.32 45.09
C VAL J 426 -57.64 -63.72 44.09
N VAL J 427 -56.35 -63.89 44.34
CA VAL J 427 -55.36 -63.29 43.47
C VAL J 427 -55.46 -63.86 42.07
N ALA J 428 -55.63 -65.18 41.94
CA ALA J 428 -55.70 -65.79 40.63
C ALA J 428 -56.90 -65.28 39.85
N ARG J 429 -58.07 -65.23 40.48
CA ARG J 429 -59.24 -64.76 39.76
C ARG J 429 -59.10 -63.30 39.34
N ALA J 430 -58.58 -62.46 40.25
CA ALA J 430 -58.40 -61.05 39.89
C ALA J 430 -57.42 -60.91 38.73
N ILE J 431 -56.32 -61.65 38.78
CA ILE J 431 -55.34 -61.57 37.72
C ILE J 431 -55.95 -62.00 36.40
N CYS J 432 -56.73 -63.08 36.42
CA CYS J 432 -57.34 -63.54 35.18
C CYS J 432 -58.30 -62.48 34.63
N ARG J 433 -59.08 -61.85 35.51
CA ARG J 433 -60.01 -60.83 35.05
C ARG J 433 -59.26 -59.69 34.38
N ASN J 434 -58.19 -59.20 35.00
CA ASN J 434 -57.43 -58.13 34.37
C ASN J 434 -56.80 -58.60 33.06
N ARG J 435 -56.21 -59.80 33.06
CA ARG J 435 -55.56 -60.29 31.86
C ARG J 435 -56.54 -60.51 30.72
N ALA J 436 -57.69 -61.11 31.01
CA ALA J 436 -58.67 -61.35 29.96
C ALA J 436 -59.40 -60.08 29.55
N GLY J 437 -59.26 -59.00 30.31
CA GLY J 437 -59.94 -57.76 29.98
C GLY J 437 -61.42 -57.75 30.26
N PHE J 438 -61.89 -58.63 31.16
CA PHE J 438 -63.31 -58.62 31.51
C PHE J 438 -63.68 -57.36 32.28
N ASP J 439 -62.87 -57.00 33.27
CA ASP J 439 -63.14 -55.84 34.10
C ASP J 439 -63.07 -54.57 33.26
N GLU J 440 -63.98 -53.64 33.53
CA GLU J 440 -63.90 -52.35 32.87
C GLU J 440 -62.63 -51.64 33.28
N GLY J 441 -62.08 -50.85 32.35
CA GLY J 441 -60.85 -50.15 32.61
C GLY J 441 -61.01 -49.00 33.59
N ASN J 442 -60.02 -48.11 33.56
CA ASN J 442 -60.00 -46.90 34.38
C ASN J 442 -59.92 -47.23 35.86
N ARG J 443 -59.42 -48.42 36.19
CA ARG J 443 -59.14 -48.82 37.55
C ARG J 443 -57.78 -49.49 37.59
N PRO J 444 -57.06 -49.38 38.70
CA PRO J 444 -55.77 -50.07 38.80
C PRO J 444 -55.96 -51.58 38.76
N ILE J 445 -54.86 -52.28 38.49
CA ILE J 445 -54.94 -53.73 38.25
C ILE J 445 -55.49 -54.44 39.48
N GLY J 446 -54.97 -54.13 40.65
CA GLY J 446 -55.43 -54.76 41.86
C GLY J 446 -54.89 -54.03 43.06
N ASN J 447 -55.73 -53.97 44.08
CA ASN J 447 -55.45 -53.25 45.32
C ASN J 447 -55.88 -54.15 46.45
N PHE J 448 -54.93 -54.78 47.13
CA PHE J 448 -55.28 -55.80 48.10
C PHE J 448 -54.58 -55.57 49.43
N LEU J 449 -55.23 -56.01 50.49
CA LEU J 449 -54.73 -55.87 51.85
C LEU J 449 -54.49 -57.25 52.43
N PHE J 450 -53.42 -57.40 53.20
CA PHE J 450 -53.04 -58.66 53.82
C PHE J 450 -52.65 -58.38 55.25
N VAL J 451 -53.31 -59.06 56.19
CA VAL J 451 -53.27 -58.67 57.60
C VAL J 451 -52.95 -59.92 58.42
N GLY J 452 -51.83 -59.89 59.12
CA GLY J 452 -51.42 -61.03 59.91
C GLY J 452 -50.03 -60.82 60.47
N SER J 453 -49.49 -61.91 61.04
CA SER J 453 -48.14 -61.87 61.59
C SER J 453 -47.09 -62.04 60.48
N THR J 454 -45.82 -61.87 60.86
CA THR J 454 -44.74 -61.90 59.87
C THR J 454 -44.38 -63.33 59.47
N GLY J 455 -44.06 -64.16 60.45
CA GLY J 455 -43.58 -65.50 60.18
C GLY J 455 -44.65 -66.40 59.63
N VAL J 456 -45.24 -66.02 58.50
CA VAL J 456 -46.28 -66.80 57.87
C VAL J 456 -45.96 -66.90 56.39
N GLY J 457 -44.72 -66.61 56.03
CA GLY J 457 -44.45 -66.27 54.65
C GLY J 457 -45.15 -65.00 54.25
N LYS J 458 -45.10 -63.98 55.12
CA LYS J 458 -45.87 -62.76 54.88
C LYS J 458 -45.49 -62.11 53.57
N THR J 459 -44.27 -62.32 53.11
CA THR J 459 -43.78 -61.74 51.87
C THR J 459 -43.82 -62.73 50.72
N GLU J 460 -44.47 -63.88 50.90
CA GLU J 460 -44.52 -64.89 49.85
C GLU J 460 -45.06 -64.34 48.55
N LEU J 461 -46.19 -63.64 48.61
CA LEU J 461 -46.75 -63.04 47.42
C LEU J 461 -45.94 -61.86 46.92
N ALA J 462 -45.05 -61.33 47.75
CA ALA J 462 -44.12 -60.31 47.29
C ALA J 462 -42.99 -60.87 46.45
N LYS J 463 -42.63 -62.13 46.64
CA LYS J 463 -41.55 -62.74 45.89
C LYS J 463 -42.04 -63.64 44.77
N GLN J 464 -42.80 -64.70 45.11
CA GLN J 464 -43.17 -65.69 44.12
C GLN J 464 -44.25 -65.18 43.17
N LEU J 465 -45.26 -64.51 43.72
CA LEU J 465 -46.26 -63.90 42.85
C LEU J 465 -45.62 -62.89 41.91
N ALA J 466 -44.73 -62.04 42.45
CA ALA J 466 -44.09 -61.04 41.62
C ALA J 466 -43.29 -61.70 40.50
N LEU J 467 -42.52 -62.73 40.83
CA LEU J 467 -41.70 -63.35 39.81
C LEU J 467 -42.56 -64.03 38.74
N ASP J 468 -43.59 -64.76 39.15
CA ASP J 468 -44.44 -65.41 38.17
C ASP J 468 -45.16 -64.39 37.30
N MET J 469 -45.62 -63.29 37.90
CA MET J 469 -46.22 -62.23 37.12
C MET J 469 -45.26 -61.66 36.09
N PHE J 470 -44.00 -61.45 36.47
CA PHE J 470 -43.12 -60.63 35.65
C PHE J 470 -41.83 -61.29 35.24
N GLY J 471 -41.77 -62.62 35.22
CA GLY J 471 -40.55 -63.29 34.83
C GLY J 471 -39.34 -62.92 35.67
N THR J 472 -39.55 -62.21 36.77
CA THR J 472 -38.51 -61.85 37.71
C THR J 472 -39.19 -61.24 38.93
N GLN J 473 -38.65 -61.57 40.10
CA GLN J 473 -39.12 -60.95 41.34
C GLN J 473 -38.76 -59.48 41.42
N ASP J 474 -37.82 -59.01 40.59
CA ASP J 474 -37.37 -57.62 40.62
C ASP J 474 -38.36 -56.75 39.85
N ALA J 475 -39.61 -56.79 40.31
CA ALA J 475 -40.65 -55.93 39.77
C ALA J 475 -41.48 -55.30 40.87
N ILE J 476 -40.91 -55.12 42.06
CA ILE J 476 -41.64 -54.60 43.20
C ILE J 476 -40.80 -53.53 43.88
N ILE J 477 -41.48 -52.51 44.38
CA ILE J 477 -40.91 -51.55 45.31
C ILE J 477 -41.73 -51.58 46.58
N ARG J 478 -41.06 -51.74 47.71
CA ARG J 478 -41.73 -51.88 48.99
C ARG J 478 -41.31 -50.74 49.92
N LEU J 479 -42.32 -50.14 50.54
CA LEU J 479 -42.14 -49.16 51.59
C LEU J 479 -42.88 -49.62 52.84
N ASP J 480 -42.14 -49.71 53.94
CA ASP J 480 -42.73 -50.05 55.23
C ASP J 480 -43.26 -48.73 55.79
N MET J 481 -44.55 -48.48 55.56
CA MET J 481 -45.05 -47.11 55.73
C MET J 481 -44.88 -46.64 57.15
N SER J 482 -45.07 -47.53 58.14
CA SER J 482 -44.91 -47.15 59.53
C SER J 482 -43.52 -46.59 59.79
N GLU J 483 -42.49 -47.33 59.40
CA GLU J 483 -41.13 -46.81 59.53
C GLU J 483 -40.81 -45.79 58.47
N TYR J 484 -41.58 -45.78 57.37
CA TYR J 484 -41.37 -44.80 56.32
C TYR J 484 -41.46 -43.38 56.84
N SER J 485 -42.51 -43.08 57.60
CA SER J 485 -42.80 -41.70 57.92
C SER J 485 -41.81 -41.15 58.93
N ASP J 486 -42.08 -39.93 59.37
CA ASP J 486 -41.25 -39.23 60.33
C ASP J 486 -41.95 -39.16 61.70
N ARG J 487 -41.27 -39.65 62.72
CA ARG J 487 -41.87 -39.62 64.07
C ARG J 487 -41.11 -38.72 65.04
N THR J 488 -39.84 -39.00 65.28
CA THR J 488 -39.05 -38.26 66.26
C THR J 488 -37.64 -38.06 65.72
N ALA J 489 -36.99 -36.98 66.16
CA ALA J 489 -35.70 -36.59 65.61
C ALA J 489 -34.63 -37.59 66.05
N VAL J 490 -34.64 -38.75 65.39
CA VAL J 490 -33.71 -39.83 65.67
C VAL J 490 -32.96 -40.14 64.38
N SER J 491 -31.76 -40.69 64.52
CA SER J 491 -30.86 -40.81 63.38
C SER J 491 -31.20 -42.01 62.50
N LYS J 492 -32.48 -42.13 62.14
CA LYS J 492 -32.90 -43.07 61.13
C LYS J 492 -33.89 -42.36 60.24
N LEU J 493 -34.34 -41.18 60.69
CA LEU J 493 -35.34 -40.39 60.00
C LEU J 493 -35.14 -38.92 60.33
N ILE J 494 -35.24 -38.08 59.31
CA ILE J 494 -34.96 -36.65 59.44
C ILE J 494 -36.09 -35.83 58.84
N GLY J 495 -36.52 -34.78 59.54
CA GLY J 495 -37.49 -33.85 58.99
C GLY J 495 -38.86 -33.93 59.62
N THR J 496 -39.90 -33.82 58.81
CA THR J 496 -41.27 -33.91 59.29
C THR J 496 -42.03 -34.87 58.40
N THR J 497 -43.02 -35.56 58.99
CA THR J 497 -43.80 -36.52 58.23
C THR J 497 -44.47 -35.87 57.04
N ALA J 498 -44.93 -34.63 57.21
CA ALA J 498 -45.39 -33.85 56.08
C ALA J 498 -44.35 -33.81 54.97
N GLY J 499 -43.09 -33.48 55.32
CA GLY J 499 -42.04 -33.50 54.32
C GLY J 499 -42.08 -34.73 53.43
N TYR J 500 -42.47 -35.87 54.00
CA TYR J 500 -42.47 -37.11 53.23
C TYR J 500 -43.34 -37.04 52.00
N VAL J 501 -44.56 -36.52 52.11
CA VAL J 501 -45.39 -36.42 50.90
C VAL J 501 -44.70 -35.56 49.87
N GLY J 502 -44.00 -34.52 50.32
CA GLY J 502 -43.24 -33.69 49.39
C GLY J 502 -42.26 -34.51 48.57
N TYR J 503 -41.48 -35.38 49.23
CA TYR J 503 -40.56 -36.23 48.48
C TYR J 503 -41.31 -37.01 47.42
N ASP J 504 -42.50 -37.48 47.76
CA ASP J 504 -43.21 -38.36 46.84
C ASP J 504 -43.69 -37.62 45.61
N ASP J 505 -43.76 -36.29 45.67
CA ASP J 505 -44.48 -35.58 44.63
C ASP J 505 -43.60 -34.62 43.84
N ASN J 506 -42.32 -34.51 44.17
CA ASN J 506 -41.42 -33.62 43.44
C ASN J 506 -40.06 -34.24 43.16
N SER J 507 -39.79 -35.44 43.69
CA SER J 507 -38.44 -35.97 43.71
C SER J 507 -38.41 -37.36 43.08
N ASN J 508 -37.22 -37.74 42.60
CA ASN J 508 -37.04 -39.02 41.91
C ASN J 508 -37.04 -40.17 42.91
N THR J 509 -38.15 -40.30 43.62
CA THR J 509 -38.29 -41.38 44.59
C THR J 509 -39.55 -42.20 44.34
N LEU J 510 -40.68 -41.54 44.03
CA LEU J 510 -41.90 -42.31 43.82
C LEU J 510 -42.44 -42.13 42.41
N THR J 511 -42.68 -40.89 42.02
CA THR J 511 -43.22 -40.65 40.69
C THR J 511 -42.24 -41.02 39.59
N GLU J 512 -40.96 -40.70 39.75
CA GLU J 512 -39.97 -41.14 38.78
C GLU J 512 -40.13 -42.63 38.49
N ARG J 513 -40.04 -43.45 39.53
CA ARG J 513 -40.04 -44.90 39.34
C ARG J 513 -41.33 -45.43 38.75
N VAL J 514 -42.49 -45.03 39.28
CA VAL J 514 -43.74 -45.61 38.80
C VAL J 514 -43.96 -45.32 37.33
N ARG J 515 -43.54 -44.16 36.85
CA ARG J 515 -43.62 -43.85 35.43
C ARG J 515 -42.59 -44.63 34.63
N ARG J 516 -41.51 -45.09 35.24
CA ARG J 516 -40.55 -45.92 34.53
C ARG J 516 -41.03 -47.34 34.30
N ASN J 517 -41.75 -47.93 35.26
CA ASN J 517 -42.24 -49.29 35.12
C ASN J 517 -43.72 -49.31 35.42
N PRO J 518 -44.54 -48.77 34.52
CA PRO J 518 -45.98 -48.66 34.80
C PRO J 518 -46.66 -49.99 35.07
N TYR J 519 -45.93 -51.09 35.03
CA TYR J 519 -46.49 -52.39 35.38
C TYR J 519 -46.02 -52.89 36.74
N SER J 520 -45.08 -52.19 37.38
CA SER J 520 -44.47 -52.69 38.61
C SER J 520 -45.53 -52.86 39.71
N ILE J 521 -45.10 -53.51 40.79
CA ILE J 521 -45.94 -53.75 41.96
C ILE J 521 -45.37 -52.98 43.13
N ILE J 522 -46.23 -52.32 43.89
CA ILE J 522 -45.82 -51.53 45.03
C ILE J 522 -46.44 -52.12 46.28
N LEU J 523 -45.62 -52.24 47.32
CA LEU J 523 -45.98 -52.93 48.55
C LEU J 523 -45.81 -51.95 49.70
N LEU J 524 -46.81 -51.87 50.57
CA LEU J 524 -46.81 -50.96 51.72
C LEU J 524 -47.00 -51.78 52.98
N ASP J 525 -45.92 -51.93 53.74
CA ASP J 525 -45.93 -52.79 54.92
C ASP J 525 -46.65 -52.11 56.08
N ALA J 526 -47.51 -52.87 56.76
CA ALA J 526 -47.94 -52.51 58.11
C ALA J 526 -48.47 -51.09 58.18
N ILE J 527 -49.65 -50.84 57.62
CA ILE J 527 -50.04 -49.47 57.31
C ILE J 527 -51.11 -48.89 58.22
N GLU J 528 -51.23 -49.30 59.50
CA GLU J 528 -52.08 -48.48 60.37
C GLU J 528 -51.51 -47.07 60.35
N LYS J 529 -50.19 -46.91 60.53
CA LYS J 529 -49.38 -47.56 61.55
C LYS J 529 -48.42 -46.48 61.98
N ALA J 530 -48.22 -45.55 61.06
CA ALA J 530 -47.34 -44.43 61.32
C ALA J 530 -48.13 -43.16 61.53
N ASP J 531 -47.40 -42.05 61.67
CA ASP J 531 -48.03 -40.75 61.84
C ASP J 531 -49.03 -40.42 60.74
N PRO J 532 -48.75 -40.64 59.46
CA PRO J 532 -49.70 -40.22 58.44
C PRO J 532 -50.92 -41.12 58.36
N GLN J 533 -52.09 -40.50 58.29
CA GLN J 533 -53.33 -41.20 57.98
C GLN J 533 -53.66 -41.03 56.49
N VAL J 534 -52.75 -41.54 55.67
CA VAL J 534 -52.84 -41.34 54.21
C VAL J 534 -53.83 -42.37 53.70
N ILE J 535 -55.10 -41.97 53.70
CA ILE J 535 -56.15 -42.74 53.05
C ILE J 535 -56.59 -42.00 51.81
N THR J 536 -56.94 -40.74 51.98
CA THR J 536 -57.51 -39.97 50.89
C THR J 536 -56.51 -39.63 49.80
N LEU J 537 -55.26 -39.35 50.15
CA LEU J 537 -54.29 -39.05 49.11
C LEU J 537 -54.17 -40.22 48.13
N LEU J 538 -54.38 -41.43 48.62
CA LEU J 538 -54.36 -42.60 47.75
C LEU J 538 -55.64 -42.75 46.94
N LEU J 539 -56.77 -42.28 47.45
CA LEU J 539 -58.04 -42.49 46.78
C LEU J 539 -58.01 -42.06 45.33
N GLN J 540 -57.22 -41.04 45.00
CA GLN J 540 -57.12 -40.60 43.62
C GLN J 540 -56.78 -41.76 42.70
N VAL J 541 -55.73 -42.51 43.01
CA VAL J 541 -55.50 -43.73 42.25
C VAL J 541 -56.56 -44.76 42.58
N LEU J 542 -56.90 -44.89 43.87
CA LEU J 542 -57.84 -45.93 44.29
C LEU J 542 -59.18 -45.76 43.61
N ASP J 543 -59.45 -44.57 43.07
CA ASP J 543 -60.61 -44.39 42.22
C ASP J 543 -60.27 -44.65 40.75
N ASP J 544 -59.26 -43.97 40.22
CA ASP J 544 -59.11 -43.93 38.77
C ASP J 544 -57.66 -44.09 38.30
N GLY J 545 -56.69 -44.19 39.20
CA GLY J 545 -55.32 -44.40 38.80
C GLY J 545 -54.61 -43.18 38.28
N ARG J 546 -55.31 -42.06 38.13
CA ARG J 546 -54.70 -40.80 37.72
C ARG J 546 -54.45 -39.98 38.98
N LEU J 547 -53.19 -39.63 39.22
CA LEU J 547 -52.88 -38.91 40.45
C LEU J 547 -51.82 -37.85 40.18
N THR J 548 -52.05 -36.65 40.69
CA THR J 548 -51.23 -35.49 40.39
C THR J 548 -49.94 -35.50 41.20
N ASP J 549 -48.93 -34.84 40.66
CA ASP J 549 -47.65 -34.73 41.33
C ASP J 549 -47.56 -33.36 42.00
N GLY J 550 -46.37 -33.03 42.52
CA GLY J 550 -46.12 -31.72 43.06
C GLY J 550 -45.91 -30.65 42.02
N GLN J 551 -46.04 -30.99 40.74
CA GLN J 551 -45.98 -30.02 39.67
C GLN J 551 -47.27 -29.94 38.87
N GLY J 552 -48.29 -30.70 39.26
CA GLY J 552 -49.53 -30.73 38.52
C GLY J 552 -49.64 -31.84 37.49
N ASN J 553 -48.52 -32.47 37.12
CA ASN J 553 -48.57 -33.57 36.17
C ASN J 553 -49.27 -34.75 36.82
N THR J 554 -50.13 -35.41 36.05
CA THR J 554 -50.83 -36.59 36.52
C THR J 554 -50.12 -37.83 36.00
N VAL J 555 -49.99 -38.83 36.87
CA VAL J 555 -49.42 -40.11 36.49
C VAL J 555 -50.53 -41.14 36.52
N ASN J 556 -50.56 -42.00 35.51
CA ASN J 556 -51.52 -43.09 35.43
C ASN J 556 -50.99 -44.25 36.25
N PHE J 557 -51.90 -44.97 36.89
CA PHE J 557 -51.56 -46.18 37.62
C PHE J 557 -52.36 -47.37 37.11
N LYS J 558 -52.66 -47.38 35.81
CA LYS J 558 -53.57 -48.37 35.26
C LYS J 558 -53.04 -49.78 35.39
N ASN J 559 -51.75 -49.97 35.13
CA ASN J 559 -51.19 -51.31 35.00
C ASN J 559 -50.36 -51.72 36.20
N THR J 560 -50.60 -51.14 37.35
CA THR J 560 -49.83 -51.47 38.55
C THR J 560 -50.68 -52.21 39.56
N VAL J 561 -50.01 -52.85 40.51
CA VAL J 561 -50.64 -53.55 41.60
C VAL J 561 -50.18 -52.93 42.91
N ILE J 562 -51.10 -52.72 43.82
CA ILE J 562 -50.82 -52.18 45.14
C ILE J 562 -51.21 -53.22 46.17
N ILE J 563 -50.25 -53.63 46.99
CA ILE J 563 -50.48 -54.58 48.06
C ILE J 563 -50.00 -53.96 49.35
N ALA J 564 -50.85 -53.96 50.37
CA ALA J 564 -50.52 -53.39 51.66
C ALA J 564 -50.82 -54.39 52.76
N THR J 565 -50.08 -54.28 53.86
CA THR J 565 -50.12 -55.26 54.93
C THR J 565 -50.49 -54.61 56.25
N SER J 566 -50.80 -55.46 57.23
CA SER J 566 -51.22 -54.99 58.55
C SER J 566 -51.11 -56.14 59.55
N ASN J 567 -51.49 -55.86 60.79
CA ASN J 567 -51.38 -56.78 61.91
C ASN J 567 -52.76 -57.33 62.24
N ALA J 568 -52.89 -58.66 62.23
CA ALA J 568 -54.15 -59.32 62.58
C ALA J 568 -54.16 -59.85 64.00
N GLY J 569 -53.43 -59.23 64.91
CA GLY J 569 -53.13 -59.86 66.18
C GLY J 569 -52.04 -60.90 66.01
N PHE J 570 -51.73 -61.57 67.11
CA PHE J 570 -50.67 -62.57 67.09
C PHE J 570 -50.85 -63.54 68.24
N GLY J 571 -50.53 -64.80 67.97
CA GLY J 571 -50.55 -65.82 68.99
C GLY J 571 -49.18 -65.97 69.61
N TYR J 572 -48.64 -67.19 69.60
CA TYR J 572 -49.35 -68.35 69.09
C TYR J 572 -49.36 -69.42 70.17
N GLU J 573 -50.51 -70.05 70.38
CA GLU J 573 -50.70 -70.99 71.47
C GLU J 573 -50.87 -72.47 71.11
N ALA J 574 -50.55 -72.96 69.90
CA ALA J 574 -50.11 -72.25 68.69
C ALA J 574 -51.31 -71.83 67.87
N ASN J 575 -52.17 -72.80 67.55
CA ASN J 575 -53.37 -72.56 66.78
C ASN J 575 -54.62 -72.38 67.63
N LEU J 576 -54.49 -72.44 68.97
CA LEU J 576 -55.66 -72.28 69.83
C LEU J 576 -56.17 -70.85 69.81
N THR J 577 -55.29 -69.87 69.60
CA THR J 577 -55.69 -68.47 69.45
C THR J 577 -55.24 -67.88 68.12
N GLU J 578 -54.93 -68.73 67.13
CA GLU J 578 -54.57 -68.20 65.82
C GLU J 578 -55.75 -67.49 65.16
N ASP J 579 -56.98 -67.96 65.42
CA ASP J 579 -58.18 -67.32 64.88
C ASP J 579 -59.36 -67.74 65.77
N ALA J 580 -59.86 -66.78 66.55
CA ALA J 580 -60.97 -67.07 67.46
C ALA J 580 -62.32 -66.88 66.80
N ASP J 581 -62.49 -65.80 66.04
CA ASP J 581 -63.74 -65.54 65.32
C ASP J 581 -63.46 -64.50 64.25
N LYS J 582 -64.39 -64.42 63.28
CA LYS J 582 -64.24 -63.44 62.19
C LYS J 582 -64.23 -62.00 62.68
N PRO J 583 -65.15 -61.55 63.56
CA PRO J 583 -65.08 -60.16 64.03
C PRO J 583 -63.99 -59.91 65.05
N GLU J 584 -63.44 -60.97 65.68
CA GLU J 584 -62.22 -60.86 66.47
C GLU J 584 -61.13 -60.13 65.71
N LEU J 585 -61.29 -60.02 64.40
CA LEU J 585 -60.42 -59.21 63.57
C LEU J 585 -61.01 -57.86 63.22
N MET J 586 -62.11 -57.80 62.46
CA MET J 586 -62.54 -56.51 61.91
C MET J 586 -62.90 -55.54 63.02
N ASP J 587 -63.57 -56.02 64.07
CA ASP J 587 -64.03 -55.10 65.11
C ASP J 587 -62.85 -54.42 65.77
N ARG J 588 -61.76 -55.15 65.97
CA ARG J 588 -60.52 -54.53 66.40
C ARG J 588 -59.96 -53.60 65.34
N LEU J 589 -60.00 -54.01 64.08
CA LEU J 589 -59.45 -53.16 63.03
C LEU J 589 -60.32 -51.94 62.75
N LYS J 590 -61.56 -51.92 63.23
CA LYS J 590 -62.35 -50.70 63.03
C LYS J 590 -61.71 -49.47 63.67
N PRO J 591 -61.27 -49.50 64.93
CA PRO J 591 -60.42 -48.39 65.42
C PRO J 591 -59.03 -48.39 64.83
N PHE J 592 -58.60 -49.47 64.17
CA PHE J 592 -57.26 -49.55 63.61
C PHE J 592 -57.23 -49.09 62.16
N PHE J 593 -58.10 -49.65 61.32
CA PHE J 593 -58.23 -49.26 59.92
C PHE J 593 -59.59 -48.58 59.74
N ARG J 594 -59.56 -47.42 59.12
CA ARG J 594 -60.78 -46.67 58.88
C ARG J 594 -61.70 -47.46 57.96
N PRO J 595 -62.98 -47.58 58.28
CA PRO J 595 -63.88 -48.41 57.46
C PRO J 595 -63.91 -48.01 56.00
N GLU J 596 -63.83 -46.71 55.71
CA GLU J 596 -63.80 -46.29 54.32
C GLU J 596 -62.57 -46.82 53.59
N PHE J 597 -61.40 -46.76 54.21
CA PHE J 597 -60.19 -47.30 53.58
C PHE J 597 -60.32 -48.79 53.37
N LEU J 598 -61.03 -49.48 54.26
CA LEU J 598 -61.36 -50.87 54.03
C LEU J 598 -62.22 -51.05 52.80
N ASN J 599 -63.28 -50.26 52.66
CA ASN J 599 -64.25 -50.44 51.59
C ASN J 599 -63.68 -50.15 50.21
N ARG J 600 -62.50 -49.53 50.13
CA ARG J 600 -61.89 -49.19 48.85
C ARG J 600 -61.18 -50.35 48.20
N PHE J 601 -60.92 -51.43 48.94
CA PHE J 601 -60.06 -52.47 48.41
C PHE J 601 -60.83 -53.53 47.65
N ASN J 602 -60.13 -54.17 46.72
CA ASN J 602 -60.68 -55.34 46.05
C ASN J 602 -60.94 -56.46 47.04
N ALA J 603 -60.01 -56.67 47.99
CA ALA J 603 -60.18 -57.67 49.03
C ALA J 603 -59.08 -57.52 50.08
N VAL J 604 -59.38 -58.07 51.26
CA VAL J 604 -58.41 -58.22 52.33
C VAL J 604 -58.33 -59.71 52.67
N ILE J 605 -57.12 -60.17 52.94
CA ILE J 605 -56.85 -61.56 53.30
C ILE J 605 -56.02 -61.53 54.58
N GLU J 606 -56.02 -62.63 55.32
CA GLU J 606 -55.35 -62.64 56.61
C GLU J 606 -54.32 -63.76 56.68
N PHE J 607 -53.35 -63.56 57.57
CA PHE J 607 -52.32 -64.54 57.88
C PHE J 607 -52.50 -65.01 59.32
N SER J 608 -53.36 -66.00 59.50
CA SER J 608 -53.55 -66.62 60.80
C SER J 608 -52.87 -67.98 60.90
N HIS J 609 -52.03 -68.32 59.93
CA HIS J 609 -51.66 -69.71 59.71
C HIS J 609 -50.32 -70.03 60.36
N LEU J 610 -50.35 -70.87 61.39
CA LEU J 610 -49.13 -71.32 62.05
C LEU J 610 -49.46 -72.57 62.84
N THR J 611 -48.90 -73.71 62.44
CA THR J 611 -49.26 -75.01 62.99
C THR J 611 -48.01 -75.89 63.02
N LYS J 612 -48.22 -77.21 63.05
CA LYS J 612 -47.10 -78.14 63.06
C LYS J 612 -47.19 -79.25 62.01
N GLU J 613 -48.40 -79.70 61.65
CA GLU J 613 -48.53 -80.81 60.72
C GLU J 613 -48.14 -80.45 59.30
N ASP J 614 -48.41 -79.21 58.89
CA ASP J 614 -48.15 -78.77 57.53
C ASP J 614 -46.75 -78.22 57.37
N LEU J 615 -45.95 -78.26 58.43
CA LEU J 615 -44.64 -77.64 58.46
C LEU J 615 -43.53 -78.57 58.01
N SER J 616 -43.83 -79.87 57.86
CA SER J 616 -42.87 -80.75 57.21
C SER J 616 -42.65 -80.34 55.77
N LYS J 617 -43.69 -79.81 55.13
CA LYS J 617 -43.58 -79.40 53.74
C LYS J 617 -42.53 -78.29 53.58
N ILE J 618 -42.58 -77.30 54.45
CA ILE J 618 -41.54 -76.28 54.41
C ILE J 618 -40.19 -76.89 54.76
N VAL J 619 -40.19 -77.93 55.60
CA VAL J 619 -38.94 -78.58 55.95
C VAL J 619 -38.25 -79.13 54.71
N ASP J 620 -38.97 -79.91 53.90
CA ASP J 620 -38.30 -80.45 52.72
C ASP J 620 -38.09 -79.36 51.68
N LEU J 621 -38.82 -78.25 51.77
CA LEU J 621 -38.48 -77.11 50.92
C LEU J 621 -37.08 -76.58 51.24
N MET J 622 -36.80 -76.30 52.51
CA MET J 622 -35.45 -75.90 52.85
C MET J 622 -34.43 -76.99 52.58
N LEU J 623 -34.80 -78.25 52.76
CA LEU J 623 -33.86 -79.32 52.41
C LEU J 623 -33.52 -79.28 50.93
N ALA J 624 -34.53 -78.99 50.10
CA ALA J 624 -34.29 -78.84 48.68
C ALA J 624 -33.32 -77.70 48.40
N GLU J 625 -33.52 -76.54 49.03
CA GLU J 625 -32.60 -75.45 48.74
C GLU J 625 -31.20 -75.76 49.26
N VAL J 626 -31.12 -76.49 50.37
CA VAL J 626 -29.81 -76.87 50.90
C VAL J 626 -29.06 -77.72 49.90
N ASN J 627 -29.72 -78.75 49.38
CA ASN J 627 -29.04 -79.59 48.39
C ASN J 627 -28.76 -78.81 47.11
N GLN J 628 -29.63 -77.86 46.76
CA GLN J 628 -29.37 -76.99 45.63
C GLN J 628 -28.08 -76.20 45.84
N THR J 629 -27.91 -75.63 47.03
CA THR J 629 -26.69 -74.90 47.34
C THR J 629 -25.48 -75.81 47.28
N LEU J 630 -25.63 -77.03 47.81
CA LEU J 630 -24.53 -77.99 47.79
C LEU J 630 -24.15 -78.36 46.37
N ALA J 631 -25.11 -78.29 45.44
CA ALA J 631 -24.85 -78.70 44.07
C ALA J 631 -23.72 -77.89 43.45
N LYS J 632 -23.43 -76.71 43.99
CA LYS J 632 -22.32 -75.92 43.47
C LYS J 632 -21.00 -76.66 43.62
N LYS J 633 -20.84 -77.43 44.69
CA LYS J 633 -19.62 -78.20 44.92
C LYS J 633 -19.79 -79.68 44.64
N ASP J 634 -20.83 -80.05 43.88
CA ASP J 634 -21.07 -81.43 43.48
C ASP J 634 -21.32 -82.33 44.68
N ILE J 635 -21.99 -81.78 45.70
CA ILE J 635 -22.22 -82.47 46.96
C ILE J 635 -23.71 -82.72 47.11
N ASP J 636 -24.07 -83.93 47.50
CA ASP J 636 -25.45 -84.32 47.72
C ASP J 636 -25.61 -84.76 49.17
N LEU J 637 -26.61 -84.20 49.85
CA LEU J 637 -26.92 -84.56 51.23
C LEU J 637 -28.24 -85.31 51.27
N VAL J 638 -28.27 -86.39 52.04
CA VAL J 638 -29.49 -87.14 52.28
C VAL J 638 -29.91 -86.90 53.73
N VAL J 639 -31.22 -86.77 53.95
CA VAL J 639 -31.78 -86.48 55.27
C VAL J 639 -32.74 -87.60 55.65
N SER J 640 -32.55 -88.15 56.84
CA SER J 640 -33.46 -89.15 57.35
C SER J 640 -34.77 -88.53 57.80
N GLN J 641 -35.84 -89.34 57.78
CA GLN J 641 -37.14 -88.87 58.23
C GLN J 641 -37.11 -88.52 59.72
N ALA J 642 -36.42 -89.33 60.53
CA ALA J 642 -36.31 -89.03 61.94
C ALA J 642 -35.62 -87.70 62.17
N ALA J 643 -34.61 -87.40 61.36
CA ALA J 643 -34.00 -86.08 61.42
C ALA J 643 -35.02 -85.00 61.12
N LYS J 644 -35.88 -85.24 60.13
CA LYS J 644 -36.93 -84.27 59.81
C LYS J 644 -37.85 -84.05 61.01
N ASP J 645 -38.25 -85.15 61.66
CA ASP J 645 -39.14 -85.04 62.81
C ASP J 645 -38.48 -84.24 63.93
N TYR J 646 -37.20 -84.53 64.19
CA TYR J 646 -36.50 -83.80 65.23
C TYR J 646 -36.36 -82.32 64.88
N ILE J 647 -36.06 -82.02 63.62
CA ILE J 647 -35.94 -80.62 63.20
C ILE J 647 -37.26 -79.91 63.42
N THR J 648 -38.36 -80.53 63.00
CA THR J 648 -39.67 -79.95 63.23
C THR J 648 -39.88 -79.67 64.71
N GLU J 649 -39.60 -80.66 65.55
CA GLU J 649 -39.80 -80.46 66.99
C GLU J 649 -38.94 -79.33 67.51
N GLU J 650 -37.71 -79.20 66.98
CA GLU J 650 -36.84 -78.10 67.37
C GLU J 650 -37.45 -76.76 66.99
N GLY J 651 -37.86 -76.62 65.74
CA GLY J 651 -38.42 -75.38 65.24
C GLY J 651 -39.83 -75.11 65.70
N TYR J 652 -40.47 -76.04 66.38
CA TYR J 652 -41.83 -75.81 66.84
C TYR J 652 -41.83 -74.97 68.09
N ASP J 653 -41.14 -73.82 68.06
CA ASP J 653 -41.39 -72.73 68.99
C ASP J 653 -42.59 -71.98 68.44
N GLU J 654 -43.70 -72.71 68.35
CA GLU J 654 -44.89 -72.26 67.63
C GLU J 654 -45.58 -71.17 68.46
N VAL J 655 -44.89 -70.05 68.60
CA VAL J 655 -45.41 -68.92 69.34
C VAL J 655 -45.54 -67.66 68.50
N MET J 656 -44.70 -67.45 67.48
CA MET J 656 -44.82 -66.28 66.64
C MET J 656 -44.82 -66.62 65.15
N GLY J 657 -43.97 -67.56 64.73
CA GLY J 657 -43.82 -67.81 63.31
C GLY J 657 -42.77 -68.85 63.03
N VAL J 658 -42.31 -68.87 61.78
CA VAL J 658 -41.47 -69.94 61.27
C VAL J 658 -40.02 -69.51 61.06
N ARG J 659 -39.63 -68.36 61.58
CA ARG J 659 -38.21 -67.98 61.49
C ARG J 659 -37.29 -68.98 62.19
N PRO J 660 -37.56 -69.41 63.43
CA PRO J 660 -36.72 -70.45 64.02
C PRO J 660 -36.75 -71.76 63.26
N LEU J 661 -37.82 -72.02 62.50
CA LEU J 661 -37.86 -73.25 61.72
C LEU J 661 -36.74 -73.28 60.69
N ARG J 662 -36.48 -72.15 60.04
CA ARG J 662 -35.29 -72.00 59.22
C ARG J 662 -34.03 -71.93 60.08
N ARG J 663 -34.11 -71.27 61.23
CA ARG J 663 -32.93 -71.01 62.04
C ARG J 663 -32.27 -72.31 62.50
N VAL J 664 -33.08 -73.31 62.87
CA VAL J 664 -32.53 -74.54 63.41
C VAL J 664 -31.67 -75.32 62.43
N VAL J 665 -31.87 -75.11 61.13
CA VAL J 665 -30.95 -75.63 60.13
C VAL J 665 -30.09 -74.54 59.52
N GLU J 666 -30.25 -73.29 59.96
CA GLU J 666 -29.55 -72.17 59.37
C GLU J 666 -28.04 -72.35 59.47
N GLN J 667 -27.58 -72.99 60.53
CA GLN J 667 -26.16 -73.22 60.74
C GLN J 667 -25.83 -74.65 61.15
N GLU J 668 -26.76 -75.35 61.79
CA GLU J 668 -26.45 -76.64 62.37
C GLU J 668 -26.08 -77.65 61.31
N ILE J 669 -26.81 -77.65 60.20
CA ILE J 669 -26.47 -78.55 59.10
C ILE J 669 -25.14 -78.15 58.48
N ARG J 670 -24.99 -76.87 58.18
CA ARG J 670 -23.81 -76.41 57.46
C ARG J 670 -22.58 -76.42 58.35
N ASP J 671 -22.76 -76.33 59.66
CA ASP J 671 -21.62 -76.49 60.57
C ASP J 671 -21.03 -77.88 60.47
N LYS J 672 -21.89 -78.91 60.47
CA LYS J 672 -21.40 -80.27 60.24
C LYS J 672 -20.77 -80.40 58.87
N VAL J 673 -21.42 -79.82 57.86
CA VAL J 673 -20.88 -79.88 56.49
C VAL J 673 -19.50 -79.27 56.43
N THR J 674 -19.27 -78.23 57.23
CA THR J 674 -17.94 -77.63 57.29
C THR J 674 -16.88 -78.65 57.61
N ASP J 675 -17.07 -79.41 58.69
CA ASP J 675 -16.07 -80.38 59.10
C ASP J 675 -16.00 -81.56 58.14
N PHE J 676 -17.14 -82.01 57.63
CA PHE J 676 -17.10 -83.11 56.67
C PHE J 676 -16.40 -82.71 55.39
N HIS J 677 -16.41 -81.41 55.06
CA HIS J 677 -15.72 -80.95 53.85
C HIS J 677 -14.22 -80.96 54.01
N LEU J 678 -13.72 -80.99 55.24
CA LEU J 678 -12.29 -81.18 55.46
C LEU J 678 -11.81 -82.52 54.92
N ASP J 679 -12.72 -83.47 54.75
CA ASP J 679 -12.47 -84.71 54.05
C ASP J 679 -12.42 -84.42 52.54
N HIS J 680 -11.80 -85.26 51.71
CA HIS J 680 -11.61 -86.73 51.78
C HIS J 680 -12.99 -87.32 51.84
N LEU J 681 -13.89 -86.71 51.07
CA LEU J 681 -15.31 -86.81 51.30
C LEU J 681 -16.01 -87.45 50.09
N ASP J 682 -16.86 -88.44 50.38
CA ASP J 682 -17.78 -88.99 49.39
C ASP J 682 -19.00 -88.07 49.37
N ALA J 683 -18.99 -87.11 48.46
CA ALA J 683 -20.08 -86.14 48.41
C ALA J 683 -21.42 -86.80 48.12
N LYS J 684 -21.42 -87.96 47.47
CA LYS J 684 -22.63 -88.68 47.14
C LYS J 684 -23.23 -89.39 48.35
N HIS J 685 -22.41 -89.70 49.35
CA HIS J 685 -22.80 -90.58 50.43
C HIS J 685 -23.39 -89.87 51.64
N LEU J 686 -23.26 -88.56 51.72
CA LEU J 686 -23.61 -87.85 52.94
C LEU J 686 -25.07 -88.02 53.27
N GLU J 687 -25.34 -88.80 54.32
CA GLU J 687 -26.68 -89.02 54.82
C GLU J 687 -26.73 -88.60 56.28
N ALA J 688 -27.72 -87.79 56.63
CA ALA J 688 -27.84 -87.21 57.96
C ALA J 688 -28.95 -87.92 58.74
N ASP J 689 -28.65 -88.27 59.98
CA ASP J 689 -29.62 -88.85 60.90
C ASP J 689 -29.41 -88.24 62.29
N MET J 690 -30.17 -88.75 63.25
CA MET J 690 -30.31 -88.14 64.56
C MET J 690 -29.93 -89.13 65.66
N GLU J 691 -29.06 -88.68 66.56
CA GLU J 691 -28.68 -89.46 67.73
C GLU J 691 -28.90 -88.56 68.94
N ASP J 692 -30.06 -88.71 69.60
CA ASP J 692 -30.35 -88.00 70.84
C ASP J 692 -30.23 -86.49 70.66
N GLY J 693 -30.76 -85.99 69.54
CA GLY J 693 -30.70 -84.58 69.24
C GLY J 693 -29.38 -84.13 68.64
N VAL J 694 -28.49 -85.05 68.30
CA VAL J 694 -27.20 -84.69 67.70
C VAL J 694 -27.19 -85.14 66.25
N LEU J 695 -26.80 -84.23 65.35
CA LEU J 695 -26.75 -84.54 63.93
C LEU J 695 -25.56 -85.43 63.62
N VAL J 696 -25.81 -86.56 62.98
CA VAL J 696 -24.76 -87.52 62.66
C VAL J 696 -24.86 -87.84 61.18
N ILE J 697 -23.81 -87.53 60.43
CA ILE J 697 -23.81 -87.69 58.98
C ILE J 697 -22.74 -88.70 58.61
N ARG J 698 -23.07 -89.59 57.67
CA ARG J 698 -22.09 -90.50 57.12
C ARG J 698 -22.13 -90.41 55.60
N LEU K 76 -43.68 2.18 3.46
CA LEU K 76 -44.18 1.32 4.51
C LEU K 76 -43.48 -0.03 4.41
N ALA K 77 -44.28 -1.09 4.36
CA ALA K 77 -43.81 -2.43 4.00
C ALA K 77 -42.63 -2.86 4.87
N LYS K 78 -42.65 -2.46 6.13
CA LYS K 78 -41.62 -2.84 7.09
C LYS K 78 -42.31 -3.46 8.30
N LEU K 79 -42.32 -4.79 8.35
CA LEU K 79 -42.96 -5.53 9.44
C LEU K 79 -44.42 -5.13 9.58
N GLY K 80 -45.09 -4.92 8.46
CA GLY K 80 -46.48 -4.49 8.52
C GLY K 80 -47.10 -4.45 7.15
N ARG K 81 -48.37 -4.06 7.14
CA ARG K 81 -49.15 -4.05 5.91
C ARG K 81 -50.06 -2.83 5.85
N ASN K 82 -50.14 -2.22 4.69
CA ASN K 82 -51.05 -1.11 4.46
C ASN K 82 -52.41 -1.66 4.08
N LEU K 83 -53.36 -1.62 5.01
CA LEU K 83 -54.70 -2.10 4.73
C LEU K 83 -55.43 -1.20 3.75
N THR K 84 -55.17 0.11 3.80
CA THR K 84 -55.81 1.02 2.87
C THR K 84 -55.41 0.70 1.43
N ALA K 85 -54.15 0.36 1.22
CA ALA K 85 -53.70 0.01 -0.13
C ALA K 85 -54.48 -1.17 -0.68
N GLU K 86 -54.66 -2.22 0.14
CA GLU K 86 -55.47 -3.34 -0.30
C GLU K 86 -56.91 -2.92 -0.51
N ALA K 87 -57.42 -2.01 0.33
CA ALA K 87 -58.79 -1.56 0.19
C ALA K 87 -59.03 -0.90 -1.15
N ARG K 88 -58.08 -0.07 -1.60
CA ARG K 88 -58.23 0.58 -2.90
C ARG K 88 -58.39 -0.45 -4.00
N GLU K 89 -57.69 -1.57 -3.89
CA GLU K 89 -57.69 -2.60 -4.90
C GLU K 89 -58.95 -3.44 -4.90
N GLY K 90 -59.80 -3.29 -3.88
CA GLY K 90 -60.96 -4.16 -3.76
C GLY K 90 -60.62 -5.57 -3.36
N LYS K 91 -59.46 -5.78 -2.73
CA LYS K 91 -59.01 -7.11 -2.34
C LYS K 91 -59.61 -7.57 -1.02
N LEU K 92 -60.44 -6.77 -0.38
CA LEU K 92 -60.90 -7.03 0.98
C LEU K 92 -62.39 -7.30 0.98
N ASP K 93 -62.79 -8.28 1.79
CA ASP K 93 -64.18 -8.70 1.81
C ASP K 93 -65.06 -7.62 2.42
N PRO K 94 -66.31 -7.48 1.95
CA PRO K 94 -67.22 -6.52 2.58
C PRO K 94 -67.54 -6.92 4.01
N VAL K 95 -67.49 -5.94 4.89
CA VAL K 95 -67.80 -6.14 6.31
C VAL K 95 -69.29 -5.89 6.51
N ILE K 96 -69.95 -6.84 7.17
CA ILE K 96 -71.41 -6.93 7.16
C ILE K 96 -71.94 -6.76 8.57
N GLY K 97 -72.96 -5.93 8.72
CA GLY K 97 -73.72 -5.86 9.95
C GLY K 97 -73.05 -5.14 11.10
N ARG K 98 -72.01 -4.34 10.83
CA ARG K 98 -71.27 -3.71 11.90
C ARG K 98 -71.49 -2.20 11.94
N ASN K 99 -72.61 -1.72 11.42
CA ASN K 99 -72.72 -0.33 11.00
C ASN K 99 -72.27 0.67 12.06
N LYS K 100 -73.06 0.85 13.11
CA LYS K 100 -72.72 1.92 14.03
C LYS K 100 -71.38 1.65 14.68
N GLU K 101 -71.14 0.38 15.07
CA GLU K 101 -69.92 0.03 15.78
C GLU K 101 -68.69 0.48 15.02
N ILE K 102 -68.74 0.56 13.69
CA ILE K 102 -67.53 1.00 13.02
C ILE K 102 -67.42 2.51 13.02
N GLN K 103 -68.49 3.19 12.63
CA GLN K 103 -68.37 4.63 12.38
C GLN K 103 -68.46 5.39 13.69
N GLU K 104 -69.04 4.78 14.72
CA GLU K 104 -68.86 5.30 16.07
C GLU K 104 -67.39 5.50 16.39
N ALA K 105 -66.52 4.61 15.88
CA ALA K 105 -65.09 4.76 16.09
C ALA K 105 -64.59 6.12 15.59
N SER K 106 -65.07 6.55 14.44
CA SER K 106 -64.68 7.86 13.93
C SER K 106 -64.96 8.96 14.93
N GLU K 107 -66.04 8.82 15.71
CA GLU K 107 -66.40 9.83 16.69
C GLU K 107 -65.33 10.03 17.74
N ILE K 108 -64.41 9.09 17.89
CA ILE K 108 -63.26 9.29 18.76
C ILE K 108 -62.09 9.89 18.01
N LEU K 109 -61.83 9.41 16.79
CA LEU K 109 -60.65 9.84 16.07
C LEU K 109 -60.72 11.30 15.67
N SER K 110 -61.91 11.82 15.45
CA SER K 110 -62.07 13.20 15.00
C SER K 110 -61.64 14.22 16.02
N ARG K 111 -61.40 13.83 17.26
CA ARG K 111 -61.06 14.78 18.30
C ARG K 111 -59.60 15.19 18.21
N ARG K 112 -59.30 16.38 18.75
CA ARG K 112 -57.93 16.85 18.79
C ARG K 112 -57.11 16.09 19.82
N THR K 113 -57.67 15.85 21.00
CA THR K 113 -57.06 14.99 22.00
C THR K 113 -58.03 13.88 22.35
N LYS K 114 -57.62 13.02 23.28
CA LYS K 114 -58.44 11.91 23.74
C LYS K 114 -58.97 11.13 22.54
N ASN K 115 -58.04 10.54 21.80
CA ASN K 115 -58.30 10.07 20.45
C ASN K 115 -57.62 8.73 20.19
N ASN K 116 -57.72 7.80 21.14
CA ASN K 116 -57.07 6.50 21.04
C ASN K 116 -58.10 5.45 21.39
N PRO K 117 -58.95 5.08 20.45
CA PRO K 117 -59.97 4.06 20.73
C PRO K 117 -59.41 2.66 20.63
N VAL K 118 -59.86 1.81 21.55
CA VAL K 118 -59.52 0.38 21.54
C VAL K 118 -60.82 -0.41 21.57
N LEU K 119 -60.87 -1.46 20.77
CA LEU K 119 -62.03 -2.32 20.69
C LEU K 119 -61.90 -3.39 21.76
N VAL K 120 -62.93 -3.54 22.60
CA VAL K 120 -62.89 -4.47 23.71
C VAL K 120 -63.94 -5.54 23.50
N GLY K 121 -63.59 -6.77 23.82
CA GLY K 121 -64.52 -7.87 23.71
C GLY K 121 -63.79 -9.19 23.64
N ASP K 122 -64.56 -10.26 23.62
CA ASP K 122 -63.98 -11.59 23.56
C ASP K 122 -63.54 -11.93 22.14
N ALA K 123 -62.67 -12.92 22.03
CA ALA K 123 -62.11 -13.31 20.75
C ALA K 123 -63.15 -14.05 19.92
N GLY K 124 -62.81 -14.28 18.65
CA GLY K 124 -63.71 -14.97 17.77
C GLY K 124 -65.00 -14.23 17.48
N VAL K 125 -64.95 -12.91 17.43
CA VAL K 125 -66.13 -12.10 17.19
C VAL K 125 -65.98 -11.20 15.99
N GLY K 126 -65.06 -11.52 15.08
CA GLY K 126 -64.76 -10.59 14.01
C GLY K 126 -64.12 -9.32 14.50
N LYS K 127 -63.19 -9.43 15.45
CA LYS K 127 -62.65 -8.23 16.08
C LYS K 127 -61.95 -7.33 15.07
N THR K 128 -61.07 -7.89 14.25
CA THR K 128 -60.42 -7.09 13.23
C THR K 128 -61.40 -6.64 12.16
N ALA K 129 -62.40 -7.46 11.84
CA ALA K 129 -63.33 -7.12 10.78
C ALA K 129 -63.84 -5.70 10.91
N VAL K 130 -63.92 -5.18 12.13
CA VAL K 130 -64.30 -3.79 12.33
C VAL K 130 -63.30 -2.86 11.66
N VAL K 131 -62.00 -3.09 11.88
CA VAL K 131 -61.04 -2.14 11.35
C VAL K 131 -60.92 -2.28 9.84
N GLU K 132 -61.03 -3.51 9.30
CA GLU K 132 -61.07 -3.57 7.84
C GLU K 132 -62.29 -2.85 7.30
N GLY K 133 -63.44 -2.97 7.95
CA GLY K 133 -64.59 -2.20 7.53
C GLY K 133 -64.35 -0.71 7.62
N LEU K 134 -63.59 -0.27 8.61
CA LEU K 134 -63.25 1.13 8.71
C LEU K 134 -62.44 1.58 7.50
N ALA K 135 -61.45 0.78 7.10
CA ALA K 135 -60.68 1.12 5.91
C ALA K 135 -61.58 1.16 4.68
N GLN K 136 -62.48 0.19 4.58
CA GLN K 136 -63.43 0.17 3.47
C GLN K 136 -64.24 1.46 3.42
N ALA K 137 -64.75 1.90 4.56
CA ALA K 137 -65.52 3.14 4.61
C ALA K 137 -64.67 4.35 4.25
N ILE K 138 -63.42 4.38 4.73
CA ILE K 138 -62.54 5.49 4.39
C ILE K 138 -62.39 5.60 2.89
N VAL K 139 -62.12 4.48 2.23
CA VAL K 139 -62.07 4.50 0.77
C VAL K 139 -63.43 4.93 0.22
N ASN K 140 -64.50 4.50 0.88
CA ASN K 140 -65.85 4.76 0.42
C ASN K 140 -66.27 6.20 0.57
N GLY K 141 -65.52 7.00 1.31
CA GLY K 141 -65.98 8.35 1.61
C GLY K 141 -67.12 8.38 2.59
N ASP K 142 -67.24 7.37 3.46
CA ASP K 142 -68.29 7.35 4.46
C ASP K 142 -67.93 8.17 5.70
N VAL K 143 -66.64 8.31 5.98
CA VAL K 143 -66.17 8.88 7.23
C VAL K 143 -66.45 10.38 7.27
N PRO K 144 -66.40 11.00 8.44
CA PRO K 144 -66.39 12.47 8.48
C PRO K 144 -65.05 13.01 8.02
N ALA K 145 -65.05 14.31 7.74
CA ALA K 145 -63.92 14.93 7.04
C ALA K 145 -62.62 14.86 7.82
N ALA K 146 -62.69 14.58 9.12
CA ALA K 146 -61.51 14.66 9.98
C ALA K 146 -60.43 13.69 9.55
N ILE K 147 -60.81 12.55 8.98
CA ILE K 147 -59.85 11.49 8.71
C ILE K 147 -59.78 11.15 7.23
N LYS K 148 -60.14 12.11 6.37
CA LYS K 148 -60.16 11.82 4.94
C LYS K 148 -58.78 11.44 4.43
N ASN K 149 -57.75 12.14 4.86
CA ASN K 149 -56.44 12.07 4.22
C ASN K 149 -55.52 11.06 4.86
N LYS K 150 -56.02 10.23 5.77
CA LYS K 150 -55.17 9.31 6.50
C LYS K 150 -55.24 7.92 5.91
N GLU K 151 -54.29 7.09 6.31
CA GLU K 151 -54.29 5.68 5.97
C GLU K 151 -53.95 4.88 7.21
N ILE K 152 -54.22 3.57 7.14
CA ILE K 152 -54.09 2.67 8.28
C ILE K 152 -53.07 1.60 7.93
N VAL K 153 -52.13 1.37 8.84
CA VAL K 153 -51.15 0.30 8.69
C VAL K 153 -51.24 -0.61 9.90
N SER K 154 -51.34 -1.91 9.64
CA SER K 154 -51.33 -2.91 10.70
C SER K 154 -49.92 -3.41 10.90
N ILE K 155 -49.55 -3.65 12.16
CA ILE K 155 -48.17 -3.97 12.50
C ILE K 155 -48.11 -5.31 13.21
N ASP K 156 -47.19 -6.16 12.77
CA ASP K 156 -46.81 -7.40 13.46
C ASP K 156 -45.98 -7.02 14.68
N ILE K 157 -46.67 -6.80 15.79
CA ILE K 157 -45.96 -6.53 17.04
C ILE K 157 -45.10 -7.73 17.43
N SER K 158 -45.70 -8.91 17.48
CA SER K 158 -45.04 -10.09 18.00
C SER K 158 -43.79 -10.45 17.22
N GLY K 159 -43.76 -10.19 15.92
CA GLY K 159 -42.61 -10.48 15.09
C GLY K 159 -41.62 -9.35 14.94
N LEU K 160 -41.75 -8.27 15.71
CA LEU K 160 -40.85 -7.14 15.51
C LEU K 160 -39.39 -7.51 15.72
N GLU K 161 -39.08 -8.27 16.79
CA GLU K 161 -37.70 -8.68 17.01
C GLU K 161 -37.18 -9.58 15.90
N ALA K 162 -38.07 -10.14 15.07
CA ALA K 162 -37.61 -10.92 13.92
C ALA K 162 -36.87 -10.05 12.91
N GLY K 163 -37.17 -8.76 12.85
CA GLY K 163 -36.56 -7.90 11.86
C GLY K 163 -35.17 -7.43 12.16
N THR K 164 -34.60 -7.80 13.31
CA THR K 164 -33.30 -7.30 13.72
C THR K 164 -32.60 -8.34 14.57
N GLN K 165 -31.30 -8.13 14.76
CA GLN K 165 -30.48 -9.09 15.49
C GLN K 165 -30.20 -8.65 16.92
N TYR K 166 -30.03 -7.35 17.14
CA TYR K 166 -29.67 -6.82 18.44
C TYR K 166 -30.78 -5.90 18.94
N ARG K 167 -31.11 -6.05 20.22
CA ARG K 167 -32.29 -5.37 20.75
C ARG K 167 -32.05 -3.87 20.92
N GLY K 168 -30.79 -3.44 21.03
CA GLY K 168 -30.51 -2.02 20.92
C GLY K 168 -30.77 -1.51 19.52
N SER K 169 -30.31 -2.26 18.51
CA SER K 169 -30.71 -1.97 17.13
C SER K 169 -32.22 -2.08 16.98
N PHE K 170 -32.85 -3.01 17.70
CA PHE K 170 -34.30 -3.12 17.68
C PHE K 170 -34.94 -1.83 18.15
N GLU K 171 -34.49 -1.31 19.29
CA GLU K 171 -35.06 -0.07 19.82
C GLU K 171 -34.82 1.08 18.86
N GLU K 172 -33.63 1.12 18.24
CA GLU K 172 -33.37 2.16 17.25
C GLU K 172 -34.36 2.06 16.10
N ASN K 173 -34.61 0.85 15.61
CA ASN K 173 -35.61 0.68 14.55
C ASN K 173 -36.99 1.09 15.03
N VAL K 174 -37.31 0.80 16.29
CA VAL K 174 -38.61 1.16 16.84
C VAL K 174 -38.79 2.67 16.81
N GLN K 175 -37.81 3.41 17.33
CA GLN K 175 -37.89 4.86 17.28
C GLN K 175 -37.88 5.36 15.84
N ASN K 176 -37.20 4.63 14.96
CA ASN K 176 -37.24 4.97 13.55
C ASN K 176 -38.65 4.90 12.99
N LEU K 177 -39.53 4.13 13.65
CA LEU K 177 -40.93 4.16 13.25
C LEU K 177 -41.54 5.53 13.52
N VAL K 178 -41.35 6.05 14.73
CA VAL K 178 -41.80 7.40 15.02
C VAL K 178 -41.20 8.37 14.03
N ASN K 179 -39.92 8.16 13.70
CA ASN K 179 -39.29 8.97 12.67
C ASN K 179 -40.07 8.90 11.36
N GLU K 180 -40.52 7.71 10.98
CA GLU K 180 -41.40 7.58 9.83
C GLU K 180 -42.76 8.20 10.12
N VAL K 181 -43.20 8.18 11.37
CA VAL K 181 -44.53 8.71 11.65
C VAL K 181 -44.38 10.21 11.83
N LYS K 182 -44.26 10.90 10.71
CA LYS K 182 -44.31 12.35 10.65
C LYS K 182 -45.10 12.84 9.46
N GLU K 183 -45.60 11.95 8.62
CA GLU K 183 -46.23 12.32 7.35
C GLU K 183 -47.69 12.69 7.59
N ALA K 184 -47.88 13.91 8.08
CA ALA K 184 -49.19 14.52 8.29
C ALA K 184 -50.10 13.67 9.16
N GLY K 185 -49.55 12.72 9.90
CA GLY K 185 -50.38 11.79 10.63
C GLY K 185 -51.21 10.92 9.74
N ASN K 186 -50.95 10.92 8.44
CA ASN K 186 -51.70 10.10 7.49
C ASN K 186 -51.54 8.63 7.79
N ILE K 187 -50.54 8.27 8.57
CA ILE K 187 -50.31 6.90 9.00
C ILE K 187 -50.98 6.75 10.36
N ILE K 188 -51.73 5.67 10.52
CA ILE K 188 -52.36 5.31 11.79
C ILE K 188 -52.00 3.86 12.09
N LEU K 189 -51.46 3.62 13.28
CA LEU K 189 -50.96 2.30 13.62
C LEU K 189 -52.08 1.46 14.20
N PHE K 190 -52.18 0.21 13.74
CA PHE K 190 -53.12 -0.75 14.28
C PHE K 190 -52.37 -1.97 14.79
N PHE K 191 -52.88 -2.54 15.87
CA PHE K 191 -52.32 -3.73 16.48
C PHE K 191 -53.45 -4.64 16.92
N ASP K 192 -53.09 -5.79 17.46
CA ASP K 192 -54.07 -6.77 17.89
C ASP K 192 -53.80 -7.31 19.28
N ALA K 193 -52.67 -6.95 19.90
CA ALA K 193 -52.33 -7.46 21.23
C ALA K 193 -51.72 -6.32 22.03
N ILE K 194 -52.57 -5.57 22.74
CA ILE K 194 -52.09 -4.39 23.45
C ILE K 194 -51.19 -4.79 24.60
N HIS K 195 -51.53 -5.87 25.29
CA HIS K 195 -50.63 -6.42 26.30
C HIS K 195 -49.27 -6.77 25.73
N GLN K 196 -49.19 -7.25 24.49
CA GLN K 196 -47.92 -7.44 23.82
C GLN K 196 -47.24 -6.15 23.45
N ILE K 197 -47.96 -5.03 23.44
CA ILE K 197 -47.36 -3.72 23.26
C ILE K 197 -46.83 -3.20 24.58
N LEU K 198 -47.61 -3.35 25.65
CA LEU K 198 -47.21 -2.85 26.96
C LEU K 198 -46.13 -3.76 27.52
N GLY K 199 -44.95 -3.65 26.94
CA GLY K 199 -43.78 -4.40 27.36
C GLY K 199 -42.67 -3.50 27.83
N ALA K 200 -41.42 -3.79 27.43
CA ALA K 200 -40.27 -2.95 27.75
C ALA K 200 -40.09 -2.82 29.25
N GLY K 201 -40.89 -3.57 30.02
CA GLY K 201 -40.90 -3.49 31.45
C GLY K 201 -41.81 -4.56 32.06
N SER K 202 -42.03 -4.42 33.37
CA SER K 202 -42.82 -5.40 34.11
C SER K 202 -44.28 -4.95 34.19
N THR K 203 -44.86 -4.71 33.02
CA THR K 203 -46.29 -4.47 32.95
C THR K 203 -47.11 -5.75 33.05
N GLY K 204 -46.49 -6.89 32.80
CA GLY K 204 -47.20 -8.16 32.88
C GLY K 204 -46.20 -9.30 32.97
N GLY K 205 -46.51 -10.24 33.86
CA GLY K 205 -45.55 -11.28 34.13
C GLY K 205 -44.40 -10.76 34.97
N ASP K 206 -43.25 -11.42 34.84
CA ASP K 206 -42.05 -11.06 35.59
C ASP K 206 -41.16 -10.06 34.85
N SER K 207 -41.05 -10.17 33.53
CA SER K 207 -40.15 -9.33 32.75
C SER K 207 -40.73 -9.16 31.35
N GLY K 208 -39.97 -8.48 30.51
CA GLY K 208 -40.37 -8.32 29.12
C GLY K 208 -39.25 -7.71 28.31
N SER K 209 -39.37 -7.87 26.99
CA SER K 209 -38.40 -7.29 26.07
C SER K 209 -38.77 -5.84 25.77
N LYS K 210 -37.78 -5.09 25.31
CA LYS K 210 -38.01 -3.70 24.97
C LYS K 210 -39.05 -3.58 23.86
N GLY K 211 -39.88 -2.55 23.98
CA GLY K 211 -40.91 -2.31 22.98
C GLY K 211 -41.33 -0.86 23.00
N LEU K 212 -42.51 -0.60 22.43
CA LEU K 212 -43.01 0.76 22.34
C LEU K 212 -43.17 1.41 23.71
N ALA K 213 -43.26 0.62 24.78
CA ALA K 213 -43.63 1.16 26.08
C ALA K 213 -42.70 2.30 26.48
N ASP K 214 -41.39 2.06 26.45
CA ASP K 214 -40.43 3.07 26.87
C ASP K 214 -40.40 4.26 25.92
N ILE K 215 -41.04 4.15 24.76
CA ILE K 215 -41.12 5.23 23.80
C ILE K 215 -42.53 5.80 23.72
N LEU K 216 -43.55 4.94 23.82
CA LEU K 216 -44.91 5.42 23.62
C LEU K 216 -45.36 6.34 24.75
N LYS K 217 -44.97 6.04 25.99
CA LYS K 217 -45.52 6.70 27.16
C LYS K 217 -45.42 8.21 27.02
N PRO K 218 -44.28 8.75 26.58
CA PRO K 218 -44.28 10.17 26.21
C PRO K 218 -45.01 10.44 24.91
N ALA K 219 -44.75 9.66 23.86
CA ALA K 219 -45.27 9.99 22.54
C ALA K 219 -46.78 10.13 22.55
N LEU K 220 -47.47 9.18 23.19
CA LEU K 220 -48.92 9.28 23.32
C LEU K 220 -49.33 10.46 24.18
N SER K 221 -48.62 10.70 25.28
CA SER K 221 -48.86 11.90 26.07
C SER K 221 -48.66 13.15 25.22
N ARG K 222 -47.56 13.23 24.48
CA ARG K 222 -47.35 14.36 23.59
C ARG K 222 -47.98 14.18 22.22
N GLY K 223 -48.98 13.31 22.09
CA GLY K 223 -49.88 13.36 20.94
C GLY K 223 -49.26 12.93 19.63
N GLU K 224 -48.11 12.28 19.68
CA GLU K 224 -47.43 11.87 18.46
C GLU K 224 -48.20 10.85 17.66
N LEU K 225 -48.80 9.86 18.31
CA LEU K 225 -49.33 8.71 17.60
C LEU K 225 -50.84 8.64 17.78
N THR K 226 -51.48 7.87 16.91
CA THR K 226 -52.84 7.40 17.14
C THR K 226 -52.90 5.92 16.87
N VAL K 227 -53.20 5.14 17.89
CA VAL K 227 -53.27 3.70 17.78
C VAL K 227 -54.70 3.26 17.97
N ILE K 228 -55.01 2.05 17.51
CA ILE K 228 -56.36 1.51 17.59
C ILE K 228 -56.29 0.07 18.05
N GLY K 229 -56.74 -0.19 19.28
CA GLY K 229 -56.92 -1.53 19.77
C GLY K 229 -55.67 -2.38 19.72
N ALA K 230 -55.88 -3.69 19.91
CA ALA K 230 -57.17 -4.26 20.26
C ALA K 230 -56.94 -5.40 21.24
N THR K 231 -57.93 -5.69 22.08
CA THR K 231 -57.75 -6.73 23.08
C THR K 231 -59.06 -7.16 23.72
N THR K 232 -58.96 -7.97 24.77
CA THR K 232 -60.11 -8.57 25.43
C THR K 232 -60.48 -7.79 26.69
N GLN K 233 -61.59 -8.19 27.31
CA GLN K 233 -62.13 -7.51 28.49
C GLN K 233 -61.16 -7.53 29.66
N ASP K 234 -60.64 -8.71 29.99
CA ASP K 234 -59.83 -8.90 31.17
C ASP K 234 -58.46 -8.25 31.02
N GLU K 235 -57.84 -8.40 29.83
CA GLU K 235 -56.66 -7.60 29.52
C GLU K 235 -56.90 -6.13 29.79
N TYR K 236 -58.07 -5.62 29.40
CA TYR K 236 -58.36 -4.20 29.56
C TYR K 236 -58.36 -3.80 31.02
N ARG K 237 -59.12 -4.50 31.85
CA ARG K 237 -59.18 -4.05 33.24
C ARG K 237 -57.87 -4.33 33.98
N ASN K 238 -57.10 -5.31 33.53
CA ASN K 238 -55.91 -5.68 34.28
C ASN K 238 -54.69 -4.84 33.91
N THR K 239 -54.62 -4.35 32.68
CA THR K 239 -53.43 -3.65 32.23
C THR K 239 -53.67 -2.17 31.94
N ILE K 240 -54.80 -1.83 31.36
CA ILE K 240 -54.99 -0.48 30.83
C ILE K 240 -55.42 0.48 31.94
N LEU K 241 -56.38 0.09 32.77
CA LEU K 241 -56.92 0.97 33.79
C LEU K 241 -55.95 1.20 34.94
N LYS K 242 -54.72 0.71 34.84
CA LYS K 242 -53.77 0.84 35.93
C LYS K 242 -52.71 1.90 35.68
N ASN K 243 -52.45 2.26 34.43
CA ASN K 243 -51.53 3.33 34.11
C ASN K 243 -52.33 4.58 33.81
N ALA K 244 -52.24 5.56 34.71
CA ALA K 244 -53.00 6.79 34.53
C ALA K 244 -52.63 7.51 33.24
N ALA K 245 -51.41 7.28 32.75
CA ALA K 245 -51.01 7.92 31.51
C ALA K 245 -51.93 7.53 30.36
N LEU K 246 -52.24 6.24 30.23
CA LEU K 246 -53.21 5.81 29.24
C LEU K 246 -54.59 6.34 29.51
N ALA K 247 -54.94 6.53 30.78
CA ALA K 247 -56.28 6.96 31.15
C ALA K 247 -56.63 8.30 30.51
N ARG K 248 -55.65 9.17 30.35
CA ARG K 248 -55.90 10.51 29.83
C ARG K 248 -55.67 10.57 28.32
N ARG K 249 -55.53 9.43 27.67
CA ARG K 249 -55.45 9.40 26.21
C ARG K 249 -56.37 8.38 25.56
N PHE K 250 -56.78 7.33 26.27
CA PHE K 250 -57.42 6.19 25.62
C PHE K 250 -58.92 6.18 25.86
N ASN K 251 -59.61 5.46 24.99
CA ASN K 251 -61.05 5.26 25.08
C ASN K 251 -61.35 3.85 24.64
N GLU K 252 -62.55 3.38 24.96
CA GLU K 252 -62.91 2.00 24.71
C GLU K 252 -64.24 1.92 24.01
N VAL K 253 -64.37 0.92 23.14
CA VAL K 253 -65.60 0.68 22.39
C VAL K 253 -65.97 -0.78 22.53
N LYS K 254 -67.21 -1.03 22.97
CA LYS K 254 -67.68 -2.38 23.23
C LYS K 254 -67.99 -3.10 21.94
N VAL K 255 -67.70 -4.41 21.91
CA VAL K 255 -67.98 -5.26 20.76
C VAL K 255 -68.72 -6.50 21.25
N ASN K 256 -69.76 -6.90 20.54
CA ASN K 256 -70.56 -8.05 20.90
C ASN K 256 -70.83 -8.90 19.67
N ALA K 257 -70.95 -10.20 19.87
CA ALA K 257 -71.29 -11.10 18.78
C ALA K 257 -72.72 -10.84 18.30
N PRO K 258 -72.96 -10.93 17.01
CA PRO K 258 -74.30 -10.66 16.49
C PRO K 258 -75.24 -11.83 16.65
N SER K 259 -76.49 -11.61 16.24
CA SER K 259 -77.54 -12.61 16.36
C SER K 259 -77.50 -13.56 15.17
N ALA K 260 -78.38 -14.55 15.22
CA ALA K 260 -78.39 -15.58 14.19
C ALA K 260 -79.21 -15.15 12.99
N GLU K 261 -79.03 -13.92 12.55
CA GLU K 261 -79.42 -13.51 11.21
C GLU K 261 -78.25 -12.95 10.43
N ASN K 262 -77.53 -12.02 11.04
CA ASN K 262 -76.32 -11.48 10.44
C ASN K 262 -75.27 -12.56 10.26
N THR K 263 -75.16 -13.47 11.22
CA THR K 263 -74.28 -14.62 11.05
C THR K 263 -74.65 -15.39 9.80
N PHE K 264 -75.95 -15.60 9.60
CA PHE K 264 -76.41 -16.28 8.40
C PHE K 264 -75.98 -15.53 7.15
N LYS K 265 -76.06 -14.20 7.19
CA LYS K 265 -75.62 -13.39 6.06
C LYS K 265 -74.14 -13.57 5.79
N ILE K 266 -73.32 -13.50 6.84
CA ILE K 266 -71.89 -13.64 6.66
C ILE K 266 -71.56 -15.00 6.09
N LEU K 267 -72.23 -16.04 6.58
CA LEU K 267 -71.99 -17.37 6.07
C LEU K 267 -72.38 -17.45 4.60
N GLN K 268 -73.50 -16.84 4.25
CA GLN K 268 -73.89 -16.79 2.84
C GLN K 268 -72.81 -16.13 2.02
N GLY K 269 -72.22 -15.06 2.54
CA GLY K 269 -71.14 -14.41 1.82
C GLY K 269 -69.94 -15.32 1.62
N ILE K 270 -69.54 -16.03 2.67
CA ILE K 270 -68.35 -16.88 2.58
C ILE K 270 -68.63 -18.06 1.66
N ARG K 271 -69.88 -18.51 1.59
CA ARG K 271 -70.31 -19.76 0.99
C ARG K 271 -69.54 -20.18 -0.25
N ASP K 272 -69.33 -19.26 -1.17
CA ASP K 272 -68.67 -19.58 -2.42
C ASP K 272 -67.22 -20.00 -2.27
N LEU K 273 -66.54 -19.56 -1.20
CA LEU K 273 -65.13 -19.90 -1.04
C LEU K 273 -64.90 -21.40 -1.10
N TYR K 274 -65.82 -22.18 -0.54
CA TYR K 274 -65.65 -23.62 -0.42
C TYR K 274 -66.07 -24.38 -1.67
N GLN K 275 -66.07 -23.72 -2.83
CA GLN K 275 -65.94 -24.47 -4.07
C GLN K 275 -64.60 -25.20 -4.11
N GLN K 276 -63.64 -24.76 -3.29
CA GLN K 276 -62.32 -25.38 -3.23
C GLN K 276 -62.41 -26.89 -3.06
N HIS K 277 -63.35 -27.36 -2.25
CA HIS K 277 -63.39 -28.75 -1.83
C HIS K 277 -64.22 -29.62 -2.75
N HIS K 278 -64.68 -29.08 -3.88
CA HIS K 278 -65.37 -29.84 -4.93
C HIS K 278 -66.54 -30.64 -4.37
N ASN K 279 -67.32 -29.99 -3.53
CA ASN K 279 -68.49 -30.60 -2.93
C ASN K 279 -69.65 -29.61 -3.05
N VAL K 280 -70.81 -29.98 -2.51
CA VAL K 280 -71.96 -29.10 -2.61
C VAL K 280 -71.64 -27.76 -1.99
N ILE K 281 -71.92 -26.70 -2.72
CA ILE K 281 -72.01 -25.38 -2.13
C ILE K 281 -73.39 -25.30 -1.48
N LEU K 282 -73.40 -25.00 -0.19
CA LEU K 282 -74.42 -25.51 0.71
C LEU K 282 -75.71 -24.69 0.69
N PRO K 283 -76.86 -25.35 0.64
CA PRO K 283 -78.14 -24.64 0.71
C PRO K 283 -78.40 -24.10 2.11
N ASP K 284 -79.22 -23.05 2.14
CA ASP K 284 -79.40 -22.26 3.35
C ASP K 284 -79.89 -23.10 4.52
N GLU K 285 -80.67 -24.14 4.24
CA GLU K 285 -81.23 -24.97 5.30
C GLU K 285 -80.13 -25.60 6.12
N VAL K 286 -79.14 -26.16 5.44
CA VAL K 286 -78.00 -26.76 6.15
C VAL K 286 -77.29 -25.69 6.98
N LEU K 287 -77.19 -24.48 6.45
CA LEU K 287 -76.47 -23.44 7.16
C LEU K 287 -77.18 -23.06 8.46
N LYS K 288 -78.48 -22.78 8.37
CA LYS K 288 -79.21 -22.42 9.58
C LYS K 288 -79.23 -23.58 10.55
N ALA K 289 -79.27 -24.81 10.05
CA ALA K 289 -79.20 -25.96 10.94
C ALA K 289 -77.88 -25.99 11.69
N ALA K 290 -76.78 -25.73 10.98
CA ALA K 290 -75.48 -25.70 11.64
C ALA K 290 -75.43 -24.62 12.70
N VAL K 291 -76.00 -23.45 12.41
CA VAL K 291 -76.05 -22.39 13.40
C VAL K 291 -76.83 -22.85 14.63
N ASP K 292 -78.01 -23.42 14.40
CA ASP K 292 -78.86 -23.80 15.52
C ASP K 292 -78.22 -24.91 16.35
N TYR K 293 -77.40 -25.74 15.74
CA TYR K 293 -76.76 -26.79 16.53
C TYR K 293 -75.56 -26.25 17.30
N SER K 294 -74.72 -25.46 16.64
CA SER K 294 -73.53 -24.94 17.32
C SER K 294 -73.91 -24.01 18.46
N VAL K 295 -75.02 -23.28 18.32
CA VAL K 295 -75.40 -22.36 19.38
C VAL K 295 -75.82 -23.11 20.64
N GLN K 296 -76.50 -24.25 20.47
CA GLN K 296 -77.04 -24.96 21.63
C GLN K 296 -76.10 -26.02 22.18
N TYR K 297 -75.14 -26.48 21.39
CA TYR K 297 -74.27 -27.55 21.87
C TYR K 297 -72.86 -27.09 22.22
N ILE K 298 -72.41 -25.95 21.70
CA ILE K 298 -71.08 -25.47 22.03
C ILE K 298 -71.17 -24.05 22.57
N PRO K 299 -71.74 -23.85 23.75
CA PRO K 299 -71.80 -22.49 24.31
C PRO K 299 -70.45 -21.93 24.69
N GLN K 300 -69.43 -22.77 24.90
CA GLN K 300 -68.16 -22.28 25.37
C GLN K 300 -67.37 -21.53 24.31
N ARG K 301 -67.96 -21.25 23.17
CA ARG K 301 -67.28 -20.50 22.11
C ARG K 301 -68.21 -19.42 21.57
N SER K 302 -67.61 -18.39 21.01
CA SER K 302 -68.36 -17.32 20.37
C SER K 302 -69.08 -17.85 19.14
N LEU K 303 -70.19 -17.21 18.80
CA LEU K 303 -71.00 -17.66 17.66
C LEU K 303 -70.27 -17.59 16.32
N PRO K 304 -69.74 -16.44 15.90
CA PRO K 304 -69.27 -16.34 14.50
C PRO K 304 -68.21 -17.34 14.12
N ASP K 305 -67.24 -17.60 14.98
CA ASP K 305 -66.18 -18.53 14.61
C ASP K 305 -66.67 -19.97 14.66
N LYS K 306 -67.42 -20.34 15.70
CA LYS K 306 -67.84 -21.73 15.80
C LYS K 306 -68.76 -22.11 14.64
N ALA K 307 -69.64 -21.21 14.24
CA ALA K 307 -70.52 -21.53 13.12
C ALA K 307 -69.73 -21.81 11.86
N ILE K 308 -68.64 -21.07 11.65
CA ILE K 308 -67.80 -21.31 10.49
C ILE K 308 -67.04 -22.61 10.60
N ASP K 309 -66.45 -22.87 11.77
CA ASP K 309 -65.62 -24.06 11.92
C ASP K 309 -66.45 -25.32 11.76
N LEU K 310 -67.68 -25.30 12.27
CA LEU K 310 -68.54 -26.46 12.08
C LEU K 310 -68.75 -26.74 10.59
N VAL K 311 -69.02 -25.70 9.82
CA VAL K 311 -69.21 -25.87 8.39
C VAL K 311 -67.94 -26.41 7.75
N ASP K 312 -66.80 -25.85 8.15
CA ASP K 312 -65.53 -26.25 7.55
C ASP K 312 -65.26 -27.74 7.76
N VAL K 313 -65.35 -28.20 9.00
CA VAL K 313 -65.12 -29.61 9.28
C VAL K 313 -66.18 -30.46 8.60
N THR K 314 -67.41 -29.95 8.52
CA THR K 314 -68.45 -30.66 7.81
C THR K 314 -68.05 -30.93 6.38
N ALA K 315 -67.58 -29.90 5.68
CA ALA K 315 -67.15 -30.07 4.30
C ALA K 315 -65.98 -31.04 4.20
N ALA K 316 -65.00 -30.88 5.07
CA ALA K 316 -63.83 -31.75 5.01
C ALA K 316 -64.23 -33.20 5.15
N HIS K 317 -65.14 -33.50 6.08
CA HIS K 317 -65.61 -34.87 6.21
C HIS K 317 -66.39 -35.29 4.99
N LEU K 318 -67.22 -34.40 4.45
CA LEU K 318 -68.01 -34.75 3.28
C LEU K 318 -67.13 -34.98 2.06
N ALA K 319 -65.87 -34.60 2.11
CA ALA K 319 -64.95 -35.08 1.08
C ALA K 319 -64.92 -36.59 1.04
N ALA K 320 -65.34 -37.24 2.13
CA ALA K 320 -65.51 -38.69 2.19
C ALA K 320 -64.22 -39.42 1.85
N GLN K 321 -63.09 -38.72 1.97
CA GLN K 321 -61.78 -39.31 1.74
C GLN K 321 -61.68 -39.95 0.36
N HIS K 322 -62.28 -39.30 -0.63
CA HIS K 322 -62.24 -39.83 -1.98
C HIS K 322 -60.85 -39.68 -2.59
N PRO K 323 -60.42 -40.65 -3.38
CA PRO K 323 -59.10 -40.59 -4.01
C PRO K 323 -59.14 -39.69 -5.24
N VAL K 324 -57.98 -39.61 -5.91
CA VAL K 324 -57.85 -38.85 -7.14
C VAL K 324 -57.13 -39.63 -8.22
N THR K 325 -56.67 -40.85 -7.92
CA THR K 325 -56.02 -41.67 -8.92
C THR K 325 -56.89 -41.93 -10.13
N ASP K 326 -58.20 -42.00 -9.93
CA ASP K 326 -59.12 -42.34 -11.03
C ASP K 326 -59.10 -41.28 -12.11
N VAL K 327 -58.51 -40.12 -11.82
CA VAL K 327 -58.20 -39.12 -12.82
C VAL K 327 -56.70 -38.93 -12.97
N HIS K 328 -55.94 -39.22 -11.92
CA HIS K 328 -54.51 -38.98 -11.93
C HIS K 328 -53.81 -39.87 -12.95
N ALA K 329 -54.28 -41.11 -13.07
CA ALA K 329 -53.70 -42.02 -14.06
C ALA K 329 -53.82 -41.45 -15.47
N VAL K 330 -54.99 -40.90 -15.81
CA VAL K 330 -55.16 -40.37 -17.14
C VAL K 330 -54.42 -39.05 -17.30
N GLU K 331 -54.17 -38.34 -16.19
CA GLU K 331 -53.26 -37.21 -16.28
C GLU K 331 -51.87 -37.68 -16.73
N ARG K 332 -51.40 -38.77 -16.14
CA ARG K 332 -50.13 -39.34 -16.60
C ARG K 332 -50.20 -39.71 -18.07
N GLU K 333 -51.32 -40.30 -18.48
CA GLU K 333 -51.48 -40.68 -19.88
C GLU K 333 -51.38 -39.46 -20.80
N ILE K 334 -52.05 -38.37 -20.42
CA ILE K 334 -51.98 -37.14 -21.21
C ILE K 334 -50.55 -36.65 -21.28
N GLU K 335 -49.80 -36.77 -20.18
CA GLU K 335 -48.40 -36.36 -20.21
C GLU K 335 -47.61 -37.17 -21.23
N THR K 336 -47.78 -38.49 -21.21
CA THR K 336 -47.05 -39.34 -22.15
C THR K 336 -47.42 -39.02 -23.59
N GLU K 337 -48.71 -38.89 -23.86
CA GLU K 337 -49.16 -38.57 -25.21
C GLU K 337 -48.63 -37.23 -25.65
N LYS K 338 -48.58 -36.26 -24.73
CA LYS K 338 -48.03 -34.95 -25.06
C LYS K 338 -46.55 -35.06 -25.43
N ASP K 339 -45.79 -35.88 -24.71
CA ASP K 339 -44.39 -36.04 -25.06
C ASP K 339 -44.23 -36.65 -26.44
N LYS K 340 -45.00 -37.69 -26.75
CA LYS K 340 -44.92 -38.27 -28.09
C LYS K 340 -45.35 -37.28 -29.15
N GLN K 341 -46.34 -36.44 -28.84
CA GLN K 341 -46.77 -35.41 -29.78
C GLN K 341 -45.65 -34.43 -30.07
N GLU K 342 -44.95 -33.99 -29.02
CA GLU K 342 -43.80 -33.12 -29.23
C GLU K 342 -42.74 -33.80 -30.07
N LYS K 343 -42.48 -35.07 -29.81
CA LYS K 343 -41.48 -35.80 -30.59
C LYS K 343 -41.85 -35.82 -32.06
N ALA K 344 -43.12 -36.13 -32.37
CA ALA K 344 -43.55 -36.16 -33.76
C ALA K 344 -43.48 -34.78 -34.40
N VAL K 345 -43.82 -33.73 -33.64
CA VAL K 345 -43.68 -32.38 -34.17
C VAL K 345 -42.22 -32.10 -34.50
N GLU K 346 -41.29 -32.61 -33.71
CA GLU K 346 -39.88 -32.42 -34.04
C GLU K 346 -39.58 -32.99 -35.42
N ALA K 347 -40.16 -34.14 -35.75
CA ALA K 347 -39.95 -34.75 -37.06
C ALA K 347 -40.93 -34.26 -38.12
N GLU K 348 -41.74 -33.25 -37.79
CA GLU K 348 -42.62 -32.60 -38.76
C GLU K 348 -43.57 -33.58 -39.44
N ASP K 349 -44.07 -34.55 -38.68
CA ASP K 349 -45.05 -35.51 -39.19
C ASP K 349 -46.40 -35.04 -38.70
N PHE K 350 -47.09 -34.27 -39.54
CA PHE K 350 -48.24 -33.50 -39.09
C PHE K 350 -49.45 -34.37 -38.82
N GLU K 351 -49.62 -35.46 -39.56
CA GLU K 351 -50.75 -36.34 -39.30
C GLU K 351 -50.66 -36.95 -37.91
N ALA K 352 -49.48 -37.40 -37.50
CA ALA K 352 -49.33 -38.00 -36.18
C ALA K 352 -49.56 -36.98 -35.09
N ALA K 353 -49.04 -35.76 -35.27
CA ALA K 353 -49.25 -34.72 -34.29
C ALA K 353 -50.72 -34.35 -34.19
N LEU K 354 -51.42 -34.31 -35.32
CA LEU K 354 -52.86 -34.04 -35.31
C LEU K 354 -53.61 -35.12 -34.56
N ASN K 355 -53.25 -36.39 -34.81
CA ASN K 355 -53.87 -37.48 -34.08
C ASN K 355 -53.59 -37.37 -32.58
N TYR K 356 -52.36 -37.03 -32.22
CA TYR K 356 -52.02 -36.86 -30.82
C TYR K 356 -52.83 -35.74 -30.18
N LYS K 357 -53.01 -34.62 -30.90
CA LYS K 357 -53.79 -33.52 -30.34
C LYS K 357 -55.25 -33.93 -30.18
N THR K 358 -55.77 -34.69 -31.12
CA THR K 358 -57.14 -35.19 -30.98
C THR K 358 -57.27 -36.09 -29.76
N ARG K 359 -56.30 -36.96 -29.54
CA ARG K 359 -56.34 -37.83 -28.37
C ARG K 359 -56.19 -37.04 -27.09
N ILE K 360 -55.38 -35.98 -27.13
CA ILE K 360 -55.23 -35.11 -25.97
C ILE K 360 -56.56 -34.45 -25.62
N ALA K 361 -57.25 -33.93 -26.63
CA ALA K 361 -58.57 -33.36 -26.38
C ALA K 361 -59.52 -34.41 -25.81
N GLU K 362 -59.48 -35.61 -26.39
CA GLU K 362 -60.31 -36.71 -25.89
C GLU K 362 -60.12 -36.93 -24.40
N LEU K 363 -58.88 -37.21 -24.00
CA LEU K 363 -58.60 -37.49 -22.60
C LEU K 363 -58.90 -36.28 -21.73
N GLU K 364 -58.67 -35.08 -22.26
CA GLU K 364 -58.95 -33.88 -21.48
C GLU K 364 -60.41 -33.80 -21.11
N ARG K 365 -61.32 -33.91 -22.08
CA ARG K 365 -62.72 -33.73 -21.70
C ARG K 365 -63.24 -34.95 -20.95
N LYS K 366 -62.59 -36.11 -21.10
CA LYS K 366 -62.92 -37.21 -20.21
C LYS K 366 -62.64 -36.81 -18.77
N ILE K 367 -61.44 -36.30 -18.51
CA ILE K 367 -61.07 -35.86 -17.17
C ILE K 367 -62.01 -34.77 -16.69
N GLU K 368 -62.43 -33.90 -17.60
CA GLU K 368 -63.44 -32.91 -17.25
C GLU K 368 -64.71 -33.58 -16.76
N ASN K 369 -65.15 -34.63 -17.46
CA ASN K 369 -66.35 -35.34 -17.04
C ASN K 369 -66.17 -35.95 -15.66
N HIS K 370 -65.03 -36.58 -15.41
CA HIS K 370 -64.79 -37.12 -14.07
C HIS K 370 -64.77 -36.03 -13.01
N THR K 371 -64.21 -34.86 -13.33
CA THR K 371 -64.07 -33.80 -12.34
C THR K 371 -65.44 -33.36 -11.83
N GLU K 372 -66.39 -33.21 -12.75
CA GLU K 372 -67.75 -32.84 -12.36
C GLU K 372 -68.51 -33.98 -11.70
N ASP K 373 -67.90 -35.16 -11.57
CA ASP K 373 -68.52 -36.25 -10.83
C ASP K 373 -68.25 -36.04 -9.34
N MET K 374 -68.81 -34.95 -8.83
CA MET K 374 -68.76 -34.62 -7.41
C MET K 374 -70.14 -34.77 -6.81
N LYS K 375 -70.19 -35.33 -5.61
CA LYS K 375 -71.44 -35.51 -4.89
C LYS K 375 -71.82 -34.20 -4.22
N VAL K 376 -73.04 -33.76 -4.44
CA VAL K 376 -73.55 -32.54 -3.84
C VAL K 376 -74.69 -32.92 -2.91
N THR K 377 -74.35 -33.16 -1.65
CA THR K 377 -75.30 -33.61 -0.65
C THR K 377 -74.99 -32.91 0.66
N ALA K 378 -75.63 -31.77 0.86
CA ALA K 378 -75.61 -31.12 2.15
C ALA K 378 -76.85 -31.52 2.93
N SER K 379 -76.64 -32.25 4.03
CA SER K 379 -77.74 -32.74 4.82
C SER K 379 -77.55 -32.30 6.25
N VAL K 380 -78.66 -31.93 6.91
CA VAL K 380 -78.60 -31.65 8.33
C VAL K 380 -78.07 -32.84 9.09
N ASN K 381 -78.37 -34.05 8.63
CA ASN K 381 -77.90 -35.26 9.29
C ASN K 381 -76.39 -35.34 9.32
N ASP K 382 -75.74 -35.05 8.18
CA ASP K 382 -74.28 -35.10 8.12
C ASP K 382 -73.64 -34.12 9.08
N VAL K 383 -74.19 -32.91 9.13
CA VAL K 383 -73.76 -31.96 10.14
C VAL K 383 -73.94 -32.56 11.52
N ALA K 384 -75.02 -33.32 11.71
CA ALA K 384 -75.26 -33.91 13.02
C ALA K 384 -74.16 -34.90 13.38
N GLU K 385 -73.78 -35.79 12.45
CA GLU K 385 -72.72 -36.74 12.82
C GLU K 385 -71.39 -36.01 13.01
N SER K 386 -71.20 -34.91 12.28
CA SER K 386 -70.03 -34.09 12.55
C SER K 386 -70.04 -33.59 13.98
N VAL K 387 -71.19 -33.15 14.45
CA VAL K 387 -71.32 -32.71 15.83
C VAL K 387 -71.00 -33.86 16.77
N GLU K 388 -71.55 -35.03 16.48
CA GLU K 388 -71.37 -36.19 17.35
C GLU K 388 -69.90 -36.53 17.46
N ARG K 389 -69.16 -36.38 16.36
CA ARG K 389 -67.73 -36.64 16.41
C ARG K 389 -67.03 -35.55 17.19
N MET K 390 -67.59 -34.35 17.14
CA MET K 390 -67.01 -33.25 17.90
C MET K 390 -67.07 -33.51 19.40
N THR K 391 -68.25 -33.94 19.89
CA THR K 391 -68.49 -34.01 21.33
C THR K 391 -68.72 -35.42 21.83
N GLY K 392 -68.81 -36.41 20.95
CA GLY K 392 -69.02 -37.77 21.41
C GLY K 392 -70.43 -38.07 21.87
N ILE K 393 -71.37 -37.17 21.65
CA ILE K 393 -72.72 -37.32 22.18
C ILE K 393 -73.68 -37.61 21.04
N PRO K 394 -74.19 -38.83 20.93
CA PRO K 394 -75.32 -39.05 20.03
C PRO K 394 -76.51 -38.25 20.51
N VAL K 395 -77.25 -37.69 19.56
CA VAL K 395 -78.39 -36.84 19.88
C VAL K 395 -79.64 -37.54 19.38
N SER K 396 -80.49 -37.94 20.30
CA SER K 396 -81.84 -38.29 19.89
C SER K 396 -82.64 -37.00 19.71
N GLN K 397 -83.63 -37.07 18.81
CA GLN K 397 -84.49 -35.93 18.50
C GLN K 397 -83.67 -34.71 18.07
N MET K 398 -82.82 -34.94 17.07
CA MET K 398 -82.00 -33.87 16.53
C MET K 398 -82.87 -32.78 15.94
N GLY K 399 -82.47 -31.53 16.14
CA GLY K 399 -83.22 -30.38 15.69
C GLY K 399 -84.37 -29.98 16.59
N ALA K 400 -84.55 -30.67 17.73
CA ALA K 400 -85.65 -30.34 18.63
C ALA K 400 -85.49 -28.92 19.14
N SER K 401 -86.62 -28.27 19.41
CA SER K 401 -86.59 -26.92 19.94
C SER K 401 -85.97 -26.91 21.33
N ASP K 402 -85.41 -25.76 21.69
CA ASP K 402 -85.03 -25.56 23.08
C ASP K 402 -86.20 -25.79 24.01
N ILE K 403 -87.40 -25.42 23.58
CA ILE K 403 -88.58 -25.68 24.40
C ILE K 403 -88.71 -27.16 24.68
N GLU K 404 -88.52 -27.98 23.65
CA GLU K 404 -88.51 -29.42 23.85
C GLU K 404 -87.40 -29.83 24.81
N ARG K 405 -86.18 -29.34 24.57
CA ARG K 405 -85.02 -29.87 25.28
C ARG K 405 -85.06 -29.51 26.76
N LEU K 406 -85.45 -28.28 27.08
CA LEU K 406 -85.46 -27.83 28.47
C LEU K 406 -86.46 -28.60 29.31
N LYS K 407 -87.46 -29.22 28.69
CA LYS K 407 -88.37 -30.09 29.41
C LYS K 407 -87.94 -31.55 29.36
N ASP K 408 -87.33 -31.98 28.26
CA ASP K 408 -86.93 -33.37 28.12
C ASP K 408 -85.75 -33.71 29.01
N MET K 409 -84.84 -32.75 29.23
CA MET K 409 -83.73 -33.00 30.13
C MET K 409 -84.21 -33.34 31.54
N ALA K 410 -85.41 -32.90 31.91
CA ALA K 410 -85.97 -33.33 33.19
C ALA K 410 -85.97 -34.83 33.30
N HIS K 411 -86.50 -35.53 32.29
CA HIS K 411 -86.42 -36.98 32.28
C HIS K 411 -85.02 -37.48 32.00
N ARG K 412 -84.28 -36.80 31.13
CA ARG K 412 -82.94 -37.24 30.76
C ARG K 412 -82.10 -37.48 32.00
N LEU K 413 -82.10 -36.53 32.92
CA LEU K 413 -81.46 -36.75 34.22
C LEU K 413 -82.31 -37.63 35.13
N GLN K 414 -83.63 -37.45 35.10
CA GLN K 414 -84.51 -38.21 35.98
C GLN K 414 -84.39 -39.70 35.74
N ASP K 415 -84.25 -40.12 34.49
CA ASP K 415 -84.23 -41.52 34.14
C ASP K 415 -82.85 -42.15 34.22
N LYS K 416 -81.80 -41.34 34.36
CA LYS K 416 -80.48 -41.87 34.69
C LYS K 416 -80.21 -41.89 36.18
N VAL K 417 -81.07 -41.25 36.96
CA VAL K 417 -81.00 -41.32 38.41
C VAL K 417 -82.27 -42.02 38.90
N ILE K 418 -82.36 -42.20 40.21
CA ILE K 418 -83.50 -42.88 40.81
C ILE K 418 -84.15 -41.93 41.81
N GLY K 419 -85.37 -41.49 41.50
CA GLY K 419 -86.11 -40.66 42.41
C GLY K 419 -85.40 -39.36 42.72
N GLN K 420 -85.56 -38.91 43.97
CA GLN K 420 -85.01 -37.65 44.43
C GLN K 420 -85.43 -36.51 43.51
N ASP K 421 -86.70 -36.51 43.11
CA ASP K 421 -87.18 -35.62 42.07
C ASP K 421 -87.05 -34.14 42.43
N LYS K 422 -86.93 -33.83 43.72
CA LYS K 422 -86.79 -32.43 44.11
C LYS K 422 -85.54 -31.81 43.51
N ALA K 423 -84.41 -32.53 43.58
CA ALA K 423 -83.18 -32.01 43.00
C ALA K 423 -83.31 -31.84 41.50
N VAL K 424 -83.95 -32.80 40.83
CA VAL K 424 -84.19 -32.68 39.40
C VAL K 424 -84.98 -31.40 39.11
N GLU K 425 -86.08 -31.19 39.83
CA GLU K 425 -86.91 -30.00 39.63
C GLU K 425 -86.10 -28.73 39.79
N VAL K 426 -85.40 -28.61 40.92
CA VAL K 426 -84.68 -27.38 41.22
C VAL K 426 -83.61 -27.12 40.17
N VAL K 427 -82.80 -28.13 39.87
CA VAL K 427 -81.71 -27.95 38.93
C VAL K 427 -82.24 -27.60 37.56
N ALA K 428 -83.29 -28.29 37.11
CA ALA K 428 -83.83 -28.02 35.79
C ALA K 428 -84.36 -26.60 35.68
N ARG K 429 -85.14 -26.16 36.67
CA ARG K 429 -85.67 -24.81 36.59
C ARG K 429 -84.56 -23.76 36.62
N ALA K 430 -83.57 -23.95 37.49
CA ALA K 430 -82.47 -22.99 37.53
C ALA K 430 -81.72 -22.94 36.21
N ILE K 431 -81.47 -24.12 35.63
CA ILE K 431 -80.76 -24.17 34.36
C ILE K 431 -81.56 -23.47 33.29
N CYS K 432 -82.86 -23.70 33.25
CA CYS K 432 -83.67 -23.03 32.24
C CYS K 432 -83.64 -21.52 32.42
N ARG K 433 -83.72 -21.05 33.66
CA ARG K 433 -83.67 -19.61 33.90
C ARG K 433 -82.37 -19.01 33.38
N ASN K 434 -81.24 -19.64 33.70
CA ASN K 434 -79.98 -19.13 33.19
C ASN K 434 -79.92 -19.20 31.67
N ARG K 435 -80.35 -20.32 31.09
CA ARG K 435 -80.28 -20.48 29.65
C ARG K 435 -81.19 -19.50 28.93
N ALA K 436 -82.41 -19.32 29.41
CA ALA K 436 -83.32 -18.39 28.76
C ALA K 436 -82.97 -16.94 29.04
N GLY K 437 -82.09 -16.68 30.00
CA GLY K 437 -81.71 -15.32 30.32
C GLY K 437 -82.75 -14.55 31.10
N PHE K 438 -83.65 -15.24 31.79
CA PHE K 438 -84.63 -14.54 32.61
C PHE K 438 -83.98 -13.87 33.81
N ASP K 439 -83.11 -14.59 34.50
CA ASP K 439 -82.46 -14.05 35.68
C ASP K 439 -81.54 -12.90 35.30
N GLU K 440 -81.52 -11.87 36.14
CA GLU K 440 -80.60 -10.77 35.93
C GLU K 440 -79.17 -11.27 36.04
N GLY K 441 -78.28 -10.67 35.28
CA GLY K 441 -76.90 -11.08 35.27
C GLY K 441 -76.17 -10.71 36.54
N ASN K 442 -74.84 -10.72 36.44
CA ASN K 442 -73.94 -10.32 37.52
C ASN K 442 -74.05 -11.28 38.71
N ARG K 443 -74.51 -12.49 38.45
CA ARG K 443 -74.52 -13.56 39.44
C ARG K 443 -74.02 -14.83 38.78
N PRO K 444 -73.38 -15.72 39.53
CA PRO K 444 -72.95 -17.00 38.96
C PRO K 444 -74.14 -17.83 38.54
N ILE K 445 -73.86 -18.83 37.70
CA ILE K 445 -74.94 -19.61 37.07
C ILE K 445 -75.78 -20.30 38.13
N GLY K 446 -75.14 -20.96 39.07
CA GLY K 446 -75.85 -21.65 40.12
C GLY K 446 -74.91 -22.06 41.21
N ASN K 447 -75.42 -21.99 42.43
CA ASN K 447 -74.64 -22.27 43.64
C ASN K 447 -75.54 -23.12 44.53
N PHE K 448 -75.26 -24.41 44.60
CA PHE K 448 -76.18 -25.31 45.27
C PHE K 448 -75.46 -26.21 46.26
N LEU K 449 -76.19 -26.58 47.31
CA LEU K 449 -75.67 -27.43 48.37
C LEU K 449 -76.44 -28.74 48.38
N PHE K 450 -75.75 -29.84 48.63
CA PHE K 450 -76.34 -31.17 48.66
C PHE K 450 -75.79 -31.90 49.88
N VAL K 451 -76.70 -32.37 50.73
CA VAL K 451 -76.34 -32.80 52.08
C VAL K 451 -76.94 -34.17 52.31
N GLY K 452 -76.11 -35.17 52.55
CA GLY K 452 -76.57 -36.52 52.75
C GLY K 452 -75.41 -37.49 52.81
N SER K 453 -75.76 -38.78 52.80
CA SER K 453 -74.75 -39.83 52.82
C SER K 453 -74.17 -40.07 51.41
N THR K 454 -73.13 -40.89 51.35
CA THR K 454 -72.44 -41.11 50.08
C THR K 454 -73.19 -42.07 49.16
N GLY K 455 -73.50 -43.25 49.66
CA GLY K 455 -74.11 -44.28 48.84
C GLY K 455 -75.54 -43.96 48.46
N VAL K 456 -75.73 -42.83 47.80
CA VAL K 456 -77.05 -42.40 47.37
C VAL K 456 -76.97 -41.98 45.91
N GLY K 457 -75.90 -42.37 45.24
CA GLY K 457 -75.53 -41.68 44.03
C GLY K 457 -75.15 -40.25 44.31
N LYS K 458 -74.36 -40.02 45.37
CA LYS K 458 -74.07 -38.67 45.81
C LYS K 458 -73.41 -37.85 44.71
N THR K 459 -72.70 -38.52 43.80
CA THR K 459 -72.01 -37.87 42.71
C THR K 459 -72.78 -37.95 41.40
N GLU K 460 -74.04 -38.38 41.45
CA GLU K 460 -74.83 -38.51 40.23
C GLU K 460 -74.89 -37.21 39.44
N LEU K 461 -75.20 -36.12 40.11
CA LEU K 461 -75.23 -34.83 39.43
C LEU K 461 -73.85 -34.33 39.07
N ALA K 462 -72.81 -34.91 39.64
CA ALA K 462 -71.45 -34.60 39.22
C ALA K 462 -71.08 -35.26 37.89
N LYS K 463 -71.70 -36.39 37.56
CA LYS K 463 -71.38 -37.09 36.33
C LYS K 463 -72.43 -36.84 35.23
N GLN K 464 -73.68 -37.23 35.48
CA GLN K 464 -74.70 -37.18 34.45
C GLN K 464 -75.14 -35.75 34.15
N LEU K 465 -75.36 -34.96 35.19
CA LEU K 465 -75.69 -33.55 34.96
C LEU K 465 -74.57 -32.86 34.22
N ALA K 466 -73.33 -33.10 34.64
CA ALA K 466 -72.20 -32.46 33.96
C ALA K 466 -72.15 -32.84 32.50
N LEU K 467 -72.31 -34.13 32.20
CA LEU K 467 -72.21 -34.56 30.81
C LEU K 467 -73.34 -33.97 29.98
N ASP K 468 -74.57 -34.01 30.49
CA ASP K 468 -75.68 -33.46 29.71
C ASP K 468 -75.51 -31.97 29.51
N MET K 469 -75.03 -31.26 30.54
CA MET K 469 -74.76 -29.83 30.39
C MET K 469 -73.72 -29.57 29.32
N PHE K 470 -72.66 -30.38 29.26
CA PHE K 470 -71.50 -30.00 28.48
C PHE K 470 -71.06 -31.03 27.45
N GLY K 471 -71.95 -31.91 27.00
CA GLY K 471 -71.57 -32.90 26.03
C GLY K 471 -70.42 -33.78 26.45
N THR K 472 -70.01 -33.70 27.71
CA THR K 472 -68.97 -34.54 28.29
C THR K 472 -68.98 -34.31 29.79
N GLN K 473 -68.78 -35.38 30.53
CA GLN K 473 -68.62 -35.28 31.98
C GLN K 473 -67.33 -34.59 32.36
N ASP K 474 -66.37 -34.47 31.45
CA ASP K 474 -65.07 -33.86 31.73
C ASP K 474 -65.20 -32.34 31.66
N ALA K 475 -66.09 -31.82 32.51
CA ALA K 475 -66.26 -30.39 32.65
C ALA K 475 -66.35 -29.99 34.12
N ILE K 476 -65.76 -30.77 35.02
CA ILE K 476 -65.87 -30.54 36.44
C ILE K 476 -64.49 -30.66 37.08
N ILE K 477 -64.23 -29.82 38.07
CA ILE K 477 -63.11 -29.98 38.97
C ILE K 477 -63.65 -30.09 40.38
N ARG K 478 -63.24 -31.13 41.10
CA ARG K 478 -63.76 -31.41 42.43
C ARG K 478 -62.63 -31.36 43.44
N LEU K 479 -62.89 -30.65 44.53
CA LEU K 479 -62.03 -30.62 45.70
C LEU K 479 -62.81 -31.05 46.91
N ASP K 480 -62.30 -32.06 47.61
CA ASP K 480 -62.89 -32.52 48.85
C ASP K 480 -62.33 -31.62 49.93
N MET K 481 -63.07 -30.57 50.28
CA MET K 481 -62.46 -29.46 51.01
C MET K 481 -61.95 -29.92 52.36
N SER K 482 -62.67 -30.83 53.01
CA SER K 482 -62.22 -31.34 54.31
C SER K 482 -60.83 -31.94 54.21
N GLU K 483 -60.63 -32.86 53.28
CA GLU K 483 -59.31 -33.42 53.06
C GLU K 483 -58.41 -32.44 52.32
N TYR K 484 -58.99 -31.47 51.63
CA TYR K 484 -58.20 -30.47 50.92
C TYR K 484 -57.24 -29.74 51.84
N SER K 485 -57.75 -29.27 52.98
CA SER K 485 -56.98 -28.35 53.79
C SER K 485 -55.83 -29.06 54.49
N ASP K 486 -55.15 -28.32 55.36
CA ASP K 486 -54.02 -28.82 56.12
C ASP K 486 -54.41 -28.98 57.58
N ARG K 487 -54.23 -30.19 58.12
CA ARG K 487 -54.57 -30.44 59.51
C ARG K 487 -53.35 -30.76 60.38
N THR K 488 -52.63 -31.83 60.05
CA THR K 488 -51.51 -32.28 60.86
C THR K 488 -50.40 -32.77 59.95
N ALA K 489 -49.16 -32.67 60.43
CA ALA K 489 -47.99 -32.94 59.60
C ALA K 489 -47.91 -34.43 59.30
N VAL K 490 -48.76 -34.86 58.38
CA VAL K 490 -48.84 -36.26 57.97
C VAL K 490 -48.59 -36.31 56.46
N SER K 491 -48.10 -37.47 56.00
CA SER K 491 -47.61 -37.55 54.62
C SER K 491 -48.73 -37.71 53.61
N LYS K 492 -49.74 -36.86 53.71
CA LYS K 492 -50.74 -36.73 52.67
C LYS K 492 -50.99 -35.24 52.46
N LEU K 493 -50.46 -34.44 53.37
CA LEU K 493 -50.65 -32.99 53.35
C LEU K 493 -49.46 -32.33 54.04
N ILE K 494 -48.98 -31.24 53.42
CA ILE K 494 -47.78 -30.55 53.87
C ILE K 494 -48.04 -29.06 53.99
N GLY K 495 -47.59 -28.45 55.08
CA GLY K 495 -47.64 -27.00 55.22
C GLY K 495 -48.63 -26.52 56.25
N THR K 496 -49.34 -25.43 55.93
CA THR K 496 -50.36 -24.89 56.81
C THR K 496 -51.62 -24.64 56.01
N THR K 497 -52.77 -24.75 56.67
CA THR K 497 -54.04 -24.55 55.99
C THR K 497 -54.11 -23.17 55.37
N ALA K 498 -53.57 -22.17 56.06
CA ALA K 498 -53.39 -20.86 55.45
C ALA K 498 -52.67 -20.95 54.12
N GLY K 499 -51.54 -21.65 54.08
CA GLY K 499 -50.85 -21.85 52.81
C GLY K 499 -51.77 -22.21 51.68
N TYR K 500 -52.84 -22.96 51.98
CA TYR K 500 -53.73 -23.41 50.92
C TYR K 500 -54.36 -22.26 50.15
N VAL K 501 -54.86 -21.23 50.84
CA VAL K 501 -55.44 -20.12 50.11
C VAL K 501 -54.39 -19.49 49.20
N GLY K 502 -53.13 -19.46 49.67
CA GLY K 502 -52.06 -18.95 48.83
C GLY K 502 -51.97 -19.69 47.51
N TYR K 503 -52.00 -21.03 47.55
CA TYR K 503 -51.97 -21.78 46.30
C TYR K 503 -53.10 -21.33 45.39
N ASP K 504 -54.27 -21.07 45.97
CA ASP K 504 -55.44 -20.79 45.16
C ASP K 504 -55.31 -19.45 44.46
N ASP K 505 -54.41 -18.58 44.95
CA ASP K 505 -54.48 -17.19 44.50
C ASP K 505 -53.22 -16.75 43.76
N ASN K 506 -52.22 -17.60 43.64
CA ASN K 506 -50.99 -17.24 42.94
C ASN K 506 -50.46 -18.34 42.03
N SER K 507 -51.09 -19.52 42.03
CA SER K 507 -50.50 -20.68 41.40
C SER K 507 -51.48 -21.31 40.43
N ASN K 508 -50.93 -22.05 39.46
CA ASN K 508 -51.73 -22.67 38.40
C ASN K 508 -52.48 -23.88 38.93
N THR K 509 -53.34 -23.61 39.92
CA THR K 509 -54.15 -24.67 40.49
C THR K 509 -55.63 -24.31 40.47
N LEU K 510 -55.99 -23.07 40.80
CA LEU K 510 -57.40 -22.73 40.82
C LEU K 510 -57.74 -21.63 39.82
N THR K 511 -57.06 -20.50 39.94
CA THR K 511 -57.33 -19.40 39.02
C THR K 511 -56.94 -19.72 37.59
N GLU K 512 -55.79 -20.37 37.37
CA GLU K 512 -55.44 -20.79 36.03
C GLU K 512 -56.61 -21.53 35.38
N ARG K 513 -57.08 -22.60 36.02
CA ARG K 513 -58.10 -23.44 35.41
C ARG K 513 -59.43 -22.72 35.18
N VAL K 514 -59.94 -22.00 36.19
CA VAL K 514 -61.26 -21.41 36.03
C VAL K 514 -61.28 -20.40 34.90
N ARG K 515 -60.19 -19.68 34.68
CA ARG K 515 -60.10 -18.78 33.54
C ARG K 515 -59.95 -19.53 32.22
N ARG K 516 -59.47 -20.76 32.25
CA ARG K 516 -59.40 -21.56 31.04
C ARG K 516 -60.75 -22.08 30.57
N ASN K 517 -61.63 -22.45 31.48
CA ASN K 517 -62.94 -22.98 31.12
C ASN K 517 -63.99 -22.23 31.92
N PRO K 518 -64.24 -20.97 31.57
CA PRO K 518 -65.17 -20.15 32.37
C PRO K 518 -66.57 -20.72 32.44
N TYR K 519 -66.83 -21.86 31.81
CA TYR K 519 -68.12 -22.52 31.94
C TYR K 519 -68.08 -23.76 32.82
N SER K 520 -66.89 -24.18 33.27
CA SER K 520 -66.76 -25.44 33.98
C SER K 520 -67.57 -25.43 35.27
N ILE K 521 -67.68 -26.61 35.87
CA ILE K 521 -68.39 -26.79 37.14
C ILE K 521 -67.38 -27.19 38.20
N ILE K 522 -67.50 -26.60 39.39
CA ILE K 522 -66.59 -26.87 40.49
C ILE K 522 -67.40 -27.45 41.64
N LEU K 523 -66.86 -28.51 42.22
CA LEU K 523 -67.54 -29.30 43.24
C LEU K 523 -66.68 -29.31 44.49
N LEU K 524 -67.30 -29.05 45.63
CA LEU K 524 -66.61 -29.00 46.91
C LEU K 524 -67.26 -30.01 47.87
N ASP K 525 -66.57 -31.12 48.10
CA ASP K 525 -67.12 -32.21 48.89
C ASP K 525 -67.09 -31.87 50.37
N ALA K 526 -68.21 -32.16 51.05
CA ALA K 526 -68.20 -32.29 52.50
C ALA K 526 -67.58 -31.09 53.18
N ILE K 527 -68.26 -29.94 53.18
CA ILE K 527 -67.60 -28.69 53.46
C ILE K 527 -67.91 -28.09 54.83
N GLU K 528 -68.22 -28.88 55.87
CA GLU K 528 -68.22 -28.23 57.18
C GLU K 528 -66.82 -27.67 57.41
N LYS K 529 -65.76 -28.45 57.14
CA LYS K 529 -65.60 -29.84 57.56
C LYS K 529 -64.13 -29.92 57.92
N ALA K 530 -63.38 -29.01 57.33
CA ALA K 530 -61.96 -28.94 57.57
C ALA K 530 -61.62 -27.75 58.44
N ASP K 531 -60.31 -27.54 58.63
CA ASP K 531 -59.84 -26.39 59.40
C ASP K 531 -60.38 -25.06 58.89
N PRO K 532 -60.40 -24.78 57.58
CA PRO K 532 -60.82 -23.45 57.15
C PRO K 532 -62.33 -23.26 57.24
N GLN K 533 -62.72 -22.11 57.78
CA GLN K 533 -64.12 -21.67 57.74
C GLN K 533 -64.29 -20.67 56.59
N VAL K 534 -64.04 -21.17 55.38
CA VAL K 534 -64.03 -20.31 54.19
C VAL K 534 -65.48 -20.14 53.78
N ILE K 535 -66.11 -19.11 54.35
CA ILE K 535 -67.42 -18.66 53.92
C ILE K 535 -67.27 -17.34 53.19
N THR K 536 -66.63 -16.39 53.86
CA THR K 536 -66.55 -15.05 53.34
C THR K 536 -65.65 -14.92 52.13
N LEU K 537 -64.54 -15.67 52.07
CA LEU K 537 -63.69 -15.57 50.88
C LEU K 537 -64.47 -15.95 49.63
N LEU K 538 -65.45 -16.83 49.76
CA LEU K 538 -66.29 -17.19 48.63
C LEU K 538 -67.34 -16.14 48.33
N LEU K 539 -67.79 -15.38 49.33
CA LEU K 539 -68.88 -14.44 49.13
C LEU K 539 -68.62 -13.50 47.96
N GLN K 540 -67.36 -13.17 47.70
CA GLN K 540 -67.04 -12.31 46.57
C GLN K 540 -67.65 -12.83 45.29
N VAL K 541 -67.42 -14.10 44.96
CA VAL K 541 -68.15 -14.66 43.83
C VAL K 541 -69.61 -14.85 44.20
N LEU K 542 -69.89 -15.31 45.42
CA LEU K 542 -71.26 -15.61 45.81
C LEU K 542 -72.13 -14.38 45.73
N ASP K 543 -71.51 -13.21 45.71
CA ASP K 543 -72.24 -11.98 45.43
C ASP K 543 -72.26 -11.68 43.94
N ASP K 544 -71.08 -11.59 43.32
CA ASP K 544 -71.01 -11.00 41.98
C ASP K 544 -70.12 -11.76 41.01
N GLY K 545 -69.45 -12.83 41.42
CA GLY K 545 -68.65 -13.60 40.52
C GLY K 545 -67.31 -13.00 40.18
N ARG K 546 -67.02 -11.79 40.63
CA ARG K 546 -65.73 -11.16 40.44
C ARG K 546 -64.92 -11.36 41.71
N LEU K 547 -63.76 -12.02 41.59
CA LEU K 547 -62.98 -12.30 42.77
C LEU K 547 -61.51 -12.14 42.48
N THR K 548 -60.79 -11.47 43.38
CA THR K 548 -59.41 -11.07 43.18
C THR K 548 -58.47 -12.24 43.44
N ASP K 549 -57.32 -12.18 42.79
CA ASP K 549 -56.29 -13.18 42.97
C ASP K 549 -55.23 -12.68 43.94
N GLY K 550 -54.14 -13.43 44.07
CA GLY K 550 -53.02 -12.98 44.86
C GLY K 550 -52.16 -11.93 44.19
N GLN K 551 -52.55 -11.48 43.00
CA GLN K 551 -51.87 -10.39 42.32
C GLN K 551 -52.78 -9.19 42.10
N GLY K 552 -54.02 -9.24 42.58
CA GLY K 552 -54.95 -8.17 42.36
C GLY K 552 -55.85 -8.34 41.15
N ASN K 553 -55.53 -9.25 40.24
CA ASN K 553 -56.37 -9.49 39.09
C ASN K 553 -57.67 -10.13 39.55
N THR K 554 -58.77 -9.67 38.97
CA THR K 554 -60.09 -10.23 39.28
C THR K 554 -60.47 -11.22 38.19
N VAL K 555 -61.04 -12.34 38.60
CA VAL K 555 -61.55 -13.34 37.69
C VAL K 555 -63.06 -13.34 37.79
N ASN K 556 -63.73 -13.41 36.65
CA ASN K 556 -65.18 -13.49 36.58
C ASN K 556 -65.59 -14.95 36.77
N PHE K 557 -66.70 -15.16 37.44
CA PHE K 557 -67.27 -16.49 37.60
C PHE K 557 -68.70 -16.53 37.07
N LYS K 558 -68.98 -15.75 36.03
CA LYS K 558 -70.35 -15.57 35.57
C LYS K 558 -70.95 -16.87 35.07
N ASN K 559 -70.19 -17.65 34.32
CA ASN K 559 -70.73 -18.79 33.60
C ASN K 559 -70.37 -20.12 34.24
N THR K 560 -70.08 -20.14 35.52
CA THR K 560 -69.71 -21.37 36.20
C THR K 560 -70.79 -21.80 37.17
N VAL K 561 -70.72 -23.06 37.57
CA VAL K 561 -71.61 -23.65 38.56
C VAL K 561 -70.79 -24.14 39.73
N ILE K 562 -71.25 -23.86 40.94
CA ILE K 562 -70.61 -24.31 42.17
C ILE K 562 -71.57 -25.22 42.90
N ILE K 563 -71.14 -26.45 43.15
CA ILE K 563 -71.93 -27.42 43.90
C ILE K 563 -71.09 -27.91 45.06
N ALA K 564 -71.65 -27.86 46.26
CA ALA K 564 -70.95 -28.29 47.45
C ALA K 564 -71.81 -29.27 48.23
N THR K 565 -71.16 -30.16 48.97
CA THR K 565 -71.83 -31.28 49.63
C THR K 565 -71.57 -31.24 51.13
N SER K 566 -72.34 -32.05 51.86
CA SER K 566 -72.26 -32.12 53.31
C SER K 566 -72.93 -33.39 53.80
N ASN K 567 -72.95 -33.55 55.12
CA ASN K 567 -73.47 -34.74 55.79
C ASN K 567 -74.83 -34.41 56.40
N ALA K 568 -75.85 -35.18 56.04
CA ALA K 568 -77.19 -35.01 56.60
C ALA K 568 -77.51 -36.00 57.70
N GLY K 569 -76.51 -36.48 58.43
CA GLY K 569 -76.68 -37.64 59.26
C GLY K 569 -76.64 -38.89 58.40
N PHE K 570 -76.85 -40.04 59.06
CA PHE K 570 -76.78 -41.31 58.37
C PHE K 570 -77.54 -42.36 59.15
N GLY K 571 -78.21 -43.25 58.41
CA GLY K 571 -78.89 -44.36 59.02
C GLY K 571 -77.99 -45.58 59.03
N TYR K 572 -78.46 -46.69 58.46
CA TYR K 572 -79.81 -46.77 57.92
C TYR K 572 -80.52 -47.96 58.54
N GLU K 573 -81.77 -47.75 58.94
CA GLU K 573 -82.51 -48.77 59.68
C GLU K 573 -83.69 -49.46 58.99
N ALA K 574 -83.86 -49.39 57.65
CA ALA K 574 -83.11 -48.65 56.65
C ALA K 574 -83.70 -47.26 56.47
N ASN K 575 -85.01 -47.22 56.20
CA ASN K 575 -85.72 -45.97 56.02
C ASN K 575 -86.45 -45.50 57.27
N LEU K 576 -86.34 -46.24 58.38
CA LEU K 576 -87.02 -45.82 59.61
C LEU K 576 -86.39 -44.58 60.22
N THR K 577 -85.08 -44.39 60.02
CA THR K 577 -84.40 -43.17 60.45
C THR K 577 -83.72 -42.45 59.29
N GLU K 578 -84.14 -42.71 58.05
CA GLU K 578 -83.57 -41.99 56.92
C GLU K 578 -83.94 -40.51 56.97
N ASP K 579 -85.13 -40.19 57.49
CA ASP K 579 -85.56 -38.80 57.64
C ASP K 579 -86.65 -38.76 58.72
N ALA K 580 -86.31 -38.20 59.88
CA ALA K 580 -87.25 -38.15 60.99
C ALA K 580 -88.11 -36.89 60.95
N ASP K 581 -87.51 -35.74 60.67
CA ASP K 581 -88.25 -34.49 60.55
C ASP K 581 -87.37 -33.48 59.82
N LYS K 582 -88.01 -32.41 59.32
CA LYS K 582 -87.28 -31.37 58.60
C LYS K 582 -86.23 -30.68 59.47
N PRO K 583 -86.54 -30.24 60.70
CA PRO K 583 -85.49 -29.60 61.51
C PRO K 583 -84.49 -30.58 62.10
N GLU K 584 -84.82 -31.89 62.14
CA GLU K 584 -83.84 -32.92 62.46
C GLU K 584 -82.58 -32.76 61.61
N LEU K 585 -82.67 -31.97 60.54
CA LEU K 585 -81.53 -31.59 59.74
C LEU K 585 -81.01 -30.20 60.05
N MET K 586 -81.79 -29.14 59.78
CA MET K 586 -81.23 -27.80 59.85
C MET K 586 -80.75 -27.47 61.25
N ASP K 587 -81.50 -27.86 62.27
CA ASP K 587 -81.14 -27.47 63.63
C ASP K 587 -79.79 -28.06 64.00
N ARG K 588 -79.53 -29.28 63.57
CA ARG K 588 -78.19 -29.84 63.69
C ARG K 588 -77.18 -29.08 62.85
N LEU K 589 -77.56 -28.74 61.62
CA LEU K 589 -76.62 -28.03 60.74
C LEU K 589 -76.38 -26.59 61.19
N LYS K 590 -77.24 -26.04 62.05
CA LYS K 590 -76.96 -24.68 62.53
C LYS K 590 -75.61 -24.59 63.24
N PRO K 591 -75.25 -25.46 64.19
CA PRO K 591 -73.85 -25.48 64.65
C PRO K 591 -72.88 -26.05 63.64
N PHE K 592 -73.37 -26.70 62.57
CA PHE K 592 -72.50 -27.30 61.58
C PHE K 592 -72.23 -26.34 60.43
N PHE K 593 -73.28 -25.79 59.83
CA PHE K 593 -73.16 -24.81 58.76
C PHE K 593 -73.65 -23.46 59.29
N ARG K 594 -72.85 -22.44 59.07
CA ARG K 594 -73.20 -21.11 59.53
C ARG K 594 -74.46 -20.63 58.79
N PRO K 595 -75.44 -20.08 59.50
CA PRO K 595 -76.70 -19.69 58.85
C PRO K 595 -76.51 -18.73 57.69
N GLU K 596 -75.55 -17.81 57.78
CA GLU K 596 -75.29 -16.91 56.68
C GLU K 596 -74.82 -17.65 55.43
N PHE K 597 -73.92 -18.62 55.59
CA PHE K 597 -73.47 -19.40 54.44
C PHE K 597 -74.62 -20.19 53.84
N LEU K 598 -75.56 -20.62 54.68
CA LEU K 598 -76.79 -21.21 54.18
C LEU K 598 -77.57 -20.22 53.33
N ASN K 599 -77.78 -19.01 53.84
CA ASN K 599 -78.65 -18.04 53.18
C ASN K 599 -78.11 -17.56 51.83
N ARG K 600 -76.83 -17.83 51.53
CA ARG K 600 -76.22 -17.39 50.29
C ARG K 600 -76.56 -18.28 49.11
N PHE K 601 -77.10 -19.46 49.34
CA PHE K 601 -77.23 -20.42 48.26
C PHE K 601 -78.56 -20.28 47.53
N ASN K 602 -78.56 -20.68 46.27
CA ASN K 602 -79.81 -20.79 45.53
C ASN K 602 -80.73 -21.82 46.15
N ALA K 603 -80.17 -22.95 46.59
CA ALA K 603 -80.94 -23.98 47.27
C ALA K 603 -80.01 -25.03 47.86
N VAL K 604 -80.54 -25.75 48.83
CA VAL K 604 -79.92 -26.95 49.39
C VAL K 604 -80.89 -28.10 49.20
N ILE K 605 -80.35 -29.27 48.87
CA ILE K 605 -81.11 -30.49 48.68
C ILE K 605 -80.44 -31.57 49.53
N GLU K 606 -81.17 -32.63 49.84
CA GLU K 606 -80.66 -33.64 50.75
C GLU K 606 -80.68 -35.02 50.10
N PHE K 607 -79.82 -35.89 50.60
CA PHE K 607 -79.77 -37.29 50.21
C PHE K 607 -80.16 -38.16 51.41
N SER K 608 -81.46 -38.37 51.57
CA SER K 608 -81.97 -39.26 52.60
C SER K 608 -82.43 -40.59 52.04
N HIS K 609 -82.12 -40.87 50.77
CA HIS K 609 -82.84 -41.88 50.03
C HIS K 609 -82.09 -43.20 50.02
N LEU K 610 -82.63 -44.20 50.69
CA LEU K 610 -82.06 -45.55 50.70
C LEU K 610 -83.14 -46.52 51.14
N THR K 611 -83.55 -47.41 50.24
CA THR K 611 -84.70 -48.28 50.47
C THR K 611 -84.43 -49.61 49.78
N LYS K 612 -85.50 -50.36 49.48
CA LYS K 612 -85.35 -51.64 48.81
C LYS K 612 -86.25 -51.81 47.58
N GLU K 613 -87.44 -51.20 47.55
CA GLU K 613 -88.35 -51.41 46.44
C GLU K 613 -87.88 -50.74 45.16
N ASP K 614 -87.23 -49.59 45.27
CA ASP K 614 -86.79 -48.84 44.11
C ASP K 614 -85.41 -49.26 43.63
N LEU K 615 -84.83 -50.26 44.27
CA LEU K 615 -83.46 -50.66 44.01
C LEU K 615 -83.36 -51.74 42.94
N SER K 616 -84.48 -52.32 42.52
CA SER K 616 -84.45 -53.17 41.34
C SER K 616 -84.07 -52.37 40.11
N LYS K 617 -84.45 -51.10 40.07
CA LYS K 617 -84.15 -50.25 38.93
C LYS K 617 -82.65 -50.09 38.76
N ILE K 618 -81.94 -49.83 39.85
CA ILE K 618 -80.48 -49.78 39.74
C ILE K 618 -79.94 -51.16 39.39
N VAL K 619 -80.63 -52.22 39.82
CA VAL K 619 -80.19 -53.56 39.48
C VAL K 619 -80.14 -53.76 37.97
N ASP K 620 -81.23 -53.45 37.28
CA ASP K 620 -81.19 -53.65 35.84
C ASP K 620 -80.32 -52.59 35.17
N LEU K 621 -80.06 -51.48 35.84
CA LEU K 621 -79.06 -50.55 35.32
C LEU K 621 -77.67 -51.21 35.26
N MET K 622 -77.23 -51.80 36.37
CA MET K 622 -75.96 -52.51 36.32
C MET K 622 -76.02 -53.71 35.38
N LEU K 623 -77.15 -54.38 35.29
CA LEU K 623 -77.25 -55.48 34.33
C LEU K 623 -77.05 -54.96 32.91
N ALA K 624 -77.60 -53.79 32.62
CA ALA K 624 -77.39 -53.16 31.33
C ALA K 624 -75.92 -52.89 31.08
N GLU K 625 -75.22 -52.32 32.06
CA GLU K 625 -73.81 -52.03 31.80
C GLU K 625 -73.01 -53.32 31.67
N VAL K 626 -73.41 -54.36 32.40
CA VAL K 626 -72.72 -55.64 32.29
C VAL K 626 -72.84 -56.18 30.88
N ASN K 627 -74.05 -56.20 30.33
CA ASN K 627 -74.20 -56.69 28.97
C ASN K 627 -73.51 -55.77 27.98
N GLN K 628 -73.49 -54.47 28.27
CA GLN K 628 -72.73 -53.54 27.44
C GLN K 628 -71.25 -53.90 27.41
N THR K 629 -70.68 -54.19 28.57
CA THR K 629 -69.28 -54.60 28.63
C THR K 629 -69.07 -55.89 27.86
N LEU K 630 -69.99 -56.84 28.02
CA LEU K 630 -69.89 -58.11 27.32
C LEU K 630 -69.96 -57.92 25.82
N ALA K 631 -70.63 -56.87 25.36
CA ALA K 631 -70.79 -56.66 23.93
C ALA K 631 -69.45 -56.53 23.22
N LYS K 632 -68.39 -56.19 23.96
CA LYS K 632 -67.06 -56.12 23.35
C LYS K 632 -66.64 -57.46 22.78
N LYS K 633 -67.02 -58.55 23.43
CA LYS K 633 -66.68 -59.90 22.97
C LYS K 633 -67.86 -60.61 22.34
N ASP K 634 -68.89 -59.87 21.92
CA ASP K 634 -70.05 -60.44 21.23
C ASP K 634 -70.80 -61.42 22.11
N ILE K 635 -70.85 -61.13 23.42
CA ILE K 635 -71.42 -62.02 24.41
C ILE K 635 -72.66 -61.35 24.99
N ASP K 636 -73.75 -62.11 25.10
CA ASP K 636 -74.99 -61.61 25.67
C ASP K 636 -75.35 -62.47 26.87
N LEU K 637 -75.63 -61.82 27.99
CA LEU K 637 -76.04 -62.51 29.21
C LEU K 637 -77.50 -62.22 29.49
N VAL K 638 -78.25 -63.25 29.86
CA VAL K 638 -79.63 -63.10 30.28
C VAL K 638 -79.70 -63.37 31.78
N VAL K 639 -80.53 -62.60 32.48
CA VAL K 639 -80.66 -62.69 33.94
C VAL K 639 -82.10 -63.00 34.27
N SER K 640 -82.31 -64.02 35.10
CA SER K 640 -83.64 -64.36 35.56
C SER K 640 -84.11 -63.37 36.63
N GLN K 641 -85.44 -63.24 36.74
CA GLN K 641 -86.01 -62.35 37.74
C GLN K 641 -85.69 -62.84 39.15
N ALA K 642 -85.72 -64.16 39.36
CA ALA K 642 -85.37 -64.69 40.68
C ALA K 642 -83.93 -64.35 41.04
N ALA K 643 -83.04 -64.39 40.05
CA ALA K 643 -81.67 -63.94 40.29
C ALA K 643 -81.66 -62.48 40.71
N LYS K 644 -82.49 -61.65 40.07
CA LYS K 644 -82.57 -60.25 40.46
C LYS K 644 -83.02 -60.11 41.91
N ASP K 645 -84.04 -60.87 42.30
CA ASP K 645 -84.54 -60.79 43.66
C ASP K 645 -83.47 -61.21 44.65
N TYR K 646 -82.75 -62.28 44.35
CA TYR K 646 -81.69 -62.72 45.24
C TYR K 646 -80.56 -61.71 45.32
N ILE K 647 -80.19 -61.10 44.19
CA ILE K 647 -79.15 -60.08 44.21
C ILE K 647 -79.58 -58.90 45.08
N THR K 648 -80.82 -58.46 44.91
CA THR K 648 -81.34 -57.39 45.76
C THR K 648 -81.22 -57.76 47.23
N GLU K 649 -81.67 -58.97 47.58
CA GLU K 649 -81.61 -59.38 48.97
C GLU K 649 -80.17 -59.43 49.47
N GLU K 650 -79.24 -59.84 48.61
CA GLU K 650 -77.83 -59.83 48.98
C GLU K 650 -77.34 -58.43 49.26
N GLY K 651 -77.59 -57.50 48.34
CA GLY K 651 -77.14 -56.14 48.49
C GLY K 651 -77.92 -55.32 49.47
N TYR K 652 -79.02 -55.86 50.01
CA TYR K 652 -79.80 -55.10 50.98
C TYR K 652 -79.15 -55.13 52.36
N ASP K 653 -77.86 -54.80 52.40
CA ASP K 653 -77.23 -54.38 53.65
C ASP K 653 -77.59 -52.90 53.83
N GLU K 654 -78.89 -52.66 53.91
CA GLU K 654 -79.45 -51.31 53.84
C GLU K 654 -79.15 -50.58 55.16
N VAL K 655 -77.86 -50.34 55.37
CA VAL K 655 -77.39 -49.64 56.56
C VAL K 655 -76.64 -48.35 56.24
N MET K 656 -75.94 -48.27 55.11
CA MET K 656 -75.24 -47.03 54.76
C MET K 656 -75.56 -46.56 53.33
N GLY K 657 -75.63 -47.49 52.38
CA GLY K 657 -75.76 -47.08 50.99
C GLY K 657 -75.77 -48.27 50.06
N VAL K 658 -75.49 -47.97 48.78
CA VAL K 658 -75.68 -48.93 47.70
C VAL K 658 -74.36 -49.44 47.13
N ARG K 659 -73.24 -49.17 47.81
CA ARG K 659 -71.98 -49.74 47.34
C ARG K 659 -71.99 -51.27 47.33
N PRO K 660 -72.43 -51.96 48.38
CA PRO K 660 -72.53 -53.42 48.29
C PRO K 660 -73.51 -53.89 47.24
N LEU K 661 -74.49 -53.06 46.87
CA LEU K 661 -75.41 -53.46 45.81
C LEU K 661 -74.67 -53.69 44.51
N ARG K 662 -73.73 -52.80 44.17
CA ARG K 662 -72.82 -53.05 43.07
C ARG K 662 -71.84 -54.17 43.40
N ARG K 663 -71.38 -54.23 44.65
CA ARG K 663 -70.32 -55.16 45.01
C ARG K 663 -70.74 -56.61 44.80
N VAL K 664 -71.99 -56.93 45.11
CA VAL K 664 -72.45 -58.33 45.03
C VAL K 664 -72.42 -58.88 43.61
N VAL K 665 -72.48 -58.02 42.60
CA VAL K 665 -72.24 -58.45 41.23
C VAL K 665 -70.90 -57.98 40.71
N GLU K 666 -70.11 -57.29 41.54
CA GLU K 666 -68.84 -56.71 41.11
C GLU K 666 -67.90 -57.79 40.61
N GLN K 667 -67.97 -58.98 41.19
CA GLN K 667 -67.12 -60.08 40.79
C GLN K 667 -67.87 -61.38 40.59
N GLU K 668 -68.99 -61.57 41.29
CA GLU K 668 -69.65 -62.87 41.31
C GLU K 668 -70.14 -63.26 39.92
N ILE K 669 -70.71 -62.30 39.19
CA ILE K 669 -71.15 -62.57 37.84
C ILE K 669 -69.95 -62.84 36.94
N ARG K 670 -68.96 -61.95 37.01
CA ARG K 670 -67.83 -62.04 36.09
C ARG K 670 -66.92 -63.20 36.44
N ASP K 671 -66.92 -63.65 37.70
CA ASP K 671 -66.18 -64.86 38.03
C ASP K 671 -66.75 -66.08 37.32
N LYS K 672 -68.07 -66.22 37.31
CA LYS K 672 -68.70 -67.28 36.53
C LYS K 672 -68.40 -67.12 35.04
N VAL K 673 -68.50 -65.87 34.56
CA VAL K 673 -68.24 -65.61 33.14
C VAL K 673 -66.81 -66.02 32.78
N THR K 674 -65.88 -65.86 33.71
CA THR K 674 -64.52 -66.30 33.48
C THR K 674 -64.47 -67.76 33.08
N ASP K 675 -65.09 -68.63 33.87
CA ASP K 675 -65.04 -70.05 33.58
C ASP K 675 -65.86 -70.40 32.35
N PHE K 676 -67.01 -69.77 32.17
CA PHE K 676 -67.80 -70.06 30.97
C PHE K 676 -67.06 -69.62 29.71
N HIS K 677 -66.19 -68.63 29.81
CA HIS K 677 -65.43 -68.19 28.65
C HIS K 677 -64.36 -69.18 28.25
N LEU K 678 -63.97 -70.07 29.16
CA LEU K 678 -63.07 -71.16 28.77
C LEU K 678 -63.70 -72.06 27.72
N ASP K 679 -65.02 -72.05 27.60
CA ASP K 679 -65.74 -72.67 26.52
C ASP K 679 -65.56 -71.81 25.26
N HIS K 680 -65.77 -72.34 24.04
CA HIS K 680 -66.64 -73.44 23.60
C HIS K 680 -68.04 -73.01 23.97
N LEU K 681 -68.28 -71.72 23.79
CA LEU K 681 -69.37 -71.02 24.46
C LEU K 681 -70.37 -70.45 23.46
N ASP K 682 -71.65 -70.71 23.70
CA ASP K 682 -72.73 -70.05 23.00
C ASP K 682 -72.96 -68.71 23.69
N ALA K 683 -72.32 -67.67 23.18
CA ALA K 683 -72.41 -66.36 23.81
C ALA K 683 -73.85 -65.84 23.83
N LYS K 684 -74.69 -66.28 22.91
CA LYS K 684 -76.08 -65.86 22.83
C LYS K 684 -76.94 -66.52 23.89
N HIS K 685 -76.53 -67.68 24.39
CA HIS K 685 -77.38 -68.53 25.22
C HIS K 685 -77.24 -68.26 26.71
N LEU K 686 -76.22 -67.53 27.14
CA LEU K 686 -75.91 -67.44 28.56
C LEU K 686 -77.07 -66.80 29.32
N GLU K 687 -77.75 -67.64 30.10
CA GLU K 687 -78.84 -67.20 30.96
C GLU K 687 -78.51 -67.58 32.39
N ALA K 688 -78.63 -66.61 33.30
CA ALA K 688 -78.26 -66.78 34.69
C ALA K 688 -79.49 -66.94 35.56
N ASP K 689 -79.47 -67.93 36.45
CA ASP K 689 -80.53 -68.15 37.43
C ASP K 689 -79.89 -68.51 38.77
N MET K 690 -80.75 -68.84 39.72
CA MET K 690 -80.36 -68.98 41.12
C MET K 690 -80.72 -70.35 41.66
N GLU K 691 -79.76 -71.00 42.29
CA GLU K 691 -79.98 -72.28 42.95
C GLU K 691 -79.45 -72.14 44.37
N ASP K 692 -80.34 -71.82 45.31
CA ASP K 692 -80.00 -71.78 46.73
C ASP K 692 -78.86 -70.79 46.98
N GLY K 693 -78.94 -69.63 46.33
CA GLY K 693 -77.92 -68.62 46.47
C GLY K 693 -76.69 -68.84 45.62
N VAL K 694 -76.71 -69.82 44.72
CA VAL K 694 -75.58 -70.08 43.85
C VAL K 694 -75.95 -69.71 42.41
N LEU K 695 -75.08 -68.94 41.76
CA LEU K 695 -75.33 -68.50 40.39
C LEU K 695 -75.12 -69.66 39.43
N VAL K 696 -76.12 -69.94 38.60
CA VAL K 696 -76.06 -71.05 37.66
C VAL K 696 -76.42 -70.50 36.29
N ILE K 697 -75.50 -70.59 35.34
CA ILE K 697 -75.68 -70.01 34.02
C ILE K 697 -75.64 -71.14 32.99
N ARG K 698 -76.54 -71.08 32.03
CA ARG K 698 -76.51 -72.01 30.90
C ARG K 698 -76.53 -71.22 29.60
N LEU L 76 -29.51 26.29 19.30
CA LEU L 76 -30.42 25.52 20.13
C LEU L 76 -30.86 24.28 19.39
N ALA L 77 -32.18 24.10 19.31
CA ALA L 77 -32.79 23.12 18.42
C ALA L 77 -32.20 21.72 18.62
N LYS L 78 -31.87 21.40 19.87
CA LYS L 78 -31.34 20.09 20.23
C LYS L 78 -32.21 19.53 21.35
N LEU L 79 -33.14 18.65 20.99
CA LEU L 79 -34.06 18.05 21.95
C LEU L 79 -34.82 19.11 22.73
N GLY L 80 -35.21 20.17 22.04
CA GLY L 80 -35.90 21.25 22.73
C GLY L 80 -36.40 22.29 21.75
N ARG L 81 -37.03 23.32 22.32
CA ARG L 81 -37.64 24.36 21.51
C ARG L 81 -37.45 25.72 22.17
N ASN L 82 -37.14 26.72 21.35
CA ASN L 82 -37.03 28.09 21.81
C ASN L 82 -38.42 28.72 21.79
N LEU L 83 -39.01 28.87 22.98
CA LEU L 83 -40.32 29.49 23.06
C LEU L 83 -40.27 30.99 22.74
N THR L 84 -39.17 31.66 23.08
CA THR L 84 -39.04 33.07 22.77
C THR L 84 -39.05 33.30 21.27
N ALA L 85 -38.40 32.41 20.51
CA ALA L 85 -38.38 32.55 19.06
C ALA L 85 -39.79 32.50 18.49
N GLU L 86 -40.60 31.55 18.95
CA GLU L 86 -41.99 31.52 18.53
C GLU L 86 -42.74 32.75 18.98
N ALA L 87 -42.42 33.25 20.17
CA ALA L 87 -43.10 34.43 20.69
C ALA L 87 -42.87 35.63 19.79
N ARG L 88 -41.65 35.81 19.31
CA ARG L 88 -41.37 36.93 18.41
C ARG L 88 -42.26 36.87 17.18
N GLU L 89 -42.52 35.67 16.69
CA GLU L 89 -43.29 35.48 15.48
C GLU L 89 -44.78 35.69 15.69
N GLY L 90 -45.24 35.81 16.93
CA GLY L 90 -46.66 35.89 17.18
C GLY L 90 -47.38 34.58 16.99
N LYS L 91 -46.67 33.46 17.06
CA LYS L 91 -47.25 32.14 16.84
C LYS L 91 -47.93 31.57 18.07
N LEU L 92 -47.94 32.30 19.18
CA LEU L 92 -48.38 31.77 20.46
C LEU L 92 -49.63 32.48 20.92
N ASP L 93 -50.56 31.70 21.48
CA ASP L 93 -51.86 32.25 21.86
C ASP L 93 -51.70 33.20 23.05
N PRO L 94 -52.52 34.24 23.13
CA PRO L 94 -52.47 35.12 24.30
C PRO L 94 -52.90 34.39 25.54
N VAL L 95 -52.15 34.59 26.62
CA VAL L 95 -52.44 33.98 27.90
C VAL L 95 -53.33 34.92 28.69
N ILE L 96 -54.43 34.40 29.23
CA ILE L 96 -55.53 35.22 29.71
C ILE L 96 -55.73 34.98 31.20
N GLY L 97 -55.87 36.07 31.95
CA GLY L 97 -56.30 36.00 33.33
C GLY L 97 -55.27 35.52 34.33
N ARG L 98 -53.99 35.54 33.96
CA ARG L 98 -52.96 35.01 34.83
C ARG L 98 -52.07 36.10 35.40
N ASN L 99 -52.56 37.33 35.49
CA ASN L 99 -51.69 38.49 35.59
C ASN L 99 -50.62 38.39 36.67
N LYS L 100 -51.01 38.48 37.94
CA LYS L 100 -49.97 38.53 38.95
C LYS L 100 -49.17 37.25 38.97
N GLU L 101 -49.85 36.11 38.83
CA GLU L 101 -49.20 34.82 38.92
C GLU L 101 -48.04 34.72 37.94
N ILE L 102 -48.09 35.44 36.82
CA ILE L 102 -46.95 35.30 35.92
C ILE L 102 -45.82 36.23 36.35
N GLN L 103 -46.13 37.50 36.58
CA GLN L 103 -45.07 38.46 36.77
C GLN L 103 -44.53 38.41 38.19
N GLU L 104 -45.31 37.87 39.12
CA GLU L 104 -44.75 37.47 40.40
C GLU L 104 -43.55 36.56 40.22
N ALA L 105 -43.56 35.71 39.18
CA ALA L 105 -42.43 34.86 38.90
C ALA L 105 -41.16 35.66 38.70
N SER L 106 -41.25 36.78 37.98
CA SER L 106 -40.08 37.63 37.80
C SER L 106 -39.47 38.04 39.12
N GLU L 107 -40.30 38.23 40.14
CA GLU L 107 -39.81 38.66 41.44
C GLU L 107 -38.85 37.65 42.06
N ILE L 108 -38.84 36.42 41.56
CA ILE L 108 -37.84 35.45 41.97
C ILE L 108 -36.61 35.50 41.08
N LEU L 109 -36.83 35.60 39.77
CA LEU L 109 -35.70 35.50 38.84
C LEU L 109 -34.76 36.68 38.97
N SER L 110 -35.27 37.84 39.37
CA SER L 110 -34.45 39.04 39.42
C SER L 110 -33.37 38.98 40.50
N ARG L 111 -33.43 37.99 41.38
CA ARG L 111 -32.46 37.93 42.47
C ARG L 111 -31.13 37.36 41.99
N ARG L 112 -30.07 37.69 42.73
CA ARG L 112 -28.75 37.16 42.42
C ARG L 112 -28.63 35.69 42.80
N THR L 113 -29.16 35.32 43.96
CA THR L 113 -29.26 33.93 44.37
C THR L 113 -30.72 33.63 44.68
N LYS L 114 -30.96 32.39 45.09
CA LYS L 114 -32.31 31.94 45.45
C LYS L 114 -33.28 32.31 44.34
N ASN L 115 -33.06 31.72 43.18
CA ASN L 115 -33.65 32.19 41.94
C ASN L 115 -34.11 31.04 41.04
N ASN L 116 -34.77 30.06 41.65
CA ASN L 116 -35.22 28.87 40.93
C ASN L 116 -36.69 28.64 41.28
N PRO L 117 -37.59 29.35 40.64
CA PRO L 117 -39.01 29.17 40.95
C PRO L 117 -39.60 27.96 40.23
N VAL L 118 -40.46 27.24 40.94
CA VAL L 118 -41.21 26.12 40.38
C VAL L 118 -42.68 26.37 40.63
N LEU L 119 -43.49 26.09 39.61
CA LEU L 119 -44.93 26.26 39.70
C LEU L 119 -45.53 24.99 40.26
N VAL L 120 -46.33 25.12 41.32
CA VAL L 120 -46.88 23.96 42.01
C VAL L 120 -48.40 24.00 41.88
N GLY L 121 -48.99 22.84 41.65
CA GLY L 121 -50.42 22.73 41.55
C GLY L 121 -50.82 21.47 40.82
N ASP L 122 -52.12 21.25 40.76
CA ASP L 122 -52.63 20.06 40.09
C ASP L 122 -52.63 20.24 38.58
N ALA L 123 -52.69 19.13 37.86
CA ALA L 123 -52.64 19.14 36.42
C ALA L 123 -53.93 19.67 35.83
N GLY L 124 -53.91 19.91 34.52
CA GLY L 124 -55.08 20.42 33.85
C GLY L 124 -55.51 21.80 34.28
N VAL L 125 -54.55 22.66 34.62
CA VAL L 125 -54.85 24.00 35.09
C VAL L 125 -54.18 25.07 34.25
N GLY L 126 -53.79 24.73 33.02
CA GLY L 126 -52.97 25.65 32.25
C GLY L 126 -51.61 25.86 32.84
N LYS L 127 -50.97 24.80 33.32
CA LYS L 127 -49.72 24.95 34.05
C LYS L 127 -48.65 25.59 33.18
N THR L 128 -48.44 25.09 31.97
CA THR L 128 -47.47 25.70 31.09
C THR L 128 -47.91 27.08 30.62
N ALA L 129 -49.22 27.30 30.45
CA ALA L 129 -49.70 28.57 29.95
C ALA L 129 -49.06 29.74 30.68
N VAL L 130 -48.71 29.55 31.95
CA VAL L 130 -48.01 30.59 32.69
C VAL L 130 -46.67 30.90 32.02
N VAL L 131 -45.89 29.88 31.68
CA VAL L 131 -44.56 30.17 31.15
C VAL L 131 -44.65 30.71 29.73
N GLU L 132 -45.60 30.22 28.93
CA GLU L 132 -45.75 30.90 27.63
C GLU L 132 -46.15 32.36 27.82
N GLY L 133 -47.04 32.65 28.77
CA GLY L 133 -47.35 34.04 29.04
C GLY L 133 -46.14 34.83 29.50
N LEU L 134 -45.23 34.18 30.23
CA LEU L 134 -44.00 34.85 30.62
C LEU L 134 -43.18 35.23 29.41
N ALA L 135 -43.05 34.30 28.45
CA ALA L 135 -42.31 34.62 27.23
C ALA L 135 -42.98 35.76 26.48
N GLN L 136 -44.32 35.72 26.42
CA GLN L 136 -45.06 36.79 25.77
C GLN L 136 -44.75 38.14 26.41
N ALA L 137 -44.75 38.19 27.74
CA ALA L 137 -44.44 39.44 28.43
C ALA L 137 -43.01 39.88 28.18
N ILE L 138 -42.06 38.94 28.17
CA ILE L 138 -40.67 39.29 27.90
C ILE L 138 -40.57 39.97 26.55
N VAL L 139 -41.19 39.39 25.53
CA VAL L 139 -41.21 40.06 24.23
C VAL L 139 -41.92 41.40 24.35
N ASN L 140 -42.95 41.46 25.19
CA ASN L 140 -43.76 42.65 25.35
C ASN L 140 -43.05 43.78 26.08
N GLY L 141 -41.92 43.49 26.71
CA GLY L 141 -41.29 44.50 27.54
C GLY L 141 -42.04 44.75 28.83
N ASP L 142 -42.78 43.76 29.33
CA ASP L 142 -43.50 43.90 30.58
C ASP L 142 -42.62 43.63 31.79
N VAL L 143 -41.58 42.83 31.62
CA VAL L 143 -40.78 42.33 32.74
C VAL L 143 -39.94 43.46 33.33
N PRO L 144 -39.41 43.29 34.53
CA PRO L 144 -38.38 44.21 35.02
C PRO L 144 -37.07 43.97 34.29
N ALA L 145 -36.17 44.95 34.44
CA ALA L 145 -34.97 45.01 33.61
C ALA L 145 -34.05 43.81 33.81
N ALA L 146 -34.23 43.07 34.91
CA ALA L 146 -33.29 42.02 35.25
C ALA L 146 -33.20 40.93 34.19
N ILE L 147 -34.30 40.69 33.48
CA ILE L 147 -34.37 39.55 32.58
C ILE L 147 -34.61 39.98 31.13
N LYS L 148 -34.25 41.22 30.81
CA LYS L 148 -34.54 41.72 29.46
C LYS L 148 -33.85 40.88 28.40
N ASN L 149 -32.59 40.52 28.62
CA ASN L 149 -31.74 40.00 27.57
C ASN L 149 -31.74 38.48 27.49
N LYS L 150 -32.64 37.83 28.22
CA LYS L 150 -32.62 36.38 28.28
C LYS L 150 -33.67 35.79 27.36
N GLU L 151 -33.55 34.49 27.11
CA GLU L 151 -34.55 33.73 26.39
C GLU L 151 -34.81 32.42 27.12
N ILE L 152 -35.91 31.77 26.76
CA ILE L 152 -36.38 30.57 27.43
C ILE L 152 -36.42 29.43 26.43
N VAL L 153 -35.86 28.29 26.82
CA VAL L 153 -35.92 27.09 26.01
C VAL L 153 -36.56 25.98 26.83
N SER L 154 -37.54 25.31 26.25
CA SER L 154 -38.17 24.17 26.88
C SER L 154 -37.50 22.89 26.38
N ILE L 155 -37.34 21.93 27.29
CA ILE L 155 -36.56 20.74 27.00
C ILE L 155 -37.42 19.49 27.19
N ASP L 156 -37.36 18.60 26.21
CA ASP L 156 -37.92 17.26 26.31
C ASP L 156 -37.01 16.42 27.20
N ILE L 157 -37.28 16.46 28.50
CA ILE L 157 -36.52 15.63 29.42
C ILE L 157 -36.72 14.15 29.11
N SER L 158 -37.98 13.72 29.00
CA SER L 158 -38.30 12.30 28.86
C SER L 158 -37.69 11.69 27.61
N GLY L 159 -37.55 12.46 26.54
CA GLY L 159 -36.97 11.97 25.31
C GLY L 159 -35.49 12.18 25.16
N LEU L 160 -34.78 12.60 26.22
CA LEU L 160 -33.37 12.89 26.07
C LEU L 160 -32.57 11.67 25.62
N GLU L 161 -32.83 10.50 26.21
CA GLU L 161 -32.10 9.31 25.79
C GLU L 161 -32.40 8.92 24.34
N ALA L 162 -33.48 9.47 23.76
CA ALA L 162 -33.74 9.23 22.35
C ALA L 162 -32.67 9.83 21.45
N GLY L 163 -31.98 10.88 21.91
CA GLY L 163 -31.00 11.54 21.07
C GLY L 163 -29.65 10.87 20.99
N THR L 164 -29.46 9.75 21.68
CA THR L 164 -28.16 9.11 21.73
C THR L 164 -28.33 7.62 21.91
N GLN L 165 -27.24 6.88 21.68
CA GLN L 165 -27.28 5.42 21.73
C GLN L 165 -26.71 4.88 23.03
N TYR L 166 -25.68 5.52 23.56
CA TYR L 166 -24.98 5.04 24.74
C TYR L 166 -25.11 6.06 25.86
N ARG L 167 -25.39 5.56 27.07
CA ARG L 167 -25.74 6.47 28.17
C ARG L 167 -24.52 7.21 28.69
N GLY L 168 -23.31 6.68 28.47
CA GLY L 168 -22.12 7.49 28.69
C GLY L 168 -22.03 8.64 27.70
N SER L 169 -22.27 8.36 26.43
CA SER L 169 -22.42 9.42 25.44
C SER L 169 -23.59 10.33 25.80
N PHE L 170 -24.64 9.75 26.38
CA PHE L 170 -25.76 10.57 26.86
C PHE L 170 -25.30 11.57 27.90
N GLU L 171 -24.56 11.10 28.91
CA GLU L 171 -24.08 12.00 29.95
C GLU L 171 -23.15 13.05 29.37
N GLU L 172 -22.31 12.66 28.42
CA GLU L 172 -21.45 13.65 27.76
C GLU L 172 -22.28 14.71 27.06
N ASN L 173 -23.33 14.30 26.36
CA ASN L 173 -24.21 15.28 25.73
C ASN L 173 -24.89 16.15 26.77
N VAL L 174 -25.26 15.57 27.91
CA VAL L 174 -25.92 16.32 28.97
C VAL L 174 -25.00 17.42 29.48
N GLN L 175 -23.75 17.07 29.80
CA GLN L 175 -22.81 18.08 30.24
C GLN L 175 -22.52 19.08 29.12
N ASN L 176 -22.58 18.62 27.87
CA ASN L 176 -22.45 19.52 26.75
C ASN L 176 -23.54 20.58 26.75
N LEU L 177 -24.67 20.31 27.39
CA LEU L 177 -25.67 21.33 27.56
C LEU L 177 -25.16 22.46 28.43
N VAL L 178 -24.60 22.12 29.59
CA VAL L 178 -23.96 23.14 30.42
C VAL L 178 -22.90 23.87 29.63
N ASN L 179 -22.14 23.13 28.82
CA ASN L 179 -21.18 23.75 27.93
C ASN L 179 -21.86 24.79 27.04
N GLU L 180 -23.03 24.46 26.49
CA GLU L 180 -23.80 25.45 25.75
C GLU L 180 -24.33 26.53 26.68
N VAL L 181 -24.61 26.19 27.94
CA VAL L 181 -25.17 27.20 28.83
C VAL L 181 -24.02 28.00 29.39
N LYS L 182 -23.49 28.91 28.57
CA LYS L 182 -22.53 29.91 28.98
C LYS L 182 -22.81 31.26 28.37
N GLU L 183 -23.83 31.37 27.52
CA GLU L 183 -24.09 32.58 26.75
C GLU L 183 -24.87 33.59 27.59
N ALA L 184 -24.14 34.26 28.47
CA ALA L 184 -24.63 35.34 29.31
C ALA L 184 -25.82 34.92 30.16
N GLY L 185 -26.06 33.62 30.31
CA GLY L 185 -27.27 33.18 30.96
C GLY L 185 -28.51 33.53 30.21
N ASN L 186 -28.39 33.98 28.97
CA ASN L 186 -29.54 34.35 28.15
C ASN L 186 -30.44 33.15 27.91
N ILE L 187 -29.94 31.96 28.12
CA ILE L 187 -30.70 30.73 28.01
C ILE L 187 -31.22 30.40 29.40
N ILE L 188 -32.50 30.06 29.48
CA ILE L 188 -33.13 29.61 30.71
C ILE L 188 -33.88 28.32 30.41
N LEU L 189 -33.59 27.28 31.18
CA LEU L 189 -34.14 25.97 30.90
C LEU L 189 -35.51 25.81 31.56
N PHE L 190 -36.46 25.28 30.81
CA PHE L 190 -37.77 24.97 31.33
C PHE L 190 -38.06 23.48 31.14
N PHE L 191 -38.77 22.90 32.09
CA PHE L 191 -39.16 21.51 32.07
C PHE L 191 -40.59 21.39 32.58
N ASP L 192 -41.10 20.18 32.58
CA ASP L 192 -42.47 19.93 33.02
C ASP L 192 -42.57 18.76 33.98
N ALA L 193 -41.49 18.02 34.23
CA ALA L 193 -41.53 16.87 35.13
C ALA L 193 -40.26 16.87 35.97
N ILE L 194 -40.31 17.54 37.11
CA ILE L 194 -39.11 17.68 37.94
C ILE L 194 -38.68 16.35 38.51
N HIS L 195 -39.64 15.51 38.90
CA HIS L 195 -39.33 14.16 39.30
C HIS L 195 -38.62 13.38 38.21
N GLN L 196 -38.97 13.61 36.94
CA GLN L 196 -38.23 13.03 35.84
C GLN L 196 -36.86 13.64 35.65
N ILE L 197 -36.60 14.80 36.25
CA ILE L 197 -35.27 15.36 36.27
C ILE L 197 -34.45 14.77 37.42
N LEU L 198 -35.06 14.65 38.59
CA LEU L 198 -34.36 14.12 39.75
C LEU L 198 -34.21 12.61 39.58
N GLY L 199 -33.30 12.25 38.68
CA GLY L 199 -32.97 10.87 38.40
C GLY L 199 -31.51 10.58 38.69
N ALA L 200 -30.85 9.82 37.80
CA ALA L 200 -29.42 9.53 37.93
C ALA L 200 -29.13 8.79 39.24
N GLY L 201 -30.18 8.44 39.96
CA GLY L 201 -30.07 7.81 41.26
C GLY L 201 -31.42 7.39 41.80
N SER L 202 -31.42 7.00 43.07
CA SER L 202 -32.64 6.48 43.70
C SER L 202 -33.37 7.61 44.44
N THR L 203 -33.68 8.66 43.68
CA THR L 203 -34.54 9.72 44.21
C THR L 203 -36.01 9.31 44.20
N GLY L 204 -36.38 8.32 43.41
CA GLY L 204 -37.76 7.88 43.35
C GLY L 204 -37.83 6.50 42.72
N GLY L 205 -38.66 5.66 43.32
CA GLY L 205 -38.68 4.29 42.91
C GLY L 205 -37.44 3.54 43.40
N ASP L 206 -37.10 2.49 42.66
CA ASP L 206 -35.95 1.66 43.00
C ASP L 206 -34.65 2.10 42.33
N SER L 207 -34.72 2.60 41.10
CA SER L 207 -33.52 2.97 40.36
C SER L 207 -33.89 4.08 39.38
N GLY L 208 -32.92 4.46 38.57
CA GLY L 208 -33.16 5.46 37.53
C GLY L 208 -31.98 5.56 36.60
N SER L 209 -32.24 6.14 35.44
CA SER L 209 -31.20 6.38 34.46
C SER L 209 -30.46 7.68 34.77
N LYS L 210 -29.25 7.79 34.23
CA LYS L 210 -28.46 9.00 34.44
C LYS L 210 -29.17 10.22 33.87
N GLY L 211 -29.06 11.33 34.59
CA GLY L 211 -29.67 12.56 34.15
C GLY L 211 -28.96 13.75 34.76
N LEU L 212 -29.67 14.89 34.76
CA LEU L 212 -29.08 16.11 35.29
C LEU L 212 -28.68 15.99 36.74
N ALA L 213 -29.24 15.03 37.48
CA ALA L 213 -29.04 14.99 38.92
C ALA L 213 -27.57 14.99 39.28
N ASP L 214 -26.81 14.06 38.72
CA ASP L 214 -25.40 13.95 39.05
C ASP L 214 -24.59 15.14 38.57
N ILE L 215 -25.18 16.00 37.74
CA ILE L 215 -24.54 17.20 37.25
C ILE L 215 -25.15 18.46 37.87
N LEU L 216 -26.48 18.46 38.05
CA LEU L 216 -27.13 19.68 38.52
C LEU L 216 -26.76 20.02 39.96
N LYS L 217 -26.63 19.01 40.81
CA LYS L 217 -26.50 19.21 42.25
C LYS L 217 -25.38 20.21 42.54
N PRO L 218 -24.21 20.09 41.92
CA PRO L 218 -23.24 21.18 42.02
C PRO L 218 -23.65 22.40 41.22
N ALA L 219 -24.06 22.22 39.96
CA ALA L 219 -24.26 23.37 39.08
C ALA L 219 -25.25 24.35 39.68
N LEU L 220 -26.36 23.86 40.21
CA LEU L 220 -27.33 24.73 40.87
C LEU L 220 -26.76 25.35 42.13
N SER L 221 -26.03 24.55 42.91
CA SER L 221 -25.33 25.11 44.07
C SER L 221 -24.36 26.20 43.64
N ARG L 222 -23.55 25.94 42.62
CA ARG L 222 -22.66 26.97 42.10
C ARG L 222 -23.31 27.88 41.06
N GLY L 223 -24.63 27.96 41.04
CA GLY L 223 -25.30 29.06 40.36
C GLY L 223 -25.22 29.04 38.85
N GLU L 224 -24.85 27.91 38.27
CA GLU L 224 -24.70 27.80 36.83
C GLU L 224 -26.02 27.97 36.09
N LEU L 225 -27.10 27.38 36.58
CA LEU L 225 -28.31 27.28 35.80
C LEU L 225 -29.44 28.05 36.47
N THR L 226 -30.48 28.35 35.70
CA THR L 226 -31.76 28.75 36.25
C THR L 226 -32.85 27.95 35.57
N VAL L 227 -33.56 27.15 36.34
CA VAL L 227 -34.61 26.30 35.82
C VAL L 227 -35.93 26.77 36.37
N ILE L 228 -37.01 26.39 35.71
CA ILE L 228 -38.35 26.82 36.10
C ILE L 228 -39.28 25.62 36.04
N GLY L 229 -39.72 25.14 37.21
CA GLY L 229 -40.77 24.15 37.30
C GLY L 229 -40.47 22.88 36.54
N ALA L 230 -41.51 22.06 36.38
CA ALA L 230 -42.82 22.30 36.98
C ALA L 230 -43.40 20.97 37.41
N THR L 231 -44.27 20.97 38.43
CA THR L 231 -44.81 19.72 38.92
C THR L 231 -46.02 19.94 39.82
N THR L 232 -46.46 18.86 40.47
CA THR L 232 -47.66 18.84 41.28
C THR L 232 -47.32 18.98 42.76
N GLN L 233 -48.37 19.08 43.58
CA GLN L 233 -48.23 19.29 45.02
C GLN L 233 -47.48 18.16 45.71
N ASP L 234 -47.92 16.92 45.45
CA ASP L 234 -47.40 15.76 46.15
C ASP L 234 -45.98 15.43 45.71
N GLU L 235 -45.70 15.53 44.41
CA GLU L 235 -44.31 15.49 43.94
C GLU L 235 -43.45 16.46 44.71
N TYR L 236 -43.95 17.68 44.94
CA TYR L 236 -43.16 18.69 45.63
C TYR L 236 -42.82 18.27 47.04
N ARG L 237 -43.81 17.88 47.83
CA ARG L 237 -43.46 17.56 49.21
C ARG L 237 -42.69 16.25 49.31
N ASN L 238 -42.84 15.36 48.33
CA ASN L 238 -42.21 14.06 48.46
C ASN L 238 -40.77 14.05 47.96
N THR L 239 -40.44 14.89 46.99
CA THR L 239 -39.11 14.86 46.39
C THR L 239 -38.28 16.09 46.66
N ILE L 240 -38.88 17.26 46.66
CA ILE L 240 -38.10 18.49 46.69
C ILE L 240 -37.68 18.86 48.10
N LEU L 241 -38.60 18.79 49.06
CA LEU L 241 -38.32 19.21 50.42
C LEU L 241 -37.41 18.24 51.16
N LYS L 242 -36.88 17.23 50.48
CA LYS L 242 -36.05 16.24 51.14
C LYS L 242 -34.56 16.41 50.86
N ASN L 243 -34.20 17.07 49.78
CA ASN L 243 -32.80 17.36 49.48
C ASN L 243 -32.51 18.80 49.90
N ALA L 244 -31.73 18.97 50.96
CA ALA L 244 -31.43 20.30 51.46
C ALA L 244 -30.73 21.15 50.41
N ALA L 245 -30.04 20.51 49.46
CA ALA L 245 -29.38 21.26 48.42
C ALA L 245 -30.35 22.09 47.62
N LEU L 246 -31.49 21.51 47.23
CA LEU L 246 -32.52 22.27 46.56
C LEU L 246 -33.14 23.32 47.47
N ALA L 247 -33.18 23.04 48.77
CA ALA L 247 -33.83 23.96 49.70
C ALA L 247 -33.19 25.33 49.67
N ARG L 248 -31.88 25.39 49.46
CA ARG L 248 -31.16 26.66 49.49
C ARG L 248 -31.03 27.27 48.09
N ARG L 249 -31.75 26.74 47.12
CA ARG L 249 -31.79 27.36 45.80
C ARG L 249 -33.19 27.56 45.24
N PHE L 250 -34.18 26.79 45.69
CA PHE L 250 -35.46 26.73 45.00
C PHE L 250 -36.54 27.50 45.75
N ASN L 251 -37.56 27.87 45.00
CA ASN L 251 -38.73 28.55 45.53
C ASN L 251 -39.96 28.02 44.82
N GLU L 252 -41.12 28.29 45.39
CA GLU L 252 -42.35 27.71 44.88
C GLU L 252 -43.40 28.79 44.71
N VAL L 253 -44.23 28.62 43.68
CA VAL L 253 -45.31 29.55 43.39
C VAL L 253 -46.60 28.76 43.20
N LYS L 254 -47.63 29.13 43.96
CA LYS L 254 -48.90 28.42 43.95
C LYS L 254 -49.69 28.74 42.69
N VAL L 255 -50.39 27.74 42.17
CA VAL L 255 -51.24 27.88 41.00
C VAL L 255 -52.60 27.28 41.32
N ASN L 256 -53.66 27.99 40.94
CA ASN L 256 -55.02 27.54 41.18
C ASN L 256 -55.87 27.74 39.93
N ALA L 257 -56.85 26.86 39.76
CA ALA L 257 -57.76 26.99 38.64
C ALA L 257 -58.64 28.23 38.82
N PRO L 258 -58.95 28.93 37.74
CA PRO L 258 -59.73 30.16 37.84
C PRO L 258 -61.22 29.87 37.96
N SER L 259 -61.97 30.96 38.12
CA SER L 259 -63.41 30.88 38.28
C SER L 259 -64.11 30.80 36.93
N ALA L 260 -65.44 30.65 36.99
CA ALA L 260 -66.21 30.48 35.77
C ALA L 260 -66.56 31.81 35.14
N GLU L 261 -65.59 32.71 35.06
CA GLU L 261 -65.65 33.84 34.14
C GLU L 261 -64.46 33.87 33.21
N ASN L 262 -63.27 33.75 33.77
CA ASN L 262 -62.05 33.66 32.98
C ASN L 262 -62.06 32.42 32.11
N THR L 263 -62.57 31.31 32.64
CA THR L 263 -62.74 30.12 31.83
C THR L 263 -63.61 30.41 30.62
N PHE L 264 -64.69 31.17 30.84
CA PHE L 264 -65.56 31.56 29.74
C PHE L 264 -64.80 32.37 28.71
N LYS L 265 -63.92 33.25 29.18
CA LYS L 265 -63.11 34.05 28.28
C LYS L 265 -62.18 33.18 27.45
N ILE L 266 -61.50 32.25 28.10
CA ILE L 266 -60.57 31.37 27.39
C ILE L 266 -61.31 30.57 26.35
N LEU L 267 -62.49 30.06 26.71
CA LEU L 267 -63.27 29.29 25.77
C LEU L 267 -63.67 30.16 24.59
N GLN L 268 -64.07 31.40 24.86
CA GLN L 268 -64.39 32.32 23.78
C GLN L 268 -63.19 32.49 22.86
N GLY L 269 -62.00 32.58 23.43
CA GLY L 269 -60.81 32.69 22.62
C GLY L 269 -60.60 31.49 21.73
N ILE L 270 -60.75 30.29 22.30
CA ILE L 270 -60.50 29.07 21.53
C ILE L 270 -61.56 28.89 20.45
N ARG L 271 -62.77 29.39 20.71
CA ARG L 271 -63.98 29.11 19.95
C ARG L 271 -63.79 28.96 18.46
N ASP L 272 -63.03 29.86 17.85
CA ASP L 272 -62.85 29.85 16.41
C ASP L 272 -62.10 28.64 15.91
N LEU L 273 -61.25 28.02 16.73
CA LEU L 273 -60.47 26.88 16.28
C LEU L 273 -61.35 25.79 15.67
N TYR L 274 -62.52 25.56 16.25
CA TYR L 274 -63.40 24.48 15.85
C TYR L 274 -64.30 24.82 14.67
N GLN L 275 -63.89 25.79 13.85
CA GLN L 275 -64.37 25.80 12.49
C GLN L 275 -63.93 24.55 11.74
N GLN L 276 -62.90 23.88 12.26
CA GLN L 276 -62.39 22.66 11.64
C GLN L 276 -63.48 21.65 11.37
N HIS L 277 -64.44 21.53 12.29
CA HIS L 277 -65.41 20.45 12.24
C HIS L 277 -66.67 20.81 11.45
N HIS L 278 -66.68 21.97 10.80
CA HIS L 278 -67.75 22.37 9.88
C HIS L 278 -69.11 22.29 10.54
N ASN L 279 -69.18 22.79 11.77
CA ASN L 279 -70.42 22.82 12.54
C ASN L 279 -70.56 24.20 13.14
N VAL L 280 -71.62 24.41 13.92
CA VAL L 280 -71.84 25.71 14.51
C VAL L 280 -70.64 26.10 15.35
N ILE L 281 -70.14 27.30 15.13
CA ILE L 281 -69.27 27.93 16.10
C ILE L 281 -70.17 28.52 17.18
N LEU L 282 -69.90 28.12 18.42
CA LEU L 282 -70.94 27.97 19.41
C LEU L 282 -71.29 29.28 20.12
N PRO L 283 -72.58 29.56 20.29
CA PRO L 283 -72.99 30.75 21.03
C PRO L 283 -72.73 30.61 22.51
N ASP L 284 -72.59 31.76 23.15
CA ASP L 284 -72.12 31.81 24.53
C ASP L 284 -73.00 31.02 25.48
N GLU L 285 -74.29 30.94 25.19
CA GLU L 285 -75.21 30.24 26.07
C GLU L 285 -74.83 28.79 26.22
N VAL L 286 -74.54 28.15 25.09
CA VAL L 286 -74.10 26.75 25.12
C VAL L 286 -72.81 26.63 25.92
N LEU L 287 -71.92 27.59 25.79
CA LEU L 287 -70.65 27.51 26.47
C LEU L 287 -70.83 27.58 27.98
N LYS L 288 -71.56 28.58 28.47
CA LYS L 288 -71.77 28.69 29.90
C LYS L 288 -72.55 27.50 30.42
N ALA L 289 -73.46 26.94 29.61
CA ALA L 289 -74.17 25.74 30.03
C ALA L 289 -73.22 24.57 30.19
N ALA L 290 -72.27 24.43 29.27
CA ALA L 290 -71.28 23.35 29.38
C ALA L 290 -70.45 23.53 30.63
N VAL L 291 -70.05 24.77 30.93
CA VAL L 291 -69.30 25.03 32.15
C VAL L 291 -70.12 24.62 33.37
N ASP L 292 -71.38 25.06 33.42
CA ASP L 292 -72.19 24.79 34.60
C ASP L 292 -72.47 23.30 34.77
N TYR L 293 -72.49 22.56 33.68
CA TYR L 293 -72.71 21.12 33.82
C TYR L 293 -71.44 20.39 34.23
N SER L 294 -70.32 20.72 33.60
CA SER L 294 -69.08 20.02 33.93
C SER L 294 -68.65 20.33 35.34
N VAL L 295 -68.95 21.52 35.85
CA VAL L 295 -68.53 21.85 37.20
C VAL L 295 -69.29 21.03 38.23
N GLN L 296 -70.57 20.77 37.99
CA GLN L 296 -71.39 20.09 38.98
C GLN L 296 -71.43 18.59 38.80
N TYR L 297 -71.10 18.07 37.62
CA TYR L 297 -71.20 16.64 37.40
C TYR L 297 -69.85 15.93 37.35
N ILE L 298 -68.77 16.64 37.09
CA ILE L 298 -67.45 16.00 37.04
C ILE L 298 -66.51 16.73 37.98
N PRO L 299 -66.70 16.64 39.29
CA PRO L 299 -65.78 17.30 40.21
C PRO L 299 -64.41 16.68 40.24
N GLN L 300 -64.26 15.44 39.80
CA GLN L 300 -62.97 14.76 39.92
C GLN L 300 -61.94 15.27 38.92
N ARG L 301 -62.23 16.36 38.21
CA ARG L 301 -61.27 16.93 37.27
C ARG L 301 -61.21 18.44 37.45
N SER L 302 -60.08 19.01 37.06
CA SER L 302 -59.92 20.45 37.09
C SER L 302 -60.86 21.11 36.10
N LEU L 303 -61.24 22.36 36.39
CA LEU L 303 -62.18 23.08 35.54
C LEU L 303 -61.68 23.31 34.13
N PRO L 304 -60.52 23.94 33.91
CA PRO L 304 -60.18 24.40 32.55
C PRO L 304 -60.14 23.28 31.52
N ASP L 305 -59.57 22.12 31.86
CA ASP L 305 -59.49 21.07 30.87
C ASP L 305 -60.83 20.39 30.63
N LYS L 306 -61.58 20.12 31.70
CA LYS L 306 -62.84 19.42 31.52
C LYS L 306 -63.82 20.26 30.72
N ALA L 307 -63.85 21.57 30.96
CA ALA L 307 -64.75 22.41 30.19
C ALA L 307 -64.45 22.33 28.71
N ILE L 308 -63.17 22.25 28.36
CA ILE L 308 -62.78 22.16 26.96
C ILE L 308 -63.14 20.80 26.39
N ASP L 309 -62.84 19.73 27.12
CA ASP L 309 -63.06 18.39 26.60
C ASP L 309 -64.55 18.14 26.37
N LEU L 310 -65.39 18.65 27.26
CA LEU L 310 -66.82 18.51 27.05
C LEU L 310 -67.24 19.14 25.74
N VAL L 311 -66.75 20.35 25.47
CA VAL L 311 -67.08 21.02 24.22
C VAL L 311 -66.57 20.21 23.03
N ASP L 312 -65.35 19.69 23.15
CA ASP L 312 -64.75 18.96 22.05
C ASP L 312 -65.57 17.74 21.67
N VAL L 313 -65.90 16.90 22.66
CA VAL L 313 -66.70 15.72 22.39
C VAL L 313 -68.09 16.12 21.92
N THR L 314 -68.62 17.23 22.44
CA THR L 314 -69.90 17.72 21.97
C THR L 314 -69.86 17.97 20.47
N ALA L 315 -68.84 18.69 20.00
CA ALA L 315 -68.73 18.97 18.58
C ALA L 315 -68.56 17.69 17.78
N ALA L 316 -67.70 16.80 18.25
CA ALA L 316 -67.47 15.56 17.51
C ALA L 316 -68.77 14.79 17.33
N HIS L 317 -69.58 14.70 18.39
CA HIS L 317 -70.86 14.04 18.25
C HIS L 317 -71.78 14.80 17.32
N LEU L 318 -71.78 16.13 17.42
CA LEU L 318 -72.64 16.92 16.56
C LEU L 318 -72.24 16.82 15.11
N ALA L 319 -71.07 16.28 14.81
CA ALA L 319 -70.79 15.91 13.43
C ALA L 319 -71.83 14.92 12.92
N ALA L 320 -72.52 14.24 13.84
CA ALA L 320 -73.64 13.37 13.50
C ALA L 320 -73.25 12.29 12.52
N GLN L 321 -71.95 12.02 12.42
CA GLN L 321 -71.43 10.94 11.58
C GLN L 321 -71.87 11.12 10.13
N HIS L 322 -71.90 12.37 9.66
CA HIS L 322 -72.31 12.62 8.31
C HIS L 322 -71.24 12.18 7.31
N PRO L 323 -71.64 11.66 6.17
CA PRO L 323 -70.69 11.21 5.16
C PRO L 323 -70.15 12.40 4.36
N VAL L 324 -69.31 12.07 3.38
CA VAL L 324 -68.74 13.06 2.47
C VAL L 324 -68.82 12.63 1.02
N THR L 325 -69.32 11.43 0.75
CA THR L 325 -69.47 10.96 -0.62
C THR L 325 -70.34 11.89 -1.45
N ASP L 326 -71.32 12.54 -0.83
CA ASP L 326 -72.27 13.37 -1.57
C ASP L 326 -71.57 14.56 -2.20
N VAL L 327 -70.33 14.82 -1.80
CA VAL L 327 -69.47 15.76 -2.49
C VAL L 327 -68.25 15.05 -3.10
N HIS L 328 -67.87 13.92 -2.53
CA HIS L 328 -66.67 13.23 -2.98
C HIS L 328 -66.84 12.70 -4.41
N ALA L 329 -68.05 12.23 -4.73
CA ALA L 329 -68.32 11.77 -6.09
C ALA L 329 -68.07 12.86 -7.11
N VAL L 330 -68.54 14.07 -6.83
CA VAL L 330 -68.36 15.16 -7.78
C VAL L 330 -66.92 15.64 -7.77
N GLU L 331 -66.20 15.43 -6.68
CA GLU L 331 -64.76 15.67 -6.74
C GLU L 331 -64.12 14.74 -7.75
N ARG L 332 -64.50 13.46 -7.75
CA ARG L 332 -64.00 12.55 -8.78
C ARG L 332 -64.40 13.04 -10.17
N GLU L 333 -65.63 13.53 -10.31
CA GLU L 333 -66.08 14.04 -11.60
C GLU L 333 -65.21 15.19 -12.07
N ILE L 334 -64.90 16.12 -11.17
CA ILE L 334 -64.05 17.24 -11.52
C ILE L 334 -62.68 16.74 -11.94
N GLU L 335 -62.18 15.71 -11.27
CA GLU L 335 -60.89 15.15 -11.68
C GLU L 335 -60.94 14.62 -13.10
N THR L 336 -61.98 13.86 -13.44
CA THR L 336 -62.09 13.31 -14.78
C THR L 336 -62.21 14.41 -15.83
N GLU L 337 -63.05 15.40 -15.55
CA GLU L 337 -63.23 16.51 -16.49
C GLU L 337 -61.93 17.28 -16.66
N LYS L 338 -61.17 17.44 -15.58
CA LYS L 338 -59.88 18.10 -15.65
C LYS L 338 -58.92 17.33 -16.55
N ASP L 339 -58.91 16.01 -16.43
CA ASP L 339 -58.04 15.22 -17.29
C ASP L 339 -58.41 15.38 -18.76
N LYS L 340 -59.70 15.31 -19.07
CA LYS L 340 -60.13 15.51 -20.45
C LYS L 340 -59.78 16.92 -20.94
N GLN L 341 -59.90 17.91 -20.06
CA GLN L 341 -59.53 19.27 -20.41
C GLN L 341 -58.06 19.37 -20.76
N GLU L 342 -57.20 18.75 -19.97
CA GLU L 342 -55.78 18.73 -20.29
C GLU L 342 -55.53 18.05 -21.62
N LYS L 343 -56.23 16.94 -21.87
CA LYS L 343 -56.06 16.24 -23.14
C LYS L 343 -56.41 17.14 -24.31
N ALA L 344 -57.55 17.83 -24.23
CA ALA L 344 -57.94 18.72 -25.31
C ALA L 344 -56.97 19.88 -25.48
N VAL L 345 -56.44 20.40 -24.37
CA VAL L 345 -55.42 21.44 -24.46
C VAL L 345 -54.20 20.92 -25.20
N GLU L 346 -53.85 19.66 -24.98
CA GLU L 346 -52.74 19.09 -25.72
C GLU L 346 -52.98 19.18 -27.22
N ALA L 347 -54.21 18.95 -27.66
CA ALA L 347 -54.56 19.03 -29.07
C ALA L 347 -54.97 20.42 -29.50
N GLU L 348 -54.84 21.42 -28.62
CA GLU L 348 -55.06 22.83 -28.96
C GLU L 348 -56.45 23.07 -29.52
N ASP L 349 -57.44 22.39 -28.97
CA ASP L 349 -58.83 22.58 -29.36
C ASP L 349 -59.47 23.48 -28.29
N PHE L 350 -59.45 24.78 -28.57
CA PHE L 350 -59.71 25.75 -27.51
C PHE L 350 -61.18 25.80 -27.10
N GLU L 351 -62.09 25.53 -28.03
CA GLU L 351 -63.50 25.51 -27.67
C GLU L 351 -63.81 24.41 -26.65
N ALA L 352 -63.25 23.22 -26.86
CA ALA L 352 -63.49 22.12 -25.94
C ALA L 352 -62.89 22.42 -24.57
N ALA L 353 -61.67 22.97 -24.55
CA ALA L 353 -61.06 23.32 -23.28
C ALA L 353 -61.85 24.39 -22.55
N LEU L 354 -62.38 25.37 -23.29
CA LEU L 354 -63.21 26.39 -22.69
C LEU L 354 -64.48 25.80 -22.09
N ASN L 355 -65.11 24.87 -22.83
CA ASN L 355 -66.28 24.19 -22.29
C ASN L 355 -65.93 23.40 -21.04
N TYR L 356 -64.79 22.71 -21.06
CA TYR L 356 -64.36 21.96 -19.89
C TYR L 356 -64.13 22.88 -18.69
N LYS L 357 -63.52 24.04 -18.92
CA LYS L 357 -63.28 24.96 -17.82
C LYS L 357 -64.59 25.49 -17.26
N THR L 358 -65.56 25.76 -18.15
CA THR L 358 -66.87 26.19 -17.68
C THR L 358 -67.52 25.11 -16.83
N ARG L 359 -67.43 23.85 -17.26
CA ARG L 359 -68.01 22.77 -16.48
C ARG L 359 -67.28 22.60 -15.16
N ILE L 360 -65.97 22.82 -15.16
CA ILE L 360 -65.20 22.74 -13.93
C ILE L 360 -65.68 23.80 -12.94
N ALA L 361 -65.87 25.03 -13.42
CA ALA L 361 -66.39 26.08 -12.55
C ALA L 361 -67.77 25.68 -12.03
N GLU L 362 -68.63 25.16 -12.92
CA GLU L 362 -69.95 24.71 -12.53
C GLU L 362 -69.88 23.76 -11.34
N LEU L 363 -69.17 22.64 -11.52
CA LEU L 363 -69.09 21.64 -10.48
C LEU L 363 -68.44 22.20 -9.23
N GLU L 364 -67.46 23.08 -9.40
CA GLU L 364 -66.78 23.67 -8.26
C GLU L 364 -67.76 24.42 -7.37
N ARG L 365 -68.53 25.34 -7.95
CA ARG L 365 -69.39 26.12 -7.06
C ARG L 365 -70.57 25.29 -6.57
N LYS L 366 -70.91 24.22 -7.30
CA LYS L 366 -71.88 23.28 -6.73
C LYS L 366 -71.34 22.70 -5.44
N ILE L 367 -70.10 22.19 -5.49
CA ILE L 367 -69.46 21.62 -4.30
C ILE L 367 -69.37 22.67 -3.21
N GLU L 368 -69.10 23.91 -3.59
CA GLU L 368 -69.11 25.00 -2.62
C GLU L 368 -70.47 25.09 -1.94
N ASN L 369 -71.54 25.00 -2.71
CA ASN L 369 -72.89 25.06 -2.14
C ASN L 369 -73.11 23.92 -1.17
N HIS L 370 -72.71 22.70 -1.55
CA HIS L 370 -72.84 21.58 -0.61
C HIS L 370 -72.02 21.78 0.65
N THR L 371 -70.83 22.36 0.52
CA THR L 371 -69.95 22.50 1.67
C THR L 371 -70.59 23.37 2.73
N GLU L 372 -71.23 24.46 2.32
CA GLU L 372 -71.91 25.34 3.26
C GLU L 372 -73.21 24.74 3.76
N ASP L 373 -73.59 23.55 3.30
CA ASP L 373 -74.76 22.86 3.84
C ASP L 373 -74.35 22.13 5.13
N MET L 374 -73.97 22.94 6.11
CA MET L 374 -73.63 22.46 7.44
C MET L 374 -74.70 22.92 8.42
N LYS L 375 -75.06 22.02 9.33
CA LYS L 375 -76.04 22.32 10.35
C LYS L 375 -75.36 23.07 11.48
N VAL L 376 -75.96 24.20 11.87
CA VAL L 376 -75.44 25.01 12.94
C VAL L 376 -76.48 25.00 14.06
N THR L 377 -76.33 24.06 14.97
CA THR L 377 -77.28 23.87 16.06
C THR L 377 -76.50 23.51 17.31
N ALA L 378 -76.15 24.55 18.07
CA ALA L 378 -75.62 24.35 19.40
C ALA L 378 -76.75 24.47 20.41
N SER L 379 -77.05 23.37 21.08
CA SER L 379 -78.15 23.33 22.03
C SER L 379 -77.63 22.84 23.35
N VAL L 380 -78.14 23.43 24.43
CA VAL L 380 -77.83 22.92 25.76
C VAL L 380 -78.24 21.46 25.88
N ASN L 381 -79.32 21.07 25.20
CA ASN L 381 -79.79 19.69 25.25
C ASN L 381 -78.76 18.72 24.71
N ASP L 382 -78.15 19.04 23.57
CA ASP L 382 -77.15 18.17 22.96
C ASP L 382 -75.96 17.98 23.89
N VAL L 383 -75.49 19.07 24.50
CA VAL L 383 -74.49 18.97 25.53
C VAL L 383 -74.96 18.03 26.62
N ALA L 384 -76.25 18.09 26.95
CA ALA L 384 -76.77 17.23 28.00
C ALA L 384 -76.66 15.76 27.63
N GLU L 385 -77.04 15.39 26.41
CA GLU L 385 -76.92 13.98 26.05
C GLU L 385 -75.47 13.57 25.97
N SER L 386 -74.60 14.50 25.60
CA SER L 386 -73.17 14.21 25.65
C SER L 386 -72.76 13.87 27.08
N VAL L 387 -73.27 14.63 28.05
CA VAL L 387 -72.97 14.34 29.45
C VAL L 387 -73.50 12.96 29.81
N GLU L 388 -74.72 12.67 29.39
CA GLU L 388 -75.35 11.41 29.73
C GLU L 388 -74.52 10.25 29.20
N ARG L 389 -73.96 10.42 28.01
CA ARG L 389 -73.10 9.37 27.47
C ARG L 389 -71.81 9.30 28.24
N MET L 390 -71.38 10.44 28.76
CA MET L 390 -70.16 10.45 29.56
C MET L 390 -70.31 9.62 30.82
N THR L 391 -71.42 9.80 31.54
CA THR L 391 -71.57 9.23 32.87
C THR L 391 -72.69 8.21 32.97
N GLY L 392 -73.49 8.04 31.93
CA GLY L 392 -74.56 7.07 31.99
C GLY L 392 -75.76 7.49 32.82
N ILE L 393 -75.83 8.75 33.23
CA ILE L 393 -76.87 9.22 34.14
C ILE L 393 -77.81 10.13 33.39
N PRO L 394 -79.03 9.70 33.10
CA PRO L 394 -80.03 10.65 32.64
C PRO L 394 -80.31 11.65 33.74
N VAL L 395 -80.51 12.91 33.34
CA VAL L 395 -80.71 13.99 34.28
C VAL L 395 -82.12 14.52 34.07
N SER L 396 -82.96 14.34 35.08
CA SER L 396 -84.18 15.12 35.09
C SER L 396 -83.87 16.52 35.60
N GLN L 397 -84.67 17.48 35.15
CA GLN L 397 -84.52 18.89 35.52
C GLN L 397 -83.10 19.38 35.23
N MET L 398 -82.70 19.19 33.98
CA MET L 398 -81.40 19.65 33.53
C MET L 398 -81.29 21.16 33.65
N GLY L 399 -80.13 21.64 34.08
CA GLY L 399 -79.89 23.04 34.30
C GLY L 399 -80.39 23.57 35.63
N ALA L 400 -80.94 22.71 36.48
CA ALA L 400 -81.44 23.15 37.77
C ALA L 400 -80.32 23.75 38.60
N SER L 401 -80.68 24.71 39.44
CA SER L 401 -79.69 25.32 40.30
C SER L 401 -79.17 24.31 41.32
N ASP L 402 -77.94 24.54 41.79
CA ASP L 402 -77.46 23.80 42.94
C ASP L 402 -78.41 23.91 44.11
N ILE L 403 -79.04 25.07 44.27
CA ILE L 403 -80.02 25.23 45.34
C ILE L 403 -81.14 24.21 45.18
N GLU L 404 -81.61 24.05 43.95
CA GLU L 404 -82.60 23.01 43.68
C GLU L 404 -82.04 21.64 44.02
N ARG L 405 -80.85 21.33 43.51
CA ARG L 405 -80.33 19.97 43.56
C ARG L 405 -80.04 19.53 44.99
N LEU L 406 -79.46 20.40 45.79
CA LEU L 406 -79.08 20.05 47.14
C LEU L 406 -80.29 19.77 48.02
N LYS L 407 -81.47 20.25 47.64
CA LYS L 407 -82.70 19.89 48.33
C LYS L 407 -83.41 18.71 47.68
N ASP L 408 -83.31 18.58 46.36
CA ASP L 408 -84.00 17.50 45.68
C ASP L 408 -83.35 16.16 45.94
N MET L 409 -82.02 16.13 46.09
CA MET L 409 -81.35 14.89 46.41
C MET L 409 -81.86 14.28 47.72
N ALA L 410 -82.40 15.11 48.62
CA ALA L 410 -83.03 14.58 49.81
C ALA L 410 -84.09 13.55 49.46
N HIS L 411 -85.00 13.89 48.54
CA HIS L 411 -85.94 12.91 48.06
C HIS L 411 -85.30 11.86 47.16
N ARG L 412 -84.34 12.28 46.33
CA ARG L 412 -83.70 11.36 45.39
C ARG L 412 -83.20 10.12 46.11
N LEU L 413 -82.50 10.30 47.22
CA LEU L 413 -82.13 9.18 48.06
C LEU L 413 -83.30 8.69 48.90
N GLN L 414 -84.13 9.60 49.39
CA GLN L 414 -85.24 9.23 50.26
C GLN L 414 -86.20 8.29 49.55
N ASP L 415 -86.46 8.53 48.27
CA ASP L 415 -87.45 7.77 47.52
C ASP L 415 -86.87 6.50 46.91
N LYS L 416 -85.56 6.32 46.91
CA LYS L 416 -84.97 5.04 46.56
C LYS L 416 -84.72 4.17 47.77
N VAL L 417 -84.85 4.73 48.97
CA VAL L 417 -84.78 3.97 50.20
C VAL L 417 -86.14 4.04 50.86
N ILE L 418 -86.26 3.36 52.00
CA ILE L 418 -87.52 3.32 52.73
C ILE L 418 -87.28 3.86 54.14
N GLY L 419 -87.87 5.01 54.44
CA GLY L 419 -87.78 5.58 55.76
C GLY L 419 -86.34 5.84 56.18
N GLN L 420 -86.09 5.66 57.47
CA GLN L 420 -84.79 5.93 58.08
C GLN L 420 -84.33 7.35 57.75
N ASP L 421 -85.28 8.29 57.86
CA ASP L 421 -85.06 9.66 57.38
C ASP L 421 -83.91 10.36 58.11
N LYS L 422 -83.54 9.89 59.29
CA LYS L 422 -82.45 10.52 60.02
C LYS L 422 -81.16 10.47 59.23
N ALA L 423 -80.85 9.30 58.67
CA ALA L 423 -79.63 9.16 57.87
C ALA L 423 -79.67 10.06 56.65
N VAL L 424 -80.84 10.13 55.99
CA VAL L 424 -80.99 11.03 54.86
C VAL L 424 -80.69 12.46 55.27
N GLU L 425 -81.30 12.91 56.37
CA GLU L 425 -81.08 14.28 56.84
C GLU L 425 -79.60 14.56 57.09
N VAL L 426 -78.96 13.69 57.88
CA VAL L 426 -77.57 13.91 58.25
C VAL L 426 -76.68 13.94 57.03
N VAL L 427 -76.81 12.92 56.16
CA VAL L 427 -75.95 12.83 55.00
C VAL L 427 -76.16 14.03 54.08
N ALA L 428 -77.41 14.42 53.86
CA ALA L 428 -77.68 15.53 52.96
C ALA L 428 -77.08 16.82 53.49
N ARG L 429 -77.27 17.10 54.78
CA ARG L 429 -76.73 18.34 55.32
C ARG L 429 -75.20 18.34 55.27
N ALA L 430 -74.57 17.22 55.62
CA ALA L 430 -73.12 17.17 55.56
C ALA L 430 -72.62 17.37 54.13
N ILE L 431 -73.28 16.72 53.17
CA ILE L 431 -72.87 16.86 51.79
C ILE L 431 -73.00 18.30 51.34
N CYS L 432 -74.10 18.95 51.71
CA CYS L 432 -74.28 20.34 51.31
C CYS L 432 -73.19 21.22 51.91
N ARG L 433 -72.86 20.99 53.19
CA ARG L 433 -71.81 21.79 53.81
C ARG L 433 -70.49 21.64 53.07
N ASN L 434 -70.10 20.40 52.76
CA ASN L 434 -68.86 20.22 52.01
C ASN L 434 -68.95 20.85 50.63
N ARG L 435 -70.06 20.65 49.93
CA ARG L 435 -70.20 21.18 48.58
C ARG L 435 -70.20 22.70 48.58
N ALA L 436 -70.93 23.33 49.49
CA ALA L 436 -70.97 24.78 49.53
C ALA L 436 -69.69 25.38 50.10
N GLY L 437 -68.82 24.57 50.69
CA GLY L 437 -67.60 25.07 51.26
C GLY L 437 -67.76 25.84 52.56
N PHE L 438 -68.86 25.60 53.28
CA PHE L 438 -69.03 26.26 54.57
C PHE L 438 -68.04 25.75 55.60
N ASP L 439 -67.89 24.43 55.68
CA ASP L 439 -66.98 23.84 56.65
C ASP L 439 -65.54 24.22 56.34
N GLU L 440 -64.78 24.49 57.38
CA GLU L 440 -63.35 24.75 57.20
C GLU L 440 -62.68 23.51 56.65
N GLY L 441 -61.65 23.73 55.84
CA GLY L 441 -60.95 22.64 55.21
C GLY L 441 -60.11 21.85 56.19
N ASN L 442 -59.17 21.10 55.61
CA ASN L 442 -58.20 20.29 56.37
C ASN L 442 -58.88 19.18 57.16
N ARG L 443 -60.07 18.79 56.72
CA ARG L 443 -60.77 17.64 57.27
C ARG L 443 -61.33 16.83 56.12
N PRO L 444 -61.45 15.52 56.29
CA PRO L 444 -62.05 14.70 55.23
C PRO L 444 -63.51 15.06 55.03
N ILE L 445 -64.05 14.64 53.89
CA ILE L 445 -65.39 15.08 53.49
C ILE L 445 -66.42 14.63 54.51
N GLY L 446 -66.37 13.37 54.91
CA GLY L 446 -67.31 12.87 55.88
C GLY L 446 -66.86 11.52 56.38
N ASN L 447 -67.12 11.31 57.66
CA ASN L 447 -66.71 10.09 58.35
C ASN L 447 -67.89 9.66 59.21
N PHE L 448 -68.59 8.62 58.77
CA PHE L 448 -69.84 8.27 59.42
C PHE L 448 -69.90 6.79 59.76
N LEU L 449 -70.63 6.49 60.82
CA LEU L 449 -70.79 5.13 61.31
C LEU L 449 -72.26 4.75 61.21
N PHE L 450 -72.51 3.50 60.84
CA PHE L 450 -73.85 2.97 60.67
C PHE L 450 -73.91 1.60 61.33
N VAL L 451 -74.85 1.43 62.26
CA VAL L 451 -74.83 0.31 63.19
C VAL L 451 -76.20 -0.34 63.19
N GLY L 452 -76.28 -1.59 62.78
CA GLY L 452 -77.55 -2.29 62.73
C GLY L 452 -77.38 -3.65 62.07
N SER L 453 -78.53 -4.27 61.78
CA SER L 453 -78.53 -5.56 61.11
C SER L 453 -78.35 -5.40 59.60
N THR L 454 -78.19 -6.53 58.91
CA THR L 454 -77.91 -6.48 57.48
C THR L 454 -79.16 -6.23 56.66
N GLY L 455 -80.19 -7.05 56.85
CA GLY L 455 -81.38 -6.97 56.02
C GLY L 455 -82.19 -5.74 56.29
N VAL L 456 -81.57 -4.57 56.12
CA VAL L 456 -82.25 -3.30 56.35
C VAL L 456 -81.96 -2.39 55.16
N GLY L 457 -81.51 -2.97 54.06
CA GLY L 457 -80.82 -2.18 53.08
C GLY L 457 -79.54 -1.61 53.63
N LYS L 458 -78.76 -2.43 54.35
CA LYS L 458 -77.59 -1.92 55.05
C LYS L 458 -76.60 -1.28 54.08
N THR L 459 -76.61 -1.71 52.83
CA THR L 459 -75.71 -1.19 51.81
C THR L 459 -76.39 -0.16 50.92
N GLU L 460 -77.59 0.28 51.28
CA GLU L 460 -78.31 1.26 50.45
C GLU L 460 -77.48 2.49 50.17
N LEU L 461 -76.92 3.08 51.20
CA LEU L 461 -76.07 4.24 51.02
C LEU L 461 -74.75 3.92 50.35
N ALA L 462 -74.38 2.65 50.30
CA ALA L 462 -73.21 2.23 49.54
C ALA L 462 -73.47 2.21 48.04
N LYS L 463 -74.72 2.01 47.62
CA LYS L 463 -75.04 1.94 46.21
C LYS L 463 -75.68 3.23 45.69
N GLN L 464 -76.83 3.62 46.24
CA GLN L 464 -77.57 4.75 45.70
C GLN L 464 -76.92 6.08 46.03
N LEU L 465 -76.47 6.25 47.28
CA LEU L 465 -75.75 7.45 47.62
C LEU L 465 -74.50 7.58 46.78
N ALA L 466 -73.74 6.48 46.62
CA ALA L 466 -72.52 6.55 45.84
C ALA L 466 -72.82 6.95 44.40
N LEU L 467 -73.84 6.35 43.80
CA LEU L 467 -74.15 6.66 42.42
C LEU L 467 -74.59 8.10 42.26
N ASP L 468 -75.48 8.58 43.14
CA ASP L 468 -75.92 9.97 43.02
C ASP L 468 -74.77 10.93 43.25
N MET L 469 -73.89 10.62 44.19
CA MET L 469 -72.71 11.45 44.40
C MET L 469 -71.83 11.50 43.15
N PHE L 470 -71.64 10.37 42.48
CA PHE L 470 -70.58 10.28 41.49
C PHE L 470 -71.04 9.84 40.11
N GLY L 471 -72.31 10.01 39.77
CA GLY L 471 -72.77 9.59 38.47
C GLY L 471 -72.53 8.13 38.17
N THR L 472 -72.13 7.35 39.16
CA THR L 472 -71.94 5.92 39.03
C THR L 472 -71.71 5.37 40.43
N GLN L 473 -72.28 4.20 40.68
CA GLN L 473 -72.01 3.50 41.93
C GLN L 473 -70.59 2.99 42.02
N ASP L 474 -69.87 2.92 40.90
CA ASP L 474 -68.50 2.41 40.88
C ASP L 474 -67.53 3.51 41.34
N ALA L 475 -67.77 3.98 42.55
CA ALA L 475 -66.89 4.95 43.17
C ALA L 475 -66.60 4.57 44.62
N ILE L 476 -66.68 3.29 44.97
CA ILE L 476 -66.52 2.84 46.33
C ILE L 476 -65.59 1.64 46.36
N ILE L 477 -64.78 1.57 47.40
CA ILE L 477 -64.04 0.37 47.75
C ILE L 477 -64.43 -0.04 49.15
N ARG L 478 -64.82 -1.30 49.31
CA ARG L 478 -65.32 -1.80 50.58
C ARG L 478 -64.42 -2.92 51.09
N LEU L 479 -64.07 -2.81 52.37
CA LEU L 479 -63.36 -3.85 53.09
C LEU L 479 -64.17 -4.23 54.32
N ASP L 480 -64.48 -5.51 54.44
CA ASP L 480 -65.15 -6.05 55.60
C ASP L 480 -64.07 -6.30 56.64
N MET L 481 -63.85 -5.33 57.52
CA MET L 481 -62.60 -5.32 58.29
C MET L 481 -62.49 -6.56 59.15
N SER L 482 -63.61 -7.03 59.71
CA SER L 482 -63.57 -8.22 60.54
C SER L 482 -63.00 -9.40 59.78
N GLU L 483 -63.54 -9.69 58.60
CA GLU L 483 -63.00 -10.75 57.76
C GLU L 483 -61.70 -10.31 57.08
N TYR L 484 -61.48 -9.00 56.98
CA TYR L 484 -60.25 -8.49 56.37
C TYR L 484 -59.02 -9.02 57.07
N SER L 485 -58.99 -8.94 58.40
CA SER L 485 -57.76 -9.19 59.12
C SER L 485 -57.40 -10.67 59.11
N ASP L 486 -56.35 -10.99 59.85
CA ASP L 486 -55.86 -12.35 59.97
C ASP L 486 -56.18 -12.91 61.36
N ARG L 487 -56.86 -14.06 61.38
CA ARG L 487 -57.21 -14.66 62.67
C ARG L 487 -56.51 -16.01 62.89
N THR L 488 -56.76 -16.98 62.02
CA THR L 488 -56.23 -18.33 62.19
C THR L 488 -55.80 -18.88 60.84
N ALA L 489 -54.83 -19.79 60.85
CA ALA L 489 -54.22 -20.27 59.61
C ALA L 489 -55.22 -21.15 58.86
N VAL L 490 -56.18 -20.49 58.23
CA VAL L 490 -57.22 -21.14 57.47
C VAL L 490 -57.16 -20.64 56.04
N SER L 491 -57.63 -21.45 55.10
CA SER L 491 -57.41 -21.17 53.69
C SER L 491 -58.37 -20.12 53.14
N LYS L 492 -58.49 -19.01 53.85
CA LYS L 492 -59.18 -17.84 53.34
C LYS L 492 -58.33 -16.63 53.69
N LEU L 493 -57.35 -16.85 54.57
CA LEU L 493 -56.48 -15.79 55.05
C LEU L 493 -55.13 -16.38 55.42
N ILE L 494 -54.07 -15.67 55.04
CA ILE L 494 -52.70 -16.16 55.22
C ILE L 494 -51.84 -15.08 55.87
N GLY L 495 -51.03 -15.47 56.85
CA GLY L 495 -50.06 -14.56 57.43
C GLY L 495 -50.40 -14.14 58.85
N THR L 496 -50.16 -12.86 59.16
CA THR L 496 -50.47 -12.32 60.47
C THR L 496 -51.23 -11.01 60.29
N THR L 497 -52.10 -10.71 61.25
CA THR L 497 -52.91 -9.51 61.17
C THR L 497 -52.02 -8.28 61.07
N ALA L 498 -50.91 -8.27 61.79
CA ALA L 498 -49.90 -7.25 61.60
C ALA L 498 -49.52 -7.11 60.13
N GLY L 499 -49.19 -8.23 59.46
CA GLY L 499 -48.90 -8.17 58.05
C GLY L 499 -49.87 -7.31 57.27
N TYR L 500 -51.14 -7.31 57.68
CA TYR L 500 -52.15 -6.57 56.93
C TYR L 500 -51.83 -5.08 56.84
N VAL L 501 -51.44 -4.45 57.94
CA VAL L 501 -51.12 -3.03 57.84
C VAL L 501 -49.97 -2.83 56.84
N GLY L 502 -49.02 -3.77 56.82
CA GLY L 502 -47.95 -3.70 55.86
C GLY L 502 -48.47 -3.61 54.44
N TYR L 503 -49.42 -4.49 54.07
CA TYR L 503 -49.98 -4.40 52.73
C TYR L 503 -50.53 -3.01 52.46
N ASP L 504 -51.15 -2.42 53.47
CA ASP L 504 -51.83 -1.14 53.26
C ASP L 504 -50.84 -0.02 53.02
N ASP L 505 -49.57 -0.22 53.39
CA ASP L 505 -48.68 0.93 53.44
C ASP L 505 -47.50 0.81 52.47
N ASN L 506 -47.38 -0.30 51.74
CA ASN L 506 -46.28 -0.46 50.80
C ASN L 506 -46.72 -1.06 49.47
N SER L 507 -47.99 -1.46 49.34
CA SER L 507 -48.40 -2.28 48.21
C SER L 507 -49.59 -1.64 47.51
N ASN L 508 -49.76 -1.99 46.24
CA ASN L 508 -50.81 -1.42 45.40
C ASN L 508 -52.18 -2.01 45.77
N THR L 509 -52.55 -1.78 47.03
CA THR L 509 -53.84 -2.25 47.49
C THR L 509 -54.66 -1.13 48.12
N LEU L 510 -54.04 -0.26 48.92
CA LEU L 510 -54.81 0.80 49.55
C LEU L 510 -54.33 2.18 49.12
N THR L 511 -53.05 2.46 49.33
CA THR L 511 -52.52 3.76 48.95
C THR L 511 -52.53 3.99 47.45
N GLU L 512 -52.19 2.99 46.65
CA GLU L 512 -52.30 3.13 45.21
C GLU L 512 -53.68 3.65 44.84
N ARG L 513 -54.72 2.95 45.24
CA ARG L 513 -56.06 3.29 44.81
C ARG L 513 -56.53 4.65 45.30
N VAL L 514 -56.36 4.96 46.60
CA VAL L 514 -56.89 6.21 47.12
C VAL L 514 -56.27 7.41 46.43
N ARG L 515 -54.99 7.32 46.06
CA ARG L 515 -54.35 8.39 45.30
C ARG L 515 -54.83 8.43 43.87
N ARG L 516 -55.35 7.33 43.33
CA ARG L 516 -55.92 7.34 41.99
C ARG L 516 -57.26 8.03 41.91
N ASN L 517 -58.11 7.88 42.92
CA ASN L 517 -59.43 8.49 42.90
C ASN L 517 -59.63 9.24 44.21
N PRO L 518 -58.94 10.38 44.38
CA PRO L 518 -59.00 11.09 45.66
C PRO L 518 -60.40 11.52 46.06
N TYR L 519 -61.41 11.23 45.26
CA TYR L 519 -62.79 11.51 45.62
C TYR L 519 -63.57 10.26 46.01
N SER L 520 -62.99 9.08 45.84
CA SER L 520 -63.74 7.84 46.05
C SER L 520 -64.24 7.72 47.48
N ILE L 521 -65.12 6.74 47.69
CA ILE L 521 -65.69 6.46 49.00
C ILE L 521 -65.19 5.10 49.46
N ILE L 522 -64.81 5.01 50.71
CA ILE L 522 -64.30 3.77 51.28
C ILE L 522 -65.21 3.33 52.41
N LEU L 523 -65.53 2.05 52.41
CA LEU L 523 -66.52 1.46 53.30
C LEU L 523 -65.85 0.36 54.10
N LEU L 524 -66.06 0.36 55.41
CA LEU L 524 -65.46 -0.63 56.31
C LEU L 524 -66.58 -1.34 57.07
N ASP L 525 -66.84 -2.58 56.68
CA ASP L 525 -67.96 -3.32 57.24
C ASP L 525 -67.63 -3.82 58.65
N ALA L 526 -68.60 -3.66 59.56
CA ALA L 526 -68.62 -4.43 60.80
C ALA L 526 -67.29 -4.34 61.54
N ILE L 527 -66.99 -3.19 62.14
CA ILE L 527 -65.62 -2.89 62.54
C ILE L 527 -65.37 -2.96 64.04
N GLU L 528 -66.08 -3.77 64.83
CA GLU L 528 -65.57 -3.98 66.18
C GLU L 528 -64.17 -4.55 66.05
N LYS L 529 -63.96 -5.56 65.19
CA LYS L 529 -64.79 -6.76 65.08
C LYS L 529 -63.78 -7.86 64.85
N ALA L 530 -62.63 -7.44 64.34
CA ALA L 530 -61.55 -8.36 64.06
C ALA L 530 -60.43 -8.19 65.07
N ASP L 531 -59.35 -8.93 64.83
CA ASP L 531 -58.17 -8.83 65.69
C ASP L 531 -57.66 -7.40 65.84
N PRO L 532 -57.55 -6.60 64.78
CA PRO L 532 -56.94 -5.27 64.95
C PRO L 532 -57.88 -4.30 65.63
N GLN L 533 -57.34 -3.57 66.61
CA GLN L 533 -58.03 -2.42 67.20
C GLN L 533 -57.52 -1.13 66.56
N VAL L 534 -57.75 -1.04 65.25
CA VAL L 534 -57.20 0.07 64.46
C VAL L 534 -58.14 1.25 64.67
N ILE L 535 -57.85 2.02 65.71
CA ILE L 535 -58.51 3.29 65.94
C ILE L 535 -57.51 4.40 65.65
N THR L 536 -56.36 4.33 66.30
CA THR L 536 -55.39 5.40 66.22
C THR L 536 -54.72 5.51 64.86
N LEU L 537 -54.45 4.39 64.19
CA LEU L 537 -53.83 4.50 62.87
C LEU L 537 -54.71 5.31 61.93
N LEU L 538 -56.02 5.26 62.12
CA LEU L 538 -56.93 6.05 61.32
C LEU L 538 -56.97 7.52 61.76
N LEU L 539 -56.72 7.81 63.03
CA LEU L 539 -56.85 9.16 63.53
C LEU L 539 -56.07 10.16 62.69
N GLN L 540 -54.95 9.74 62.11
CA GLN L 540 -54.18 10.65 61.27
C GLN L 540 -55.04 11.28 60.19
N VAL L 541 -55.78 10.46 59.43
CA VAL L 541 -56.75 11.05 58.52
C VAL L 541 -57.90 11.65 59.31
N LEU L 542 -58.37 10.93 60.35
CA LEU L 542 -59.55 11.37 61.09
C LEU L 542 -59.31 12.74 61.72
N ASP L 543 -58.05 13.13 61.83
CA ASP L 543 -57.74 14.51 62.22
C ASP L 543 -57.61 15.42 61.01
N ASP L 544 -56.74 15.05 60.06
CA ASP L 544 -56.34 16.03 59.04
C ASP L 544 -56.29 15.45 57.63
N GLY L 545 -56.52 14.16 57.43
CA GLY L 545 -56.53 13.60 56.11
C GLY L 545 -55.18 13.34 55.51
N ARG L 546 -54.10 13.76 56.18
CA ARG L 546 -52.74 13.48 55.74
C ARG L 546 -52.25 12.27 56.50
N LEU L 547 -51.87 11.22 55.78
CA LEU L 547 -51.46 10.00 56.46
C LEU L 547 -50.29 9.36 55.72
N THR L 548 -49.28 8.95 56.47
CA THR L 548 -48.03 8.47 55.92
C THR L 548 -48.14 7.02 55.45
N ASP L 549 -47.30 6.68 54.48
CA ASP L 549 -47.26 5.33 53.96
C ASP L 549 -46.11 4.57 54.60
N GLY L 550 -45.84 3.38 54.09
CA GLY L 550 -44.68 2.62 54.53
C GLY L 550 -43.37 3.11 53.95
N GLN L 551 -43.40 4.19 53.18
CA GLN L 551 -42.18 4.81 52.67
C GLN L 551 -42.01 6.23 53.17
N GLY L 552 -42.91 6.72 54.01
CA GLY L 552 -42.85 8.08 54.48
C GLY L 552 -43.67 9.07 53.69
N ASN L 553 -44.11 8.71 52.49
CA ASN L 553 -44.95 9.61 51.70
C ASN L 553 -46.30 9.74 52.38
N THR L 554 -46.81 10.97 52.40
CA THR L 554 -48.11 11.26 52.97
C THR L 554 -49.13 11.35 51.85
N VAL L 555 -50.30 10.77 52.08
CA VAL L 555 -51.40 10.87 51.14
C VAL L 555 -52.48 11.70 51.78
N ASN L 556 -53.06 12.59 50.98
CA ASN L 556 -54.16 13.44 51.42
C ASN L 556 -55.46 12.64 51.29
N PHE L 557 -56.38 12.87 52.22
CA PHE L 557 -57.71 12.28 52.17
C PHE L 557 -58.78 13.35 52.19
N LYS L 558 -58.49 14.51 51.61
CA LYS L 558 -59.37 15.65 51.75
C LYS L 558 -60.73 15.41 51.12
N ASN L 559 -60.76 14.79 49.95
CA ASN L 559 -61.97 14.71 49.16
C ASN L 559 -62.62 13.34 49.19
N THR L 560 -62.36 12.55 50.22
CA THR L 560 -62.92 11.21 50.30
C THR L 560 -63.95 11.12 51.42
N VAL L 561 -64.75 10.06 51.35
CA VAL L 561 -65.74 9.76 52.36
C VAL L 561 -65.44 8.40 52.95
N ILE L 562 -65.51 8.29 54.27
CA ILE L 562 -65.31 7.04 54.99
C ILE L 562 -66.59 6.68 55.70
N ILE L 563 -67.12 5.51 55.40
CA ILE L 563 -68.32 5.00 56.03
C ILE L 563 -68.01 3.64 56.61
N ALA L 564 -68.32 3.44 57.89
CA ALA L 564 -68.05 2.18 58.55
C ALA L 564 -69.32 1.70 59.25
N THR L 565 -69.43 0.37 59.40
CA THR L 565 -70.65 -0.25 59.88
C THR L 565 -70.37 -1.09 61.12
N SER L 566 -71.45 -1.49 61.78
CA SER L 566 -71.35 -2.26 63.02
C SER L 566 -72.70 -2.92 63.31
N ASN L 567 -72.76 -3.63 64.43
CA ASN L 567 -73.93 -4.41 64.85
C ASN L 567 -74.64 -3.67 65.97
N ALA L 568 -75.92 -3.38 65.78
CA ALA L 568 -76.74 -2.74 66.81
C ALA L 568 -77.61 -3.71 67.58
N GLY L 569 -77.18 -4.95 67.72
CA GLY L 569 -78.08 -6.00 68.15
C GLY L 569 -78.96 -6.43 67.00
N PHE L 570 -79.87 -7.36 67.31
CA PHE L 570 -80.74 -7.91 66.28
C PHE L 570 -81.99 -8.50 66.93
N GLY L 571 -83.11 -8.33 66.25
CA GLY L 571 -84.35 -8.94 66.69
C GLY L 571 -84.56 -10.27 66.00
N TYR L 572 -85.68 -10.44 65.32
CA TYR L 572 -86.73 -9.43 65.30
C TYR L 572 -88.03 -10.07 65.74
N GLU L 573 -88.77 -9.38 66.61
CA GLU L 573 -89.97 -9.94 67.22
C GLU L 573 -91.33 -9.35 66.82
N ALA L 574 -91.48 -8.58 65.72
CA ALA L 574 -90.47 -8.07 64.79
C ALA L 574 -89.94 -6.74 65.28
N ASN L 575 -90.86 -5.81 65.52
CA ASN L 575 -90.51 -4.48 65.99
C ASN L 575 -90.65 -4.33 67.51
N LEU L 576 -91.03 -5.39 68.22
CA LEU L 576 -91.17 -5.29 69.67
C LEU L 576 -89.81 -5.15 70.36
N THR L 577 -88.75 -5.71 69.77
CA THR L 577 -87.39 -5.54 70.29
C THR L 577 -86.46 -4.94 69.24
N GLU L 578 -87.00 -4.27 68.22
CA GLU L 578 -86.15 -3.60 67.24
C GLU L 578 -85.39 -2.44 67.87
N ASP L 579 -85.99 -1.78 68.86
CA ASP L 579 -85.32 -0.68 69.56
C ASP L 579 -86.02 -0.51 70.91
N ALA L 580 -85.33 -0.89 71.99
CA ALA L 580 -85.92 -0.82 73.33
C ALA L 580 -85.67 0.53 73.98
N ASP L 581 -84.45 1.05 73.86
CA ASP L 581 -84.11 2.36 74.41
C ASP L 581 -82.81 2.83 73.75
N LYS L 582 -82.56 4.15 73.88
CA LYS L 582 -81.35 4.72 73.29
C LYS L 582 -80.07 4.14 73.91
N PRO L 583 -79.92 4.03 75.23
CA PRO L 583 -78.68 3.44 75.76
C PRO L 583 -78.61 1.93 75.63
N GLU L 584 -79.75 1.26 75.39
CA GLU L 584 -79.76 -0.15 74.98
C GLU L 584 -78.80 -0.40 73.84
N LEU L 585 -78.36 0.66 73.18
CA LEU L 585 -77.32 0.61 72.17
C LEU L 585 -75.96 1.06 72.68
N MET L 586 -75.80 2.33 73.05
CA MET L 586 -74.45 2.84 73.32
C MET L 586 -73.81 2.11 74.49
N ASP L 587 -74.58 1.83 75.54
CA ASP L 587 -73.98 1.23 76.73
C ASP L 587 -73.40 -0.13 76.39
N ARG L 588 -74.08 -0.88 75.53
CA ARG L 588 -73.50 -2.10 75.00
C ARG L 588 -72.30 -1.81 74.13
N LEU L 589 -72.38 -0.79 73.28
CA LEU L 589 -71.27 -0.48 72.39
C LEU L 589 -70.08 0.11 73.14
N LYS L 590 -70.27 0.57 74.38
CA LYS L 590 -69.10 1.06 75.11
C LYS L 590 -68.02 -0.01 75.28
N PRO L 591 -68.33 -1.24 75.73
CA PRO L 591 -67.32 -2.31 75.63
C PRO L 591 -67.08 -2.80 74.22
N PHE L 592 -67.92 -2.42 73.26
CA PHE L 592 -67.77 -2.86 71.88
C PHE L 592 -66.97 -1.87 71.05
N PHE L 593 -67.37 -0.59 71.07
CA PHE L 593 -66.64 0.47 70.39
C PHE L 593 -66.04 1.39 71.43
N ARG L 594 -64.76 1.68 71.28
CA ARG L 594 -64.06 2.54 72.21
C ARG L 594 -64.67 3.95 72.16
N PRO L 595 -64.95 4.56 73.31
CA PRO L 595 -65.62 5.87 73.29
C PRO L 595 -64.88 6.93 72.49
N GLU L 596 -63.55 6.90 72.53
CA GLU L 596 -62.78 7.86 71.73
C GLU L 596 -63.03 7.68 70.24
N PHE L 597 -63.04 6.44 69.74
CA PHE L 597 -63.33 6.20 68.34
C PHE L 597 -64.73 6.64 67.98
N LEU L 598 -65.66 6.55 68.93
CA LEU L 598 -66.97 7.13 68.74
C LEU L 598 -66.90 8.63 68.58
N ASN L 599 -66.18 9.31 69.47
CA ASN L 599 -66.16 10.77 69.49
C ASN L 599 -65.50 11.37 68.26
N ARG L 600 -64.78 10.59 67.47
CA ARG L 600 -64.10 11.09 66.28
C ARG L 600 -65.03 11.28 65.10
N PHE L 601 -66.22 10.71 65.13
CA PHE L 601 -67.04 10.68 63.92
C PHE L 601 -67.93 11.91 63.80
N ASN L 602 -68.27 12.24 62.56
CA ASN L 602 -69.27 13.26 62.32
C ASN L 602 -70.62 12.85 62.90
N ALA L 603 -70.99 11.58 62.73
CA ALA L 603 -72.22 11.04 63.29
C ALA L 603 -72.26 9.54 63.16
N VAL L 604 -73.10 8.93 63.99
CA VAL L 604 -73.45 7.52 63.88
C VAL L 604 -74.96 7.43 63.72
N ILE L 605 -75.40 6.50 62.88
CA ILE L 605 -76.80 6.25 62.60
C ILE L 605 -77.02 4.75 62.77
N GLU L 606 -78.28 4.36 63.00
CA GLU L 606 -78.56 2.97 63.30
C GLU L 606 -79.58 2.39 62.32
N PHE L 607 -79.55 1.07 62.18
CA PHE L 607 -80.50 0.32 61.39
C PHE L 607 -81.31 -0.57 62.32
N SER L 608 -82.38 -0.01 62.87
CA SER L 608 -83.32 -0.77 63.70
C SER L 608 -84.60 -1.09 62.94
N HIS L 609 -84.64 -0.86 61.64
CA HIS L 609 -85.90 -0.74 60.94
C HIS L 609 -86.27 -2.06 60.24
N LEU L 610 -87.34 -2.68 60.74
CA LEU L 610 -87.85 -3.90 60.12
C LEU L 610 -89.28 -4.10 60.60
N THR L 611 -90.24 -4.01 59.68
CA THR L 611 -91.66 -4.00 60.02
C THR L 611 -92.42 -4.70 58.91
N LYS L 612 -93.72 -4.41 58.81
CA LYS L 612 -94.56 -5.01 57.77
C LYS L 612 -95.38 -4.01 56.95
N GLU L 613 -95.80 -2.90 57.54
CA GLU L 613 -96.67 -1.96 56.83
C GLU L 613 -95.93 -1.20 55.73
N ASP L 614 -94.65 -0.91 55.94
CA ASP L 614 -93.87 -0.12 55.00
C ASP L 614 -93.20 -1.00 53.96
N LEU L 615 -93.44 -2.31 54.00
CA LEU L 615 -92.75 -3.26 53.16
C LEU L 615 -93.48 -3.52 51.86
N SER L 616 -94.70 -3.03 51.70
CA SER L 616 -95.34 -3.05 50.39
C SER L 616 -94.57 -2.19 49.41
N LYS L 617 -93.97 -1.10 49.91
CA LYS L 617 -93.22 -0.20 49.05
C LYS L 617 -92.04 -0.92 48.42
N ILE L 618 -91.29 -1.68 49.20
CA ILE L 618 -90.22 -2.47 48.60
C ILE L 618 -90.81 -3.53 47.67
N VAL L 619 -92.02 -4.00 47.97
CA VAL L 619 -92.66 -4.99 47.11
C VAL L 619 -92.83 -4.44 45.70
N ASP L 620 -93.43 -3.25 45.57
CA ASP L 620 -93.61 -2.74 44.21
C ASP L 620 -92.29 -2.26 43.64
N LEU L 621 -91.29 -2.01 44.49
CA LEU L 621 -89.96 -1.76 43.95
C LEU L 621 -89.42 -2.98 43.20
N MET L 622 -89.45 -4.14 43.84
CA MET L 622 -89.05 -5.35 43.12
C MET L 622 -89.97 -5.65 41.95
N LEU L 623 -91.26 -5.36 42.07
CA LEU L 623 -92.13 -5.57 40.92
C LEU L 623 -91.70 -4.69 39.75
N ALA L 624 -91.29 -3.46 40.05
CA ALA L 624 -90.77 -2.57 39.04
C ALA L 624 -89.54 -3.17 38.37
N GLU L 625 -88.59 -3.67 39.16
CA GLU L 625 -87.40 -4.20 38.51
C GLU L 625 -87.73 -5.46 37.72
N VAL L 626 -88.70 -6.23 38.19
CA VAL L 626 -89.10 -7.44 37.45
C VAL L 626 -89.62 -7.05 36.08
N ASN L 627 -90.55 -6.08 36.02
CA ASN L 627 -91.06 -5.68 34.73
C ASN L 627 -89.98 -5.02 33.89
N GLN L 628 -89.04 -4.32 34.53
CA GLN L 628 -87.89 -3.78 33.81
C GLN L 628 -87.09 -4.89 33.15
N THR L 629 -86.82 -5.96 33.88
CA THR L 629 -86.11 -7.10 33.31
C THR L 629 -86.89 -7.71 32.16
N LEU L 630 -88.20 -7.85 32.34
CA LEU L 630 -89.04 -8.41 31.30
C LEU L 630 -89.03 -7.54 30.05
N ALA L 631 -88.80 -6.23 30.21
CA ALA L 631 -88.85 -5.33 29.07
C ALA L 631 -87.83 -5.72 28.01
N LYS L 632 -86.80 -6.48 28.38
CA LYS L 632 -85.83 -6.93 27.39
C LYS L 632 -86.49 -7.79 26.32
N LYS L 633 -87.49 -8.58 26.70
CA LYS L 633 -88.20 -9.45 25.77
C LYS L 633 -89.57 -8.91 25.41
N ASP L 634 -89.82 -7.62 25.64
CA ASP L 634 -91.07 -6.97 25.27
C ASP L 634 -92.25 -7.57 26.02
N ILE L 635 -92.02 -7.96 27.27
CA ILE L 635 -93.01 -8.65 28.07
C ILE L 635 -93.39 -7.76 29.24
N ASP L 636 -94.69 -7.65 29.50
CA ASP L 636 -95.21 -6.85 30.59
C ASP L 636 -96.01 -7.76 31.52
N LEU L 637 -95.70 -7.69 32.82
CA LEU L 637 -96.41 -8.47 33.83
C LEU L 637 -97.24 -7.53 34.69
N VAL L 638 -98.48 -7.93 34.96
CA VAL L 638 -99.35 -7.21 35.88
C VAL L 638 -99.50 -8.04 37.14
N VAL L 639 -99.53 -7.37 38.29
CA VAL L 639 -99.62 -8.04 39.59
C VAL L 639 -100.85 -7.53 40.31
N SER L 640 -101.66 -8.46 40.81
CA SER L 640 -102.83 -8.10 41.59
C SER L 640 -102.43 -7.67 42.99
N GLN L 641 -103.28 -6.84 43.60
CA GLN L 641 -103.03 -6.40 44.97
C GLN L 641 -103.07 -7.56 45.94
N ALA L 642 -104.00 -8.50 45.75
CA ALA L 642 -104.05 -9.68 46.61
C ALA L 642 -102.76 -10.48 46.52
N ALA L 643 -102.20 -10.58 45.31
CA ALA L 643 -100.89 -11.21 45.17
C ALA L 643 -99.85 -10.48 45.98
N LYS L 644 -99.89 -9.14 45.97
CA LYS L 644 -98.97 -8.37 46.77
C LYS L 644 -99.11 -8.68 48.25
N ASP L 645 -100.36 -8.75 48.73
CA ASP L 645 -100.59 -9.04 50.14
C ASP L 645 -100.06 -10.41 50.51
N TYR L 646 -100.31 -11.40 49.64
CA TYR L 646 -99.81 -12.74 49.92
C TYR L 646 -98.29 -12.78 49.90
N ILE L 647 -97.66 -12.09 48.95
CA ILE L 647 -96.20 -12.05 48.91
C ILE L 647 -95.66 -11.44 50.19
N THR L 648 -96.24 -10.33 50.62
CA THR L 648 -95.82 -9.73 51.88
C THR L 648 -95.92 -10.73 53.02
N GLU L 649 -97.07 -11.40 53.13
CA GLU L 649 -97.25 -12.37 54.21
C GLU L 649 -96.23 -13.49 54.11
N GLU L 650 -95.89 -13.91 52.90
CA GLU L 650 -94.85 -14.92 52.72
C GLU L 650 -93.51 -14.43 53.22
N GLY L 651 -93.08 -13.26 52.78
CA GLY L 651 -91.81 -12.70 53.16
C GLY L 651 -91.75 -12.16 54.57
N TYR L 652 -92.88 -12.11 55.27
CA TYR L 652 -92.86 -11.60 56.63
C TYR L 652 -92.35 -12.65 57.61
N ASP L 653 -91.20 -13.24 57.29
CA ASP L 653 -90.39 -13.92 58.29
C ASP L 653 -89.62 -12.84 59.02
N GLU L 654 -90.38 -11.93 59.65
CA GLU L 654 -89.84 -10.70 60.20
C GLU L 654 -89.05 -11.01 61.46
N VAL L 655 -87.94 -11.73 61.27
CA VAL L 655 -87.07 -12.10 62.36
C VAL L 655 -85.65 -11.57 62.21
N MET L 656 -85.15 -11.40 60.99
CA MET L 656 -83.81 -10.85 60.80
C MET L 656 -83.78 -9.70 59.80
N GLY L 657 -84.51 -9.80 58.70
CA GLY L 657 -84.39 -8.80 57.66
C GLY L 657 -85.26 -9.15 56.47
N VAL L 658 -84.94 -8.51 55.33
CA VAL L 658 -85.79 -8.52 54.15
C VAL L 658 -85.22 -9.38 53.03
N ARG L 659 -84.20 -10.18 53.30
CA ARG L 659 -83.72 -11.10 52.26
C ARG L 659 -84.79 -12.07 51.79
N PRO L 660 -85.53 -12.75 52.66
CA PRO L 660 -86.63 -13.60 52.17
C PRO L 660 -87.71 -12.82 51.45
N LEU L 661 -87.85 -11.52 51.72
CA LEU L 661 -88.84 -10.75 51.00
C LEU L 661 -88.54 -10.71 49.52
N ARG L 662 -87.27 -10.54 49.16
CA ARG L 662 -86.84 -10.75 47.79
C ARG L 662 -86.90 -12.22 47.38
N ARG L 663 -86.55 -13.10 48.30
CA ARG L 663 -86.41 -14.52 47.96
C ARG L 663 -87.73 -15.11 47.47
N VAL L 664 -88.85 -14.71 48.09
CA VAL L 664 -90.14 -15.31 47.77
C VAL L 664 -90.58 -15.02 46.34
N VAL L 665 -90.08 -13.95 45.73
CA VAL L 665 -90.26 -13.72 44.30
C VAL L 665 -89.00 -13.99 43.51
N GLU L 666 -87.92 -14.40 44.17
CA GLU L 666 -86.64 -14.58 43.51
C GLU L 666 -86.72 -15.61 42.40
N GLN L 667 -87.58 -16.61 42.58
CA GLN L 667 -87.75 -17.65 41.58
C GLN L 667 -89.21 -17.96 41.28
N GLU L 668 -90.11 -17.74 42.23
CA GLU L 668 -91.49 -18.20 42.09
C GLU L 668 -92.17 -17.50 40.93
N ILE L 669 -91.95 -16.20 40.78
CA ILE L 669 -92.52 -15.48 39.67
C ILE L 669 -91.89 -15.95 38.35
N ARG L 670 -90.57 -15.99 38.33
CA ARG L 670 -89.86 -16.29 37.09
C ARG L 670 -89.99 -17.76 36.71
N ASP L 671 -90.25 -18.63 37.69
CA ASP L 671 -90.55 -20.02 37.35
C ASP L 671 -91.83 -20.14 36.55
N LYS L 672 -92.88 -19.44 36.98
CA LYS L 672 -94.10 -19.39 36.18
C LYS L 672 -93.85 -18.76 34.83
N VAL L 673 -93.08 -17.67 34.80
CA VAL L 673 -92.78 -16.99 33.55
C VAL L 673 -92.07 -17.94 32.59
N THR L 674 -91.24 -18.83 33.13
CA THR L 674 -90.58 -19.83 32.31
C THR L 674 -91.58 -20.61 31.48
N ASP L 675 -92.59 -21.18 32.14
CA ASP L 675 -93.56 -22.00 31.43
C ASP L 675 -94.46 -21.16 30.53
N PHE L 676 -94.84 -19.98 30.97
CA PHE L 676 -95.67 -19.13 30.11
C PHE L 676 -94.91 -18.70 28.87
N HIS L 677 -93.57 -18.62 28.95
CA HIS L 677 -92.79 -18.24 27.79
C HIS L 677 -92.73 -19.34 26.74
N LEU L 678 -93.03 -20.58 27.13
CA LEU L 678 -93.17 -21.64 26.14
C LEU L 678 -94.29 -21.36 25.17
N ASP L 679 -95.23 -20.50 25.54
CA ASP L 679 -96.24 -19.98 24.65
C ASP L 679 -95.58 -18.93 23.74
N HIS L 680 -96.15 -18.59 22.57
CA HIS L 680 -97.57 -18.57 22.16
C HIS L 680 -98.25 -17.62 23.12
N LEU L 681 -97.53 -16.55 23.45
CA LEU L 681 -97.79 -15.76 24.65
C LEU L 681 -98.17 -14.33 24.29
N ASP L 682 -99.25 -13.85 24.88
CA ASP L 682 -99.60 -12.43 24.85
C ASP L 682 -98.80 -11.75 25.96
N ALA L 683 -97.64 -11.22 25.58
CA ALA L 683 -96.77 -10.61 26.58
C ALA L 683 -97.43 -9.42 27.28
N LYS L 684 -98.39 -8.78 26.62
CA LYS L 684 -99.09 -7.63 27.18
C LYS L 684 -100.12 -8.04 28.22
N HIS L 685 -100.61 -9.27 28.16
CA HIS L 685 -101.76 -9.71 28.94
C HIS L 685 -101.41 -10.31 30.29
N LEU L 686 -100.14 -10.65 30.52
CA LEU L 686 -99.78 -11.44 31.69
C LEU L 686 -100.14 -10.70 32.98
N GLU L 687 -101.17 -11.20 33.65
CA GLU L 687 -101.60 -10.66 34.93
C GLU L 687 -101.56 -11.77 35.96
N ALA L 688 -100.93 -11.50 37.10
CA ALA L 688 -100.71 -12.50 38.14
C ALA L 688 -101.65 -12.25 39.31
N ASP L 689 -102.28 -13.33 39.78
CA ASP L 689 -103.14 -13.29 40.95
C ASP L 689 -102.87 -14.55 41.79
N MET L 690 -103.66 -14.69 42.85
CA MET L 690 -103.41 -15.67 43.90
C MET L 690 -104.60 -16.59 44.08
N GLU L 691 -104.33 -17.89 44.09
CA GLU L 691 -105.35 -18.91 44.36
C GLU L 691 -104.80 -19.79 45.47
N ASP L 692 -105.18 -19.50 46.72
CA ASP L 692 -104.82 -20.33 47.86
C ASP L 692 -103.30 -20.49 47.98
N GLY L 693 -102.59 -19.39 47.79
CA GLY L 693 -101.15 -19.40 47.85
C GLY L 693 -100.47 -19.89 46.59
N VAL L 694 -101.21 -20.07 45.51
CA VAL L 694 -100.62 -20.52 44.25
C VAL L 694 -100.70 -19.39 43.23
N LEU L 695 -99.58 -19.10 42.58
CA LEU L 695 -99.51 -18.03 41.59
C LEU L 695 -100.22 -18.46 40.32
N VAL L 696 -101.17 -17.65 39.86
CA VAL L 696 -101.94 -17.96 38.67
C VAL L 696 -101.90 -16.74 37.75
N ILE L 697 -101.34 -16.92 36.56
CA ILE L 697 -101.14 -15.82 35.64
C ILE L 697 -101.94 -16.10 34.38
N ARG L 698 -102.59 -15.06 33.86
CA ARG L 698 -103.27 -15.15 32.57
C ARG L 698 -102.81 -14.02 31.67
N LEU M 76 -1.74 25.85 35.56
CA LEU M 76 -2.88 25.51 36.41
C LEU M 76 -4.11 25.32 35.54
N ALA M 77 -5.18 26.04 35.87
CA ALA M 77 -6.34 26.18 35.01
C ALA M 77 -6.89 24.83 34.56
N LYS M 78 -6.82 23.83 35.44
CA LYS M 78 -7.34 22.50 35.16
C LYS M 78 -8.29 22.13 36.30
N LEU M 79 -9.59 22.29 36.05
CA LEU M 79 -10.62 22.00 37.05
C LEU M 79 -10.37 22.79 38.33
N GLY M 80 -9.95 24.04 38.19
CA GLY M 80 -9.65 24.82 39.37
C GLY M 80 -9.33 26.25 39.00
N ARG M 81 -9.03 27.03 40.04
CA ARG M 81 -8.78 28.45 39.87
C ARG M 81 -7.67 28.91 40.79
N ASN M 82 -6.79 29.75 40.26
CA ASN M 82 -5.73 30.36 41.04
C ASN M 82 -6.27 31.60 41.72
N LEU M 83 -6.53 31.51 43.03
CA LEU M 83 -7.02 32.67 43.76
C LEU M 83 -5.96 33.75 43.91
N THR M 84 -4.69 33.35 44.02
CA THR M 84 -3.63 34.34 44.12
C THR M 84 -3.56 35.21 42.87
N ALA M 85 -3.74 34.59 41.70
CA ALA M 85 -3.71 35.34 40.46
C ALA M 85 -4.77 36.43 40.45
N GLU M 86 -5.99 36.09 40.86
CA GLU M 86 -7.04 37.10 40.97
C GLU M 86 -6.68 38.15 42.01
N ALA M 87 -6.05 37.71 43.10
CA ALA M 87 -5.68 38.63 44.17
C ALA M 87 -4.73 39.70 43.66
N ARG M 88 -3.75 39.30 42.84
CA ARG M 88 -2.82 40.28 42.29
C ARG M 88 -3.55 41.36 41.51
N GLU M 89 -4.60 40.97 40.81
CA GLU M 89 -5.35 41.87 39.95
C GLU M 89 -6.25 42.81 40.74
N GLY M 90 -6.43 42.58 42.04
CA GLY M 90 -7.38 43.37 42.80
C GLY M 90 -8.82 43.04 42.50
N LYS M 91 -9.09 41.86 41.96
CA LYS M 91 -10.43 41.45 41.57
C LYS M 91 -11.25 40.91 42.73
N LEU M 92 -10.70 40.88 43.93
CA LEU M 92 -11.32 40.20 45.05
C LEU M 92 -11.70 41.19 46.14
N ASP M 93 -12.86 40.99 46.73
CA ASP M 93 -13.39 41.94 47.69
C ASP M 93 -12.56 41.91 48.97
N PRO M 94 -12.41 43.04 49.65
CA PRO M 94 -11.70 43.04 50.93
C PRO M 94 -12.46 42.23 51.98
N VAL M 95 -11.72 41.40 52.71
CA VAL M 95 -12.29 40.58 53.76
C VAL M 95 -12.22 41.36 55.07
N ILE M 96 -13.34 41.43 55.77
CA ILE M 96 -13.53 42.40 56.84
C ILE M 96 -13.77 41.67 58.16
N GLY M 97 -13.07 42.10 59.20
CA GLY M 97 -13.36 41.66 60.55
C GLY M 97 -12.91 40.28 60.91
N ARG M 98 -11.99 39.69 60.14
CA ARG M 98 -11.58 38.32 60.37
C ARG M 98 -10.16 38.21 60.88
N ASN M 99 -9.65 39.27 61.51
CA ASN M 99 -8.21 39.46 61.64
C ASN M 99 -7.47 38.24 62.17
N LYS M 100 -7.61 37.94 63.46
CA LYS M 100 -6.79 36.87 64.00
C LYS M 100 -7.12 35.56 63.32
N GLU M 101 -8.41 35.29 63.11
CA GLU M 101 -8.83 34.01 62.55
C GLU M 101 -8.12 33.71 61.24
N ILE M 102 -7.71 34.74 60.49
CA ILE M 102 -7.03 34.38 59.25
C ILE M 102 -5.57 34.10 59.51
N GLN M 103 -4.89 35.00 60.21
CA GLN M 103 -3.44 34.90 60.28
C GLN M 103 -3.03 33.88 61.32
N GLU M 104 -3.92 33.56 62.26
CA GLU M 104 -3.73 32.37 63.07
C GLU M 104 -3.51 31.15 62.20
N ALA M 105 -4.18 31.08 61.04
CA ALA M 105 -3.97 29.98 60.12
C ALA M 105 -2.51 29.83 59.73
N SER M 106 -1.84 30.96 59.47
CA SER M 106 -0.42 30.88 59.14
C SER M 106 0.38 30.17 60.22
N GLU M 107 -0.03 30.30 61.48
CA GLU M 107 0.68 29.68 62.57
C GLU M 107 0.69 28.16 62.47
N ILE M 108 -0.19 27.58 61.65
CA ILE M 108 -0.13 26.16 61.36
C ILE M 108 0.74 25.88 60.14
N LEU M 109 0.58 26.69 59.09
CA LEU M 109 1.27 26.39 57.83
C LEU M 109 2.77 26.52 57.97
N SER M 110 3.24 27.39 58.85
CA SER M 110 4.67 27.64 58.97
C SER M 110 5.44 26.46 59.52
N ARG M 111 4.77 25.44 60.01
CA ARG M 111 5.47 24.31 60.61
C ARG M 111 5.99 23.36 59.53
N ARG M 112 7.02 22.59 59.90
CA ARG M 112 7.58 21.61 58.99
C ARG M 112 6.64 20.41 58.84
N THR M 113 6.07 19.93 59.94
CA THR M 113 5.04 18.91 59.92
C THR M 113 3.81 19.43 60.63
N LYS M 114 2.79 18.60 60.70
CA LYS M 114 1.54 18.94 61.36
C LYS M 114 1.04 20.29 60.85
N ASN M 115 0.72 20.32 59.57
CA ASN M 115 0.58 21.56 58.82
C ASN M 115 -0.59 21.51 57.86
N ASN M 116 -1.73 20.99 58.32
CA ASN M 116 -2.92 20.82 57.50
C ASN M 116 -4.10 21.38 58.27
N PRO M 117 -4.29 22.70 58.24
CA PRO M 117 -5.41 23.29 58.96
C PRO M 117 -6.71 23.19 58.18
N VAL M 118 -7.79 22.90 58.89
CA VAL M 118 -9.13 22.91 58.33
C VAL M 118 -10.00 23.83 59.16
N LEU M 119 -10.83 24.61 58.47
CA LEU M 119 -11.73 25.55 59.12
C LEU M 119 -13.02 24.82 59.45
N VAL M 120 -13.44 24.89 60.70
CA VAL M 120 -14.61 24.15 61.16
C VAL M 120 -15.67 25.14 61.60
N GLY M 121 -16.92 24.85 61.26
CA GLY M 121 -18.01 25.70 61.66
C GLY M 121 -19.22 25.46 60.78
N ASP M 122 -20.31 26.13 61.12
CA ASP M 122 -21.54 25.98 60.36
C ASP M 122 -21.48 26.80 59.08
N ALA M 123 -22.35 26.45 58.13
CA ALA M 123 -22.37 27.10 56.83
C ALA M 123 -22.95 28.50 56.94
N GLY M 124 -22.83 29.26 55.85
CA GLY M 124 -23.35 30.60 55.84
C GLY M 124 -22.67 31.55 56.79
N VAL M 125 -21.37 31.38 57.00
CA VAL M 125 -20.63 32.20 57.94
C VAL M 125 -19.44 32.89 57.27
N GLY M 126 -19.45 33.00 55.95
CA GLY M 126 -18.28 33.47 55.26
C GLY M 126 -17.12 32.52 55.35
N LYS M 127 -17.38 31.22 55.21
CA LYS M 127 -16.34 30.23 55.46
C LYS M 127 -15.18 30.40 54.50
N THR M 128 -15.45 30.52 53.21
CA THR M 128 -14.37 30.75 52.26
C THR M 128 -13.74 32.11 52.43
N ALA M 129 -14.52 33.12 52.81
CA ALA M 129 -14.01 34.47 52.94
C ALA M 129 -12.70 34.50 53.70
N VAL M 130 -12.51 33.57 54.64
CA VAL M 130 -11.25 33.47 55.34
C VAL M 130 -10.11 33.19 54.38
N VAL M 131 -10.29 32.22 53.49
CA VAL M 131 -9.17 31.86 52.63
C VAL M 131 -8.93 32.92 51.58
N GLU M 132 -9.98 33.56 51.06
CA GLU M 132 -9.69 34.70 50.18
C GLU M 132 -8.95 35.79 50.92
N GLY M 133 -9.31 36.07 52.17
CA GLY M 133 -8.56 37.02 52.94
C GLY M 133 -7.12 36.60 53.14
N LEU M 134 -6.89 35.30 53.27
CA LEU M 134 -5.53 34.81 53.39
C LEU M 134 -4.74 35.12 52.12
N ALA M 135 -5.33 34.88 50.96
CA ALA M 135 -4.65 35.22 49.71
C ALA M 135 -4.38 36.71 49.63
N GLN M 136 -5.35 37.53 50.05
CA GLN M 136 -5.17 38.96 50.08
C GLN M 136 -3.98 39.35 50.93
N ALA M 137 -3.87 38.76 52.12
CA ALA M 137 -2.75 39.06 53.00
C ALA M 137 -1.43 38.60 52.39
N ILE M 138 -1.42 37.43 51.75
CA ILE M 138 -0.20 36.95 51.12
C ILE M 138 0.31 37.96 50.11
N VAL M 139 -0.60 38.44 49.25
CA VAL M 139 -0.23 39.49 48.32
C VAL M 139 0.23 40.73 49.09
N ASN M 140 -0.43 40.99 50.22
CA ASN M 140 -0.17 42.18 51.02
C ASN M 140 1.16 42.13 51.73
N GLY M 141 1.81 40.98 51.80
CA GLY M 141 3.00 40.86 52.62
C GLY M 141 2.71 40.87 54.11
N ASP M 142 1.51 40.43 54.50
CA ASP M 142 1.16 40.38 55.91
C ASP M 142 1.66 39.10 56.58
N VAL M 143 1.84 38.04 55.81
CA VAL M 143 2.11 36.72 56.36
C VAL M 143 3.52 36.67 56.91
N PRO M 144 3.85 35.67 57.74
CA PRO M 144 5.25 35.43 58.07
C PRO M 144 5.99 34.83 56.89
N ALA M 145 7.31 34.85 56.99
CA ALA M 145 8.17 34.55 55.84
C ALA M 145 8.00 33.13 55.33
N ALA M 146 7.42 32.24 56.13
CA ALA M 146 7.37 30.84 55.78
C ALA M 146 6.61 30.58 54.49
N ILE M 147 5.63 31.40 54.18
CA ILE M 147 4.73 31.13 53.06
C ILE M 147 4.78 32.24 52.01
N LYS M 148 5.89 32.98 51.96
CA LYS M 148 5.98 34.10 51.04
C LYS M 148 5.81 33.64 49.59
N ASN M 149 6.48 32.55 49.23
CA ASN M 149 6.66 32.19 47.83
C ASN M 149 5.60 31.24 47.31
N LYS M 150 4.54 31.02 48.07
CA LYS M 150 3.54 30.04 47.68
C LYS M 150 2.33 30.73 47.06
N GLU M 151 1.50 29.93 46.40
CA GLU M 151 0.22 30.37 45.90
C GLU M 151 -0.85 29.34 46.24
N ILE M 152 -2.10 29.75 46.12
CA ILE M 152 -3.24 28.95 46.52
C ILE M 152 -4.11 28.70 45.31
N VAL M 153 -4.49 27.44 45.10
CA VAL M 153 -5.41 27.07 44.05
C VAL M 153 -6.60 26.35 44.66
N SER M 154 -7.80 26.78 44.30
CA SER M 154 -9.02 26.13 44.73
C SER M 154 -9.46 25.14 43.67
N ILE M 155 -9.96 23.99 44.12
CA ILE M 155 -10.27 22.88 43.22
C ILE M 155 -11.73 22.50 43.32
N ASP M 156 -12.37 22.35 42.16
CA ASP M 156 -13.70 21.77 42.04
C ASP M 156 -13.59 20.27 42.25
N ILE M 157 -13.69 19.85 43.51
CA ILE M 157 -13.68 18.42 43.80
C ILE M 157 -14.88 17.73 43.14
N SER M 158 -16.08 18.26 43.36
CA SER M 158 -17.30 17.60 42.93
C SER M 158 -17.36 17.42 41.42
N GLY M 159 -16.78 18.35 40.65
CA GLY M 159 -16.78 18.24 39.21
C GLY M 159 -15.57 17.56 38.61
N LEU M 160 -14.73 16.91 39.42
CA LEU M 160 -13.52 16.32 38.86
C LEU M 160 -13.83 15.26 37.80
N GLU M 161 -14.80 14.39 38.07
CA GLU M 161 -15.14 13.37 37.07
C GLU M 161 -15.70 13.98 35.80
N ALA M 162 -16.10 15.26 35.83
CA ALA M 162 -16.53 15.93 34.61
C ALA M 162 -15.39 16.09 33.61
N GLY M 163 -14.16 16.13 34.08
CA GLY M 163 -13.03 16.36 33.20
C GLY M 163 -12.54 15.17 32.43
N THR M 164 -13.15 13.99 32.63
CA THR M 164 -12.67 12.77 32.02
C THR M 164 -13.83 11.82 31.78
N GLN M 165 -13.58 10.80 30.95
CA GLN M 165 -14.62 9.87 30.58
C GLN M 165 -14.52 8.56 31.35
N TYR M 166 -13.31 8.10 31.65
CA TYR M 166 -13.09 6.82 32.29
C TYR M 166 -12.41 7.04 33.63
N ARG M 167 -12.90 6.32 34.65
CA ARG M 167 -12.46 6.59 36.01
C ARG M 167 -11.04 6.09 36.26
N GLY M 168 -10.56 5.13 35.47
CA GLY M 168 -9.14 4.84 35.49
C GLY M 168 -8.32 5.98 34.93
N SER M 169 -8.75 6.55 33.81
CA SER M 169 -8.17 7.78 33.32
C SER M 169 -8.34 8.90 34.34
N PHE M 170 -9.47 8.90 35.05
CA PHE M 170 -9.68 9.87 36.12
C PHE M 170 -8.60 9.76 37.18
N GLU M 171 -8.34 8.54 37.65
CA GLU M 171 -7.32 8.36 38.67
C GLU M 171 -5.94 8.74 38.15
N GLU M 172 -5.67 8.43 36.88
CA GLU M 172 -4.41 8.86 36.30
C GLU M 172 -4.29 10.37 36.30
N ASN M 173 -5.35 11.06 35.93
CA ASN M 173 -5.33 12.52 35.99
C ASN M 173 -5.16 13.01 37.43
N VAL M 174 -5.77 12.33 38.38
CA VAL M 174 -5.66 12.71 39.78
C VAL M 174 -4.21 12.63 40.23
N GLN M 175 -3.55 11.50 39.97
CA GLN M 175 -2.15 11.39 40.32
C GLN M 175 -1.30 12.38 39.52
N ASN M 176 -1.74 12.71 38.31
CA ASN M 176 -1.06 13.75 37.54
C ASN M 176 -1.10 15.07 38.25
N LEU M 177 -2.06 15.28 39.15
CA LEU M 177 -2.05 16.47 39.97
C LEU M 177 -0.85 16.48 40.89
N VAL M 178 -0.63 15.37 41.61
CA VAL M 178 0.58 15.26 42.42
C VAL M 178 1.80 15.47 41.57
N ASN M 179 1.78 14.91 40.36
CA ASN M 179 2.87 15.17 39.41
C ASN M 179 3.06 16.66 39.19
N GLU M 180 1.97 17.40 39.01
CA GLU M 180 2.07 18.85 38.95
C GLU M 180 2.49 19.43 40.30
N VAL M 181 2.13 18.79 41.40
CA VAL M 181 2.47 19.37 42.68
C VAL M 181 3.89 18.93 43.01
N LYS M 182 4.85 19.59 42.38
CA LYS M 182 6.25 19.46 42.70
C LYS M 182 6.97 20.79 42.66
N GLU M 183 6.27 21.88 42.32
CA GLU M 183 6.90 23.17 42.09
C GLU M 183 7.08 23.90 43.43
N ALA M 184 8.13 23.48 44.14
CA ALA M 184 8.57 24.09 45.39
C ALA M 184 7.47 24.14 46.44
N GLY M 185 6.41 23.37 46.27
CA GLY M 185 5.27 23.49 47.15
C GLY M 185 4.57 24.83 47.03
N ASN M 186 4.92 25.63 46.03
CA ASN M 186 4.31 26.94 45.84
C ASN M 186 2.83 26.83 45.59
N ILE M 187 2.35 25.65 45.23
CA ILE M 187 0.95 25.36 45.03
C ILE M 187 0.42 24.81 46.35
N ILE M 188 -0.73 25.31 46.77
CA ILE M 188 -1.43 24.82 47.95
C ILE M 188 -2.88 24.58 47.56
N LEU M 189 -3.36 23.38 47.83
CA LEU M 189 -4.69 22.98 47.38
C LEU M 189 -5.73 23.40 48.40
N PHE M 190 -6.82 23.97 47.92
CA PHE M 190 -7.96 24.32 48.76
C PHE M 190 -9.21 23.63 48.25
N PHE M 191 -10.07 23.23 49.17
CA PHE M 191 -11.33 22.58 48.87
C PHE M 191 -12.39 23.12 49.80
N ASP M 192 -13.61 22.63 49.61
CA ASP M 192 -14.73 23.09 50.41
C ASP M 192 -15.59 21.94 50.95
N ALA M 193 -15.31 20.71 50.55
CA ALA M 193 -16.10 19.55 51.00
C ALA M 193 -15.15 18.40 51.28
N ILE M 194 -14.66 18.33 52.53
CA ILE M 194 -13.66 17.32 52.86
C ILE M 194 -14.26 15.92 52.80
N HIS M 195 -15.51 15.78 53.24
CA HIS M 195 -16.21 14.53 53.08
C HIS M 195 -16.30 14.11 51.62
N GLN M 196 -16.46 15.05 50.69
CA GLN M 196 -16.40 14.76 49.28
C GLN M 196 -15.00 14.41 48.81
N ILE M 197 -13.98 14.74 49.59
CA ILE M 197 -12.63 14.29 49.31
C ILE M 197 -12.40 12.88 49.83
N LEU M 198 -12.86 12.62 51.06
CA LEU M 198 -12.67 11.30 51.67
C LEU M 198 -13.62 10.31 51.00
N GLY M 199 -13.27 9.96 49.78
CA GLY M 199 -14.02 9.00 48.99
C GLY M 199 -13.17 7.79 48.63
N ALA M 200 -13.27 7.32 47.39
CA ALA M 200 -12.46 6.22 46.88
C ALA M 200 -12.68 4.96 47.71
N GLY M 201 -13.65 5.01 48.62
CA GLY M 201 -13.94 3.94 49.53
C GLY M 201 -15.18 4.23 50.37
N SER M 202 -15.38 3.38 51.38
CA SER M 202 -16.58 3.47 52.22
C SER M 202 -16.27 4.30 53.47
N THR M 203 -15.80 5.51 53.24
CA THR M 203 -15.65 6.47 54.32
C THR M 203 -16.98 7.10 54.73
N GLY M 204 -17.97 7.05 53.86
CA GLY M 204 -19.27 7.62 54.16
C GLY M 204 -20.32 7.06 53.22
N GLY M 205 -21.47 6.74 53.80
CA GLY M 205 -22.47 6.06 53.02
C GLY M 205 -22.09 4.60 52.78
N ASP M 206 -22.60 4.06 51.68
CA ASP M 206 -22.35 2.67 51.33
C ASP M 206 -21.15 2.49 50.40
N SER M 207 -20.91 3.43 49.48
CA SER M 207 -19.84 3.30 48.51
C SER M 207 -19.37 4.70 48.11
N GLY M 208 -18.45 4.75 47.17
CA GLY M 208 -17.98 6.01 46.66
C GLY M 208 -17.12 5.80 45.43
N SER M 209 -16.95 6.89 44.68
CA SER M 209 -16.09 6.88 43.51
C SER M 209 -14.64 7.12 43.91
N LYS M 210 -13.73 6.72 43.04
CA LYS M 210 -12.32 6.93 43.30
C LYS M 210 -12.00 8.41 43.42
N GLY M 211 -11.11 8.72 44.35
CA GLY M 211 -10.70 10.11 44.56
C GLY M 211 -9.33 10.16 45.21
N LEU M 212 -9.04 11.31 45.80
CA LEU M 212 -7.73 11.51 46.43
C LEU M 212 -7.46 10.51 47.53
N ALA M 213 -8.50 9.88 48.08
CA ALA M 213 -8.31 9.07 49.29
C ALA M 213 -7.24 8.01 49.07
N ASP M 214 -7.38 7.21 48.02
CA ASP M 214 -6.43 6.14 47.77
C ASP M 214 -5.05 6.65 47.41
N ILE M 215 -4.91 7.95 47.16
CA ILE M 215 -3.64 8.57 46.86
C ILE M 215 -3.17 9.47 48.00
N LEU M 216 -4.10 10.18 48.65
CA LEU M 216 -3.69 11.14 49.66
C LEU M 216 -3.12 10.46 50.90
N LYS M 217 -3.69 9.33 51.30
CA LYS M 217 -3.38 8.71 52.58
C LYS M 217 -1.87 8.55 52.74
N PRO M 218 -1.16 8.05 51.73
CA PRO M 218 0.31 8.13 51.80
C PRO M 218 0.83 9.54 51.62
N ALA M 219 0.35 10.27 50.60
CA ALA M 219 0.96 11.54 50.25
C ALA M 219 0.98 12.50 51.43
N LEU M 220 -0.14 12.60 52.14
CA LEU M 220 -0.19 13.42 53.33
C LEU M 220 0.72 12.90 54.43
N SER M 221 0.72 11.57 54.63
CA SER M 221 1.67 10.98 55.55
C SER M 221 3.10 11.30 55.15
N ARG M 222 3.45 11.12 53.88
CA ARG M 222 4.78 11.50 53.42
C ARG M 222 4.89 12.95 53.01
N GLY M 223 4.01 13.82 53.50
CA GLY M 223 4.26 15.26 53.47
C GLY M 223 4.24 15.89 52.11
N GLU M 224 3.67 15.21 51.12
CA GLU M 224 3.63 15.72 49.77
C GLU M 224 2.77 16.97 49.63
N LEU M 225 1.62 17.01 50.28
CA LEU M 225 0.64 18.05 49.99
C LEU M 225 0.41 18.90 51.23
N THR M 226 -0.17 20.08 51.01
CA THR M 226 -0.76 20.86 52.08
C THR M 226 -2.15 21.31 51.63
N VAL M 227 -3.17 20.85 52.33
CA VAL M 227 -4.54 21.17 51.99
C VAL M 227 -5.12 22.03 53.10
N ILE M 228 -6.19 22.74 52.79
CA ILE M 228 -6.83 23.64 53.74
C ILE M 228 -8.34 23.44 53.66
N GLY M 229 -8.92 22.85 54.71
CA GLY M 229 -10.36 22.80 54.86
C GLY M 229 -11.08 22.15 53.69
N ALA M 230 -12.40 22.32 53.68
CA ALA M 230 -13.13 22.99 54.76
C ALA M 230 -14.45 22.27 54.94
N THR M 231 -15.02 22.32 56.14
CA THR M 231 -16.25 21.61 56.40
C THR M 231 -16.93 22.04 57.70
N THR M 232 -17.95 21.31 58.09
CA THR M 232 -18.78 21.64 59.25
C THR M 232 -18.37 20.83 60.46
N GLN M 233 -19.01 21.15 61.59
CA GLN M 233 -18.68 20.52 62.88
C GLN M 233 -18.92 19.02 62.87
N ASP M 234 -20.09 18.61 62.42
CA ASP M 234 -20.51 17.22 62.50
C ASP M 234 -19.74 16.35 61.51
N GLU M 235 -19.54 16.85 60.28
CA GLU M 235 -18.60 16.21 59.36
C GLU M 235 -17.27 15.95 60.03
N TYR M 236 -16.77 16.94 60.78
CA TYR M 236 -15.46 16.81 61.41
C TYR M 236 -15.43 15.66 62.41
N ARG M 237 -16.37 15.64 63.34
CA ARG M 237 -16.28 14.57 64.34
C ARG M 237 -16.64 13.21 63.75
N ASN M 238 -17.42 13.19 62.67
CA ASN M 238 -17.87 11.89 62.15
C ASN M 238 -16.88 11.27 61.19
N THR M 239 -16.10 12.06 60.48
CA THR M 239 -15.21 11.53 59.45
C THR M 239 -13.74 11.69 59.78
N ILE M 240 -13.35 12.82 60.35
CA ILE M 240 -11.93 13.14 60.46
C ILE M 240 -11.30 12.47 61.67
N LEU M 241 -11.96 12.52 62.82
CA LEU M 241 -11.40 11.98 64.05
C LEU M 241 -11.39 10.46 64.09
N LYS M 242 -11.74 9.81 62.98
CA LYS M 242 -11.82 8.36 62.96
C LYS M 242 -10.65 7.70 62.24
N ASN M 243 -9.99 8.42 61.35
CA ASN M 243 -8.80 7.91 60.68
C ASN M 243 -7.56 8.48 61.37
N ALA M 244 -6.84 7.60 62.08
CA ALA M 244 -5.66 8.06 62.81
C ALA M 244 -4.63 8.68 61.90
N ALA M 245 -4.64 8.29 60.62
CA ALA M 245 -3.68 8.87 59.68
C ALA M 245 -3.85 10.38 59.58
N LEU M 246 -5.07 10.85 59.47
CA LEU M 246 -5.32 12.29 59.48
C LEU M 246 -4.98 12.91 60.82
N ALA M 247 -5.14 12.15 61.91
CA ALA M 247 -4.91 12.70 63.23
C ALA M 247 -3.49 13.21 63.40
N ARG M 248 -2.53 12.57 62.75
CA ARG M 248 -1.13 12.94 62.90
C ARG M 248 -0.68 13.90 61.82
N ARG M 249 -1.61 14.46 61.05
CA ARG M 249 -1.28 15.50 60.10
C ARG M 249 -2.17 16.73 60.17
N PHE M 250 -3.39 16.62 60.69
CA PHE M 250 -4.38 17.67 60.52
C PHE M 250 -4.56 18.47 61.80
N ASN M 251 -5.09 19.67 61.63
CA ASN M 251 -5.40 20.57 62.72
C ASN M 251 -6.69 21.30 62.37
N GLU M 252 -7.31 21.91 63.38
CA GLU M 252 -8.62 22.50 63.20
C GLU M 252 -8.61 23.92 63.75
N VAL M 253 -9.38 24.79 63.10
CA VAL M 253 -9.51 26.18 63.51
C VAL M 253 -10.99 26.53 63.56
N LYS M 254 -11.43 27.03 64.71
CA LYS M 254 -12.83 27.33 64.95
C LYS M 254 -13.24 28.61 64.23
N VAL M 255 -14.46 28.62 63.71
CA VAL M 255 -15.03 29.78 63.03
C VAL M 255 -16.40 30.06 63.61
N ASN M 256 -16.68 31.33 63.88
CA ASN M 256 -17.95 31.75 64.44
C ASN M 256 -18.48 32.96 63.71
N ALA M 257 -19.81 33.07 63.65
CA ALA M 257 -20.42 34.23 63.03
C ALA M 257 -20.18 35.48 63.88
N PRO M 258 -19.96 36.61 63.24
CA PRO M 258 -19.66 37.84 63.98
C PRO M 258 -20.91 38.50 64.54
N SER M 259 -20.68 39.57 65.28
CA SER M 259 -21.76 40.31 65.93
C SER M 259 -22.38 41.31 64.97
N ALA M 260 -23.42 41.99 65.45
CA ALA M 260 -24.16 42.90 64.60
C ALA M 260 -23.51 44.27 64.57
N GLU M 261 -22.19 44.32 64.43
CA GLU M 261 -21.49 45.50 63.98
C GLU M 261 -20.68 45.26 62.74
N ASN M 262 -19.87 44.20 62.77
CA ASN M 262 -19.11 43.77 61.60
C ASN M 262 -20.02 43.39 60.46
N THR M 263 -21.14 42.72 60.77
CA THR M 263 -22.14 42.44 59.76
C THR M 263 -22.61 43.72 59.10
N PHE M 264 -22.84 44.75 59.90
CA PHE M 264 -23.25 46.03 59.38
C PHE M 264 -22.19 46.58 58.43
N LYS M 265 -20.92 46.42 58.81
CA LYS M 265 -19.83 46.87 57.96
C LYS M 265 -19.82 46.13 56.63
N ILE M 266 -19.96 44.81 56.67
CA ILE M 266 -19.94 44.02 55.45
C ILE M 266 -21.09 44.44 54.55
N LEU M 267 -22.26 44.65 55.14
CA LEU M 267 -23.40 45.06 54.35
C LEU M 267 -23.14 46.42 53.73
N GLN M 268 -22.55 47.33 54.48
CA GLN M 268 -22.18 48.62 53.92
C GLN M 268 -21.26 48.45 52.73
N GLY M 269 -20.32 47.52 52.84
CA GLY M 269 -19.43 47.26 51.72
C GLY M 269 -20.17 46.76 50.50
N ILE M 270 -21.08 45.81 50.69
CA ILE M 270 -21.79 45.24 49.55
C ILE M 270 -22.73 46.26 48.93
N ARG M 271 -23.23 47.18 49.75
CA ARG M 271 -24.33 48.09 49.43
C ARG M 271 -24.37 48.58 47.99
N ASP M 272 -23.24 48.99 47.46
CA ASP M 272 -23.18 49.55 46.12
C ASP M 272 -23.52 48.55 45.03
N LEU M 273 -23.31 47.25 45.27
CA LEU M 273 -23.58 46.26 44.24
C LEU M 273 -24.99 46.37 43.70
N TYR M 274 -25.96 46.65 44.55
CA TYR M 274 -27.36 46.66 44.20
C TYR M 274 -27.82 47.98 43.57
N GLN M 275 -26.89 48.74 43.00
CA GLN M 275 -27.31 49.68 41.97
C GLN M 275 -27.90 48.96 40.78
N GLN M 276 -27.61 47.65 40.66
CA GLN M 276 -28.12 46.85 39.57
C GLN M 276 -29.63 46.98 39.41
N HIS M 277 -30.35 47.05 40.53
CA HIS M 277 -31.79 46.96 40.51
C HIS M 277 -32.48 48.31 40.38
N HIS M 278 -31.71 49.37 40.15
CA HIS M 278 -32.24 50.71 39.85
C HIS M 278 -33.24 51.17 40.90
N ASN M 279 -32.87 50.96 42.16
CA ASN M 279 -33.70 51.35 43.29
C ASN M 279 -32.80 52.05 44.30
N VAL M 280 -33.37 52.46 45.43
CA VAL M 280 -32.59 53.17 46.43
C VAL M 280 -31.42 52.30 46.85
N ILE M 281 -30.23 52.88 46.85
CA ILE M 281 -29.12 52.32 47.58
C ILE M 281 -29.31 52.73 49.03
N LEU M 282 -29.32 51.72 49.90
CA LEU M 282 -30.11 51.78 51.11
C LEU M 282 -29.41 52.52 52.26
N PRO M 283 -30.14 53.40 52.96
CA PRO M 283 -29.56 54.07 54.11
C PRO M 283 -29.40 53.12 55.29
N ASP M 284 -28.46 53.49 56.16
CA ASP M 284 -28.01 52.59 57.22
C ASP M 284 -29.14 52.16 58.13
N GLU M 285 -30.14 53.02 58.31
CA GLU M 285 -31.24 52.71 59.22
C GLU M 285 -31.98 51.47 58.76
N VAL M 286 -32.28 51.41 57.47
CA VAL M 286 -32.93 50.23 56.91
C VAL M 286 -32.06 48.99 57.12
N LEU M 287 -30.75 49.15 56.98
CA LEU M 287 -29.86 48.00 57.10
C LEU M 287 -29.88 47.45 58.52
N LYS M 288 -29.68 48.31 59.51
CA LYS M 288 -29.68 47.85 60.89
C LYS M 288 -31.04 47.29 61.25
N ALA M 289 -32.12 47.86 60.70
CA ALA M 289 -33.44 47.31 60.96
C ALA M 289 -33.57 45.90 60.41
N ALA M 290 -33.05 45.67 59.20
CA ALA M 290 -33.08 44.33 58.63
C ALA M 290 -32.29 43.36 59.49
N VAL M 291 -31.14 43.79 59.98
CA VAL M 291 -30.37 42.93 60.86
C VAL M 291 -31.17 42.58 62.11
N ASP M 292 -31.75 43.60 62.74
CA ASP M 292 -32.47 43.38 63.99
C ASP M 292 -33.69 42.49 63.79
N TYR M 293 -34.29 42.53 62.61
CA TYR M 293 -35.43 41.67 62.38
C TYR M 293 -35.02 40.24 62.06
N SER M 294 -34.03 40.07 61.20
CA SER M 294 -33.61 38.72 60.84
C SER M 294 -33.01 37.99 62.02
N VAL M 295 -32.36 38.72 62.93
CA VAL M 295 -31.77 38.04 64.07
C VAL M 295 -32.83 37.49 65.00
N GLN M 296 -33.94 38.20 65.18
CA GLN M 296 -34.95 37.80 66.14
C GLN M 296 -36.04 36.91 65.54
N TYR M 297 -36.23 36.95 64.23
CA TYR M 297 -37.31 36.18 63.64
C TYR M 297 -36.85 34.93 62.89
N ILE M 298 -35.59 34.87 62.47
CA ILE M 298 -35.10 33.68 61.77
C ILE M 298 -33.87 33.15 62.48
N PRO M 299 -34.01 32.59 63.68
CA PRO M 299 -32.83 32.03 64.36
C PRO M 299 -32.29 30.79 63.71
N GLN M 300 -33.08 30.10 62.88
CA GLN M 300 -32.62 28.84 62.32
C GLN M 300 -31.58 29.01 61.23
N ARG M 301 -31.07 30.22 61.03
CA ARG M 301 -30.04 30.46 60.03
C ARG M 301 -28.93 31.31 60.63
N SER M 302 -27.74 31.20 60.04
CA SER M 302 -26.61 32.02 60.46
C SER M 302 -26.87 33.47 60.12
N LEU M 303 -26.25 34.36 60.89
CA LEU M 303 -26.47 35.80 60.70
C LEU M 303 -26.02 36.32 59.34
N PRO M 304 -24.76 36.12 58.91
CA PRO M 304 -24.28 36.85 57.73
C PRO M 304 -25.07 36.59 56.48
N ASP M 305 -25.46 35.34 56.22
CA ASP M 305 -26.19 35.06 54.99
C ASP M 305 -27.64 35.55 55.07
N LYS M 306 -28.31 35.32 56.20
CA LYS M 306 -29.70 35.71 56.28
C LYS M 306 -29.86 37.21 56.18
N ALA M 307 -28.95 37.97 56.80
CA ALA M 307 -29.05 39.42 56.70
C ALA M 307 -28.95 39.88 55.26
N ILE M 308 -28.11 39.23 54.47
CA ILE M 308 -27.98 39.58 53.07
C ILE M 308 -29.21 39.19 52.28
N ASP M 309 -29.71 37.97 52.49
CA ASP M 309 -30.83 37.49 51.70
C ASP M 309 -32.08 38.33 51.96
N LEU M 310 -32.28 38.74 53.21
CA LEU M 310 -33.41 39.61 53.49
C LEU M 310 -33.33 40.88 52.67
N VAL M 311 -32.15 41.50 52.63
CA VAL M 311 -31.97 42.72 51.85
C VAL M 311 -32.24 42.44 50.38
N ASP M 312 -31.73 41.31 49.88
CA ASP M 312 -31.87 41.00 48.46
C ASP M 312 -33.33 40.88 48.06
N VAL M 313 -34.09 40.07 48.81
CA VAL M 313 -35.50 39.91 48.49
C VAL M 313 -36.23 41.23 48.69
N THR M 314 -35.82 42.01 49.69
CA THR M 314 -36.41 43.33 49.88
C THR M 314 -36.28 44.17 48.63
N ALA M 315 -35.08 44.24 48.06
CA ALA M 315 -34.88 45.02 46.85
C ALA M 315 -35.70 44.47 45.70
N ALA M 316 -35.68 43.15 45.53
CA ALA M 316 -36.42 42.56 44.42
C ALA M 316 -37.89 42.92 44.50
N HIS M 317 -38.47 42.87 45.69
CA HIS M 317 -39.86 43.26 45.83
C HIS M 317 -40.03 44.75 45.57
N LEU M 318 -39.10 45.56 46.07
CA LEU M 318 -39.20 46.99 45.85
C LEU M 318 -39.06 47.37 44.40
N ALA M 319 -38.61 46.44 43.55
CA ALA M 319 -38.75 46.69 42.12
C ALA M 319 -40.20 46.91 41.75
N ALA M 320 -41.13 46.47 42.59
CA ALA M 320 -42.56 46.73 42.44
C ALA M 320 -43.08 46.25 41.10
N GLN M 321 -42.35 45.33 40.47
CA GLN M 321 -42.77 44.73 39.21
C GLN M 321 -43.03 45.79 38.15
N HIS M 322 -42.20 46.82 38.13
CA HIS M 322 -42.38 47.88 37.15
C HIS M 322 -41.99 47.40 35.75
N PRO M 323 -42.69 47.85 34.73
CA PRO M 323 -42.38 47.46 33.37
C PRO M 323 -41.21 48.27 32.82
N VAL M 324 -40.88 48.02 31.55
CA VAL M 324 -39.83 48.74 30.86
C VAL M 324 -40.26 49.19 29.47
N THR M 325 -41.48 48.84 29.05
CA THR M 325 -41.98 49.28 27.75
C THR M 325 -42.00 50.79 27.61
N ASP M 326 -42.20 51.50 28.71
CA ASP M 326 -42.34 52.96 28.66
C ASP M 326 -41.04 53.60 28.20
N VAL M 327 -39.95 52.84 28.18
CA VAL M 327 -38.72 53.26 27.55
C VAL M 327 -38.38 52.36 26.37
N HIS M 328 -38.86 51.12 26.38
CA HIS M 328 -38.52 50.16 25.34
C HIS M 328 -39.09 50.59 23.99
N ALA M 329 -40.29 51.17 24.00
CA ALA M 329 -40.88 51.65 22.76
C ALA M 329 -39.98 52.70 22.10
N VAL M 330 -39.46 53.64 22.89
CA VAL M 330 -38.63 54.67 22.31
C VAL M 330 -37.26 54.12 21.94
N GLU M 331 -36.82 53.04 22.59
CA GLU M 331 -35.65 52.35 22.09
C GLU M 331 -35.88 51.84 20.67
N ARG M 332 -37.05 51.24 20.43
CA ARG M 332 -37.39 50.84 19.07
C ARG M 332 -37.40 52.04 18.13
N GLU M 333 -37.94 53.17 18.60
CA GLU M 333 -37.97 54.37 17.77
C GLU M 333 -36.57 54.81 17.40
N ILE M 334 -35.66 54.81 18.37
CA ILE M 334 -34.27 55.18 18.09
C ILE M 334 -33.67 54.24 17.07
N GLU M 335 -34.00 52.95 17.16
CA GLU M 335 -33.49 52.01 16.17
C GLU M 335 -33.97 52.36 14.77
N THR M 336 -35.26 52.65 14.63
CA THR M 336 -35.79 52.98 13.31
C THR M 336 -35.16 54.27 12.77
N GLU M 337 -35.06 55.29 13.61
CA GLU M 337 -34.45 56.55 13.18
C GLU M 337 -33.00 56.34 12.81
N LYS M 338 -32.29 55.48 13.54
CA LYS M 338 -30.91 55.18 13.20
C LYS M 338 -30.80 54.52 11.83
N ASP M 339 -31.73 53.61 11.53
CA ASP M 339 -31.70 52.97 10.22
C ASP M 339 -31.92 53.98 9.10
N LYS M 340 -32.91 54.86 9.28
CA LYS M 340 -33.14 55.89 8.27
C LYS M 340 -31.94 56.82 8.15
N GLN M 341 -31.28 57.12 9.26
CA GLN M 341 -30.09 57.95 9.23
C GLN M 341 -28.99 57.30 8.42
N GLU M 342 -28.77 56.00 8.64
CA GLU M 342 -27.79 55.29 7.83
C GLU M 342 -28.16 55.32 6.34
N LYS M 343 -29.45 55.14 6.04
CA LYS M 343 -29.87 55.18 4.66
C LYS M 343 -29.55 56.51 4.02
N ALA M 344 -29.87 57.61 4.72
CA ALA M 344 -29.59 58.94 4.18
C ALA M 344 -28.09 59.17 4.03
N VAL M 345 -27.29 58.67 4.98
CA VAL M 345 -25.85 58.79 4.84
C VAL M 345 -25.38 58.06 3.60
N GLU M 346 -26.00 56.93 3.27
CA GLU M 346 -25.64 56.23 2.05
C GLU M 346 -25.82 57.15 0.84
N ALA M 347 -26.89 57.93 0.82
CA ALA M 347 -27.15 58.86 -0.27
C ALA M 347 -26.48 60.21 -0.08
N GLU M 348 -25.65 60.37 0.95
CA GLU M 348 -24.84 61.57 1.16
C GLU M 348 -25.69 62.83 1.25
N ASP M 349 -26.85 62.72 1.87
CA ASP M 349 -27.73 63.87 2.10
C ASP M 349 -27.50 64.32 3.53
N PHE M 350 -26.60 65.29 3.69
CA PHE M 350 -26.05 65.58 5.01
C PHE M 350 -27.05 66.29 5.90
N GLU M 351 -27.93 67.11 5.34
CA GLU M 351 -28.93 67.78 6.16
C GLU M 351 -29.86 66.77 6.83
N ALA M 352 -30.31 65.76 6.08
CA ALA M 352 -31.20 64.76 6.65
C ALA M 352 -30.50 63.95 7.72
N ALA M 353 -29.25 63.58 7.48
CA ALA M 353 -28.50 62.83 8.48
C ALA M 353 -28.27 63.66 9.74
N LEU M 354 -28.01 64.96 9.56
CA LEU M 354 -27.85 65.84 10.71
C LEU M 354 -29.15 65.93 11.51
N ASN M 355 -30.28 66.06 10.81
CA ASN M 355 -31.56 66.07 11.50
C ASN M 355 -31.80 64.76 12.24
N TYR M 356 -31.46 63.64 11.61
CA TYR M 356 -31.62 62.35 12.26
C TYR M 356 -30.76 62.24 13.50
N LYS M 357 -29.52 62.73 13.44
CA LYS M 357 -28.65 62.68 14.60
C LYS M 357 -29.19 63.55 15.72
N THR M 358 -29.74 64.71 15.37
CA THR M 358 -30.34 65.57 16.38
C THR M 358 -31.53 64.86 17.04
N ARG M 359 -32.36 64.19 16.24
CA ARG M 359 -33.49 63.47 16.81
C ARG M 359 -33.03 62.30 17.67
N ILE M 360 -31.94 61.66 17.27
CA ILE M 360 -31.38 60.57 18.04
C ILE M 360 -30.92 61.07 19.41
N ALA M 361 -30.22 62.21 19.43
CA ALA M 361 -29.84 62.80 20.71
C ALA M 361 -31.06 63.14 21.54
N GLU M 362 -32.08 63.72 20.90
CA GLU M 362 -33.32 64.05 21.60
C GLU M 362 -33.87 62.83 22.32
N LEU M 363 -34.16 61.77 21.57
CA LEU M 363 -34.75 60.58 22.16
C LEU M 363 -33.83 59.96 23.20
N GLU M 364 -32.52 60.03 22.96
CA GLU M 364 -31.57 59.47 23.90
C GLU M 364 -31.69 60.12 25.26
N ARG M 365 -31.63 61.45 25.32
CA ARG M 365 -31.65 62.06 26.64
C ARG M 365 -33.05 62.00 27.24
N LYS M 366 -34.09 61.86 26.40
CA LYS M 366 -35.39 61.56 26.97
C LYS M 366 -35.35 60.25 27.74
N ILE M 367 -34.82 59.20 27.10
CA ILE M 367 -34.71 57.90 27.74
C ILE M 367 -33.85 58.01 28.98
N GLU M 368 -32.81 58.83 28.92
CA GLU M 368 -32.01 59.09 30.11
C GLU M 368 -32.88 59.64 31.24
N ASN M 369 -33.75 60.59 30.91
CA ASN M 369 -34.64 61.17 31.92
C ASN M 369 -35.56 60.11 32.51
N HIS M 370 -36.13 59.26 31.66
CA HIS M 370 -36.96 58.18 32.19
C HIS M 370 -36.17 57.23 33.06
N THR M 371 -34.93 56.94 32.70
CA THR M 371 -34.14 55.96 33.44
C THR M 371 -33.94 56.41 34.88
N GLU M 372 -33.64 57.69 35.08
CA GLU M 372 -33.48 58.22 36.41
C GLU M 372 -34.80 58.39 37.15
N ASP M 373 -35.93 58.07 36.51
CA ASP M 373 -37.21 58.07 37.20
C ASP M 373 -37.35 56.75 37.97
N MET M 374 -36.47 56.59 38.94
CA MET M 374 -36.49 55.45 39.85
C MET M 374 -36.89 55.92 41.23
N LYS M 375 -37.73 55.13 41.89
CA LYS M 375 -38.17 55.43 43.24
C LYS M 375 -37.10 54.99 44.23
N VAL M 376 -36.72 55.89 45.11
CA VAL M 376 -35.72 55.61 46.13
C VAL M 376 -36.41 55.70 47.48
N THR M 377 -36.92 54.56 47.95
CA THR M 377 -37.68 54.51 49.19
C THR M 377 -37.30 53.23 49.92
N ALA M 378 -36.30 53.33 50.77
CA ALA M 378 -35.99 52.26 51.69
C ALA M 378 -36.66 52.54 53.03
N SER M 379 -37.62 51.70 53.39
CA SER M 379 -38.37 51.90 54.61
C SER M 379 -38.28 50.63 55.44
N VAL M 380 -38.17 50.81 56.76
CA VAL M 380 -38.24 49.67 57.65
C VAL M 380 -39.54 48.93 57.47
N ASN M 381 -40.62 49.64 57.14
CA ASN M 381 -41.92 49.01 56.94
C ASN M 381 -41.89 48.01 55.79
N ASP M 382 -41.29 48.39 54.67
CA ASP M 382 -41.21 47.51 53.51
C ASP M 382 -40.45 46.24 53.83
N VAL M 383 -39.33 46.38 54.54
CA VAL M 383 -38.63 45.22 55.05
C VAL M 383 -39.57 44.39 55.90
N ALA M 384 -40.43 45.05 56.67
CA ALA M 384 -41.34 44.32 57.53
C ALA M 384 -42.31 43.48 56.72
N GLU M 385 -42.91 44.03 55.66
CA GLU M 385 -43.84 43.21 54.88
C GLU M 385 -43.07 42.11 54.16
N SER M 386 -41.82 42.37 53.79
CA SER M 386 -41.01 41.29 53.25
C SER M 386 -40.88 40.16 54.26
N VAL M 387 -40.66 40.50 55.52
CA VAL M 387 -40.58 39.49 56.56
C VAL M 387 -41.90 38.73 56.64
N GLU M 388 -43.01 39.48 56.63
CA GLU M 388 -44.32 38.87 56.78
C GLU M 388 -44.56 37.88 55.66
N ARG M 389 -44.10 38.21 54.46
CA ARG M 389 -44.25 37.27 53.35
C ARG M 389 -43.34 36.08 53.55
N MET M 390 -42.20 36.32 54.19
CA MET M 390 -41.29 35.22 54.45
C MET M 390 -41.92 34.18 55.38
N THR M 391 -42.55 34.63 56.47
CA THR M 391 -42.97 33.72 57.52
C THR M 391 -44.49 33.69 57.70
N GLY M 392 -45.23 34.55 57.02
CA GLY M 392 -46.67 34.54 57.17
C GLY M 392 -47.19 35.15 58.45
N ILE M 393 -46.34 35.80 59.23
CA ILE M 393 -46.70 36.30 60.55
C ILE M 393 -46.77 37.82 60.50
N PRO M 394 -47.97 38.41 60.55
CA PRO M 394 -48.05 39.84 60.80
C PRO M 394 -47.48 40.15 62.18
N VAL M 395 -46.76 41.26 62.27
CA VAL M 395 -46.10 41.65 63.51
C VAL M 395 -46.75 42.93 63.99
N SER M 396 -47.42 42.85 65.12
CA SER M 396 -47.76 44.08 65.81
C SER M 396 -46.53 44.56 66.58
N GLN M 397 -46.44 45.88 66.76
CA GLN M 397 -45.33 46.52 67.46
C GLN M 397 -44.00 46.13 66.84
N MET M 398 -43.90 46.35 65.54
CA MET M 398 -42.68 46.08 64.80
C MET M 398 -41.54 46.93 65.34
N GLY M 399 -40.35 46.34 65.43
CA GLY M 399 -39.19 47.00 65.98
C GLY M 399 -39.11 47.02 67.48
N ALA M 400 -40.06 46.39 68.17
CA ALA M 400 -40.05 46.38 69.63
C ALA M 400 -38.79 45.70 70.13
N SER M 401 -38.33 46.14 71.30
CA SER M 401 -37.14 45.54 71.88
C SER M 401 -37.43 44.10 72.29
N ASP M 402 -36.37 43.30 72.33
CA ASP M 402 -36.48 41.99 72.94
C ASP M 402 -37.02 42.08 74.35
N ILE M 403 -36.66 43.14 75.08
CA ILE M 403 -37.19 43.33 76.43
C ILE M 403 -38.71 43.41 76.37
N GLU M 404 -39.22 44.17 75.41
CA GLU M 404 -40.66 44.22 75.21
C GLU M 404 -41.22 42.84 74.89
N ARG M 405 -40.60 42.16 73.92
CA ARG M 405 -41.19 40.94 73.37
C ARG M 405 -41.22 39.82 74.39
N LEU M 406 -40.14 39.65 75.15
CA LEU M 406 -40.05 38.57 76.10
C LEU M 406 -41.06 38.69 77.22
N LYS M 407 -41.59 39.89 77.46
CA LYS M 407 -42.68 40.08 78.40
C LYS M 407 -44.04 40.03 77.73
N ASP M 408 -44.13 40.52 76.49
CA ASP M 408 -45.42 40.55 75.81
C ASP M 408 -45.88 39.17 75.39
N MET M 409 -44.94 38.29 75.04
CA MET M 409 -45.32 36.93 74.71
C MET M 409 -46.03 36.23 75.86
N ALA M 410 -45.80 36.67 77.10
CA ALA M 410 -46.56 36.14 78.22
C ALA M 410 -48.05 36.28 77.96
N HIS M 411 -48.50 37.47 77.59
CA HIS M 411 -49.89 37.63 77.21
C HIS M 411 -50.21 36.99 75.87
N ARG M 412 -49.28 37.07 74.92
CA ARG M 412 -49.52 36.54 73.59
C ARG M 412 -49.99 35.10 73.66
N LEU M 413 -49.30 34.28 74.44
CA LEU M 413 -49.78 32.92 74.71
C LEU M 413 -50.91 32.92 75.72
N GLN M 414 -50.83 33.79 76.73
CA GLN M 414 -51.85 33.80 77.78
C GLN M 414 -53.23 34.11 77.22
N ASP M 415 -53.30 35.01 76.26
CA ASP M 415 -54.58 35.46 75.72
C ASP M 415 -55.10 34.58 74.59
N LYS M 416 -54.28 33.67 74.06
CA LYS M 416 -54.78 32.66 73.15
C LYS M 416 -55.14 31.37 73.87
N VAL M 417 -54.79 31.25 75.13
CA VAL M 417 -55.20 30.14 75.97
C VAL M 417 -56.09 30.70 77.07
N ILE M 418 -56.59 29.81 77.91
CA ILE M 418 -57.48 30.18 78.99
C ILE M 418 -56.86 29.73 80.31
N GLY M 419 -56.46 30.69 81.13
CA GLY M 419 -55.93 30.38 82.44
C GLY M 419 -54.70 29.50 82.37
N GLN M 420 -54.58 28.62 83.36
CA GLN M 420 -53.44 27.73 83.51
C GLN M 420 -52.14 28.53 83.50
N ASP M 421 -52.14 29.65 84.22
CA ASP M 421 -51.06 30.63 84.13
C ASP M 421 -49.72 30.06 84.58
N LYS M 422 -49.71 28.97 85.34
CA LYS M 422 -48.46 28.39 85.79
C LYS M 422 -47.61 27.95 84.60
N ALA M 423 -48.23 27.27 83.63
CA ALA M 423 -47.51 26.82 82.46
C ALA M 423 -46.98 28.00 81.67
N VAL M 424 -47.78 29.06 81.53
CA VAL M 424 -47.32 30.25 80.86
C VAL M 424 -46.09 30.81 81.54
N GLU M 425 -46.15 30.96 82.88
CA GLU M 425 -45.01 31.48 83.63
C GLU M 425 -43.76 30.66 83.40
N VAL M 426 -43.87 29.35 83.59
CA VAL M 426 -42.71 28.48 83.49
C VAL M 426 -42.11 28.53 82.09
N VAL M 427 -42.95 28.36 81.07
CA VAL M 427 -42.46 28.32 79.71
C VAL M 427 -41.82 29.66 79.34
N ALA M 428 -42.46 30.77 79.72
CA ALA M 428 -41.92 32.07 79.36
C ALA M 428 -40.55 32.30 80.00
N ARG M 429 -40.43 31.99 81.29
CA ARG M 429 -39.15 32.21 81.94
C ARG M 429 -38.06 31.32 81.35
N ALA M 430 -38.39 30.05 81.09
CA ALA M 430 -37.38 29.17 80.50
C ALA M 430 -36.96 29.67 79.12
N ILE M 431 -37.93 30.09 78.32
CA ILE M 431 -37.61 30.59 76.99
C ILE M 431 -36.73 31.82 77.08
N CYS M 432 -37.04 32.73 78.00
CA CYS M 432 -36.21 33.92 78.13
C CYS M 432 -34.79 33.55 78.54
N ARG M 433 -34.64 32.60 79.47
CA ARG M 433 -33.31 32.20 79.89
C ARG M 433 -32.51 31.65 78.71
N ASN M 434 -33.11 30.76 77.92
CA ASN M 434 -32.39 30.25 76.76
C ASN M 434 -32.08 31.35 75.76
N ARG M 435 -33.05 32.23 75.49
CA ARG M 435 -32.85 33.29 74.51
C ARG M 435 -31.78 34.27 74.97
N ALA M 436 -31.83 34.69 76.22
CA ALA M 436 -30.84 35.63 76.72
C ALA M 436 -29.48 34.99 76.94
N GLY M 437 -29.40 33.66 76.91
CA GLY M 437 -28.14 32.98 77.12
C GLY M 437 -27.66 32.97 78.55
N PHE M 438 -28.57 33.14 79.52
CA PHE M 438 -28.17 33.07 80.92
C PHE M 438 -27.77 31.66 81.31
N ASP M 439 -28.57 30.67 80.92
CA ASP M 439 -28.29 29.29 81.27
C ASP M 439 -27.01 28.82 80.60
N GLU M 440 -26.22 28.04 81.33
CA GLU M 440 -25.04 27.44 80.73
C GLU M 440 -25.45 26.49 79.62
N GLY M 441 -24.61 26.40 78.61
CA GLY M 441 -24.90 25.56 77.46
C GLY M 441 -24.80 24.08 77.79
N ASN M 442 -24.68 23.31 76.71
CA ASN M 442 -24.51 21.86 76.78
C ASN M 442 -25.73 21.17 77.38
N ARG M 443 -26.87 21.83 77.31
CA ARG M 443 -28.15 21.26 77.71
C ARG M 443 -29.18 21.60 76.65
N PRO M 444 -30.17 20.74 76.44
CA PRO M 444 -31.23 21.07 75.47
C PRO M 444 -32.03 22.28 75.94
N ILE M 445 -32.76 22.87 75.00
CA ILE M 445 -33.43 24.14 75.26
C ILE M 445 -34.43 24.00 76.40
N GLY M 446 -35.26 22.97 76.34
CA GLY M 446 -36.23 22.75 77.39
C GLY M 446 -36.83 21.37 77.26
N ASN M 447 -37.10 20.78 78.41
CA ASN M 447 -37.62 19.42 78.50
C ASN M 447 -38.71 19.46 79.55
N PHE M 448 -39.96 19.41 79.11
CA PHE M 448 -41.08 19.63 80.02
C PHE M 448 -42.13 18.55 79.89
N LEU M 449 -42.81 18.30 81.01
CA LEU M 449 -43.84 17.28 81.10
C LEU M 449 -45.17 17.97 81.40
N PHE M 450 -46.24 17.48 80.79
CA PHE M 450 -47.58 18.03 80.96
C PHE M 450 -48.54 16.87 81.15
N VAL M 451 -49.27 16.89 82.26
CA VAL M 451 -50.00 15.71 82.72
C VAL M 451 -51.43 16.12 83.04
N GLY M 452 -52.38 15.54 82.32
CA GLY M 452 -53.78 15.87 82.51
C GLY M 452 -54.65 15.21 81.46
N SER M 453 -55.91 15.63 81.44
CA SER M 453 -56.85 15.10 80.45
C SER M 453 -56.68 15.81 79.11
N THR M 454 -57.39 15.31 78.10
CA THR M 454 -57.24 15.83 76.74
C THR M 454 -58.00 17.13 76.54
N GLY M 455 -59.29 17.13 76.83
CA GLY M 455 -60.12 18.28 76.56
C GLY M 455 -59.83 19.45 77.47
N VAL M 456 -58.58 19.92 77.45
CA VAL M 456 -58.16 21.03 78.27
C VAL M 456 -57.39 22.01 77.41
N GLY M 457 -57.52 21.86 76.09
CA GLY M 457 -56.53 22.44 75.21
C GLY M 457 -55.19 21.77 75.41
N LYS M 458 -55.17 20.45 75.53
CA LYS M 458 -53.94 19.74 75.87
C LYS M 458 -52.84 20.01 74.86
N THR M 459 -53.21 20.32 73.62
CA THR M 459 -52.26 20.59 72.56
C THR M 459 -52.06 22.08 72.32
N GLU M 460 -52.59 22.93 73.21
CA GLU M 460 -52.47 24.37 73.03
C GLU M 460 -51.03 24.81 72.87
N LEU M 461 -50.16 24.36 73.75
CA LEU M 461 -48.76 24.71 73.64
C LEU M 461 -48.07 24.02 72.47
N ALA M 462 -48.70 22.98 71.91
CA ALA M 462 -48.19 22.39 70.69
C ALA M 462 -48.47 23.22 69.46
N LYS M 463 -49.52 24.03 69.47
CA LYS M 463 -49.87 24.85 68.32
C LYS M 463 -49.45 26.31 68.49
N GLN M 464 -49.97 27.00 69.50
CA GLN M 464 -49.74 28.42 69.64
C GLN M 464 -48.33 28.73 70.10
N LEU M 465 -47.84 27.99 71.09
CA LEU M 465 -46.45 28.17 71.50
C LEU M 465 -45.51 27.90 70.34
N ALA M 466 -45.75 26.82 69.60
CA ALA M 466 -44.88 26.49 68.49
C ALA M 466 -44.88 27.60 67.45
N LEU M 467 -46.07 28.10 67.11
CA LEU M 467 -46.14 29.13 66.09
C LEU M 467 -45.45 30.42 66.55
N ASP M 468 -45.70 30.84 67.79
CA ASP M 468 -45.06 32.06 68.27
C ASP M 468 -43.54 31.89 68.34
N MET M 469 -43.09 30.71 68.77
CA MET M 469 -41.66 30.45 68.77
C MET M 469 -41.06 30.55 67.38
N PHE M 470 -41.74 30.00 66.37
CA PHE M 470 -41.10 29.78 65.09
C PHE M 470 -41.80 30.41 63.90
N GLY M 471 -42.60 31.45 64.11
CA GLY M 471 -43.30 32.07 63.00
C GLY M 471 -44.17 31.12 62.20
N THR M 472 -44.38 29.90 62.70
CA THR M 472 -45.25 28.92 62.08
C THR M 472 -45.39 27.77 63.06
N GLN M 473 -46.60 27.23 63.14
CA GLN M 473 -46.85 26.04 63.93
C GLN M 473 -46.18 24.81 63.35
N ASP M 474 -45.77 24.86 62.08
CA ASP M 474 -45.14 23.72 61.41
C ASP M 474 -43.67 23.63 61.79
N ALA M 475 -43.45 23.51 63.10
CA ALA M 475 -42.11 23.31 63.63
C ALA M 475 -42.09 22.22 64.68
N ILE M 476 -43.02 21.28 64.63
CA ILE M 476 -43.16 20.25 65.64
C ILE M 476 -43.34 18.90 64.97
N ILE M 477 -42.76 17.87 65.57
CA ILE M 477 -43.04 16.49 65.24
C ILE M 477 -43.53 15.80 66.50
N ARG M 478 -44.69 15.15 66.40
CA ARG M 478 -45.33 14.53 67.55
C ARG M 478 -45.44 13.03 67.34
N LEU M 479 -45.05 12.29 68.36
CA LEU M 479 -45.23 10.85 68.43
C LEU M 479 -46.02 10.52 69.69
N ASP M 480 -47.13 9.81 69.51
CA ASP M 480 -47.93 9.33 70.63
C ASP M 480 -47.27 8.03 71.07
N MET M 481 -46.40 8.11 72.07
CA MET M 481 -45.46 7.02 72.30
C MET M 481 -46.20 5.73 72.64
N SER M 482 -47.30 5.84 73.39
CA SER M 482 -48.07 4.65 73.75
C SER M 482 -48.53 3.90 72.51
N GLU M 483 -49.17 4.60 71.57
CA GLU M 483 -49.56 3.98 70.32
C GLU M 483 -48.38 3.81 69.39
N TYR M 484 -47.29 4.57 69.62
CA TYR M 484 -46.10 4.45 68.80
C TYR M 484 -45.56 3.04 68.81
N SER M 485 -45.42 2.45 69.99
CA SER M 485 -44.66 1.21 70.11
C SER M 485 -45.45 0.04 69.52
N ASP M 486 -44.88 -1.15 69.70
CA ASP M 486 -45.47 -2.39 69.21
C ASP M 486 -46.02 -3.20 70.38
N ARG M 487 -47.31 -3.55 70.30
CA ARG M 487 -47.92 -4.34 71.38
C ARG M 487 -48.36 -5.72 70.91
N THR M 488 -49.25 -5.80 69.94
CA THR M 488 -49.80 -7.08 69.49
C THR M 488 -49.96 -7.05 67.98
N ALA M 489 -49.90 -8.23 67.37
CA ALA M 489 -49.86 -8.32 65.91
C ALA M 489 -51.23 -7.96 65.34
N VAL M 490 -51.48 -6.65 65.32
CA VAL M 490 -52.73 -6.09 64.83
C VAL M 490 -52.40 -5.13 63.69
N SER M 491 -53.36 -4.93 62.79
CA SER M 491 -53.06 -4.22 61.55
C SER M 491 -53.05 -2.70 61.74
N LYS M 492 -52.33 -2.24 62.74
CA LYS M 492 -52.03 -0.83 62.90
C LYS M 492 -50.55 -0.72 63.27
N LEU M 493 -49.96 -1.87 63.61
CA LEU M 493 -48.58 -1.93 64.05
C LEU M 493 -48.00 -3.31 63.72
N ILE M 494 -46.77 -3.30 63.21
CA ILE M 494 -46.13 -4.52 62.73
C ILE M 494 -44.74 -4.65 63.32
N GLY M 495 -44.38 -5.85 63.78
CA GLY M 495 -43.02 -6.12 64.22
C GLY M 495 -42.88 -6.30 65.71
N THR M 496 -41.81 -5.76 66.29
CA THR M 496 -41.58 -5.83 67.72
C THR M 496 -41.23 -4.45 68.23
N THR M 497 -41.59 -4.19 69.49
CA THR M 497 -41.33 -2.88 70.07
C THR M 497 -39.85 -2.56 70.03
N ALA M 498 -39.01 -3.58 70.27
CA ALA M 498 -37.58 -3.42 70.05
C ALA M 498 -37.29 -2.88 68.66
N GLY M 499 -37.87 -3.48 67.62
CA GLY M 499 -37.69 -2.96 66.28
C GLY M 499 -37.83 -1.45 66.21
N TYR M 500 -38.71 -0.88 67.02
CA TYR M 500 -38.95 0.55 66.95
C TYR M 500 -37.69 1.37 67.20
N VAL M 501 -36.91 1.03 68.22
CA VAL M 501 -35.69 1.80 68.45
C VAL M 501 -34.79 1.70 67.23
N GLY M 502 -34.77 0.54 66.58
CA GLY M 502 -34.00 0.40 65.35
C GLY M 502 -34.38 1.42 64.32
N TYR M 503 -35.69 1.60 64.08
CA TYR M 503 -36.10 2.62 63.12
C TYR M 503 -35.53 3.98 63.50
N ASP M 504 -35.50 4.27 64.80
CA ASP M 504 -35.12 5.59 65.25
C ASP M 504 -33.64 5.84 65.01
N ASP M 505 -32.85 4.78 64.82
CA ASP M 505 -31.41 4.97 64.89
C ASP M 505 -30.71 4.63 63.59
N ASN M 506 -31.42 4.18 62.56
CA ASN M 506 -30.80 3.85 61.28
C ASN M 506 -31.61 4.35 60.08
N SER M 507 -32.78 4.92 60.31
CA SER M 507 -33.73 5.16 59.22
C SER M 507 -34.16 6.62 59.22
N ASN M 508 -34.58 7.09 58.05
CA ASN M 508 -34.98 8.49 57.86
C ASN M 508 -36.35 8.75 58.50
N THR M 509 -36.39 8.53 59.82
CA THR M 509 -37.62 8.79 60.55
C THR M 509 -37.38 9.71 61.74
N LEU M 510 -36.29 9.52 62.47
CA LEU M 510 -36.07 10.38 63.63
C LEU M 510 -34.80 11.19 63.50
N THR M 511 -33.67 10.50 63.31
CA THR M 511 -32.39 11.20 63.18
C THR M 511 -32.33 12.06 61.94
N GLU M 512 -32.82 11.58 60.80
CA GLU M 512 -32.87 12.41 59.61
C GLU M 512 -33.50 13.75 59.94
N ARG M 513 -34.73 13.73 60.46
CA ARG M 513 -35.46 14.98 60.66
C ARG M 513 -34.82 15.90 61.68
N VAL M 514 -34.41 15.39 62.84
CA VAL M 514 -33.89 16.27 63.88
C VAL M 514 -32.65 17.00 63.42
N ARG M 515 -31.81 16.35 62.60
CA ARG M 515 -30.65 17.01 62.03
C ARG M 515 -31.04 18.01 60.94
N ARG M 516 -32.21 17.84 60.33
CA ARG M 516 -32.67 18.83 59.35
C ARG M 516 -33.16 20.12 59.97
N ASN M 517 -33.81 20.06 61.13
CA ASN M 517 -34.33 21.26 61.77
C ASN M 517 -33.88 21.24 63.23
N PRO M 518 -32.59 21.48 63.47
CA PRO M 518 -32.07 21.39 64.85
C PRO M 518 -32.73 22.32 65.83
N TYR M 519 -33.71 23.12 65.39
CA TYR M 519 -34.48 23.96 66.29
C TYR M 519 -35.89 23.44 66.54
N SER M 520 -36.31 22.40 65.83
CA SER M 520 -37.70 21.96 65.89
C SER M 520 -38.07 21.51 67.31
N ILE M 521 -39.36 21.29 67.52
CA ILE M 521 -39.91 20.85 68.79
C ILE M 521 -40.48 19.45 68.60
N ILE M 522 -40.21 18.57 69.54
CA ILE M 522 -40.67 17.19 69.48
C ILE M 522 -41.58 16.93 70.67
N LEU M 523 -42.71 16.29 70.40
CA LEU M 523 -43.78 16.10 71.37
C LEU M 523 -44.03 14.60 71.49
N LEU M 524 -44.11 14.12 72.72
CA LEU M 524 -44.33 12.69 73.00
C LEU M 524 -45.58 12.55 73.85
N ASP M 525 -46.65 12.08 73.24
CA ASP M 525 -47.94 12.00 73.91
C ASP M 525 -47.98 10.84 74.88
N ALA M 526 -48.52 11.09 76.08
CA ALA M 526 -49.01 10.03 76.95
C ALA M 526 -47.96 8.95 77.16
N ILE M 527 -46.91 9.22 77.91
CA ILE M 527 -45.71 8.41 77.87
C ILE M 527 -45.50 7.50 79.08
N GLU M 528 -46.53 7.05 79.78
CA GLU M 528 -46.24 5.97 80.73
C GLU M 528 -45.64 4.81 79.93
N LYS M 529 -46.25 4.44 78.80
CA LYS M 529 -47.68 4.21 78.63
C LYS M 529 -47.74 3.00 77.73
N ALA M 530 -46.66 2.83 76.99
CA ALA M 530 -46.55 1.71 76.08
C ALA M 530 -45.58 0.67 76.62
N ASP M 531 -45.33 -0.35 75.80
CA ASP M 531 -44.38 -1.38 76.16
C ASP M 531 -43.01 -0.84 76.54
N PRO M 532 -42.42 0.10 75.81
CA PRO M 532 -41.05 0.51 76.15
C PRO M 532 -41.01 1.39 77.38
N GLN M 533 -40.06 1.09 78.27
CA GLN M 533 -39.73 1.97 79.39
C GLN M 533 -38.50 2.79 79.03
N VAL M 534 -38.65 3.61 77.99
CA VAL M 534 -37.53 4.36 77.43
C VAL M 534 -37.37 5.60 78.31
N ILE M 535 -36.57 5.43 79.35
CA ILE M 535 -36.13 6.55 80.18
C ILE M 535 -34.66 6.80 79.91
N THR M 536 -33.86 5.75 80.04
CA THR M 536 -32.42 5.90 79.95
C THR M 536 -31.93 6.21 78.54
N LEU M 537 -32.56 5.64 77.51
CA LEU M 537 -32.11 5.95 76.15
C LEU M 537 -32.21 7.44 75.89
N LEU M 538 -33.18 8.11 76.51
CA LEU M 538 -33.31 9.55 76.38
C LEU M 538 -32.30 10.31 77.22
N LEU M 539 -31.85 9.75 78.34
CA LEU M 539 -30.96 10.47 79.24
C LEU M 539 -29.76 11.05 78.53
N GLN M 540 -29.27 10.38 77.48
CA GLN M 540 -28.14 10.88 76.73
C GLN M 540 -28.37 12.32 76.28
N VAL M 541 -29.51 12.59 75.63
CA VAL M 541 -29.82 13.98 75.36
C VAL M 541 -30.20 14.69 76.66
N LEU M 542 -30.97 14.02 77.52
CA LEU M 542 -31.47 14.66 78.73
C LEU M 542 -30.32 15.13 79.61
N ASP M 543 -29.13 14.57 79.38
CA ASP M 543 -27.94 15.08 80.03
C ASP M 543 -27.27 16.16 79.19
N ASP M 544 -26.95 15.86 77.92
CA ASP M 544 -26.04 16.71 77.17
C ASP M 544 -26.47 16.97 75.74
N GLY M 545 -27.56 16.37 75.26
CA GLY M 545 -28.02 16.63 73.92
C GLY M 545 -27.26 15.93 72.83
N ARG M 546 -26.18 15.24 73.16
CA ARG M 546 -25.42 14.45 72.20
C ARG M 546 -25.87 13.01 72.32
N LEU M 547 -26.38 12.44 71.24
CA LEU M 547 -26.90 11.09 71.31
C LEU M 547 -26.55 10.33 70.05
N THR M 548 -26.08 9.09 70.22
CA THR M 548 -25.54 8.29 69.14
C THR M 548 -26.66 7.65 68.33
N ASP M 549 -26.35 7.37 67.07
CA ASP M 549 -27.29 6.71 66.19
C ASP M 549 -26.97 5.23 66.10
N GLY M 550 -27.64 4.53 65.18
CA GLY M 550 -27.32 3.14 64.92
C GLY M 550 -26.07 2.94 64.09
N GLN M 551 -25.38 4.02 63.75
CA GLN M 551 -24.11 3.93 63.06
C GLN M 551 -22.96 4.51 63.86
N GLY M 552 -23.22 4.97 65.09
CA GLY M 552 -22.20 5.60 65.88
C GLY M 552 -22.13 7.10 65.78
N ASN M 553 -22.76 7.69 64.77
CA ASN M 553 -22.77 9.14 64.65
C ASN M 553 -23.61 9.74 65.78
N THR M 554 -23.10 10.82 66.35
CA THR M 554 -23.81 11.52 67.41
C THR M 554 -24.52 12.72 66.82
N VAL M 555 -25.76 12.94 67.25
CA VAL M 555 -26.53 14.10 66.86
C VAL M 555 -26.68 15.00 68.07
N ASN M 556 -26.50 16.30 67.86
CA ASN M 556 -26.68 17.29 68.89
C ASN M 556 -28.16 17.63 69.00
N PHE M 557 -28.62 17.89 70.22
CA PHE M 557 -29.98 18.33 70.46
C PHE M 557 -30.00 19.66 71.20
N LYS M 558 -29.01 20.50 70.94
CA LYS M 558 -28.83 21.71 71.72
C LYS M 558 -30.00 22.66 71.59
N ASN M 559 -30.52 22.83 70.38
CA ASN M 559 -31.48 23.88 70.10
C ASN M 559 -32.90 23.36 69.94
N THR M 560 -33.20 22.21 70.51
CA THR M 560 -34.53 21.65 70.38
C THR M 560 -35.28 21.68 71.70
N VAL M 561 -36.59 21.51 71.62
CA VAL M 561 -37.46 21.44 72.78
C VAL M 561 -38.16 20.10 72.77
N ILE M 562 -38.23 19.45 73.93
CA ILE M 562 -38.91 18.18 74.10
C ILE M 562 -40.05 18.39 75.09
N ILE M 563 -41.26 18.10 74.66
CA ILE M 563 -42.44 18.18 75.50
C ILE M 563 -43.14 16.84 75.48
N ALA M 564 -43.43 16.31 76.66
CA ALA M 564 -44.10 15.02 76.76
C ALA M 564 -45.30 15.13 77.69
N THR M 565 -46.29 14.29 77.46
CA THR M 565 -47.58 14.39 78.14
C THR M 565 -47.90 13.09 78.88
N SER M 566 -48.92 13.17 79.72
CA SER M 566 -49.33 12.04 80.55
C SER M 566 -50.74 12.29 81.09
N ASN M 567 -51.22 11.34 81.89
CA ASN M 567 -52.57 11.34 82.44
C ASN M 567 -52.50 11.72 83.91
N ALA M 568 -53.23 12.76 84.29
CA ALA M 568 -53.31 13.20 85.68
C ALA M 568 -54.57 12.71 86.39
N GLY M 569 -55.13 11.59 85.99
CA GLY M 569 -56.48 11.25 86.36
C GLY M 569 -57.47 12.04 85.54
N PHE M 570 -58.74 11.84 85.86
CA PHE M 570 -59.80 12.49 85.10
C PHE M 570 -61.08 12.55 85.94
N GLY M 571 -61.79 13.66 85.80
CA GLY M 571 -63.08 13.81 86.44
C GLY M 571 -64.19 13.39 85.50
N TYR M 572 -65.15 14.27 85.26
CA TYR M 572 -65.20 15.57 85.93
C TYR M 572 -66.56 15.73 86.59
N GLU M 573 -66.55 16.22 87.83
CA GLU M 573 -67.76 16.28 88.64
C GLU M 573 -68.34 17.68 88.95
N ALA M 574 -67.97 18.77 88.27
CA ALA M 574 -66.93 18.92 87.23
C ALA M 574 -65.60 19.24 87.88
N ASN M 575 -65.59 20.29 88.70
CA ASN M 575 -64.39 20.72 89.40
C ASN M 575 -64.31 20.19 90.83
N LEU M 576 -65.29 19.39 91.27
CA LEU M 576 -65.24 18.87 92.63
C LEU M 576 -64.14 17.82 92.80
N THR M 577 -63.80 17.09 91.73
CA THR M 577 -62.69 16.15 91.74
C THR M 577 -61.65 16.47 90.67
N GLU M 578 -61.63 17.71 90.16
CA GLU M 578 -60.61 18.08 89.20
C GLU M 578 -59.22 18.08 89.83
N ASP M 579 -59.12 18.41 91.12
CA ASP M 579 -57.85 18.39 91.84
C ASP M 579 -58.16 18.29 93.33
N ALA M 580 -57.88 17.12 93.92
CA ALA M 580 -58.19 16.90 95.33
C ALA M 580 -57.02 17.31 96.22
N ASP M 581 -55.79 16.97 95.84
CA ASP M 581 -54.61 17.37 96.59
C ASP M 581 -53.39 17.20 95.70
N LYS M 582 -52.28 17.84 96.11
CA LYS M 582 -51.05 17.75 95.33
C LYS M 582 -50.51 16.32 95.23
N PRO M 583 -50.41 15.54 96.32
CA PRO M 583 -49.92 14.16 96.16
C PRO M 583 -50.94 13.22 95.56
N GLU M 584 -52.23 13.58 95.55
CA GLU M 584 -53.24 12.85 94.77
C GLU M 584 -52.79 12.65 93.34
N LEU M 585 -51.76 13.38 92.91
CA LEU M 585 -51.11 13.19 91.64
C LEU M 585 -49.79 12.43 91.75
N MET M 586 -48.77 12.98 92.39
CA MET M 586 -47.45 12.38 92.30
C MET M 586 -47.44 10.98 92.87
N ASP M 587 -48.13 10.76 94.00
CA ASP M 587 -48.05 9.46 94.64
C ASP M 587 -48.62 8.38 93.73
N ARG M 588 -49.67 8.70 92.99
CA ARG M 588 -50.14 7.81 91.94
C ARG M 588 -49.12 7.69 90.82
N LEU M 589 -48.51 8.81 90.42
CA LEU M 589 -47.55 8.75 89.32
C LEU M 589 -46.25 8.06 89.73
N LYS M 590 -45.99 7.90 91.03
CA LYS M 590 -44.78 7.17 91.41
C LYS M 590 -44.76 5.74 90.85
N PRO M 591 -45.81 4.92 90.98
CA PRO M 591 -45.84 3.67 90.21
C PRO M 591 -46.08 3.88 88.72
N PHE M 592 -46.46 5.08 88.30
CA PHE M 592 -46.73 5.34 86.88
C PHE M 592 -45.51 5.90 86.17
N PHE M 593 -44.91 6.95 86.72
CA PHE M 593 -43.68 7.52 86.17
C PHE M 593 -42.55 7.26 87.16
N ARG M 594 -41.44 6.75 86.65
CA ARG M 594 -40.30 6.46 87.49
C ARG M 594 -39.76 7.75 88.09
N PRO M 595 -39.47 7.79 89.39
CA PRO M 595 -39.02 9.04 90.02
C PRO M 595 -37.80 9.65 89.37
N GLU M 596 -36.86 8.82 88.90
CA GLU M 596 -35.70 9.35 88.21
C GLU M 596 -36.08 10.08 86.93
N PHE M 597 -36.98 9.52 86.13
CA PHE M 597 -37.41 10.19 84.92
C PHE M 597 -38.13 11.50 85.24
N LEU M 598 -38.81 11.54 86.38
CA LEU M 598 -39.35 12.80 86.86
C LEU M 598 -38.25 13.81 87.15
N ASN M 599 -37.22 13.39 87.88
CA ASN M 599 -36.18 14.31 88.34
C ASN M 599 -35.35 14.89 87.20
N ARG M 600 -35.44 14.32 86.00
CA ARG M 600 -34.66 14.79 84.86
C ARG M 600 -35.25 16.03 84.20
N PHE M 601 -36.49 16.37 84.50
CA PHE M 601 -37.15 17.40 83.72
C PHE M 601 -36.94 18.79 84.31
N ASN M 602 -37.02 19.79 83.44
CA ASN M 602 -37.03 21.16 83.89
C ASN M 602 -38.25 21.44 84.76
N ALA M 603 -39.41 20.91 84.37
CA ALA M 603 -40.63 21.05 85.14
C ALA M 603 -41.72 20.15 84.58
N VAL M 604 -42.70 19.87 85.43
CA VAL M 604 -43.95 19.22 85.04
C VAL M 604 -45.09 20.15 85.41
N ILE M 605 -46.10 20.20 84.54
CA ILE M 605 -47.29 21.02 84.73
C ILE M 605 -48.48 20.11 84.51
N GLU M 606 -49.63 20.48 85.04
CA GLU M 606 -50.80 19.62 84.98
C GLU M 606 -51.98 20.33 84.31
N PHE M 607 -52.88 19.51 83.78
CA PHE M 607 -54.13 19.97 83.19
C PHE M 607 -55.29 19.45 84.04
N SER M 608 -55.63 20.19 85.08
CA SER M 608 -56.77 19.88 85.90
C SER M 608 -57.96 20.80 85.62
N HIS M 609 -57.90 21.57 84.54
CA HIS M 609 -58.74 22.74 84.41
C HIS M 609 -59.96 22.44 83.55
N LEU M 610 -61.14 22.44 84.16
CA LEU M 610 -62.39 22.24 83.45
C LEU M 610 -63.53 22.75 84.32
N THR M 611 -64.19 23.82 83.88
CA THR M 611 -65.18 24.52 84.69
C THR M 611 -66.27 25.05 83.78
N LYS M 612 -67.00 26.07 84.24
CA LYS M 612 -68.07 26.66 83.43
C LYS M 612 -67.99 28.18 83.33
N GLU M 613 -67.49 28.88 84.33
CA GLU M 613 -67.49 30.34 84.30
C GLU M 613 -66.49 30.90 83.29
N ASP M 614 -65.36 30.23 83.10
CA ASP M 614 -64.30 30.71 82.23
C ASP M 614 -64.49 30.23 80.80
N LEU M 615 -65.57 29.51 80.54
CA LEU M 615 -65.79 28.86 79.26
C LEU M 615 -66.56 29.75 78.29
N SER M 616 -67.10 30.87 78.75
CA SER M 616 -67.63 31.85 77.81
C SER M 616 -66.52 32.42 76.94
N LYS M 617 -65.32 32.52 77.49
CA LYS M 617 -64.20 33.05 76.73
C LYS M 617 -63.89 32.18 75.52
N ILE M 618 -63.85 30.87 75.71
CA ILE M 618 -63.66 29.99 74.56
C ILE M 618 -64.86 30.10 73.63
N VAL M 619 -66.05 30.38 74.19
CA VAL M 619 -67.24 30.53 73.36
C VAL M 619 -67.05 31.65 72.36
N ASP M 620 -66.66 32.84 72.81
CA ASP M 620 -66.49 33.91 71.84
C ASP M 620 -65.24 33.70 71.01
N LEU M 621 -64.31 32.87 71.46
CA LEU M 621 -63.22 32.48 70.59
C LEU M 621 -63.72 31.71 69.36
N MET M 622 -64.53 30.68 69.58
CA MET M 622 -65.11 29.99 68.44
C MET M 622 -66.04 30.90 67.64
N LEU M 623 -66.76 31.80 68.30
CA LEU M 623 -67.58 32.74 67.54
C LEU M 623 -66.73 33.59 66.62
N ALA M 624 -65.55 34.00 67.11
CA ALA M 624 -64.62 34.74 66.30
C ALA M 624 -64.19 33.93 65.08
N GLU M 625 -63.82 32.66 65.28
CA GLU M 625 -63.37 31.90 64.12
C GLU M 625 -64.53 31.65 63.15
N VAL M 626 -65.75 31.51 63.69
CA VAL M 626 -66.91 31.33 62.82
C VAL M 626 -67.08 32.54 61.92
N ASN M 627 -67.06 33.74 62.49
CA ASN M 627 -67.21 34.92 61.65
C ASN M 627 -66.03 35.09 60.72
N GLN M 628 -64.83 34.67 61.17
CA GLN M 628 -63.67 34.67 60.29
C GLN M 628 -63.91 33.78 59.07
N THR M 629 -64.43 32.58 59.29
CA THR M 629 -64.74 31.68 58.19
C THR M 629 -65.78 32.30 57.27
N LEU M 630 -66.81 32.92 57.87
CA LEU M 630 -67.85 33.55 57.07
C LEU M 630 -67.31 34.69 56.23
N ALA M 631 -66.22 35.31 56.70
CA ALA M 631 -65.68 36.46 55.97
C ALA M 631 -65.28 36.10 54.55
N LYS M 632 -65.06 34.81 54.28
CA LYS M 632 -64.73 34.40 52.93
C LYS M 632 -65.86 34.73 51.95
N LYS M 633 -67.10 34.65 52.41
CA LYS M 633 -68.26 34.95 51.58
C LYS M 633 -68.88 36.30 51.92
N ASP M 634 -68.14 37.18 52.60
CA ASP M 634 -68.61 38.53 52.93
C ASP M 634 -69.82 38.49 53.83
N ILE M 635 -69.87 37.51 54.73
CA ILE M 635 -71.02 37.27 55.59
C ILE M 635 -70.61 37.54 57.03
N ASP M 636 -71.45 38.28 57.75
CA ASP M 636 -71.20 38.59 59.16
C ASP M 636 -72.36 38.05 59.99
N LEU M 637 -72.03 37.30 61.03
CA LEU M 637 -73.03 36.75 61.94
C LEU M 637 -72.92 37.46 63.29
N VAL M 638 -74.07 37.81 63.85
CA VAL M 638 -74.13 38.37 65.19
C VAL M 638 -74.77 37.34 66.11
N VAL M 639 -74.26 37.24 67.34
CA VAL M 639 -74.71 36.26 68.31
C VAL M 639 -75.21 36.99 69.55
N SER M 640 -76.41 36.65 69.99
CA SER M 640 -76.96 37.22 71.22
C SER M 640 -76.29 36.59 72.44
N GLN M 641 -76.29 37.36 73.53
CA GLN M 641 -75.74 36.85 74.79
C GLN M 641 -76.53 35.66 75.31
N ALA M 642 -77.85 35.70 75.18
CA ALA M 642 -78.66 34.57 75.60
C ALA M 642 -78.32 33.32 74.82
N ALA M 643 -78.05 33.48 73.52
CA ALA M 643 -77.57 32.36 72.73
C ALA M 643 -76.26 31.83 73.30
N LYS M 644 -75.36 32.72 73.71
CA LYS M 644 -74.11 32.28 74.31
C LYS M 644 -74.37 31.49 75.57
N ASP M 645 -75.27 31.96 76.43
CA ASP M 645 -75.58 31.25 77.67
C ASP M 645 -76.15 29.88 77.38
N TYR M 646 -77.05 29.79 76.41
CA TYR M 646 -77.62 28.48 76.06
C TYR M 646 -76.57 27.56 75.49
N ILE M 647 -75.68 28.07 74.64
CA ILE M 647 -74.61 27.24 74.09
C ILE M 647 -73.74 26.70 75.19
N THR M 648 -73.35 27.57 76.13
CA THR M 648 -72.57 27.13 77.27
C THR M 648 -73.29 26.01 78.01
N GLU M 649 -74.56 26.21 78.32
CA GLU M 649 -75.31 25.18 79.04
C GLU M 649 -75.37 23.88 78.25
N GLU M 650 -75.48 23.99 76.92
CA GLU M 650 -75.46 22.79 76.08
C GLU M 650 -74.14 22.06 76.20
N GLY M 651 -73.03 22.78 76.01
CA GLY M 651 -71.72 22.19 76.07
C GLY M 651 -71.23 21.85 77.44
N TYR M 652 -71.96 22.23 78.48
CA TYR M 652 -71.52 21.90 79.83
C TYR M 652 -71.84 20.46 80.18
N ASP M 653 -71.44 19.54 79.31
CA ASP M 653 -71.30 18.14 79.70
C ASP M 653 -69.95 18.03 80.39
N GLU M 654 -69.83 18.79 81.49
CA GLU M 654 -68.55 19.01 82.16
C GLU M 654 -68.14 17.73 82.90
N VAL M 655 -67.86 16.70 82.10
CA VAL M 655 -67.45 15.41 82.65
C VAL M 655 -66.07 14.98 82.16
N MET M 656 -65.66 15.36 80.95
CA MET M 656 -64.33 15.00 80.47
C MET M 656 -63.55 16.19 79.93
N GLY M 657 -64.20 17.09 79.19
CA GLY M 657 -63.48 18.14 78.53
C GLY M 657 -64.40 19.00 77.69
N VAL M 658 -63.78 19.75 76.77
CA VAL M 658 -64.46 20.81 76.03
C VAL M 658 -64.71 20.44 74.57
N ARG M 659 -64.52 19.18 74.19
CA ARG M 659 -64.87 18.78 72.83
C ARG M 659 -66.34 19.02 72.50
N PRO M 660 -67.31 18.62 73.34
CA PRO M 660 -68.70 18.95 73.05
C PRO M 660 -68.96 20.44 73.03
N LEU M 661 -68.14 21.24 73.72
CA LEU M 661 -68.34 22.68 73.68
C LEU M 661 -68.18 23.21 72.26
N ARG M 662 -67.17 22.73 71.54
CA ARG M 662 -67.08 22.98 70.11
C ARG M 662 -68.17 22.26 69.34
N ARG M 663 -68.49 21.04 69.75
CA ARG M 663 -69.40 20.21 68.97
C ARG M 663 -70.78 20.84 68.84
N VAL M 664 -71.27 21.48 69.91
CA VAL M 664 -72.62 22.02 69.90
C VAL M 664 -72.80 23.14 68.89
N VAL M 665 -71.73 23.82 68.50
CA VAL M 665 -71.78 24.74 67.37
C VAL M 665 -71.11 24.18 66.14
N GLU M 666 -70.58 22.96 66.21
CA GLU M 666 -69.83 22.38 65.11
C GLU M 666 -70.67 22.29 63.85
N GLN M 667 -71.97 22.07 64.01
CA GLN M 667 -72.87 21.97 62.88
C GLN M 667 -74.14 22.79 63.04
N GLU M 668 -74.58 23.03 64.28
CA GLU M 668 -75.89 23.62 64.50
C GLU M 668 -75.96 25.02 63.94
N ILE M 669 -74.89 25.80 64.12
CA ILE M 669 -74.86 27.15 63.56
C ILE M 669 -74.80 27.06 62.04
N ARG M 670 -73.89 26.25 61.52
CA ARG M 670 -73.65 26.22 60.09
C ARG M 670 -74.80 25.52 59.35
N ASP M 671 -75.54 24.66 60.04
CA ASP M 671 -76.74 24.09 59.43
C ASP M 671 -77.78 25.16 59.16
N LYS M 672 -78.01 26.05 60.12
CA LYS M 672 -78.89 27.19 59.88
C LYS M 672 -78.34 28.08 58.78
N VAL M 673 -77.03 28.33 58.81
CA VAL M 673 -76.40 29.18 57.80
C VAL M 673 -76.60 28.59 56.41
N THR M 674 -76.61 27.26 56.33
CA THR M 674 -76.88 26.60 55.05
C THR M 674 -78.19 27.07 54.45
N ASP M 675 -79.27 27.01 55.22
CA ASP M 675 -80.57 27.40 54.69
C ASP M 675 -80.67 28.90 54.47
N PHE M 676 -80.09 29.70 55.37
CA PHE M 676 -80.14 31.14 55.16
C PHE M 676 -79.35 31.54 53.92
N HIS M 677 -78.34 30.76 53.54
CA HIS M 677 -77.58 31.08 52.35
C HIS M 677 -78.36 30.82 51.07
N LEU M 678 -79.42 30.01 51.14
CA LEU M 678 -80.30 29.87 50.00
C LEU M 678 -80.97 31.19 49.63
N ASP M 679 -81.02 32.13 50.56
CA ASP M 679 -81.42 33.50 50.29
C ASP M 679 -80.26 34.20 49.57
N HIS M 680 -80.48 35.32 48.85
CA HIS M 680 -81.50 36.37 49.00
C HIS M 680 -81.27 36.95 50.39
N LEU M 681 -80.00 37.05 50.74
CA LEU M 681 -79.58 37.15 52.13
C LEU M 681 -78.86 38.48 52.38
N ASP M 682 -79.27 39.17 53.44
CA ASP M 682 -78.53 40.31 53.97
C ASP M 682 -77.43 39.75 54.86
N ALA M 683 -76.24 39.56 54.28
CA ALA M 683 -75.15 38.97 55.03
C ALA M 683 -74.75 39.81 56.23
N LYS M 684 -75.02 41.11 56.20
CA LYS M 684 -74.69 42.01 57.29
C LYS M 684 -75.66 41.88 58.47
N HIS M 685 -76.88 41.41 58.22
CA HIS M 685 -77.95 41.45 59.18
C HIS M 685 -78.06 40.21 60.06
N LEU M 686 -77.38 39.13 59.71
CA LEU M 686 -77.62 37.86 60.38
C LEU M 686 -77.28 37.94 61.85
N GLU M 687 -78.33 37.93 62.67
CA GLU M 687 -78.20 37.93 64.12
C GLU M 687 -78.90 36.71 64.67
N ALA M 688 -78.20 35.97 65.53
CA ALA M 688 -78.68 34.71 66.07
C ALA M 688 -79.13 34.88 67.52
N ASP M 689 -80.31 34.35 67.83
CA ASP M 689 -80.84 34.33 69.19
C ASP M 689 -81.48 32.98 69.46
N MET M 690 -82.09 32.85 70.62
CA MET M 690 -82.54 31.58 71.17
C MET M 690 -84.02 31.62 71.47
N GLU M 691 -84.74 30.61 70.99
CA GLU M 691 -86.16 30.43 71.29
C GLU M 691 -86.33 29.01 71.80
N ASP M 692 -86.32 28.84 73.13
CA ASP M 692 -86.60 27.55 73.75
C ASP M 692 -85.62 26.49 73.26
N GLY M 693 -84.35 26.86 73.17
CA GLY M 693 -83.34 25.95 72.70
C GLY M 693 -83.25 25.82 71.20
N VAL M 694 -83.97 26.65 70.45
CA VAL M 694 -83.92 26.60 69.00
C VAL M 694 -83.24 27.86 68.47
N LEU M 695 -82.27 27.67 67.58
CA LEU M 695 -81.53 28.79 67.01
C LEU M 695 -82.39 29.53 66.01
N VAL M 696 -82.53 30.84 66.20
CA VAL M 696 -83.36 31.66 65.32
C VAL M 696 -82.53 32.85 64.88
N ILE M 697 -82.31 32.95 63.57
CA ILE M 697 -81.44 33.98 63.01
C ILE M 697 -82.27 34.88 62.11
N ARG M 698 -82.04 36.18 62.20
CA ARG M 698 -82.66 37.13 61.28
C ARG M 698 -81.58 38.01 60.67
N LEU N 76 18.34 1.04 39.84
CA LEU N 76 17.34 1.12 40.90
C LEU N 76 16.28 2.15 40.50
N ALA N 77 16.04 3.10 41.40
CA ALA N 77 15.26 4.29 41.09
C ALA N 77 13.90 3.95 40.48
N LYS N 78 13.31 2.86 40.94
CA LYS N 78 11.98 2.44 40.50
C LYS N 78 11.12 2.25 41.73
N LEU N 79 10.29 3.25 42.02
CA LEU N 79 9.41 3.23 43.17
C LEU N 79 10.19 3.00 44.46
N GLY N 80 11.35 3.61 44.55
CA GLY N 80 12.19 3.40 45.73
C GLY N 80 13.40 4.30 45.71
N ARG N 81 14.20 4.15 46.75
CA ARG N 81 15.38 5.00 46.93
C ARG N 81 16.54 4.20 47.49
N ASN N 82 17.72 4.46 46.97
CA ASN N 82 18.95 3.85 47.46
C ASN N 82 19.46 4.68 48.63
N LEU N 83 19.28 4.18 49.84
CA LEU N 83 19.77 4.89 51.02
C LEU N 83 21.29 4.87 51.08
N THR N 84 21.93 3.81 50.61
CA THR N 84 23.38 3.75 50.62
C THR N 84 23.98 4.85 49.74
N ALA N 85 23.35 5.11 48.60
CA ALA N 85 23.84 6.15 47.70
C ALA N 85 23.83 7.50 48.40
N GLU N 86 22.75 7.82 49.10
CA GLU N 86 22.72 9.06 49.86
C GLU N 86 23.75 9.04 50.97
N ALA N 87 23.96 7.87 51.58
CA ALA N 87 24.93 7.76 52.68
C ALA N 87 26.33 8.12 52.20
N ARG N 88 26.71 7.64 51.01
CA ARG N 88 28.02 7.97 50.49
C ARG N 88 28.21 9.47 50.37
N GLU N 89 27.15 10.18 50.01
CA GLU N 89 27.21 11.61 49.79
C GLU N 89 27.26 12.41 51.09
N GLY N 90 27.04 11.76 52.22
CA GLY N 90 26.95 12.50 53.47
C GLY N 90 25.68 13.30 53.62
N LYS N 91 24.63 12.93 52.90
CA LYS N 91 23.38 13.66 52.91
C LYS N 91 22.47 13.28 54.07
N LEU N 92 22.90 12.36 54.92
CA LEU N 92 22.04 11.77 55.93
C LEU N 92 22.54 12.15 57.32
N ASP N 93 21.58 12.45 58.20
CA ASP N 93 21.92 12.94 59.53
C ASP N 93 22.55 11.83 60.36
N PRO N 94 23.50 12.16 61.24
CA PRO N 94 24.06 11.13 62.12
C PRO N 94 23.01 10.59 63.07
N VAL N 95 23.00 9.27 63.21
CA VAL N 95 22.07 8.59 64.10
C VAL N 95 22.74 8.45 65.47
N ILE N 96 22.02 8.85 66.51
CA ILE N 96 22.61 9.10 67.82
C ILE N 96 22.01 8.16 68.84
N GLY N 97 22.86 7.54 69.65
CA GLY N 97 22.42 6.81 70.82
C GLY N 97 21.79 5.47 70.56
N ARG N 98 21.99 4.89 69.38
CA ARG N 98 21.33 3.64 69.03
C ARG N 98 22.31 2.48 68.95
N ASN N 99 23.44 2.56 69.63
CA ASN N 99 24.60 1.76 69.29
C ASN N 99 24.31 0.28 69.13
N LYS N 100 24.06 -0.42 70.24
CA LYS N 100 23.93 -1.87 70.11
C LYS N 100 22.74 -2.22 69.23
N GLU N 101 21.63 -1.52 69.42
CA GLU N 101 20.40 -1.82 68.71
C GLU N 101 20.63 -1.85 67.20
N ILE N 102 21.60 -1.08 66.70
CA ILE N 102 21.77 -1.14 65.25
C ILE N 102 22.63 -2.33 64.86
N GLN N 103 23.78 -2.48 65.51
CA GLN N 103 24.74 -3.46 65.03
C GLN N 103 24.38 -4.85 65.50
N GLU N 104 23.58 -4.95 66.56
CA GLU N 104 22.91 -6.22 66.85
C GLU N 104 22.17 -6.74 65.64
N ALA N 105 21.59 -5.84 64.83
CA ALA N 105 20.91 -6.25 63.61
C ALA N 105 21.83 -7.05 62.71
N SER N 106 23.09 -6.61 62.57
CA SER N 106 24.03 -7.36 61.76
C SER N 106 24.14 -8.80 62.21
N GLU N 107 24.02 -9.05 63.51
CA GLU N 107 24.15 -10.40 64.04
C GLU N 107 23.08 -11.34 63.49
N ILE N 108 22.02 -10.81 62.91
CA ILE N 108 21.05 -11.62 62.20
C ILE N 108 21.41 -11.77 60.73
N LEU N 109 21.80 -10.67 60.10
CA LEU N 109 22.03 -10.70 58.65
C LEU N 109 23.20 -11.59 58.28
N SER N 110 24.18 -11.71 59.15
CA SER N 110 25.39 -12.46 58.82
C SER N 110 25.13 -13.96 58.67
N ARG N 111 23.96 -14.44 59.05
CA ARG N 111 23.70 -15.87 58.99
C ARG N 111 23.37 -16.31 57.57
N ARG N 112 23.58 -17.60 57.31
CA ARG N 112 23.23 -18.15 56.00
C ARG N 112 21.72 -18.30 55.85
N THR N 113 21.04 -18.77 56.88
CA THR N 113 19.59 -18.80 56.92
C THR N 113 19.11 -18.04 58.15
N LYS N 114 17.79 -18.00 58.33
CA LYS N 114 17.19 -17.33 59.47
C LYS N 114 17.75 -15.92 59.59
N ASN N 115 17.49 -15.12 58.58
CA ASN N 115 18.20 -13.88 58.34
C ASN N 115 17.27 -12.76 57.88
N ASN N 116 16.14 -12.62 58.54
CA ASN N 116 15.13 -11.63 58.19
C ASN N 116 14.71 -10.91 59.46
N PRO N 117 15.49 -9.93 59.90
CA PRO N 117 15.15 -9.21 61.11
C PRO N 117 14.13 -8.12 60.84
N VAL N 118 13.19 -7.98 61.79
CA VAL N 118 12.20 -6.91 61.76
C VAL N 118 12.27 -6.16 63.08
N LEU N 119 12.20 -4.85 62.99
CA LEU N 119 12.24 -3.99 64.17
C LEU N 119 10.82 -3.84 64.71
N VAL N 120 10.63 -4.12 65.99
CA VAL N 120 9.30 -4.10 66.59
C VAL N 120 9.27 -3.01 67.65
N GLY N 121 8.16 -2.30 67.71
CA GLY N 121 7.99 -1.27 68.72
C GLY N 121 6.92 -0.29 68.28
N ASP N 122 6.63 0.64 69.18
CA ASP N 122 5.61 1.64 68.89
C ASP N 122 6.17 2.73 67.99
N ALA N 123 5.25 3.47 67.35
CA ALA N 123 5.62 4.50 66.40
C ALA N 123 6.19 5.72 67.13
N GLY N 124 6.75 6.63 66.35
CA GLY N 124 7.31 7.84 66.92
C GLY N 124 8.52 7.59 67.80
N VAL N 125 9.33 6.59 67.48
CA VAL N 125 10.50 6.25 68.28
C VAL N 125 11.77 6.29 67.47
N GLY N 126 11.78 6.99 66.34
CA GLY N 126 12.92 6.90 65.45
C GLY N 126 13.07 5.53 64.84
N LYS N 127 11.97 4.91 64.42
CA LYS N 127 12.03 3.53 63.97
C LYS N 127 12.94 3.38 62.76
N THR N 128 12.75 4.22 61.75
CA THR N 128 13.63 4.15 60.59
C THR N 128 15.05 4.58 60.93
N ALA N 129 15.20 5.53 61.84
CA ALA N 129 16.53 6.04 62.17
C ALA N 129 17.53 4.92 62.39
N VAL N 130 17.06 3.77 62.87
CA VAL N 130 17.93 2.61 63.03
C VAL N 130 18.49 2.18 61.68
N VAL N 131 17.64 2.08 60.66
CA VAL N 131 18.13 1.56 59.39
C VAL N 131 19.00 2.60 58.69
N GLU N 132 18.66 3.89 58.80
CA GLU N 132 19.62 4.85 58.25
C GLU N 132 20.96 4.77 58.96
N GLY N 133 20.95 4.59 60.29
CA GLY N 133 22.20 4.40 60.99
C GLY N 133 22.94 3.16 60.53
N LEU N 134 22.20 2.12 60.17
CA LEU N 134 22.83 0.93 59.63
C LEU N 134 23.55 1.23 58.34
N ALA N 135 22.90 1.98 57.45
CA ALA N 135 23.56 2.36 56.20
C ALA N 135 24.79 3.21 56.47
N GLN N 136 24.69 4.13 57.43
CA GLN N 136 25.83 4.95 57.82
C GLN N 136 26.99 4.07 58.26
N ALA N 137 26.72 3.08 59.10
CA ALA N 137 27.77 2.19 59.57
C ALA N 137 28.36 1.37 58.43
N ILE N 138 27.51 0.90 57.51
CA ILE N 138 28.02 0.14 56.37
C ILE N 138 29.03 0.96 55.60
N VAL N 139 28.67 2.22 55.30
CA VAL N 139 29.64 3.10 54.66
C VAL N 139 30.85 3.28 55.55
N ASN N 140 30.63 3.33 56.85
CA ASN N 140 31.69 3.58 57.82
C ASN N 140 32.64 2.41 57.97
N GLY N 141 32.29 1.24 57.46
CA GLY N 141 33.11 0.07 57.73
C GLY N 141 32.98 -0.44 59.14
N ASP N 142 31.85 -0.17 59.79
CA ASP N 142 31.63 -0.66 61.15
C ASP N 142 31.13 -2.09 61.19
N VAL N 143 30.47 -2.54 60.13
CA VAL N 143 29.77 -3.82 60.11
C VAL N 143 30.77 -4.96 60.09
N PRO N 144 30.35 -6.18 60.42
CA PRO N 144 31.19 -7.34 60.13
C PRO N 144 31.24 -7.63 58.64
N ALA N 145 32.20 -8.47 58.26
CA ALA N 145 32.55 -8.65 56.86
C ALA N 145 31.41 -9.23 56.04
N ALA N 146 30.41 -9.82 56.70
CA ALA N 146 29.37 -10.55 55.98
C ALA N 146 28.58 -9.66 55.03
N ILE N 147 28.45 -8.38 55.35
CA ILE N 147 27.57 -7.50 54.60
C ILE N 147 28.32 -6.33 53.98
N LYS N 148 29.62 -6.50 53.77
CA LYS N 148 30.42 -5.39 53.25
C LYS N 148 29.92 -4.93 51.89
N ASN N 149 29.60 -5.87 51.00
CA ASN N 149 29.41 -5.57 49.60
C ASN N 149 27.96 -5.30 49.23
N LYS N 150 27.08 -5.16 50.21
CA LYS N 150 25.67 -5.01 49.94
C LYS N 150 25.25 -3.55 50.03
N GLU N 151 24.07 -3.27 49.51
CA GLU N 151 23.44 -1.97 49.65
C GLU N 151 21.98 -2.16 50.01
N ILE N 152 21.37 -1.07 50.48
CA ILE N 152 20.01 -1.09 51.01
C ILE N 152 19.15 -0.17 50.17
N VAL N 153 17.99 -0.66 49.74
CA VAL N 153 17.02 0.14 49.02
C VAL N 153 15.71 0.11 49.78
N SER N 154 15.13 1.28 50.01
CA SER N 154 13.82 1.39 50.64
C SER N 154 12.76 1.50 49.57
N ILE N 155 11.62 0.86 49.80
CA ILE N 155 10.60 0.73 48.78
C ILE N 155 9.28 1.33 49.28
N ASP N 156 8.67 2.15 48.44
CA ASP N 156 7.31 2.63 48.63
C ASP N 156 6.34 1.48 48.32
N ILE N 157 6.04 0.70 49.36
CA ILE N 157 5.06 -0.36 49.18
C ILE N 157 3.70 0.21 48.82
N SER N 158 3.22 1.18 49.60
CA SER N 158 1.87 1.69 49.46
C SER N 158 1.62 2.30 48.09
N GLY N 159 2.64 2.90 47.47
CA GLY N 159 2.50 3.50 46.17
C GLY N 159 2.85 2.61 45.00
N LEU N 160 3.03 1.30 45.22
CA LEU N 160 3.45 0.45 44.13
C LEU N 160 2.44 0.44 42.98
N GLU N 161 1.15 0.32 43.30
CA GLU N 161 0.14 0.34 42.24
C GLU N 161 0.12 1.66 41.49
N ALA N 162 0.71 2.71 42.04
CA ALA N 162 0.81 3.97 41.31
C ALA N 162 1.69 3.85 40.07
N GLY N 163 2.63 2.91 40.06
CA GLY N 163 3.54 2.80 38.95
C GLY N 163 3.01 2.07 37.74
N THR N 164 1.77 1.59 37.78
CA THR N 164 1.22 0.78 36.70
C THR N 164 -0.28 0.98 36.63
N GLN N 165 -0.86 0.55 35.51
CA GLN N 165 -2.28 0.75 35.27
C GLN N 165 -3.08 -0.52 35.53
N TYR N 166 -2.51 -1.69 35.21
CA TYR N 166 -3.23 -2.95 35.32
C TYR N 166 -2.53 -3.84 36.34
N ARG N 167 -3.32 -4.48 37.20
CA ARG N 167 -2.75 -5.20 38.33
C ARG N 167 -2.06 -6.49 37.90
N GLY N 168 -2.44 -7.05 36.73
CA GLY N 168 -1.63 -8.10 36.16
C GLY N 168 -0.27 -7.59 35.71
N SER N 169 -0.25 -6.44 35.04
CA SER N 169 1.01 -5.76 34.77
C SER N 169 1.72 -5.40 36.06
N PHE N 170 0.95 -5.07 37.10
CA PHE N 170 1.54 -4.80 38.40
C PHE N 170 2.29 -6.01 38.92
N GLU N 171 1.65 -7.18 38.89
CA GLU N 171 2.29 -8.39 39.38
C GLU N 171 3.51 -8.72 38.54
N GLU N 172 3.42 -8.50 37.22
CA GLU N 172 4.60 -8.72 36.38
C GLU N 172 5.74 -7.82 36.80
N ASN N 173 5.45 -6.55 37.06
CA ASN N 173 6.48 -5.64 37.54
C ASN N 173 7.02 -6.09 38.88
N VAL N 174 6.15 -6.61 39.75
CA VAL N 174 6.58 -7.07 41.06
C VAL N 174 7.58 -8.21 40.92
N GLN N 175 7.25 -9.21 40.11
CA GLN N 175 8.19 -10.30 39.89
C GLN N 175 9.44 -9.79 39.19
N ASN N 176 9.30 -8.76 38.36
CA ASN N 176 10.46 -8.14 37.74
C ASN N 176 11.40 -7.58 38.79
N LEU N 177 10.90 -7.28 39.98
CA LEU N 177 11.79 -6.90 41.06
C LEU N 177 12.71 -8.04 41.45
N VAL N 178 12.13 -9.22 41.68
CA VAL N 178 12.94 -10.40 41.94
C VAL N 178 13.92 -10.61 40.81
N ASN N 179 13.45 -10.41 39.57
CA ASN N 179 14.35 -10.46 38.43
C ASN N 179 15.52 -9.50 38.60
N GLU N 180 15.26 -8.27 39.07
CA GLU N 180 16.34 -7.36 39.40
C GLU N 180 17.12 -7.86 40.61
N VAL N 181 16.46 -8.57 41.53
CA VAL N 181 17.18 -9.00 42.72
C VAL N 181 17.90 -10.29 42.37
N LYS N 182 19.02 -10.15 41.66
CA LYS N 182 19.94 -11.23 41.40
C LYS N 182 21.39 -10.78 41.52
N GLU N 183 21.63 -9.49 41.78
CA GLU N 183 22.97 -8.92 41.74
C GLU N 183 23.67 -9.18 43.08
N ALA N 184 24.17 -10.41 43.22
CA ALA N 184 24.97 -10.86 44.34
C ALA N 184 24.28 -10.64 45.68
N GLY N 185 22.96 -10.43 45.68
CA GLY N 185 22.30 -10.06 46.90
C GLY N 185 22.73 -8.72 47.45
N ASN N 186 23.48 -7.95 46.67
CA ASN N 186 23.95 -6.64 47.10
C ASN N 186 22.81 -5.70 47.39
N ILE N 187 21.62 -6.02 46.88
CA ILE N 187 20.41 -5.27 47.12
C ILE N 187 19.71 -5.92 48.31
N ILE N 188 19.28 -5.09 49.25
CA ILE N 188 18.49 -5.52 50.40
C ILE N 188 17.27 -4.62 50.50
N LEU N 189 16.09 -5.24 50.55
CA LEU N 189 14.86 -4.49 50.51
C LEU N 189 14.45 -4.06 51.91
N PHE N 190 14.05 -2.81 52.04
CA PHE N 190 13.53 -2.29 53.29
C PHE N 190 12.13 -1.74 53.07
N PHE N 191 11.28 -1.90 54.08
CA PHE N 191 9.92 -1.44 54.07
C PHE N 191 9.58 -0.86 55.43
N ASP N 192 8.37 -0.35 55.56
CA ASP N 192 7.92 0.25 56.80
C ASP N 192 6.55 -0.23 57.24
N ALA N 193 5.85 -1.02 56.42
CA ALA N 193 4.51 -1.50 56.75
C ALA N 193 4.40 -2.96 56.33
N ILE N 194 4.75 -3.87 57.23
CA ILE N 194 4.78 -5.28 56.88
C ILE N 194 3.37 -5.79 56.62
N HIS N 195 2.41 -5.34 57.40
CA HIS N 195 1.02 -5.65 57.14
C HIS N 195 0.59 -5.19 55.76
N GLN N 196 1.09 -4.05 55.28
CA GLN N 196 0.85 -3.64 53.91
C GLN N 196 1.58 -4.49 52.89
N ILE N 197 2.58 -5.26 53.31
CA ILE N 197 3.21 -6.24 52.45
C ILE N 197 2.42 -7.53 52.42
N LEU N 198 1.97 -7.99 53.59
CA LEU N 198 1.22 -9.23 53.67
C LEU N 198 -0.19 -9.00 53.13
N GLY N 199 -0.25 -8.87 51.81
CA GLY N 199 -1.50 -8.69 51.09
C GLY N 199 -1.76 -9.81 50.12
N ALA N 200 -2.22 -9.48 48.90
CA ALA N 200 -2.43 -10.47 47.84
C ALA N 200 -3.44 -11.52 48.28
N GLY N 201 -4.05 -11.32 49.45
CA GLY N 201 -4.95 -12.27 50.04
C GLY N 201 -5.59 -11.73 51.30
N SER N 202 -6.28 -12.60 52.02
CA SER N 202 -7.02 -12.22 53.22
C SER N 202 -6.16 -12.45 54.47
N THR N 203 -4.98 -11.83 54.45
CA THR N 203 -4.15 -11.80 55.65
C THR N 203 -4.64 -10.79 56.67
N GLY N 204 -5.43 -9.81 56.23
CA GLY N 204 -5.94 -8.80 57.14
C GLY N 204 -7.12 -8.09 56.52
N GLY N 205 -8.13 -7.87 57.33
CA GLY N 205 -9.37 -7.35 56.80
C GLY N 205 -10.12 -8.42 56.02
N ASP N 206 -10.93 -7.96 55.07
CA ASP N 206 -11.74 -8.85 54.24
C ASP N 206 -11.05 -9.26 52.95
N SER N 207 -10.28 -8.37 52.33
CA SER N 207 -9.65 -8.66 51.05
C SER N 207 -8.37 -7.84 50.95
N GLY N 208 -7.72 -7.93 49.80
CA GLY N 208 -6.53 -7.14 49.55
C GLY N 208 -6.12 -7.24 48.10
N SER N 209 -5.29 -6.29 47.69
CA SER N 209 -4.75 -6.28 46.34
C SER N 209 -3.52 -7.18 46.27
N LYS N 210 -3.20 -7.59 45.04
CA LYS N 210 -2.03 -8.44 44.83
C LYS N 210 -0.75 -7.72 45.27
N GLY N 211 0.15 -8.48 45.86
CA GLY N 211 1.41 -7.93 46.32
C GLY N 211 2.46 -9.01 46.42
N LEU N 212 3.51 -8.72 47.19
CA LEU N 212 4.61 -9.66 47.33
C LEU N 212 4.16 -10.99 47.92
N ALA N 213 3.01 -11.03 48.58
CA ALA N 213 2.63 -12.23 49.33
C ALA N 213 2.64 -13.46 48.45
N ASP N 214 1.94 -13.41 47.34
CA ASP N 214 1.84 -14.56 46.46
C ASP N 214 3.17 -14.89 45.80
N ILE N 215 4.16 -14.02 45.92
CA ILE N 215 5.49 -14.26 45.38
C ILE N 215 6.51 -14.48 46.49
N LEU N 216 6.38 -13.76 47.61
CA LEU N 216 7.39 -13.84 48.64
C LEU N 216 7.40 -15.19 49.33
N LYS N 217 6.22 -15.78 49.56
CA LYS N 217 6.07 -16.95 50.39
C LYS N 217 7.03 -18.04 49.95
N PRO N 218 7.16 -18.33 48.66
CA PRO N 218 8.25 -19.20 48.22
C PRO N 218 9.60 -18.52 48.29
N ALA N 219 9.72 -17.28 47.77
CA ALA N 219 11.03 -16.67 47.63
C ALA N 219 11.77 -16.60 48.94
N LEU N 220 11.07 -16.19 50.00
CA LEU N 220 11.69 -16.16 51.33
C LEU N 220 12.01 -17.57 51.82
N SER N 221 11.10 -18.52 51.60
CA SER N 221 11.41 -19.91 51.90
C SER N 221 12.64 -20.38 51.13
N ARG N 222 12.70 -20.12 49.83
CA ARG N 222 13.87 -20.46 49.06
C ARG N 222 14.96 -19.38 49.09
N GLY N 223 14.96 -18.52 50.09
CA GLY N 223 16.14 -17.73 50.41
C GLY N 223 16.50 -16.67 49.40
N GLU N 224 15.57 -16.32 48.52
CA GLU N 224 15.83 -15.33 47.50
C GLU N 224 16.08 -13.94 48.05
N LEU N 225 15.32 -13.51 49.05
CA LEU N 225 15.34 -12.13 49.45
C LEU N 225 15.83 -11.99 50.88
N THR N 226 16.23 -10.78 51.24
CA THR N 226 16.41 -10.41 52.64
C THR N 226 15.72 -9.08 52.86
N VAL N 227 14.71 -9.08 53.71
CA VAL N 227 13.94 -7.88 54.00
C VAL N 227 14.17 -7.49 55.44
N ILE N 228 13.89 -6.23 55.76
CA ILE N 228 14.11 -5.71 57.10
C ILE N 228 12.90 -4.88 57.51
N GLY N 229 12.13 -5.40 58.46
CA GLY N 229 11.07 -4.64 59.09
C GLY N 229 10.05 -4.08 58.12
N ALA N 230 9.22 -3.17 58.64
CA ALA N 230 9.22 -2.80 60.05
C ALA N 230 7.78 -2.55 60.47
N THR N 231 7.48 -2.73 61.75
CA THR N 231 6.11 -2.57 62.20
C THR N 231 6.01 -2.47 63.72
N THR N 232 4.78 -2.51 64.23
CA THR N 232 4.48 -2.33 65.63
C THR N 232 4.27 -3.66 66.33
N GLN N 233 4.10 -3.60 67.65
CA GLN N 233 3.96 -4.79 68.48
C GLN N 233 2.75 -5.63 68.12
N ASP N 234 1.59 -4.97 68.02
CA ASP N 234 0.32 -5.66 67.82
C ASP N 234 0.22 -6.23 66.41
N GLU N 235 0.65 -5.46 65.40
CA GLU N 235 0.82 -6.02 64.06
C GLU N 235 1.63 -7.30 64.11
N TYR N 236 2.71 -7.31 64.88
CA TYR N 236 3.59 -8.47 64.93
C TYR N 236 2.86 -9.69 65.46
N ARG N 237 2.21 -9.57 66.62
CA ARG N 237 1.58 -10.79 67.15
C ARG N 237 0.35 -11.18 66.36
N ASN N 238 -0.28 -10.22 65.66
CA ASN N 238 -1.53 -10.55 64.99
C ASN N 238 -1.31 -11.11 63.60
N THR N 239 -0.23 -10.73 62.92
CA THR N 239 -0.03 -11.15 61.54
C THR N 239 1.15 -12.08 61.35
N ILE N 240 2.25 -11.85 62.05
CA ILE N 240 3.48 -12.55 61.74
C ILE N 240 3.52 -13.93 62.38
N LEU N 241 3.15 -14.02 63.65
CA LEU N 241 3.24 -15.27 64.38
C LEU N 241 2.18 -16.29 63.96
N LYS N 242 1.42 -15.99 62.92
CA LYS N 242 0.35 -16.88 62.49
C LYS N 242 0.69 -17.67 61.25
N ASN N 243 1.62 -17.20 60.43
CA ASN N 243 2.07 -17.94 59.26
C ASN N 243 3.38 -18.64 59.61
N ALA N 244 3.32 -19.97 59.71
CA ALA N 244 4.52 -20.72 60.08
C ALA N 244 5.64 -20.51 59.07
N ALA N 245 5.31 -20.18 57.84
CA ALA N 245 6.34 -19.95 56.84
C ALA N 245 7.27 -18.82 57.26
N LEU N 246 6.72 -17.71 57.73
CA LEU N 246 7.55 -16.64 58.26
C LEU N 246 8.31 -17.06 59.51
N ALA N 247 7.71 -17.96 60.30
CA ALA N 247 8.32 -18.35 61.56
C ALA N 247 9.70 -18.95 61.35
N ARG N 248 9.90 -19.66 60.25
CA ARG N 248 11.16 -20.33 60.00
C ARG N 248 12.12 -19.47 59.15
N ARG N 249 11.80 -18.20 58.97
CA ARG N 249 12.72 -17.28 58.32
C ARG N 249 12.94 -15.98 59.06
N PHE N 250 12.02 -15.55 59.93
CA PHE N 250 12.04 -14.20 60.45
C PHE N 250 12.53 -14.15 61.89
N ASN N 251 13.00 -12.97 62.28
CA ASN N 251 13.45 -12.71 63.62
C ASN N 251 13.03 -11.30 63.99
N GLU N 252 13.06 -10.99 65.29
CA GLU N 252 12.54 -9.73 65.77
C GLU N 252 13.55 -9.07 66.68
N VAL N 253 13.59 -7.74 66.63
CA VAL N 253 14.48 -6.95 67.46
C VAL N 253 13.68 -5.85 68.14
N LYS N 254 13.78 -5.79 69.46
CA LYS N 254 13.00 -4.85 70.25
C LYS N 254 13.56 -3.44 70.15
N VAL N 255 12.67 -2.46 70.13
CA VAL N 255 13.05 -1.05 70.07
C VAL N 255 12.29 -0.31 71.16
N ASN N 256 12.99 0.57 71.88
CA ASN N 256 12.41 1.34 72.96
C ASN N 256 12.84 2.80 72.86
N ALA N 257 11.97 3.69 73.31
CA ALA N 257 12.31 5.09 73.32
C ALA N 257 13.40 5.37 74.36
N PRO N 258 14.32 6.27 74.05
CA PRO N 258 15.43 6.54 74.97
C PRO N 258 15.03 7.46 76.10
N SER N 259 15.98 7.69 77.00
CA SER N 259 15.77 8.52 78.17
C SER N 259 15.97 9.99 77.84
N ALA N 260 15.73 10.83 78.84
CA ALA N 260 15.80 12.27 78.63
C ALA N 260 17.22 12.78 78.78
N GLU N 261 18.18 12.07 78.19
CA GLU N 261 19.49 12.63 77.91
C GLU N 261 19.84 12.54 76.44
N ASN N 262 19.67 11.37 75.85
CA ASN N 262 19.85 11.17 74.43
C ASN N 262 18.87 12.00 73.63
N THR N 263 17.63 12.10 74.10
CA THR N 263 16.67 12.98 73.48
C THR N 263 17.19 14.40 73.45
N PHE N 264 17.78 14.84 74.55
CA PHE N 264 18.37 16.17 74.60
C PHE N 264 19.46 16.31 73.56
N LYS N 265 20.27 15.26 73.39
CA LYS N 265 21.32 15.29 72.37
C LYS N 265 20.74 15.42 70.97
N ILE N 266 19.72 14.62 70.68
CA ILE N 266 19.12 14.67 69.35
C ILE N 266 18.54 16.04 69.09
N LEU N 267 17.88 16.61 70.10
CA LEU N 267 17.31 17.94 69.92
C LEU N 267 18.41 18.96 69.67
N GLN N 268 19.52 18.84 70.42
CA GLN N 268 20.65 19.72 70.17
C GLN N 268 21.13 19.59 68.73
N GLY N 269 21.15 18.37 68.22
CA GLY N 269 21.55 18.18 66.83
C GLY N 269 20.61 18.87 65.86
N ILE N 270 19.31 18.71 66.07
CA ILE N 270 18.34 19.30 65.15
C ILE N 270 18.36 20.82 65.24
N ARG N 271 18.68 21.34 66.41
CA ARG N 271 18.52 22.74 66.80
C ARG N 271 18.75 23.75 65.69
N ASP N 272 19.83 23.57 64.93
CA ASP N 272 20.18 24.52 63.89
C ASP N 272 19.18 24.57 62.75
N LEU N 273 18.44 23.50 62.51
CA LEU N 273 17.51 23.49 61.38
C LEU N 273 16.54 24.66 61.44
N TYR N 274 16.10 25.04 62.63
CA TYR N 274 15.09 26.06 62.82
C TYR N 274 15.65 27.47 62.82
N GLN N 275 16.81 27.68 62.21
CA GLN N 275 17.12 29.01 61.73
C GLN N 275 16.13 29.45 60.67
N GLN N 276 15.43 28.48 60.07
CA GLN N 276 14.43 28.78 59.04
C GLN N 276 13.44 29.83 59.48
N HIS N 277 13.04 29.81 60.74
CA HIS N 277 11.94 30.63 61.22
C HIS N 277 12.39 31.98 61.74
N HIS N 278 13.67 32.31 61.59
CA HIS N 278 14.21 33.64 61.92
C HIS N 278 13.88 34.06 63.34
N ASN N 279 14.06 33.11 64.26
CA ASN N 279 13.81 33.35 65.68
C ASN N 279 14.99 32.80 66.46
N VAL N 280 14.91 32.89 67.79
CA VAL N 280 16.03 32.41 68.60
C VAL N 280 16.28 30.95 68.29
N ILE N 281 17.53 30.61 68.04
CA ILE N 281 17.97 29.23 68.12
C ILE N 281 18.20 28.94 69.60
N LEU N 282 17.52 27.90 70.08
CA LEU N 282 17.06 27.86 71.45
C LEU N 282 18.14 27.39 72.43
N PRO N 283 18.27 28.07 73.57
CA PRO N 283 19.22 27.62 74.59
C PRO N 283 18.73 26.37 75.29
N ASP N 284 19.70 25.63 75.83
CA ASP N 284 19.44 24.29 76.35
C ASP N 284 18.37 24.28 77.43
N GLU N 285 18.29 25.35 78.21
CA GLU N 285 17.34 25.40 79.31
C GLU N 285 15.91 25.26 78.79
N VAL N 286 15.59 25.98 77.73
CA VAL N 286 14.27 25.87 77.13
C VAL N 286 14.04 24.45 76.64
N LEU N 287 15.07 23.83 76.09
CA LEU N 287 14.91 22.49 75.53
C LEU N 287 14.58 21.48 76.63
N LYS N 288 15.39 21.47 77.69
CA LYS N 288 15.13 20.53 78.77
C LYS N 288 13.79 20.82 79.43
N ALA N 289 13.40 22.09 79.48
CA ALA N 289 12.08 22.41 80.03
C ALA N 289 10.97 21.83 79.16
N ALA N 290 11.12 21.92 77.84
CA ALA N 290 10.13 21.34 76.94
C ALA N 290 10.05 19.84 77.14
N VAL N 291 11.20 19.19 77.29
CA VAL N 291 11.20 17.75 77.53
C VAL N 291 10.46 17.45 78.82
N ASP N 292 10.78 18.16 79.90
CA ASP N 292 10.17 17.86 81.19
C ASP N 292 8.68 18.12 81.18
N TYR N 293 8.22 19.06 80.36
CA TYR N 293 6.79 19.29 80.32
C TYR N 293 6.06 18.27 79.46
N SER N 294 6.61 17.95 78.29
CA SER N 294 5.94 16.99 77.42
C SER N 294 5.92 15.62 78.03
N VAL N 295 6.94 15.27 78.83
CA VAL N 295 6.95 13.94 79.42
C VAL N 295 5.85 13.79 80.47
N GLN N 296 5.57 14.85 81.22
CA GLN N 296 4.61 14.75 82.31
C GLN N 296 3.20 15.11 81.91
N TYR N 297 3.01 15.85 80.82
CA TYR N 297 1.68 16.29 80.46
C TYR N 297 1.09 15.54 79.27
N ILE N 298 1.92 14.92 78.42
CA ILE N 298 1.41 14.19 77.28
C ILE N 298 1.94 12.77 77.31
N PRO N 299 1.52 11.94 78.26
CA PRO N 299 2.00 10.55 78.28
C PRO N 299 1.48 9.72 77.12
N GLN N 300 0.40 10.12 76.48
CA GLN N 300 -0.19 9.30 75.44
C GLN N 300 0.62 9.28 74.15
N ARG N 301 1.82 9.84 74.15
CA ARG N 301 2.67 9.85 72.97
C ARG N 301 4.09 9.45 73.36
N SER N 302 4.82 8.93 72.38
CA SER N 302 6.22 8.59 72.59
C SER N 302 7.04 9.85 72.82
N LEU N 303 8.14 9.69 73.54
CA LEU N 303 8.98 10.85 73.89
C LEU N 303 9.59 11.53 72.67
N PRO N 304 10.34 10.84 71.79
CA PRO N 304 11.13 11.57 70.79
C PRO N 304 10.31 12.47 69.87
N ASP N 305 9.15 12.01 69.42
CA ASP N 305 8.37 12.84 68.51
C ASP N 305 7.69 13.99 69.24
N LYS N 306 7.10 13.72 70.41
CA LYS N 306 6.38 14.78 71.09
C LYS N 306 7.32 15.90 71.51
N ALA N 307 8.53 15.55 71.96
CA ALA N 307 9.47 16.60 72.33
C ALA N 307 9.78 17.51 71.17
N ILE N 308 9.89 16.94 69.97
CA ILE N 308 10.15 17.73 68.78
C ILE N 308 8.96 18.59 68.41
N ASP N 309 7.76 18.00 68.41
CA ASP N 309 6.59 18.73 67.97
C ASP N 309 6.30 19.91 68.90
N LEU N 310 6.51 19.72 70.19
CA LEU N 310 6.33 20.83 71.10
C LEU N 310 7.23 21.99 70.73
N VAL N 311 8.49 21.71 70.46
CA VAL N 311 9.43 22.75 70.06
C VAL N 311 8.98 23.41 68.77
N ASP N 312 8.53 22.60 67.82
CA ASP N 312 8.14 23.13 66.51
C ASP N 312 6.99 24.12 66.64
N VAL N 313 5.92 23.71 67.33
CA VAL N 313 4.78 24.61 67.52
C VAL N 313 5.20 25.82 68.35
N THR N 314 6.09 25.61 69.31
CA THR N 314 6.60 26.74 70.08
C THR N 314 7.21 27.79 69.17
N ALA N 315 8.09 27.36 68.27
CA ALA N 315 8.72 28.31 67.35
C ALA N 315 7.69 28.98 66.47
N ALA N 316 6.77 28.19 65.92
CA ALA N 316 5.77 28.75 65.02
C ALA N 316 4.98 29.85 65.72
N HIS N 317 4.59 29.61 66.97
CA HIS N 317 3.88 30.64 67.71
C HIS N 317 4.79 31.83 67.99
N LEU N 318 6.05 31.57 68.33
CA LEU N 318 6.97 32.66 68.60
C LEU N 318 7.26 33.49 67.38
N ALA N 319 6.88 33.02 66.19
CA ALA N 319 6.89 33.91 65.05
C ALA N 319 5.98 35.11 65.29
N ALA N 320 5.05 34.99 66.25
CA ALA N 320 4.21 36.08 66.70
C ALA N 320 3.44 36.72 65.55
N GLN N 321 3.29 35.97 64.46
CA GLN N 321 2.50 36.41 63.32
C GLN N 321 3.00 37.75 62.78
N HIS N 322 4.30 37.93 62.77
CA HIS N 322 4.86 39.17 62.30
C HIS N 322 4.74 39.27 60.78
N PRO N 323 4.50 40.47 60.26
CA PRO N 323 4.38 40.64 58.82
C PRO N 323 5.76 40.72 58.16
N VAL N 324 5.75 40.93 56.84
CA VAL N 324 6.96 41.10 56.07
C VAL N 324 6.89 42.30 55.13
N THR N 325 5.76 42.99 55.08
CA THR N 325 5.64 44.18 54.25
C THR N 325 6.68 45.24 54.58
N ASP N 326 7.09 45.31 55.84
CA ASP N 326 8.01 46.37 56.27
C ASP N 326 9.36 46.22 55.60
N VAL N 327 9.60 45.07 54.97
CA VAL N 327 10.73 44.88 54.09
C VAL N 327 10.29 44.64 52.65
N HIS N 328 9.09 44.12 52.47
CA HIS N 328 8.61 43.78 51.14
C HIS N 328 8.43 45.02 50.28
N ALA N 329 7.98 46.11 50.88
CA ALA N 329 7.84 47.36 50.14
C ALA N 329 9.17 47.80 49.55
N VAL N 330 10.24 47.73 50.34
CA VAL N 330 11.53 48.17 49.83
C VAL N 330 12.10 47.15 48.85
N GLU N 331 11.68 45.90 48.96
CA GLU N 331 12.02 44.97 47.89
C GLU N 331 11.42 45.43 46.57
N ARG N 332 10.16 45.86 46.59
CA ARG N 332 9.56 46.43 45.39
C ARG N 332 10.34 47.64 44.91
N GLU N 333 10.77 48.49 45.86
CA GLU N 333 11.55 49.67 45.50
C GLU N 333 12.84 49.28 44.80
N ILE N 334 13.53 48.28 45.33
CA ILE N 334 14.77 47.82 44.70
C ILE N 334 14.48 47.31 43.30
N GLU N 335 13.35 46.63 43.12
CA GLU N 335 13.00 46.17 41.78
C GLU N 335 12.84 47.34 40.81
N THR N 336 12.11 48.37 41.23
CA THR N 336 11.90 49.51 40.35
C THR N 336 13.22 50.21 40.03
N GLU N 337 14.05 50.42 41.04
CA GLU N 337 15.33 51.07 40.81
C GLU N 337 16.21 50.24 39.91
N LYS N 338 16.15 48.92 40.05
CA LYS N 338 16.90 48.04 39.17
C LYS N 338 16.45 48.19 37.73
N ASP N 339 15.14 48.28 37.51
CA ASP N 339 14.64 48.46 36.15
C ASP N 339 15.14 49.77 35.55
N LYS N 340 15.05 50.86 36.31
CA LYS N 340 15.56 52.13 35.81
C LYS N 340 17.06 52.07 35.54
N GLN N 341 17.80 51.34 36.39
CA GLN N 341 19.22 51.18 36.18
C GLN N 341 19.51 50.45 34.88
N GLU N 342 18.77 49.39 34.61
CA GLU N 342 18.93 48.70 33.33
C GLU N 342 18.61 49.64 32.17
N LYS N 343 17.56 50.44 32.30
CA LYS N 343 17.20 51.36 31.23
C LYS N 343 18.34 52.33 30.96
N ALA N 344 18.91 52.91 32.01
CA ALA N 344 20.01 53.85 31.83
C ALA N 344 21.24 53.17 31.23
N VAL N 345 21.50 51.93 31.64
CA VAL N 345 22.61 51.19 31.03
C VAL N 345 22.37 51.01 29.55
N GLU N 346 21.11 50.79 29.15
CA GLU N 346 20.83 50.69 27.72
C GLU N 346 21.27 51.96 26.99
N ALA N 347 21.05 53.12 27.60
CA ALA N 347 21.46 54.38 26.99
C ALA N 347 22.89 54.78 27.33
N GLU N 348 23.65 53.89 27.99
CA GLU N 348 25.07 54.08 28.24
C GLU N 348 25.35 55.39 29.00
N ASP N 349 24.48 55.72 29.94
CA ASP N 349 24.67 56.89 30.78
C ASP N 349 25.24 56.39 32.11
N PHE N 350 26.56 56.40 32.22
CA PHE N 350 27.22 55.65 33.28
C PHE N 350 27.06 56.30 34.65
N GLU N 351 26.97 57.62 34.70
CA GLU N 351 26.77 58.29 35.98
C GLU N 351 25.43 57.88 36.60
N ALA N 352 24.37 57.84 35.79
CA ALA N 352 23.06 57.47 36.33
C ALA N 352 23.05 56.02 36.78
N ALA N 353 23.67 55.13 36.00
CA ALA N 353 23.74 53.74 36.41
C ALA N 353 24.54 53.57 37.68
N LEU N 354 25.63 54.32 37.83
CA LEU N 354 26.41 54.27 39.06
C LEU N 354 25.59 54.75 40.25
N ASN N 355 24.85 55.83 40.07
CA ASN N 355 23.97 56.30 41.14
C ASN N 355 22.93 55.25 41.48
N TYR N 356 22.34 54.61 40.47
CA TYR N 356 21.36 53.57 40.72
C TYR N 356 21.97 52.40 41.49
N LYS N 357 23.19 52.00 41.12
CA LYS N 357 23.83 50.90 41.84
C LYS N 357 24.12 51.29 43.28
N THR N 358 24.53 52.53 43.51
CA THR N 358 24.73 52.98 44.88
C THR N 358 23.44 52.94 45.67
N ARG N 359 22.33 53.37 45.07
CA ARG N 359 21.05 53.32 45.76
C ARG N 359 20.61 51.88 46.01
N ILE N 360 20.92 51.00 45.06
CA ILE N 360 20.60 49.59 45.24
C ILE N 360 21.35 49.02 46.43
N ALA N 361 22.64 49.32 46.53
CA ALA N 361 23.39 48.88 47.69
C ALA N 361 22.80 49.45 48.98
N GLU N 362 22.45 50.75 48.95
CA GLU N 362 21.83 51.38 50.10
C GLU N 362 20.62 50.60 50.58
N LEU N 363 19.63 50.42 49.70
CA LEU N 363 18.40 49.73 50.08
C LEU N 363 18.69 48.30 50.49
N GLU N 364 19.66 47.66 49.83
CA GLU N 364 19.99 46.29 50.16
C GLU N 364 20.43 46.16 51.61
N ARG N 365 21.41 46.96 52.02
CA ARG N 365 21.88 46.75 53.39
C ARG N 365 20.87 47.29 54.39
N LYS N 366 20.00 48.21 53.98
CA LYS N 366 18.88 48.55 54.86
C LYS N 366 18.04 47.31 55.14
N ILE N 367 17.65 46.61 54.06
CA ILE N 367 16.86 45.39 54.21
C ILE N 367 17.61 44.37 55.03
N GLU N 368 18.92 44.30 54.86
CA GLU N 368 19.73 43.44 55.71
C GLU N 368 19.55 43.81 57.17
N ASN N 369 19.59 45.11 57.48
CA ASN N 369 19.42 45.55 58.86
C ASN N 369 18.05 45.13 59.39
N HIS N 370 17.00 45.33 58.60
CA HIS N 370 15.68 44.89 59.04
C HIS N 370 15.62 43.38 59.25
N THR N 371 16.29 42.61 58.39
CA THR N 371 16.20 41.16 58.48
C THR N 371 16.74 40.66 59.81
N GLU N 372 17.85 41.23 60.26
CA GLU N 372 18.41 40.86 61.55
C GLU N 372 17.63 41.43 62.71
N ASP N 373 16.56 42.19 62.45
CA ASP N 373 15.67 42.65 63.53
C ASP N 373 14.70 41.53 63.87
N MET N 374 15.26 40.43 64.36
CA MET N 374 14.50 39.29 64.83
C MET N 374 14.62 39.20 66.35
N LYS N 375 13.50 38.89 66.99
CA LYS N 375 13.46 38.73 68.43
C LYS N 375 13.97 37.34 68.79
N VAL N 376 14.93 37.29 69.72
CA VAL N 376 15.49 36.02 70.17
C VAL N 376 15.12 35.88 71.65
N THR N 377 14.00 35.24 71.90
CA THR N 377 13.48 35.08 73.25
C THR N 377 12.89 33.69 73.38
N ALA N 378 13.73 32.76 73.81
CA ALA N 378 13.24 31.45 74.21
C ALA N 378 13.03 31.42 75.71
N SER N 379 11.78 31.28 76.11
CA SER N 379 11.44 31.30 77.52
C SER N 379 10.67 30.04 77.85
N VAL N 380 10.94 29.49 79.03
CA VAL N 380 10.14 28.38 79.51
C VAL N 380 8.67 28.77 79.59
N ASN N 381 8.39 30.03 79.90
CA ASN N 381 7.01 30.49 80.00
C ASN N 381 6.28 30.36 78.67
N ASP N 382 6.91 30.76 77.57
CA ASP N 382 6.28 30.68 76.26
C ASP N 382 5.97 29.24 75.89
N VAL N 383 6.90 28.34 76.17
CA VAL N 383 6.62 26.92 76.02
C VAL N 383 5.40 26.55 76.86
N ALA N 384 5.29 27.14 78.05
CA ALA N 384 4.18 26.82 78.91
C ALA N 384 2.84 27.24 78.29
N GLU N 385 2.76 28.45 77.74
CA GLU N 385 1.48 28.83 77.13
C GLU N 385 1.22 28.00 75.89
N SER N 386 2.27 27.58 75.19
CA SER N 386 2.08 26.63 74.10
C SER N 386 1.42 25.35 74.61
N VAL N 387 1.89 24.86 75.75
CA VAL N 387 1.28 23.67 76.34
C VAL N 387 -0.18 23.94 76.67
N GLU N 388 -0.44 25.10 77.27
CA GLU N 388 -1.80 25.43 77.69
C GLU N 388 -2.72 25.46 76.49
N ARG N 389 -2.22 25.94 75.36
CA ARG N 389 -3.05 25.94 74.14
C ARG N 389 -3.21 24.52 73.64
N MET N 390 -2.21 23.69 73.88
CA MET N 390 -2.32 22.30 73.47
C MET N 390 -3.44 21.58 74.19
N THR N 391 -3.52 21.74 75.52
CA THR N 391 -4.40 20.93 76.33
C THR N 391 -5.48 21.74 77.03
N GLY N 392 -5.46 23.06 76.95
CA GLY N 392 -6.48 23.86 77.59
C GLY N 392 -6.36 23.97 79.09
N ILE N 393 -5.25 23.52 79.67
CA ILE N 393 -5.10 23.47 81.11
C ILE N 393 -4.09 24.52 81.54
N PRO N 394 -4.52 25.60 82.19
CA PRO N 394 -3.56 26.46 82.87
C PRO N 394 -2.87 25.68 83.97
N VAL N 395 -1.59 25.93 84.14
CA VAL N 395 -0.78 25.20 85.10
C VAL N 395 -0.31 26.21 86.15
N SER N 396 -0.79 26.05 87.36
CA SER N 396 -0.14 26.72 88.46
C SER N 396 1.11 25.94 88.84
N GLN N 397 2.11 26.66 89.37
CA GLN N 397 3.38 26.08 89.78
C GLN N 397 4.04 25.31 88.65
N MET N 398 4.19 26.00 87.52
CA MET N 398 4.83 25.42 86.36
C MET N 398 6.27 25.04 86.68
N GLY N 399 6.71 23.88 86.16
CA GLY N 399 8.03 23.37 86.42
C GLY N 399 8.17 22.64 87.74
N ALA N 400 7.09 22.49 88.50
CA ALA N 400 7.17 21.80 89.78
C ALA N 400 7.62 20.36 89.58
N SER N 401 8.32 19.84 90.57
CA SER N 401 8.76 18.46 90.49
C SER N 401 7.57 17.52 90.53
N ASP N 402 7.77 16.33 89.95
CA ASP N 402 6.80 15.27 90.13
C ASP N 402 6.56 15.00 91.61
N ILE N 403 7.59 15.13 92.43
CA ILE N 403 7.42 14.95 93.87
C ILE N 403 6.39 15.95 94.39
N GLU N 404 6.51 17.20 93.95
CA GLU N 404 5.50 18.19 94.30
C GLU N 404 4.13 17.78 93.80
N ARG N 405 4.05 17.41 92.52
CA ARG N 405 2.75 17.23 91.88
C ARG N 405 1.99 16.05 92.46
N LEU N 406 2.68 14.94 92.70
CA LEU N 406 2.04 13.73 93.19
C LEU N 406 1.45 13.92 94.58
N LYS N 407 1.94 14.89 95.34
CA LYS N 407 1.33 15.25 96.61
C LYS N 407 0.30 16.35 96.49
N ASP N 408 0.51 17.29 95.57
CA ASP N 408 -0.42 18.40 95.43
C ASP N 408 -1.73 17.98 94.81
N MET N 409 -1.70 17.00 93.91
CA MET N 409 -2.94 16.49 93.35
C MET N 409 -3.87 15.94 94.41
N ALA N 410 -3.33 15.52 95.55
CA ALA N 410 -4.19 15.12 96.67
C ALA N 410 -5.17 16.22 97.00
N HIS N 411 -4.68 17.44 97.19
CA HIS N 411 -5.58 18.55 97.40
C HIS N 411 -6.32 18.96 96.14
N ARG N 412 -5.65 18.89 94.99
CA ARG N 412 -6.26 19.29 93.73
C ARG N 412 -7.61 18.61 93.54
N LEU N 413 -7.64 17.30 93.74
CA LEU N 413 -8.92 16.59 93.74
C LEU N 413 -9.68 16.80 95.04
N GLN N 414 -8.97 16.85 96.17
CA GLN N 414 -9.63 16.99 97.47
C GLN N 414 -10.42 18.28 97.55
N ASP N 415 -9.89 19.36 96.99
CA ASP N 415 -10.52 20.67 97.11
C ASP N 415 -11.55 20.94 96.03
N LYS N 416 -11.63 20.10 95.00
CA LYS N 416 -12.75 20.15 94.06
C LYS N 416 -13.87 19.21 94.45
N VAL N 417 -13.64 18.33 95.40
CA VAL N 417 -14.66 17.47 95.96
C VAL N 417 -14.85 17.87 97.42
N ILE N 418 -15.79 17.20 98.07
CA ILE N 418 -16.11 17.48 99.47
C ILE N 418 -15.91 16.20 100.28
N GLY N 419 -14.90 16.21 101.15
CA GLY N 419 -14.68 15.09 102.03
C GLY N 419 -14.43 13.80 101.26
N GLN N 420 -14.90 12.70 101.84
CA GLN N 420 -14.70 11.36 101.30
C GLN N 420 -13.22 11.10 101.05
N ASP N 421 -12.40 11.50 102.03
CA ASP N 421 -10.95 11.52 101.85
C ASP N 421 -10.37 10.14 101.60
N LYS N 422 -11.09 9.08 101.96
CA LYS N 422 -10.57 7.73 101.73
C LYS N 422 -10.34 7.48 100.25
N ALA N 423 -11.31 7.85 99.41
CA ALA N 423 -11.17 7.67 97.97
C ALA N 423 -10.00 8.48 97.44
N VAL N 424 -9.84 9.72 97.93
CA VAL N 424 -8.71 10.54 97.52
C VAL N 424 -7.41 9.84 97.85
N GLU N 425 -7.28 9.35 99.09
CA GLU N 425 -6.07 8.66 99.51
C GLU N 425 -5.76 7.47 98.61
N VAL N 426 -6.75 6.59 98.43
CA VAL N 426 -6.53 5.37 97.67
C VAL N 426 -6.14 5.70 96.24
N VAL N 427 -6.91 6.57 95.59
CA VAL N 427 -6.66 6.87 94.19
C VAL N 427 -5.29 7.52 94.03
N ALA N 428 -4.95 8.45 94.92
CA ALA N 428 -3.66 9.14 94.80
C ALA N 428 -2.51 8.16 94.95
N ARG N 429 -2.57 7.30 95.96
CA ARG N 429 -1.46 6.37 96.15
C ARG N 429 -1.34 5.41 94.97
N ALA N 430 -2.47 4.89 94.48
CA ALA N 430 -2.41 3.99 93.33
C ALA N 430 -1.83 4.69 92.11
N ILE N 431 -2.26 5.93 91.87
CA ILE N 431 -1.76 6.67 90.72
C ILE N 431 -0.27 6.89 90.86
N CYS N 432 0.19 7.24 92.05
CA CYS N 432 1.62 7.45 92.23
C CYS N 432 2.40 6.18 91.98
N ARG N 433 1.89 5.04 92.46
CA ARG N 433 2.58 3.78 92.24
C ARG N 433 2.71 3.48 90.75
N ASN N 434 1.62 3.64 90.01
CA ASN N 434 1.71 3.40 88.57
C ASN N 434 2.66 4.39 87.90
N ARG N 435 2.55 5.67 88.26
CA ARG N 435 3.39 6.69 87.64
C ARG N 435 4.87 6.48 87.96
N ALA N 436 5.18 6.19 89.21
CA ALA N 436 6.58 5.97 89.57
C ALA N 436 7.11 4.64 89.10
N GLY N 437 6.23 3.74 88.65
CA GLY N 437 6.68 2.44 88.18
C GLY N 437 7.08 1.49 89.28
N PHE N 438 6.60 1.70 90.50
CA PHE N 438 6.91 0.76 91.58
C PHE N 438 6.23 -0.58 91.37
N ASP N 439 4.95 -0.56 91.01
CA ASP N 439 4.20 -1.79 90.81
C ASP N 439 4.75 -2.54 89.62
N GLU N 440 4.80 -3.86 89.75
CA GLU N 440 5.19 -4.70 88.63
C GLU N 440 4.18 -4.55 87.50
N GLY N 441 4.67 -4.65 86.28
CA GLY N 441 3.81 -4.49 85.12
C GLY N 441 2.87 -5.66 84.92
N ASN N 442 2.34 -5.74 83.71
CA ASN N 442 1.46 -6.82 83.27
C ASN N 442 0.14 -6.81 84.04
N ARG N 443 -0.21 -5.66 84.58
CA ARG N 443 -1.51 -5.44 85.21
C ARG N 443 -2.06 -4.10 84.74
N PRO N 444 -3.37 -3.96 84.66
CA PRO N 444 -3.95 -2.67 84.27
C PRO N 444 -3.64 -1.62 85.33
N ILE N 445 -3.80 -0.36 84.93
CA ILE N 445 -3.38 0.75 85.78
C ILE N 445 -4.14 0.74 87.11
N GLY N 446 -5.45 0.60 87.05
CA GLY N 446 -6.24 0.56 88.25
C GLY N 446 -7.63 0.08 87.94
N ASN N 447 -8.18 -0.67 88.89
CA ASN N 447 -9.49 -1.28 88.75
C ASN N 447 -10.20 -1.08 90.07
N PHE N 448 -11.14 -0.15 90.12
CA PHE N 448 -11.73 0.24 91.38
C PHE N 448 -13.24 0.24 91.33
N LEU N 449 -13.85 -0.04 92.49
CA LEU N 449 -15.29 -0.10 92.62
C LEU N 449 -15.75 1.00 93.57
N PHE N 450 -16.88 1.61 93.27
CA PHE N 450 -17.45 2.69 94.06
C PHE N 450 -18.93 2.43 94.23
N VAL N 451 -19.38 2.37 95.47
CA VAL N 451 -20.70 1.83 95.79
C VAL N 451 -21.42 2.83 96.70
N GLY N 452 -22.55 3.35 96.24
CA GLY N 452 -23.29 4.33 97.00
C GLY N 452 -24.43 4.89 96.18
N SER N 453 -25.04 5.95 96.74
CA SER N 453 -26.12 6.63 96.04
C SER N 453 -25.58 7.61 95.01
N THR N 454 -26.49 8.17 94.21
CA THR N 454 -26.08 9.05 93.11
C THR N 454 -25.72 10.45 93.60
N GLY N 455 -26.64 11.10 94.31
CA GLY N 455 -26.43 12.47 94.70
C GLY N 455 -25.36 12.63 95.76
N VAL N 456 -24.14 12.19 95.44
CA VAL N 456 -23.02 12.28 96.35
C VAL N 456 -21.84 12.84 95.59
N GLY N 457 -22.10 13.45 94.43
CA GLY N 457 -21.03 13.61 93.48
C GLY N 457 -20.53 12.28 92.98
N LYS N 458 -21.44 11.36 92.68
CA LYS N 458 -21.05 10.00 92.33
C LYS N 458 -20.12 9.98 91.12
N THR N 459 -20.23 10.97 90.25
CA THR N 459 -19.42 11.07 89.06
C THR N 459 -18.25 12.02 89.22
N GLU N 460 -17.99 12.48 90.44
CA GLU N 460 -16.90 13.43 90.67
C GLU N 460 -15.58 12.92 90.14
N LEU N 461 -15.22 11.70 90.48
CA LEU N 461 -13.99 11.13 89.98
C LEU N 461 -14.06 10.81 88.50
N ALA N 462 -15.24 10.77 87.92
CA ALA N 462 -15.37 10.64 86.47
C ALA N 462 -15.04 11.92 85.73
N LYS N 463 -15.23 13.08 86.37
CA LYS N 463 -14.97 14.35 85.71
C LYS N 463 -13.63 14.96 86.14
N GLN N 464 -13.48 15.25 87.44
CA GLN N 464 -12.31 15.98 87.90
C GLN N 464 -11.06 15.12 87.89
N LEU N 465 -11.17 13.88 88.38
CA LEU N 465 -10.04 12.97 88.30
C LEU N 465 -9.62 12.76 86.86
N ALA N 466 -10.59 12.54 85.96
CA ALA N 466 -10.25 12.32 84.57
C ALA N 466 -9.53 13.52 83.98
N LEU N 467 -10.03 14.72 84.25
CA LEU N 467 -9.42 15.91 83.69
C LEU N 467 -8.00 16.11 84.22
N ASP N 468 -7.82 15.97 85.54
CA ASP N 468 -6.48 16.15 86.10
C ASP N 468 -5.53 15.09 85.58
N MET N 469 -6.00 13.86 85.43
CA MET N 469 -5.17 12.82 84.85
C MET N 469 -4.74 13.16 83.43
N PHE N 470 -5.67 13.69 82.63
CA PHE N 470 -5.43 13.74 81.20
C PHE N 470 -5.55 15.13 80.58
N GLY N 471 -5.39 16.19 81.36
CA GLY N 471 -5.51 17.52 80.81
C GLY N 471 -6.83 17.80 80.13
N THR N 472 -7.81 16.91 80.28
CA THR N 472 -9.15 17.08 79.76
C THR N 472 -10.00 15.97 80.33
N GLN N 473 -11.24 16.32 80.67
CA GLN N 473 -12.21 15.32 81.11
C GLN N 473 -12.62 14.38 79.98
N ASP N 474 -12.35 14.75 78.73
CA ASP N 474 -12.74 13.95 77.57
C ASP N 474 -11.73 12.82 77.36
N ALA N 475 -11.59 12.01 78.41
CA ALA N 475 -10.75 10.83 78.33
C ALA N 475 -11.45 9.63 78.94
N ILE N 476 -12.78 9.60 78.94
CA ILE N 476 -13.54 8.53 79.58
C ILE N 476 -14.64 8.09 78.64
N ILE N 477 -14.91 6.79 78.67
CA ILE N 477 -16.10 6.22 78.06
C ILE N 477 -16.87 5.48 79.15
N ARG N 478 -18.16 5.80 79.28
CA ARG N 478 -18.99 5.26 80.34
C ARG N 478 -20.12 4.45 79.74
N LEU N 479 -20.31 3.26 80.29
CA LEU N 479 -21.44 2.40 79.99
C LEU N 479 -22.17 2.07 81.29
N ASP N 480 -23.46 2.37 81.32
CA ASP N 480 -24.31 2.02 82.45
C ASP N 480 -24.73 0.58 82.22
N MET N 481 -24.00 -0.36 82.81
CA MET N 481 -24.09 -1.74 82.35
C MET N 481 -25.49 -2.29 82.54
N SER N 482 -26.17 -1.90 83.63
CA SER N 482 -27.52 -2.37 83.86
C SER N 482 -28.44 -2.01 82.71
N GLU N 483 -28.46 -0.73 82.32
CA GLU N 483 -29.24 -0.33 81.16
C GLU N 483 -28.55 -0.73 79.86
N TYR N 484 -27.25 -0.99 79.91
CA TYR N 484 -26.52 -1.40 78.71
C TYR N 484 -27.12 -2.66 78.11
N SER N 485 -27.37 -3.68 78.94
CA SER N 485 -27.70 -4.98 78.41
C SER N 485 -29.10 -5.00 77.82
N ASP N 486 -29.53 -6.19 77.42
CA ASP N 486 -30.83 -6.41 76.83
C ASP N 486 -31.74 -7.16 77.82
N ARG N 487 -32.90 -6.57 78.11
CA ARG N 487 -33.83 -7.21 79.03
C ARG N 487 -35.13 -7.64 78.37
N THR N 488 -35.88 -6.69 77.80
CA THR N 488 -37.18 -6.98 77.22
C THR N 488 -37.35 -6.17 75.96
N ALA N 489 -38.17 -6.69 75.03
CA ALA N 489 -38.29 -6.10 73.70
C ALA N 489 -39.03 -4.77 73.80
N VAL N 490 -38.29 -3.76 74.26
CA VAL N 490 -38.81 -2.42 74.43
C VAL N 490 -37.97 -1.47 73.60
N SER N 491 -38.56 -0.35 73.19
CA SER N 491 -37.93 0.52 72.21
C SER N 491 -36.85 1.40 72.81
N LYS N 492 -35.95 0.80 73.59
CA LYS N 492 -34.74 1.47 74.04
C LYS N 492 -33.60 0.48 73.87
N LEU N 493 -33.96 -0.78 73.62
CA LEU N 493 -33.00 -1.86 73.50
C LEU N 493 -33.56 -2.95 72.58
N ILE N 494 -32.71 -3.46 71.70
CA ILE N 494 -33.13 -4.42 70.69
C ILE N 494 -32.19 -5.62 70.68
N GLY N 495 -32.75 -6.82 70.60
CA GLY N 495 -31.95 -8.02 70.42
C GLY N 495 -31.91 -8.91 71.64
N THR N 496 -30.74 -9.47 71.93
CA THR N 496 -30.55 -10.32 73.10
C THR N 496 -29.30 -9.87 73.83
N THR N 497 -29.31 -10.06 75.15
CA THR N 497 -28.18 -9.63 75.97
C THR N 497 -26.91 -10.31 75.50
N ALA N 498 -27.00 -11.58 75.11
CA ALA N 498 -25.88 -12.24 74.45
C ALA N 498 -25.36 -11.42 73.27
N GLY N 499 -26.26 -10.99 72.39
CA GLY N 499 -25.84 -10.14 71.28
C GLY N 499 -24.88 -9.04 71.71
N TYR N 500 -25.07 -8.51 72.92
CA TYR N 500 -24.24 -7.41 73.37
C TYR N 500 -22.76 -7.76 73.38
N VAL N 501 -22.38 -8.92 73.92
CA VAL N 501 -20.97 -9.25 73.91
C VAL N 501 -20.45 -9.30 72.47
N GLY N 502 -21.29 -9.77 71.56
CA GLY N 502 -20.90 -9.76 70.15
C GLY N 502 -20.51 -8.38 69.67
N TYR N 503 -21.33 -7.36 69.98
CA TYR N 503 -20.96 -6.01 69.58
C TYR N 503 -19.59 -5.66 70.13
N ASP N 504 -19.31 -6.08 71.35
CA ASP N 504 -18.07 -5.66 72.00
C ASP N 504 -16.86 -6.29 71.34
N ASP N 505 -17.05 -7.36 70.58
CA ASP N 505 -15.89 -8.14 70.18
C ASP N 505 -15.69 -8.18 68.67
N ASN N 506 -16.57 -7.56 67.88
CA ASN N 506 -16.43 -7.57 66.43
C ASN N 506 -16.71 -6.20 65.80
N SER N 507 -17.15 -5.22 66.59
CA SER N 507 -17.69 -3.99 66.03
C SER N 507 -16.98 -2.79 66.63
N ASN N 508 -17.02 -1.68 65.88
CA ASN N 508 -16.34 -0.45 66.27
C ASN N 508 -17.09 0.25 67.40
N THR N 509 -17.21 -0.47 68.52
CA THR N 509 -17.86 0.10 69.68
C THR N 509 -16.99 0.01 70.93
N LEU N 510 -16.30 -1.11 71.14
CA LEU N 510 -15.49 -1.23 72.33
C LEU N 510 -14.02 -1.41 72.00
N THR N 511 -13.71 -2.45 71.22
CA THR N 511 -12.32 -2.70 70.87
C THR N 511 -11.73 -1.61 70.00
N GLU N 512 -12.48 -1.11 69.03
CA GLU N 512 -12.00 0.02 68.24
C GLU N 512 -11.49 1.12 69.15
N ARG N 513 -12.35 1.61 70.05
CA ARG N 513 -12.00 2.77 70.86
C ARG N 513 -10.84 2.51 71.81
N VAL N 514 -10.85 1.39 72.53
CA VAL N 514 -9.81 1.17 73.53
C VAL N 514 -8.44 1.11 72.89
N ARG N 515 -8.33 0.55 71.68
CA ARG N 515 -7.08 0.55 70.96
C ARG N 515 -6.71 1.93 70.43
N ARG N 516 -7.69 2.82 70.26
CA ARG N 516 -7.38 4.18 69.85
C ARG N 516 -6.79 5.03 70.96
N ASN N 517 -7.24 4.85 72.19
CA ASN N 517 -6.74 5.65 73.31
C ASN N 517 -6.35 4.69 74.42
N PRO N 518 -5.25 3.96 74.26
CA PRO N 518 -4.88 2.95 75.26
C PRO N 518 -4.65 3.51 76.65
N TYR N 519 -4.80 4.81 76.84
CA TYR N 519 -4.72 5.41 78.17
C TYR N 519 -6.07 5.81 78.73
N SER N 520 -7.14 5.72 77.94
CA SER N 520 -8.44 6.23 78.37
C SER N 520 -8.94 5.52 79.62
N ILE N 521 -10.00 6.06 80.19
CA ILE N 521 -10.63 5.51 81.38
C ILE N 521 -12.03 5.04 81.01
N ILE N 522 -12.40 3.86 81.48
CA ILE N 522 -13.70 3.28 81.18
C ILE N 522 -14.46 3.11 82.48
N LEU N 523 -15.73 3.50 82.45
CA LEU N 523 -16.58 3.57 83.63
C LEU N 523 -17.81 2.69 83.39
N LEU N 524 -18.14 1.86 84.36
CA LEU N 524 -19.27 0.94 84.27
C LEU N 524 -20.21 1.21 85.43
N ASP N 525 -21.34 1.84 85.12
CA ASP N 525 -22.28 2.25 86.15
C ASP N 525 -23.08 1.08 86.69
N ALA N 526 -23.21 1.01 88.02
CA ALA N 526 -24.27 0.21 88.64
C ALA N 526 -24.27 -1.22 88.12
N ILE N 527 -23.28 -2.02 88.51
CA ILE N 527 -23.00 -3.26 87.79
C ILE N 527 -23.42 -4.52 88.52
N GLU N 528 -24.44 -4.53 89.38
CA GLU N 528 -24.94 -5.84 89.79
C GLU N 528 -25.36 -6.58 88.52
N LYS N 529 -26.11 -5.94 87.63
CA LYS N 529 -27.30 -5.14 87.93
C LYS N 529 -28.24 -5.48 86.79
N ALA N 530 -27.63 -5.90 85.69
CA ALA N 530 -28.38 -6.27 84.51
C ALA N 530 -28.38 -7.79 84.33
N ASP N 531 -28.96 -8.22 83.22
CA ASP N 531 -28.99 -9.64 82.89
C ASP N 531 -27.62 -10.28 82.91
N PRO N 532 -26.57 -9.69 82.33
CA PRO N 532 -25.29 -10.41 82.26
C PRO N 532 -24.58 -10.43 83.60
N GLN N 533 -24.07 -11.61 83.95
CA GLN N 533 -23.16 -11.76 85.08
C GLN N 533 -21.72 -11.80 84.57
N VAL N 534 -21.33 -10.69 83.95
CA VAL N 534 -20.02 -10.62 83.28
C VAL N 534 -19.00 -10.33 84.37
N ILE N 535 -18.49 -11.40 84.96
CA ILE N 535 -17.35 -11.32 85.87
C ILE N 535 -16.15 -11.92 85.18
N THR N 536 -16.30 -13.14 84.70
CA THR N 536 -15.17 -13.87 84.15
C THR N 536 -14.69 -13.32 82.82
N LEU N 537 -15.58 -12.83 81.96
CA LEU N 537 -15.12 -12.27 80.70
C LEU N 537 -14.15 -11.12 80.94
N LEU N 538 -14.35 -10.40 82.04
CA LEU N 538 -13.44 -9.32 82.39
C LEU N 538 -12.14 -9.82 83.00
N LEU N 539 -12.16 -10.97 83.66
CA LEU N 539 -10.97 -11.45 84.36
C LEU N 539 -9.75 -11.48 83.48
N GLN N 540 -9.93 -11.72 82.17
CA GLN N 540 -8.80 -11.72 81.26
C GLN N 540 -7.98 -10.45 81.37
N VAL N 541 -8.64 -9.29 81.27
CA VAL N 541 -7.91 -8.07 81.57
C VAL N 541 -7.61 -7.98 83.06
N LEU N 542 -8.59 -8.34 83.90
CA LEU N 542 -8.43 -8.19 85.34
C LEU N 542 -7.24 -9.00 85.84
N ASP N 543 -6.80 -9.97 85.05
CA ASP N 543 -5.55 -10.66 85.35
C ASP N 543 -4.36 -9.96 84.69
N ASP N 544 -4.42 -9.78 83.37
CA ASP N 544 -3.21 -9.42 82.64
C ASP N 544 -3.41 -8.33 81.59
N GLY N 545 -4.63 -7.85 81.38
CA GLY N 545 -4.84 -6.78 80.44
C GLY N 545 -4.85 -7.18 78.99
N ARG N 546 -4.54 -8.45 78.69
CA ARG N 546 -4.61 -8.97 77.34
C ARG N 546 -5.94 -9.69 77.18
N LEU N 547 -6.75 -9.25 76.22
CA LEU N 547 -8.07 -9.85 76.08
C LEU N 547 -8.41 -9.97 74.60
N THR N 548 -8.93 -11.14 74.23
CA THR N 548 -9.16 -11.48 72.83
C THR N 548 -10.45 -10.85 72.32
N ASP N 549 -10.49 -10.64 71.01
CA ASP N 549 -11.66 -10.08 70.37
C ASP N 549 -12.47 -11.21 69.74
N GLY N 550 -13.49 -10.84 68.96
CA GLY N 550 -14.25 -11.80 68.20
C GLY N 550 -13.54 -12.31 66.97
N GLN N 551 -12.31 -11.87 66.74
CA GLN N 551 -11.50 -12.38 65.64
C GLN N 551 -10.23 -13.06 66.12
N GLY N 552 -10.04 -13.17 67.42
CA GLY N 552 -8.83 -13.76 67.96
C GLY N 552 -7.73 -12.77 68.29
N ASN N 553 -7.82 -11.54 67.79
CA ASN N 553 -6.82 -10.53 68.13
C ASN N 553 -6.94 -10.16 69.60
N THR N 554 -5.80 -10.03 70.25
CA THR N 554 -5.76 -9.63 71.65
C THR N 554 -5.46 -8.16 71.74
N VAL N 555 -6.16 -7.47 72.63
CA VAL N 555 -5.91 -6.07 72.91
C VAL N 555 -5.33 -5.94 74.29
N ASN N 556 -4.32 -5.10 74.42
CA ASN N 556 -3.69 -4.83 75.71
C ASN N 556 -4.50 -3.77 76.42
N PHE N 557 -4.59 -3.89 77.74
CA PHE N 557 -5.23 -2.89 78.58
C PHE N 557 -4.28 -2.35 79.64
N LYS N 558 -3.00 -2.29 79.30
CA LYS N 558 -1.98 -1.97 80.29
C LYS N 558 -2.15 -0.59 80.87
N ASN N 559 -2.47 0.39 80.04
CA ASN N 559 -2.44 1.79 80.44
C ASN N 559 -3.82 2.38 80.65
N THR N 560 -4.82 1.56 80.92
CA THR N 560 -6.17 2.05 81.12
C THR N 560 -6.60 1.91 82.56
N VAL N 561 -7.66 2.63 82.91
CA VAL N 561 -8.27 2.57 84.22
C VAL N 561 -9.71 2.13 84.06
N ILE N 562 -10.14 1.22 84.93
CA ILE N 562 -11.52 0.73 84.95
C ILE N 562 -12.13 1.10 86.29
N ILE N 563 -13.23 1.83 86.24
CA ILE N 563 -13.95 2.22 87.44
C ILE N 563 -15.40 1.78 87.26
N ALA N 564 -15.91 1.06 88.26
CA ALA N 564 -17.29 0.58 88.20
C ALA N 564 -18.01 0.95 89.49
N THR N 565 -19.33 1.10 89.39
CA THR N 565 -20.14 1.63 90.47
C THR N 565 -21.23 0.64 90.85
N SER N 566 -21.86 0.92 92.00
CA SER N 566 -22.90 0.05 92.53
C SER N 566 -23.71 0.81 93.59
N ASN N 567 -24.68 0.11 94.18
CA ASN N 567 -25.61 0.68 95.16
C ASN N 567 -25.22 0.20 96.55
N ALA N 568 -24.98 1.16 97.46
CA ALA N 568 -24.66 0.83 98.84
C ALA N 568 -25.86 0.96 99.78
N GLY N 569 -27.07 0.75 99.28
CA GLY N 569 -28.25 1.17 100.00
C GLY N 569 -28.44 2.66 99.86
N PHE N 570 -29.47 3.17 100.54
CA PHE N 570 -29.82 4.57 100.43
C PHE N 570 -30.63 4.99 101.65
N GLY N 571 -30.38 6.20 102.11
CA GLY N 571 -31.16 6.79 103.18
C GLY N 571 -32.29 7.62 102.62
N TYR N 572 -32.37 8.89 103.01
CA TYR N 572 -31.47 9.44 104.01
C TYR N 572 -32.29 10.06 105.13
N GLU N 573 -31.88 9.80 106.37
CA GLU N 573 -32.65 10.21 107.53
C GLU N 573 -32.07 11.32 108.43
N ALA N 574 -31.07 12.12 108.01
CA ALA N 574 -30.29 12.08 106.78
C ALA N 574 -29.08 11.17 106.97
N ASN N 575 -28.31 11.47 108.02
CA ASN N 575 -27.11 10.70 108.33
C ASN N 575 -27.35 9.65 109.41
N LEU N 576 -28.57 9.51 109.91
CA LEU N 576 -28.85 8.51 110.94
C LEU N 576 -28.78 7.10 110.38
N THR N 577 -29.10 6.91 109.10
CA THR N 577 -28.97 5.63 108.43
C THR N 577 -28.06 5.70 107.21
N GLU N 578 -27.20 6.73 107.13
CA GLU N 578 -26.26 6.80 106.01
C GLU N 578 -25.24 5.67 106.08
N ASP N 579 -24.88 5.23 107.29
CA ASP N 579 -23.95 4.11 107.46
C ASP N 579 -24.16 3.55 108.86
N ALA N 580 -24.76 2.35 108.93
CA ALA N 580 -25.05 1.73 110.23
C ALA N 580 -23.89 0.89 110.73
N ASP N 581 -23.27 0.11 109.85
CA ASP N 581 -22.11 -0.70 110.21
C ASP N 581 -21.40 -1.15 108.93
N LYS N 582 -20.14 -1.58 109.09
CA LYS N 582 -19.36 -2.03 107.95
C LYS N 582 -19.99 -3.23 107.24
N PRO N 583 -20.41 -4.29 107.93
CA PRO N 583 -21.03 -5.42 107.21
C PRO N 583 -22.45 -5.15 106.75
N GLU N 584 -23.11 -4.12 107.32
CA GLU N 584 -24.38 -3.63 106.77
C GLU N 584 -24.27 -3.38 105.27
N LEU N 585 -23.05 -3.32 104.76
CA LEU N 585 -22.79 -3.24 103.34
C LEU N 585 -22.38 -4.58 102.73
N MET N 586 -21.23 -5.13 103.11
CA MET N 586 -20.72 -6.29 102.38
C MET N 586 -21.67 -7.47 102.46
N ASP N 587 -22.25 -7.71 103.64
CA ASP N 587 -23.07 -8.89 103.80
C ASP N 587 -24.27 -8.84 102.86
N ARG N 588 -24.83 -7.65 102.69
CA ARG N 588 -25.84 -7.46 101.65
C ARG N 588 -25.26 -7.64 100.27
N LEU N 589 -24.07 -7.10 100.02
CA LEU N 589 -23.48 -7.21 98.69
C LEU N 589 -23.01 -8.64 98.38
N LYS N 590 -22.88 -9.50 99.39
CA LYS N 590 -22.51 -10.87 99.09
C LYS N 590 -23.50 -11.56 98.15
N PRO N 591 -24.82 -11.51 98.40
CA PRO N 591 -25.77 -11.95 97.35
C PRO N 591 -25.87 -10.98 96.19
N PHE N 592 -25.33 -9.78 96.30
CA PHE N 592 -25.40 -8.79 95.23
C PHE N 592 -24.19 -8.84 94.32
N PHE N 593 -22.99 -8.78 94.91
CA PHE N 593 -21.75 -8.89 94.17
C PHE N 593 -21.07 -10.20 94.55
N ARG N 594 -20.67 -10.96 93.56
CA ARG N 594 -20.00 -12.23 93.80
C ARG N 594 -18.68 -11.99 94.52
N PRO N 595 -18.39 -12.74 95.58
CA PRO N 595 -17.17 -12.48 96.35
C PRO N 595 -15.89 -12.53 95.52
N GLU N 596 -15.84 -13.42 94.53
CA GLU N 596 -14.66 -13.46 93.67
C GLU N 596 -14.49 -12.17 92.88
N PHE N 597 -15.57 -11.62 92.33
CA PHE N 597 -15.48 -10.36 91.61
C PHE N 597 -15.05 -9.23 92.54
N LEU N 598 -15.45 -9.31 93.80
CA LEU N 598 -14.92 -8.40 94.80
C LEU N 598 -13.42 -8.55 94.97
N ASN N 599 -12.94 -9.78 95.12
CA ASN N 599 -11.53 -10.01 95.42
C ASN N 599 -10.60 -9.61 94.30
N ARG N 600 -11.11 -9.38 93.09
CA ARG N 600 -10.29 -9.01 91.95
C ARG N 600 -9.89 -7.55 91.94
N PHE N 601 -10.51 -6.72 92.74
CA PHE N 601 -10.31 -5.28 92.60
C PHE N 601 -9.16 -4.79 93.46
N ASN N 602 -8.56 -3.68 93.01
CA ASN N 602 -7.58 -3.00 93.84
C ASN N 602 -8.21 -2.47 95.11
N ALA N 603 -9.43 -1.93 95.02
CA ALA N 603 -10.16 -1.47 96.19
C ALA N 603 -11.60 -1.13 95.80
N VAL N 604 -12.45 -1.11 96.82
CA VAL N 604 -13.81 -0.60 96.73
C VAL N 604 -13.96 0.52 97.75
N ILE N 605 -14.68 1.56 97.35
CA ILE N 605 -14.95 2.72 98.18
C ILE N 605 -16.45 2.95 98.14
N GLU N 606 -16.98 3.66 99.13
CA GLU N 606 -18.42 3.81 99.24
C GLU N 606 -18.80 5.30 99.28
N PHE N 607 -20.04 5.56 98.88
CA PHE N 607 -20.65 6.89 98.94
C PHE N 607 -21.79 6.85 99.95
N SER N 608 -21.45 7.06 101.22
CA SER N 608 -22.45 7.18 102.27
C SER N 608 -22.67 8.62 102.71
N HIS N 609 -22.13 9.57 101.97
CA HIS N 609 -21.93 10.91 102.50
C HIS N 609 -23.06 11.85 102.08
N LEU N 610 -23.86 12.27 103.05
CA LEU N 610 -24.93 13.24 102.80
C LEU N 610 -25.33 13.85 104.12
N THR N 611 -25.09 15.14 104.28
CA THR N 611 -25.25 15.81 105.57
C THR N 611 -25.72 17.25 105.31
N LYS N 612 -25.50 18.14 106.28
CA LYS N 612 -25.88 19.54 106.13
C LYS N 612 -24.77 20.53 106.45
N GLU N 613 -23.87 20.22 107.38
CA GLU N 613 -22.85 21.18 107.78
C GLU N 613 -21.80 21.40 106.70
N ASP N 614 -21.47 20.37 105.93
CA ASP N 614 -20.43 20.44 104.93
C ASP N 614 -20.97 20.91 103.58
N LEU N 615 -22.26 21.22 103.52
CA LEU N 615 -22.93 21.52 102.28
C LEU N 615 -22.91 23.01 101.95
N SER N 616 -22.49 23.85 102.89
CA SER N 616 -22.23 25.24 102.54
C SER N 616 -21.09 25.34 101.53
N LYS N 617 -20.13 24.42 101.62
CA LYS N 617 -19.00 24.45 100.71
C LYS N 617 -19.46 24.25 99.27
N ILE N 618 -20.34 23.29 99.04
CA ILE N 618 -20.87 23.14 97.69
C ILE N 618 -21.71 24.36 97.33
N VAL N 619 -22.32 25.00 98.33
CA VAL N 619 -23.10 26.20 98.06
C VAL N 619 -22.24 27.28 97.44
N ASP N 620 -21.11 27.60 98.05
CA ASP N 620 -20.28 28.65 97.46
C ASP N 620 -19.59 28.14 96.20
N LEU N 621 -19.49 26.82 96.04
CA LEU N 621 -19.02 26.31 94.75
C LEU N 621 -19.98 26.69 93.62
N MET N 622 -21.27 26.40 93.79
CA MET N 622 -22.23 26.84 92.79
C MET N 622 -22.29 28.36 92.68
N LEU N 623 -22.13 29.07 93.79
CA LEU N 623 -22.12 30.53 93.68
C LEU N 623 -20.95 30.99 92.82
N ALA N 624 -19.81 30.32 92.96
CA ALA N 624 -18.66 30.62 92.13
C ALA N 624 -18.99 30.39 90.66
N GLU N 625 -19.60 29.25 90.32
CA GLU N 625 -19.87 29.02 88.91
C GLU N 625 -20.92 30.00 88.39
N VAL N 626 -21.86 30.41 89.25
CA VAL N 626 -22.86 31.38 88.85
C VAL N 626 -22.19 32.69 88.47
N ASN N 627 -21.31 33.19 89.33
CA ASN N 627 -20.63 34.44 89.00
C ASN N 627 -19.71 34.26 87.79
N GLN N 628 -19.13 33.07 87.64
CA GLN N 628 -18.35 32.78 86.45
C GLN N 628 -19.20 32.90 85.19
N THR N 629 -20.41 32.33 85.21
CA THR N 629 -21.31 32.44 84.08
C THR N 629 -21.66 33.90 83.83
N LEU N 630 -21.93 34.65 84.90
CA LEU N 630 -22.28 36.05 84.76
C LEU N 630 -21.13 36.85 84.15
N ALA N 631 -19.89 36.39 84.36
CA ALA N 631 -18.75 37.14 83.87
C ALA N 631 -18.80 37.32 82.36
N LYS N 632 -19.54 36.47 81.66
CA LYS N 632 -19.68 36.64 80.22
C LYS N 632 -20.29 37.98 79.87
N LYS N 633 -21.22 38.47 80.69
CA LYS N 633 -21.86 39.75 80.45
C LYS N 633 -21.36 40.84 81.38
N ASP N 634 -20.18 40.65 81.98
CA ASP N 634 -19.55 41.65 82.83
C ASP N 634 -20.40 41.95 84.06
N ILE N 635 -21.07 40.93 84.58
CA ILE N 635 -22.01 41.07 85.68
C ILE N 635 -21.46 40.33 86.89
N ASP N 636 -21.49 40.98 88.05
CA ASP N 636 -21.04 40.39 89.30
C ASP N 636 -22.19 40.35 90.29
N LEU N 637 -22.43 39.18 90.87
CA LEU N 637 -23.47 39.01 91.86
C LEU N 637 -22.84 38.78 93.23
N VAL N 638 -23.38 39.45 94.25
CA VAL N 638 -22.96 39.23 95.63
C VAL N 638 -24.08 38.52 96.35
N VAL N 639 -23.72 37.58 97.23
CA VAL N 639 -24.69 36.77 97.96
C VAL N 639 -24.47 36.97 99.45
N SER N 640 -25.54 37.27 100.17
CA SER N 640 -25.46 37.40 101.61
C SER N 640 -25.37 36.03 102.28
N GLN N 641 -24.78 36.02 103.48
CA GLN N 641 -24.67 34.78 104.23
C GLN N 641 -26.04 34.25 104.62
N ALA N 642 -26.97 35.13 105.00
CA ALA N 642 -28.31 34.69 105.33
C ALA N 642 -28.98 34.03 104.13
N ALA N 643 -28.74 34.57 102.93
CA ALA N 643 -29.22 33.92 101.73
C ALA N 643 -28.64 32.52 101.61
N LYS N 644 -27.35 32.37 101.93
CA LYS N 644 -26.73 31.05 101.88
C LYS N 644 -27.41 30.10 102.84
N ASP N 645 -27.68 30.57 104.07
CA ASP N 645 -28.31 29.72 105.07
C ASP N 645 -29.71 29.30 104.60
N TYR N 646 -30.46 30.24 104.04
CA TYR N 646 -31.79 29.89 103.54
C TYR N 646 -31.73 28.91 102.39
N ILE N 647 -30.77 29.11 101.47
CA ILE N 647 -30.63 28.18 100.35
C ILE N 647 -30.31 26.79 100.87
N THR N 648 -29.39 26.69 101.82
CA THR N 648 -29.08 25.40 102.41
C THR N 648 -30.34 24.77 102.99
N GLU N 649 -31.10 25.53 103.77
CA GLU N 649 -32.30 24.98 104.37
C GLU N 649 -33.30 24.53 103.31
N GLU N 650 -33.38 25.28 102.20
CA GLU N 650 -34.24 24.88 101.10
C GLU N 650 -33.80 23.55 100.51
N GLY N 651 -32.52 23.44 100.17
CA GLY N 651 -31.99 22.24 99.57
C GLY N 651 -31.81 21.09 100.51
N TYR N 652 -32.02 21.29 101.81
CA TYR N 652 -31.85 20.20 102.75
C TYR N 652 -33.08 19.29 102.75
N ASP N 653 -33.48 18.85 101.56
CA ASP N 653 -34.34 17.67 101.43
C ASP N 653 -33.41 16.47 101.54
N GLU N 654 -32.75 16.38 102.69
CA GLU N 654 -31.65 15.45 102.89
C GLU N 654 -32.21 14.03 103.02
N VAL N 655 -32.78 13.55 101.91
CA VAL N 655 -33.35 12.22 101.85
C VAL N 655 -32.70 11.34 100.81
N MET N 656 -32.19 11.88 99.70
CA MET N 656 -31.53 11.07 98.70
C MET N 656 -30.17 11.62 98.29
N GLY N 657 -30.05 12.93 98.14
CA GLY N 657 -28.82 13.50 97.62
C GLY N 657 -28.91 15.00 97.45
N VAL N 658 -28.00 15.53 96.64
CA VAL N 658 -27.78 16.97 96.54
C VAL N 658 -28.30 17.56 95.23
N ARG N 659 -29.06 16.79 94.45
CA ARG N 659 -29.66 17.38 93.25
C ARG N 659 -30.56 18.56 93.55
N PRO N 660 -31.49 18.50 94.52
CA PRO N 660 -32.26 19.71 94.85
C PRO N 660 -31.41 20.84 95.38
N LEU N 661 -30.23 20.54 95.94
CA LEU N 661 -29.37 21.62 96.40
C LEU N 661 -28.95 22.51 95.25
N ARG N 662 -28.62 21.93 94.10
CA ARG N 662 -28.44 22.70 92.88
C ARG N 662 -29.76 23.24 92.37
N ARG N 663 -30.83 22.46 92.49
CA ARG N 663 -32.10 22.82 91.88
C ARG N 663 -32.65 24.14 92.44
N VAL N 664 -32.49 24.35 93.75
CA VAL N 664 -33.08 25.52 94.38
C VAL N 664 -32.47 26.83 93.88
N VAL N 665 -31.26 26.80 93.36
CA VAL N 665 -30.71 27.95 92.66
C VAL N 665 -30.68 27.75 91.16
N GLU N 666 -31.16 26.60 90.67
CA GLU N 666 -31.08 26.27 89.26
C GLU N 666 -31.81 27.30 88.41
N GLN N 667 -32.88 27.88 88.94
CA GLN N 667 -33.66 28.88 88.24
C GLN N 667 -33.99 30.10 89.07
N GLU N 668 -34.07 29.95 90.40
CA GLU N 668 -34.56 31.02 91.25
C GLU N 668 -33.66 32.23 91.18
N ILE N 669 -32.35 32.02 91.21
CA ILE N 669 -31.41 33.12 91.09
C ILE N 669 -31.50 33.75 89.71
N ARG N 670 -31.45 32.89 88.68
CA ARG N 670 -31.39 33.39 87.31
C ARG N 670 -32.72 33.97 86.87
N ASP N 671 -33.83 33.54 87.47
CA ASP N 671 -35.11 34.18 87.19
C ASP N 671 -35.11 35.63 87.64
N LYS N 672 -34.61 35.91 88.84
CA LYS N 672 -34.45 37.29 89.28
C LYS N 672 -33.49 38.04 88.38
N VAL N 673 -32.38 37.41 88.02
CA VAL N 673 -31.39 38.04 87.15
C VAL N 673 -32.02 38.42 85.81
N THR N 674 -32.96 37.60 85.34
CA THR N 674 -33.67 37.92 84.12
C THR N 674 -34.30 39.30 84.18
N ASP N 675 -35.08 39.55 85.23
CA ASP N 675 -35.77 40.83 85.34
C ASP N 675 -34.80 41.97 85.64
N PHE N 676 -33.79 41.73 86.47
CA PHE N 676 -32.83 42.78 86.73
C PHE N 676 -32.04 43.15 85.47
N HIS N 677 -31.90 42.21 84.54
CA HIS N 677 -31.19 42.49 83.30
C HIS N 677 -32.00 43.39 82.37
N LEU N 678 -33.30 43.48 82.57
CA LEU N 678 -34.09 44.45 81.84
C LEU N 678 -33.66 45.88 82.13
N ASP N 679 -33.00 46.09 83.25
CA ASP N 679 -32.33 47.34 83.57
C ASP N 679 -31.05 47.43 82.73
N HIS N 680 -30.48 48.62 82.50
CA HIS N 680 -30.46 49.85 83.32
C HIS N 680 -29.82 49.45 84.63
N LEU N 681 -28.82 48.59 84.52
CA LEU N 681 -28.37 47.76 85.62
C LEU N 681 -26.92 48.07 85.99
N ASP N 682 -26.67 48.26 87.28
CA ASP N 682 -25.32 48.32 87.83
C ASP N 682 -24.89 46.89 88.05
N ALA N 683 -24.19 46.32 87.07
CA ALA N 683 -23.79 44.92 87.16
C ALA N 683 -22.86 44.67 88.34
N LYS N 684 -22.14 45.70 88.79
CA LYS N 684 -21.22 45.58 89.91
C LYS N 684 -21.95 45.53 91.25
N HIS N 685 -23.15 46.07 91.31
CA HIS N 685 -23.84 46.31 92.58
C HIS N 685 -24.74 45.17 93.02
N LEU N 686 -25.03 44.22 92.14
CA LEU N 686 -26.05 43.22 92.44
C LEU N 686 -25.69 42.39 93.66
N GLU N 687 -26.40 42.64 94.76
CA GLU N 687 -26.22 41.89 95.99
C GLU N 687 -27.55 41.26 96.37
N ALA N 688 -27.52 39.97 96.66
CA ALA N 688 -28.72 39.19 96.93
C ALA N 688 -28.84 38.92 98.42
N ASP N 689 -30.05 39.13 98.97
CA ASP N 689 -30.35 38.81 100.35
C ASP N 689 -31.76 38.19 100.41
N MET N 690 -32.21 37.94 101.63
CA MET N 690 -33.40 37.13 101.88
C MET N 690 -34.41 37.91 102.70
N GLU N 691 -35.65 37.91 102.22
CA GLU N 691 -36.77 38.52 102.94
C GLU N 691 -37.86 37.46 103.03
N ASP N 692 -37.91 36.74 104.16
CA ASP N 692 -38.97 35.78 104.42
C ASP N 692 -39.05 34.73 103.33
N GLY N 693 -37.88 34.24 102.90
CA GLY N 693 -37.82 33.25 101.85
C GLY N 693 -37.93 33.81 100.45
N VAL N 694 -37.90 35.12 100.29
CA VAL N 694 -37.98 35.74 98.97
C VAL N 694 -36.63 36.38 98.64
N LEU N 695 -36.12 36.09 97.44
CA LEU N 695 -34.84 36.63 97.01
C LEU N 695 -34.99 38.10 96.65
N VAL N 696 -34.17 38.94 97.26
CA VAL N 696 -34.22 40.39 97.03
C VAL N 696 -32.82 40.85 96.68
N ILE N 697 -32.66 41.40 95.48
CA ILE N 697 -31.35 41.80 94.99
C ILE N 697 -31.36 43.30 94.76
N ARG N 698 -30.28 43.96 95.13
CA ARG N 698 -30.11 45.37 94.84
C ARG N 698 -28.76 45.57 94.16
MG MG O . 51.18 31.61 -10.95
PG AGS P . 53.08 31.26 -14.86
S1G AGS P . 52.74 30.37 -16.55
O2G AGS P . 51.86 32.12 -14.43
O3G AGS P . 54.33 32.18 -14.96
PB AGS P . 52.61 30.53 -12.37
O1B AGS P . 51.32 29.82 -12.29
O2B AGS P . 53.60 30.22 -11.25
O3B AGS P . 53.32 30.22 -13.73
PA AGS P . 53.57 33.01 -11.96
O1A AGS P . 54.15 33.59 -13.19
O2A AGS P . 53.01 34.00 -10.94
O3A AGS P . 52.36 32.08 -12.33
O5' AGS P . 54.65 32.05 -11.33
C5' AGS P . 56.04 32.39 -11.33
C4' AGS P . 56.57 32.12 -9.95
O4' AGS P . 57.71 32.98 -9.69
C3' AGS P . 55.60 32.45 -8.82
O3' AGS P . 54.72 31.36 -8.61
C2' AGS P . 56.54 32.67 -7.64
O2' AGS P . 56.91 31.43 -7.04
C1' AGS P . 57.76 33.32 -8.31
N9 AGS P . 57.79 34.76 -8.20
C8 AGS P . 57.71 35.68 -9.22
N7 AGS P . 57.76 36.93 -8.82
C5 AGS P . 57.90 36.83 -7.44
C6 AGS P . 58.02 37.80 -6.43
N6 AGS P . 58.01 39.11 -6.66
N1 AGS P . 58.14 37.37 -5.16
C2 AGS P . 58.15 36.06 -4.93
N3 AGS P . 58.04 35.05 -5.80
C4 AGS P . 57.93 35.50 -7.05
PG AGS Q . 75.98 21.36 -48.83
S1G AGS Q . 75.49 23.16 -49.41
O2G AGS Q . 76.68 20.63 -50.01
O3G AGS Q . 74.69 20.57 -48.46
PB AGS Q . 78.38 20.79 -47.80
O1B AGS Q . 78.28 19.63 -48.72
O2B AGS Q . 79.26 21.92 -48.31
O3B AGS Q . 76.95 21.41 -47.62
PA AGS Q . 80.00 19.11 -46.32
O1A AGS Q . 80.22 18.68 -44.93
O2A AGS Q . 79.48 18.01 -47.25
O3A AGS Q . 78.97 20.32 -46.39
O5' AGS Q . 81.37 19.69 -46.85
C5' AGS Q . 81.81 21.01 -46.51
C4' AGS Q . 82.97 20.90 -45.55
O4' AGS Q . 83.75 22.12 -45.59
C3' AGS Q . 82.58 20.68 -44.09
O3' AGS Q . 82.93 19.38 -43.67
C2' AGS Q . 83.37 21.76 -43.31
O2' AGS Q . 84.05 21.21 -42.19
C1' AGS Q . 84.38 22.25 -44.34
N9 AGS Q . 84.77 23.65 -44.17
C8 AGS Q . 84.71 24.38 -43.01
N7 AGS Q . 85.12 25.62 -43.13
C5 AGS Q . 85.50 25.70 -44.46
C6 AGS Q . 86.03 26.76 -45.24
N6 AGS Q . 86.28 27.98 -44.76
N1 AGS Q . 86.29 26.51 -46.54
C2 AGS Q . 86.04 25.28 -47.02
N3 AGS Q . 85.54 24.22 -46.40
C4 AGS Q . 85.28 24.49 -45.12
MG MG R . 77.68 23.46 -47.19
MG MG S . 21.50 52.88 -21.87
PG AGS T . 24.45 52.80 -25.07
S1G AGS T . 25.34 51.48 -26.19
O2G AGS T . 22.91 52.65 -25.16
O3G AGS T . 24.83 54.24 -25.53
PB AGS T . 23.68 52.74 -22.55
O1B AGS T . 23.15 51.41 -22.22
O2B AGS T . 24.18 53.57 -21.37
O3B AGS T . 24.86 52.63 -23.58
PA AGS T . 22.73 55.15 -23.29
O1A AGS T . 23.23 55.56 -24.61
O2A AGS T . 21.37 55.71 -22.87
O3A AGS T . 22.56 53.59 -23.24
O5' AGS T . 23.85 55.47 -22.24
C5' AGS T . 24.65 56.66 -22.32
C4' AGS T . 24.70 57.28 -20.95
O4' AGS T . 24.91 58.69 -21.06
C3' AGS T . 23.41 57.14 -20.15
O3' AGS T . 23.36 55.88 -19.50
C2' AGS T . 23.53 58.30 -19.16
O2' AGS T . 24.33 57.93 -18.03
C1' AGS T . 24.25 59.37 -19.99
N9 AGS T . 23.36 60.37 -20.56
C8 AGS T . 23.11 60.60 -21.89
N7 AGS T . 22.25 61.57 -22.10
C5 AGS T . 21.93 62.01 -20.84
C6 AGS T . 21.06 63.03 -20.38
N6 AGS T . 20.36 63.82 -21.19
N1 AGS T . 20.97 63.22 -19.05
C2 AGS T . 21.68 62.44 -18.24
N3 AGS T . 22.53 61.44 -18.55
C4 AGS T . 22.60 61.28 -19.87
PG AGS U . 58.80 52.10 -49.50
S1G AGS U . 57.57 52.76 -50.84
O2G AGS U . 60.16 51.76 -50.16
O3G AGS U . 58.23 50.81 -48.86
PB AGS U . 60.50 53.70 -48.19
O1B AGS U . 61.46 52.61 -48.48
O2B AGS U . 60.62 54.90 -49.12
O3B AGS U . 59.04 53.17 -48.39
PA AGS U . 62.15 54.19 -46.04
O1A AGS U . 62.09 54.49 -44.59
O2A AGS U . 62.77 52.83 -46.37
O3A AGS U . 60.71 54.23 -46.71
O5' AGS U . 62.97 55.37 -46.70
C5' AGS U . 62.37 56.64 -46.99
C4' AGS U . 62.92 57.66 -46.03
O4' AGS U . 62.76 58.98 -46.58
C3' AGS U . 62.26 57.69 -44.66
O3' AGS U . 63.15 57.20 -43.66
C2' AGS U . 61.90 59.17 -44.42
O2' AGS U . 62.32 59.61 -43.14
C1' AGS U . 62.69 59.88 -45.51
N9 AGS U . 62.07 61.12 -45.98
C8 AGS U . 61.17 61.89 -45.29
N7 AGS U . 60.77 62.95 -45.96
C5 AGS U . 61.46 62.87 -47.15
C6 AGS U . 61.47 63.70 -48.30
N6 AGS U . 60.75 64.81 -48.42
N1 AGS U . 62.27 63.32 -49.32
C2 AGS U . 63.00 62.22 -49.21
N3 AGS U . 63.06 61.36 -48.19
C4 AGS U . 62.26 61.74 -47.18
MG MG V . 58.18 55.15 -48.91
MG MG W . -8.70 42.94 -42.90
PG AGS X . -5.39 43.98 -45.53
S1G AGS X . -3.56 43.40 -45.84
O2G AGS X . -6.37 42.77 -45.61
O3G AGS X . -5.80 45.03 -46.59
PB AGS X . -6.81 44.16 -43.33
O1B AGS X . -6.51 43.03 -42.42
O2B AGS X . -7.38 45.41 -42.65
O3B AGS X . -5.53 44.60 -44.12
PA AGS X . -8.66 44.84 -45.15
O1A AGS X . -8.08 45.06 -46.49
O2A AGS X . -10.12 44.39 -45.12
O3A AGS X . -7.88 43.72 -44.39
O5' AGS X . -8.43 46.16 -44.32
C5' AGS X . -8.54 47.46 -44.91
C4' AGS X . -9.37 48.31 -43.99
O4' AGS X . -10.03 49.34 -44.74
C3' AGS X . -10.51 47.57 -43.29
O3' AGS X . -10.02 46.91 -42.13
C2' AGS X . -11.47 48.71 -42.95
O2' AGS X . -11.08 49.36 -41.75
C1' AGS X . -11.28 49.64 -44.15
N9 AGS X . -12.32 49.51 -45.17
C8 AGS X . -12.16 49.07 -46.46
N7 AGS X . -13.27 49.04 -47.15
C5 AGS X . -14.23 49.49 -46.27
C6 AGS X . -15.61 49.69 -46.39
N6 AGS X . -16.31 49.46 -47.51
N1 AGS X . -16.28 50.15 -45.30
C2 AGS X . -15.60 50.39 -44.18
N3 AGS X . -14.29 50.24 -43.94
C4 AGS X . -13.66 49.79 -45.03
PG AGS Y . 28.44 60.01 -64.91
S1G AGS Y . 27.65 59.17 -66.47
O2G AGS Y . 29.86 60.54 -65.26
O3G AGS Y . 28.57 58.96 -63.77
PB AGS Y . 28.23 62.63 -64.42
O1B AGS Y . 29.67 62.51 -64.11
O2B AGS Y . 27.94 63.22 -65.80
O3B AGS Y . 27.57 61.21 -64.42
PA AGS Y . 28.34 64.76 -62.66
O1A AGS Y . 27.59 65.35 -61.53
O2A AGS Y . 29.71 64.20 -62.28
O3A AGS Y . 27.53 63.58 -63.35
O5' AGS Y . 28.47 65.89 -63.76
C5' AGS Y . 27.37 66.21 -64.63
C4' AGS Y . 26.81 67.55 -64.25
O4' AGS Y . 26.11 68.13 -65.36
C3' AGS Y . 25.83 67.52 -63.08
O3' AGS Y . 26.39 68.13 -61.92
C2' AGS Y . 24.61 68.31 -63.59
O2' AGS Y . 24.17 69.28 -62.65
C1' AGS Y . 25.13 68.99 -64.85
N9 AGS Y . 24.12 69.22 -65.88
C8 AGS Y . 22.77 69.30 -65.69
N7 AGS Y . 22.08 69.51 -66.78
C5 AGS Y . 23.06 69.57 -67.76
C6 AGS Y . 23.00 69.77 -69.16
N6 AGS Y . 21.85 69.95 -69.83
N1 AGS Y . 24.15 69.77 -69.84
C2 AGS Y . 25.30 69.60 -69.18
N3 AGS Y . 25.49 69.39 -67.87
C4 AGS Y . 24.32 69.39 -67.22
MG MG Z . 25.96 61.74 -65.86
MG MG AA . -16.66 8.60 -58.26
PG AGS BA . -13.97 10.77 -60.90
S1G AGS BA . -12.20 11.57 -60.82
O2G AGS BA . -13.91 9.28 -60.46
O3G AGS BA . -14.53 10.84 -62.35
PB AGS BA . -15.89 10.57 -59.11
O1B AGS BA . -15.32 10.33 -57.77
O2B AGS BA . -17.27 11.20 -59.12
O3B AGS BA . -14.94 11.50 -59.95
PA AGS BA . -16.97 9.16 -61.13
O1A AGS BA . -16.21 9.31 -62.38
O2A AGS BA . -17.76 7.87 -60.96
O3A AGS BA . -16.01 9.22 -59.90
O5' AGS BA . -17.88 10.44 -60.99
C5' AGS BA . -18.53 11.03 -62.13
C4' AGS BA . -19.96 11.29 -61.75
O4' AGS BA . -20.80 11.27 -62.93
C3' AGS BA . -20.58 10.23 -60.84
O3' AGS BA . -20.25 10.50 -59.48
C2' AGS BA . -22.07 10.41 -61.12
O2' AGS BA . -22.62 11.47 -60.35
C1' AGS BA . -22.08 10.79 -62.61
N9 AGS BA . -22.38 9.66 -63.49
C8 AGS BA . -21.55 9.10 -64.42
N7 AGS BA . -22.09 8.09 -65.07
C5 AGS BA . -23.36 7.99 -64.55
C6 AGS BA . -24.43 7.12 -64.81
N6 AGS BA . -24.38 6.14 -65.71
N1 AGS BA . -25.56 7.28 -64.10
C2 AGS BA . -25.61 8.26 -63.18
N3 AGS BA . -24.67 9.14 -62.84
C4 AGS BA . -23.56 8.95 -63.56
PG AGS CA . 7.58 38.79 -83.88
S1G AGS CA . 8.06 37.22 -84.91
O2G AGS CA . 8.40 40.01 -84.37
O3G AGS CA . 7.88 38.54 -82.38
PB AGS CA . 5.67 40.50 -84.68
O1B AGS CA . 6.67 41.51 -84.28
O2B AGS CA . 5.60 40.25 -86.20
O3B AGS CA . 6.06 39.10 -84.06
PA AGS CA . 3.85 42.49 -84.12
O1A AGS CA . 2.57 42.71 -83.42
O2A AGS CA . 5.03 43.20 -83.46
O3A AGS CA . 4.22 40.94 -84.21
O5' AGS CA . 3.65 42.98 -85.60
C5' AGS CA . 2.99 42.16 -86.58
C4' AGS CA . 1.65 42.76 -86.89
O4' AGS CA . 1.20 42.31 -88.18
C3' AGS CA . 0.54 42.42 -85.90
O3' AGS CA . 0.17 43.56 -85.13
C2' AGS CA . -0.63 41.92 -86.78
O2' AGS CA . -1.85 42.55 -86.42
C1' AGS CA . -0.21 42.35 -88.18
N9 AGS CA . -0.71 41.48 -89.23
C8 AGS CA . -1.81 40.65 -89.17
N7 AGS CA . -2.02 39.97 -90.26
C5 AGS CA . -1.00 40.39 -91.12
C6 AGS CA . -0.68 40.05 -92.45
N6 AGS CA . -1.37 39.17 -93.18
N1 AGS CA . 0.40 40.65 -93.00
C2 AGS CA . 1.09 41.53 -92.27
N3 AGS CA . 0.88 41.93 -91.02
C4 AGS CA . -0.19 41.31 -90.50
MG MG DA . 5.10 37.90 -85.64
MG MG EA . 3.63 -23.66 -56.29
PG AGS FA . 5.17 -21.18 -59.51
S1G AGS FA . 5.92 -19.39 -59.74
O2G AGS FA . 5.96 -21.96 -58.43
O3G AGS FA . 5.24 -21.96 -60.85
PB AGS FA . 3.29 -22.10 -57.93
O1B AGS FA . 3.36 -21.45 -56.61
O2B AGS FA . 1.91 -22.67 -58.29
O3B AGS FA . 3.69 -21.11 -59.07
PA AGS FA . 4.09 -24.39 -59.11
O1A AGS FA . 4.98 -24.14 -60.24
O2A AGS FA . 4.25 -25.73 -58.39
O3A AGS FA . 4.30 -23.30 -57.99
O5' AGS FA . 2.61 -24.17 -59.61
C5' AGS FA . 2.19 -24.58 -60.93
C4' AGS FA . 0.89 -25.30 -60.78
O4' AGS FA . 0.72 -26.26 -61.85
C3' AGS FA . 0.76 -26.14 -59.52
O3' AGS FA . 0.35 -25.33 -58.42
C2' AGS FA . -0.30 -27.16 -59.91
O2' AGS FA . -1.61 -26.63 -59.74
C1' AGS FA . -0.01 -27.38 -61.39
N9 AGS FA . 0.77 -28.58 -61.67
C8 AGS FA . 2.04 -28.64 -62.18
N7 AGS FA . 2.50 -29.87 -62.32
C5 AGS FA . 1.47 -30.66 -61.86
C6 AGS FA . 1.33 -32.05 -61.74
N6 AGS FA . 2.27 -32.93 -62.09
N1 AGS FA . 0.16 -32.53 -61.24
C2 AGS FA . -0.78 -31.66 -60.88
N3 AGS FA . -0.76 -30.33 -60.95
C4 AGS FA . 0.39 -29.89 -61.45
PG AGS GA . 11.69 5.00 -91.91
S1G AGS GA . 13.35 4.02 -92.07
O2G AGS GA . 11.71 6.21 -92.88
O3G AGS GA . 11.53 5.51 -90.46
PB AGS GA . 9.58 4.53 -93.50
O1B AGS GA . 9.53 6.00 -93.57
O2B AGS GA . 10.22 3.86 -94.72
O3B AGS GA . 10.47 4.09 -92.28
PA AGS GA . 6.87 4.70 -94.01
O1A AGS GA . 5.59 4.15 -93.56
O2A AGS GA . 7.06 6.19 -93.70
O3A AGS GA . 8.10 3.94 -93.36
O5' AGS GA . 6.97 4.43 -95.56
C5' AGS GA . 7.34 3.14 -96.07
C4' AGS GA . 6.13 2.49 -96.69
O4' AGS GA . 6.54 1.49 -97.64
C3' AGS GA . 5.20 1.79 -95.70
O3' AGS GA . 3.97 2.50 -95.57
C2' AGS GA . 4.98 0.39 -96.29
O2' AGS GA . 3.61 0.05 -96.32
C1' AGS GA . 5.51 0.53 -97.71
N9 AGS GA . 6.06 -0.71 -98.27
C8 AGS GA . 5.77 -1.98 -97.87
N7 AGS GA . 6.41 -2.91 -98.54
C5 AGS GA . 7.18 -2.18 -99.44
C6 AGS GA . 8.09 -2.58 -100.44
N6 AGS GA . 8.39 -3.85 -100.71
N1 AGS GA . 8.70 -1.60 -101.16
C2 AGS GA . 8.39 -0.34 -100.90
N3 AGS GA . 7.56 0.16 -99.98
C4 AGS GA . 6.98 -0.83 -99.28
MG MG HA . 11.09 2.15 -93.16
MG MG IA . 36.99 -29.85 -38.55
PG AGS JA . 37.76 -28.15 -42.48
S1G AGS JA . 37.30 -26.53 -43.47
O2G AGS JA . 38.40 -27.78 -41.11
O3G AGS JA . 38.77 -29.01 -43.28
PB AGS JA . 36.40 -29.58 -40.74
O1B AGS JA . 35.59 -28.71 -39.87
O2B AGS JA . 35.91 -31.02 -40.86
O3B AGS JA . 36.50 -29.00 -42.19
PA AGS JA . 38.77 -30.85 -40.67
O1A AGS JA . 39.68 -30.40 -41.73
O2A AGS JA . 39.44 -31.39 -39.39
O3A AGS JA . 37.87 -29.67 -40.18
O5' AGS JA . 37.78 -31.89 -41.29
C5' AGS JA . 38.21 -32.85 -42.27
C4' AGS JA . 37.66 -34.20 -41.87
O4' AGS JA . 38.51 -35.24 -42.38
C3' AGS JA . 37.63 -34.44 -40.37
O3' AGS JA . 36.44 -33.86 -39.81
C2' AGS JA . 37.62 -35.97 -40.29
O2' AGS JA . 36.31 -36.49 -40.46
C1' AGS JA . 38.50 -36.35 -41.49
N9 AGS JA . 39.88 -36.66 -41.12
C8 AGS JA . 41.01 -35.96 -41.49
N7 AGS JA . 42.12 -36.47 -41.01
C5 AGS JA . 41.69 -37.57 -40.28
C6 AGS JA . 42.40 -38.53 -39.53
N6 AGS JA . 43.72 -38.53 -39.38
N1 AGS JA . 41.67 -39.50 -38.92
C2 AGS JA . 40.34 -39.50 -39.07
N3 AGS JA . 39.59 -38.65 -39.76
C4 AGS JA . 40.32 -37.70 -40.34
PG AGS KA . 38.33 -16.49 -82.99
S1G AGS KA . 40.16 -16.00 -82.58
O2G AGS KA . 37.96 -15.98 -84.40
O3G AGS KA . 37.38 -15.83 -81.96
PB AGS KA . 37.70 -18.75 -84.27
O1B AGS KA . 36.80 -17.85 -85.03
O2B AGS KA . 38.99 -19.11 -85.01
O3B AGS KA . 38.16 -18.04 -82.94
PA AGS KA . 35.86 -20.69 -84.95
O1A AGS KA . 35.11 -21.82 -84.34
O2A AGS KA . 34.97 -19.50 -85.36
O3A AGS KA . 36.96 -20.12 -83.95
O5' AGS KA . 36.65 -21.27 -86.17
C5' AGS KA . 37.87 -22.00 -86.01
C4' AGS KA . 37.63 -23.45 -86.31
O4' AGS KA . 38.87 -24.09 -86.65
C3' AGS KA . 37.02 -24.25 -85.15
O3' AGS KA . 35.68 -24.62 -85.43
C2' AGS KA . 37.94 -25.49 -85.03
O2' AGS KA . 37.17 -26.69 -84.96
C1' AGS KA . 38.74 -25.46 -86.32
N9 AGS KA . 40.08 -26.03 -86.20
C8 AGS KA . 40.49 -26.95 -85.27
N7 AGS KA . 41.76 -27.30 -85.38
C5 AGS KA . 42.19 -26.56 -86.48
C6 AGS KA . 43.44 -26.48 -87.13
N6 AGS KA . 44.52 -27.17 -86.75
N1 AGS KA . 43.54 -25.65 -88.19
C2 AGS KA . 42.46 -24.96 -88.57
N3 AGS KA . 41.24 -24.95 -88.04
C4 AGS KA . 41.17 -25.78 -86.99
MG MG LA . 40.09 -19.12 -82.78
MG MG MA . 58.12 -5.17 -18.30
PG AGS NA . 59.05 -4.73 -22.53
S1G AGS NA . 58.10 -4.31 -24.18
O2G AGS NA . 58.80 -3.63 -21.46
O3G AGS NA . 60.58 -4.84 -22.79
PB AGS NA . 58.31 -6.08 -20.39
O1B AGS NA . 56.90 -5.81 -20.07
O2B AGS NA . 58.86 -7.39 -19.85
O3B AGS NA . 58.55 -6.07 -21.93
PA AGS NA . 60.75 -5.24 -19.61
O1A AGS NA . 61.51 -4.64 -20.73
O2A AGS NA . 61.09 -4.73 -18.21
O3A AGS NA . 59.22 -4.94 -19.78
O5' AGS NA . 60.88 -6.80 -19.73
C5' AGS NA . 62.12 -7.43 -20.13
C4' AGS NA . 62.39 -8.56 -19.17
O4' AGS NA . 63.80 -8.82 -19.09
C3' AGS NA . 61.96 -8.29 -17.74
O3' AGS NA . 60.57 -8.56 -17.57
C2' AGS NA . 62.84 -9.27 -16.96
O2' AGS NA . 62.27 -10.57 -16.93
C1' AGS NA . 64.13 -9.26 -17.79
N9 AGS NA . 65.17 -8.40 -17.26
C8 AGS NA . 65.70 -7.27 -17.85
N7 AGS NA . 66.64 -6.69 -17.13
C5 AGS NA . 66.73 -7.47 -16.00
C6 AGS NA . 67.54 -7.39 -14.85
N6 AGS NA . 68.44 -6.43 -14.65
N1 AGS NA . 67.38 -8.34 -13.90
C2 AGS NA . 66.48 -9.31 -14.10
N3 AGS NA . 65.66 -9.49 -15.14
C4 AGS NA . 65.83 -8.54 -16.06
PG AGS OA . 66.93 -9.09 -63.71
S1G AGS OA . 67.80 -7.37 -63.49
O2G AGS OA . 66.86 -9.45 -65.22
O3G AGS OA . 65.48 -9.01 -63.16
PB AGS OA . 68.28 -11.40 -63.82
O1B AGS OA . 67.37 -11.67 -64.95
O2B AGS OA . 69.69 -10.95 -64.25
O3B AGS OA . 67.71 -10.21 -62.96
PA AGS OA . 68.35 -14.14 -63.61
O1A AGS OA . 68.27 -15.22 -62.60
O2A AGS OA . 67.16 -14.12 -64.57
O3A AGS OA . 68.45 -12.70 -62.94
O5' AGS OA . 69.71 -14.35 -64.39
C5' AGS OA . 70.96 -13.91 -63.84
C4' AGS OA . 71.77 -15.13 -63.44
O4' AGS OA . 73.16 -14.79 -63.38
C3' AGS OA . 71.40 -15.72 -62.07
O3' AGS OA . 70.75 -16.97 -62.22
C2' AGS OA . 72.75 -15.86 -61.34
O2' AGS OA . 72.89 -17.15 -60.76
C1' AGS OA . 73.77 -15.67 -62.46
N9 AGS OA . 75.02 -15.08 -62.01
C8 AGS OA . 75.55 -15.11 -60.75
N7 AGS OA . 76.69 -14.50 -60.63
C5 AGS OA . 76.96 -14.05 -61.91
C6 AGS OA . 78.04 -13.32 -62.46
N6 AGS OA . 79.09 -12.92 -61.76
N1 AGS OA . 78.00 -13.03 -63.78
C2 AGS OA . 76.94 -13.45 -64.50
N3 AGS OA . 75.86 -14.13 -64.08
C4 AGS OA . 75.93 -14.40 -62.78
MG MG PA . 69.69 -9.53 -62.22
MG MG QA . 15.63 -29.60 51.12
PG AGS RA . 13.06 -29.27 54.62
S1G AGS RA . 11.37 -28.43 55.10
O2G AGS RA . 12.90 -30.16 53.37
O3G AGS RA . 13.59 -30.13 55.80
PB AGS RA . 15.01 -28.48 53.02
O1B AGS RA . 14.45 -27.82 51.82
O2B AGS RA . 16.45 -28.11 53.36
O3B AGS RA . 14.13 -28.18 54.28
PA AGS RA . 15.91 -30.92 53.74
O1A AGS RA . 15.13 -31.50 54.84
O2A AGS RA . 16.60 -31.91 52.79
O3A AGS RA . 14.99 -30.04 52.82
O5' AGS RA . 16.93 -29.89 54.37
C5' AGS RA . 17.61 -30.17 55.61
C4' AGS RA . 19.07 -29.86 55.43
O4' AGS RA . 19.85 -30.65 56.33
C3' AGS RA . 19.61 -30.19 54.05
O3' AGS RA . 19.34 -29.14 53.15
C2' AGS RA . 21.11 -30.35 54.33
O2' AGS RA . 21.77 -29.09 54.34
C1' AGS RA . 21.10 -30.96 55.74
N9 AGS RA . 21.29 -32.41 55.75
C8 AGS RA . 20.38 -33.35 56.17
N7 AGS RA . 20.81 -34.58 56.07
C5 AGS RA . 22.09 -34.45 55.54
C6 AGS RA . 23.08 -35.39 55.19
N6 AGS RA . 22.93 -36.71 55.33
N1 AGS RA . 24.24 -34.91 54.70
C2 AGS RA . 24.39 -33.60 54.56
N3 AGS RA . 23.54 -32.62 54.85
C4 AGS RA . 22.39 -33.11 55.34
PG AGS SA . -6.64 -19.27 90.53
S1G AGS SA . -7.30 -21.11 90.40
O2G AGS SA . -7.38 -18.54 91.68
O3G AGS SA . -6.94 -18.53 89.19
PB AGS SA . -4.62 -18.56 92.14
O1B AGS SA . -5.53 -17.44 92.46
O2B AGS SA . -4.61 -19.68 93.19
O3B AGS SA . -5.11 -19.25 90.80
PA AGS SA . -2.63 -16.80 92.85
O1A AGS SA . -1.32 -16.32 92.38
O2A AGS SA . -3.73 -15.74 92.79
O3A AGS SA . -3.13 -18.04 91.99
O5' AGS SA . -2.43 -17.34 94.31
C5' AGS SA . -1.87 -18.62 94.58
C4' AGS SA . -0.49 -18.45 95.15
O4' AGS SA . -0.12 -19.63 95.88
C3' AGS SA . 0.62 -18.21 94.11
O3' AGS SA . 1.10 -16.88 94.18
C2' AGS SA . 1.71 -19.24 94.47
O2' AGS SA . 2.99 -18.63 94.53
C1' AGS SA . 1.30 -19.71 95.86
N9 AGS SA . 1.69 -21.08 96.15
C8 AGS SA . 2.71 -21.78 95.57
N7 AGS SA . 2.85 -23.01 96.03
C5 AGS SA . 1.85 -23.11 96.98
C6 AGS SA . 1.46 -24.17 97.84
N6 AGS SA . 2.04 -25.36 97.87
N1 AGS SA . 0.42 -23.93 98.67
C2 AGS SA . -0.18 -22.74 98.65
N3 AGS SA . 0.09 -21.68 97.89
C4 AGS SA . 1.12 -21.93 97.08
MG MG TA . -4.30 -21.26 91.31
MG MG UA . -6.88 -52.46 30.67
PG AGS VA . -8.30 -52.34 34.78
S1G AGS VA . -8.92 -51.01 36.06
O2G AGS VA . -9.12 -52.25 33.46
O3G AGS VA . -8.47 -53.77 35.37
PB AGS VA . -6.46 -52.25 32.91
O1B AGS VA . -6.45 -50.92 32.25
O2B AGS VA . -5.14 -53.02 32.81
O3B AGS VA . -6.80 -52.12 34.43
PA AGS VA . -7.44 -54.71 32.48
O1A AGS VA . -8.36 -55.14 33.55
O2A AGS VA . -7.70 -55.32 31.10
O3A AGS VA . -7.56 -53.17 32.26
O5' AGS VA . -5.97 -54.95 32.98
C5' AGS VA . -5.62 -56.12 33.75
C4' AGS VA . -4.36 -56.70 33.16
O4' AGS VA . -4.30 -58.11 33.43
C3' AGS VA . -4.28 -56.59 31.64
O3' AGS VA . -3.78 -55.31 31.26
C2' AGS VA . -3.30 -57.72 31.31
O2' AGS VA . -1.95 -57.29 31.47
C1' AGS VA . -3.64 -58.77 32.37
N9 AGS VA . -4.52 -59.84 31.87
C8 AGS VA . -5.80 -60.10 32.29
N7 AGS VA . -6.36 -61.12 31.67
C5 AGS VA . -5.37 -61.54 30.78
C6 AGS VA . -5.33 -62.59 29.84
N6 AGS VA . -6.35 -63.41 29.61
N1 AGS VA . -4.20 -62.73 29.12
C2 AGS VA . -3.18 -61.91 29.35
N3 AGS VA . -3.09 -60.89 30.21
C4 AGS VA . -4.23 -60.77 30.90
PG AGS WA . -13.62 -50.84 76.58
S1G AGS WA . -15.36 -51.58 76.15
O2G AGS WA . -13.58 -50.47 78.08
O3G AGS WA . -13.39 -49.56 75.73
PB AGS WA . -11.60 -52.33 77.49
O1B AGS WA . -11.45 -51.21 78.44
O2B AGS WA . -12.31 -53.56 78.07
O3B AGS WA . -12.50 -51.87 76.28
PA AGS WA . -8.90 -52.70 77.94
O1A AGS WA . -7.65 -52.96 77.20
O2A AGS WA . -8.97 -51.32 78.60
O3A AGS WA . -10.17 -52.82 76.98
O5' AGS WA . -9.05 -53.86 78.99
C5' AGS WA . -9.54 -55.16 78.64
C4' AGS WA . -8.39 -56.13 78.70
O4' AGS WA . -8.90 -57.47 78.85
C3' AGS WA . -7.49 -56.15 77.46
O3' AGS WA . -6.21 -55.60 77.76
C2' AGS WA . -7.39 -57.64 77.08
O2' AGS WA . -6.04 -58.03 76.85
C1' AGS WA . -7.95 -58.35 78.31
N9 AGS WA . -8.60 -59.63 78.01
C8 AGS WA . -8.38 -60.41 76.92
N7 AGS WA . -9.12 -61.51 76.90
C5 AGS WA . -9.85 -61.43 78.06
C6 AGS WA . -10.81 -62.27 78.64
N6 AGS WA . -11.22 -63.43 78.09
N1 AGS WA . -11.35 -61.90 79.82
C2 AGS WA . -10.96 -60.76 80.39
N3 AGS WA . -10.06 -59.87 79.93
C4 AGS WA . -9.54 -60.27 78.77
MG MG XA . -13.27 -53.90 75.82
MG MG YA . -40.03 -44.20 13.63
PG AGS ZA . -40.76 -45.17 17.81
S1G AGS ZA . -40.20 -44.52 19.56
O2G AGS ZA . -41.34 -44.00 16.97
O3G AGS ZA . -41.84 -46.28 17.96
PB AGS ZA . -39.47 -45.36 15.52
O1B AGS ZA . -38.57 -44.20 15.34
O2B AGS ZA . -39.08 -46.61 14.74
O3B AGS ZA . -39.55 -45.76 17.03
PA AGS ZA . -41.92 -46.16 14.76
O1A AGS ZA . -42.81 -46.38 15.91
O2A AGS ZA . -42.59 -45.77 13.45
O3A AGS ZA . -40.92 -44.98 15.07
O5' AGS ZA . -41.01 -47.43 14.60
C5' AGS ZA . -41.53 -48.76 14.82
C4' AGS ZA . -41.07 -49.62 13.67
O4' AGS ZA . -42.00 -50.70 13.47
C3' AGS ZA . -41.02 -48.91 12.34
O3' AGS ZA . -39.79 -48.20 12.20
C2' AGS ZA . -41.12 -50.07 11.35
O2' AGS ZA . -39.85 -50.68 11.14
C1' AGS ZA . -42.05 -51.04 12.09
N9 AGS ZA . -43.44 -50.97 11.65
C8 AGS ZA . -44.52 -50.56 12.39
N7 AGS ZA . -45.66 -50.60 11.73
C5 AGS ZA . -45.30 -51.06 10.48
C6 AGS ZA . -46.05 -51.32 9.31
N6 AGS ZA . -47.37 -51.15 9.22
N1 AGS ZA . -45.38 -51.78 8.23
C2 AGS ZA . -44.07 -51.96 8.32
N3 AGS ZA . -43.25 -51.75 9.36
C4 AGS ZA . -43.94 -51.29 10.40
PG AGS AB . -41.36 -60.33 57.14
S1G AGS AB . -43.15 -59.57 57.16
O2G AGS AB . -40.99 -60.82 58.57
O3G AGS AB . -40.34 -59.25 56.70
PB AGS AB . -40.92 -62.95 56.78
O1B AGS AB . -39.98 -62.76 57.91
O2B AGS AB . -42.25 -63.58 57.19
O3B AGS AB . -41.30 -61.55 56.18
PA AGS AB . -39.23 -65.02 56.10
O1A AGS AB . -38.55 -65.60 54.93
O2A AGS AB . -38.28 -64.40 57.14
O3A AGS AB . -40.27 -63.89 55.68
O5' AGS AB . -40.08 -66.18 56.75
C5' AGS AB . -41.36 -66.56 56.21
C4' AGS AB . -41.23 -67.92 55.57
O4' AGS AB . -42.52 -68.54 55.49
C3' AGS AB . -40.66 -67.90 54.15
O3' AGS AB . -39.34 -68.45 54.12
C2' AGS AB . -41.65 -68.75 53.33
O2' AGS AB . -40.97 -69.71 52.53
C1' AGS AB . -42.48 -69.45 54.40
N9 AGS AB . -43.84 -69.73 53.99
C8 AGS AB . -44.31 -69.87 52.71
N7 AGS AB . -45.59 -70.13 52.63
C5 AGS AB . -46.00 -70.18 53.95
C6 AGS AB . -47.25 -70.41 54.55
N6 AGS AB . -48.37 -70.66 53.86
N1 AGS AB . -47.32 -70.39 55.90
C2 AGS AB . -46.20 -70.15 56.59
N3 AGS AB . -44.97 -69.90 56.14
C4 AGS AB . -44.93 -69.94 54.81
MG MG BB . -43.29 -62.18 55.44
MG MG CB . -58.80 -11.03 12.89
PG AGS DB . -59.79 -13.16 16.55
S1G AGS DB . -58.86 -13.90 18.10
O2G AGS DB . -59.43 -11.66 16.37
O3G AGS DB . -61.33 -13.29 16.73
PB AGS DB . -59.11 -13.00 14.02
O1B AGS DB . -57.67 -12.71 13.89
O2B AGS DB . -59.75 -13.68 12.80
O3B AGS DB . -59.39 -13.92 15.26
PA AGS DB . -61.46 -11.67 13.97
O1A AGS DB . -62.20 -11.82 15.23
O2A AGS DB . -61.72 -10.40 13.16
O3A AGS DB . -59.91 -11.66 14.24
O5' AGS DB . -61.71 -12.98 13.12
C5' AGS DB . -63.00 -13.61 13.09
C4' AGS DB . -63.33 -13.91 11.66
O4' AGS DB . -64.75 -13.96 11.48
C3' AGS DB . -62.85 -12.86 10.67
O3' AGS DB . -61.49 -13.08 10.32
C2' AGS DB . -63.78 -13.09 9.48
O2' AGS DB . -63.33 -14.16 8.66
C1' AGS DB . -65.09 -13.50 10.18
N9 AGS DB . -66.05 -12.41 10.30
C8 AGS DB . -66.50 -11.84 11.47
N7 AGS DB . -67.36 -10.86 11.28
C5 AGS DB . -67.49 -10.79 9.90
C6 AGS DB . -68.25 -9.97 9.06
N6 AGS DB . -69.08 -9.01 9.51
N1 AGS DB . -68.15 -10.16 7.73
C2 AGS DB . -67.33 -11.12 7.27
N3 AGS DB . -66.57 -11.95 7.97
C4 AGS DB . -66.69 -11.74 9.29
PG AGS EB . -69.05 -40.88 46.93
S1G AGS EB . -69.79 -39.32 47.82
O2G AGS EB . -69.06 -42.08 47.91
O3G AGS EB . -67.59 -40.59 46.51
PB AGS EB . -70.59 -42.68 45.67
O1B AGS EB . -69.73 -43.64 46.38
O2B AGS EB . -71.97 -42.46 46.31
O3B AGS EB . -69.91 -41.25 45.69
PA AGS EB . -70.87 -44.72 43.83
O1A AGS EB . -70.86 -44.96 42.38
O2A AGS EB . -69.71 -45.37 44.59
O3A AGS EB . -70.84 -43.16 44.18
O5' AGS EB . -72.26 -45.24 44.37
C5' AGS EB . -73.47 -44.47 44.23
C4' AGS EB . -74.34 -45.13 43.20
O4' AGS EB . -75.71 -44.71 43.39
C3' AGS EB . -74.00 -44.79 41.74
O3' AGS EB . -73.45 -45.93 41.09
C2' AGS EB . -75.33 -44.36 41.11
O2' AGS EB . -75.56 -45.02 39.88
C1' AGS EB . -76.36 -44.81 42.14
N9 AGS EB . -77.56 -43.97 42.18
C8 AGS EB . -78.05 -43.18 41.17
N7 AGS EB . -79.14 -42.53 41.48
C5 AGS EB . -79.40 -42.94 42.78
C6 AGS EB . -80.43 -42.61 43.68
N6 AGS EB . -81.43 -41.77 43.39
N1 AGS EB . -80.40 -43.18 44.90
C2 AGS EB . -79.40 -44.02 45.20
N3 AGS EB . -78.38 -44.40 44.43
C4 AGS EB . -78.44 -43.82 43.23
MG MG FB . -71.81 -40.11 45.55
MG MG GB . -49.06 22.32 29.00
PG AGS HB . -51.08 19.81 31.93
S1G AGS HB . -50.85 18.06 32.73
O2G AGS HB . -49.79 20.66 32.08
O3G AGS HB . -52.26 20.57 32.60
PB AGS HB . -50.60 20.70 29.50
O1B AGS HB . -49.37 20.09 28.96
O2B AGS HB . -51.59 21.22 28.45
O3B AGS HB . -51.38 19.69 30.41
PA AGS HB . -51.36 22.99 30.70
O1A AGS HB . -51.93 22.75 32.04
O2A AGS HB . -50.70 24.35 30.47
O3A AGS HB . -50.24 21.94 30.38
O5' AGS HB . -52.49 22.70 29.64
C5' AGS HB . -53.86 23.06 29.89
C4' AGS HB . -54.38 23.74 28.65
O4' AGS HB . -55.44 24.65 28.99
C3' AGS HB . -53.35 24.60 27.92
O3' AGS HB . -52.55 23.80 27.07
C2' AGS HB . -54.25 25.56 27.14
O2' AGS HB . -54.69 24.98 25.92
C1' AGS HB . -55.42 25.76 28.11
N9 AGS HB . -55.35 26.98 28.89
C8 AGS HB . -55.22 27.08 30.25
N7 AGS HB . -55.17 28.31 30.69
C5 AGS HB . -55.28 29.08 29.55
C6 AGS HB . -55.30 30.47 29.33
N6 AGS HB . -55.20 31.37 30.31
N1 AGS HB . -55.42 30.91 28.06
C2 AGS HB . -55.51 30.01 27.08
N3 AGS HB . -55.52 28.67 27.15
C4 AGS HB . -55.39 28.27 28.43
PG AGS IB . -75.48 -6.90 53.57
S1G AGS IB . -74.88 -5.85 55.09
O2G AGS IB . -76.27 -8.13 54.08
O3G AGS IB . -74.25 -7.38 52.75
PB AGS IB . -77.89 -6.55 52.45
O1B AGS IB . -77.91 -8.02 52.48
O2B AGS IB . -78.69 -5.88 53.58
O3B AGS IB . -76.41 -6.05 52.66
PA AGS IB . -79.60 -6.84 50.31
O1A AGS IB . -79.83 -6.33 48.95
O2A AGS IB . -79.19 -8.32 50.36
O3A AGS IB . -78.48 -6.01 51.08
O5' AGS IB . -80.93 -6.61 51.11
C5' AGS IB . -81.27 -5.31 51.66
C4' AGS IB . -82.41 -4.73 50.87
O4' AGS IB . -83.09 -3.75 51.66
C3' AGS IB . -82.00 -4.05 49.56
O3' AGS IB . -82.44 -4.80 48.44
C2' AGS IB . -82.69 -2.67 49.62
O2' AGS IB . -83.38 -2.38 48.41
C1' AGS IB . -83.68 -2.83 50.76
N9 AGS IB . -83.95 -1.59 51.48
C8 AGS IB . -83.81 -0.31 51.00
N7 AGS IB . -84.13 0.63 51.86
C5 AGS IB . -84.53 -0.09 52.98
C6 AGS IB . -85.00 0.32 54.24
N6 AGS IB . -85.14 1.59 54.60
N1 AGS IB . -85.31 -0.64 55.14
C2 AGS IB . -85.17 -1.93 54.78
N3 AGS IB . -84.73 -2.43 53.62
C4 AGS IB . -84.43 -1.45 52.75
MG MG JB . -76.98 -4.10 53.57
MG MG KB . -17.98 30.49 49.96
PG AGS LB . -21.02 28.71 52.52
S1G AGS LB . -22.03 27.06 52.61
O2G AGS LB . -19.49 28.40 52.45
O3G AGS LB . -21.30 29.59 53.77
PB AGS LB . -20.18 30.13 50.47
O1B AGS LB . -19.75 29.25 49.37
O2B AGS LB . -20.57 31.55 50.06
O3B AGS LB . -21.39 29.52 51.25
PA AGS LB . -19.06 31.51 52.50
O1A AGS LB . -19.56 31.06 53.81
O2A AGS LB . -17.65 32.10 52.48
O3A AGS LB . -19.01 30.30 51.50
O5' AGS LB . -20.13 32.49 51.89
C5' AGS LB . -20.83 33.44 52.71
C4' AGS LB . -20.79 34.77 52.00
O4' AGS LB . -20.89 35.83 52.97
C3' AGS LB . -19.50 35.04 51.26
O3' AGS LB . -19.53 34.45 49.98
C2' AGS LB . -19.50 36.58 51.18
O2' AGS LB . -20.29 37.03 50.09
C1' AGS LB . -20.16 36.96 52.51
N9 AGS LB . -19.21 37.34 53.56
C8 AGS LB . -18.97 36.68 54.73
N7 AGS LB . -18.05 37.24 55.48
C5 AGS LB . -17.65 38.35 54.74
C6 AGS LB . -16.70 39.36 54.98
N6 AGS LB . -15.95 39.42 56.08
N1 AGS LB . -16.55 40.31 54.04
C2 AGS LB . -17.30 40.25 52.93
N3 AGS LB . -18.23 39.35 52.60
C4 AGS LB . -18.36 38.42 53.55
PG AGS MB . -55.99 15.94 72.30
S1G AGS MB . -54.75 15.54 73.74
O2G AGS MB . -57.39 15.38 72.64
O3G AGS MB . -55.50 15.27 70.98
PB AGS MB . -57.51 18.14 72.28
O1B AGS MB . -58.56 17.18 71.87
O2B AGS MB . -57.58 18.52 73.76
O3B AGS MB . -56.11 17.48 72.08
PA AGS MB . -59.07 19.98 70.92
O1A AGS MB . -58.94 21.08 69.96
O2A AGS MB . -59.79 18.75 70.37
O3A AGS MB . -57.65 19.48 71.44
O5' AGS MB . -59.80 20.56 72.19
C5' AGS MB . -59.11 21.34 73.18
C4' AGS MB . -59.56 22.77 73.06
O4' AGS MB . -59.31 23.46 74.30
C3' AGS MB . -58.86 23.58 71.97
O3' AGS MB . -59.75 23.88 70.90
C2' AGS MB . -58.38 24.86 72.69
O2' AGS MB . -58.73 26.03 71.96
C1' AGS MB . -59.14 24.82 74.01
N9 AGS MB . -58.43 25.45 75.11
C8 AGS MB . -57.46 26.41 75.03
N7 AGS MB . -56.99 26.81 76.19
C5 AGS MB . -57.72 26.06 77.10
C6 AGS MB . -57.71 26.02 78.50
N6 AGS MB . -56.90 26.76 79.26
N1 AGS MB . -58.56 25.16 79.12
C2 AGS MB . -59.36 24.41 78.36
N3 AGS MB . -59.47 24.37 77.03
C4 AGS MB . -58.61 25.23 76.46
MG MG NB . -55.10 18.65 73.69
MG MG OB . 10.76 7.22 59.76
PG AGS PB . 7.49 6.72 62.58
S1G AGS PB . 5.60 6.21 62.53
O2G AGS PB . 8.35 5.63 61.88
O3G AGS PB . 7.97 6.88 64.04
PB AGS PB . 8.98 8.08 60.90
O1B AGS PB . 8.60 7.76 59.51
O2B AGS PB . 9.66 9.44 61.09
O3B AGS PB . 7.71 8.05 61.83
PA AGS PB . 10.84 7.36 62.70
O1A AGS PB . 10.23 6.78 63.91
O2A AGS PB . 12.26 6.91 62.36
O3A AGS PB . 9.98 7.01 61.43
O5' AGS PB . 10.73 8.93 62.83
C5' AGS PB . 10.93 9.60 64.09
C4' AGS PB . 11.86 10.75 63.84
O4' AGS PB . 12.58 11.07 65.06
C3' AGS PB . 12.93 10.50 62.81
O3' AGS PB . 12.43 10.72 61.50
C2' AGS PB . 14.00 11.53 63.20
O2' AGS PB . 13.70 12.81 62.65
C1' AGS PB . 13.87 11.56 64.73
N9 AGS PB . 14.87 10.75 65.42
C8 AGS PB . 14.63 9.64 66.19
N7 AGS PB . 15.72 9.11 66.69
C5 AGS PB . 16.73 9.92 66.22
C6 AGS PB . 18.13 9.90 66.39
N6 AGS PB . 18.77 8.98 67.12
N1 AGS PB . 18.86 10.86 65.79
C2 AGS PB . 18.23 11.79 65.06
N3 AGS PB . 16.92 11.91 64.83
C4 AGS PB . 16.23 10.94 65.44
PG AGS QB . -25.35 10.42 88.76
S1G AGS QB . -24.67 8.74 89.48
O2G AGS QB . -26.72 10.74 89.41
O3G AGS QB . -25.54 10.29 87.23
PB AGS QB . -24.90 12.77 89.95
O1B AGS QB . -26.34 12.98 89.67
O2B AGS QB . -24.60 12.38 91.39
O3B AGS QB . -24.37 11.59 89.07
PA AGS QB . -24.79 15.53 89.84
O1A AGS QB . -23.97 16.62 89.27
O2A AGS QB . -26.20 15.42 89.25
O3A AGS QB . -24.09 14.12 89.65
O5' AGS QB . -24.84 15.77 91.40
C5' AGS QB . -23.75 15.41 92.26
C4' AGS QB . -23.08 16.66 92.75
O4' AGS QB . -22.36 16.38 93.96
C3' AGS QB . -22.07 17.26 91.78
O3' AGS QB . -22.54 18.49 91.24
C2' AGS QB . -20.80 17.47 92.62
O2' AGS QB . -20.26 18.79 92.44
C1' AGS QB . -21.29 17.30 94.05
N9 AGS QB . -20.29 16.77 94.97
C8 AGS QB . -18.93 16.85 94.83
N7 AGS QB . -18.25 16.29 95.80
C5 AGS QB . -19.25 15.82 96.65
C6 AGS QB . -19.20 15.13 97.87
N6 AGS QB . -18.07 14.78 98.48
N1 AGS QB . -20.38 14.81 98.46
C2 AGS QB . -21.52 15.17 97.86
N3 AGS QB . -21.68 15.81 96.70
C4 AGS QB . -20.51 16.11 96.14
MG MG RB . -22.75 11.00 90.48
#